data_8P63
#
_entry.id   8P63
#
_cell.length_a   1.00
_cell.length_b   1.00
_cell.length_c   1.00
_cell.angle_alpha   90.00
_cell.angle_beta   90.00
_cell.angle_gamma   90.00
#
_symmetry.space_group_name_H-M   'P 1'
#
loop_
_entity.id
_entity.type
_entity.pdbx_description
1 polymer 'DNA replication licensing factor MCM2'
2 polymer 'DNA replication licensing factor MCM3'
3 polymer 'DNA replication licensing factor MCM4'
4 polymer 'Minichromosome maintenance protein 5'
5 polymer 'DNA replication licensing factor MCM6'
6 polymer 'DNA replication licensing factor MCM7'
7 polymer 'DNA (9-MER)'
8 polymer 'DNA replication complex GINS protein PSF3'
9 polymer 'DNA replication complex GINS protein SLD5'
10 polymer 'Cell division control protein 45'
11 polymer 'DNA polymerase epsilon subunit B'
12 polymer 'DNA polymerase epsilon catalytic subunit A'
13 polymer 'DNA replication complex GINS protein PSF1'
14 polymer 'DNA replication complex GINS protein PSF2'
15 non-polymer "ADENOSINE-5'-TRIPHOSPHATE"
16 non-polymer 'ZINC ION'
17 non-polymer 'MAGNESIUM ION'
18 non-polymer "ADENOSINE-5'-DIPHOSPHATE"
#
loop_
_entity_poly.entity_id
_entity_poly.type
_entity_poly.pdbx_seq_one_letter_code
_entity_poly.pdbx_strand_id
1 'polypeptide(L)'
;MSDNRRRRREEDDSDSENELPPSSPQQHFRGGMNPVSSPIGSPDMINPEGDDNEVDDVPDIDEVEEQMNEVDLMDDNMYE
DYAADHNRDRYDPDQVDDREQQELSLSERRRIDAQLNERDRLLRNVAYIDDEDEEQEGAAQLDEMGLPVQRRRRRRQYED
LENSDDDLLSDMDIDPLREELTLESLSNVKANSYSEWITQPNVSRTIARELKSFLLEYTDETGRSVYGARIRTLGEMNSE
SLEVNYRHLAESKAILALFLAKCPEEMLKIFDLVAMEATELHYPDYARIHSEIHVRISDFPTIYSLRELRESNLSSLVRV
TGVVTRRTGVFPQLKYVKFNCLKCGSILGPFFQDSNEEIRISFCTNCKSKGPFRVNGEKTVYRNYQRVTLQEAPGTVPPG
RLPRHREVILLADLVDVSKPGEEVEVTGIYKNNYDGNLNAKNGFPVFATIIEANSIKRREGNTANEGEEGLDVFSWTEEE
EREFRKISRDRGIIDKIISSMAPSIYGHRDIKTAVACSLFGGVPKNVNGKHSIRGDINVLLLGDPGTAKSQILKYVEKTA
HRAVFATGQGASAVGLTASVRKDPITKEWTLEGGALVLADKGVCLIDEFDKMNDQDRTSIHEAMEQQSISISKAGIVTTL
QARCSIIAAANPNGGRYNSTLPLAQNVSLTEPILSRFDILCVVRDLVDEEADERLATFVVDSHVRSHPENDEDREGEELK
NNGESAIEQGEDEINEQLNARQRRLQRQRKKEEEISPIPQELLMKYIHYARTKIYPKLHQMDMDKVSRVYADLRRESIST
GSFPITVRHLESILRIAESFAKMRLSEFVSSYDLDRAIKVVVDSFVDAQKVSVRRQLRRSFAIYTLGH
;
2
2 'polypeptide(L)'
;MKRRWKKNFIAVSAANRFKKISSSGALENLYFQGEMEGSTGFDGDATTFFAPDAVFGDRVRRFQEFLDTFTSYRDSVRSI
QVYNSNNAANYNDDQDDADERDLLGDDDGDDLEKEKKAASSTSLNILPHRIIISLDDLREFDRSFWSGILVEPAYFIPPA
EKALTDLADSMDDVPHPNASAVSSRHPWKLSFKGSFGAHALSPRTLTAQHLNKLVSVEGIVTKTSLVRPKLIRSVHYAAK
TGRFHYRDYTDATTTLTTRIPTPAIYPTEDTEGNKLTTEYGYSTFIDHQRITVQEMPEMAPAGQLPRSIDVILDDDLVDK
TKPGDRVNVVGVFKSLGAGGMNQSNSNTLIGFKTLILGNTVYPLHARSTGVAARQMLTDFDIRNINKLSKKKDIFDILSQ
SLAPSIYGHDHIKKAILLMLMGGVEKNLENGSHLRGDINILMVGDPSTAKSQLLRFVLNTASLAIATTGRGSSGVGLTAA
VTTDRETGERRLEAGAMVLADRGVVCIDEFDKMTDVDRVAIHEVMEQQTVTIAKAGIHTTLNARCSVIAAANPVFGQYDV
NRDPHQNIALPDSLLSRFDLLFVVTDDINEIRDRSISEHVLRTHRYLPPGYLEGEPVRERLNLSLAVGEDADINPEEHSN
SGAGVENEGEDDEDHVFEKFNPLLQAGAKLAKNKGNYNGTEIPKLVTIPFLRKYVQYAKERVIPQLTQEAINVIVKNYTD
LRNDDNTKKSPITARTLETLIRLATAHAKVRLSKTVNKVDAKVAANLLRFALLGEDIGNDIDEEESEYEEALSKRSPQKS
PKKRQRVRQPASNSGSPIKSTPRRSTASSVNATPSSARRILRFQDDEQNAGEDDNDIMSPLPADEEAELQRRLQLGLRVS
PRRREHLHAPEEGSSGPLTEVGTPRLPNVSSAGQDDEQQQSVISFDNVEPGTISTGRLSLISGIIARLMQTEIFEEESYP
VASLFERINEELPEEEKFSAQEYLAGLKIMSDRNNLMVADDKVWRV
;
3
3 'polypeptide(L)'
;MSQQSSSPTKEDNNSSSPVVPNPDSVPPQLSSPALFYSSSSSQGDIYGRNNSQNLSQGEGNIRAAIGSSPLNFPSSSQRQ
NSDVFQSQGRQGRIRSSASASGRSRYHSDLRSDRALPTSSSSLGRNGQNRVHMRRNDIHTSDLSSPRRIVDFDTRSGVNT
LDTSSSSAPPSEASEPLRIIWGTNVSIQECTTNFRNFLMSFKYKFRKILDEREEFINNTTDEELYYIKQLNEMRELGTSN
LNLDARNLLAYKQTEDLYHQLLNYPQEVISIMDQTIKDCMVSLIVDNNLDYDLDEIETKFYKVRPYNVGSCKGMRELNPN
DIDKLINLKGLVLRSTPVIPDMKVAFFKCNVCDHTMAVEIDRGVIQEPARCERIDCNEPNSMSLIHNRCSFADKQVIKLQ
ETPDFVPDGQTPHSISLCVYDELVDSCRAGDRIEVTGTFRSIPIRANSRQRVLKSLYKTYVDVVHVKKVSDKRLDVDTST
IEQELMQNKVDHNEVEEVRQITDQDLAKIREVAAREDLYSLLARSIAPSIYELEDVKKGILLQLFGGTNKTFTKGGRYRG
DINILLCGDPSTSKSQILQYVHKITPRGVYTSGKGSSAVGLTAYITRDVDTKQLVLESGALVLSDGGVCCIDEFDKMSDS
TRSVLHEVMEQQTISIAKAGIITTLNARSSILASANPIGSRYNPNLPVTENIDLPPPLLSRFDLVYLVLDKVDEKNDREL
AKHLTNLYLEDKPEHISQDDVLPVEFLTMYISYAKEHIHPIITEAAKTELVRAYVGMRKMGDDSRSDEKRITATTRQLES
MIRLAEAHAKMKLKNVVELEDVQEAVRLIRSAIKDYATDPKTGKIDMNLVQTGKSVIQRKLQEDLSREIMNVLKDQASDS
MSFNELIKQINEHSQDRVESSDIQEALSRLQQEDKVIVLGEGVRRSVRLNNRV
;
4
4 'polypeptide(L)'
;MSFDRPEIYSAPVLQGESPNDDDNTEIIKSFKNFILEFRLDSQFIYRDQLRNNILVKNYSLTVNMEHLIGYNEDIYKKLS
DEPSDIIPLFETAITQVAKRISILSRAQSANNNDKDPENTSMDTDSLLLNSLPTFQLILNSNANQIPLRDLDSEHVSKIV
RLSGIIISTSVLSSRATYLSIMCRNCRHTTSITINNFNSITGNTVSLPRSCLSTIESESSMANESNIGDESTKKNCGPDP
YIIIHESSKFIDQQFLKLQEIPELVPVGEMPRNLTMTCDRYLTNKVIPGTRVTIVGIYSIYNSKNGAGSGRSGGGNGGSG
VAIRTPYIKILGIQSDVETSSIWNSVTMFTEEEEEEFLQLSRNPKLYEILTNSIAPSIFGNEDIKKAIVCLLMGGSKKIL
PDGMRLRGDINVLLLGDPGTAKSQLLKFVEKVSPIAVYTSGKGSSAAGLTASVQRDPMTREFYLEGGAMVLADGGVVCID
EFDKMRDEDRVAIHEAMEQQTISIAKAGITTVLNSRTSVLAAANPIYGRYDDLKSPGDNIDFQTTILSRFDMIFIVKDDH
NEERDISIANHVINIHTGNANAMQNQQEENGSEISIEKMKRYITYCRLKCAPRLSPQAAEKLSSNFVTIRKQLLINELES
TERSSIPITIRQLEAIIRITESLAKLELSPIAQERHVDEAIRLFQASTMDAASQDPIGGLNQASGTSLSEIRRFEQELKR
RLPIGWSTSYQTLRREFVDTHRFSQLALDKALYALEKHETIQLRHQGQNIYRSGV
;
5
5 'polypeptide(L)'
;MSSPFPADTPSSNRPSNSSPPPSSIGAGFGSSSGLDSQIGSRLHFPSSSQPHVSNSQTGPFVNDSTQFSSQRLQTDGSAT
NDMEGNEPARSFKSRALNHVKKVDDVTGEKVREAFEQFLEDFSVQSTDTGEVEKVYRAQIEFMKIYDLNTIYIDYQHLSM
RENGALAMAISEQYYRFLPFLQKGLRRVVRKYAPELLNTSDSLKRSEGDEGQADEDEQQDDDMNGSSLPRDSGSSAAPGN
GTSAMATRSITTSTSPEQTERVFQISFFNLPTVHRIRDIRSEKIGSLLSISGTVTRTSEVRPELYKASFTCDMCRAIVDN
VEQSFKYTEPTFCPNPSCENRAFWTLNVTRSRFLDWQKVRIQENANEIPTGSMPRTLDVILRGDSVERAKPGDRCKFTGV
EIVVPDVTQLGLPGVKPSSTLDTRGISKTTEGLNSGVTGLRSLGVRDLTYKISFLACHVISIGSNIGASSPDANSNNRET
ELQMAANLQANNVYQDNERDQEVFLNSLSSDEINELKEMVKDEHIYDKLVRSIAPAVFGHEAVKKGILLQMLGGVHKSTV
EGIKLRGDINICVVGDPSTSKSQFLKYVVGFAPRSVYTSGKASSAAGLTAAVVRDEEGGDYTIEAGALMLADNGICCIDE
FDKMDISDQVAIHEAMEQQTISIAKAGIHATLNARTSILAAANPVGGRYNRKLSLRGNLNMTAPIMSRFDLFFVILDDCN
EKIDTELASHIVDLHMKRDEAIEPPFSAEQLRRYIKYARTFKPILTKEARSYLVEKYKELRKDDAQGFSRSSYRITVRQL
ESMIRLSEAIARANCVDEITPSFIAEAYDLLRQSIIRVDVDDVEMDEEFDNIESQSHAASGNNDDNDDGTGSGVITSEPP
ADIEEGQSEATARPGTSEKKKTTVTYDKYVSMMNMIVRKIAEVDREGAEELTAVDIVDWYLLQKENDLGSLAEYWEERRL
AFKVIKRLVKDRILMEIHGTRHNLRDLENEENENNKTVYVIHPNCEVLDQLEPQDSS
;
6
6 'polypeptide(L)'
;MSAALPSIQLPVDYNNLFNEITDFLVTFKQDTLSSDATRNENEDENLDAENIEQHLLEKGPKYMAMLQKVANRELNSVII
DLDDILQYQNEKFLQGTQADDLVSAIQQNANHFTELFCRAIDNNMPLPTKEIDYKDDVLDVILNQRRLRNERMLSDRTNE
IRSENLMDTTMDPPSSMNDALREVVEDETELFPPNLTRRYFLYFKPLSQNCARRYRKKAISSKPLSVRQIKGDFLGQLIT
VRGIITRVSDVKPAVEVIAYTCDQCGYEVFQEVNSRTFTPLSECTSEECSQNQTKGQLFMSTRASKFSAFQECKIQELSQ
QVPVGHIPRSLNIHVNGTLVRSLSPGDIVDVTGIFLPAPYTGFKALKAGLLTETYLEAQFVRQHKKKFASFSLTSDVEER
VMELITSGDVYNRLAKSIAPEIYGNLDVKKALLLLLVGGVDKRVGDGMKIRGDINVCLMGDPGVAKSQLLKAICKISPRG
VYTTGKGSSGVGLTAAVMKDPVTDEMILEGGALVLADNGICCIDEFDKMDESDRTAIHEVMEQQTISISKAGINTTLNAR
TSILAAANPLYGRYNPRLSPLDNINLPAALLSRFDILFLMLDIPSRDDDEKLAEHVTYVHMHNKQPDLDFTPVEPSKMRE
YIAYAKTKRPVMSEAVNDYVVQAYIRLRQDSKREMDSKFSFGQATPRTLLGIIRLSQALAKLRLADMVDIDDVEEALRLV
RVSKESLYQETNKSKEDESPTTKIFTIIKKMLQETGKNTLSYENIVKTVRLRGFTMLQLSNCIQEYSYLNVWHLINEGNT
LKFVDDGTMDTDQEDSLVSTPKLAPQTTASANVSAQDSDIDLQDA
;
7
7 'polydeoxyribonucleotide' (DA)(DA)(DA)(DA)(DA)(DA)(DA)(DA)(DA) A
8 'polypeptide(L)'
;WSHPQFEKGGGSGGGSGGGSWSHPQFEKENLYFQSMGYYDIDDVLADGTEFPCKFQYDIPGLGYLENNPGRPITKNTKLS
LPLWLARILAIVGGDEALVDEEPVPFVELLPPDMFSTKVMNAIKTDPVALDLHSINSHFFSLAIKWIMLFSEKELANVVS
ELLLQRAQELNHHASSLSIDLNADSTGKNSANTNIATSTFLLKLEEMEKEIYKKSHESYKDTKRWMFKK
;
C
9 'polypeptide(L)'
;MDINIDDILAELDKETTAVDSTKITQGSSSTTHRDANTIVGSSLDLNDKTQIYVSPQQDFSDLMKSWKNERCSPELLPYP
HQLMKRLLNRISMQSQLIENISMGFLDMQNASNANPPMPNESKLPLLCMETELERLKFVIRSYIRCRLSKIDKFSLYLRQ
LNEDENSLISLTDLLSKDEIKYHDTHSLIWLKLVNDSILKYMPEELQAINDTEGSVNMIDEPDWNKFVFIHVNGPPDGKW
NEDPLLQENEFGKPCYTVTIPDLKEEVELTIGSIYVMRYEVIRDLLRDDKVALI
;
D
10 'polypeptide(L)'
;MYYGISQFSEAYNKILRNSSSHSSCQLVIFVSCLNIDALCATKMLSLLFKKQLVQSQIVPIFGYSELRRHYSQLDDNINS
LLLVGFGGVIDLEAFLEIDPQEYVIDTDEKSGEQSFRRDIYVLDAHRPWNLDNIFGSQIIQCFDDGTVDDTLGEQKEAYY
KLLELDEESGDDELSGDENDNNGGDDEATDADEVTDEDYKDDDGDYKDDDETISNKRGNSSIGPNDLSKRKQRKKQIHEY
EGVLEEYYSQGTTVVNSISAQIYSLLSAIGETNLSNLWLNILGTTSLDIAYAQVYNRLYPLLQDEVKRLTPSSRNSVKTP
DTLTLNIQPDYYLFLLRHSSLYDSFYYSNYVNAKLSLWNENGKKRLHKMFARMGIPLSTAQETWLYMDHSIKRELGIIFD
KNLDRYGLQDIIRDGFVRTLGYRGSISASEFVEALTALLEVGNSTDKDSVKINNDNNDDTDGEEEEDNSAQKLTNLRKRW
VSNFWLSWDALDDRKVELLNRGIQLAQDLQRAIFNTGVAILEKKLIKHLRIYRLCVLQDGPDLDLYRNPLTLLRLGNWLI
ECCAESEDKQLLPMVLASIDENTDTYLVAGLTPRYPRGLDTIHTKKPILNNFSMAFQQITAETDAKVRIDNFESSIIEIR
REDLSPFLEKLTLSGLL
;
E
11 'polypeptide(L)'
;MFGSGNVLPVKIQPPLLRPLAYRVLSRKYGLSIKSDGLSALAEFVGTNIGANWRQGPATIKFLEQFAAVWKQQERGLFID
QSGVKEVIQEMKEREKVEWSHEHPIQHEENILGRTDDDENNSDDEMPIAADSSLQNVSLSSPMRQPTERDEYKQPFKPES
SKALDWRDYFKVINASQQQRFSYNPHKMQFIFVPNKKQNGLGGIAGFLPDIEDKVQMFLTRYYLTNDRVMRNENFQNSDM
FNPLSSMVSLQNELSNTNRQQQSSSMSITPIKNLLGRDAQNFLLLGLLNKNFKGNWSLEDPSGSVEIDISQTIPTQGHYY
VPGCMVLVEGIYYSVGNKFHVTSMTLPPGERREITLETIGNLDLLGIHGISNNNFIARLDKDLKIRLHLLEKELTDHKFV
ILGANLFLDDLKIMTALSKILQKLNDDPPTLLIWQGSFTSVPVFASMSSRNISSSTQFKNNFDALATLLSRFDNLTENTT
MIFIPGPNDLWGSMVSLGASGTLPQDPIPSAFTKKINKVCKNVVWSSNPTRIAYLSQEIVIFRDDLSGRFKRHRLEFPFN
ESEDVYTENDNMMSKDTDIVPIDELVKEPDQLPQKVQETRKLVKTILDQGHLSPFLDSLRPISWDLDHTLTLCPIPSTMV
LCDTTSAQFDLTYNGCKVINPGSFIHNRRARYMEYVPSSKKTIQEEIYI
;
F
12 'polypeptide(L)'
;MMFGKKKNNGGSSTARYSAGNKYNTLSNNYALSAQQLLNASKIDDIDSMMGFERYVPPQYNGRFDAKDIDQIPGRVGWLT
NMHATLVSQETLSSGSNGGGNSNDGERVTTNQGISGVDFYFLDEEGGSFKSTVVYDPYFFIACNDESRVNDVEELVKKYL
ESCLKSLQIIRKEDLTMDNHLLGLQKTLIKLSFVNSNQLFEARKLLRPILQDNANNNVQRNIYNVAANGSEKVDAKHLIE
DIREYDVPYHVRVSIDKDIRVGKWYKVTQQGFIEDTRKIAFADPVVMAFDIETTKPPLKFPDSAVDQIMMISYMIDGEGF
LITNREIISEDIEDFEYTPKPEYPGFFTIFNENDEVALLQRFFEHIRDVRPTVISTFNGDFFDWPFIHNRSKIHGLDMFD
EIGFAPDAEGEYKSSYCSHMDCFRWVKRDSYLPQGSQGLKAVTQSKLGYNPIELDPELMTPYAFEKPQHLSEYSVSDAVA
TYYLYMKYVHPFIFSLCTIIPLNPDETLRKGTGTLCEMLLMVQAYQHNILLPNKHTDPIERFYDGHLLESETYVGGHVES
LEAGVFRSDLKNEFKIDPSAIDELLQELPEALKFSVEVENKSSVDKVTNFEEIKNQITQKLLELKENNIRNELPLIYHVD
VASMYPNIMTTNRLQPDSIKAERDCASCDFNRPGKTCARKLKWAWRGEFFPSKMDEYNMIKRALQNETFPNKNKFSKKKV
LTFDELSYADQVIHIKKRLTEYSRKVYHRVKVSEIVEREAIVCQRENPFYVDTVKSFRDRRYEFKGLAKTWKGNLSKIDP
SDKHARDEAKKMIVLYDSLQLAHKVILNSFYGYVMRKGSRWYSMEMAGITCLTGATIIQMARALVERVGRPLELDTDGIW
CILPKSFPETYFFTLENGKKLYLSYPCSMLNYRVHQKFTNHQYQELKDPLNYIYETHSENTIFFEVDGPYKAMILPSSKE
EGKGIKKRYAVFNEDGSLAELKGFELKRRGELQLIKNFQSDIFKVFLEGDTLEGCYSAVASVCNRWLDVLDSHGLMLEDE
DLVSLICENRSMSKTLKEYEGQKSTSITTARRLGDFLGEDMVKDKGLQCKYIISSKPFNAPVTERAIPVAIFSADIPIKR
SFLRRWTLDPSLEDLDIRTIIDWGYYRERLGSAIQKIITIPAALQGVSNPVPRVEHPDWLKRKIATKEDKFKQTSLTKFF
SKTKNVPTMGKIKDIEDLFEPTVEEDNAKIKIARTTKKKAVSKRKRNQLTNEEDPLVLPSEIPSMDEDYVGWLNYQKIKW
KIQARDRKRRDQLFGNTNSSRERSALGSMIRKQAESYANSTWEVLQYKDSGEPGVLEVFVTINGKVQNITFHIPKTIYMK
FKSQTMPLQKIKNCLIEKSSASLPNNPKTSNPAGGQLFKITLPESVFLEEKENCTSIFNDENVLGVFEGTITPHQRAIMD
LGASVTFRSKAMGALGKGIQQGFEMKDLSMAENERYLSGFSMDIGYLLHFPTSIGYEFFSLFKSWGDTITILVLKPSNQA
QEINASSLGQIYKQMFEKKKGKIETYSYLVDIKEDINFEFVYFTDISKLYRRLSQETTKLKEERGLQFLLLLQSPFITKL
LGTIRLLNQMPIVKLSLNEVLLPQLNWQPTLLKKLVNHVLSSGSWISHLIKLSQYSNIPICNLRLDSMDYIIDVLYARKL
KKENIVLWWNEKAPLPDHGGIQNDFDLNTSWIMNDSEFPKINNSGVYDNVVLDVGVDNLTVNTILTSALINDAEGSDLVN
NNMGIDDKDAVINSPSEFVHDAFSNDALNVLRGMLKEWWDEALKENSTADLLVNSLASWVQNPNAKLFDGLLRYHVHNLT
KKALLQLVNEFSALGSTIVYADRNQILIKTNKYSPENCYAYSQYMMKAVRTNPMFSYLDLNIKRYWDLLIWMDKFNFSGL
ACIEIEEKENQDYTAVSQWQLKKFLSPIYQPEFEDWMMIILDSMLKTKQSYLKLNSGTQRPTQIVNVKKQDKEDSVENSL
NGFSHLFSKPLMKRVKKLFKNQQEFILDPQYEADYVIPVLPGSHLNVKNPLLELVKSLCHVMLLSKSTILEIRTLRKELL
KIFELREFAKVAEFKDPSLSLVVPDFLCEYCFFISDIDFCKAAPESIFSCVRCHKAFNQVLLQEHLIQKLRSDIESYLIQ
DLRCSRCHKVKRDYMSAHCPCAGAWEGTLPRESIVQKLNVFKQVAKYYGFDILLSCIADLTI
;
G
13 'polypeptide(L)'
;MYGDLGNKLVLEAKRTKQLYARSNQDVNLPMYHEDIIRNILKEVSNLRKNTEYLKEQQQLGMLDDKVAKCQYFVTLLCME
RNKRCLLAYQRLRTDILDSMAWNNNGLDLMSSITFSQQDTNNLSHQEQEYLKEYCDLITDLKSGDLVDIDLSGSLVPPSD
VFIDVRVLKDAGEIQTEYGVFNLIKDSQFFVRQSDVERLIQQGYLQKI
;
H
14 'polypeptide(L)'
;MSLPAHLQQTFSPEEIQFIVENEPIKIFPRITTRQKIRGDDRGTGNHTRWQLITTDDKALNNMVAMRSTEVVLWIALLLK
QQSKCSIVAPQWLTTKELDRKIQYEKTHPDRFSELPWNWLVLARILFNKAKDDFHDPIHELRGKIQDLREIRQIKVLKGL
KYLNESHLQLDNLSLLEINELRPFITEIMDKLREIHTASLTAGTENDEEEFNI
;
I
#
loop_
_chem_comp.id
_chem_comp.type
_chem_comp.name
_chem_comp.formula
ADP non-polymer ADENOSINE-5'-DIPHOSPHATE 'C10 H15 N5 O10 P2'
ATP non-polymer ADENOSINE-5'-TRIPHOSPHATE 'C10 H16 N5 O13 P3'
DA DNA linking 2'-DEOXYADENOSINE-5'-MONOPHOSPHATE 'C10 H14 N5 O6 P'
MG non-polymer 'MAGNESIUM ION' 'Mg 2'
ZN non-polymer 'ZINC ION' 'Zn 2'
#
# COMPACT_ATOMS: atom_id res chain seq x y z
N GLU A 179 -70.28 -24.86 28.30
CA GLU A 179 -69.46 -24.68 27.09
C GLU A 179 -68.72 -25.97 26.74
N GLU A 180 -69.24 -26.69 25.75
CA GLU A 180 -68.64 -27.95 25.32
C GLU A 180 -67.41 -27.63 24.47
N LEU A 181 -66.26 -27.51 25.13
CA LEU A 181 -65.01 -27.20 24.46
C LEU A 181 -64.30 -28.49 24.02
N THR A 182 -64.98 -29.24 23.16
CA THR A 182 -64.48 -30.51 22.67
C THR A 182 -63.89 -30.35 21.28
N LEU A 183 -62.89 -31.19 20.97
CA LEU A 183 -62.22 -31.10 19.68
C LEU A 183 -63.15 -31.49 18.53
N GLU A 184 -64.00 -32.50 18.74
CA GLU A 184 -64.87 -32.98 17.68
C GLU A 184 -65.91 -31.95 17.25
N SER A 185 -66.23 -30.99 18.11
CA SER A 185 -67.19 -29.94 17.74
C SER A 185 -66.61 -28.97 16.72
N LEU A 186 -65.30 -28.99 16.48
CA LEU A 186 -64.68 -28.12 15.50
C LEU A 186 -64.80 -28.65 14.07
N SER A 187 -65.29 -29.88 13.90
CA SER A 187 -65.36 -30.47 12.57
C SER A 187 -66.33 -29.72 11.66
N ASN A 188 -67.49 -29.35 12.20
CA ASN A 188 -68.54 -28.72 11.40
C ASN A 188 -68.59 -27.22 11.70
N VAL A 189 -68.63 -26.42 10.64
CA VAL A 189 -68.65 -24.97 10.77
C VAL A 189 -70.10 -24.50 10.84
N LYS A 190 -70.35 -23.49 11.68
CA LYS A 190 -71.66 -22.86 11.76
C LYS A 190 -71.73 -21.52 11.04
N ALA A 191 -70.60 -20.84 10.86
CA ALA A 191 -70.56 -19.58 10.15
C ALA A 191 -70.42 -19.84 8.64
N ASN A 192 -70.44 -18.76 7.86
CA ASN A 192 -70.34 -18.90 6.41
C ASN A 192 -68.92 -19.23 5.97
N SER A 193 -67.92 -18.77 6.71
CA SER A 193 -66.52 -18.99 6.34
C SER A 193 -65.70 -19.25 7.60
N TYR A 194 -64.49 -19.79 7.38
CA TYR A 194 -63.59 -20.07 8.50
C TYR A 194 -63.15 -18.79 9.18
N SER A 195 -62.92 -17.72 8.41
CA SER A 195 -62.35 -16.49 8.96
C SER A 195 -63.27 -15.87 10.01
N GLU A 196 -64.58 -15.92 9.79
CA GLU A 196 -65.51 -15.38 10.77
C GLU A 196 -65.93 -16.39 11.82
N TRP A 197 -65.56 -17.66 11.67
CA TRP A 197 -65.89 -18.66 12.69
C TRP A 197 -64.78 -18.81 13.72
N ILE A 198 -63.51 -18.71 13.29
CA ILE A 198 -62.40 -18.93 14.21
C ILE A 198 -62.40 -17.88 15.32
N THR A 199 -62.66 -16.62 14.97
CA THR A 199 -62.63 -15.53 15.94
C THR A 199 -63.78 -15.56 16.93
N GLN A 200 -64.69 -16.52 16.83
CA GLN A 200 -65.79 -16.61 17.78
C GLN A 200 -65.24 -16.90 19.18
N PRO A 201 -65.71 -16.21 20.22
CA PRO A 201 -65.12 -16.41 21.55
C PRO A 201 -65.24 -17.83 22.08
N ASN A 202 -66.34 -18.53 21.76
CA ASN A 202 -66.53 -19.88 22.28
C ASN A 202 -65.48 -20.84 21.75
N VAL A 203 -65.15 -20.74 20.47
CA VAL A 203 -64.22 -21.68 19.85
C VAL A 203 -62.77 -21.26 20.02
N SER A 204 -62.50 -19.96 20.18
CA SER A 204 -61.11 -19.50 20.27
C SER A 204 -60.41 -20.06 21.50
N ARG A 205 -61.10 -20.05 22.65
CA ARG A 205 -60.48 -20.60 23.85
C ARG A 205 -60.31 -22.11 23.76
N THR A 206 -61.22 -22.80 23.06
CA THR A 206 -61.05 -24.21 22.82
C THR A 206 -59.80 -24.47 21.98
N ILE A 207 -59.60 -23.67 20.93
CA ILE A 207 -58.41 -23.81 20.11
C ILE A 207 -57.16 -23.55 20.94
N ALA A 208 -57.20 -22.53 21.80
CA ALA A 208 -56.04 -22.21 22.62
C ALA A 208 -55.69 -23.36 23.57
N ARG A 209 -56.70 -23.88 24.28
CA ARG A 209 -56.43 -24.94 25.24
C ARG A 209 -55.98 -26.23 24.54
N GLU A 210 -56.57 -26.53 23.38
CA GLU A 210 -56.15 -27.72 22.65
C GLU A 210 -54.72 -27.56 22.13
N LEU A 211 -54.36 -26.37 21.64
CA LEU A 211 -52.99 -26.16 21.18
C LEU A 211 -52.00 -26.27 22.34
N LYS A 212 -52.37 -25.76 23.51
CA LYS A 212 -51.53 -25.92 24.70
C LYS A 212 -51.32 -27.39 25.03
N SER A 213 -52.42 -28.15 25.06
CA SER A 213 -52.32 -29.59 25.32
C SER A 213 -51.50 -30.28 24.24
N PHE A 214 -51.47 -29.72 23.04
CA PHE A 214 -50.65 -30.30 21.97
C PHE A 214 -49.17 -30.08 22.24
N LEU A 215 -48.74 -28.82 22.36
CA LEU A 215 -47.30 -28.62 22.42
C LEU A 215 -46.73 -28.89 23.80
N LEU A 216 -47.57 -29.15 24.80
CA LEU A 216 -47.05 -29.55 26.10
C LEU A 216 -46.97 -31.07 26.26
N GLU A 217 -47.50 -31.84 25.31
CA GLU A 217 -47.59 -33.28 25.49
C GLU A 217 -47.17 -34.10 24.27
N TYR A 218 -46.77 -33.46 23.17
CA TYR A 218 -46.41 -34.21 21.97
C TYR A 218 -45.16 -35.04 22.22
N THR A 219 -45.23 -36.33 21.90
CA THR A 219 -44.15 -37.27 22.16
C THR A 219 -43.53 -37.72 20.84
N ASP A 220 -42.20 -37.78 20.81
CA ASP A 220 -41.46 -38.19 19.63
C ASP A 220 -41.29 -39.70 19.65
N GLU A 221 -40.44 -40.23 18.77
CA GLU A 221 -40.24 -41.68 18.69
C GLU A 221 -39.56 -42.22 19.94
N THR A 222 -38.75 -41.40 20.61
CA THR A 222 -38.02 -41.85 21.80
C THR A 222 -38.85 -41.79 23.07
N GLY A 223 -40.01 -41.15 23.04
CA GLY A 223 -40.84 -41.05 24.22
C GLY A 223 -40.62 -39.80 25.06
N ARG A 224 -40.08 -38.73 24.47
CA ARG A 224 -39.83 -37.49 25.19
C ARG A 224 -40.40 -36.33 24.40
N SER A 225 -40.86 -35.30 25.12
CA SER A 225 -41.46 -34.13 24.50
C SER A 225 -40.37 -33.32 23.80
N VAL A 226 -40.39 -33.32 22.46
CA VAL A 226 -39.37 -32.60 21.70
C VAL A 226 -39.52 -31.09 21.90
N TYR A 227 -40.76 -30.61 22.02
CA TYR A 227 -40.99 -29.18 22.17
C TYR A 227 -40.44 -28.65 23.49
N GLY A 228 -40.38 -29.50 24.52
CA GLY A 228 -39.72 -29.09 25.75
C GLY A 228 -38.26 -28.78 25.53
N ALA A 229 -37.55 -29.67 24.82
CA ALA A 229 -36.15 -29.40 24.51
C ALA A 229 -36.01 -28.19 23.61
N ARG A 230 -36.95 -28.01 22.68
CA ARG A 230 -36.92 -26.82 21.83
C ARG A 230 -37.03 -25.55 22.66
N ILE A 231 -37.93 -25.55 23.65
CA ILE A 231 -38.11 -24.37 24.50
C ILE A 231 -36.89 -24.13 25.36
N ARG A 232 -36.29 -25.19 25.91
CA ARG A 232 -35.05 -25.04 26.66
C ARG A 232 -33.96 -24.40 25.81
N THR A 233 -33.76 -24.91 24.59
CA THR A 233 -32.73 -24.37 23.71
C THR A 233 -33.03 -22.93 23.33
N LEU A 234 -34.31 -22.61 23.10
CA LEU A 234 -34.69 -21.23 22.82
C LEU A 234 -34.36 -20.32 23.98
N GLY A 235 -34.62 -20.78 25.21
CA GLY A 235 -34.24 -20.00 26.37
C GLY A 235 -32.74 -19.80 26.49
N GLU A 236 -31.98 -20.85 26.19
CA GLU A 236 -30.52 -20.73 26.20
C GLU A 236 -30.05 -19.67 25.20
N MET A 237 -30.55 -19.74 23.97
CA MET A 237 -30.10 -18.84 22.91
C MET A 237 -30.91 -17.55 22.87
N ASN A 238 -31.92 -17.40 23.73
CA ASN A 238 -32.81 -16.25 23.84
C ASN A 238 -33.19 -15.64 22.50
N SER A 239 -33.45 -16.49 21.51
CA SER A 239 -33.83 -16.04 20.18
C SER A 239 -35.32 -15.69 20.15
N GLU A 240 -35.87 -15.50 18.95
CA GLU A 240 -37.24 -15.05 18.78
C GLU A 240 -38.18 -16.11 18.21
N SER A 241 -37.66 -17.10 17.51
CA SER A 241 -38.49 -18.01 16.72
C SER A 241 -38.49 -19.40 17.33
N LEU A 242 -39.69 -19.92 17.57
CA LEU A 242 -39.88 -21.32 17.95
C LEU A 242 -40.41 -22.07 16.74
N GLU A 243 -39.71 -23.12 16.33
CA GLU A 243 -40.04 -23.87 15.13
C GLU A 243 -40.95 -25.04 15.48
N VAL A 244 -42.16 -25.05 14.93
CA VAL A 244 -43.11 -26.14 15.11
C VAL A 244 -43.21 -26.90 13.79
N ASN A 245 -43.11 -28.22 13.87
CA ASN A 245 -43.12 -29.05 12.68
C ASN A 245 -44.55 -29.24 12.20
N TYR A 246 -44.74 -29.13 10.87
CA TYR A 246 -46.08 -29.21 10.32
C TYR A 246 -46.63 -30.64 10.37
N ARG A 247 -45.81 -31.63 9.99
CA ARG A 247 -46.31 -32.99 9.96
C ARG A 247 -46.64 -33.49 11.36
N HIS A 248 -45.99 -32.95 12.39
CA HIS A 248 -46.36 -33.29 13.76
C HIS A 248 -47.79 -32.83 14.05
N LEU A 249 -48.14 -31.62 13.60
CA LEU A 249 -49.49 -31.11 13.78
C LEU A 249 -50.48 -31.75 12.81
N ALA A 250 -50.00 -32.41 11.76
CA ALA A 250 -50.86 -33.05 10.78
C ALA A 250 -51.22 -34.48 11.17
N GLU A 251 -50.25 -35.25 11.67
CA GLU A 251 -50.53 -36.62 12.07
C GLU A 251 -51.53 -36.68 13.22
N SER A 252 -51.38 -35.79 14.20
CA SER A 252 -52.32 -35.67 15.30
C SER A 252 -52.97 -34.29 15.23
N LYS A 253 -54.29 -34.26 15.40
CA LYS A 253 -55.07 -33.02 15.34
C LYS A 253 -54.98 -32.37 13.97
N ALA A 254 -55.46 -33.11 12.96
CA ALA A 254 -55.36 -32.65 11.58
C ALA A 254 -56.24 -31.44 11.31
N ILE A 255 -57.35 -31.29 12.04
CA ILE A 255 -58.28 -30.20 11.79
C ILE A 255 -57.61 -28.85 12.09
N LEU A 256 -56.79 -28.80 13.14
CA LEU A 256 -56.06 -27.58 13.44
C LEU A 256 -55.07 -27.25 12.33
N ALA A 257 -54.42 -28.28 11.78
CA ALA A 257 -53.51 -28.06 10.66
C ALA A 257 -54.25 -27.52 9.44
N LEU A 258 -55.44 -28.05 9.16
CA LEU A 258 -56.25 -27.54 8.06
C LEU A 258 -56.65 -26.09 8.29
N PHE A 259 -57.05 -25.76 9.52
CA PHE A 259 -57.41 -24.38 9.85
C PHE A 259 -56.21 -23.45 9.65
N LEU A 260 -55.03 -23.89 10.07
CA LEU A 260 -53.83 -23.09 9.87
C LEU A 260 -53.52 -22.92 8.38
N ALA A 261 -53.71 -23.98 7.59
CA ALA A 261 -53.41 -23.91 6.17
C ALA A 261 -54.37 -23.01 5.42
N LYS A 262 -55.63 -22.95 5.83
CA LYS A 262 -56.61 -22.13 5.14
C LYS A 262 -56.66 -20.70 5.65
N CYS A 263 -56.50 -20.50 6.96
CA CYS A 263 -56.56 -19.18 7.59
C CYS A 263 -55.30 -18.99 8.43
N PRO A 264 -54.18 -18.60 7.81
CA PRO A 264 -52.94 -18.48 8.58
C PRO A 264 -52.92 -17.28 9.51
N GLU A 265 -53.38 -16.12 9.04
CA GLU A 265 -53.27 -14.91 9.84
C GLU A 265 -54.06 -15.01 11.13
N GLU A 266 -55.21 -15.67 11.10
CA GLU A 266 -56.07 -15.75 12.26
C GLU A 266 -55.64 -16.85 13.22
N MET A 267 -54.82 -17.80 12.78
CA MET A 267 -54.32 -18.87 13.63
C MET A 267 -52.97 -18.57 14.25
N LEU A 268 -52.09 -17.87 13.52
CA LEU A 268 -50.76 -17.57 14.04
C LEU A 268 -50.82 -16.72 15.29
N LYS A 269 -51.81 -15.84 15.41
CA LYS A 269 -51.90 -15.00 16.60
C LYS A 269 -52.20 -15.83 17.85
N ILE A 270 -53.21 -16.70 17.77
CA ILE A 270 -53.53 -17.57 18.89
C ILE A 270 -52.37 -18.50 19.20
N PHE A 271 -51.68 -18.98 18.16
CA PHE A 271 -50.61 -19.92 18.41
C PHE A 271 -49.39 -19.22 19.01
N ASP A 272 -49.17 -17.96 18.64
CA ASP A 272 -48.14 -17.15 19.29
C ASP A 272 -48.47 -16.92 20.76
N LEU A 273 -49.73 -16.64 21.06
CA LEU A 273 -50.12 -16.46 22.45
C LEU A 273 -49.87 -17.72 23.27
N VAL A 274 -50.28 -18.88 22.74
CA VAL A 274 -50.07 -20.10 23.50
C VAL A 274 -48.59 -20.45 23.58
N ALA A 275 -47.80 -20.13 22.55
CA ALA A 275 -46.36 -20.36 22.61
C ALA A 275 -45.71 -19.48 23.66
N MET A 276 -46.16 -18.23 23.78
CA MET A 276 -45.63 -17.35 24.82
C MET A 276 -45.97 -17.88 26.20
N GLU A 277 -47.19 -18.37 26.38
CA GLU A 277 -47.55 -18.98 27.67
C GLU A 277 -46.67 -20.20 27.96
N ALA A 278 -46.45 -21.05 26.96
CA ALA A 278 -45.61 -22.22 27.17
C ALA A 278 -44.19 -21.84 27.51
N THR A 279 -43.65 -20.81 26.84
CA THR A 279 -42.29 -20.37 27.13
C THR A 279 -42.18 -19.81 28.54
N GLU A 280 -43.15 -18.99 28.95
CA GLU A 280 -43.13 -18.45 30.31
C GLU A 280 -43.37 -19.52 31.36
N LEU A 281 -43.94 -20.66 30.96
CA LEU A 281 -44.07 -21.77 31.91
C LEU A 281 -42.70 -22.26 32.38
N HIS A 282 -41.75 -22.37 31.46
CA HIS A 282 -40.40 -22.83 31.83
C HIS A 282 -39.57 -21.71 32.45
N TYR A 283 -39.66 -20.50 31.90
CA TYR A 283 -38.87 -19.36 32.36
C TYR A 283 -39.82 -18.26 32.84
N PRO A 284 -40.13 -18.22 34.13
CA PRO A 284 -40.90 -17.09 34.65
C PRO A 284 -40.12 -15.80 34.53
N ASP A 285 -40.84 -14.70 34.35
CA ASP A 285 -40.25 -13.37 34.17
C ASP A 285 -39.35 -13.31 32.94
N TYR A 286 -39.62 -14.17 31.95
CA TYR A 286 -38.91 -14.09 30.68
C TYR A 286 -39.36 -12.92 29.83
N ALA A 287 -40.49 -12.29 30.19
CA ALA A 287 -40.99 -11.16 29.40
C ALA A 287 -40.01 -9.99 29.39
N ARG A 288 -39.17 -9.87 30.42
CA ARG A 288 -38.17 -8.82 30.43
C ARG A 288 -37.18 -9.00 29.28
N ILE A 289 -36.85 -10.26 28.95
CA ILE A 289 -35.99 -10.51 27.80
C ILE A 289 -36.68 -10.06 26.53
N HIS A 290 -37.91 -10.51 26.31
CA HIS A 290 -38.68 -10.19 25.12
C HIS A 290 -40.16 -10.33 25.44
N SER A 291 -40.96 -9.44 24.87
CA SER A 291 -42.39 -9.40 25.18
C SER A 291 -43.22 -10.35 24.34
N GLU A 292 -42.85 -10.57 23.09
CA GLU A 292 -43.63 -11.39 22.18
C GLU A 292 -42.73 -12.46 21.56
N ILE A 293 -43.36 -13.56 21.15
CA ILE A 293 -42.66 -14.68 20.51
C ILE A 293 -43.30 -14.92 19.15
N HIS A 294 -42.45 -15.22 18.16
CA HIS A 294 -42.89 -15.49 16.80
C HIS A 294 -42.68 -16.96 16.50
N VAL A 295 -43.62 -17.56 15.76
CA VAL A 295 -43.58 -18.97 15.44
C VAL A 295 -43.20 -19.13 13.96
N ARG A 296 -42.65 -20.30 13.66
CA ARG A 296 -42.19 -20.64 12.31
C ARG A 296 -42.72 -22.02 11.94
N ILE A 297 -43.18 -22.15 10.70
CA ILE A 297 -43.68 -23.43 10.19
C ILE A 297 -42.57 -24.10 9.40
N SER A 298 -42.33 -25.38 9.66
CA SER A 298 -41.14 -26.05 9.15
C SER A 298 -41.28 -26.45 7.69
N ASP A 299 -42.25 -27.32 7.38
CA ASP A 299 -42.35 -27.88 6.03
C ASP A 299 -43.82 -28.14 5.71
N PHE A 300 -44.40 -27.30 4.85
CA PHE A 300 -45.76 -27.54 4.39
C PHE A 300 -45.79 -28.72 3.42
N PRO A 301 -46.93 -29.40 3.29
CA PRO A 301 -46.99 -30.58 2.42
C PRO A 301 -46.88 -30.27 0.94
N THR A 302 -47.63 -29.26 0.47
CA THR A 302 -47.70 -28.94 -0.94
C THR A 302 -46.72 -27.83 -1.29
N ILE A 303 -46.06 -27.98 -2.44
CA ILE A 303 -45.05 -27.02 -2.91
C ILE A 303 -45.49 -26.52 -4.28
N TYR A 304 -45.51 -25.20 -4.43
CA TYR A 304 -45.87 -24.55 -5.69
C TYR A 304 -44.64 -23.91 -6.31
N SER A 305 -44.82 -23.37 -7.52
CA SER A 305 -43.82 -22.58 -8.21
C SER A 305 -44.38 -21.19 -8.48
N LEU A 306 -43.54 -20.32 -9.03
CA LEU A 306 -43.99 -18.96 -9.30
C LEU A 306 -44.96 -18.89 -10.47
N ARG A 307 -44.77 -19.76 -11.47
CA ARG A 307 -45.72 -19.80 -12.58
C ARG A 307 -47.08 -20.32 -12.14
N GLU A 308 -47.09 -21.33 -11.28
CA GLU A 308 -48.35 -21.93 -10.81
C GLU A 308 -48.85 -21.14 -9.60
N LEU A 309 -49.51 -20.03 -9.89
CA LEU A 309 -50.16 -19.21 -8.87
C LEU A 309 -51.48 -18.72 -9.44
N ARG A 310 -52.55 -18.89 -8.67
CA ARG A 310 -53.89 -18.57 -9.16
C ARG A 310 -54.65 -17.70 -8.16
N GLU A 311 -55.95 -17.50 -8.43
CA GLU A 311 -56.80 -16.73 -7.52
C GLU A 311 -57.25 -17.56 -6.32
N SER A 312 -57.33 -18.88 -6.47
CA SER A 312 -57.88 -19.71 -5.40
C SER A 312 -57.02 -19.64 -4.14
N ASN A 313 -55.70 -19.67 -4.29
CA ASN A 313 -54.79 -19.72 -3.15
C ASN A 313 -54.40 -18.29 -2.74
N LEU A 314 -55.40 -17.55 -2.27
CA LEU A 314 -55.21 -16.24 -1.68
C LEU A 314 -55.62 -16.29 -0.22
N SER A 315 -54.90 -15.55 0.62
CA SER A 315 -55.10 -15.56 2.08
C SER A 315 -54.92 -16.97 2.64
N SER A 316 -53.89 -17.67 2.15
CA SER A 316 -53.57 -19.01 2.61
C SER A 316 -52.09 -19.25 2.43
N LEU A 317 -51.59 -20.24 3.16
CA LEU A 317 -50.16 -20.53 3.16
C LEU A 317 -49.70 -21.04 1.79
N VAL A 318 -48.54 -20.55 1.36
CA VAL A 318 -47.91 -20.97 0.12
C VAL A 318 -46.43 -21.25 0.39
N ARG A 319 -45.83 -22.05 -0.49
CA ARG A 319 -44.43 -22.45 -0.38
C ARG A 319 -43.79 -22.23 -1.75
N VAL A 320 -42.94 -21.22 -1.86
CA VAL A 320 -42.40 -20.77 -3.14
C VAL A 320 -40.89 -20.84 -3.10
N THR A 321 -40.29 -21.45 -4.12
CA THR A 321 -38.85 -21.51 -4.27
C THR A 321 -38.40 -20.49 -5.30
N GLY A 322 -37.30 -19.80 -5.01
CA GLY A 322 -36.83 -18.78 -5.93
C GLY A 322 -35.42 -18.36 -5.61
N VAL A 323 -35.00 -17.26 -6.23
CA VAL A 323 -33.68 -16.69 -6.01
C VAL A 323 -33.83 -15.23 -5.61
N VAL A 324 -32.84 -14.74 -4.88
CA VAL A 324 -32.81 -13.36 -4.42
C VAL A 324 -32.03 -12.51 -5.40
N THR A 325 -32.63 -11.42 -5.86
CA THR A 325 -32.02 -10.53 -6.84
C THR A 325 -31.63 -9.18 -6.25
N ARG A 326 -32.58 -8.47 -5.65
CA ARG A 326 -32.32 -7.16 -5.07
C ARG A 326 -32.94 -7.07 -3.68
N ARG A 327 -32.13 -6.67 -2.71
CA ARG A 327 -32.56 -6.53 -1.32
C ARG A 327 -32.54 -5.05 -0.96
N THR A 328 -33.65 -4.54 -0.42
CA THR A 328 -33.73 -3.11 -0.16
C THR A 328 -32.85 -2.69 1.01
N GLY A 329 -33.15 -3.18 2.21
CA GLY A 329 -32.35 -2.82 3.37
C GLY A 329 -33.17 -2.98 4.64
N VAL A 330 -32.74 -2.27 5.68
CA VAL A 330 -33.34 -2.36 7.00
C VAL A 330 -33.87 -0.98 7.38
N PHE A 331 -35.16 -0.90 7.66
CA PHE A 331 -35.80 0.32 8.12
C PHE A 331 -36.80 -0.03 9.21
N PRO A 332 -37.05 0.89 10.15
CA PRO A 332 -38.04 0.64 11.18
C PRO A 332 -39.46 0.96 10.75
N GLN A 333 -40.41 0.39 11.49
CA GLN A 333 -41.84 0.61 11.26
C GLN A 333 -42.54 0.83 12.59
N LEU A 334 -43.71 1.46 12.53
CA LEU A 334 -44.55 1.61 13.71
C LEU A 334 -45.40 0.36 13.90
N LYS A 335 -45.40 -0.17 15.12
CA LYS A 335 -46.20 -1.34 15.45
C LYS A 335 -47.50 -0.98 16.17
N TYR A 336 -47.40 -0.20 17.24
CA TYR A 336 -48.56 0.26 18.00
C TYR A 336 -48.69 1.76 17.76
N VAL A 337 -49.60 2.15 16.87
CA VAL A 337 -49.78 3.53 16.48
C VAL A 337 -50.85 4.16 17.36
N LYS A 338 -50.59 5.37 17.85
CA LYS A 338 -51.57 6.14 18.59
C LYS A 338 -51.60 7.55 18.03
N PHE A 339 -52.75 8.20 18.14
CA PHE A 339 -52.95 9.52 17.58
C PHE A 339 -53.48 10.47 18.65
N ASN A 340 -53.16 11.76 18.49
CA ASN A 340 -53.67 12.81 19.36
C ASN A 340 -54.40 13.81 18.48
N CYS A 341 -55.73 13.84 18.59
CA CYS A 341 -56.56 14.79 17.86
C CYS A 341 -56.74 16.04 18.71
N LEU A 342 -56.30 17.18 18.17
CA LEU A 342 -56.25 18.43 18.92
C LEU A 342 -57.50 19.28 18.75
N LYS A 343 -58.47 18.86 17.93
CA LYS A 343 -59.74 19.59 17.86
C LYS A 343 -60.60 19.30 19.08
N CYS A 344 -60.41 18.15 19.71
CA CYS A 344 -61.17 17.77 20.90
C CYS A 344 -60.27 17.24 22.01
N GLY A 345 -58.96 17.17 21.79
CA GLY A 345 -58.05 16.63 22.77
C GLY A 345 -58.30 15.16 23.04
N SER A 346 -58.45 14.37 21.99
CA SER A 346 -58.78 12.96 22.10
C SER A 346 -57.58 12.11 21.74
N ILE A 347 -57.23 11.18 22.63
CA ILE A 347 -56.11 10.27 22.40
C ILE A 347 -56.68 8.94 21.95
N LEU A 348 -56.36 8.55 20.71
CA LEU A 348 -56.83 7.29 20.16
C LEU A 348 -56.05 6.12 20.74
N GLY A 349 -56.72 4.96 20.81
CA GLY A 349 -56.11 3.78 21.37
C GLY A 349 -55.06 3.16 20.47
N PRO A 350 -54.38 2.13 20.97
CA PRO A 350 -53.32 1.48 20.18
C PRO A 350 -53.90 0.78 18.97
N PHE A 351 -53.31 1.06 17.80
CA PHE A 351 -53.76 0.50 16.53
C PHE A 351 -52.62 -0.28 15.89
N PHE A 352 -52.98 -1.32 15.15
CA PHE A 352 -52.02 -2.19 14.49
C PHE A 352 -51.84 -1.77 13.03
N GLN A 353 -50.74 -2.21 12.44
CA GLN A 353 -50.45 -1.92 11.05
C GLN A 353 -50.10 -3.22 10.35
N ASP A 354 -50.56 -3.34 9.10
CA ASP A 354 -50.48 -4.60 8.37
C ASP A 354 -49.26 -4.65 7.45
N SER A 355 -48.32 -3.72 7.63
CA SER A 355 -47.06 -3.59 6.89
C SER A 355 -47.25 -3.20 5.43
N ASN A 356 -48.48 -3.14 4.95
CA ASN A 356 -48.73 -2.67 3.59
C ASN A 356 -49.93 -1.75 3.48
N GLU A 357 -50.57 -1.38 4.58
CA GLU A 357 -51.74 -0.53 4.57
C GLU A 357 -51.57 0.59 5.58
N GLU A 358 -52.06 1.78 5.23
CA GLU A 358 -52.04 2.92 6.13
C GLU A 358 -53.30 2.95 6.97
N ILE A 359 -53.14 3.26 8.26
CA ILE A 359 -54.29 3.36 9.15
C ILE A 359 -55.09 4.61 8.81
N ARG A 360 -56.40 4.44 8.63
CA ARG A 360 -57.28 5.52 8.20
C ARG A 360 -58.53 5.49 9.07
N ILE A 361 -58.72 6.55 9.86
CA ILE A 361 -59.87 6.68 10.75
C ILE A 361 -60.76 7.81 10.25
N SER A 362 -62.07 7.58 10.27
CA SER A 362 -63.01 8.50 9.65
C SER A 362 -63.58 9.52 10.63
N PHE A 363 -64.28 9.07 11.67
CA PHE A 363 -65.02 9.97 12.54
C PHE A 363 -64.26 10.35 13.81
N CYS A 364 -63.10 9.75 14.07
CA CYS A 364 -62.22 10.13 15.19
C CYS A 364 -62.96 10.02 16.52
N THR A 365 -63.26 8.78 16.89
CA THR A 365 -63.76 8.33 18.20
C THR A 365 -65.00 9.15 18.61
N ASN A 366 -65.24 9.26 19.92
CA ASN A 366 -66.56 9.63 20.44
C ASN A 366 -67.06 10.96 19.88
N CYS A 367 -66.17 11.93 19.67
CA CYS A 367 -66.62 13.22 19.18
C CYS A 367 -67.23 13.15 17.79
N LYS A 368 -66.97 12.07 17.05
CA LYS A 368 -67.62 11.79 15.76
C LYS A 368 -67.44 12.95 14.78
N SER A 369 -66.20 13.44 14.68
CA SER A 369 -65.88 14.53 13.78
C SER A 369 -64.43 14.40 13.35
N LYS A 370 -64.14 14.82 12.12
CA LYS A 370 -62.81 14.75 11.54
C LYS A 370 -62.11 16.09 11.70
N GLY A 371 -60.85 16.06 12.11
CA GLY A 371 -60.08 17.27 12.30
C GLY A 371 -58.59 17.01 12.34
N PRO A 372 -57.81 18.06 12.59
CA PRO A 372 -56.36 17.91 12.65
C PRO A 372 -55.93 16.98 13.78
N PHE A 373 -54.84 16.25 13.53
CA PHE A 373 -54.32 15.28 14.50
C PHE A 373 -52.82 15.13 14.29
N ARG A 374 -52.16 14.55 15.29
CA ARG A 374 -50.72 14.32 15.23
C ARG A 374 -50.40 12.94 15.74
N VAL A 375 -49.18 12.49 15.44
CA VAL A 375 -48.76 11.13 15.78
C VAL A 375 -48.44 11.02 17.26
N ASN A 376 -47.64 11.96 17.78
CA ASN A 376 -47.18 11.94 19.17
C ASN A 376 -46.46 10.63 19.49
N GLY A 377 -45.33 10.45 18.82
CA GLY A 377 -44.58 9.22 18.84
C GLY A 377 -43.67 9.01 20.04
N GLU A 378 -43.82 9.80 21.09
CA GLU A 378 -43.01 9.57 22.29
C GLU A 378 -43.39 8.28 23.00
N LYS A 379 -44.60 7.79 22.79
CA LYS A 379 -45.09 6.54 23.38
C LYS A 379 -45.49 5.61 22.25
N THR A 380 -44.52 4.83 21.74
CA THR A 380 -44.77 3.92 20.64
C THR A 380 -43.70 2.84 20.64
N VAL A 381 -43.97 1.76 19.90
CA VAL A 381 -43.03 0.65 19.76
C VAL A 381 -42.76 0.45 18.27
N TYR A 382 -41.60 -0.12 17.96
CA TYR A 382 -41.12 -0.21 16.60
C TYR A 382 -40.76 -1.64 16.23
N ARG A 383 -40.95 -1.97 14.96
CA ARG A 383 -40.43 -3.17 14.32
C ARG A 383 -39.40 -2.76 13.28
N ASN A 384 -38.84 -3.76 12.60
CA ASN A 384 -37.96 -3.52 11.46
C ASN A 384 -38.32 -4.49 10.35
N TYR A 385 -38.26 -4.02 9.11
CA TYR A 385 -38.69 -4.82 7.97
C TYR A 385 -37.58 -4.87 6.95
N GLN A 386 -37.80 -5.67 5.90
CA GLN A 386 -36.90 -5.72 4.74
C GLN A 386 -37.61 -6.36 3.56
N ARG A 387 -37.66 -5.68 2.42
CA ARG A 387 -38.33 -6.25 1.26
C ARG A 387 -37.32 -6.56 0.16
N VAL A 388 -37.65 -7.60 -0.61
CA VAL A 388 -36.71 -8.22 -1.54
C VAL A 388 -37.48 -8.70 -2.77
N THR A 389 -36.75 -8.82 -3.88
CA THR A 389 -37.32 -9.28 -5.14
C THR A 389 -36.96 -10.74 -5.35
N LEU A 390 -37.96 -11.54 -5.72
CA LEU A 390 -37.80 -12.98 -5.87
C LEU A 390 -38.09 -13.37 -7.32
N GLN A 391 -37.09 -13.93 -8.00
CA GLN A 391 -37.23 -14.42 -9.35
C GLN A 391 -37.46 -15.94 -9.32
N GLU A 392 -37.45 -16.55 -10.50
CA GLU A 392 -37.55 -18.00 -10.62
C GLU A 392 -36.17 -18.62 -10.71
N ALA A 393 -36.03 -19.79 -10.12
CA ALA A 393 -34.77 -20.51 -10.19
C ALA A 393 -34.50 -20.95 -11.62
N PRO A 394 -33.32 -20.69 -12.17
CA PRO A 394 -33.03 -21.14 -13.54
C PRO A 394 -33.07 -22.65 -13.71
N GLY A 395 -32.94 -23.42 -12.62
CA GLY A 395 -33.02 -24.86 -12.72
C GLY A 395 -34.42 -25.42 -12.84
N THR A 396 -35.44 -24.60 -12.61
CA THR A 396 -36.83 -25.05 -12.73
C THR A 396 -37.63 -24.28 -13.77
N VAL A 397 -37.06 -23.23 -14.36
CA VAL A 397 -37.76 -22.50 -15.43
C VAL A 397 -37.76 -23.35 -16.69
N PRO A 398 -38.82 -23.31 -17.50
CA PRO A 398 -38.74 -23.98 -18.80
C PRO A 398 -37.65 -23.38 -19.64
N PRO A 399 -36.96 -24.20 -20.44
CA PRO A 399 -35.81 -23.70 -21.21
C PRO A 399 -36.24 -22.67 -22.25
N GLY A 400 -35.47 -21.59 -22.34
CA GLY A 400 -35.72 -20.55 -23.32
C GLY A 400 -36.81 -19.57 -22.99
N ARG A 401 -37.37 -19.63 -21.78
CA ARG A 401 -38.46 -18.75 -21.40
C ARG A 401 -37.92 -17.62 -20.50
N LEU A 402 -38.84 -16.80 -19.98
CA LEU A 402 -38.48 -15.68 -19.13
C LEU A 402 -38.94 -15.91 -17.70
N PRO A 403 -38.20 -15.40 -16.72
CA PRO A 403 -38.57 -15.61 -15.31
C PRO A 403 -39.69 -14.67 -14.89
N ARG A 404 -40.27 -15.01 -13.74
CA ARG A 404 -41.35 -14.22 -13.13
C ARG A 404 -40.87 -13.66 -11.80
N HIS A 405 -41.25 -12.42 -11.51
CA HIS A 405 -40.81 -11.71 -10.32
C HIS A 405 -41.96 -11.51 -9.35
N ARG A 406 -41.65 -11.60 -8.07
CA ARG A 406 -42.58 -11.26 -6.99
C ARG A 406 -41.83 -10.46 -5.93
N GLU A 407 -42.58 -9.93 -4.98
CA GLU A 407 -42.03 -9.12 -3.89
C GLU A 407 -42.29 -9.83 -2.57
N VAL A 408 -41.25 -9.93 -1.74
CA VAL A 408 -41.29 -10.64 -0.47
C VAL A 408 -40.98 -9.65 0.65
N ILE A 409 -41.80 -9.68 1.69
CA ILE A 409 -41.68 -8.78 2.83
C ILE A 409 -41.24 -9.59 4.04
N LEU A 410 -40.18 -9.12 4.72
CA LEU A 410 -39.60 -9.80 5.86
C LEU A 410 -39.83 -8.94 7.09
N LEU A 411 -40.48 -9.51 8.10
CA LEU A 411 -40.73 -8.82 9.35
C LEU A 411 -39.57 -9.10 10.31
N ALA A 412 -39.74 -8.77 11.59
CA ALA A 412 -38.65 -8.90 12.55
C ALA A 412 -38.20 -10.35 12.67
N ASP A 413 -36.91 -10.51 13.01
CA ASP A 413 -36.24 -11.79 13.20
C ASP A 413 -35.96 -12.48 11.88
N LEU A 414 -36.44 -11.91 10.77
CA LEU A 414 -36.15 -12.41 9.43
C LEU A 414 -35.31 -11.43 8.63
N VAL A 415 -34.73 -10.43 9.27
CA VAL A 415 -33.97 -9.40 8.57
C VAL A 415 -32.56 -9.91 8.32
N ASP A 416 -32.08 -9.72 7.10
CA ASP A 416 -30.74 -10.09 6.65
C ASP A 416 -30.49 -11.60 6.67
N VAL A 417 -31.54 -12.40 6.85
CA VAL A 417 -31.37 -13.86 6.77
C VAL A 417 -31.01 -14.26 5.34
N SER A 418 -31.68 -13.66 4.36
CA SER A 418 -31.42 -13.96 2.96
C SER A 418 -30.31 -13.04 2.42
N LYS A 419 -29.57 -13.56 1.45
CA LYS A 419 -28.47 -12.83 0.84
C LYS A 419 -28.63 -12.80 -0.68
N PRO A 420 -28.11 -11.77 -1.35
CA PRO A 420 -28.25 -11.71 -2.80
C PRO A 420 -27.57 -12.89 -3.49
N GLY A 421 -28.21 -13.40 -4.54
CA GLY A 421 -27.67 -14.49 -5.31
C GLY A 421 -27.88 -15.86 -4.72
N GLU A 422 -28.54 -15.98 -3.58
CA GLU A 422 -28.71 -17.24 -2.88
C GLU A 422 -30.12 -17.78 -3.14
N GLU A 423 -30.19 -19.01 -3.65
CA GLU A 423 -31.48 -19.65 -3.87
C GLU A 423 -32.11 -20.02 -2.54
N VAL A 424 -33.39 -19.66 -2.36
CA VAL A 424 -34.08 -19.86 -1.10
C VAL A 424 -35.46 -20.46 -1.37
N GLU A 425 -36.07 -20.96 -0.30
CA GLU A 425 -37.44 -21.45 -0.31
C GLU A 425 -38.18 -20.78 0.85
N VAL A 426 -39.25 -20.06 0.52
CA VAL A 426 -39.98 -19.26 1.49
C VAL A 426 -41.39 -19.79 1.64
N THR A 427 -41.80 -20.05 2.87
CA THR A 427 -43.18 -20.33 3.21
C THR A 427 -43.80 -19.05 3.74
N GLY A 428 -44.94 -18.66 3.18
CA GLY A 428 -45.53 -17.39 3.54
C GLY A 428 -47.02 -17.36 3.28
N ILE A 429 -47.56 -16.15 3.31
CA ILE A 429 -48.98 -15.89 3.12
C ILE A 429 -49.16 -15.05 1.87
N TYR A 430 -50.12 -15.43 1.02
CA TYR A 430 -50.39 -14.72 -0.22
C TYR A 430 -51.50 -13.70 0.01
N LYS A 431 -51.24 -12.45 -0.36
CA LYS A 431 -52.18 -11.37 -0.12
C LYS A 431 -52.13 -10.38 -1.29
N ASN A 432 -53.21 -9.60 -1.42
CA ASN A 432 -53.38 -8.67 -2.52
C ASN A 432 -53.74 -7.29 -1.98
N ASN A 433 -53.36 -6.26 -2.73
CA ASN A 433 -53.65 -4.89 -2.34
C ASN A 433 -53.88 -4.05 -3.59
N TYR A 434 -54.58 -2.93 -3.40
CA TYR A 434 -54.91 -2.04 -4.51
C TYR A 434 -53.68 -1.25 -4.96
N ASP A 435 -53.71 -0.82 -6.22
CA ASP A 435 -52.67 0.02 -6.79
C ASP A 435 -53.28 0.90 -7.87
N GLY A 436 -52.81 2.13 -7.96
CA GLY A 436 -53.36 3.09 -8.89
C GLY A 436 -52.72 3.08 -10.27
N ASN A 437 -51.40 3.21 -10.32
CA ASN A 437 -50.70 3.22 -11.60
C ASN A 437 -50.86 1.89 -12.34
N LEU A 438 -50.86 0.79 -11.59
CA LEU A 438 -51.07 -0.52 -12.20
C LEU A 438 -52.43 -0.60 -12.88
N ASN A 439 -53.46 -0.06 -12.24
CA ASN A 439 -54.78 0.01 -12.88
C ASN A 439 -54.75 0.94 -14.08
N ALA A 440 -54.02 2.05 -13.98
CA ALA A 440 -53.98 3.02 -15.08
C ALA A 440 -53.35 2.43 -16.32
N LYS A 441 -52.26 1.67 -16.16
CA LYS A 441 -51.53 1.18 -17.33
C LYS A 441 -52.29 0.06 -18.05
N ASN A 442 -52.96 -0.81 -17.30
CA ASN A 442 -53.66 -1.95 -17.90
C ASN A 442 -55.10 -1.65 -18.28
N GLY A 443 -55.72 -0.63 -17.67
CA GLY A 443 -57.08 -0.30 -18.00
C GLY A 443 -58.13 -1.26 -17.49
N PHE A 444 -57.76 -2.10 -16.53
CA PHE A 444 -58.69 -3.05 -15.92
C PHE A 444 -58.44 -3.11 -14.43
N PRO A 445 -59.45 -3.45 -13.63
CA PRO A 445 -59.27 -3.49 -12.18
C PRO A 445 -58.35 -4.62 -11.73
N VAL A 446 -57.05 -4.43 -11.93
CA VAL A 446 -56.04 -5.43 -11.56
C VAL A 446 -55.39 -5.02 -10.24
N PHE A 447 -55.05 -6.01 -9.43
CA PHE A 447 -54.51 -5.79 -8.10
C PHE A 447 -53.11 -6.37 -8.00
N ALA A 448 -52.26 -5.70 -7.22
CA ALA A 448 -50.90 -6.18 -6.99
C ALA A 448 -50.89 -7.25 -5.91
N THR A 449 -49.88 -8.12 -5.98
CA THR A 449 -49.75 -9.23 -5.05
C THR A 449 -48.35 -9.24 -4.46
N ILE A 450 -48.27 -9.50 -3.15
CA ILE A 450 -47.02 -9.60 -2.42
C ILE A 450 -47.06 -10.83 -1.55
N ILE A 451 -45.89 -11.26 -1.07
CA ILE A 451 -45.78 -12.41 -0.19
C ILE A 451 -45.06 -11.97 1.08
N GLU A 452 -45.74 -12.12 2.22
CA GLU A 452 -45.12 -11.86 3.51
C GLU A 452 -44.54 -13.17 4.05
N ALA A 453 -43.25 -13.17 4.34
CA ALA A 453 -42.57 -14.40 4.71
C ALA A 453 -42.97 -14.87 6.10
N ASN A 454 -43.04 -16.18 6.26
CA ASN A 454 -43.24 -16.82 7.56
C ASN A 454 -42.16 -17.83 7.91
N SER A 455 -41.40 -18.32 6.92
CA SER A 455 -40.28 -19.20 7.17
C SER A 455 -39.38 -19.20 5.95
N ILE A 456 -38.06 -19.26 6.17
CA ILE A 456 -37.08 -19.24 5.09
C ILE A 456 -36.14 -20.43 5.26
N LYS A 457 -35.88 -21.14 4.18
CA LYS A 457 -34.95 -22.27 4.17
C LYS A 457 -33.99 -22.10 3.01
N ARG A 458 -32.69 -22.04 3.32
CA ARG A 458 -31.69 -21.93 2.27
C ARG A 458 -31.53 -23.26 1.55
N ARG A 459 -31.46 -23.20 0.22
CA ARG A 459 -31.33 -24.38 -0.63
C ARG A 459 -30.25 -24.16 -1.67
N GLU A 460 -29.10 -23.64 -1.25
CA GLU A 460 -27.98 -23.42 -2.15
C GLU A 460 -27.02 -24.59 -2.09
N GLY A 461 -26.73 -25.18 -3.25
CA GLY A 461 -25.79 -26.29 -3.33
C GLY A 461 -26.37 -27.62 -2.93
N ASN A 462 -26.73 -27.76 -1.65
CA ASN A 462 -27.20 -29.03 -1.10
C ASN A 462 -28.62 -29.31 -1.58
N THR A 463 -28.73 -29.90 -2.77
CA THR A 463 -30.03 -30.27 -3.31
C THR A 463 -30.59 -31.53 -2.65
N ALA A 464 -29.75 -32.34 -2.01
CA ALA A 464 -30.21 -33.54 -1.31
C ALA A 464 -31.02 -33.11 -0.09
N ASN A 465 -32.34 -33.28 -0.17
CA ASN A 465 -33.25 -32.80 0.85
C ASN A 465 -34.27 -33.88 1.20
N GLU A 466 -33.79 -35.10 1.43
CA GLU A 466 -34.65 -36.22 1.80
C GLU A 466 -34.26 -36.91 3.09
N GLY A 467 -33.05 -36.69 3.61
CA GLY A 467 -32.64 -37.38 4.83
C GLY A 467 -33.44 -36.95 6.04
N GLU A 468 -33.66 -35.65 6.21
CA GLU A 468 -34.36 -35.14 7.37
C GLU A 468 -35.09 -33.86 7.01
N GLU A 469 -36.04 -33.49 7.86
CA GLU A 469 -36.89 -32.34 7.66
C GLU A 469 -36.49 -31.22 8.61
N GLY A 470 -36.97 -30.01 8.30
CA GLY A 470 -36.72 -28.85 9.12
C GLY A 470 -36.22 -27.68 8.28
N LEU A 471 -36.23 -26.51 8.92
CA LEU A 471 -35.72 -25.31 8.25
C LEU A 471 -34.24 -25.43 7.96
N ASP A 472 -33.49 -26.10 8.84
CA ASP A 472 -32.06 -26.30 8.65
C ASP A 472 -31.71 -27.75 8.97
N VAL A 473 -30.79 -28.32 8.18
CA VAL A 473 -30.33 -29.68 8.39
C VAL A 473 -28.98 -29.75 9.07
N PHE A 474 -28.39 -28.61 9.41
CA PHE A 474 -27.10 -28.55 10.10
C PHE A 474 -27.24 -28.14 11.56
N SER A 475 -28.42 -28.31 12.14
CA SER A 475 -28.69 -27.95 13.52
C SER A 475 -28.88 -29.21 14.35
N TRP A 476 -28.37 -29.19 15.58
CA TRP A 476 -28.36 -30.36 16.45
C TRP A 476 -29.17 -30.09 17.71
N THR A 477 -29.81 -31.14 18.22
CA THR A 477 -30.47 -31.09 19.51
C THR A 477 -29.48 -31.49 20.61
N GLU A 478 -29.94 -31.43 21.86
CA GLU A 478 -29.07 -31.79 22.97
C GLU A 478 -28.71 -33.28 22.93
N GLU A 479 -29.67 -34.13 22.60
CA GLU A 479 -29.39 -35.57 22.52
C GLU A 479 -28.41 -35.88 21.40
N GLU A 480 -28.47 -35.14 20.29
CA GLU A 480 -27.49 -35.36 19.22
C GLU A 480 -26.10 -34.91 19.65
N GLU A 481 -26.00 -33.84 20.45
CA GLU A 481 -24.71 -33.47 21.02
C GLU A 481 -24.19 -34.57 21.95
N ARG A 482 -25.08 -35.15 22.76
CA ARG A 482 -24.68 -36.25 23.64
C ARG A 482 -24.18 -37.43 22.83
N GLU A 483 -24.85 -37.75 21.73
CA GLU A 483 -24.42 -38.85 20.88
C GLU A 483 -23.07 -38.53 20.22
N PHE A 484 -22.87 -37.28 19.81
CA PHE A 484 -21.58 -36.87 19.28
C PHE A 484 -20.47 -37.12 20.29
N ARG A 485 -20.69 -36.70 21.53
CA ARG A 485 -19.68 -36.91 22.56
C ARG A 485 -19.48 -38.39 22.87
N LYS A 486 -20.55 -39.18 22.82
CA LYS A 486 -20.43 -40.61 23.09
C LYS A 486 -19.62 -41.32 22.01
N ILE A 487 -19.85 -40.98 20.74
CA ILE A 487 -19.17 -41.67 19.64
C ILE A 487 -17.86 -41.02 19.25
N SER A 488 -17.51 -39.88 19.83
CA SER A 488 -16.25 -39.22 19.53
C SER A 488 -15.09 -39.71 20.37
N ARG A 489 -15.32 -40.65 21.29
CA ARG A 489 -14.29 -41.13 22.20
C ARG A 489 -13.82 -42.54 21.91
N ASP A 490 -14.47 -43.25 20.98
CA ASP A 490 -14.08 -44.63 20.71
C ASP A 490 -12.74 -44.69 20.00
N ARG A 491 -12.07 -45.83 20.14
CA ARG A 491 -10.77 -46.03 19.50
C ARG A 491 -10.92 -46.11 17.99
N GLY A 492 -9.97 -45.51 17.28
CA GLY A 492 -9.95 -45.58 15.82
C GLY A 492 -11.15 -44.94 15.15
N ILE A 493 -11.59 -43.78 15.64
CA ILE A 493 -12.68 -43.08 14.98
C ILE A 493 -12.24 -42.43 13.68
N ILE A 494 -10.95 -42.13 13.54
CA ILE A 494 -10.46 -41.52 12.30
C ILE A 494 -10.66 -42.47 11.13
N ASP A 495 -10.39 -43.76 11.33
CA ASP A 495 -10.57 -44.74 10.28
C ASP A 495 -12.04 -44.85 9.88
N LYS A 496 -12.95 -44.85 10.86
CA LYS A 496 -14.37 -44.92 10.54
C LYS A 496 -14.82 -43.67 9.78
N ILE A 497 -14.35 -42.50 10.18
CA ILE A 497 -14.71 -41.27 9.49
C ILE A 497 -14.22 -41.30 8.05
N ILE A 498 -12.99 -41.75 7.84
CA ILE A 498 -12.44 -41.79 6.49
C ILE A 498 -13.18 -42.81 5.64
N SER A 499 -13.47 -43.98 6.20
CA SER A 499 -14.13 -45.04 5.43
C SER A 499 -15.62 -44.74 5.20
N SER A 500 -16.22 -43.86 5.98
CA SER A 500 -17.63 -43.52 5.83
C SER A 500 -17.86 -42.39 4.85
N MET A 501 -16.82 -41.90 4.19
CA MET A 501 -16.93 -40.81 3.23
C MET A 501 -16.91 -41.38 1.82
N ALA A 502 -17.92 -41.01 1.02
CA ALA A 502 -18.14 -41.54 -0.32
C ALA A 502 -18.19 -43.07 -0.27
N PRO A 503 -19.24 -43.66 0.33
CA PRO A 503 -19.26 -45.11 0.49
C PRO A 503 -19.54 -45.88 -0.79
N SER A 504 -19.63 -45.21 -1.94
CA SER A 504 -19.87 -45.89 -3.21
C SER A 504 -18.70 -45.71 -4.17
N ILE A 505 -17.52 -45.40 -3.66
CA ILE A 505 -16.31 -45.29 -4.47
C ILE A 505 -15.28 -46.25 -3.88
N TYR A 506 -14.75 -47.13 -4.72
CA TYR A 506 -13.82 -48.16 -4.27
C TYR A 506 -12.39 -47.65 -4.33
N GLY A 507 -11.62 -47.96 -3.29
CA GLY A 507 -10.24 -47.52 -3.25
C GLY A 507 -10.11 -46.03 -2.99
N HIS A 508 -8.94 -45.51 -3.38
CA HIS A 508 -8.61 -44.09 -3.22
C HIS A 508 -8.71 -43.67 -1.75
N ARG A 509 -8.02 -44.42 -0.89
CA ARG A 509 -8.00 -44.10 0.54
C ARG A 509 -7.33 -42.75 0.79
N ASP A 510 -6.24 -42.47 0.07
CA ASP A 510 -5.52 -41.21 0.27
C ASP A 510 -6.39 -40.02 -0.10
N ILE A 511 -7.16 -40.13 -1.18
CA ILE A 511 -8.05 -39.05 -1.57
C ILE A 511 -9.10 -38.80 -0.50
N LYS A 512 -9.67 -39.86 0.06
CA LYS A 512 -10.66 -39.71 1.12
C LYS A 512 -10.06 -39.04 2.34
N THR A 513 -8.84 -39.45 2.73
CA THR A 513 -8.19 -38.83 3.87
C THR A 513 -7.91 -37.35 3.62
N ALA A 514 -7.43 -37.02 2.42
CA ALA A 514 -7.14 -35.63 2.09
C ALA A 514 -8.41 -34.79 2.10
N VAL A 515 -9.50 -35.33 1.57
CA VAL A 515 -10.76 -34.58 1.54
C VAL A 515 -11.28 -34.36 2.95
N ALA A 516 -11.18 -35.38 3.82
CA ALA A 516 -11.61 -35.21 5.21
C ALA A 516 -10.78 -34.13 5.89
N CYS A 517 -9.46 -34.17 5.72
CA CYS A 517 -8.60 -33.16 6.33
C CYS A 517 -8.83 -31.78 5.75
N SER A 518 -9.31 -31.70 4.51
CA SER A 518 -9.56 -30.39 3.89
C SER A 518 -10.89 -29.80 4.33
N LEU A 519 -11.92 -30.63 4.49
CA LEU A 519 -13.22 -30.11 4.88
C LEU A 519 -13.39 -30.01 6.39
N PHE A 520 -12.48 -30.57 7.18
CA PHE A 520 -12.48 -30.28 8.61
C PHE A 520 -11.70 -29.03 8.96
N GLY A 521 -10.71 -28.67 8.14
CA GLY A 521 -10.01 -27.40 8.32
C GLY A 521 -9.09 -27.40 9.52
N GLY A 522 -8.46 -26.24 9.72
CA GLY A 522 -7.57 -26.03 10.84
C GLY A 522 -8.03 -24.92 11.75
N VAL A 523 -7.08 -24.18 12.34
CA VAL A 523 -7.40 -23.07 13.22
C VAL A 523 -6.65 -21.83 12.73
N PRO A 524 -7.34 -20.76 12.36
CA PRO A 524 -6.63 -19.52 12.01
C PRO A 524 -5.91 -18.96 13.22
N LYS A 525 -4.75 -18.36 12.98
CA LYS A 525 -3.91 -17.85 14.05
C LYS A 525 -3.70 -16.35 13.91
N ASN A 526 -3.83 -15.63 15.03
CA ASN A 526 -3.57 -14.20 15.08
C ASN A 526 -2.59 -13.94 16.22
N VAL A 527 -1.39 -13.49 15.87
CA VAL A 527 -0.32 -13.24 16.84
C VAL A 527 -0.32 -11.75 17.16
N ASN A 528 -0.64 -11.43 18.41
CA ASN A 528 -0.64 -10.06 18.94
C ASN A 528 -1.47 -9.11 18.10
N GLY A 529 -2.45 -9.64 17.35
CA GLY A 529 -3.21 -8.81 16.44
C GLY A 529 -2.38 -8.18 15.35
N LYS A 530 -1.17 -8.70 15.10
CA LYS A 530 -0.26 -8.13 14.12
C LYS A 530 0.35 -9.15 13.18
N HIS A 531 0.13 -10.45 13.39
CA HIS A 531 0.55 -11.47 12.44
C HIS A 531 -0.61 -12.41 12.18
N SER A 532 -0.77 -12.83 10.92
CA SER A 532 -1.90 -13.65 10.50
C SER A 532 -1.39 -14.95 9.89
N ILE A 533 -1.96 -16.06 10.34
CA ILE A 533 -1.64 -17.40 9.83
C ILE A 533 -2.94 -18.06 9.37
N ARG A 534 -2.99 -18.42 8.10
CA ARG A 534 -4.15 -19.08 7.52
C ARG A 534 -4.40 -20.44 8.16
N GLY A 535 -5.67 -20.78 8.31
CA GLY A 535 -6.04 -22.03 8.95
C GLY A 535 -6.93 -22.94 8.13
N ASP A 536 -6.82 -22.87 6.81
CA ASP A 536 -7.59 -23.75 5.92
C ASP A 536 -6.64 -24.43 4.94
N ILE A 537 -7.02 -25.65 4.53
CA ILE A 537 -6.18 -26.52 3.75
C ILE A 537 -6.72 -26.62 2.32
N ASN A 538 -5.86 -26.42 1.34
CA ASN A 538 -6.21 -26.60 -0.06
C ASN A 538 -5.77 -27.98 -0.54
N VAL A 539 -6.48 -28.51 -1.53
CA VAL A 539 -6.22 -29.83 -2.07
C VAL A 539 -6.29 -29.75 -3.58
N LEU A 540 -5.29 -30.34 -4.26
CA LEU A 540 -5.26 -30.43 -5.71
C LEU A 540 -5.26 -31.90 -6.12
N LEU A 541 -6.14 -32.25 -7.05
CA LEU A 541 -6.23 -33.60 -7.58
C LEU A 541 -5.71 -33.63 -9.02
N LEU A 542 -5.11 -34.75 -9.39
CA LEU A 542 -4.51 -34.91 -10.70
C LEU A 542 -4.42 -36.39 -11.01
N GLY A 543 -4.74 -36.76 -12.25
CA GLY A 543 -4.67 -38.15 -12.63
C GLY A 543 -5.30 -38.41 -13.98
N ASP A 544 -5.41 -39.69 -14.31
CA ASP A 544 -5.93 -40.16 -15.57
C ASP A 544 -7.45 -40.07 -15.59
N PRO A 545 -8.05 -40.05 -16.79
CA PRO A 545 -9.51 -40.05 -16.88
C PRO A 545 -10.10 -41.36 -16.36
N GLY A 546 -11.40 -41.30 -16.05
CA GLY A 546 -12.08 -42.45 -15.49
C GLY A 546 -11.63 -42.81 -14.09
N THR A 547 -11.34 -41.81 -13.26
CA THR A 547 -10.91 -42.04 -11.89
C THR A 547 -11.86 -41.42 -10.87
N ALA A 548 -13.05 -40.99 -11.30
CA ALA A 548 -14.11 -40.52 -10.42
C ALA A 548 -13.68 -39.37 -9.51
N LYS A 549 -12.94 -38.42 -10.08
CA LYS A 549 -12.65 -37.19 -9.35
C LYS A 549 -13.89 -36.31 -9.23
N SER A 550 -14.67 -36.22 -10.32
CA SER A 550 -15.87 -35.39 -10.31
C SER A 550 -16.90 -35.91 -9.32
N GLN A 551 -17.00 -37.23 -9.16
CA GLN A 551 -17.93 -37.78 -8.16
C GLN A 551 -17.51 -37.38 -6.75
N ILE A 552 -16.20 -37.41 -6.47
CA ILE A 552 -15.71 -36.94 -5.18
C ILE A 552 -16.05 -35.47 -4.98
N LEU A 553 -15.86 -34.65 -6.02
CA LEU A 553 -16.21 -33.24 -5.92
C LEU A 553 -17.70 -33.06 -5.64
N LYS A 554 -18.55 -33.84 -6.31
CA LYS A 554 -19.99 -33.73 -6.09
C LYS A 554 -20.35 -34.10 -4.66
N TYR A 555 -19.72 -35.15 -4.12
CA TYR A 555 -19.98 -35.52 -2.74
C TYR A 555 -19.52 -34.44 -1.77
N VAL A 556 -18.36 -33.83 -2.04
CA VAL A 556 -17.87 -32.73 -1.20
C VAL A 556 -18.87 -31.58 -1.22
N GLU A 557 -19.37 -31.23 -2.41
CA GLU A 557 -20.38 -30.18 -2.50
C GLU A 557 -21.64 -30.55 -1.74
N LYS A 558 -22.03 -31.82 -1.78
CA LYS A 558 -23.23 -32.28 -1.08
C LYS A 558 -23.08 -32.14 0.42
N THR A 559 -21.91 -32.53 0.97
CA THR A 559 -21.76 -32.60 2.42
C THR A 559 -21.36 -31.28 3.06
N ALA A 560 -20.72 -30.37 2.33
CA ALA A 560 -20.27 -29.12 2.91
C ALA A 560 -21.45 -28.20 3.22
N HIS A 561 -21.26 -27.35 4.23
CA HIS A 561 -22.31 -26.40 4.61
C HIS A 561 -22.43 -25.29 3.58
N ARG A 562 -21.30 -24.77 3.09
CA ARG A 562 -21.29 -23.72 2.08
C ARG A 562 -20.39 -24.16 0.94
N ALA A 563 -20.98 -24.45 -0.22
CA ALA A 563 -20.25 -24.96 -1.36
C ALA A 563 -20.63 -24.18 -2.62
N VAL A 564 -19.64 -23.93 -3.47
CA VAL A 564 -19.82 -23.25 -4.74
C VAL A 564 -19.09 -24.04 -5.81
N PHE A 565 -19.78 -24.35 -6.90
CA PHE A 565 -19.22 -25.15 -7.98
C PHE A 565 -18.92 -24.26 -9.18
N ALA A 566 -17.67 -24.24 -9.60
CA ALA A 566 -17.23 -23.62 -10.84
C ALA A 566 -16.58 -24.69 -11.71
N THR A 567 -16.40 -24.37 -12.98
CA THR A 567 -15.91 -25.38 -13.91
C THR A 567 -15.27 -24.73 -15.13
N GLY A 568 -14.24 -25.39 -15.65
CA GLY A 568 -13.60 -25.07 -16.91
C GLY A 568 -13.42 -23.59 -17.20
N GLN A 569 -13.80 -23.18 -18.41
CA GLN A 569 -13.75 -21.78 -18.82
C GLN A 569 -15.04 -21.04 -18.50
N GLY A 570 -16.06 -21.74 -17.99
CA GLY A 570 -17.32 -21.12 -17.65
C GLY A 570 -17.27 -20.15 -16.49
N ALA A 571 -16.10 -19.92 -15.91
CA ALA A 571 -15.92 -18.95 -14.84
C ALA A 571 -14.85 -17.95 -15.24
N SER A 572 -15.12 -16.67 -14.98
CA SER A 572 -14.20 -15.60 -15.31
C SER A 572 -13.48 -15.10 -14.06
N ALA A 573 -12.45 -14.28 -14.28
CA ALA A 573 -11.66 -13.78 -13.16
C ALA A 573 -12.49 -12.93 -12.23
N VAL A 574 -13.33 -12.05 -12.78
CA VAL A 574 -14.16 -11.17 -11.95
C VAL A 574 -15.41 -11.87 -11.45
N GLY A 575 -15.77 -13.02 -12.02
CA GLY A 575 -16.90 -13.75 -11.51
C GLY A 575 -16.61 -14.48 -10.22
N LEU A 576 -15.39 -14.99 -10.06
CA LEU A 576 -15.01 -15.66 -8.82
C LEU A 576 -14.84 -14.66 -7.69
N THR A 577 -14.15 -13.55 -7.96
CA THR A 577 -13.93 -12.51 -6.96
C THR A 577 -15.08 -11.50 -7.00
N ALA A 578 -14.96 -10.45 -6.20
CA ALA A 578 -15.99 -9.42 -6.16
C ALA A 578 -15.99 -8.59 -7.45
N SER A 579 -17.17 -8.10 -7.81
CA SER A 579 -17.35 -7.30 -9.01
C SER A 579 -18.06 -6.00 -8.67
N VAL A 580 -17.78 -4.97 -9.48
CA VAL A 580 -18.37 -3.65 -9.32
C VAL A 580 -19.42 -3.45 -10.40
N ARG A 581 -20.58 -2.92 -10.01
CA ARG A 581 -21.73 -2.82 -10.89
C ARG A 581 -22.46 -1.51 -10.61
N LYS A 582 -22.99 -0.90 -11.67
CA LYS A 582 -23.76 0.34 -11.54
C LYS A 582 -25.23 0.00 -11.32
N ASP A 583 -25.77 0.39 -10.17
CA ASP A 583 -27.16 0.11 -9.86
C ASP A 583 -28.07 0.85 -10.84
N PRO A 584 -28.98 0.16 -11.54
CA PRO A 584 -29.82 0.84 -12.52
C PRO A 584 -30.80 1.84 -11.92
N ILE A 585 -31.07 1.77 -10.61
CA ILE A 585 -32.08 2.63 -10.00
C ILE A 585 -31.43 3.90 -9.46
N THR A 586 -30.53 3.75 -8.49
CA THR A 586 -29.91 4.90 -7.85
C THR A 586 -28.75 5.45 -8.67
N LYS A 587 -28.23 4.69 -9.63
CA LYS A 587 -27.23 5.14 -10.59
C LYS A 587 -25.93 5.57 -9.91
N GLU A 588 -25.30 4.61 -9.23
CA GLU A 588 -23.93 4.76 -8.77
C GLU A 588 -23.32 3.37 -8.62
N TRP A 589 -21.99 3.34 -8.62
CA TRP A 589 -21.29 2.06 -8.54
C TRP A 589 -21.52 1.39 -7.19
N THR A 590 -21.65 0.07 -7.22
CA THR A 590 -21.83 -0.72 -6.00
C THR A 590 -21.03 -2.01 -6.14
N LEU A 591 -20.91 -2.72 -5.04
CA LEU A 591 -20.15 -3.97 -4.98
C LEU A 591 -21.11 -5.16 -5.12
N GLU A 592 -20.73 -6.12 -5.96
CA GLU A 592 -21.52 -7.33 -6.17
C GLU A 592 -20.73 -8.53 -5.68
N GLY A 593 -21.36 -9.33 -4.82
CA GLY A 593 -20.68 -10.48 -4.25
C GLY A 593 -20.33 -11.51 -5.29
N GLY A 594 -19.06 -11.92 -5.33
CA GLY A 594 -18.59 -12.90 -6.27
C GLY A 594 -18.79 -14.32 -5.78
N ALA A 595 -18.22 -15.26 -6.55
CA ALA A 595 -18.33 -16.67 -6.19
C ALA A 595 -17.57 -16.99 -4.91
N LEU A 596 -16.38 -16.40 -4.74
CA LEU A 596 -15.58 -16.70 -3.56
C LEU A 596 -16.20 -16.15 -2.30
N VAL A 597 -16.94 -15.04 -2.39
CA VAL A 597 -17.57 -14.46 -1.21
C VAL A 597 -18.60 -15.41 -0.61
N LEU A 598 -19.33 -16.12 -1.46
CA LEU A 598 -20.28 -17.12 -0.99
C LEU A 598 -19.59 -18.32 -0.35
N ALA A 599 -18.29 -18.48 -0.53
CA ALA A 599 -17.54 -19.60 0.02
C ALA A 599 -16.95 -19.31 1.39
N ASP A 600 -17.27 -18.15 1.98
CA ASP A 600 -16.79 -17.84 3.32
C ASP A 600 -17.27 -18.90 4.31
N LYS A 601 -16.35 -19.39 5.14
CA LYS A 601 -16.61 -20.52 6.02
C LYS A 601 -17.16 -21.70 5.22
N GLY A 602 -16.43 -22.06 4.17
CA GLY A 602 -16.88 -23.10 3.28
C GLY A 602 -15.79 -23.49 2.30
N VAL A 603 -16.20 -24.24 1.27
CA VAL A 603 -15.29 -24.79 0.29
C VAL A 603 -15.73 -24.36 -1.11
N CYS A 604 -14.76 -23.98 -1.93
CA CYS A 604 -14.99 -23.64 -3.33
C CYS A 604 -14.39 -24.73 -4.20
N LEU A 605 -15.21 -25.29 -5.09
CA LEU A 605 -14.82 -26.44 -5.89
C LEU A 605 -14.68 -26.04 -7.34
N ILE A 606 -13.57 -26.41 -7.96
CA ILE A 606 -13.28 -26.09 -9.35
C ILE A 606 -13.00 -27.39 -10.09
N ASP A 607 -13.61 -27.54 -11.27
CA ASP A 607 -13.38 -28.69 -12.14
C ASP A 607 -12.71 -28.22 -13.42
N GLU A 608 -11.89 -29.09 -14.00
CA GLU A 608 -11.06 -28.78 -15.16
C GLU A 608 -10.20 -27.55 -14.89
N PHE A 609 -9.40 -27.65 -13.82
CA PHE A 609 -8.56 -26.54 -13.38
C PHE A 609 -7.47 -26.22 -14.39
N ASP A 610 -7.02 -27.22 -15.16
CA ASP A 610 -5.89 -27.01 -16.06
C ASP A 610 -6.27 -26.14 -17.24
N LYS A 611 -7.46 -26.33 -17.81
CA LYS A 611 -7.84 -25.63 -19.03
C LYS A 611 -8.19 -24.17 -18.77
N MET A 612 -8.58 -23.82 -17.54
CA MET A 612 -8.95 -22.45 -17.23
C MET A 612 -7.83 -21.49 -17.60
N ASN A 613 -8.21 -20.40 -18.27
CA ASN A 613 -7.22 -19.47 -18.81
C ASN A 613 -6.45 -18.80 -17.67
N ASP A 614 -5.20 -18.43 -17.96
CA ASP A 614 -4.30 -17.94 -16.91
C ASP A 614 -4.83 -16.66 -16.27
N GLN A 615 -5.41 -15.76 -17.08
CA GLN A 615 -6.01 -14.56 -16.51
C GLN A 615 -7.21 -14.90 -15.63
N ASP A 616 -7.88 -16.02 -15.91
CA ASP A 616 -8.98 -16.49 -15.07
C ASP A 616 -8.49 -17.34 -13.90
N ARG A 617 -7.19 -17.64 -13.85
CA ARG A 617 -6.62 -18.48 -12.80
C ARG A 617 -5.78 -17.71 -11.80
N THR A 618 -5.22 -16.57 -12.20
CA THR A 618 -4.34 -15.79 -11.35
C THR A 618 -5.09 -14.89 -10.37
N SER A 619 -6.42 -14.90 -10.39
CA SER A 619 -7.21 -14.01 -9.55
C SER A 619 -7.60 -14.61 -8.22
N ILE A 620 -7.11 -15.80 -7.89
CA ILE A 620 -7.44 -16.48 -6.65
C ILE A 620 -6.23 -16.70 -5.77
N HIS A 621 -5.09 -16.07 -6.09
CA HIS A 621 -3.91 -16.21 -5.24
C HIS A 621 -4.17 -15.66 -3.84
N GLU A 622 -4.74 -14.46 -3.75
CA GLU A 622 -5.05 -13.88 -2.45
C GLU A 622 -6.11 -14.70 -1.72
N ALA A 623 -7.08 -15.25 -2.46
CA ALA A 623 -8.09 -16.09 -1.83
C ALA A 623 -7.47 -17.34 -1.22
N MET A 624 -6.51 -17.95 -1.91
CA MET A 624 -5.82 -19.10 -1.33
C MET A 624 -4.99 -18.71 -0.12
N GLU A 625 -4.15 -17.68 -0.26
CA GLU A 625 -3.12 -17.38 0.74
C GLU A 625 -3.51 -16.25 1.68
N GLN A 626 -3.78 -15.06 1.14
CA GLN A 626 -4.02 -13.90 1.99
C GLN A 626 -5.39 -13.93 2.65
N GLN A 627 -6.32 -14.75 2.14
CA GLN A 627 -7.66 -14.86 2.69
C GLN A 627 -8.40 -13.52 2.69
N SER A 628 -8.14 -12.69 1.69
CA SER A 628 -8.77 -11.37 1.60
C SER A 628 -8.78 -10.92 0.14
N ILE A 629 -9.84 -10.21 -0.23
CA ILE A 629 -10.02 -9.68 -1.57
C ILE A 629 -10.05 -8.16 -1.49
N SER A 630 -9.17 -7.52 -2.26
CA SER A 630 -9.06 -6.07 -2.27
C SER A 630 -9.43 -5.54 -3.65
N ILE A 631 -10.32 -4.55 -3.68
CA ILE A 631 -10.78 -3.93 -4.91
C ILE A 631 -10.53 -2.44 -4.84
N SER A 632 -9.89 -1.89 -5.89
CA SER A 632 -9.71 -0.45 -6.06
C SER A 632 -10.17 -0.14 -7.48
N LYS A 633 -11.47 0.11 -7.64
CA LYS A 633 -12.05 0.30 -8.96
C LYS A 633 -13.17 1.32 -8.89
N ALA A 634 -13.19 2.23 -9.87
CA ALA A 634 -14.26 3.21 -10.03
C ALA A 634 -14.49 4.03 -8.76
N GLY A 635 -13.39 4.45 -8.14
CA GLY A 635 -13.47 5.27 -6.95
C GLY A 635 -13.85 4.54 -5.68
N ILE A 636 -13.84 3.21 -5.69
CA ILE A 636 -14.16 2.40 -4.51
C ILE A 636 -12.91 1.67 -4.09
N VAL A 637 -12.52 1.83 -2.82
CA VAL A 637 -11.33 1.20 -2.26
C VAL A 637 -11.78 0.44 -1.02
N THR A 638 -12.04 -0.85 -1.17
CA THR A 638 -12.48 -1.69 -0.07
C THR A 638 -11.75 -3.03 -0.11
N THR A 639 -11.66 -3.66 1.06
CA THR A 639 -11.07 -4.99 1.19
C THR A 639 -12.12 -5.93 1.74
N LEU A 640 -12.30 -7.07 1.08
CA LEU A 640 -13.32 -8.05 1.43
C LEU A 640 -12.67 -9.31 1.97
N GLN A 641 -13.12 -9.77 3.13
CA GLN A 641 -12.61 -10.98 3.72
C GLN A 641 -13.16 -12.21 3.02
N ALA A 642 -12.32 -13.24 2.86
CA ALA A 642 -12.72 -14.48 2.21
C ALA A 642 -12.00 -15.62 2.90
N ARG A 643 -12.75 -16.51 3.55
CA ARG A 643 -12.20 -17.69 4.21
C ARG A 643 -12.75 -18.91 3.50
N CYS A 644 -12.05 -19.36 2.46
CA CYS A 644 -12.50 -20.46 1.62
C CYS A 644 -11.38 -21.46 1.41
N SER A 645 -11.77 -22.73 1.27
CA SER A 645 -10.86 -23.80 0.91
C SER A 645 -11.11 -24.19 -0.53
N ILE A 646 -10.04 -24.28 -1.32
CA ILE A 646 -10.13 -24.53 -2.75
C ILE A 646 -9.76 -25.99 -3.02
N ILE A 647 -10.68 -26.72 -3.64
CA ILE A 647 -10.43 -28.09 -4.10
C ILE A 647 -10.54 -28.08 -5.62
N ALA A 648 -9.48 -28.52 -6.29
CA ALA A 648 -9.41 -28.44 -7.74
C ALA A 648 -9.08 -29.80 -8.33
N ALA A 649 -9.54 -30.02 -9.55
CA ALA A 649 -9.25 -31.23 -10.31
C ALA A 649 -8.78 -30.82 -11.70
N ALA A 650 -7.82 -31.58 -12.25
CA ALA A 650 -7.24 -31.26 -13.54
C ALA A 650 -6.78 -32.55 -14.21
N ASN A 651 -6.26 -32.42 -15.42
CA ASN A 651 -5.71 -33.54 -16.16
C ASN A 651 -4.31 -33.19 -16.66
N PRO A 652 -3.39 -34.15 -16.66
CA PRO A 652 -2.02 -33.85 -17.09
C PRO A 652 -1.90 -33.66 -18.59
N ASN A 653 -0.70 -33.31 -19.05
CA ASN A 653 -0.48 -33.12 -20.47
C ASN A 653 -0.60 -34.44 -21.21
N GLY A 654 -1.29 -34.42 -22.35
CA GLY A 654 -1.48 -35.61 -23.15
C GLY A 654 -2.57 -36.54 -22.69
N GLY A 655 -3.25 -36.22 -21.59
CA GLY A 655 -4.34 -37.03 -21.09
C GLY A 655 -3.93 -38.14 -20.14
N ARG A 656 -2.64 -38.40 -19.98
CA ARG A 656 -2.17 -39.43 -19.07
C ARG A 656 -0.90 -38.96 -18.38
N TYR A 657 -0.64 -39.53 -17.20
CA TYR A 657 0.51 -39.16 -16.38
C TYR A 657 1.70 -40.01 -16.77
N ASN A 658 2.77 -39.39 -17.25
CA ASN A 658 3.99 -40.09 -17.61
C ASN A 658 4.81 -40.30 -16.34
N SER A 659 4.83 -41.54 -15.85
CA SER A 659 5.48 -41.84 -14.57
C SER A 659 6.98 -41.60 -14.60
N THR A 660 7.61 -41.65 -15.78
CA THR A 660 9.05 -41.47 -15.90
C THR A 660 9.45 -40.03 -16.15
N LEU A 661 8.60 -39.08 -15.80
CA LEU A 661 8.90 -37.66 -15.93
C LEU A 661 8.55 -36.94 -14.64
N PRO A 662 9.29 -35.87 -14.31
CA PRO A 662 8.97 -35.13 -13.08
C PRO A 662 7.69 -34.34 -13.23
N LEU A 663 7.18 -33.86 -12.09
CA LEU A 663 5.92 -33.12 -12.07
C LEU A 663 6.03 -31.79 -12.81
N ALA A 664 7.24 -31.25 -12.95
CA ALA A 664 7.39 -29.97 -13.65
C ALA A 664 7.10 -30.11 -15.13
N GLN A 665 7.31 -31.28 -15.71
CA GLN A 665 7.05 -31.52 -17.13
C GLN A 665 5.72 -32.22 -17.37
N ASN A 666 4.93 -32.44 -16.32
CA ASN A 666 3.62 -33.07 -16.48
C ASN A 666 2.49 -32.07 -16.60
N VAL A 667 2.61 -30.90 -15.96
CA VAL A 667 1.60 -29.86 -16.03
C VAL A 667 2.28 -28.53 -16.34
N SER A 668 1.47 -27.59 -16.82
CA SER A 668 1.97 -26.26 -17.18
C SER A 668 1.89 -25.25 -16.04
N LEU A 669 1.37 -25.65 -14.89
CA LEU A 669 1.33 -24.75 -13.74
C LEU A 669 2.73 -24.49 -13.21
N THR A 670 2.89 -23.35 -12.56
CA THR A 670 4.19 -22.90 -12.06
C THR A 670 4.24 -23.00 -10.54
N GLU A 671 5.40 -22.68 -9.99
CA GLU A 671 5.59 -22.74 -8.54
C GLU A 671 4.67 -21.82 -7.74
N PRO A 672 4.41 -20.57 -8.13
CA PRO A 672 3.56 -19.72 -7.28
C PRO A 672 2.17 -20.30 -7.03
N ILE A 673 1.63 -21.10 -7.95
CA ILE A 673 0.31 -21.68 -7.77
C ILE A 673 0.43 -23.05 -7.12
N LEU A 674 1.51 -23.77 -7.45
CA LEU A 674 1.69 -25.12 -6.92
C LEU A 674 1.99 -25.10 -5.43
N SER A 675 2.74 -24.10 -4.97
CA SER A 675 3.14 -24.03 -3.57
C SER A 675 1.97 -23.73 -2.63
N ARG A 676 0.88 -23.20 -3.17
CA ARG A 676 -0.27 -22.85 -2.34
C ARG A 676 -1.19 -24.04 -2.05
N PHE A 677 -0.87 -25.22 -2.57
CA PHE A 677 -1.67 -26.41 -2.33
C PHE A 677 -0.97 -27.29 -1.31
N ASP A 678 -1.68 -27.64 -0.24
CA ASP A 678 -1.08 -28.38 0.86
C ASP A 678 -0.94 -29.86 0.53
N ILE A 679 -2.05 -30.52 0.25
CA ILE A 679 -2.07 -31.95 -0.07
C ILE A 679 -2.31 -32.09 -1.56
N LEU A 680 -1.37 -32.72 -2.26
CA LEU A 680 -1.47 -32.96 -3.70
C LEU A 680 -1.50 -34.46 -3.93
N CYS A 681 -2.53 -34.93 -4.63
CA CYS A 681 -2.71 -36.35 -4.91
C CYS A 681 -2.56 -36.60 -6.41
N VAL A 682 -1.79 -37.64 -6.74
CA VAL A 682 -1.61 -38.07 -8.12
C VAL A 682 -2.18 -39.48 -8.24
N VAL A 683 -3.12 -39.66 -9.17
CA VAL A 683 -3.82 -40.92 -9.37
C VAL A 683 -3.36 -41.51 -10.70
N ARG A 684 -2.97 -42.78 -10.67
CA ARG A 684 -2.53 -43.47 -11.87
C ARG A 684 -3.46 -44.64 -12.17
N ASP A 685 -3.74 -44.86 -13.45
CA ASP A 685 -4.57 -45.97 -13.91
C ASP A 685 -3.65 -47.00 -14.53
N LEU A 686 -3.50 -48.14 -13.86
CA LEU A 686 -2.63 -49.23 -14.29
C LEU A 686 -3.47 -50.46 -14.62
N VAL A 687 -2.79 -51.55 -14.96
CA VAL A 687 -3.43 -52.81 -15.34
C VAL A 687 -3.12 -53.84 -14.27
N ASP A 688 -4.17 -54.32 -13.59
CA ASP A 688 -4.07 -55.39 -12.60
C ASP A 688 -5.30 -56.27 -12.70
N GLU A 689 -5.09 -57.58 -12.65
CA GLU A 689 -6.19 -58.51 -12.89
C GLU A 689 -7.15 -58.55 -11.71
N GLU A 690 -6.63 -58.83 -10.52
CA GLU A 690 -7.49 -58.99 -9.35
C GLU A 690 -8.07 -57.65 -8.92
N ALA A 691 -7.31 -56.57 -9.08
CA ALA A 691 -7.88 -55.24 -8.85
C ALA A 691 -9.02 -54.94 -9.81
N ASP A 692 -8.86 -55.31 -11.09
CA ASP A 692 -9.93 -55.08 -12.05
C ASP A 692 -11.17 -55.91 -11.72
N GLU A 693 -10.97 -57.18 -11.35
CA GLU A 693 -12.09 -58.02 -10.98
C GLU A 693 -12.82 -57.47 -9.75
N ARG A 694 -12.06 -57.04 -8.75
CA ARG A 694 -12.68 -56.48 -7.54
C ARG A 694 -13.44 -55.21 -7.85
N LEU A 695 -12.86 -54.32 -8.68
CA LEU A 695 -13.55 -53.09 -9.03
C LEU A 695 -14.82 -53.37 -9.82
N ALA A 696 -14.77 -54.33 -10.75
CA ALA A 696 -15.96 -54.70 -11.50
C ALA A 696 -17.04 -55.25 -10.58
N THR A 697 -16.65 -56.09 -9.63
CA THR A 697 -17.62 -56.65 -8.68
C THR A 697 -18.26 -55.53 -7.86
N PHE A 698 -17.45 -54.60 -7.36
CA PHE A 698 -17.99 -53.51 -6.55
C PHE A 698 -18.93 -52.64 -7.36
N VAL A 699 -18.55 -52.31 -8.60
CA VAL A 699 -19.40 -51.45 -9.43
C VAL A 699 -20.72 -52.15 -9.73
N VAL A 700 -20.67 -53.45 -10.05
CA VAL A 700 -21.89 -54.18 -10.37
C VAL A 700 -22.81 -54.24 -9.15
N ASP A 701 -22.24 -54.52 -7.98
CA ASP A 701 -23.07 -54.58 -6.77
C ASP A 701 -23.64 -53.22 -6.42
N SER A 702 -22.89 -52.14 -6.68
CA SER A 702 -23.44 -50.81 -6.46
C SER A 702 -24.60 -50.53 -7.41
N HIS A 703 -24.47 -50.93 -8.67
CA HIS A 703 -25.56 -50.72 -9.63
C HIS A 703 -26.80 -51.49 -9.22
N VAL A 704 -26.63 -52.73 -8.77
CA VAL A 704 -27.78 -53.52 -8.32
C VAL A 704 -28.38 -52.91 -7.05
N ARG A 705 -27.54 -52.35 -6.18
CA ARG A 705 -28.00 -51.83 -4.90
C ARG A 705 -28.96 -50.66 -5.08
N SER A 706 -28.66 -49.77 -6.03
CA SER A 706 -29.40 -48.52 -6.19
C SER A 706 -30.61 -48.66 -7.11
N HIS A 707 -31.15 -49.86 -7.25
CA HIS A 707 -32.31 -50.06 -8.10
C HIS A 707 -33.53 -49.36 -7.50
N PRO A 708 -34.33 -48.66 -8.32
CA PRO A 708 -35.53 -47.99 -7.77
C PRO A 708 -36.59 -48.97 -7.27
N GLU A 709 -36.55 -50.23 -7.70
CA GLU A 709 -37.46 -51.26 -7.22
C GLU A 709 -36.65 -52.22 -6.37
N ASN A 710 -36.65 -51.96 -5.06
CA ASN A 710 -35.88 -52.74 -4.09
C ASN A 710 -34.39 -52.77 -4.44
N LEU A 738 -47.47 -50.07 10.61
CA LEU A 738 -47.37 -48.68 11.02
C LEU A 738 -47.35 -47.75 9.80
N ASN A 739 -46.78 -46.56 9.97
CA ASN A 739 -46.70 -45.61 8.88
C ASN A 739 -45.76 -46.11 7.79
N ALA A 740 -46.16 -45.91 6.54
CA ALA A 740 -45.35 -46.36 5.42
C ALA A 740 -44.07 -45.55 5.27
N ARG A 741 -44.11 -44.27 5.64
CA ARG A 741 -42.94 -43.41 5.49
C ARG A 741 -41.77 -43.91 6.34
N GLN A 742 -42.04 -44.27 7.60
CA GLN A 742 -40.97 -44.74 8.46
C GLN A 742 -40.50 -46.14 8.05
N ARG A 743 -41.37 -46.93 7.42
CA ARG A 743 -40.92 -48.20 6.86
C ARG A 743 -39.96 -47.97 5.69
N ARG A 744 -40.28 -47.01 4.83
CA ARG A 744 -39.33 -46.60 3.79
C ARG A 744 -38.03 -46.11 4.41
N LEU A 745 -38.12 -45.39 5.53
CA LEU A 745 -36.92 -44.90 6.20
C LEU A 745 -36.06 -46.04 6.73
N GLN A 746 -36.68 -47.07 7.33
CA GLN A 746 -35.87 -48.18 7.81
C GLN A 746 -35.29 -48.97 6.65
N ARG A 747 -36.01 -49.07 5.54
CA ARG A 747 -35.46 -49.71 4.35
C ARG A 747 -34.23 -48.95 3.85
N GLN A 748 -34.31 -47.61 3.84
CA GLN A 748 -33.16 -46.80 3.45
C GLN A 748 -32.00 -47.01 4.43
N ARG A 749 -32.29 -47.08 5.72
CA ARG A 749 -31.25 -47.29 6.71
C ARG A 749 -30.56 -48.64 6.52
N LYS A 750 -31.35 -49.68 6.26
CA LYS A 750 -30.77 -50.99 5.98
C LYS A 750 -29.91 -50.97 4.73
N LYS A 751 -30.39 -50.30 3.67
CA LYS A 751 -29.60 -50.21 2.44
C LYS A 751 -28.33 -49.40 2.65
N GLU A 752 -28.34 -48.45 3.59
CA GLU A 752 -27.22 -47.57 3.83
C GLU A 752 -26.16 -48.18 4.75
N GLU A 753 -26.58 -48.98 5.74
CA GLU A 753 -25.65 -49.49 6.73
C GLU A 753 -24.66 -50.50 6.16
N GLU A 754 -24.86 -50.98 4.94
CA GLU A 754 -24.00 -52.01 4.38
C GLU A 754 -22.75 -51.47 3.70
N ILE A 755 -22.62 -50.14 3.58
CA ILE A 755 -21.46 -49.57 2.90
C ILE A 755 -20.81 -48.48 3.74
N SER A 756 -21.51 -48.00 4.77
CA SER A 756 -21.01 -46.92 5.59
C SER A 756 -21.14 -47.27 7.06
N PRO A 757 -20.09 -47.09 7.86
CA PRO A 757 -20.21 -47.37 9.31
C PRO A 757 -21.22 -46.49 10.02
N ILE A 758 -21.42 -45.25 9.59
CA ILE A 758 -22.32 -44.33 10.28
C ILE A 758 -23.25 -43.64 9.28
N PRO A 759 -24.45 -43.24 9.68
CA PRO A 759 -25.35 -42.56 8.76
C PRO A 759 -24.84 -41.20 8.33
N GLN A 760 -25.33 -40.74 7.18
CA GLN A 760 -24.78 -39.55 6.54
C GLN A 760 -25.23 -38.27 7.25
N GLU A 761 -26.50 -38.18 7.66
CA GLU A 761 -26.97 -36.96 8.31
C GLU A 761 -26.27 -36.75 9.65
N LEU A 762 -26.05 -37.83 10.40
CA LEU A 762 -25.26 -37.72 11.62
C LEU A 762 -23.86 -37.24 11.32
N LEU A 763 -23.28 -37.68 10.20
CA LEU A 763 -21.96 -37.23 9.81
C LEU A 763 -21.94 -35.74 9.49
N MET A 764 -22.95 -35.25 8.79
CA MET A 764 -23.00 -33.83 8.46
C MET A 764 -23.14 -32.98 9.73
N LYS A 765 -24.03 -33.39 10.63
CA LYS A 765 -24.18 -32.64 11.88
C LYS A 765 -22.91 -32.71 12.72
N TYR A 766 -22.22 -33.86 12.69
CA TYR A 766 -20.95 -33.99 13.40
C TYR A 766 -19.90 -33.05 12.83
N ILE A 767 -19.82 -32.96 11.49
CA ILE A 767 -18.85 -32.06 10.87
C ILE A 767 -19.16 -30.62 11.25
N HIS A 768 -20.44 -30.24 11.21
CA HIS A 768 -20.80 -28.87 11.59
C HIS A 768 -20.44 -28.59 13.04
N TYR A 769 -20.74 -29.53 13.94
CA TYR A 769 -20.43 -29.33 15.36
C TYR A 769 -18.93 -29.19 15.58
N ALA A 770 -18.14 -30.06 14.95
CA ALA A 770 -16.69 -30.01 15.12
C ALA A 770 -16.11 -28.72 14.54
N ARG A 771 -16.65 -28.25 13.41
CA ARG A 771 -16.17 -26.99 12.84
C ARG A 771 -16.57 -25.80 13.69
N THR A 772 -17.71 -25.89 14.39
CA THR A 772 -18.20 -24.74 15.14
C THR A 772 -17.55 -24.61 16.51
N LYS A 773 -17.57 -25.68 17.31
CA LYS A 773 -17.22 -25.53 18.72
C LYS A 773 -15.79 -25.92 19.06
N ILE A 774 -15.28 -27.02 18.52
CA ILE A 774 -14.00 -27.55 18.98
C ILE A 774 -12.86 -26.75 18.37
N TYR A 775 -11.95 -26.27 19.22
CA TYR A 775 -10.74 -25.59 18.80
C TYR A 775 -9.53 -26.30 19.41
N PRO A 776 -8.77 -27.07 18.65
CA PRO A 776 -7.61 -27.78 19.21
C PRO A 776 -6.50 -26.82 19.59
N LYS A 777 -5.68 -27.26 20.54
CA LYS A 777 -4.53 -26.50 21.00
C LYS A 777 -3.28 -27.37 20.86
N LEU A 778 -2.14 -26.71 20.65
CA LEU A 778 -0.89 -27.36 20.25
C LEU A 778 0.21 -27.01 21.25
N HIS A 779 0.49 -27.91 22.18
CA HIS A 779 1.53 -27.68 23.18
C HIS A 779 2.64 -28.73 23.13
N GLN A 780 2.33 -30.00 23.34
CA GLN A 780 3.34 -31.02 23.58
C GLN A 780 3.67 -31.78 22.28
N MET A 781 4.32 -31.09 21.37
CA MET A 781 4.77 -31.70 20.13
C MET A 781 6.29 -31.61 20.03
N ASP A 782 6.88 -32.58 19.32
CA ASP A 782 8.32 -32.63 19.14
C ASP A 782 8.78 -31.50 18.25
N MET A 783 9.64 -30.64 18.79
CA MET A 783 10.21 -29.55 17.99
C MET A 783 11.16 -30.12 16.94
N ASP A 784 12.05 -31.01 17.39
CA ASP A 784 13.19 -31.44 16.58
C ASP A 784 12.76 -32.36 15.46
N LYS A 785 11.80 -33.24 15.71
CA LYS A 785 11.33 -34.14 14.65
C LYS A 785 10.80 -33.34 13.46
N VAL A 786 9.91 -32.39 13.73
CA VAL A 786 9.32 -31.61 12.66
C VAL A 786 10.37 -30.72 11.99
N SER A 787 11.26 -30.11 12.78
CA SER A 787 12.29 -29.26 12.18
C SER A 787 13.22 -30.07 11.28
N ARG A 788 13.64 -31.26 11.73
CA ARG A 788 14.52 -32.09 10.94
C ARG A 788 13.82 -32.61 9.70
N VAL A 789 12.53 -32.93 9.80
CA VAL A 789 11.78 -33.37 8.63
C VAL A 789 11.70 -32.26 7.60
N TYR A 790 11.44 -31.02 8.04
CA TYR A 790 11.39 -29.90 7.11
C TYR A 790 12.77 -29.69 6.46
N ALA A 791 13.83 -29.83 7.24
CA ALA A 791 15.18 -29.70 6.67
C ALA A 791 15.43 -30.80 5.64
N ASP A 792 14.99 -32.02 5.92
CA ASP A 792 15.16 -33.12 4.97
C ASP A 792 14.37 -32.87 3.69
N LEU A 793 13.15 -32.34 3.82
CA LEU A 793 12.35 -32.04 2.64
C LEU A 793 12.94 -30.89 1.83
N ARG A 794 13.56 -29.92 2.50
CA ARG A 794 14.31 -28.90 1.77
C ARG A 794 15.48 -29.53 1.04
N ARG A 795 16.17 -30.48 1.68
CA ARG A 795 17.09 -31.32 0.96
C ARG A 795 16.33 -32.19 -0.04
N GLU A 796 17.08 -32.84 -0.94
CA GLU A 796 16.49 -33.47 -2.13
C GLU A 796 15.66 -32.39 -2.83
N SER A 797 14.41 -32.66 -3.19
CA SER A 797 13.49 -31.65 -3.75
C SER A 797 14.18 -30.94 -4.91
N ILE A 798 14.20 -29.61 -4.94
CA ILE A 798 14.78 -28.89 -6.07
C ILE A 798 16.28 -29.19 -6.20
N SER A 799 16.94 -29.49 -5.08
CA SER A 799 18.36 -29.83 -5.14
C SER A 799 18.61 -31.14 -5.90
N THR A 800 17.60 -31.99 -6.04
CA THR A 800 17.75 -33.22 -6.81
C THR A 800 16.66 -33.37 -7.87
N GLY A 801 15.48 -32.83 -7.59
CA GLY A 801 14.36 -32.96 -8.51
C GLY A 801 13.75 -31.63 -8.92
N SER A 802 12.42 -31.54 -8.92
CA SER A 802 11.76 -30.33 -9.38
C SER A 802 10.60 -29.85 -8.50
N PHE A 803 10.08 -30.66 -7.59
CA PHE A 803 8.93 -30.23 -6.81
C PHE A 803 9.34 -29.17 -5.79
N PRO A 804 8.60 -28.07 -5.67
CA PRO A 804 8.98 -27.00 -4.74
C PRO A 804 8.42 -27.22 -3.34
N ILE A 805 9.28 -27.01 -2.35
CA ILE A 805 8.92 -27.08 -0.94
C ILE A 805 9.36 -25.78 -0.28
N THR A 806 8.46 -25.16 0.47
CA THR A 806 8.74 -23.89 1.13
C THR A 806 8.20 -23.96 2.56
N VAL A 807 8.23 -22.82 3.24
CA VAL A 807 7.76 -22.74 4.63
C VAL A 807 6.27 -23.02 4.73
N ARG A 808 5.53 -22.86 3.63
CA ARG A 808 4.10 -23.10 3.65
C ARG A 808 3.75 -24.53 4.02
N HIS A 809 4.62 -25.49 3.67
CA HIS A 809 4.31 -26.88 3.93
C HIS A 809 4.46 -27.23 5.41
N LEU A 810 5.33 -26.53 6.14
CA LEU A 810 5.40 -26.72 7.58
C LEU A 810 4.09 -26.31 8.25
N GLU A 811 3.57 -25.13 7.87
CA GLU A 811 2.26 -24.71 8.36
C GLU A 811 1.17 -25.66 7.91
N SER A 812 1.33 -26.25 6.71
CA SER A 812 0.36 -27.25 6.25
C SER A 812 0.38 -28.49 7.14
N ILE A 813 1.58 -28.93 7.54
CA ILE A 813 1.68 -30.07 8.45
C ILE A 813 1.01 -29.76 9.77
N LEU A 814 1.25 -28.55 10.30
CA LEU A 814 0.60 -28.16 11.55
C LEU A 814 -0.92 -28.12 11.40
N ARG A 815 -1.40 -27.62 10.26
CA ARG A 815 -2.84 -27.53 10.03
C ARG A 815 -3.46 -28.91 9.90
N ILE A 816 -2.77 -29.84 9.25
CA ILE A 816 -3.28 -31.21 9.14
C ILE A 816 -3.32 -31.87 10.52
N ALA A 817 -2.31 -31.62 11.34
CA ALA A 817 -2.32 -32.15 12.70
C ALA A 817 -3.50 -31.59 13.49
N GLU A 818 -3.77 -30.29 13.35
CA GLU A 818 -4.90 -29.69 14.04
C GLU A 818 -6.22 -30.25 13.52
N SER A 819 -6.30 -30.53 12.22
CA SER A 819 -7.51 -31.14 11.66
C SER A 819 -7.74 -32.53 12.24
N PHE A 820 -6.68 -33.34 12.33
CA PHE A 820 -6.79 -34.66 12.93
C PHE A 820 -7.20 -34.57 14.39
N ALA A 821 -6.71 -33.56 15.11
CA ALA A 821 -7.17 -33.33 16.47
C ALA A 821 -8.65 -32.97 16.49
N LYS A 822 -9.10 -32.17 15.52
CA LYS A 822 -10.51 -31.78 15.44
C LYS A 822 -11.40 -32.98 15.22
N MET A 823 -10.96 -33.94 14.39
CA MET A 823 -11.80 -35.08 14.06
C MET A 823 -12.20 -35.90 15.27
N ARG A 824 -11.44 -35.84 16.35
CA ARG A 824 -11.75 -36.58 17.57
C ARG A 824 -12.50 -35.75 18.60
N LEU A 825 -12.86 -34.50 18.26
CA LEU A 825 -13.49 -33.58 19.21
C LEU A 825 -12.63 -33.39 20.45
N SER A 826 -11.34 -33.20 20.22
CA SER A 826 -10.35 -33.00 21.28
C SER A 826 -9.79 -31.59 21.22
N GLU A 827 -9.58 -30.99 22.38
CA GLU A 827 -9.08 -29.63 22.47
C GLU A 827 -7.55 -29.54 22.41
N PHE A 828 -6.86 -30.66 22.42
CA PHE A 828 -5.40 -30.67 22.45
C PHE A 828 -4.87 -31.67 21.43
N VAL A 829 -3.76 -31.32 20.79
CA VAL A 829 -3.15 -32.18 19.78
C VAL A 829 -2.25 -33.20 20.49
N SER A 830 -2.47 -34.47 20.18
CA SER A 830 -1.64 -35.55 20.72
C SER A 830 -0.54 -35.91 19.74
N SER A 831 0.27 -36.90 20.11
CA SER A 831 1.40 -37.30 19.27
C SER A 831 0.95 -38.12 18.07
N TYR A 832 -0.09 -38.94 18.24
CA TYR A 832 -0.56 -39.79 17.14
C TYR A 832 -1.06 -38.96 15.98
N ASP A 833 -1.72 -37.83 16.27
CA ASP A 833 -2.20 -36.96 15.20
C ASP A 833 -1.04 -36.36 14.42
N LEU A 834 0.02 -35.94 15.12
CA LEU A 834 1.21 -35.45 14.43
C LEU A 834 1.85 -36.53 13.58
N ASP A 835 1.90 -37.76 14.11
CA ASP A 835 2.45 -38.87 13.33
C ASP A 835 1.63 -39.11 12.06
N ARG A 836 0.31 -39.08 12.18
CA ARG A 836 -0.55 -39.26 11.00
C ARG A 836 -0.31 -38.14 9.99
N ALA A 837 -0.24 -36.90 10.46
CA ALA A 837 -0.05 -35.77 9.55
C ALA A 837 1.28 -35.88 8.82
N ILE A 838 2.36 -36.20 9.55
CA ILE A 838 3.67 -36.27 8.92
C ILE A 838 3.74 -37.45 7.96
N LYS A 839 3.10 -38.56 8.30
CA LYS A 839 3.03 -39.69 7.39
C LYS A 839 2.32 -39.30 6.09
N VAL A 840 1.20 -38.59 6.21
CA VAL A 840 0.43 -38.19 5.03
C VAL A 840 1.28 -37.27 4.15
N VAL A 841 1.93 -36.28 4.76
CA VAL A 841 2.70 -35.32 3.96
C VAL A 841 3.89 -36.00 3.28
N VAL A 842 4.62 -36.86 4.03
CA VAL A 842 5.77 -37.53 3.44
C VAL A 842 5.34 -38.46 2.31
N ASP A 843 4.24 -39.20 2.51
CA ASP A 843 3.76 -40.09 1.45
C ASP A 843 3.36 -39.30 0.22
N SER A 844 2.64 -38.19 0.41
CA SER A 844 2.21 -37.39 -0.74
C SER A 844 3.39 -36.79 -1.48
N PHE A 845 4.46 -36.44 -0.76
CA PHE A 845 5.64 -35.91 -1.44
C PHE A 845 6.39 -37.01 -2.19
N VAL A 846 6.57 -38.17 -1.55
CA VAL A 846 7.41 -39.21 -2.14
C VAL A 846 6.70 -39.90 -3.31
N ASP A 847 5.37 -39.91 -3.31
CA ASP A 847 4.62 -40.62 -4.35
C ASP A 847 4.37 -39.76 -5.58
N ALA A 848 5.19 -38.73 -5.81
CA ALA A 848 5.04 -37.86 -6.97
C ALA A 848 6.37 -37.67 -7.69
N GLN A 849 7.26 -38.66 -7.58
CA GLN A 849 8.57 -38.61 -8.21
C GLN A 849 8.65 -39.64 -9.34
N LYS A 850 9.79 -39.67 -10.02
CA LYS A 850 10.01 -40.65 -11.07
C LYS A 850 10.17 -42.04 -10.46
N VAL A 851 10.00 -43.06 -11.32
CA VAL A 851 10.11 -44.44 -10.87
C VAL A 851 11.55 -44.84 -10.57
N SER A 852 12.53 -44.01 -10.97
CA SER A 852 13.93 -44.35 -10.73
C SER A 852 14.34 -44.12 -9.28
N VAL A 853 13.73 -43.16 -8.60
CA VAL A 853 14.14 -42.77 -7.26
C VAL A 853 13.06 -42.98 -6.22
N ARG A 854 11.89 -43.49 -6.62
CA ARG A 854 10.77 -43.60 -5.68
C ARG A 854 11.08 -44.59 -4.56
N ARG A 855 11.62 -45.76 -4.91
CA ARG A 855 11.97 -46.75 -3.89
C ARG A 855 13.07 -46.23 -2.97
N GLN A 856 14.07 -45.57 -3.55
CA GLN A 856 15.18 -45.04 -2.76
C GLN A 856 14.68 -44.02 -1.75
N LEU A 857 13.82 -43.09 -2.18
CA LEU A 857 13.28 -42.10 -1.26
C LEU A 857 12.34 -42.75 -0.25
N ARG A 858 11.60 -43.77 -0.66
CA ARG A 858 10.70 -44.46 0.27
C ARG A 858 11.49 -45.10 1.41
N ARG A 859 12.62 -45.75 1.10
CA ARG A 859 13.42 -46.32 2.18
C ARG A 859 14.26 -45.26 2.89
N SER A 860 14.48 -44.10 2.27
CA SER A 860 15.21 -43.03 2.93
C SER A 860 14.35 -42.30 3.97
N PHE A 861 13.06 -42.16 3.72
CA PHE A 861 12.17 -41.43 4.62
C PHE A 861 11.46 -42.33 5.62
N ALA A 862 11.82 -43.61 5.69
CA ALA A 862 11.12 -44.54 6.56
C ALA A 862 11.43 -44.34 8.03
N ILE A 863 12.42 -43.51 8.37
CA ILE A 863 12.83 -43.34 9.76
C ILE A 863 11.97 -42.33 10.52
N TYR A 864 11.16 -41.55 9.83
CA TYR A 864 10.31 -40.56 10.48
C TYR A 864 8.92 -41.09 10.81
N THR A 865 8.46 -42.12 10.12
CA THR A 865 7.10 -42.64 10.31
C THR A 865 7.13 -44.10 10.74
N LEU A 866 8.01 -44.44 11.69
CA LEU A 866 8.14 -45.83 12.12
C LEU A 866 6.84 -46.32 12.77
N GLY A 867 6.28 -45.54 13.68
CA GLY A 867 5.06 -45.93 14.37
C GLY A 867 5.30 -46.97 15.45
N ASP B 53 -33.72 55.86 9.87
CA ASP B 53 -34.41 57.15 9.89
C ASP B 53 -33.43 58.28 9.57
N ALA B 54 -32.94 58.96 10.61
CA ALA B 54 -31.95 60.01 10.42
C ALA B 54 -30.53 59.47 10.34
N VAL B 55 -30.33 58.19 10.67
CA VAL B 55 -29.01 57.59 10.53
C VAL B 55 -28.58 57.56 9.08
N PHE B 56 -29.52 57.35 8.16
CA PHE B 56 -29.20 57.40 6.73
C PHE B 56 -28.66 58.78 6.35
N GLY B 57 -29.34 59.83 6.80
CA GLY B 57 -28.86 61.18 6.50
C GLY B 57 -27.51 61.46 7.12
N ASP B 58 -27.31 61.02 8.37
CA ASP B 58 -26.02 61.22 9.03
C ASP B 58 -24.90 60.53 8.27
N ARG B 59 -25.13 59.28 7.86
CA ARG B 59 -24.11 58.55 7.10
C ARG B 59 -23.86 59.21 5.75
N VAL B 60 -24.92 59.70 5.10
CA VAL B 60 -24.78 60.34 3.79
C VAL B 60 -23.92 61.60 3.92
N ARG B 61 -24.19 62.41 4.94
CA ARG B 61 -23.42 63.64 5.09
C ARG B 61 -22.00 63.36 5.56
N ARG B 62 -21.79 62.31 6.36
CA ARG B 62 -20.43 61.92 6.71
C ARG B 62 -19.64 61.50 5.47
N PHE B 63 -20.26 60.72 4.59
CA PHE B 63 -19.59 60.34 3.35
C PHE B 63 -19.38 61.56 2.44
N GLN B 64 -20.30 62.52 2.46
CA GLN B 64 -20.10 63.74 1.71
C GLN B 64 -18.89 64.52 2.23
N GLU B 65 -18.74 64.60 3.55
CA GLU B 65 -17.56 65.24 4.12
C GLU B 65 -16.30 64.50 3.74
N PHE B 66 -16.34 63.17 3.76
CA PHE B 66 -15.17 62.39 3.37
C PHE B 66 -14.80 62.64 1.92
N LEU B 67 -15.79 62.70 1.03
CA LEU B 67 -15.54 63.01 -0.37
C LEU B 67 -15.02 64.42 -0.55
N ASP B 68 -15.47 65.36 0.29
CA ASP B 68 -14.95 66.72 0.23
C ASP B 68 -13.49 66.77 0.67
N THR B 69 -13.10 65.92 1.63
CA THR B 69 -11.73 65.93 2.11
C THR B 69 -10.75 65.48 1.03
N PHE B 70 -11.09 64.44 0.28
CA PHE B 70 -10.22 63.88 -0.74
C PHE B 70 -10.71 64.33 -2.12
N THR B 71 -9.85 65.03 -2.85
CA THR B 71 -10.23 65.68 -4.10
C THR B 71 -9.91 64.85 -5.34
N SER B 72 -9.42 63.62 -5.16
CA SER B 72 -9.10 62.80 -6.32
C SER B 72 -10.36 62.26 -6.99
N TYR B 73 -11.33 61.82 -6.19
CA TYR B 73 -12.53 61.20 -6.74
C TYR B 73 -13.37 62.23 -7.51
N ARG B 74 -13.41 63.47 -7.03
CA ARG B 74 -14.11 64.52 -7.76
C ARG B 74 -13.45 64.76 -9.12
N ASP B 75 -12.13 64.76 -9.17
CA ASP B 75 -11.43 64.89 -10.44
C ASP B 75 -11.75 63.72 -11.36
N SER B 76 -11.81 62.51 -10.82
CA SER B 76 -12.15 61.35 -11.63
C SER B 76 -13.57 61.47 -12.20
N VAL B 77 -14.51 61.93 -11.38
CA VAL B 77 -15.88 62.10 -11.83
C VAL B 77 -15.97 63.17 -12.93
N ARG B 78 -15.26 64.28 -12.74
CA ARG B 78 -15.25 65.32 -13.77
C ARG B 78 -14.64 64.79 -15.07
N SER B 79 -13.56 64.03 -14.97
CA SER B 79 -12.92 63.48 -16.17
C SER B 79 -13.84 62.51 -16.89
N ILE B 80 -14.53 61.63 -16.15
CA ILE B 80 -15.42 60.68 -16.80
C ILE B 80 -16.61 61.41 -17.43
N GLN B 81 -17.11 62.45 -16.77
CA GLN B 81 -18.22 63.22 -17.34
C GLN B 81 -17.80 63.89 -18.64
N VAL B 82 -16.64 64.56 -18.65
CA VAL B 82 -16.22 65.25 -19.86
C VAL B 82 -15.89 64.27 -20.97
N TYR B 83 -15.32 63.11 -20.63
CA TYR B 83 -15.02 62.11 -21.65
C TYR B 83 -16.29 61.56 -22.28
N ASN B 84 -17.31 61.27 -21.46
CA ASN B 84 -18.58 60.82 -22.00
C ASN B 84 -19.24 61.89 -22.87
N SER B 85 -19.21 63.14 -22.41
CA SER B 85 -19.79 64.22 -23.20
C SER B 85 -19.07 64.39 -24.52
N ASN B 86 -17.74 64.22 -24.53
CA ASN B 86 -16.99 64.31 -25.77
C ASN B 86 -17.31 63.16 -26.70
N ASN B 87 -17.45 61.94 -26.16
CA ASN B 87 -17.83 60.81 -26.99
C ASN B 87 -19.25 60.95 -27.55
N ALA B 88 -20.09 61.76 -26.92
CA ALA B 88 -21.49 61.83 -27.30
C ALA B 88 -21.66 62.26 -28.76
N ALA B 89 -21.23 63.47 -29.10
CA ALA B 89 -21.61 64.09 -30.37
C ALA B 89 -20.41 64.69 -31.09
N ASN B 90 -19.33 63.92 -31.19
CA ASN B 90 -18.16 64.33 -31.96
C ASN B 90 -17.77 63.23 -32.93
N TYR B 91 -17.38 63.65 -34.14
CA TYR B 91 -17.03 62.72 -35.21
C TYR B 91 -15.80 61.90 -34.86
N LEU B 124 -16.25 54.20 -29.85
CA LEU B 124 -17.49 53.57 -29.38
C LEU B 124 -17.42 53.30 -27.88
N ASN B 125 -16.23 53.47 -27.31
CA ASN B 125 -16.03 53.20 -25.89
C ASN B 125 -16.75 54.26 -25.06
N ILE B 126 -17.49 53.79 -24.06
CA ILE B 126 -18.15 54.65 -23.08
C ILE B 126 -17.75 54.19 -21.68
N LEU B 127 -17.33 55.12 -20.84
CA LEU B 127 -16.87 54.76 -19.51
C LEU B 127 -18.05 54.51 -18.59
N PRO B 128 -18.15 53.33 -17.98
CA PRO B 128 -19.26 53.07 -17.06
C PRO B 128 -19.14 53.91 -15.79
N HIS B 129 -20.30 54.19 -15.18
CA HIS B 129 -20.36 55.02 -13.99
C HIS B 129 -19.98 54.19 -12.76
N ARG B 130 -18.68 53.95 -12.63
CA ARG B 130 -18.11 53.23 -11.50
C ARG B 130 -16.82 53.90 -11.08
N ILE B 131 -16.61 54.01 -9.77
CA ILE B 131 -15.40 54.58 -9.22
C ILE B 131 -14.89 53.69 -8.10
N ILE B 132 -13.57 53.65 -7.93
CA ILE B 132 -12.92 52.79 -6.95
C ILE B 132 -12.36 53.66 -5.84
N ILE B 133 -12.73 53.36 -4.60
CA ILE B 133 -12.24 54.08 -3.44
C ILE B 133 -11.27 53.19 -2.69
N SER B 134 -10.20 53.79 -2.17
CA SER B 134 -9.21 53.10 -1.36
C SER B 134 -9.60 53.27 0.11
N LEU B 135 -10.09 52.21 0.73
CA LEU B 135 -10.58 52.32 2.09
C LEU B 135 -9.48 52.52 3.12
N ASP B 136 -8.20 52.46 2.71
CA ASP B 136 -7.13 52.86 3.62
C ASP B 136 -7.27 54.33 4.00
N ASP B 137 -7.57 55.19 3.03
CA ASP B 137 -7.82 56.59 3.32
C ASP B 137 -9.06 56.76 4.21
N LEU B 138 -10.09 55.94 3.97
CA LEU B 138 -11.29 55.99 4.81
C LEU B 138 -10.97 55.62 6.24
N ARG B 139 -10.13 54.60 6.45
CA ARG B 139 -9.69 54.26 7.79
C ARG B 139 -8.88 55.39 8.40
N GLU B 140 -8.01 56.02 7.61
CA GLU B 140 -7.24 57.16 8.11
C GLU B 140 -8.12 58.36 8.40
N PHE B 141 -9.34 58.39 7.88
CA PHE B 141 -10.26 59.50 8.11
C PHE B 141 -11.25 59.20 9.23
N ASP B 142 -12.00 58.11 9.12
CA ASP B 142 -13.01 57.77 10.11
C ASP B 142 -12.99 56.26 10.33
N ARG B 143 -12.57 55.83 11.52
CA ARG B 143 -12.50 54.41 11.81
C ARG B 143 -13.88 53.79 11.98
N SER B 144 -14.83 54.53 12.54
CA SER B 144 -16.16 53.96 12.78
C SER B 144 -16.85 53.59 11.48
N PHE B 145 -16.82 54.49 10.50
CA PHE B 145 -17.48 54.23 9.22
C PHE B 145 -16.76 53.10 8.47
N TRP B 146 -15.44 53.07 8.55
CA TRP B 146 -14.65 51.99 7.95
C TRP B 146 -15.04 50.64 8.54
N SER B 147 -15.12 50.56 9.87
CA SER B 147 -15.51 49.31 10.51
C SER B 147 -16.96 48.95 10.17
N GLY B 148 -17.83 49.95 10.07
CA GLY B 148 -19.21 49.68 9.69
C GLY B 148 -19.32 49.08 8.30
N ILE B 149 -18.53 49.59 7.36
CA ILE B 149 -18.49 48.98 6.03
C ILE B 149 -17.95 47.56 6.09
N LEU B 150 -16.82 47.37 6.78
CA LEU B 150 -16.16 46.07 6.74
C LEU B 150 -16.87 45.00 7.55
N VAL B 151 -17.79 45.38 8.43
CA VAL B 151 -18.51 44.43 9.27
C VAL B 151 -19.95 44.23 8.81
N GLU B 152 -20.67 45.34 8.58
CA GLU B 152 -22.06 45.29 8.15
C GLU B 152 -22.24 46.22 6.94
N PRO B 153 -21.86 45.75 5.75
CA PRO B 153 -21.98 46.60 4.56
C PRO B 153 -23.41 46.94 4.19
N ALA B 154 -24.40 46.16 4.66
CA ALA B 154 -25.78 46.35 4.24
C ALA B 154 -26.31 47.72 4.66
N TYR B 155 -25.96 48.17 5.86
CA TYR B 155 -26.45 49.45 6.37
C TYR B 155 -25.51 50.61 6.06
N PHE B 156 -24.42 50.38 5.33
CA PHE B 156 -23.43 51.42 5.10
C PHE B 156 -23.16 51.71 3.64
N ILE B 157 -23.14 50.70 2.79
CA ILE B 157 -22.90 50.89 1.36
C ILE B 157 -24.00 51.73 0.70
N PRO B 158 -25.29 51.43 0.93
CA PRO B 158 -26.34 52.21 0.26
C PRO B 158 -26.27 53.70 0.58
N PRO B 159 -26.05 54.10 1.84
CA PRO B 159 -25.85 55.55 2.07
C PRO B 159 -24.67 56.12 1.32
N ALA B 160 -23.58 55.37 1.21
CA ALA B 160 -22.40 55.86 0.51
C ALA B 160 -22.70 56.07 -0.97
N GLU B 161 -23.37 55.12 -1.60
CA GLU B 161 -23.67 55.28 -3.02
C GLU B 161 -24.73 56.35 -3.24
N LYS B 162 -25.65 56.53 -2.29
CA LYS B 162 -26.60 57.63 -2.40
C LYS B 162 -25.90 58.98 -2.33
N ALA B 163 -24.92 59.12 -1.42
CA ALA B 163 -24.16 60.35 -1.34
C ALA B 163 -23.34 60.58 -2.60
N LEU B 164 -22.76 59.52 -3.16
CA LEU B 164 -22.02 59.65 -4.40
C LEU B 164 -22.94 60.09 -5.54
N THR B 165 -24.14 59.51 -5.61
CA THR B 165 -25.09 59.90 -6.65
C THR B 165 -25.50 61.35 -6.50
N ASP B 166 -25.73 61.81 -5.26
CA ASP B 166 -26.08 63.20 -5.03
C ASP B 166 -24.95 64.14 -5.42
N LEU B 167 -23.71 63.77 -5.09
CA LEU B 167 -22.57 64.59 -5.49
C LEU B 167 -22.44 64.66 -7.00
N ALA B 168 -22.66 63.53 -7.68
CA ALA B 168 -22.64 63.55 -9.14
C ALA B 168 -23.75 64.42 -9.71
N ASP B 169 -24.94 64.34 -9.12
CA ASP B 169 -26.08 65.13 -9.57
C ASP B 169 -25.88 66.62 -9.32
N SER B 170 -25.06 66.98 -8.34
CA SER B 170 -24.73 68.39 -8.12
C SER B 170 -23.59 68.86 -9.02
N MET B 171 -22.61 67.99 -9.28
CA MET B 171 -21.45 68.38 -10.06
C MET B 171 -21.79 68.54 -11.54
N ASP B 172 -22.55 67.60 -12.10
CA ASP B 172 -22.79 67.59 -13.53
C ASP B 172 -23.58 68.81 -13.97
N ASP B 173 -23.48 69.13 -15.26
CA ASP B 173 -24.16 70.30 -15.82
C ASP B 173 -24.54 69.97 -17.27
N VAL B 174 -25.76 69.50 -17.47
CA VAL B 174 -26.28 69.19 -18.80
C VAL B 174 -27.61 69.92 -18.96
N PRO B 175 -27.60 71.19 -19.38
CA PRO B 175 -28.85 71.94 -19.51
C PRO B 175 -29.79 71.40 -20.58
N HIS B 176 -29.30 70.62 -21.53
CA HIS B 176 -30.11 70.09 -22.63
C HIS B 176 -29.96 68.58 -22.68
N PRO B 177 -30.71 67.86 -21.84
CA PRO B 177 -30.60 66.39 -21.82
C PRO B 177 -31.51 65.71 -22.83
N ASN B 178 -31.41 64.39 -22.92
CA ASN B 178 -32.27 63.60 -23.78
C ASN B 178 -33.52 63.19 -22.99
N ALA B 179 -34.29 62.25 -23.53
CA ALA B 179 -35.53 61.80 -22.91
C ALA B 179 -35.41 60.40 -22.34
N SER B 180 -35.03 59.41 -23.16
CA SER B 180 -34.89 58.04 -22.67
C SER B 180 -33.61 57.85 -21.88
N ALA B 181 -32.53 58.52 -22.28
CA ALA B 181 -31.24 58.32 -21.63
C ALA B 181 -31.13 59.02 -20.29
N VAL B 182 -32.01 60.00 -20.01
CA VAL B 182 -31.95 60.73 -18.75
C VAL B 182 -32.56 59.96 -17.59
N SER B 183 -33.32 58.89 -17.88
CA SER B 183 -34.00 58.12 -16.85
C SER B 183 -33.22 56.90 -16.40
N SER B 184 -31.91 56.82 -16.72
CA SER B 184 -31.12 55.68 -16.31
C SER B 184 -31.02 55.58 -14.79
N ARG B 185 -30.75 56.71 -14.13
CA ARG B 185 -30.64 56.78 -12.68
C ARG B 185 -29.67 55.75 -12.13
N HIS B 186 -28.48 55.69 -12.74
CA HIS B 186 -27.46 54.75 -12.29
C HIS B 186 -26.88 55.21 -10.96
N PRO B 187 -26.94 54.39 -9.91
CA PRO B 187 -26.52 54.84 -8.58
C PRO B 187 -25.02 55.06 -8.41
N TRP B 188 -24.22 54.87 -9.45
CA TRP B 188 -22.76 54.98 -9.37
C TRP B 188 -22.20 54.03 -8.30
N LYS B 189 -22.42 52.74 -8.51
CA LYS B 189 -21.97 51.75 -7.54
C LYS B 189 -20.45 51.68 -7.51
N LEU B 190 -19.92 51.30 -6.34
CA LEU B 190 -18.53 51.54 -5.98
C LEU B 190 -17.66 50.30 -6.22
N SER B 191 -16.36 50.49 -5.98
CA SER B 191 -15.38 49.41 -5.96
C SER B 191 -14.35 49.74 -4.88
N PHE B 192 -13.66 48.70 -4.40
CA PHE B 192 -12.79 48.84 -3.24
C PHE B 192 -11.41 48.30 -3.54
N LYS B 193 -10.42 48.83 -2.81
CA LYS B 193 -9.04 48.39 -2.89
C LYS B 193 -8.32 48.81 -1.63
N GLY B 194 -7.38 47.99 -1.19
CA GLY B 194 -6.59 48.28 -0.02
C GLY B 194 -6.44 47.06 0.85
N SER B 195 -6.00 47.29 2.09
CA SER B 195 -5.77 46.20 3.03
C SER B 195 -7.07 45.72 3.64
N PHE B 196 -7.25 44.41 3.70
CA PHE B 196 -8.43 43.80 4.28
C PHE B 196 -8.16 43.07 5.60
N GLY B 197 -6.96 42.51 5.78
CA GLY B 197 -6.62 41.85 7.01
C GLY B 197 -7.18 40.45 7.13
N ALA B 198 -8.17 40.28 8.00
CA ALA B 198 -8.76 38.97 8.25
C ALA B 198 -9.91 38.64 7.32
N HIS B 199 -10.22 39.51 6.36
CA HIS B 199 -11.32 39.28 5.43
C HIS B 199 -10.86 38.85 4.05
N ALA B 200 -9.56 38.64 3.86
CA ALA B 200 -9.03 38.10 2.61
C ALA B 200 -8.92 36.60 2.78
N LEU B 201 -9.93 35.88 2.29
CA LEU B 201 -10.08 34.47 2.59
C LEU B 201 -9.94 33.62 1.32
N SER B 202 -10.19 32.34 1.47
CA SER B 202 -10.12 31.33 0.43
C SER B 202 -11.45 30.57 0.39
N PRO B 203 -11.82 29.99 -0.75
CA PRO B 203 -13.13 29.33 -0.83
C PRO B 203 -13.34 28.24 0.21
N ARG B 204 -12.27 27.60 0.69
CA ARG B 204 -12.42 26.62 1.77
C ARG B 204 -12.64 27.30 3.12
N THR B 205 -12.05 28.47 3.34
CA THR B 205 -12.12 29.12 4.64
C THR B 205 -13.47 29.78 4.92
N LEU B 206 -14.29 29.99 3.90
CA LEU B 206 -15.59 30.63 4.11
C LEU B 206 -16.48 29.76 4.96
N THR B 207 -16.99 30.32 6.06
CA THR B 207 -17.81 29.58 7.02
C THR B 207 -18.99 30.46 7.42
N ALA B 208 -19.70 30.02 8.47
CA ALA B 208 -20.89 30.74 8.91
C ALA B 208 -20.54 32.11 9.48
N GLN B 209 -19.52 32.18 10.33
CA GLN B 209 -19.23 33.45 11.00
C GLN B 209 -18.64 34.50 10.06
N HIS B 210 -18.51 34.24 8.77
CA HIS B 210 -18.10 35.26 7.80
C HIS B 210 -19.26 35.74 6.94
N LEU B 211 -20.49 35.39 7.30
CA LEU B 211 -21.65 35.83 6.54
C LEU B 211 -21.94 37.31 6.77
N ASN B 212 -22.58 37.93 5.79
CA ASN B 212 -23.00 39.33 5.86
C ASN B 212 -21.81 40.27 6.05
N LYS B 213 -20.63 39.87 5.58
CA LYS B 213 -19.42 40.68 5.72
C LYS B 213 -18.74 40.81 4.36
N LEU B 214 -18.28 42.02 4.06
CA LEU B 214 -17.53 42.24 2.83
C LEU B 214 -16.23 41.45 2.87
N VAL B 215 -15.96 40.72 1.80
CA VAL B 215 -14.80 39.83 1.73
C VAL B 215 -14.18 39.92 0.33
N SER B 216 -12.98 39.35 0.21
CA SER B 216 -12.29 39.19 -1.06
C SER B 216 -11.82 37.75 -1.15
N VAL B 217 -12.22 37.06 -2.21
CA VAL B 217 -11.93 35.64 -2.40
C VAL B 217 -11.03 35.48 -3.61
N GLU B 218 -9.97 34.71 -3.46
CA GLU B 218 -9.05 34.38 -4.54
C GLU B 218 -9.39 33.01 -5.09
N GLY B 219 -9.19 32.83 -6.40
CA GLY B 219 -9.45 31.52 -6.97
C GLY B 219 -9.22 31.48 -8.46
N ILE B 220 -9.66 30.39 -9.06
CA ILE B 220 -9.53 30.12 -10.49
C ILE B 220 -10.93 29.89 -11.05
N VAL B 221 -11.22 30.53 -12.20
CA VAL B 221 -12.53 30.43 -12.81
C VAL B 221 -12.68 29.05 -13.45
N THR B 222 -13.76 28.34 -13.10
CA THR B 222 -14.00 27.01 -13.63
C THR B 222 -15.09 26.96 -14.69
N LYS B 223 -16.16 27.75 -14.54
CA LYS B 223 -17.24 27.76 -15.51
C LYS B 223 -18.00 29.08 -15.39
N THR B 224 -18.71 29.42 -16.46
CA THR B 224 -19.50 30.64 -16.53
C THR B 224 -20.87 30.34 -17.12
N SER B 225 -21.81 31.23 -16.88
CA SER B 225 -23.15 31.13 -17.42
C SER B 225 -23.32 32.13 -18.57
N LEU B 226 -24.53 32.21 -19.09
CA LEU B 226 -24.83 33.07 -20.22
C LEU B 226 -25.32 34.45 -19.76
N VAL B 227 -25.09 35.45 -20.59
CA VAL B 227 -25.43 36.83 -20.27
C VAL B 227 -26.90 37.02 -20.67
N ARG B 228 -27.79 37.03 -19.68
CA ARG B 228 -29.21 37.22 -19.95
C ARG B 228 -29.69 38.53 -19.32
N PRO B 229 -30.44 39.35 -20.05
CA PRO B 229 -30.96 40.58 -19.45
C PRO B 229 -32.11 40.30 -18.48
N LYS B 230 -32.27 41.19 -17.51
CA LYS B 230 -33.38 41.16 -16.58
C LYS B 230 -33.93 42.57 -16.40
N LEU B 231 -35.21 42.65 -16.07
CA LEU B 231 -35.93 43.91 -15.95
C LEU B 231 -35.77 44.49 -14.54
N ILE B 232 -35.84 45.82 -14.47
CA ILE B 232 -35.82 46.51 -13.18
C ILE B 232 -37.08 47.36 -13.04
N ARG B 233 -37.23 48.33 -13.94
CA ARG B 233 -38.32 49.30 -13.86
C ARG B 233 -38.98 49.39 -15.23
N SER B 234 -40.30 49.19 -15.27
CA SER B 234 -41.05 49.22 -16.52
C SER B 234 -41.82 50.53 -16.63
N VAL B 235 -41.91 51.04 -17.86
CA VAL B 235 -42.61 52.29 -18.15
C VAL B 235 -43.89 51.97 -18.89
N HIS B 236 -45.00 52.54 -18.44
CA HIS B 236 -46.31 52.29 -19.01
C HIS B 236 -46.96 53.60 -19.44
N TYR B 237 -47.74 53.53 -20.52
CA TYR B 237 -48.41 54.69 -21.07
C TYR B 237 -49.85 54.33 -21.42
N ALA B 238 -50.76 55.26 -21.16
CA ALA B 238 -52.15 55.16 -21.58
C ALA B 238 -52.49 56.36 -22.46
N ALA B 239 -53.21 56.09 -23.55
CA ALA B 239 -53.47 57.14 -24.54
C ALA B 239 -54.31 58.26 -23.96
N LYS B 240 -55.31 57.94 -23.15
CA LYS B 240 -56.23 58.96 -22.65
C LYS B 240 -55.56 59.86 -21.64
N THR B 241 -54.84 59.29 -20.68
CA THR B 241 -54.28 60.11 -19.60
C THR B 241 -53.11 60.96 -20.10
N GLY B 242 -52.31 60.43 -21.03
CA GLY B 242 -51.10 61.13 -21.43
C GLY B 242 -50.02 61.18 -20.38
N ARG B 243 -50.20 60.47 -19.27
CA ARG B 243 -49.22 60.44 -18.18
C ARG B 243 -48.52 59.10 -18.20
N PHE B 244 -47.19 59.13 -18.28
CA PHE B 244 -46.41 57.89 -18.30
C PHE B 244 -46.19 57.40 -16.87
N HIS B 245 -46.65 56.19 -16.59
CA HIS B 245 -46.47 55.57 -15.29
C HIS B 245 -45.21 54.71 -15.27
N TYR B 246 -44.74 54.41 -14.07
CA TYR B 246 -43.56 53.58 -13.91
C TYR B 246 -43.69 52.75 -12.65
N ARG B 247 -43.22 51.50 -12.72
CA ARG B 247 -43.21 50.59 -11.58
C ARG B 247 -41.85 49.93 -11.49
N ASP B 248 -41.31 49.87 -10.28
CA ASP B 248 -39.95 49.40 -10.04
C ASP B 248 -39.99 48.03 -9.37
N TYR B 249 -39.18 47.10 -9.89
CA TYR B 249 -39.10 45.74 -9.36
C TYR B 249 -37.72 45.49 -8.79
N THR B 250 -37.67 44.85 -7.63
CA THR B 250 -36.42 44.46 -7.00
C THR B 250 -36.54 43.03 -6.50
N ASP B 251 -35.45 42.27 -6.64
CA ASP B 251 -35.39 40.88 -6.23
C ASP B 251 -34.39 40.72 -5.07
N ALA B 252 -34.28 39.49 -4.58
CA ALA B 252 -33.37 39.22 -3.47
C ALA B 252 -31.92 39.48 -3.87
N THR B 253 -31.53 39.06 -5.07
CA THR B 253 -30.16 39.22 -5.54
C THR B 253 -29.91 40.59 -6.17
N THR B 254 -30.93 41.45 -6.24
CA THR B 254 -30.75 42.75 -6.86
C THR B 254 -30.18 43.78 -5.89
N THR B 255 -30.58 43.72 -4.63
CA THR B 255 -30.20 44.71 -3.63
C THR B 255 -29.62 44.02 -2.40
N LEU B 256 -28.80 44.76 -1.66
CA LEU B 256 -28.18 44.22 -0.46
C LEU B 256 -29.20 43.98 0.65
N THR B 257 -30.19 44.86 0.76
CA THR B 257 -31.17 44.80 1.84
C THR B 257 -32.41 44.06 1.37
N THR B 258 -32.90 43.15 2.20
CA THR B 258 -34.10 42.37 1.87
C THR B 258 -35.34 43.24 2.01
N ARG B 259 -36.14 43.31 0.95
CA ARG B 259 -37.37 44.06 0.91
C ARG B 259 -38.53 43.14 0.56
N ILE B 260 -39.73 43.71 0.49
CA ILE B 260 -40.92 42.93 0.17
C ILE B 260 -40.82 42.43 -1.26
N PRO B 261 -40.93 41.13 -1.50
CA PRO B 261 -40.80 40.62 -2.88
C PRO B 261 -41.92 41.13 -3.76
N THR B 262 -41.60 41.31 -5.05
CA THR B 262 -42.55 41.81 -6.02
C THR B 262 -42.61 40.85 -7.20
N PRO B 263 -43.80 40.41 -7.60
CA PRO B 263 -43.92 39.54 -8.78
C PRO B 263 -43.72 40.33 -10.06
N ALA B 264 -43.53 39.58 -11.15
CA ALA B 264 -43.25 40.16 -12.47
C ALA B 264 -44.51 40.42 -13.28
N ILE B 265 -45.65 40.65 -12.62
CA ILE B 265 -46.90 40.89 -13.33
C ILE B 265 -46.88 42.29 -13.93
N TYR B 266 -47.06 42.37 -15.25
CA TYR B 266 -47.12 43.67 -15.91
C TYR B 266 -48.43 44.36 -15.56
N PRO B 267 -48.40 45.59 -15.05
CA PRO B 267 -49.64 46.34 -14.84
C PRO B 267 -50.19 46.84 -16.16
N THR B 268 -51.37 46.35 -16.53
CA THR B 268 -51.99 46.69 -17.81
C THR B 268 -53.22 47.56 -17.67
N GLU B 269 -53.71 47.79 -16.46
CA GLU B 269 -54.89 48.61 -16.23
C GLU B 269 -54.59 49.66 -15.18
N ASP B 270 -55.08 50.88 -15.43
CA ASP B 270 -54.94 51.96 -14.47
C ASP B 270 -55.99 51.81 -13.36
N THR B 271 -55.94 52.74 -12.39
CA THR B 271 -56.94 52.72 -11.33
C THR B 271 -58.33 53.06 -11.86
N GLU B 272 -58.41 53.85 -12.94
CA GLU B 272 -59.68 54.21 -13.55
C GLU B 272 -59.98 53.39 -14.80
N GLY B 273 -59.21 52.33 -15.05
CA GLY B 273 -59.49 51.42 -16.15
C GLY B 273 -58.85 51.76 -17.47
N ASN B 274 -58.06 52.83 -17.56
CA ASN B 274 -57.39 53.15 -18.80
C ASN B 274 -56.42 52.05 -19.20
N LYS B 275 -56.44 51.68 -20.48
CA LYS B 275 -55.57 50.63 -20.98
C LYS B 275 -54.13 51.12 -21.02
N LEU B 276 -53.22 50.32 -20.49
CA LEU B 276 -51.80 50.65 -20.43
C LEU B 276 -51.03 49.76 -21.39
N THR B 277 -50.22 50.37 -22.24
CA THR B 277 -49.35 49.65 -23.17
C THR B 277 -47.92 49.78 -22.70
N THR B 278 -47.24 48.64 -22.53
CA THR B 278 -45.86 48.65 -22.09
C THR B 278 -44.99 49.38 -23.11
N GLU B 279 -44.14 50.28 -22.63
CA GLU B 279 -43.32 51.12 -23.48
C GLU B 279 -41.87 50.63 -23.43
N TYR B 280 -41.48 49.87 -24.45
CA TYR B 280 -40.09 49.49 -24.62
C TYR B 280 -39.28 50.69 -25.12
N GLY B 281 -38.00 50.71 -24.76
CA GLY B 281 -37.15 51.84 -25.03
C GLY B 281 -37.11 52.87 -23.92
N TYR B 282 -38.01 52.79 -22.94
CA TYR B 282 -37.96 53.61 -21.75
C TYR B 282 -37.78 52.81 -20.46
N SER B 283 -38.00 51.50 -20.49
CA SER B 283 -37.80 50.66 -19.32
C SER B 283 -36.31 50.39 -19.10
N THR B 284 -36.00 49.76 -17.97
CA THR B 284 -34.64 49.52 -17.55
C THR B 284 -34.36 48.02 -17.53
N PHE B 285 -33.30 47.61 -18.23
CA PHE B 285 -32.83 46.23 -18.24
C PHE B 285 -31.34 46.20 -17.98
N ILE B 286 -30.89 45.21 -17.23
CA ILE B 286 -29.48 45.04 -16.92
C ILE B 286 -29.06 43.60 -17.20
N ASP B 287 -27.81 43.44 -17.61
CA ASP B 287 -27.27 42.12 -17.88
C ASP B 287 -27.13 41.31 -16.59
N HIS B 288 -27.10 39.99 -16.75
CA HIS B 288 -26.93 39.09 -15.61
C HIS B 288 -26.08 37.91 -16.05
N GLN B 289 -25.13 37.54 -15.19
CA GLN B 289 -24.25 36.40 -15.42
C GLN B 289 -23.87 35.80 -14.06
N ARG B 290 -23.80 34.47 -14.01
CA ARG B 290 -23.34 33.76 -12.82
C ARG B 290 -22.09 32.97 -13.16
N ILE B 291 -21.07 33.10 -12.32
CA ILE B 291 -19.81 32.39 -12.50
C ILE B 291 -19.48 31.65 -11.21
N THR B 292 -18.66 30.62 -11.34
CA THR B 292 -18.23 29.80 -10.21
C THR B 292 -16.70 29.81 -10.15
N VAL B 293 -16.17 29.97 -8.94
CA VAL B 293 -14.73 30.02 -8.71
C VAL B 293 -14.36 29.03 -7.63
N GLN B 294 -13.21 28.38 -7.79
CA GLN B 294 -12.75 27.35 -6.87
C GLN B 294 -11.34 27.68 -6.39
N GLU B 295 -10.99 27.12 -5.23
CA GLU B 295 -9.66 27.33 -4.68
C GLU B 295 -8.61 26.65 -5.55
N MET B 296 -7.42 27.22 -5.56
CA MET B 296 -6.34 26.68 -6.37
C MET B 296 -5.92 25.31 -5.84
N PRO B 297 -5.71 24.34 -6.71
CA PRO B 297 -5.36 22.98 -6.24
C PRO B 297 -4.04 22.91 -5.48
N GLU B 298 -3.09 23.80 -5.78
CA GLU B 298 -1.79 23.72 -5.12
C GLU B 298 -1.90 23.94 -3.62
N MET B 299 -2.70 24.92 -3.19
CA MET B 299 -2.89 25.21 -1.77
C MET B 299 -4.14 24.50 -1.30
N ALA B 300 -4.03 23.19 -1.14
CA ALA B 300 -5.12 22.35 -0.66
C ALA B 300 -4.59 21.39 0.39
N PRO B 301 -5.44 20.99 1.34
CA PRO B 301 -5.00 20.01 2.34
C PRO B 301 -4.70 18.67 1.71
N ALA B 302 -3.81 17.91 2.36
CA ALA B 302 -3.40 16.61 1.86
C ALA B 302 -4.60 15.67 1.81
N GLY B 303 -4.77 14.99 0.68
CA GLY B 303 -5.88 14.07 0.50
C GLY B 303 -7.24 14.73 0.50
N GLN B 304 -7.34 15.94 -0.05
CA GLN B 304 -8.60 16.65 -0.14
C GLN B 304 -8.75 17.25 -1.53
N LEU B 305 -9.99 17.28 -2.01
CA LEU B 305 -10.30 17.82 -3.32
C LEU B 305 -10.62 19.31 -3.23
N PRO B 306 -10.35 20.07 -4.29
CA PRO B 306 -10.67 21.50 -4.27
C PRO B 306 -12.18 21.73 -4.16
N ARG B 307 -12.53 22.82 -3.49
CA ARG B 307 -13.93 23.19 -3.30
C ARG B 307 -14.22 24.51 -4.01
N SER B 308 -15.51 24.75 -4.28
CA SER B 308 -15.93 25.83 -5.16
C SER B 308 -16.98 26.69 -4.47
N ILE B 309 -17.05 27.95 -4.90
CA ILE B 309 -18.09 28.89 -4.49
C ILE B 309 -18.56 29.62 -5.75
N ASP B 310 -19.78 30.13 -5.70
CA ASP B 310 -20.42 30.75 -6.85
C ASP B 310 -20.56 32.26 -6.67
N VAL B 311 -20.41 32.99 -7.77
CA VAL B 311 -20.35 34.45 -7.75
C VAL B 311 -21.39 34.99 -8.71
N ILE B 312 -22.14 35.99 -8.25
CA ILE B 312 -23.11 36.71 -9.09
C ILE B 312 -22.59 38.12 -9.32
N LEU B 313 -22.58 38.54 -10.59
CA LEU B 313 -22.15 39.88 -10.97
C LEU B 313 -22.99 40.34 -12.16
N ASP B 314 -23.31 41.63 -12.19
CA ASP B 314 -24.23 42.16 -13.17
C ASP B 314 -23.79 43.56 -13.59
N ASP B 315 -24.57 44.17 -14.50
CA ASP B 315 -24.32 45.51 -15.02
C ASP B 315 -22.95 45.58 -15.67
N ASP B 316 -22.00 46.28 -15.05
CA ASP B 316 -20.65 46.34 -15.57
C ASP B 316 -19.91 45.03 -15.28
N LEU B 317 -18.70 44.93 -15.84
CA LEU B 317 -17.82 43.77 -15.65
C LEU B 317 -18.56 42.45 -15.86
N VAL B 318 -19.61 42.47 -16.69
CA VAL B 318 -20.50 41.33 -16.83
C VAL B 318 -19.89 40.21 -17.67
N ASP B 319 -18.93 40.52 -18.54
CA ASP B 319 -18.30 39.51 -19.38
C ASP B 319 -16.79 39.67 -19.33
N LYS B 320 -16.25 39.80 -18.13
CA LYS B 320 -14.82 39.86 -17.93
C LYS B 320 -14.26 38.47 -17.67
N THR B 321 -12.99 38.27 -18.02
CA THR B 321 -12.28 37.02 -17.84
C THR B 321 -12.96 35.86 -18.56
N LYS B 322 -12.56 34.64 -18.24
CA LYS B 322 -13.08 33.45 -18.89
C LYS B 322 -12.71 32.25 -18.02
N PRO B 323 -13.30 31.08 -18.29
CA PRO B 323 -12.86 29.87 -17.56
C PRO B 323 -11.37 29.64 -17.74
N GLY B 324 -10.70 29.32 -16.64
CA GLY B 324 -9.25 29.16 -16.65
C GLY B 324 -8.52 30.49 -16.57
N ASP B 325 -8.87 31.30 -15.57
CA ASP B 325 -8.21 32.58 -15.35
C ASP B 325 -8.21 32.89 -13.86
N ARG B 326 -7.04 33.17 -13.30
CA ARG B 326 -6.94 33.46 -11.88
C ARG B 326 -7.55 34.81 -11.57
N VAL B 327 -8.43 34.85 -10.58
CA VAL B 327 -9.17 36.06 -10.24
C VAL B 327 -9.18 36.29 -8.74
N ASN B 328 -9.37 37.55 -8.38
CA ASN B 328 -9.60 37.98 -7.00
C ASN B 328 -10.88 38.82 -7.02
N VAL B 329 -11.94 38.31 -6.40
CA VAL B 329 -13.26 38.90 -6.46
C VAL B 329 -13.59 39.49 -5.11
N VAL B 330 -13.92 40.78 -5.08
CA VAL B 330 -14.30 41.49 -3.87
C VAL B 330 -15.80 41.70 -3.90
N GLY B 331 -16.49 41.28 -2.84
CA GLY B 331 -17.92 41.42 -2.79
C GLY B 331 -18.48 41.04 -1.43
N VAL B 332 -19.81 41.04 -1.35
CA VAL B 332 -20.53 40.79 -0.10
C VAL B 332 -21.01 39.35 -0.10
N PHE B 333 -20.70 38.63 0.98
CA PHE B 333 -21.07 37.23 1.14
C PHE B 333 -22.33 37.16 2.01
N LYS B 334 -23.46 36.81 1.39
CA LYS B 334 -24.74 36.82 2.08
C LYS B 334 -25.53 35.56 1.75
N SER B 335 -26.45 35.21 2.65
CA SER B 335 -27.35 34.09 2.42
C SER B 335 -28.65 34.58 1.81
N LEU B 336 -29.35 33.66 1.14
CA LEU B 336 -30.60 34.01 0.47
C LEU B 336 -31.46 32.78 0.35
N GLY B 337 -32.77 33.00 0.32
CA GLY B 337 -33.72 31.90 0.19
C GLY B 337 -34.20 31.39 1.53
N ALA B 338 -35.44 30.89 1.54
CA ALA B 338 -36.00 30.33 2.77
C ALA B 338 -35.26 29.07 3.20
N GLY B 339 -34.73 28.31 2.23
CA GLY B 339 -33.95 27.13 2.55
C GLY B 339 -34.72 26.04 3.27
N GLY B 340 -36.00 25.88 2.94
CA GLY B 340 -36.80 24.85 3.56
C GLY B 340 -37.38 25.21 4.91
N MET B 341 -37.13 26.43 5.41
CA MET B 341 -37.72 26.83 6.68
C MET B 341 -39.25 26.84 6.62
N ASN B 342 -39.81 26.96 5.42
CA ASN B 342 -41.25 26.90 5.23
C ASN B 342 -41.68 25.43 5.21
N GLN B 343 -42.93 25.17 4.82
CA GLN B 343 -43.47 23.82 4.82
C GLN B 343 -42.95 22.96 3.68
N SER B 344 -42.19 23.54 2.74
CA SER B 344 -41.73 22.79 1.57
C SER B 344 -40.67 21.75 1.91
N ASN B 345 -40.10 21.79 3.11
CA ASN B 345 -39.04 20.85 3.47
C ASN B 345 -39.57 19.43 3.55
N SER B 346 -38.76 18.48 3.07
CA SER B 346 -39.09 17.07 3.16
C SER B 346 -38.39 16.37 4.32
N ASN B 347 -37.28 16.92 4.80
CA ASN B 347 -36.55 16.37 5.93
C ASN B 347 -36.02 17.53 6.76
N THR B 348 -35.67 17.21 8.01
CA THR B 348 -35.13 18.23 8.91
C THR B 348 -33.69 18.60 8.55
N LEU B 349 -33.00 17.75 7.78
CA LEU B 349 -31.59 17.98 7.43
C LEU B 349 -31.50 18.86 6.19
N ILE B 350 -31.83 20.12 6.37
CA ILE B 350 -31.87 21.10 5.29
C ILE B 350 -30.91 22.24 5.62
N GLY B 351 -30.11 22.63 4.63
CA GLY B 351 -29.19 23.74 4.76
C GLY B 351 -29.60 24.89 3.87
N PHE B 352 -29.28 26.11 4.31
CA PHE B 352 -29.61 27.31 3.54
C PHE B 352 -28.70 27.42 2.33
N LYS B 353 -28.87 28.49 1.57
CA LYS B 353 -28.07 28.77 0.39
C LYS B 353 -27.21 30.00 0.63
N THR B 354 -25.93 29.92 0.29
CA THR B 354 -24.99 31.02 0.43
C THR B 354 -24.49 31.43 -0.95
N LEU B 355 -24.27 32.73 -1.12
CA LEU B 355 -23.88 33.27 -2.41
C LEU B 355 -23.25 34.64 -2.19
N ILE B 356 -22.27 34.96 -3.03
CA ILE B 356 -21.51 36.21 -2.91
C ILE B 356 -21.93 37.13 -4.04
N LEU B 357 -22.22 38.39 -3.71
CA LEU B 357 -22.56 39.41 -4.68
C LEU B 357 -21.29 40.20 -4.99
N GLY B 358 -20.70 39.93 -6.16
CA GLY B 358 -19.42 40.54 -6.48
C GLY B 358 -19.54 42.04 -6.70
N ASN B 359 -18.60 42.78 -6.13
CA ASN B 359 -18.47 44.21 -6.37
C ASN B 359 -17.41 44.54 -7.40
N THR B 360 -16.27 43.83 -7.38
CA THR B 360 -15.22 44.08 -8.36
C THR B 360 -14.39 42.82 -8.53
N VAL B 361 -13.65 42.78 -9.64
CA VAL B 361 -12.79 41.64 -9.99
C VAL B 361 -11.42 42.17 -10.39
N TYR B 362 -10.38 41.43 -10.01
CA TYR B 362 -9.02 41.77 -10.36
C TYR B 362 -8.28 40.55 -10.87
N PRO B 363 -7.38 40.73 -11.85
CA PRO B 363 -6.57 39.60 -12.33
C PRO B 363 -5.32 39.40 -11.48
N LEU B 364 -5.14 38.18 -10.96
CA LEU B 364 -3.97 37.90 -10.12
C LEU B 364 -2.70 37.75 -10.95
N HIS B 365 -2.68 36.74 -11.83
CA HIS B 365 -1.47 36.35 -12.55
C HIS B 365 -0.32 36.10 -11.58
N ALA B 366 -0.60 35.30 -10.55
CA ALA B 366 0.36 34.97 -9.50
C ALA B 366 0.88 36.23 -8.81
N ARG B 374 2.44 44.47 -12.98
CA ARG B 374 2.55 43.03 -13.19
C ARG B 374 2.72 42.71 -14.67
N GLN B 375 1.82 43.24 -15.50
CA GLN B 375 1.86 43.00 -16.93
C GLN B 375 2.18 44.27 -17.73
N MET B 376 2.52 45.36 -17.05
CA MET B 376 2.82 46.63 -17.69
C MET B 376 4.32 46.90 -17.68
N LEU B 377 4.74 47.84 -18.52
CA LEU B 377 6.14 48.18 -18.70
C LEU B 377 6.35 49.68 -18.54
N THR B 378 7.47 50.05 -17.93
CA THR B 378 7.79 51.43 -17.63
C THR B 378 8.74 52.02 -18.68
N ASP B 379 9.06 53.30 -18.51
CA ASP B 379 9.96 53.98 -19.43
C ASP B 379 11.39 53.44 -19.29
N PHE B 380 11.89 53.36 -18.06
CA PHE B 380 13.23 52.82 -17.87
C PHE B 380 13.29 51.33 -18.19
N ASP B 381 12.16 50.62 -18.12
CA ASP B 381 12.11 49.26 -18.65
C ASP B 381 12.38 49.26 -20.14
N ILE B 382 11.79 50.20 -20.89
CA ILE B 382 12.06 50.32 -22.31
C ILE B 382 13.53 50.65 -22.55
N ARG B 383 14.08 51.56 -21.75
CA ARG B 383 15.48 51.92 -21.88
C ARG B 383 16.39 50.71 -21.68
N ASN B 384 16.10 49.92 -20.64
CA ASN B 384 16.88 48.72 -20.38
C ASN B 384 16.75 47.72 -21.51
N ILE B 385 15.53 47.51 -22.01
CA ILE B 385 15.31 46.55 -23.09
C ILE B 385 16.10 46.96 -24.33
N ASN B 386 16.04 48.25 -24.69
CA ASN B 386 16.74 48.70 -25.87
C ASN B 386 18.25 48.60 -25.71
N LYS B 387 18.78 49.05 -24.57
CA LYS B 387 20.22 49.01 -24.37
C LYS B 387 20.75 47.58 -24.29
N LEU B 388 19.93 46.64 -23.80
CA LEU B 388 20.35 45.25 -23.78
C LEU B 388 20.24 44.61 -25.15
N SER B 389 19.22 44.99 -25.94
CA SER B 389 19.08 44.44 -27.28
C SER B 389 20.14 44.97 -28.23
N LYS B 390 20.72 46.14 -27.94
CA LYS B 390 21.83 46.61 -28.75
C LYS B 390 23.10 45.80 -28.56
N LYS B 391 23.13 44.91 -27.57
CA LYS B 391 24.30 44.05 -27.37
C LYS B 391 24.40 43.02 -28.47
N LYS B 392 25.63 42.55 -28.71
CA LYS B 392 25.89 41.60 -29.79
C LYS B 392 25.46 40.18 -29.45
N ASP B 393 25.35 39.84 -28.17
CA ASP B 393 25.12 38.45 -27.78
C ASP B 393 23.83 38.27 -27.00
N ILE B 394 22.74 38.86 -27.48
CA ILE B 394 21.47 38.81 -26.75
C ILE B 394 20.90 37.39 -26.77
N PHE B 395 21.00 36.69 -27.90
CA PHE B 395 20.33 35.40 -28.03
C PHE B 395 20.97 34.34 -27.12
N ASP B 396 22.30 34.32 -27.02
CA ASP B 396 22.95 33.37 -26.12
C ASP B 396 22.61 33.67 -24.67
N ILE B 397 22.59 34.96 -24.30
CA ILE B 397 22.25 35.32 -22.92
C ILE B 397 20.83 34.86 -22.59
N LEU B 398 19.88 35.13 -23.49
CA LEU B 398 18.50 34.74 -23.23
C LEU B 398 18.34 33.22 -23.20
N SER B 399 19.04 32.51 -24.09
CA SER B 399 18.97 31.05 -24.08
C SER B 399 19.54 30.48 -22.78
N GLN B 400 20.68 31.01 -22.33
CA GLN B 400 21.27 30.57 -21.07
C GLN B 400 20.45 31.00 -19.87
N SER B 401 19.55 31.97 -20.04
CA SER B 401 18.72 32.45 -18.94
C SER B 401 17.54 31.53 -18.64
N LEU B 402 17.31 30.51 -19.47
CA LEU B 402 16.18 29.61 -19.29
C LEU B 402 16.63 28.39 -18.49
N ALA B 403 15.99 28.16 -17.35
CA ALA B 403 16.22 26.98 -16.50
C ALA B 403 17.70 26.83 -16.19
N PRO B 404 18.26 27.67 -15.32
CA PRO B 404 19.70 27.58 -15.04
C PRO B 404 20.12 26.29 -14.37
N SER B 405 19.19 25.54 -13.80
CA SER B 405 19.51 24.31 -13.10
C SER B 405 19.52 23.08 -14.01
N ILE B 406 19.31 23.26 -15.30
CA ILE B 406 19.36 22.17 -16.28
C ILE B 406 20.69 22.24 -17.01
N TYR B 407 21.50 21.20 -16.85
CA TYR B 407 22.82 21.18 -17.47
C TYR B 407 22.72 20.71 -18.91
N GLY B 408 23.45 21.40 -19.80
CA GLY B 408 23.41 21.06 -21.21
C GLY B 408 22.12 21.52 -21.86
N HIS B 409 21.75 20.83 -22.95
CA HIS B 409 20.54 21.12 -23.71
C HIS B 409 20.51 22.57 -24.20
N ASP B 410 21.66 23.06 -24.65
CA ASP B 410 21.76 24.46 -25.04
C ASP B 410 20.84 24.79 -26.21
N HIS B 411 20.93 24.01 -27.29
CA HIS B 411 20.10 24.29 -28.45
C HIS B 411 18.62 24.03 -28.17
N ILE B 412 18.33 23.14 -27.22
CA ILE B 412 16.94 22.96 -26.80
C ILE B 412 16.41 24.25 -26.15
N LYS B 413 17.23 24.88 -25.31
CA LYS B 413 16.84 26.16 -24.74
C LYS B 413 16.67 27.23 -25.81
N LYS B 414 17.57 27.25 -26.80
CA LYS B 414 17.44 28.21 -27.88
C LYS B 414 16.15 28.00 -28.67
N ALA B 415 15.81 26.74 -28.95
CA ALA B 415 14.57 26.44 -29.66
C ALA B 415 13.36 26.83 -28.82
N ILE B 416 13.42 26.61 -27.51
CA ILE B 416 12.32 27.02 -26.63
C ILE B 416 12.15 28.53 -26.68
N LEU B 417 13.25 29.28 -26.64
CA LEU B 417 13.19 30.73 -26.72
C LEU B 417 12.56 31.18 -28.04
N LEU B 418 12.97 30.56 -29.15
CA LEU B 418 12.39 30.91 -30.44
C LEU B 418 10.92 30.52 -30.53
N MET B 419 10.52 29.45 -29.84
CA MET B 419 9.14 28.98 -29.88
C MET B 419 8.22 29.89 -29.07
N LEU B 420 8.66 30.35 -27.90
CA LEU B 420 7.80 31.17 -27.06
C LEU B 420 7.44 32.49 -27.72
N MET B 421 8.22 32.94 -28.69
CA MET B 421 8.02 34.21 -29.38
C MET B 421 8.17 34.02 -30.89
N GLY B 422 7.52 32.98 -31.41
CA GLY B 422 7.67 32.57 -32.80
C GLY B 422 7.27 33.58 -33.85
N GLY B 423 7.34 33.16 -35.11
CA GLY B 423 7.18 34.07 -36.23
C GLY B 423 5.75 34.58 -36.36
N VAL B 424 5.59 35.48 -37.32
CA VAL B 424 4.33 36.16 -37.56
C VAL B 424 3.44 35.32 -38.46
N GLU B 425 2.13 35.45 -38.28
CA GLU B 425 1.17 34.72 -39.10
C GLU B 425 0.88 35.49 -40.39
N LYS B 426 0.78 34.75 -41.49
CA LYS B 426 0.53 35.32 -42.80
C LYS B 426 -0.85 34.88 -43.30
N ASN B 427 -1.64 35.84 -43.77
CA ASN B 427 -2.95 35.56 -44.33
C ASN B 427 -3.05 36.20 -45.70
N LEU B 428 -3.78 35.52 -46.60
CA LEU B 428 -3.94 35.98 -47.97
C LEU B 428 -5.39 35.86 -48.39
N GLU B 429 -5.82 36.79 -49.24
CA GLU B 429 -7.18 36.73 -49.78
C GLU B 429 -7.36 35.55 -50.72
N ASN B 430 -6.29 35.03 -51.30
CA ASN B 430 -6.34 33.87 -52.17
C ASN B 430 -5.61 32.67 -51.61
N GLY B 431 -4.55 32.87 -50.83
CA GLY B 431 -3.75 31.81 -50.24
C GLY B 431 -4.26 31.30 -48.90
N SER B 432 -5.44 31.74 -48.47
CA SER B 432 -6.07 31.26 -47.24
C SER B 432 -5.23 31.58 -46.01
N HIS B 433 -4.69 30.55 -45.37
CA HIS B 433 -4.00 30.69 -44.09
C HIS B 433 -2.62 30.05 -44.17
N LEU B 434 -1.65 30.69 -43.50
CA LEU B 434 -0.30 30.15 -43.34
C LEU B 434 0.01 30.06 -41.86
N ARG B 435 0.52 28.91 -41.43
CA ARG B 435 0.80 28.70 -40.01
C ARG B 435 1.90 29.64 -39.55
N GLY B 436 1.81 30.07 -38.29
CA GLY B 436 2.66 31.12 -37.80
C GLY B 436 3.64 30.76 -36.69
N ASP B 437 3.36 29.69 -35.95
CA ASP B 437 4.19 29.31 -34.81
C ASP B 437 5.02 28.07 -35.15
N ILE B 438 5.76 27.58 -34.16
CA ILE B 438 6.65 26.45 -34.31
C ILE B 438 6.34 25.43 -33.23
N ASN B 439 6.40 24.15 -33.59
CA ASN B 439 6.17 23.05 -32.65
C ASN B 439 7.47 22.28 -32.47
N ILE B 440 7.71 21.81 -31.25
CA ILE B 440 8.93 21.08 -30.89
C ILE B 440 8.54 19.76 -30.28
N LEU B 441 9.18 18.68 -30.73
CA LEU B 441 8.96 17.35 -30.20
C LEU B 441 10.29 16.75 -29.76
N MET B 442 10.30 16.12 -28.60
CA MET B 442 11.51 15.53 -28.03
C MET B 442 11.27 14.06 -27.72
N VAL B 443 12.25 13.23 -28.06
CA VAL B 443 12.22 11.80 -27.77
C VAL B 443 13.59 11.38 -27.25
N GLY B 444 13.61 10.61 -26.16
CA GLY B 444 14.87 10.22 -25.58
C GLY B 444 14.69 9.17 -24.51
N ASP B 445 15.82 8.61 -24.08
CA ASP B 445 15.84 7.60 -23.05
C ASP B 445 15.49 8.20 -21.69
N PRO B 446 15.05 7.39 -20.74
CA PRO B 446 14.52 7.93 -19.48
C PRO B 446 15.56 8.71 -18.69
N SER B 447 15.08 9.66 -17.90
CA SER B 447 15.90 10.46 -16.99
C SER B 447 16.93 11.30 -17.77
N THR B 448 16.41 12.13 -18.67
CA THR B 448 17.23 13.06 -19.43
C THR B 448 16.66 14.48 -19.38
N ALA B 449 15.82 14.78 -18.39
CA ALA B 449 15.28 16.12 -18.15
C ALA B 449 14.49 16.63 -19.35
N LYS B 450 13.39 15.94 -19.65
CA LYS B 450 12.39 16.44 -20.59
C LYS B 450 11.15 16.98 -19.87
N SER B 451 10.61 16.21 -18.92
CA SER B 451 9.45 16.67 -18.17
C SER B 451 9.78 17.91 -17.35
N GLN B 452 11.00 17.98 -16.79
CA GLN B 452 11.38 19.15 -16.01
C GLN B 452 11.46 20.40 -16.89
N LEU B 453 12.04 20.28 -18.09
CA LEU B 453 12.09 21.42 -19.00
C LEU B 453 10.69 21.81 -19.44
N LEU B 454 9.82 20.83 -19.67
CA LEU B 454 8.44 21.13 -20.04
C LEU B 454 7.72 21.87 -18.91
N ARG B 455 7.95 21.46 -17.66
CA ARG B 455 7.37 22.15 -16.52
C ARG B 455 7.90 23.57 -16.42
N PHE B 456 9.19 23.77 -16.70
CA PHE B 456 9.73 25.12 -16.72
C PHE B 456 9.06 25.97 -17.80
N VAL B 457 8.86 25.42 -18.98
CA VAL B 457 8.18 26.15 -20.05
C VAL B 457 6.76 26.51 -19.62
N LEU B 458 6.08 25.57 -18.95
CA LEU B 458 4.75 25.85 -18.43
C LEU B 458 4.77 27.00 -17.43
N ASN B 459 5.75 27.01 -16.53
CA ASN B 459 5.81 28.04 -15.50
C ASN B 459 6.14 29.41 -16.10
N THR B 460 7.04 29.47 -17.09
CA THR B 460 7.53 30.73 -17.60
C THR B 460 6.67 31.29 -18.73
N ALA B 461 5.71 30.53 -19.25
CA ALA B 461 4.90 31.00 -20.36
C ALA B 461 3.79 31.92 -19.87
N SER B 462 3.41 32.87 -20.73
CA SER B 462 2.31 33.77 -20.40
C SER B 462 1.00 33.02 -20.27
N LEU B 463 0.75 32.05 -21.15
CA LEU B 463 -0.46 31.24 -21.10
C LEU B 463 -0.13 29.84 -21.57
N ALA B 464 -0.47 28.84 -20.76
CA ALA B 464 -0.20 27.46 -21.11
C ALA B 464 -1.12 26.55 -20.31
N ILE B 465 -1.30 25.33 -20.82
CA ILE B 465 -2.15 24.33 -20.19
C ILE B 465 -1.39 23.02 -20.10
N ALA B 466 -1.45 22.38 -18.94
CA ALA B 466 -0.77 21.12 -18.71
C ALA B 466 -1.69 19.95 -19.03
N THR B 467 -1.16 18.97 -19.75
CA THR B 467 -1.95 17.82 -20.17
C THR B 467 -1.05 16.59 -20.25
N THR B 468 -1.59 15.44 -19.88
CA THR B 468 -0.89 14.17 -20.00
C THR B 468 -1.65 13.26 -20.96
N GLY B 469 -0.92 12.37 -21.64
CA GLY B 469 -1.52 11.55 -22.67
C GLY B 469 -2.53 10.56 -22.14
N ARG B 470 -2.20 9.87 -21.05
CA ARG B 470 -3.06 8.80 -20.55
C ARG B 470 -4.31 9.34 -19.85
N GLY B 471 -4.20 10.50 -19.19
CA GLY B 471 -5.29 11.01 -18.40
C GLY B 471 -6.23 11.95 -19.13
N SER B 472 -6.27 11.86 -20.46
CA SER B 472 -7.09 12.73 -21.27
C SER B 472 -7.85 11.93 -22.31
N SER B 473 -9.00 12.48 -22.74
CA SER B 473 -9.82 11.88 -23.78
C SER B 473 -10.06 12.94 -24.85
N GLY B 474 -9.86 12.56 -26.12
CA GLY B 474 -9.93 13.53 -27.20
C GLY B 474 -11.29 14.18 -27.35
N VAL B 475 -12.36 13.43 -27.07
CA VAL B 475 -13.71 13.99 -27.21
C VAL B 475 -13.92 15.14 -26.23
N GLY B 476 -13.51 14.95 -24.98
CA GLY B 476 -13.60 16.00 -24.00
C GLY B 476 -12.44 16.98 -24.00
N LEU B 477 -11.44 16.73 -24.85
CA LEU B 477 -10.27 17.60 -24.93
C LEU B 477 -10.49 18.80 -25.83
N THR B 478 -11.54 18.81 -26.65
CA THR B 478 -11.81 19.92 -27.56
C THR B 478 -13.12 20.62 -27.24
N ALA B 479 -14.22 19.89 -27.10
CA ALA B 479 -15.50 20.50 -26.76
C ALA B 479 -16.39 19.44 -26.13
N ALA B 480 -17.24 19.89 -25.20
CA ALA B 480 -18.17 19.02 -24.50
C ALA B 480 -19.54 19.65 -24.48
N VAL B 481 -20.57 18.81 -24.43
CA VAL B 481 -21.97 19.25 -24.41
C VAL B 481 -22.53 18.96 -23.02
N THR B 482 -22.93 20.02 -22.32
CA THR B 482 -23.51 19.90 -20.99
C THR B 482 -24.74 20.79 -20.91
N THR B 483 -25.66 20.43 -20.02
CA THR B 483 -26.88 21.20 -19.82
C THR B 483 -26.70 22.21 -18.71
N ASP B 484 -27.24 23.41 -18.94
CA ASP B 484 -27.19 24.46 -17.93
C ASP B 484 -28.29 24.25 -16.89
N ARG B 485 -27.94 24.47 -15.62
CA ARG B 485 -28.89 24.23 -14.53
C ARG B 485 -29.97 25.31 -14.52
N GLU B 486 -29.61 26.55 -14.84
CA GLU B 486 -30.58 27.64 -14.77
C GLU B 486 -31.54 27.60 -15.95
N THR B 487 -31.02 27.73 -17.17
CA THR B 487 -31.89 27.82 -18.34
C THR B 487 -32.48 26.47 -18.72
N GLY B 488 -31.75 25.38 -18.47
CA GLY B 488 -32.19 24.07 -18.86
C GLY B 488 -31.81 23.66 -20.28
N GLU B 489 -31.06 24.49 -20.99
CA GLU B 489 -30.59 24.17 -22.33
C GLU B 489 -29.18 23.58 -22.26
N ARG B 490 -28.70 23.13 -23.41
CA ARG B 490 -27.37 22.52 -23.52
C ARG B 490 -26.47 23.42 -24.35
N ARG B 491 -25.26 23.68 -23.83
CA ARG B 491 -24.32 24.59 -24.47
C ARG B 491 -22.93 23.98 -24.42
N LEU B 492 -22.10 24.36 -25.38
CA LEU B 492 -20.76 23.81 -25.49
C LEU B 492 -19.86 24.31 -24.36
N GLU B 493 -18.92 23.45 -23.96
CA GLU B 493 -17.88 23.81 -23.00
C GLU B 493 -16.52 23.70 -23.70
N ALA B 494 -15.69 24.72 -23.50
CA ALA B 494 -14.39 24.74 -24.16
C ALA B 494 -13.51 23.60 -23.65
N GLY B 495 -12.71 23.03 -24.55
CA GLY B 495 -11.86 21.90 -24.24
C GLY B 495 -10.51 22.32 -23.70
N ALA B 496 -9.57 21.37 -23.78
CA ALA B 496 -8.24 21.60 -23.21
C ALA B 496 -7.49 22.69 -23.96
N MET B 497 -7.44 22.60 -25.30
CA MET B 497 -6.66 23.55 -26.07
C MET B 497 -7.45 24.76 -26.53
N VAL B 498 -8.78 24.71 -26.50
CA VAL B 498 -9.57 25.91 -26.78
C VAL B 498 -9.30 26.97 -25.73
N LEU B 499 -9.19 26.56 -24.46
CA LEU B 499 -8.76 27.49 -23.42
C LEU B 499 -7.35 28.00 -23.69
N ALA B 500 -6.52 27.20 -24.37
CA ALA B 500 -5.14 27.57 -24.68
C ALA B 500 -4.99 28.24 -26.03
N ASP B 501 -6.05 28.90 -26.53
CA ASP B 501 -5.97 29.60 -27.80
C ASP B 501 -4.92 30.70 -27.71
N ARG B 502 -4.07 30.78 -28.74
CA ARG B 502 -2.95 31.71 -28.81
C ARG B 502 -1.95 31.47 -27.67
N GLY B 503 -2.02 30.30 -27.03
CA GLY B 503 -1.06 29.92 -26.02
C GLY B 503 -0.21 28.75 -26.47
N VAL B 504 0.29 27.97 -25.51
CA VAL B 504 1.07 26.77 -25.80
C VAL B 504 0.54 25.62 -24.95
N VAL B 505 0.43 24.44 -25.56
CA VAL B 505 -0.05 23.24 -24.89
C VAL B 505 1.11 22.28 -24.74
N CYS B 506 1.32 21.78 -23.54
CA CYS B 506 2.39 20.84 -23.23
C CYS B 506 1.79 19.49 -22.87
N ILE B 507 2.23 18.45 -23.56
CA ILE B 507 1.70 17.10 -23.39
C ILE B 507 2.85 16.16 -23.02
N ASP B 508 2.69 15.43 -21.94
CA ASP B 508 3.60 14.36 -21.55
C ASP B 508 3.00 13.01 -21.90
N GLU B 509 3.87 12.00 -21.99
CA GLU B 509 3.46 10.64 -22.37
C GLU B 509 2.71 10.66 -23.69
N PHE B 510 3.24 11.40 -24.66
CA PHE B 510 2.56 11.57 -25.94
C PHE B 510 2.40 10.23 -26.65
N ASP B 511 3.44 9.40 -26.64
CA ASP B 511 3.35 8.10 -27.29
C ASP B 511 2.40 7.16 -26.57
N LYS B 512 2.24 7.33 -25.26
CA LYS B 512 1.38 6.44 -24.49
C LYS B 512 -0.09 6.80 -24.59
N MET B 513 -0.42 7.92 -25.21
CA MET B 513 -1.83 8.28 -25.40
C MET B 513 -2.49 7.30 -26.36
N THR B 514 -3.78 7.07 -26.15
CA THR B 514 -4.55 6.20 -27.02
C THR B 514 -4.53 6.74 -28.45
N ASP B 515 -4.42 5.82 -29.41
CA ASP B 515 -4.31 6.23 -30.82
C ASP B 515 -5.53 7.03 -31.26
N VAL B 516 -6.73 6.64 -30.80
CA VAL B 516 -7.95 7.30 -31.26
C VAL B 516 -7.89 8.79 -30.98
N ASP B 517 -7.56 9.17 -29.75
CA ASP B 517 -7.52 10.59 -29.39
C ASP B 517 -6.54 11.36 -30.27
N ARG B 518 -5.54 10.68 -30.83
CA ARG B 518 -4.57 11.37 -31.67
C ARG B 518 -5.24 12.06 -32.85
N VAL B 519 -6.39 11.54 -33.31
CA VAL B 519 -7.04 12.15 -34.47
C VAL B 519 -7.40 13.59 -34.17
N ALA B 520 -7.74 13.90 -32.91
CA ALA B 520 -8.04 15.27 -32.52
C ALA B 520 -6.86 16.18 -32.86
N ILE B 521 -5.65 15.77 -32.51
CA ILE B 521 -4.47 16.53 -32.89
C ILE B 521 -4.36 16.60 -34.40
N HIS B 522 -4.59 15.47 -35.08
CA HIS B 522 -4.61 15.47 -36.54
C HIS B 522 -5.62 16.47 -37.08
N GLU B 523 -6.72 16.68 -36.35
CA GLU B 523 -7.69 17.68 -36.78
C GLU B 523 -7.19 19.10 -36.52
N VAL B 524 -6.55 19.33 -35.38
CA VAL B 524 -6.28 20.69 -34.95
C VAL B 524 -5.00 21.22 -35.59
N MET B 525 -3.90 20.47 -35.45
CA MET B 525 -2.61 20.94 -35.96
C MET B 525 -2.62 21.10 -37.48
N GLU B 526 -3.59 20.52 -38.17
CA GLU B 526 -3.68 20.68 -39.62
C GLU B 526 -4.00 22.12 -40.00
N GLN B 527 -5.12 22.66 -39.49
CA GLN B 527 -5.59 23.98 -39.88
C GLN B 527 -5.86 24.91 -38.71
N GLN B 528 -5.48 24.53 -37.49
CA GLN B 528 -5.67 25.36 -36.30
C GLN B 528 -7.13 25.74 -36.10
N THR B 529 -8.03 24.81 -36.38
CA THR B 529 -9.46 25.04 -36.20
C THR B 529 -10.15 23.71 -35.97
N VAL B 530 -10.91 23.62 -34.88
CA VAL B 530 -11.66 22.42 -34.51
C VAL B 530 -13.13 22.67 -34.79
N THR B 531 -13.76 21.73 -35.48
CA THR B 531 -15.17 21.82 -35.84
C THR B 531 -15.96 20.76 -35.09
N ILE B 532 -17.00 21.19 -34.37
CA ILE B 532 -17.85 20.30 -33.60
C ILE B 532 -19.22 20.23 -34.26
N ALA B 533 -19.77 19.02 -34.37
CA ALA B 533 -21.08 18.82 -34.97
C ALA B 533 -21.73 17.65 -34.24
N LYS B 534 -22.54 17.97 -33.23
CA LYS B 534 -23.12 16.93 -32.37
C LYS B 534 -24.30 17.51 -31.63
N ALA B 535 -25.41 16.75 -31.61
CA ALA B 535 -26.64 17.14 -30.91
C ALA B 535 -27.15 18.50 -31.38
N GLY B 536 -27.08 18.74 -32.69
CA GLY B 536 -27.64 19.95 -33.26
C GLY B 536 -26.83 21.21 -33.07
N ILE B 537 -25.52 21.08 -32.82
CA ILE B 537 -24.64 22.24 -32.66
C ILE B 537 -23.64 22.22 -33.80
N HIS B 538 -23.57 23.33 -34.54
CA HIS B 538 -22.69 23.45 -35.70
C HIS B 538 -21.89 24.73 -35.56
N THR B 539 -20.60 24.61 -35.23
CA THR B 539 -19.76 25.79 -35.01
C THR B 539 -18.31 25.39 -35.24
N THR B 540 -17.54 26.31 -35.81
CA THR B 540 -16.10 26.14 -35.97
C THR B 540 -15.38 26.96 -34.90
N LEU B 541 -14.61 26.29 -34.05
CA LEU B 541 -13.92 26.93 -32.95
C LEU B 541 -12.46 27.18 -33.33
N ASN B 542 -11.99 28.39 -33.06
CA ASN B 542 -10.61 28.75 -33.39
C ASN B 542 -9.67 28.28 -32.30
N ALA B 543 -8.55 27.67 -32.71
CA ALA B 543 -7.53 27.21 -31.76
C ALA B 543 -6.19 27.27 -32.48
N ARG B 544 -5.43 28.35 -32.25
CA ARG B 544 -4.15 28.59 -32.91
C ARG B 544 -2.99 28.35 -31.96
N CYS B 545 -3.13 27.35 -31.09
CA CYS B 545 -2.10 27.07 -30.09
C CYS B 545 -0.93 26.31 -30.70
N SER B 546 0.21 26.39 -30.03
CA SER B 546 1.39 25.61 -30.37
C SER B 546 1.55 24.48 -29.37
N VAL B 547 1.93 23.30 -29.86
CA VAL B 547 1.97 22.09 -29.05
C VAL B 547 3.42 21.65 -28.93
N ILE B 548 3.86 21.40 -27.69
CA ILE B 548 5.14 20.79 -27.39
C ILE B 548 4.87 19.44 -26.72
N ALA B 549 5.55 18.40 -27.18
CA ALA B 549 5.34 17.06 -26.68
C ALA B 549 6.69 16.39 -26.41
N ALA B 550 6.67 15.43 -25.48
CA ALA B 550 7.83 14.61 -25.17
C ALA B 550 7.37 13.17 -25.03
N ALA B 551 8.03 12.26 -25.73
CA ALA B 551 7.65 10.86 -25.75
C ALA B 551 8.90 9.99 -25.69
N ASN B 552 8.77 8.82 -25.09
CA ASN B 552 9.93 7.94 -25.06
C ASN B 552 9.83 6.89 -26.16
N PRO B 553 10.95 6.37 -26.64
CA PRO B 553 10.91 5.41 -27.75
C PRO B 553 10.24 4.10 -27.34
N VAL B 554 10.01 3.25 -28.34
CA VAL B 554 9.30 1.99 -28.12
C VAL B 554 10.08 1.11 -27.16
N PHE B 555 11.38 0.99 -27.38
CA PHE B 555 12.23 0.23 -26.47
C PHE B 555 12.48 1.03 -25.20
N GLY B 556 13.01 0.34 -24.19
CA GLY B 556 13.33 1.03 -22.94
C GLY B 556 14.36 2.12 -23.13
N GLN B 557 15.36 1.86 -23.97
CA GLN B 557 16.40 2.83 -24.27
C GLN B 557 16.54 2.98 -25.77
N TYR B 558 17.00 4.16 -26.20
CA TYR B 558 17.17 4.44 -27.61
C TYR B 558 18.26 3.56 -28.21
N ASP B 559 17.99 3.01 -29.40
CA ASP B 559 18.96 2.21 -30.13
C ASP B 559 19.54 3.05 -31.25
N VAL B 560 20.82 3.41 -31.11
CA VAL B 560 21.49 4.24 -32.11
C VAL B 560 21.67 3.47 -33.41
N ASN B 561 21.82 2.16 -33.33
CA ASN B 561 22.11 1.32 -34.49
C ASN B 561 20.86 0.91 -35.26
N ARG B 562 19.70 1.45 -34.90
CA ARG B 562 18.44 1.06 -35.52
C ARG B 562 17.85 2.20 -36.33
N ASP B 563 16.85 1.86 -37.13
CA ASP B 563 16.18 2.84 -37.97
C ASP B 563 15.43 3.84 -37.10
N PRO B 564 15.53 5.14 -37.36
CA PRO B 564 14.74 6.11 -36.58
C PRO B 564 13.24 5.86 -36.64
N HIS B 565 12.72 5.37 -37.76
CA HIS B 565 11.29 5.14 -37.87
C HIS B 565 10.81 4.06 -36.90
N GLN B 566 11.56 2.97 -36.80
CA GLN B 566 11.16 1.87 -35.92
C GLN B 566 11.42 2.16 -34.45
N ASN B 567 12.15 3.23 -34.13
CA ASN B 567 12.35 3.62 -32.74
C ASN B 567 11.20 4.45 -32.19
N ILE B 568 10.37 5.03 -33.06
CA ILE B 568 9.29 5.92 -32.66
C ILE B 568 7.96 5.25 -32.98
N ALA B 569 7.07 5.18 -31.98
CA ALA B 569 5.79 4.52 -32.17
C ALA B 569 4.79 5.36 -32.94
N LEU B 570 5.01 6.66 -33.03
CA LEU B 570 4.04 7.53 -33.69
C LEU B 570 4.12 7.39 -35.21
N PRO B 571 3.00 7.54 -35.91
CA PRO B 571 3.02 7.42 -37.37
C PRO B 571 3.68 8.63 -38.02
N ASP B 572 4.05 8.45 -39.29
CA ASP B 572 4.79 9.48 -40.02
C ASP B 572 3.93 10.71 -40.29
N SER B 573 2.61 10.54 -40.37
CA SER B 573 1.74 11.65 -40.75
C SER B 573 1.85 12.81 -39.75
N LEU B 574 1.77 12.50 -38.46
CA LEU B 574 1.90 13.56 -37.45
C LEU B 574 3.34 13.99 -37.25
N LEU B 575 4.30 13.06 -37.40
CA LEU B 575 5.70 13.42 -37.25
C LEU B 575 6.14 14.42 -38.31
N SER B 576 5.54 14.36 -39.50
CA SER B 576 5.91 15.30 -40.55
C SER B 576 5.48 16.73 -40.24
N ARG B 577 4.47 16.91 -39.38
CA ARG B 577 4.00 18.25 -39.06
C ARG B 577 4.95 18.98 -38.13
N PHE B 578 5.48 18.27 -37.12
CA PHE B 578 6.39 18.90 -36.16
C PHE B 578 7.63 19.42 -36.87
N ASP B 579 7.99 20.67 -36.55
CA ASP B 579 9.09 21.32 -37.25
C ASP B 579 10.44 20.69 -36.90
N LEU B 580 10.69 20.50 -35.60
CA LEU B 580 11.99 20.07 -35.12
C LEU B 580 11.87 18.78 -34.33
N LEU B 581 12.73 17.81 -34.64
CA LEU B 581 12.83 16.56 -33.92
C LEU B 581 14.16 16.52 -33.17
N PHE B 582 14.09 16.30 -31.86
CA PHE B 582 15.27 16.27 -31.02
C PHE B 582 15.37 14.91 -30.34
N VAL B 583 16.54 14.30 -30.42
CA VAL B 583 16.83 13.02 -29.76
C VAL B 583 17.92 13.26 -28.73
N VAL B 584 17.69 12.77 -27.52
CA VAL B 584 18.60 12.98 -26.40
C VAL B 584 18.96 11.64 -25.80
N THR B 585 20.26 11.42 -25.58
CA THR B 585 20.77 10.20 -24.97
C THR B 585 21.80 10.57 -23.91
N ASP B 586 21.86 9.75 -22.86
CA ASP B 586 22.82 9.96 -21.77
C ASP B 586 24.02 9.03 -21.98
N ASP B 587 24.92 9.46 -22.87
CA ASP B 587 26.13 8.70 -23.13
C ASP B 587 27.01 8.68 -21.88
N ILE B 588 27.52 7.50 -21.55
CA ILE B 588 28.33 7.34 -20.34
C ILE B 588 29.72 7.90 -20.60
N ASN B 589 30.12 8.87 -19.79
CA ASN B 589 31.43 9.49 -19.90
C ASN B 589 31.81 10.04 -18.53
N GLU B 590 32.97 9.61 -18.02
CA GLU B 590 33.33 9.93 -16.64
C GLU B 590 33.49 11.43 -16.43
N ILE B 591 34.00 12.15 -17.43
CA ILE B 591 34.17 13.59 -17.29
C ILE B 591 32.82 14.27 -17.14
N ARG B 592 31.89 13.98 -18.04
CA ARG B 592 30.56 14.56 -17.96
C ARG B 592 29.80 14.06 -16.74
N ASP B 593 30.03 12.80 -16.34
CA ASP B 593 29.40 12.29 -15.13
C ASP B 593 29.85 13.10 -13.92
N ARG B 594 31.15 13.37 -13.81
CA ARG B 594 31.67 14.16 -12.70
C ARG B 594 31.09 15.57 -12.73
N SER B 595 31.06 16.20 -13.91
CA SER B 595 30.57 17.57 -14.02
C SER B 595 29.10 17.66 -13.61
N ILE B 596 28.26 16.79 -14.18
CA ILE B 596 26.83 16.83 -13.86
C ILE B 596 26.59 16.42 -12.41
N SER B 597 27.44 15.55 -11.86
CA SER B 597 27.28 15.15 -10.48
C SER B 597 27.54 16.32 -9.55
N GLU B 598 28.65 17.05 -9.78
CA GLU B 598 28.92 18.20 -8.92
C GLU B 598 27.89 19.29 -9.11
N HIS B 599 27.36 19.46 -10.32
CA HIS B 599 26.30 20.44 -10.54
C HIS B 599 25.04 20.08 -9.75
N VAL B 600 24.60 18.83 -9.85
CA VAL B 600 23.38 18.41 -9.16
C VAL B 600 23.56 18.48 -7.65
N LEU B 601 24.73 18.09 -7.15
CA LEU B 601 25.01 18.23 -5.72
C LEU B 601 25.03 19.69 -5.30
N ARG B 602 25.50 20.59 -6.17
CA ARG B 602 25.40 22.01 -5.88
C ARG B 602 23.95 22.45 -5.76
N THR B 603 23.09 21.94 -6.64
CA THR B 603 21.69 22.35 -6.62
C THR B 603 21.00 21.98 -5.31
N HIS B 604 21.19 20.75 -4.84
CA HIS B 604 20.51 20.29 -3.64
C HIS B 604 21.00 20.95 -2.36
N ARG B 605 22.16 21.62 -2.37
CA ARG B 605 22.61 22.36 -1.20
C ARG B 605 22.19 23.82 -1.40
N TYR B 606 20.90 24.06 -1.20
CA TYR B 606 20.32 25.39 -1.34
C TYR B 606 19.42 25.65 -0.14
N LEU B 607 19.39 26.90 0.32
CA LEU B 607 18.59 27.28 1.47
C LEU B 607 17.75 28.49 1.10
N PRO B 608 16.45 28.46 1.37
CA PRO B 608 15.62 29.64 1.12
C PRO B 608 16.10 30.83 1.94
N PRO B 609 16.07 32.03 1.36
CA PRO B 609 16.59 33.20 2.08
C PRO B 609 15.83 33.46 3.37
N GLY B 610 16.58 33.86 4.41
CA GLY B 610 15.96 34.22 5.67
C GLY B 610 15.35 33.07 6.43
N TYR B 611 15.75 31.83 6.14
CA TYR B 611 15.17 30.66 6.80
C TYR B 611 16.27 29.66 7.11
N LEU B 612 16.25 29.13 8.32
CA LEU B 612 17.29 28.21 8.76
C LEU B 612 17.08 26.82 8.17
N GLU B 613 18.11 25.97 8.29
CA GLU B 613 18.12 24.67 7.64
C GLU B 613 17.57 23.55 8.51
N GLY B 614 17.26 23.81 9.77
CA GLY B 614 16.83 22.75 10.66
C GLY B 614 15.38 22.35 10.58
N GLU B 615 14.55 23.13 9.88
CA GLU B 615 13.13 22.87 9.83
C GLU B 615 12.63 22.92 8.39
N PRO B 616 11.54 22.22 8.08
CA PRO B 616 11.09 22.12 6.69
C PRO B 616 10.40 23.40 6.22
N VAL B 617 10.10 23.42 4.91
CA VAL B 617 9.44 24.56 4.31
C VAL B 617 7.99 24.60 4.79
N ARG B 618 7.55 25.78 5.23
CA ARG B 618 6.22 25.97 5.78
C ARG B 618 5.43 26.93 4.91
N GLU B 619 4.12 26.72 4.84
CA GLU B 619 3.24 27.55 4.04
C GLU B 619 3.17 28.97 4.60
N ARG B 620 2.72 29.89 3.75
CA ARG B 620 2.60 31.30 4.09
C ARG B 620 1.21 31.79 3.74
N LEU B 621 0.93 33.04 4.09
CA LEU B 621 -0.35 33.67 3.81
C LEU B 621 -0.28 34.42 2.48
N ASN B 622 -1.34 35.12 2.13
CA ASN B 622 -1.39 35.89 0.89
C ASN B 622 -0.59 37.18 1.07
N LEU B 623 -0.64 38.05 0.07
CA LEU B 623 -0.02 39.37 0.19
C LEU B 623 -0.84 40.26 1.12
N SER B 624 -0.16 41.23 1.71
CA SER B 624 -0.82 42.11 2.68
C SER B 624 -1.90 42.97 2.04
N LEU B 625 -1.75 43.30 0.76
CA LEU B 625 -2.77 44.06 0.02
C LEU B 625 -3.66 43.11 -0.75
N ALA B 626 -4.98 43.28 -0.61
CA ALA B 626 -5.90 42.54 -1.46
C ALA B 626 -5.86 43.03 -2.89
N VAL B 627 -5.58 44.32 -3.10
CA VAL B 627 -5.44 44.91 -4.42
C VAL B 627 -4.16 45.73 -4.44
N GLY B 628 -3.31 45.49 -5.43
CA GLY B 628 -2.07 46.21 -5.55
C GLY B 628 -2.07 47.23 -6.67
N GLU B 629 -0.89 47.54 -7.19
CA GLU B 629 -0.76 48.49 -8.29
C GLU B 629 -0.10 47.84 -9.50
N GLN B 665 15.40 58.41 -9.52
CA GLN B 665 14.83 57.14 -9.09
C GLN B 665 14.63 56.20 -10.28
N ALA B 666 14.35 56.77 -11.44
CA ALA B 666 14.04 56.01 -12.65
C ALA B 666 15.30 55.86 -13.49
N GLY B 667 15.67 54.60 -13.76
CA GLY B 667 16.78 54.30 -14.64
C GLY B 667 18.14 54.30 -14.00
N ALA B 668 18.28 54.80 -12.77
CA ALA B 668 19.57 54.85 -12.10
C ALA B 668 19.84 53.64 -11.21
N LYS B 669 18.86 52.76 -11.01
CA LYS B 669 19.02 51.68 -10.06
C LYS B 669 19.62 50.42 -10.68
N LEU B 670 19.00 49.92 -11.76
CA LEU B 670 19.39 48.63 -12.35
C LEU B 670 19.38 47.52 -11.31
N ALA B 671 18.37 47.55 -10.43
CA ALA B 671 18.29 46.57 -9.35
C ALA B 671 18.02 45.17 -9.90
N LYS B 672 16.91 45.02 -10.61
CA LYS B 672 16.55 43.74 -11.23
C LYS B 672 16.74 43.76 -12.74
N ASN B 673 17.53 44.70 -13.26
CA ASN B 673 17.79 44.81 -14.69
C ASN B 673 18.91 43.87 -15.11
N LYS B 674 20.09 44.02 -14.50
CA LYS B 674 21.25 43.22 -14.92
C LYS B 674 21.01 41.74 -14.70
N GLY B 675 20.40 41.38 -13.58
CA GLY B 675 19.97 40.02 -13.33
C GLY B 675 20.99 39.10 -12.71
N ASN B 676 22.27 39.50 -12.66
CA ASN B 676 23.32 38.65 -12.10
C ASN B 676 23.18 38.66 -10.57
N TYR B 677 22.22 37.86 -10.09
CA TYR B 677 21.94 37.82 -8.66
C TYR B 677 23.13 37.26 -7.88
N ASN B 678 23.78 36.23 -8.42
CA ASN B 678 24.95 35.63 -7.78
C ASN B 678 26.06 35.48 -8.82
N GLY B 679 27.29 35.65 -8.36
CA GLY B 679 28.44 35.59 -9.26
C GLY B 679 29.09 34.21 -9.31
N THR B 680 28.92 33.52 -10.43
CA THR B 680 29.55 32.22 -10.65
C THR B 680 30.20 32.08 -12.01
N GLU B 681 29.94 32.98 -12.95
CA GLU B 681 30.53 32.91 -14.28
C GLU B 681 30.72 34.32 -14.82
N ILE B 682 31.67 34.46 -15.75
CA ILE B 682 31.90 35.75 -16.40
C ILE B 682 30.69 36.21 -17.20
N PRO B 683 30.05 35.39 -18.03
CA PRO B 683 28.90 35.88 -18.80
C PRO B 683 27.73 36.27 -17.91
N LYS B 684 26.90 37.14 -18.46
CA LYS B 684 25.76 37.71 -17.73
C LYS B 684 24.60 36.72 -17.67
N LEU B 685 23.63 37.05 -16.83
CA LEU B 685 22.40 36.28 -16.70
C LEU B 685 21.30 37.24 -16.25
N VAL B 686 20.07 37.00 -16.72
CA VAL B 686 18.96 37.90 -16.46
C VAL B 686 17.87 37.16 -15.70
N THR B 687 17.15 37.89 -14.86
CA THR B 687 16.07 37.32 -14.06
C THR B 687 14.87 36.99 -14.94
N ILE B 688 14.03 36.09 -14.44
CA ILE B 688 12.88 35.64 -15.22
C ILE B 688 11.85 36.73 -15.48
N PRO B 689 11.46 37.59 -14.51
CA PRO B 689 10.39 38.56 -14.82
C PRO B 689 10.78 39.53 -15.92
N PHE B 690 12.05 39.92 -15.98
CA PHE B 690 12.48 40.81 -17.06
C PHE B 690 12.43 40.10 -18.41
N LEU B 691 12.73 38.80 -18.43
CA LEU B 691 12.58 38.05 -19.68
C LEU B 691 11.12 37.98 -20.12
N ARG B 692 10.21 37.79 -19.15
CA ARG B 692 8.79 37.81 -19.50
C ARG B 692 8.37 39.18 -20.04
N LYS B 693 8.88 40.26 -19.43
CA LYS B 693 8.60 41.60 -19.95
C LYS B 693 9.14 41.75 -21.37
N TYR B 694 10.34 41.23 -21.61
CA TYR B 694 10.95 41.33 -22.94
C TYR B 694 10.11 40.60 -23.98
N VAL B 695 9.66 39.38 -23.67
CA VAL B 695 8.88 38.63 -24.66
C VAL B 695 7.51 39.28 -24.86
N GLN B 696 6.92 39.84 -23.78
CA GLN B 696 5.66 40.57 -23.93
C GLN B 696 5.82 41.75 -24.86
N TYR B 697 6.90 42.52 -24.70
CA TYR B 697 7.15 43.66 -25.57
C TYR B 697 7.37 43.21 -27.01
N ALA B 698 8.15 42.14 -27.20
CA ALA B 698 8.53 41.71 -28.54
C ALA B 698 7.35 41.14 -29.31
N LYS B 699 6.47 40.39 -28.63
CA LYS B 699 5.35 39.76 -29.32
C LYS B 699 4.35 40.78 -29.86
N GLU B 700 4.41 42.02 -29.41
CA GLU B 700 3.42 43.04 -29.78
C GLU B 700 4.02 44.17 -30.60
N ARG B 701 5.17 44.72 -30.19
CA ARG B 701 5.65 45.95 -30.80
C ARG B 701 6.40 45.74 -32.11
N VAL B 702 6.79 44.51 -32.45
CA VAL B 702 7.63 44.25 -33.62
C VAL B 702 6.98 43.21 -34.50
N ILE B 703 6.81 43.54 -35.78
CA ILE B 703 6.39 42.59 -36.82
C ILE B 703 7.34 42.71 -38.01
N PRO B 704 8.38 41.90 -38.07
CA PRO B 704 9.44 42.10 -39.07
C PRO B 704 9.02 41.64 -40.46
N GLN B 705 9.82 42.04 -41.44
CA GLN B 705 9.67 41.63 -42.82
C GLN B 705 10.98 41.09 -43.34
N LEU B 706 10.92 40.21 -44.33
CA LEU B 706 12.10 39.55 -44.87
C LEU B 706 12.55 40.23 -46.16
N THR B 707 13.81 39.98 -46.52
CA THR B 707 14.44 40.59 -47.69
C THR B 707 15.08 39.50 -48.54
N GLN B 708 15.65 39.91 -49.68
CA GLN B 708 16.21 38.96 -50.63
C GLN B 708 17.54 38.39 -50.18
N GLU B 709 18.29 39.13 -49.36
CA GLU B 709 19.59 38.62 -48.90
C GLU B 709 19.40 37.37 -48.05
N ALA B 710 18.41 37.36 -47.15
CA ALA B 710 18.10 36.15 -46.42
C ALA B 710 17.50 35.09 -47.31
N ILE B 711 16.78 35.50 -48.35
CA ILE B 711 16.18 34.56 -49.29
C ILE B 711 17.26 33.75 -49.99
N ASN B 712 18.33 34.41 -50.41
CA ASN B 712 19.43 33.71 -51.08
C ASN B 712 20.03 32.64 -50.18
N VAL B 713 20.30 32.98 -48.92
CA VAL B 713 20.87 32.02 -47.98
C VAL B 713 19.88 30.87 -47.74
N ILE B 714 18.60 31.20 -47.60
CA ILE B 714 17.60 30.17 -47.33
C ILE B 714 17.55 29.16 -48.47
N VAL B 715 17.46 29.66 -49.71
CA VAL B 715 17.34 28.74 -50.84
C VAL B 715 18.64 27.96 -51.04
N LYS B 716 19.80 28.60 -50.84
CA LYS B 716 21.06 27.90 -51.01
C LYS B 716 21.21 26.78 -49.99
N ASN B 717 20.90 27.05 -48.72
CA ASN B 717 21.04 26.01 -47.72
C ASN B 717 19.99 24.92 -47.88
N TYR B 718 18.78 25.28 -48.33
CA TYR B 718 17.79 24.25 -48.62
C TYR B 718 18.27 23.31 -49.72
N THR B 719 18.80 23.87 -50.82
CA THR B 719 19.30 23.04 -51.91
C THR B 719 20.47 22.18 -51.46
N ASP B 720 21.39 22.76 -50.69
CA ASP B 720 22.55 21.99 -50.22
C ASP B 720 22.13 20.86 -49.28
N LEU B 721 21.18 21.14 -48.38
CA LEU B 721 20.71 20.11 -47.45
C LEU B 721 19.93 19.02 -48.16
N ARG B 722 19.22 19.37 -49.23
CA ARG B 722 18.37 18.39 -49.90
C ARG B 722 19.15 17.45 -50.80
N ASN B 723 20.26 17.91 -51.38
CA ASN B 723 21.03 17.12 -52.33
C ASN B 723 22.39 16.71 -51.77
N ASP B 724 22.56 16.72 -50.45
CA ASP B 724 23.81 16.23 -49.86
C ASP B 724 23.93 14.72 -50.00
N ASP B 725 22.80 14.00 -49.96
CA ASP B 725 22.75 12.56 -50.19
C ASP B 725 23.63 11.80 -49.19
N ASN B 726 23.30 11.98 -47.91
CA ASN B 726 23.89 11.20 -46.83
C ASN B 726 22.77 10.84 -45.85
N THR B 727 23.09 9.93 -44.94
CA THR B 727 22.10 9.48 -43.97
C THR B 727 21.65 10.63 -43.07
N LYS B 728 20.37 10.66 -42.75
CA LYS B 728 19.79 11.70 -41.91
C LYS B 728 18.69 11.09 -41.04
N LYS B 729 18.39 11.79 -39.94
CA LYS B 729 17.43 11.26 -38.98
C LYS B 729 16.02 11.25 -39.54
N SER B 730 15.63 12.31 -40.25
CA SER B 730 14.27 12.43 -40.76
C SER B 730 14.31 12.92 -42.20
N PRO B 731 13.37 12.47 -43.03
CA PRO B 731 13.28 13.00 -44.40
C PRO B 731 12.81 14.45 -44.39
N ILE B 732 13.18 15.16 -45.44
CA ILE B 732 12.83 16.57 -45.58
C ILE B 732 11.90 16.74 -46.78
N THR B 733 11.27 17.91 -46.85
CA THR B 733 10.31 18.23 -47.90
C THR B 733 10.16 19.74 -47.96
N ALA B 734 9.15 20.21 -48.69
CA ALA B 734 8.90 21.65 -48.79
C ALA B 734 8.52 22.26 -47.44
N ARG B 735 8.02 21.45 -46.50
CA ARG B 735 7.65 21.98 -45.19
C ARG B 735 8.88 22.49 -44.43
N THR B 736 10.03 21.83 -44.62
CA THR B 736 11.23 22.24 -43.90
C THR B 736 11.67 23.63 -44.30
N LEU B 737 11.53 23.99 -45.59
CA LEU B 737 11.85 25.35 -46.01
C LEU B 737 10.91 26.36 -45.37
N GLU B 738 9.63 26.04 -45.28
CA GLU B 738 8.69 26.93 -44.60
C GLU B 738 9.05 27.06 -43.12
N THR B 739 9.51 25.97 -42.51
CA THR B 739 10.02 26.04 -41.14
C THR B 739 11.22 26.97 -41.04
N LEU B 740 12.12 26.89 -42.02
CA LEU B 740 13.27 27.79 -42.04
C LEU B 740 12.83 29.25 -42.12
N ILE B 741 11.83 29.53 -42.95
CA ILE B 741 11.32 30.89 -43.07
C ILE B 741 10.73 31.36 -41.74
N ARG B 742 9.92 30.50 -41.10
CA ARG B 742 9.33 30.89 -39.82
C ARG B 742 10.39 31.12 -38.76
N LEU B 743 11.42 30.27 -38.72
CA LEU B 743 12.51 30.48 -37.76
C LEU B 743 13.27 31.76 -38.06
N ALA B 744 13.48 32.09 -39.33
CA ALA B 744 14.14 33.34 -39.68
C ALA B 744 13.32 34.54 -39.20
N THR B 745 12.00 34.48 -39.36
CA THR B 745 11.14 35.55 -38.86
C THR B 745 11.22 35.64 -37.34
N ALA B 746 11.22 34.49 -36.66
CA ALA B 746 11.31 34.49 -35.20
C ALA B 746 12.62 35.11 -34.72
N HIS B 747 13.73 34.80 -35.41
CA HIS B 747 15.00 35.39 -35.04
C HIS B 747 15.08 36.86 -35.44
N ALA B 748 14.35 37.28 -36.47
CA ALA B 748 14.24 38.71 -36.74
C ALA B 748 13.46 39.42 -35.65
N LYS B 749 12.54 38.71 -34.99
CA LYS B 749 11.84 39.27 -33.84
C LYS B 749 12.70 39.29 -32.59
N VAL B 750 13.61 38.33 -32.42
CA VAL B 750 14.31 38.21 -31.15
C VAL B 750 15.26 39.38 -30.93
N ARG B 751 15.80 39.97 -31.99
CA ARG B 751 16.76 41.06 -31.85
C ARG B 751 16.12 42.43 -32.03
N LEU B 752 14.78 42.49 -32.07
CA LEU B 752 14.03 43.74 -32.16
C LEU B 752 14.44 44.56 -33.38
N SER B 753 14.30 43.95 -34.55
CA SER B 753 14.54 44.60 -35.83
C SER B 753 13.33 44.39 -36.73
N LYS B 754 13.10 45.36 -37.61
CA LYS B 754 11.96 45.32 -38.52
C LYS B 754 12.28 44.61 -39.83
N THR B 755 13.53 44.20 -40.05
CA THR B 755 13.93 43.52 -41.27
C THR B 755 14.76 42.30 -40.90
N VAL B 756 14.81 41.35 -41.83
CA VAL B 756 15.50 40.08 -41.61
C VAL B 756 16.92 40.19 -42.14
N ASN B 757 17.89 39.93 -41.30
CA ASN B 757 19.30 39.91 -41.69
C ASN B 757 19.71 38.49 -42.06
N LYS B 758 20.72 38.40 -42.94
CA LYS B 758 21.21 37.10 -43.36
C LYS B 758 21.81 36.30 -42.22
N VAL B 759 22.24 36.96 -41.15
CA VAL B 759 22.75 36.25 -39.98
C VAL B 759 21.64 35.42 -39.34
N ASP B 760 20.40 35.90 -39.38
CA ASP B 760 19.27 35.11 -38.90
C ASP B 760 19.09 33.85 -39.74
N ALA B 761 19.24 33.96 -41.06
CA ALA B 761 19.18 32.79 -41.91
C ALA B 761 20.29 31.81 -41.58
N LYS B 762 21.50 32.33 -41.35
CA LYS B 762 22.63 31.45 -41.01
C LYS B 762 22.39 30.72 -39.70
N VAL B 763 21.92 31.42 -38.67
CA VAL B 763 21.71 30.78 -37.39
C VAL B 763 20.56 29.78 -37.45
N ALA B 764 19.51 30.10 -38.22
CA ALA B 764 18.42 29.14 -38.40
C ALA B 764 18.92 27.89 -39.12
N ALA B 765 19.75 28.06 -40.15
CA ALA B 765 20.30 26.91 -40.85
C ALA B 765 21.17 26.07 -39.94
N ASN B 766 21.98 26.71 -39.10
CA ASN B 766 22.83 25.97 -38.16
C ASN B 766 21.98 25.19 -37.16
N LEU B 767 20.93 25.82 -36.63
CA LEU B 767 20.07 25.12 -35.68
C LEU B 767 19.37 23.93 -36.33
N LEU B 768 18.87 24.11 -37.56
CA LEU B 768 18.23 23.01 -38.26
C LEU B 768 19.22 21.87 -38.53
N ARG B 769 20.44 22.22 -38.94
CA ARG B 769 21.44 21.19 -39.23
C ARG B 769 21.80 20.42 -37.96
N PHE B 770 21.86 21.09 -36.82
CA PHE B 770 22.07 20.36 -35.57
C PHE B 770 20.89 19.45 -35.28
N ALA B 771 19.66 19.99 -35.37
CA ALA B 771 18.48 19.22 -35.03
C ALA B 771 18.22 18.06 -35.98
N LEU B 772 18.85 18.05 -37.15
CA LEU B 772 18.64 16.99 -38.12
C LEU B 772 19.87 16.11 -38.35
N LEU B 773 21.07 16.64 -38.18
CA LEU B 773 22.30 15.87 -38.35
C LEU B 773 23.06 15.67 -37.05
N GLY B 774 23.34 16.75 -36.32
CA GLY B 774 24.07 16.67 -35.07
C GLY B 774 25.45 17.30 -35.15
N GLU B 775 25.56 18.52 -34.64
CA GLU B 775 26.81 19.29 -34.66
C GLU B 775 27.45 19.31 -36.05
N THR C 183 -71.82 29.16 -48.87
CA THR C 183 -72.79 30.25 -48.78
C THR C 183 -74.17 29.80 -49.26
N ASN C 184 -75.14 30.71 -49.23
CA ASN C 184 -76.52 30.41 -49.57
C ASN C 184 -76.83 30.56 -51.05
N VAL C 185 -75.82 30.48 -51.92
CA VAL C 185 -76.01 30.65 -53.35
C VAL C 185 -76.03 29.31 -54.08
N SER C 186 -75.10 28.41 -53.74
CA SER C 186 -74.97 27.14 -54.46
C SER C 186 -76.09 26.16 -54.17
N ILE C 187 -76.96 26.45 -53.20
CA ILE C 187 -77.96 25.47 -52.78
C ILE C 187 -79.01 25.25 -53.86
N GLN C 188 -79.41 26.31 -54.57
CA GLN C 188 -80.59 26.24 -55.41
C GLN C 188 -80.28 25.91 -56.87
N GLU C 189 -79.51 26.76 -57.55
CA GLU C 189 -79.39 26.66 -58.99
C GLU C 189 -78.24 25.77 -59.45
N CYS C 190 -77.17 25.68 -58.66
CA CYS C 190 -76.03 24.85 -59.05
C CYS C 190 -76.43 23.38 -59.14
N THR C 191 -77.28 22.93 -58.22
CA THR C 191 -77.75 21.55 -58.26
C THR C 191 -78.47 21.25 -59.57
N THR C 192 -79.41 22.11 -59.95
CA THR C 192 -80.16 21.90 -61.19
C THR C 192 -79.24 21.98 -62.40
N ASN C 193 -78.31 22.94 -62.42
CA ASN C 193 -77.41 23.08 -63.56
C ASN C 193 -76.53 21.84 -63.71
N PHE C 194 -75.97 21.35 -62.61
CA PHE C 194 -75.10 20.20 -62.72
C PHE C 194 -75.89 18.92 -62.99
N ARG C 195 -77.15 18.86 -62.56
CA ARG C 195 -77.99 17.73 -62.95
C ARG C 195 -78.27 17.75 -64.45
N ASN C 196 -78.56 18.93 -65.00
CA ASN C 196 -78.77 19.04 -66.44
C ASN C 196 -77.52 18.63 -67.21
N PHE C 197 -76.34 19.09 -66.77
CA PHE C 197 -75.13 18.67 -67.46
C PHE C 197 -74.67 17.27 -67.08
N LEU C 198 -75.23 16.67 -66.04
CA LEU C 198 -75.03 15.25 -65.80
C LEU C 198 -75.79 14.43 -66.83
N MET C 199 -77.05 14.79 -67.09
CA MET C 199 -77.83 14.06 -68.07
C MET C 199 -77.52 14.47 -69.50
N SER C 200 -76.79 15.56 -69.73
CA SER C 200 -76.54 16.06 -71.07
C SER C 200 -75.04 16.22 -71.39
N PHE C 201 -74.17 15.50 -70.69
CA PHE C 201 -72.74 15.62 -70.95
C PHE C 201 -72.31 14.66 -72.05
N LYS C 202 -71.35 15.10 -72.87
CA LYS C 202 -70.67 14.23 -73.81
C LYS C 202 -69.21 14.66 -73.89
N TYR C 203 -68.30 13.69 -73.86
CA TYR C 203 -66.88 14.01 -73.93
C TYR C 203 -66.45 14.49 -75.30
N LYS C 204 -67.37 14.60 -76.26
CA LYS C 204 -67.05 15.21 -77.53
C LYS C 204 -66.67 16.67 -77.36
N PHE C 205 -67.19 17.34 -76.33
CA PHE C 205 -66.77 18.70 -76.04
C PHE C 205 -65.28 18.74 -75.69
N ARG C 206 -64.85 17.83 -74.82
CA ARG C 206 -63.43 17.74 -74.49
C ARG C 206 -62.61 17.35 -75.70
N LYS C 207 -63.14 16.46 -76.54
CA LYS C 207 -62.44 16.06 -77.75
C LYS C 207 -62.23 17.26 -78.68
N ILE C 208 -63.26 18.09 -78.85
CA ILE C 208 -63.14 19.29 -79.67
C ILE C 208 -62.15 20.27 -79.05
N LEU C 209 -62.20 20.43 -77.72
CA LEU C 209 -61.25 21.31 -77.05
C LEU C 209 -59.82 20.86 -77.28
N ASP C 210 -59.58 19.54 -77.21
CA ASP C 210 -58.25 19.02 -77.51
C ASP C 210 -57.88 19.25 -78.97
N GLU C 211 -58.83 19.06 -79.88
CA GLU C 211 -58.62 19.21 -81.32
C GLU C 211 -57.52 18.25 -81.79
N ARG C 212 -57.84 16.97 -81.70
CA ARG C 212 -56.92 15.90 -82.10
C ARG C 212 -56.57 15.99 -83.57
N GLU C 223 -70.87 8.38 -75.58
CA GLU C 223 -70.18 9.62 -75.23
C GLU C 223 -70.73 10.20 -73.93
N LEU C 224 -71.97 9.82 -73.60
CA LEU C 224 -72.65 10.27 -72.39
C LEU C 224 -72.10 9.47 -71.22
N TYR C 225 -71.04 10.00 -70.60
CA TYR C 225 -70.33 9.27 -69.55
C TYR C 225 -71.22 9.00 -68.34
N TYR C 226 -71.96 10.03 -67.91
CA TYR C 226 -72.61 9.97 -66.60
C TYR C 226 -73.73 8.93 -66.57
N ILE C 227 -74.58 8.89 -67.60
CA ILE C 227 -75.71 7.98 -67.59
C ILE C 227 -75.25 6.54 -67.73
N LYS C 228 -74.30 6.28 -68.62
CA LYS C 228 -73.80 4.91 -68.76
C LYS C 228 -73.07 4.46 -67.51
N GLN C 229 -72.34 5.36 -66.85
CA GLN C 229 -71.66 5.00 -65.62
C GLN C 229 -72.66 4.75 -64.50
N LEU C 230 -73.73 5.52 -64.44
CA LEU C 230 -74.77 5.29 -63.43
C LEU C 230 -75.49 3.97 -63.68
N ASN C 231 -75.72 3.62 -64.95
CA ASN C 231 -76.31 2.32 -65.25
C ASN C 231 -75.35 1.18 -64.89
N GLU C 232 -74.06 1.40 -65.11
CA GLU C 232 -73.05 0.42 -64.68
C GLU C 232 -73.10 0.23 -63.17
N MET C 233 -73.23 1.33 -62.43
CA MET C 233 -73.40 1.25 -60.98
C MET C 233 -74.67 0.47 -60.61
N ARG C 234 -75.77 0.75 -61.32
CA ARG C 234 -77.03 0.08 -61.05
C ARG C 234 -76.91 -1.43 -61.25
N GLU C 235 -76.25 -1.85 -62.33
CA GLU C 235 -76.08 -3.28 -62.58
C GLU C 235 -74.95 -3.89 -61.76
N LEU C 236 -74.11 -3.08 -61.13
CA LEU C 236 -73.01 -3.57 -60.32
C LEU C 236 -73.32 -3.58 -58.83
N GLY C 237 -74.04 -2.59 -58.33
CA GLY C 237 -74.35 -2.49 -56.92
C GLY C 237 -73.36 -1.71 -56.08
N THR C 238 -72.27 -1.24 -56.66
CA THR C 238 -71.28 -0.48 -55.92
C THR C 238 -71.80 0.94 -55.65
N SER C 239 -71.00 1.72 -54.92
CA SER C 239 -71.32 3.12 -54.61
C SER C 239 -70.02 3.91 -54.73
N ASN C 240 -69.75 4.43 -55.92
CA ASN C 240 -68.49 5.12 -56.20
C ASN C 240 -68.57 5.90 -57.51
N LEU C 241 -68.17 7.17 -57.49
CA LEU C 241 -68.17 7.99 -58.69
C LEU C 241 -66.80 8.64 -58.86
N ASN C 242 -66.30 8.65 -60.09
CA ASN C 242 -65.12 9.40 -60.46
C ASN C 242 -65.55 10.66 -61.22
N LEU C 243 -64.80 11.74 -61.03
CA LEU C 243 -65.17 13.03 -61.60
C LEU C 243 -63.92 13.84 -61.87
N ASP C 244 -63.63 14.09 -63.13
CA ASP C 244 -62.50 14.90 -63.54
C ASP C 244 -62.90 16.37 -63.62
N ALA C 245 -61.97 17.24 -63.24
CA ALA C 245 -62.26 18.67 -63.25
C ALA C 245 -62.21 19.26 -64.66
N ARG C 246 -61.32 18.76 -65.52
CA ARG C 246 -61.18 19.31 -66.86
C ARG C 246 -62.46 19.10 -67.68
N ASN C 247 -63.05 17.90 -67.60
CA ASN C 247 -64.36 17.69 -68.20
C ASN C 247 -65.42 18.56 -67.51
N LEU C 248 -65.31 18.69 -66.18
CA LEU C 248 -66.16 19.62 -65.45
C LEU C 248 -65.88 21.06 -65.86
N LEU C 249 -64.65 21.36 -66.29
CA LEU C 249 -64.29 22.70 -66.72
C LEU C 249 -64.75 23.03 -68.14
N ALA C 250 -64.96 22.01 -68.98
CA ALA C 250 -65.27 22.24 -70.39
C ALA C 250 -66.62 22.91 -70.61
N TYR C 251 -67.49 22.96 -69.61
CA TYR C 251 -68.83 23.52 -69.75
C TYR C 251 -68.90 24.89 -69.08
N LYS C 252 -69.64 25.81 -69.70
CA LYS C 252 -69.62 27.21 -69.29
C LYS C 252 -70.41 27.44 -67.99
N GLN C 253 -71.54 26.76 -67.80
CA GLN C 253 -72.24 26.89 -66.52
C GLN C 253 -71.49 26.18 -65.41
N THR C 254 -70.79 25.09 -65.73
CA THR C 254 -70.19 24.27 -64.69
C THR C 254 -68.93 24.91 -64.11
N GLU C 255 -68.26 25.77 -64.89
CA GLU C 255 -67.05 26.41 -64.36
C GLU C 255 -67.38 27.36 -63.22
N ASP C 256 -68.58 27.93 -63.20
CA ASP C 256 -69.03 28.65 -62.01
C ASP C 256 -69.15 27.69 -60.82
N LEU C 257 -69.74 26.51 -61.06
CA LEU C 257 -69.76 25.49 -60.02
C LEU C 257 -68.36 25.01 -59.69
N TYR C 258 -67.46 25.03 -60.68
CA TYR C 258 -66.05 24.71 -60.41
C TYR C 258 -65.45 25.68 -59.40
N HIS C 259 -65.60 26.98 -59.66
CA HIS C 259 -65.06 27.99 -58.74
C HIS C 259 -65.72 27.90 -57.37
N GLN C 260 -67.03 27.66 -57.33
CA GLN C 260 -67.70 27.55 -56.03
C GLN C 260 -67.29 26.29 -55.29
N LEU C 261 -66.97 25.21 -56.01
CA LEU C 261 -66.41 24.03 -55.37
C LEU C 261 -65.03 24.32 -54.78
N LEU C 262 -64.22 25.10 -55.49
CA LEU C 262 -62.92 25.48 -54.94
C LEU C 262 -63.08 26.24 -53.62
N ASN C 263 -64.04 27.16 -53.55
CA ASN C 263 -64.20 27.97 -52.34
C ASN C 263 -64.82 27.17 -51.20
N TYR C 264 -65.85 26.39 -51.49
CA TYR C 264 -66.64 25.70 -50.46
C TYR C 264 -66.73 24.22 -50.81
N PRO C 265 -65.73 23.43 -50.41
CA PRO C 265 -65.72 22.00 -50.76
C PRO C 265 -66.83 21.20 -50.10
N GLN C 266 -66.97 21.33 -48.79
CA GLN C 266 -67.82 20.40 -48.04
C GLN C 266 -69.27 20.49 -48.47
N GLU C 267 -69.82 21.72 -48.54
CA GLU C 267 -71.22 21.88 -48.89
C GLU C 267 -71.50 21.42 -50.31
N VAL C 268 -70.60 21.74 -51.24
CA VAL C 268 -70.78 21.33 -52.63
C VAL C 268 -70.76 19.80 -52.74
N ILE C 269 -69.82 19.16 -52.05
CA ILE C 269 -69.74 17.70 -52.09
C ILE C 269 -71.00 17.07 -51.49
N SER C 270 -71.47 17.61 -50.36
CA SER C 270 -72.66 17.05 -49.72
C SER C 270 -73.88 17.18 -50.63
N ILE C 271 -74.08 18.36 -51.22
CA ILE C 271 -75.23 18.55 -52.08
C ILE C 271 -75.10 17.72 -53.35
N MET C 272 -73.88 17.51 -53.84
CA MET C 272 -73.66 16.65 -54.99
C MET C 272 -74.03 15.21 -54.68
N ASP C 273 -73.64 14.72 -53.50
CA ASP C 273 -73.99 13.36 -53.10
C ASP C 273 -75.49 13.21 -52.94
N GLN C 274 -76.15 14.21 -52.35
CA GLN C 274 -77.61 14.17 -52.27
C GLN C 274 -78.25 14.15 -53.66
N THR C 275 -77.70 14.94 -54.59
CA THR C 275 -78.22 14.97 -55.95
C THR C 275 -78.07 13.60 -56.61
N ILE C 276 -76.95 12.93 -56.41
CA ILE C 276 -76.74 11.61 -57.00
C ILE C 276 -77.68 10.58 -56.35
N LYS C 277 -77.90 10.70 -55.04
CA LYS C 277 -78.85 9.84 -54.36
C LYS C 277 -80.25 9.98 -54.96
N ASP C 278 -80.64 11.21 -55.30
CA ASP C 278 -81.91 11.41 -56.00
C ASP C 278 -81.86 10.91 -57.43
N CYS C 279 -80.70 11.05 -58.09
CA CYS C 279 -80.59 10.71 -59.50
C CYS C 279 -80.72 9.21 -59.74
N MET C 280 -80.25 8.39 -58.80
CA MET C 280 -80.44 6.94 -58.94
C MET C 280 -81.92 6.61 -59.10
N VAL C 281 -82.76 7.11 -58.19
CA VAL C 281 -84.19 6.84 -58.25
C VAL C 281 -84.81 7.51 -59.48
N SER C 282 -84.33 8.71 -59.83
CA SER C 282 -84.86 9.39 -61.01
C SER C 282 -84.55 8.63 -62.29
N LEU C 283 -83.46 7.85 -62.31
CA LEU C 283 -83.09 7.08 -63.48
C LEU C 283 -83.72 5.70 -63.51
N ILE C 284 -83.97 5.08 -62.36
CA ILE C 284 -84.56 3.74 -62.36
C ILE C 284 -86.04 3.80 -62.72
N VAL C 285 -86.59 4.99 -62.85
CA VAL C 285 -87.98 5.15 -63.25
C VAL C 285 -88.08 5.47 -64.73
N ASP C 292 -84.06 -1.01 -57.69
CA ASP C 292 -85.23 -1.72 -57.18
C ASP C 292 -85.78 -1.05 -55.94
N LEU C 293 -85.20 0.11 -55.60
CA LEU C 293 -85.54 0.94 -54.45
C LEU C 293 -85.17 0.29 -53.12
N ASP C 294 -84.77 -0.99 -53.12
CA ASP C 294 -84.39 -1.68 -51.90
C ASP C 294 -82.91 -1.64 -51.63
N GLU C 295 -82.07 -1.78 -52.66
CA GLU C 295 -80.63 -1.69 -52.51
C GLU C 295 -80.14 -0.25 -52.40
N ILE C 296 -81.00 0.73 -52.71
CA ILE C 296 -80.59 2.12 -52.70
C ILE C 296 -80.67 2.69 -51.28
N GLU C 297 -81.72 2.33 -50.54
CA GLU C 297 -81.91 2.85 -49.19
C GLU C 297 -80.85 2.38 -48.21
N THR C 298 -80.06 1.36 -48.57
CA THR C 298 -78.99 0.88 -47.70
C THR C 298 -77.65 1.56 -48.01
N LYS C 299 -77.40 1.85 -49.28
CA LYS C 299 -76.11 2.40 -49.69
C LYS C 299 -76.15 3.93 -49.69
N PHE C 300 -74.97 4.52 -49.51
CA PHE C 300 -74.78 5.95 -49.68
C PHE C 300 -74.13 6.22 -51.02
N TYR C 301 -73.78 7.48 -51.27
CA TYR C 301 -73.12 7.87 -52.50
C TYR C 301 -72.08 8.94 -52.21
N LYS C 302 -70.91 8.80 -52.83
CA LYS C 302 -69.82 9.75 -52.65
C LYS C 302 -69.14 9.99 -53.99
N VAL C 303 -68.50 11.14 -54.11
CA VAL C 303 -67.75 11.52 -55.29
C VAL C 303 -66.28 11.54 -54.96
N ARG C 304 -65.46 11.44 -56.00
CA ARG C 304 -64.00 11.45 -55.88
C ARG C 304 -63.42 12.41 -56.92
N PRO C 305 -63.61 13.72 -56.72
CA PRO C 305 -63.08 14.69 -57.69
C PRO C 305 -61.57 14.69 -57.70
N TYR C 306 -61.01 15.04 -58.85
CA TYR C 306 -59.56 15.03 -59.02
C TYR C 306 -59.16 16.01 -60.11
N ASN C 307 -57.85 16.26 -60.20
CA ASN C 307 -57.26 17.14 -61.20
C ASN C 307 -57.86 18.55 -61.13
N VAL C 308 -58.14 19.00 -59.90
CA VAL C 308 -58.67 20.35 -59.72
C VAL C 308 -57.64 21.40 -60.10
N GLY C 309 -56.41 21.24 -59.60
CA GLY C 309 -55.35 22.18 -59.88
C GLY C 309 -54.01 21.47 -59.98
N SER C 310 -52.98 22.25 -60.28
CA SER C 310 -51.63 21.72 -60.37
C SER C 310 -51.14 21.27 -59.00
N CYS C 311 -50.25 20.29 -59.01
CA CYS C 311 -49.70 19.77 -57.77
C CYS C 311 -48.80 20.80 -57.11
N LYS C 312 -49.04 21.06 -55.83
CA LYS C 312 -48.25 22.00 -55.05
C LYS C 312 -47.46 21.24 -53.99
N GLY C 313 -46.31 21.80 -53.61
CA GLY C 313 -45.40 21.18 -52.67
C GLY C 313 -45.45 21.83 -51.31
N MET C 314 -44.85 21.13 -50.34
CA MET C 314 -44.82 21.64 -48.97
C MET C 314 -43.95 22.89 -48.84
N ARG C 315 -43.09 23.17 -49.82
CA ARG C 315 -42.23 24.34 -49.76
C ARG C 315 -42.95 25.63 -50.11
N GLU C 316 -44.15 25.55 -50.69
CA GLU C 316 -44.95 26.74 -51.02
C GLU C 316 -46.40 26.46 -50.62
N LEU C 317 -46.72 26.77 -49.36
CA LEU C 317 -48.10 26.64 -48.85
C LEU C 317 -48.38 27.87 -47.99
N ASN C 318 -48.93 28.90 -48.61
CA ASN C 318 -49.28 30.11 -47.90
C ASN C 318 -50.53 29.89 -47.06
N PRO C 319 -50.72 30.68 -46.00
CA PRO C 319 -51.98 30.61 -45.25
C PRO C 319 -53.19 31.10 -46.03
N ASN C 320 -52.99 31.71 -47.19
CA ASN C 320 -54.09 32.16 -48.04
C ASN C 320 -54.84 30.99 -48.67
N ASP C 321 -54.30 29.78 -48.60
CA ASP C 321 -54.90 28.61 -49.24
C ASP C 321 -55.58 27.68 -48.25
N ILE C 322 -56.01 28.23 -47.11
CA ILE C 322 -56.72 27.44 -46.11
C ILE C 322 -58.14 27.19 -46.58
N ASP C 323 -58.59 25.94 -46.41
CA ASP C 323 -59.94 25.52 -46.79
C ASP C 323 -60.15 25.61 -48.30
N LYS C 324 -59.15 25.17 -49.06
CA LYS C 324 -59.23 25.14 -50.52
C LYS C 324 -58.66 23.82 -51.01
N LEU C 325 -59.09 23.43 -52.21
CA LEU C 325 -58.69 22.14 -52.78
C LEU C 325 -57.34 22.27 -53.49
N ILE C 326 -56.40 21.39 -53.12
CA ILE C 326 -55.10 21.31 -53.77
C ILE C 326 -54.75 19.85 -54.00
N ASN C 327 -53.82 19.62 -54.91
CA ASN C 327 -53.36 18.28 -55.26
C ASN C 327 -51.91 18.11 -54.84
N LEU C 328 -51.59 16.96 -54.28
CA LEU C 328 -50.25 16.68 -53.78
C LEU C 328 -49.76 15.34 -54.31
N LYS C 329 -48.48 15.29 -54.67
CA LYS C 329 -47.77 14.04 -54.93
C LYS C 329 -46.72 13.85 -53.85
N GLY C 330 -46.51 12.59 -53.45
CA GLY C 330 -45.55 12.33 -52.41
C GLY C 330 -45.38 10.84 -52.18
N LEU C 331 -44.47 10.52 -51.26
CA LEU C 331 -44.15 9.15 -50.88
C LEU C 331 -44.61 8.90 -49.47
N VAL C 332 -45.33 7.79 -49.26
CA VAL C 332 -45.83 7.45 -47.94
C VAL C 332 -44.67 7.00 -47.07
N LEU C 333 -44.57 7.60 -45.88
CA LEU C 333 -43.52 7.25 -44.93
C LEU C 333 -44.00 6.20 -43.93
N ARG C 334 -45.15 6.44 -43.29
CA ARG C 334 -45.63 5.55 -42.25
C ARG C 334 -47.14 5.67 -42.15
N SER C 335 -47.79 4.57 -41.78
CA SER C 335 -49.22 4.52 -41.55
C SER C 335 -49.48 4.33 -40.06
N THR C 336 -50.76 4.36 -39.70
CA THR C 336 -51.20 4.20 -38.32
C THR C 336 -52.37 3.23 -38.28
N PRO C 337 -52.57 2.54 -37.15
CA PRO C 337 -53.74 1.67 -37.03
C PRO C 337 -55.03 2.48 -37.04
N VAL C 338 -56.13 1.79 -37.34
CA VAL C 338 -57.42 2.46 -37.44
C VAL C 338 -57.80 3.05 -36.09
N ILE C 339 -58.27 4.28 -36.12
CA ILE C 339 -58.63 5.03 -34.92
C ILE C 339 -60.16 5.11 -34.88
N PRO C 340 -60.81 4.48 -33.90
CA PRO C 340 -62.27 4.62 -33.78
C PRO C 340 -62.66 6.07 -33.57
N ASP C 341 -63.77 6.47 -34.19
CA ASP C 341 -64.24 7.85 -34.12
C ASP C 341 -65.69 7.85 -33.65
N MET C 342 -65.99 8.65 -32.62
CA MET C 342 -67.31 8.69 -32.04
C MET C 342 -68.31 9.29 -33.03
N LYS C 343 -69.44 8.62 -33.21
CA LYS C 343 -70.52 9.16 -34.03
C LYS C 343 -71.86 9.17 -33.31
N VAL C 344 -72.18 8.12 -32.56
CA VAL C 344 -73.44 8.01 -31.84
C VAL C 344 -73.15 7.55 -30.42
N ALA C 345 -73.70 8.27 -29.44
CA ALA C 345 -73.54 7.90 -28.05
C ALA C 345 -74.67 6.97 -27.60
N PHE C 346 -74.38 6.15 -26.60
CA PHE C 346 -75.35 5.22 -26.03
C PHE C 346 -75.33 5.37 -24.52
N PHE C 347 -76.41 5.92 -23.97
CA PHE C 347 -76.53 6.16 -22.54
C PHE C 347 -77.54 5.19 -21.94
N LYS C 348 -77.50 5.06 -20.62
CA LYS C 348 -78.40 4.17 -19.90
C LYS C 348 -78.69 4.73 -18.52
N CYS C 349 -79.97 4.78 -18.17
CA CYS C 349 -80.39 5.18 -16.81
C CYS C 349 -80.25 3.96 -15.92
N ASN C 350 -79.16 3.89 -15.16
CA ASN C 350 -78.82 2.67 -14.42
C ASN C 350 -79.88 2.32 -13.38
N VAL C 351 -80.60 3.31 -12.86
CA VAL C 351 -81.62 3.03 -11.86
C VAL C 351 -82.79 2.27 -12.47
N CYS C 352 -83.26 2.72 -13.63
CA CYS C 352 -84.41 2.12 -14.29
C CYS C 352 -84.03 1.30 -15.52
N ASP C 353 -82.75 1.19 -15.84
CA ASP C 353 -82.26 0.38 -16.97
C ASP C 353 -82.93 0.80 -18.28
N HIS C 354 -83.01 2.11 -18.50
CA HIS C 354 -83.57 2.68 -19.72
C HIS C 354 -82.47 3.32 -20.55
N THR C 355 -82.50 3.07 -21.85
CA THR C 355 -81.45 3.51 -22.75
C THR C 355 -81.99 4.50 -23.76
N MET C 356 -81.12 5.43 -24.19
CA MET C 356 -81.45 6.39 -25.23
C MET C 356 -80.22 6.64 -26.07
N ALA C 357 -80.45 6.99 -27.35
CA ALA C 357 -79.38 7.27 -28.29
C ALA C 357 -79.27 8.77 -28.52
N VAL C 358 -78.05 9.30 -28.45
CA VAL C 358 -77.79 10.72 -28.57
C VAL C 358 -76.80 10.95 -29.71
N GLU C 359 -77.15 11.84 -30.63
CA GLU C 359 -76.24 12.22 -31.69
C GLU C 359 -75.25 13.27 -31.18
N ILE C 360 -74.11 13.37 -31.87
CA ILE C 360 -73.07 14.32 -31.52
C ILE C 360 -72.75 15.18 -32.75
N ASP C 361 -71.98 16.24 -32.52
CA ASP C 361 -71.58 17.14 -33.58
C ASP C 361 -70.28 17.82 -33.20
N ARG C 362 -69.35 17.89 -34.16
CA ARG C 362 -68.04 18.52 -33.98
C ARG C 362 -67.25 17.85 -32.86
N GLY C 363 -67.54 16.57 -32.58
CA GLY C 363 -66.85 15.85 -31.53
C GLY C 363 -67.39 16.12 -30.15
N VAL C 364 -67.83 17.36 -29.91
CA VAL C 364 -68.36 17.74 -28.61
C VAL C 364 -69.74 17.12 -28.43
N ILE C 365 -69.97 16.49 -27.29
CA ILE C 365 -71.23 15.83 -26.97
C ILE C 365 -71.92 16.58 -25.86
N GLN C 366 -73.19 16.91 -26.07
CA GLN C 366 -74.01 17.55 -25.04
C GLN C 366 -74.64 16.44 -24.20
N GLU C 367 -74.12 16.25 -23.00
CA GLU C 367 -74.65 15.20 -22.13
C GLU C 367 -76.01 15.60 -21.60
N PRO C 368 -77.00 14.70 -21.58
CA PRO C 368 -78.28 15.02 -20.95
C PRO C 368 -78.15 14.96 -19.43
N ALA C 369 -78.69 15.98 -18.76
CA ALA C 369 -78.57 16.10 -17.32
C ALA C 369 -79.62 15.30 -16.55
N ARG C 370 -80.62 14.74 -17.25
CA ARG C 370 -81.65 13.97 -16.59
C ARG C 370 -82.25 12.98 -17.59
N CYS C 371 -82.67 11.83 -17.07
CA CYS C 371 -83.31 10.83 -17.90
C CYS C 371 -84.66 11.33 -18.40
N GLU C 372 -85.00 10.98 -19.64
CA GLU C 372 -86.24 11.45 -20.24
C GLU C 372 -87.47 10.87 -19.56
N ARG C 373 -87.33 9.74 -18.86
CA ARG C 373 -88.47 9.13 -18.18
C ARG C 373 -88.83 9.96 -16.95
N ILE C 374 -89.92 10.71 -17.04
CA ILE C 374 -90.38 11.51 -15.91
C ILE C 374 -90.90 10.67 -14.76
N ASP C 375 -91.14 9.38 -14.99
CA ASP C 375 -91.60 8.51 -13.91
C ASP C 375 -90.54 8.38 -12.82
N CYS C 376 -89.26 8.32 -13.22
CA CYS C 376 -88.15 8.35 -12.28
C CYS C 376 -87.48 9.73 -12.24
N ASN C 377 -87.09 10.25 -13.41
CA ASN C 377 -86.59 11.63 -13.56
C ASN C 377 -85.40 11.90 -12.65
N GLU C 378 -84.50 10.92 -12.55
CA GLU C 378 -83.36 11.23 -11.69
C GLU C 378 -82.23 11.85 -12.50
N PRO C 379 -81.50 12.81 -11.93
CA PRO C 379 -80.47 13.53 -12.69
C PRO C 379 -79.16 12.78 -12.84
N ASN C 380 -78.76 12.04 -11.80
CA ASN C 380 -77.44 11.44 -11.74
C ASN C 380 -77.44 9.96 -12.11
N SER C 381 -78.55 9.44 -12.62
CA SER C 381 -78.68 8.02 -12.92
C SER C 381 -78.23 7.68 -14.35
N MET C 382 -77.69 8.64 -15.08
CA MET C 382 -77.35 8.45 -16.49
C MET C 382 -75.88 8.10 -16.62
N SER C 383 -75.60 6.94 -17.22
CA SER C 383 -74.24 6.44 -17.36
C SER C 383 -73.99 6.00 -18.79
N LEU C 384 -72.80 6.33 -19.30
CA LEU C 384 -72.44 6.00 -20.67
C LEU C 384 -71.98 4.55 -20.80
N ILE C 385 -72.33 3.92 -21.91
CA ILE C 385 -71.88 2.58 -22.25
C ILE C 385 -70.91 2.69 -23.41
N HIS C 386 -69.67 2.26 -23.20
CA HIS C 386 -68.62 2.47 -24.19
C HIS C 386 -68.78 1.53 -25.38
N ASN C 387 -69.12 0.28 -25.14
CA ASN C 387 -69.01 -0.77 -26.16
C ASN C 387 -70.33 -1.04 -26.88
N ARG C 388 -71.36 -0.21 -26.68
CA ARG C 388 -72.62 -0.36 -27.39
C ARG C 388 -72.91 0.83 -28.29
N CYS C 389 -71.89 1.59 -28.66
CA CYS C 389 -72.05 2.77 -29.50
C CYS C 389 -71.72 2.43 -30.95
N SER C 390 -71.64 3.46 -31.79
CA SER C 390 -71.28 3.32 -33.19
C SER C 390 -70.04 4.16 -33.47
N PHE C 391 -69.15 3.66 -34.32
CA PHE C 391 -67.86 4.28 -34.55
C PHE C 391 -67.53 4.30 -36.03
N ALA C 392 -66.60 5.18 -36.38
CA ALA C 392 -66.04 5.27 -37.72
C ALA C 392 -64.53 5.07 -37.64
N ASP C 393 -63.96 4.62 -38.76
CA ASP C 393 -62.54 4.24 -38.81
C ASP C 393 -61.71 5.38 -39.42
N LYS C 394 -61.05 6.13 -38.56
CA LYS C 394 -60.13 7.18 -38.98
C LYS C 394 -58.71 6.65 -39.01
N GLN C 395 -57.93 7.13 -39.98
CA GLN C 395 -56.55 6.71 -40.11
C GLN C 395 -55.70 7.91 -40.55
N VAL C 396 -54.51 8.01 -40.00
CA VAL C 396 -53.59 9.11 -40.27
C VAL C 396 -52.40 8.58 -41.07
N ILE C 397 -52.09 9.24 -42.17
CA ILE C 397 -51.00 8.85 -43.07
C ILE C 397 -49.97 9.96 -43.06
N LYS C 398 -48.69 9.59 -42.93
CA LYS C 398 -47.58 10.53 -43.02
C LYS C 398 -47.04 10.53 -44.43
N LEU C 399 -46.84 11.72 -45.00
CA LEU C 399 -46.43 11.88 -46.39
C LEU C 399 -45.21 12.79 -46.46
N GLN C 400 -44.29 12.44 -47.37
CA GLN C 400 -43.10 13.24 -47.62
C GLN C 400 -43.11 13.73 -49.06
N GLU C 401 -42.50 14.88 -49.28
CA GLU C 401 -42.43 15.44 -50.62
C GLU C 401 -41.54 14.59 -51.52
N THR C 402 -41.82 14.64 -52.82
CA THR C 402 -40.97 13.96 -53.78
C THR C 402 -39.59 14.61 -53.82
N PRO C 403 -38.54 13.83 -54.05
CA PRO C 403 -37.18 14.40 -54.04
C PRO C 403 -36.90 15.38 -55.17
N ASP C 404 -37.78 15.47 -56.18
CA ASP C 404 -37.53 16.35 -57.30
C ASP C 404 -37.70 17.82 -56.95
N PHE C 405 -38.33 18.13 -55.82
CA PHE C 405 -38.55 19.51 -55.42
C PHE C 405 -37.38 20.11 -54.66
N VAL C 406 -36.33 19.34 -54.40
CA VAL C 406 -35.19 19.78 -53.63
C VAL C 406 -33.96 19.79 -54.54
N PRO C 407 -33.58 20.95 -55.09
CA PRO C 407 -32.48 20.99 -56.04
C PRO C 407 -31.10 21.18 -55.41
N ASP C 408 -31.04 21.75 -54.21
CA ASP C 408 -29.78 22.18 -53.61
C ASP C 408 -29.47 21.43 -52.32
N GLY C 409 -29.80 20.14 -52.28
CA GLY C 409 -29.42 19.31 -51.16
C GLY C 409 -30.04 19.71 -49.83
N GLN C 410 -31.26 20.23 -49.85
CA GLN C 410 -31.98 20.52 -48.63
C GLN C 410 -32.68 19.26 -48.11
N THR C 411 -33.40 19.40 -47.00
CA THR C 411 -34.07 18.22 -46.49
C THR C 411 -35.56 18.25 -46.83
N PRO C 412 -36.16 17.10 -47.09
CA PRO C 412 -37.60 17.05 -47.37
C PRO C 412 -38.42 17.38 -46.13
N HIS C 413 -39.68 17.73 -46.35
CA HIS C 413 -40.63 18.05 -45.30
C HIS C 413 -41.79 17.08 -45.33
N SER C 414 -42.42 16.91 -44.17
CA SER C 414 -43.48 15.93 -43.99
C SER C 414 -44.80 16.61 -43.67
N ILE C 415 -45.87 16.17 -44.33
CA ILE C 415 -47.22 16.70 -44.13
C ILE C 415 -48.13 15.55 -43.73
N SER C 416 -48.92 15.77 -42.68
CA SER C 416 -49.84 14.74 -42.21
C SER C 416 -51.05 14.64 -43.11
N LEU C 417 -51.65 13.45 -43.16
CA LEU C 417 -52.80 13.16 -43.99
C LEU C 417 -53.88 12.47 -43.16
N CYS C 418 -55.12 12.58 -43.63
CA CYS C 418 -56.26 11.94 -42.99
C CYS C 418 -57.13 11.28 -44.04
N VAL C 419 -57.66 10.09 -43.70
CA VAL C 419 -58.50 9.32 -44.61
C VAL C 419 -59.69 8.79 -43.84
N TYR C 420 -60.72 8.37 -44.60
CA TYR C 420 -61.95 7.85 -44.02
C TYR C 420 -62.45 6.66 -44.83
N ASP C 421 -62.96 5.65 -44.12
CA ASP C 421 -63.70 4.53 -44.71
C ASP C 421 -62.92 3.79 -45.79
N GLU C 422 -63.37 3.93 -47.05
CA GLU C 422 -62.77 3.16 -48.14
C GLU C 422 -61.32 3.54 -48.40
N LEU C 423 -60.87 4.69 -47.89
CA LEU C 423 -59.49 5.11 -48.07
C LEU C 423 -58.54 4.50 -47.06
N VAL C 424 -59.06 3.72 -46.10
CA VAL C 424 -58.21 3.10 -45.09
C VAL C 424 -57.36 2.01 -45.72
N ASP C 425 -56.07 2.00 -45.39
CA ASP C 425 -55.13 0.96 -45.81
C ASP C 425 -54.94 0.92 -47.33
N SER C 426 -55.35 1.97 -48.03
CA SER C 426 -55.17 2.04 -49.47
C SER C 426 -53.73 2.34 -49.87
N CYS C 427 -52.88 2.71 -48.91
CA CYS C 427 -51.47 2.99 -49.18
C CYS C 427 -50.62 2.36 -48.09
N ARG C 428 -49.41 1.94 -48.47
CA ARG C 428 -48.47 1.32 -47.56
C ARG C 428 -47.15 2.07 -47.62
N ALA C 429 -46.16 1.58 -46.88
CA ALA C 429 -44.86 2.23 -46.82
C ALA C 429 -44.16 2.16 -48.17
N GLY C 430 -43.53 3.28 -48.55
CA GLY C 430 -42.80 3.36 -49.79
C GLY C 430 -43.64 3.60 -51.03
N ASP C 431 -44.96 3.73 -50.87
CA ASP C 431 -45.83 3.95 -52.02
C ASP C 431 -45.74 5.38 -52.51
N ARG C 432 -45.75 5.54 -53.84
CA ARG C 432 -45.77 6.85 -54.47
C ARG C 432 -47.19 7.13 -54.96
N ILE C 433 -47.82 8.15 -54.39
CA ILE C 433 -49.24 8.42 -54.64
C ILE C 433 -49.44 9.89 -54.94
N GLU C 434 -50.60 10.19 -55.51
CA GLU C 434 -51.08 11.55 -55.69
C GLU C 434 -52.47 11.66 -55.09
N VAL C 435 -52.73 12.74 -54.37
CA VAL C 435 -53.97 12.89 -53.60
C VAL C 435 -54.61 14.22 -53.93
N THR C 436 -55.93 14.28 -53.73
CA THR C 436 -56.71 15.49 -53.90
C THR C 436 -57.56 15.71 -52.66
N GLY C 437 -57.44 16.87 -52.04
CA GLY C 437 -58.19 17.15 -50.84
C GLY C 437 -58.03 18.59 -50.40
N THR C 438 -58.79 18.95 -49.38
CA THR C 438 -58.81 20.31 -48.85
C THR C 438 -57.76 20.48 -47.75
N PHE C 439 -57.50 21.74 -47.41
CA PHE C 439 -56.53 22.10 -46.39
C PHE C 439 -57.25 22.40 -45.09
N ARG C 440 -56.51 22.31 -43.98
CA ARG C 440 -57.11 22.49 -42.67
C ARG C 440 -56.07 22.99 -41.68
N SER C 441 -56.57 23.59 -40.59
CA SER C 441 -55.74 24.02 -39.48
C SER C 441 -56.46 23.69 -38.17
N ILE C 442 -55.69 23.48 -37.12
CA ILE C 442 -56.26 23.05 -35.84
C ILE C 442 -55.42 23.61 -34.69
N PRO C 443 -56.04 24.04 -33.59
CA PRO C 443 -55.25 24.51 -32.44
C PRO C 443 -54.61 23.36 -31.68
N ILE C 444 -53.57 23.70 -30.93
CA ILE C 444 -52.81 22.73 -30.14
C ILE C 444 -53.16 22.91 -28.67
N ARG C 445 -53.46 21.79 -28.01
CA ARG C 445 -53.90 21.83 -26.61
C ARG C 445 -52.80 22.33 -25.67
N ALA C 446 -51.54 22.13 -26.03
CA ALA C 446 -50.41 22.44 -25.16
C ALA C 446 -50.52 21.67 -23.85
N ASN C 447 -50.86 22.37 -22.77
CA ASN C 447 -51.05 21.73 -21.48
C ASN C 447 -52.44 21.10 -21.43
N SER C 448 -52.50 19.79 -21.17
CA SER C 448 -53.77 19.09 -21.09
C SER C 448 -54.53 19.39 -19.81
N ARG C 449 -53.89 20.05 -18.83
CA ARG C 449 -54.56 20.34 -17.57
C ARG C 449 -55.39 21.61 -17.64
N GLN C 450 -55.06 22.54 -18.54
CA GLN C 450 -55.69 23.84 -18.59
C GLN C 450 -56.34 24.06 -19.95
N ARG C 451 -56.84 25.28 -20.17
CA ARG C 451 -57.52 25.67 -21.41
C ARG C 451 -56.69 26.67 -22.20
N VAL C 452 -55.37 26.66 -22.01
CA VAL C 452 -54.49 27.56 -22.75
C VAL C 452 -54.20 26.96 -24.11
N LEU C 453 -54.14 27.81 -25.14
CA LEU C 453 -53.91 27.37 -26.51
C LEU C 453 -52.74 28.14 -27.10
N LYS C 454 -51.94 27.44 -27.89
CA LYS C 454 -50.80 28.08 -28.54
C LYS C 454 -51.26 28.99 -29.66
N SER C 455 -50.43 29.99 -29.96
CA SER C 455 -50.72 30.94 -31.02
C SER C 455 -50.48 30.37 -32.41
N LEU C 456 -49.88 29.18 -32.51
CA LEU C 456 -49.61 28.52 -33.78
C LEU C 456 -50.54 27.32 -33.95
N TYR C 457 -51.06 27.16 -35.17
CA TYR C 457 -51.97 26.07 -35.49
C TYR C 457 -51.25 25.03 -36.34
N LYS C 458 -51.40 23.76 -35.97
CA LYS C 458 -50.87 22.68 -36.79
C LYS C 458 -51.71 22.52 -38.05
N THR C 459 -51.04 22.14 -39.14
CA THR C 459 -51.68 22.04 -40.44
C THR C 459 -51.72 20.58 -40.89
N TYR C 460 -52.86 20.18 -41.45
CA TYR C 460 -53.03 18.84 -41.96
C TYR C 460 -54.03 18.88 -43.11
N VAL C 461 -53.99 17.84 -43.96
CA VAL C 461 -54.77 17.80 -45.18
C VAL C 461 -55.74 16.63 -45.10
N ASP C 462 -57.02 16.91 -45.40
CA ASP C 462 -58.06 15.90 -45.48
C ASP C 462 -58.34 15.65 -46.96
N VAL C 463 -58.24 14.40 -47.39
CA VAL C 463 -58.32 14.05 -48.79
C VAL C 463 -59.56 13.21 -49.06
N VAL C 464 -59.99 13.24 -50.33
CA VAL C 464 -61.08 12.41 -50.81
C VAL C 464 -60.69 11.59 -52.03
N HIS C 465 -59.43 11.63 -52.44
CA HIS C 465 -59.00 10.95 -53.67
C HIS C 465 -57.56 10.50 -53.52
N VAL C 466 -57.25 9.31 -54.06
CA VAL C 466 -55.88 8.80 -54.13
C VAL C 466 -55.68 8.14 -55.48
N LYS C 467 -54.49 8.32 -56.04
CA LYS C 467 -54.00 7.54 -57.18
C LYS C 467 -52.54 7.22 -56.97
N LYS C 468 -52.07 6.15 -57.58
CA LYS C 468 -50.68 5.71 -57.47
C LYS C 468 -49.89 6.24 -58.65
N VAL C 469 -48.74 6.84 -58.35
CA VAL C 469 -47.83 7.48 -59.31
C VAL C 469 -48.53 8.10 -60.51
N GLN C 504 -57.74 -13.90 -70.70
CA GLN C 504 -57.73 -14.96 -71.70
C GLN C 504 -56.41 -14.99 -72.46
N ASP C 505 -55.37 -14.46 -71.82
CA ASP C 505 -54.05 -14.41 -72.45
C ASP C 505 -53.42 -15.78 -72.61
N LEU C 506 -53.98 -16.81 -71.98
CA LEU C 506 -53.43 -18.16 -72.08
C LEU C 506 -53.40 -18.68 -73.50
N ALA C 507 -54.26 -18.16 -74.39
CA ALA C 507 -54.20 -18.56 -75.79
C ALA C 507 -52.86 -18.16 -76.42
N LYS C 508 -52.37 -16.98 -76.10
CA LYS C 508 -51.09 -16.52 -76.62
C LYS C 508 -49.92 -17.37 -76.12
N ILE C 509 -50.07 -18.02 -74.97
CA ILE C 509 -48.97 -18.80 -74.40
C ILE C 509 -48.71 -20.04 -75.24
N ARG C 510 -49.75 -20.81 -75.54
CA ARG C 510 -49.57 -22.08 -76.24
C ARG C 510 -49.10 -21.87 -77.67
N GLU C 511 -49.42 -20.73 -78.28
CA GLU C 511 -48.88 -20.41 -79.59
C GLU C 511 -47.36 -20.31 -79.53
N VAL C 512 -46.84 -19.65 -78.49
CA VAL C 512 -45.40 -19.58 -78.29
C VAL C 512 -44.86 -20.93 -77.86
N ALA C 513 -45.60 -21.64 -77.01
CA ALA C 513 -45.14 -22.91 -76.45
C ALA C 513 -44.99 -24.01 -77.49
N ALA C 514 -45.57 -23.84 -78.69
CA ALA C 514 -45.45 -24.84 -79.74
C ALA C 514 -44.24 -24.63 -80.64
N ARG C 515 -43.46 -23.58 -80.40
CA ARG C 515 -42.32 -23.28 -81.25
C ARG C 515 -41.14 -24.18 -80.89
N GLU C 516 -40.45 -24.65 -81.94
CA GLU C 516 -39.39 -25.64 -81.73
C GLU C 516 -38.17 -25.03 -81.06
N ASP C 517 -37.72 -23.87 -81.53
CA ASP C 517 -36.54 -23.21 -80.98
C ASP C 517 -36.87 -22.19 -79.91
N LEU C 518 -37.96 -22.41 -79.16
CA LEU C 518 -38.32 -21.50 -78.08
C LEU C 518 -37.26 -21.45 -77.00
N TYR C 519 -36.52 -22.55 -76.81
CA TYR C 519 -35.52 -22.60 -75.75
C TYR C 519 -34.43 -21.54 -75.96
N SER C 520 -33.87 -21.48 -77.18
CA SER C 520 -32.78 -20.54 -77.44
C SER C 520 -33.25 -19.10 -77.35
N LEU C 521 -34.40 -18.80 -77.96
CA LEU C 521 -34.93 -17.44 -77.91
C LEU C 521 -35.25 -17.02 -76.48
N LEU C 522 -35.86 -17.92 -75.70
CA LEU C 522 -36.18 -17.60 -74.32
C LEU C 522 -34.92 -17.38 -73.50
N ALA C 523 -33.88 -18.18 -73.73
CA ALA C 523 -32.62 -18.00 -73.02
C ALA C 523 -31.96 -16.68 -73.39
N ARG C 524 -31.95 -16.32 -74.67
CA ARG C 524 -31.28 -15.11 -75.11
C ARG C 524 -32.11 -13.85 -74.87
N SER C 525 -33.39 -13.99 -74.53
CA SER C 525 -34.22 -12.82 -74.28
C SER C 525 -33.94 -12.17 -72.93
N ILE C 526 -33.45 -12.95 -71.97
CA ILE C 526 -33.23 -12.42 -70.62
C ILE C 526 -32.14 -11.36 -70.63
N ALA C 527 -31.04 -11.60 -71.35
CA ALA C 527 -29.89 -10.70 -71.39
C ALA C 527 -29.69 -10.21 -72.81
N PRO C 528 -30.28 -9.06 -73.17
CA PRO C 528 -30.13 -8.57 -74.55
C PRO C 528 -28.76 -7.98 -74.84
N SER C 529 -28.10 -7.38 -73.85
CA SER C 529 -26.82 -6.70 -74.08
C SER C 529 -25.61 -7.60 -73.85
N ILE C 530 -25.78 -8.72 -73.16
CA ILE C 530 -24.66 -9.60 -72.84
C ILE C 530 -24.25 -10.37 -74.09
N TYR C 531 -22.97 -10.33 -74.42
CA TYR C 531 -22.44 -11.00 -75.60
C TYR C 531 -21.98 -12.41 -75.26
N GLU C 532 -22.38 -13.37 -76.08
CA GLU C 532 -22.04 -14.79 -75.91
C GLU C 532 -22.59 -15.24 -74.55
N LEU C 533 -21.87 -16.10 -73.82
CA LEU C 533 -22.31 -16.61 -72.53
C LEU C 533 -23.68 -17.26 -72.63
N GLU C 534 -23.85 -18.11 -73.65
CA GLU C 534 -25.15 -18.73 -73.90
C GLU C 534 -25.48 -19.78 -72.84
N ASP C 535 -24.50 -20.63 -72.49
CA ASP C 535 -24.78 -21.74 -71.57
C ASP C 535 -25.21 -21.24 -70.20
N VAL C 536 -24.53 -20.22 -69.68
CA VAL C 536 -24.91 -19.68 -68.38
C VAL C 536 -26.29 -19.06 -68.44
N LYS C 537 -26.64 -18.43 -69.57
CA LYS C 537 -27.98 -17.88 -69.72
C LYS C 537 -29.03 -18.99 -69.72
N LYS C 538 -28.74 -20.10 -70.40
CA LYS C 538 -29.66 -21.24 -70.39
C LYS C 538 -29.84 -21.77 -68.97
N GLY C 539 -28.73 -21.92 -68.24
CA GLY C 539 -28.82 -22.41 -66.88
C GLY C 539 -29.61 -21.49 -65.97
N ILE C 540 -29.38 -20.18 -66.09
CA ILE C 540 -30.11 -19.21 -65.27
C ILE C 540 -31.60 -19.22 -65.60
N LEU C 541 -31.94 -19.28 -66.89
CA LEU C 541 -33.35 -19.35 -67.26
C LEU C 541 -33.98 -20.63 -66.72
N LEU C 542 -33.29 -21.75 -66.82
CA LEU C 542 -33.84 -23.01 -66.36
C LEU C 542 -34.03 -23.01 -64.84
N GLN C 543 -33.09 -22.44 -64.09
CA GLN C 543 -33.26 -22.36 -62.65
C GLN C 543 -34.33 -21.35 -62.27
N LEU C 544 -34.56 -20.34 -63.12
CA LEU C 544 -35.71 -19.47 -62.92
C LEU C 544 -37.00 -20.24 -63.11
N PHE C 545 -37.02 -21.18 -64.06
CA PHE C 545 -38.19 -22.03 -64.22
C PHE C 545 -38.45 -22.87 -62.98
N GLY C 546 -37.39 -23.37 -62.35
CA GLY C 546 -37.53 -24.11 -61.11
C GLY C 546 -38.05 -25.52 -61.27
N GLY C 547 -37.69 -26.40 -60.34
CA GLY C 547 -38.15 -27.77 -60.34
C GLY C 547 -39.45 -27.94 -59.60
N THR C 548 -39.74 -29.19 -59.26
CA THR C 548 -40.95 -29.54 -58.52
C THR C 548 -40.66 -29.70 -57.03
N ASN C 549 -41.72 -29.64 -56.24
CA ASN C 549 -41.63 -29.82 -54.80
C ASN C 549 -42.67 -30.85 -54.36
N LYS C 550 -42.25 -31.76 -53.49
CA LYS C 550 -43.12 -32.82 -53.00
C LYS C 550 -42.83 -33.07 -51.52
N THR C 551 -43.87 -33.44 -50.79
CA THR C 551 -43.82 -33.58 -49.34
C THR C 551 -44.48 -34.89 -48.89
N PHE C 552 -44.12 -35.99 -49.55
CA PHE C 552 -44.67 -37.29 -49.20
C PHE C 552 -44.39 -37.62 -47.74
N THR C 553 -45.38 -38.23 -47.08
CA THR C 553 -45.37 -38.31 -45.62
C THR C 553 -44.26 -39.25 -45.11
N LYS C 554 -44.16 -40.44 -45.68
CA LYS C 554 -43.28 -41.47 -45.10
C LYS C 554 -41.80 -41.19 -45.32
N GLY C 555 -41.45 -40.25 -46.18
CA GLY C 555 -40.05 -39.98 -46.45
C GLY C 555 -39.61 -38.57 -46.13
N GLY C 556 -40.54 -37.62 -46.17
CA GLY C 556 -40.24 -36.22 -45.94
C GLY C 556 -40.09 -35.45 -47.24
N ARG C 557 -40.04 -34.13 -47.09
CA ARG C 557 -39.96 -33.24 -48.24
C ARG C 557 -38.59 -33.33 -48.92
N TYR C 558 -38.58 -33.06 -50.22
CA TYR C 558 -37.36 -33.00 -51.01
C TYR C 558 -37.19 -31.61 -51.60
N ARG C 559 -35.95 -31.14 -51.63
CA ARG C 559 -35.67 -29.80 -52.11
C ARG C 559 -36.01 -29.66 -53.59
N GLY C 560 -36.66 -28.55 -53.94
CA GLY C 560 -36.99 -28.24 -55.31
C GLY C 560 -36.27 -27.02 -55.84
N ASP C 561 -35.48 -26.37 -54.98
CA ASP C 561 -34.76 -25.17 -55.37
C ASP C 561 -33.46 -25.52 -56.10
N ILE C 562 -33.04 -24.60 -56.96
CA ILE C 562 -31.78 -24.73 -57.69
C ILE C 562 -30.89 -23.55 -57.32
N ASN C 563 -29.64 -23.85 -56.98
CA ASN C 563 -28.69 -22.85 -56.53
C ASN C 563 -27.48 -22.84 -57.46
N ILE C 564 -27.09 -21.66 -57.93
CA ILE C 564 -26.01 -21.49 -58.88
C ILE C 564 -25.04 -20.46 -58.35
N LEU C 565 -23.74 -20.68 -58.58
CA LEU C 565 -22.69 -19.76 -58.18
C LEU C 565 -21.91 -19.32 -59.41
N LEU C 566 -21.53 -18.05 -59.44
CA LEU C 566 -20.77 -17.48 -60.55
C LEU C 566 -19.43 -16.98 -60.04
N CYS C 567 -18.37 -17.32 -60.76
CA CYS C 567 -17.01 -16.90 -60.41
C CYS C 567 -16.30 -16.36 -61.63
N GLY C 568 -15.43 -15.39 -61.40
CA GLY C 568 -14.65 -14.80 -62.47
C GLY C 568 -14.08 -13.46 -62.06
N ASP C 569 -13.15 -12.98 -62.87
CA ASP C 569 -12.51 -11.71 -62.62
C ASP C 569 -13.52 -10.57 -62.76
N PRO C 570 -13.32 -9.45 -62.04
CA PRO C 570 -14.29 -8.35 -62.10
C PRO C 570 -14.24 -7.59 -63.42
N SER C 571 -14.40 -8.30 -64.54
CA SER C 571 -14.47 -7.69 -65.85
C SER C 571 -15.47 -8.42 -66.75
N THR C 572 -16.54 -8.96 -66.15
CA THR C 572 -17.49 -9.80 -66.85
C THR C 572 -18.90 -9.25 -66.85
N SER C 573 -19.16 -8.15 -66.13
CA SER C 573 -20.51 -7.59 -66.00
C SER C 573 -21.47 -8.58 -65.34
N LYS C 574 -20.93 -9.41 -64.43
CA LYS C 574 -21.74 -10.43 -63.78
C LYS C 574 -22.77 -9.86 -62.83
N SER C 575 -22.62 -8.59 -62.41
CA SER C 575 -23.66 -7.96 -61.60
C SER C 575 -24.87 -7.57 -62.44
N GLN C 576 -24.67 -7.32 -63.73
CA GLN C 576 -25.79 -6.99 -64.61
C GLN C 576 -26.76 -8.15 -64.71
N ILE C 577 -26.25 -9.37 -64.78
CA ILE C 577 -27.13 -10.54 -64.81
C ILE C 577 -27.90 -10.68 -63.49
N LEU C 578 -27.22 -10.38 -62.37
CA LEU C 578 -27.91 -10.39 -61.09
C LEU C 578 -29.09 -9.41 -61.08
N GLN C 579 -28.86 -8.20 -61.57
CA GLN C 579 -29.92 -7.21 -61.62
C GLN C 579 -31.03 -7.63 -62.57
N TYR C 580 -30.65 -8.21 -63.72
CA TYR C 580 -31.63 -8.72 -64.69
C TYR C 580 -32.56 -9.74 -64.03
N VAL C 581 -31.98 -10.75 -63.38
CA VAL C 581 -32.79 -11.79 -62.76
C VAL C 581 -33.61 -11.21 -61.61
N HIS C 582 -33.05 -10.26 -60.86
CA HIS C 582 -33.78 -9.66 -59.76
C HIS C 582 -35.04 -8.97 -60.24
N LYS C 583 -34.94 -8.19 -61.32
CA LYS C 583 -36.12 -7.45 -61.74
C LYS C 583 -37.07 -8.31 -62.57
N ILE C 584 -36.56 -9.34 -63.25
CA ILE C 584 -37.44 -10.19 -64.06
C ILE C 584 -38.31 -11.07 -63.17
N THR C 585 -37.73 -11.63 -62.10
CA THR C 585 -38.43 -12.60 -61.28
C THR C 585 -39.60 -11.95 -60.55
N PRO C 586 -40.67 -12.70 -60.28
CA PRO C 586 -41.79 -12.13 -59.52
C PRO C 586 -41.40 -11.70 -58.12
N ARG C 587 -40.83 -12.60 -57.33
CA ARG C 587 -40.40 -12.31 -55.98
C ARG C 587 -38.91 -12.58 -55.84
N GLY C 588 -38.21 -11.65 -55.18
CA GLY C 588 -36.78 -11.79 -54.98
C GLY C 588 -36.17 -10.58 -54.30
N VAL C 589 -35.12 -10.81 -53.51
CA VAL C 589 -34.43 -9.75 -52.78
C VAL C 589 -32.98 -9.73 -53.23
N TYR C 590 -32.49 -8.56 -53.59
CA TYR C 590 -31.11 -8.38 -54.03
C TYR C 590 -30.32 -7.75 -52.89
N THR C 591 -29.37 -8.51 -52.34
CA THR C 591 -28.58 -8.05 -51.21
C THR C 591 -27.09 -8.16 -51.49
N SER C 592 -26.27 -7.94 -50.47
CA SER C 592 -24.82 -7.99 -50.61
C SER C 592 -24.25 -8.70 -49.38
N GLY C 593 -22.93 -8.58 -49.21
CA GLY C 593 -22.26 -9.19 -48.08
C GLY C 593 -22.07 -8.24 -46.91
N GLY C 600 -27.88 -10.77 -40.36
CA GLY C 600 -28.45 -9.61 -41.02
C GLY C 600 -29.46 -9.97 -42.09
N LEU C 601 -29.19 -11.05 -42.83
CA LEU C 601 -30.08 -11.50 -43.89
C LEU C 601 -31.27 -12.30 -43.37
N THR C 602 -31.29 -12.65 -42.09
CA THR C 602 -32.35 -13.48 -41.53
C THR C 602 -33.08 -12.72 -40.44
N ALA C 603 -34.07 -13.38 -39.83
CA ALA C 603 -34.93 -12.74 -38.86
C ALA C 603 -34.16 -12.42 -37.57
N TYR C 604 -34.47 -11.26 -37.00
CA TYR C 604 -33.87 -10.85 -35.74
C TYR C 604 -34.85 -9.95 -35.00
N ILE C 605 -34.90 -10.09 -33.67
CA ILE C 605 -35.76 -9.24 -32.86
C ILE C 605 -35.21 -7.82 -32.86
N THR C 606 -36.07 -6.84 -33.12
CA THR C 606 -35.67 -5.46 -33.21
C THR C 606 -36.50 -4.60 -32.25
N ARG C 607 -35.91 -3.49 -31.84
CA ARG C 607 -36.58 -2.52 -30.98
C ARG C 607 -37.20 -1.44 -31.88
N ASP C 608 -38.53 -1.33 -31.83
CA ASP C 608 -39.22 -0.38 -32.70
C ASP C 608 -38.80 1.05 -32.37
N VAL C 609 -38.61 1.85 -33.42
CA VAL C 609 -38.01 3.17 -33.25
C VAL C 609 -39.04 4.18 -32.75
N ASP C 610 -40.09 4.42 -33.54
CA ASP C 610 -41.04 5.48 -33.21
C ASP C 610 -41.90 5.10 -32.00
N THR C 611 -42.24 3.83 -31.86
CA THR C 611 -43.03 3.33 -30.75
C THR C 611 -42.16 2.43 -29.88
N LYS C 612 -42.24 2.63 -28.57
CA LYS C 612 -41.41 1.89 -27.62
C LYS C 612 -42.02 0.51 -27.37
N GLN C 613 -41.89 -0.35 -28.38
CA GLN C 613 -42.38 -1.72 -28.31
C GLN C 613 -41.38 -2.65 -28.99
N LEU C 614 -41.63 -3.94 -28.87
CA LEU C 614 -40.75 -4.97 -29.41
C LEU C 614 -41.48 -5.72 -30.53
N VAL C 615 -40.86 -5.76 -31.70
CA VAL C 615 -41.47 -6.35 -32.89
C VAL C 615 -40.50 -7.34 -33.51
N LEU C 616 -41.02 -8.49 -33.93
CA LEU C 616 -40.24 -9.50 -34.65
C LEU C 616 -40.25 -9.17 -36.13
N GLU C 617 -39.06 -9.12 -36.73
CA GLU C 617 -38.90 -8.77 -38.13
C GLU C 617 -38.19 -9.91 -38.87
N SER C 618 -38.68 -10.23 -40.06
CA SER C 618 -38.11 -11.28 -40.88
C SER C 618 -37.01 -10.73 -41.78
N GLY C 619 -36.07 -11.60 -42.14
CA GLY C 619 -34.92 -11.20 -42.92
C GLY C 619 -35.14 -11.31 -44.42
N ALA C 620 -34.07 -11.04 -45.16
CA ALA C 620 -34.14 -11.06 -46.62
C ALA C 620 -34.40 -12.47 -47.15
N LEU C 621 -33.76 -13.49 -46.56
CA LEU C 621 -33.92 -14.85 -47.05
C LEU C 621 -35.36 -15.32 -46.89
N VAL C 622 -35.99 -14.99 -45.77
CA VAL C 622 -37.38 -15.40 -45.55
C VAL C 622 -38.30 -14.72 -46.56
N LEU C 623 -38.01 -13.46 -46.91
CA LEU C 623 -38.87 -12.71 -47.80
C LEU C 623 -38.86 -13.26 -49.22
N SER C 624 -37.91 -14.13 -49.57
CA SER C 624 -37.80 -14.69 -50.90
C SER C 624 -38.39 -16.08 -51.00
N ASP C 625 -39.49 -16.35 -50.27
CA ASP C 625 -40.12 -17.66 -50.30
C ASP C 625 -40.73 -17.91 -51.67
N GLY C 626 -40.26 -18.97 -52.34
CA GLY C 626 -40.74 -19.31 -53.66
C GLY C 626 -40.10 -18.56 -54.81
N GLY C 627 -39.19 -17.62 -54.51
CA GLY C 627 -38.55 -16.85 -55.56
C GLY C 627 -37.06 -17.11 -55.66
N VAL C 628 -36.32 -16.13 -56.16
CA VAL C 628 -34.87 -16.23 -56.32
C VAL C 628 -34.21 -15.17 -55.46
N CYS C 629 -33.36 -15.61 -54.54
CA CYS C 629 -32.61 -14.69 -53.68
C CYS C 629 -31.26 -14.42 -54.32
N CYS C 630 -30.97 -13.14 -54.56
CA CYS C 630 -29.75 -12.74 -55.25
C CYS C 630 -28.72 -12.24 -54.24
N ILE C 631 -27.52 -12.82 -54.30
CA ILE C 631 -26.42 -12.46 -53.40
C ILE C 631 -25.25 -11.97 -54.25
N ASP C 632 -24.72 -10.81 -53.90
CA ASP C 632 -23.56 -10.24 -54.57
C ASP C 632 -22.41 -10.12 -53.57
N GLU C 633 -21.18 -10.24 -54.09
CA GLU C 633 -19.97 -10.23 -53.27
C GLU C 633 -20.04 -11.32 -52.20
N PHE C 634 -20.10 -12.57 -52.67
CA PHE C 634 -20.31 -13.70 -51.78
C PHE C 634 -19.07 -14.05 -50.96
N ASP C 635 -17.88 -13.63 -51.41
CA ASP C 635 -16.65 -13.98 -50.71
C ASP C 635 -16.58 -13.30 -49.35
N LYS C 636 -16.88 -12.00 -49.30
CA LYS C 636 -16.85 -11.23 -48.06
C LYS C 636 -18.19 -11.40 -47.33
N MET C 637 -18.41 -12.62 -46.85
CA MET C 637 -19.65 -13.00 -46.20
C MET C 637 -19.52 -13.08 -44.68
N SER C 638 -18.40 -12.61 -44.13
CA SER C 638 -18.10 -12.71 -42.70
C SER C 638 -18.04 -14.20 -42.35
N ASP C 639 -18.30 -14.56 -41.09
CA ASP C 639 -18.18 -15.95 -40.70
C ASP C 639 -19.43 -16.41 -39.96
N SER C 640 -20.11 -15.49 -39.28
CA SER C 640 -21.29 -15.86 -38.51
C SER C 640 -22.49 -16.14 -39.42
N THR C 641 -22.62 -15.38 -40.51
CA THR C 641 -23.76 -15.54 -41.40
C THR C 641 -23.63 -16.77 -42.30
N ARG C 642 -22.40 -17.18 -42.62
CA ARG C 642 -22.21 -18.29 -43.55
C ARG C 642 -22.87 -19.57 -43.02
N SER C 643 -22.68 -19.86 -41.73
CA SER C 643 -23.33 -21.03 -41.14
C SER C 643 -24.84 -20.97 -41.31
N VAL C 644 -25.41 -19.76 -41.27
CA VAL C 644 -26.84 -19.60 -41.49
C VAL C 644 -27.22 -20.16 -42.85
N LEU C 645 -26.43 -19.84 -43.88
CA LEU C 645 -26.67 -20.43 -45.19
C LEU C 645 -26.53 -21.94 -45.14
N HIS C 646 -25.51 -22.42 -44.40
CA HIS C 646 -25.35 -23.87 -44.20
C HIS C 646 -26.57 -24.48 -43.55
N GLU C 647 -27.38 -23.67 -42.86
CA GLU C 647 -28.63 -24.13 -42.27
C GLU C 647 -29.81 -24.01 -43.23
N VAL C 648 -29.77 -23.04 -44.15
CA VAL C 648 -30.96 -22.73 -44.95
C VAL C 648 -31.05 -23.54 -46.24
N MET C 649 -29.94 -24.10 -46.71
CA MET C 649 -30.01 -24.89 -47.94
C MET C 649 -30.31 -26.36 -47.68
N GLU C 650 -29.70 -26.94 -46.65
CA GLU C 650 -29.88 -28.36 -46.37
C GLU C 650 -31.19 -28.69 -45.69
N GLN C 651 -31.87 -27.70 -45.11
CA GLN C 651 -33.13 -27.97 -44.41
C GLN C 651 -34.24 -27.04 -44.87
N GLN C 652 -33.88 -25.85 -45.34
CA GLN C 652 -34.85 -24.84 -45.80
C GLN C 652 -35.85 -24.49 -44.71
N THR C 653 -35.36 -24.36 -43.47
CA THR C 653 -36.20 -23.93 -42.36
C THR C 653 -35.27 -23.39 -41.27
N ILE C 654 -35.38 -22.11 -40.96
CA ILE C 654 -34.52 -21.46 -39.98
C ILE C 654 -35.32 -21.21 -38.70
N SER C 655 -34.70 -21.50 -37.57
CA SER C 655 -35.30 -21.31 -36.26
C SER C 655 -34.55 -20.22 -35.49
N ILE C 656 -35.26 -19.60 -34.55
CA ILE C 656 -34.68 -18.56 -33.72
C ILE C 656 -35.15 -18.77 -32.28
N ALA C 657 -34.24 -18.56 -31.33
CA ALA C 657 -34.54 -18.66 -29.89
C ALA C 657 -33.90 -17.46 -29.20
N LYS C 658 -34.65 -16.36 -29.14
CA LYS C 658 -34.18 -15.15 -28.48
C LYS C 658 -35.34 -14.44 -27.81
N ALA C 659 -35.06 -13.83 -26.66
CA ALA C 659 -36.03 -13.04 -25.92
C ALA C 659 -37.30 -13.83 -25.60
N GLY C 660 -37.12 -15.12 -25.29
CA GLY C 660 -38.24 -15.96 -24.94
C GLY C 660 -39.08 -16.44 -26.10
N ILE C 661 -38.66 -16.19 -27.33
CA ILE C 661 -39.41 -16.57 -28.52
C ILE C 661 -38.69 -17.73 -29.19
N ILE C 662 -39.35 -18.89 -29.24
CA ILE C 662 -38.84 -20.06 -29.93
C ILE C 662 -39.83 -20.44 -31.02
N THR C 663 -39.36 -20.48 -32.26
CA THR C 663 -40.22 -20.76 -33.41
C THR C 663 -39.36 -21.16 -34.59
N THR C 664 -40.01 -21.69 -35.62
CA THR C 664 -39.36 -22.08 -36.86
C THR C 664 -40.06 -21.39 -38.02
N LEU C 665 -39.26 -20.90 -38.98
CA LEU C 665 -39.77 -20.17 -40.13
C LEU C 665 -39.38 -20.87 -41.41
N ASN C 666 -40.26 -20.79 -42.41
CA ASN C 666 -40.03 -21.41 -43.70
C ASN C 666 -39.35 -20.43 -44.65
N ALA C 667 -38.36 -20.92 -45.38
CA ALA C 667 -37.65 -20.10 -46.37
C ALA C 667 -37.91 -20.55 -47.79
N ARG C 668 -37.59 -21.79 -48.12
CA ARG C 668 -37.84 -22.39 -49.44
C ARG C 668 -37.46 -21.42 -50.57
N SER C 669 -36.20 -21.01 -50.57
CA SER C 669 -35.72 -20.00 -51.49
C SER C 669 -34.57 -20.54 -52.33
N SER C 670 -34.37 -19.93 -53.49
CA SER C 670 -33.26 -20.25 -54.39
C SER C 670 -32.16 -19.21 -54.24
N ILE C 671 -30.92 -19.67 -54.38
CA ILE C 671 -29.74 -18.83 -54.19
C ILE C 671 -29.00 -18.73 -55.52
N LEU C 672 -28.59 -17.52 -55.87
CA LEU C 672 -27.76 -17.27 -57.05
C LEU C 672 -26.74 -16.21 -56.65
N ALA C 673 -25.46 -16.59 -56.61
CA ALA C 673 -24.42 -15.76 -56.04
C ALA C 673 -23.26 -15.58 -57.01
N SER C 674 -22.48 -14.54 -56.77
CA SER C 674 -21.29 -14.22 -57.56
C SER C 674 -20.11 -14.04 -56.61
N ALA C 675 -18.93 -14.43 -57.08
CA ALA C 675 -17.71 -14.37 -56.28
C ALA C 675 -16.56 -13.87 -57.14
N ASN C 676 -15.54 -13.33 -56.47
CA ASN C 676 -14.36 -12.82 -57.13
C ASN C 676 -13.12 -13.54 -56.63
N PRO C 677 -12.14 -13.79 -57.50
CA PRO C 677 -10.91 -14.43 -57.06
C PRO C 677 -10.02 -13.47 -56.28
N ILE C 678 -9.13 -14.05 -55.48
CA ILE C 678 -8.18 -13.26 -54.70
C ILE C 678 -7.02 -12.88 -55.62
N GLY C 679 -6.76 -11.58 -55.73
CA GLY C 679 -5.75 -11.06 -56.63
C GLY C 679 -6.38 -10.39 -57.84
N SER C 680 -5.50 -9.81 -58.65
CA SER C 680 -5.94 -9.08 -59.84
C SER C 680 -6.50 -10.00 -60.91
N ARG C 681 -6.11 -11.28 -60.92
CA ARG C 681 -6.53 -12.22 -61.94
C ARG C 681 -6.71 -13.59 -61.31
N TYR C 682 -7.43 -14.45 -62.03
CA TYR C 682 -7.60 -15.86 -61.66
C TYR C 682 -6.61 -16.69 -62.48
N ASN C 683 -5.57 -17.18 -61.82
CA ASN C 683 -4.56 -17.98 -62.49
C ASN C 683 -5.13 -19.36 -62.82
N PRO C 684 -5.12 -19.78 -64.09
CA PRO C 684 -5.69 -21.10 -64.43
C PRO C 684 -4.98 -22.25 -63.77
N ASN C 685 -3.67 -22.13 -63.48
CA ASN C 685 -2.93 -23.25 -62.91
C ASN C 685 -3.47 -23.62 -61.53
N LEU C 686 -3.74 -22.63 -60.69
CA LEU C 686 -4.25 -22.91 -59.35
C LEU C 686 -5.70 -23.41 -59.44
N PRO C 687 -6.07 -24.38 -58.62
CA PRO C 687 -7.47 -24.83 -58.62
C PRO C 687 -8.39 -23.78 -58.02
N VAL C 688 -9.69 -24.04 -58.14
CA VAL C 688 -10.71 -23.04 -57.85
C VAL C 688 -10.75 -22.73 -56.36
N THR C 689 -10.52 -23.73 -55.51
CA THR C 689 -10.78 -23.58 -54.07
C THR C 689 -9.94 -22.46 -53.47
N GLU C 690 -8.66 -22.39 -53.82
CA GLU C 690 -7.78 -21.38 -53.24
C GLU C 690 -8.19 -19.97 -53.66
N ASN C 691 -8.57 -19.79 -54.93
CA ASN C 691 -8.78 -18.45 -55.46
C ASN C 691 -10.03 -17.80 -54.88
N ILE C 692 -11.08 -18.59 -54.64
CA ILE C 692 -12.33 -18.01 -54.17
C ILE C 692 -12.36 -17.80 -52.66
N ASP C 693 -11.61 -18.62 -51.91
CA ASP C 693 -11.58 -18.56 -50.45
C ASP C 693 -12.97 -18.81 -49.86
N LEU C 694 -13.50 -19.99 -50.15
CA LEU C 694 -14.77 -20.46 -49.62
C LEU C 694 -14.59 -21.85 -49.01
N PRO C 695 -15.37 -22.18 -47.99
CA PRO C 695 -15.29 -23.53 -47.40
C PRO C 695 -15.63 -24.59 -48.43
N PRO C 696 -14.90 -25.70 -48.45
CA PRO C 696 -15.16 -26.77 -49.43
C PRO C 696 -16.57 -27.32 -49.34
N PRO C 697 -17.14 -27.54 -48.14
CA PRO C 697 -18.52 -28.08 -48.11
C PRO C 697 -19.55 -27.12 -48.67
N LEU C 698 -19.44 -25.82 -48.37
CA LEU C 698 -20.40 -24.85 -48.87
C LEU C 698 -20.40 -24.81 -50.39
N LEU C 699 -19.21 -24.84 -51.01
CA LEU C 699 -19.12 -24.95 -52.46
C LEU C 699 -19.68 -26.28 -52.94
N SER C 700 -19.43 -27.36 -52.19
CA SER C 700 -19.85 -28.69 -52.62
C SER C 700 -21.36 -28.83 -52.67
N ARG C 701 -22.07 -28.14 -51.78
CA ARG C 701 -23.51 -28.32 -51.68
C ARG C 701 -24.31 -27.45 -52.64
N PHE C 702 -23.65 -26.64 -53.48
CA PHE C 702 -24.36 -25.95 -54.53
C PHE C 702 -24.78 -26.92 -55.63
N ASP C 703 -25.84 -26.54 -56.35
CA ASP C 703 -26.33 -27.37 -57.45
C ASP C 703 -25.39 -27.32 -58.65
N LEU C 704 -24.95 -26.12 -59.03
CA LEU C 704 -24.06 -25.94 -60.17
C LEU C 704 -23.02 -24.88 -59.83
N VAL C 705 -22.04 -24.76 -60.72
CA VAL C 705 -21.00 -23.74 -60.60
C VAL C 705 -20.55 -23.37 -62.01
N TYR C 706 -20.32 -22.08 -62.23
CA TYR C 706 -19.90 -21.57 -63.53
C TYR C 706 -18.64 -20.74 -63.37
N LEU C 707 -17.69 -20.92 -64.28
CA LEU C 707 -16.43 -20.20 -64.27
C LEU C 707 -16.30 -19.38 -65.55
N VAL C 708 -15.83 -18.15 -65.40
CA VAL C 708 -15.55 -17.26 -66.51
C VAL C 708 -14.09 -16.86 -66.46
N LEU C 709 -13.39 -17.02 -67.58
CA LEU C 709 -11.95 -16.72 -67.66
C LEU C 709 -11.73 -15.81 -68.87
N ASP C 710 -11.60 -14.51 -68.61
CA ASP C 710 -11.36 -13.54 -69.68
C ASP C 710 -9.86 -13.51 -69.97
N LYS C 711 -9.48 -14.10 -71.11
CA LYS C 711 -8.08 -14.18 -71.52
C LYS C 711 -7.89 -13.37 -72.80
N VAL C 712 -6.69 -12.83 -72.96
CA VAL C 712 -6.42 -11.87 -74.03
C VAL C 712 -6.19 -12.63 -75.33
N ASP C 713 -7.07 -12.40 -76.30
CA ASP C 713 -6.91 -12.89 -77.66
C ASP C 713 -7.34 -11.79 -78.62
N GLU C 714 -6.90 -11.90 -79.88
CA GLU C 714 -7.24 -10.87 -80.85
C GLU C 714 -8.70 -10.97 -81.27
N LYS C 715 -9.17 -12.18 -81.57
CA LYS C 715 -10.50 -12.34 -82.15
C LYS C 715 -11.60 -11.98 -81.16
N ASN C 716 -11.53 -12.54 -79.94
CA ASN C 716 -12.59 -12.28 -78.96
C ASN C 716 -12.59 -10.81 -78.53
N ASP C 717 -11.41 -10.22 -78.34
CA ASP C 717 -11.34 -8.81 -78.00
C ASP C 717 -11.92 -7.95 -79.12
N ARG C 718 -11.62 -8.30 -80.38
CA ARG C 718 -12.20 -7.57 -81.50
C ARG C 718 -13.72 -7.69 -81.49
N GLU C 719 -14.24 -8.89 -81.24
CA GLU C 719 -15.70 -9.09 -81.25
C GLU C 719 -16.36 -8.29 -80.12
N LEU C 720 -15.80 -8.33 -78.92
CA LEU C 720 -16.35 -7.53 -77.82
C LEU C 720 -16.26 -6.04 -78.13
N ALA C 721 -15.15 -5.59 -78.71
CA ALA C 721 -15.02 -4.17 -79.04
C ALA C 721 -16.09 -3.75 -80.03
N LYS C 722 -16.28 -4.53 -81.09
CA LYS C 722 -17.30 -4.21 -82.09
C LYS C 722 -18.69 -4.20 -81.46
N HIS C 723 -19.01 -5.22 -80.66
CA HIS C 723 -20.34 -5.32 -80.08
C HIS C 723 -20.63 -4.18 -79.12
N LEU C 724 -19.66 -3.85 -78.26
CA LEU C 724 -19.85 -2.78 -77.29
C LEU C 724 -19.92 -1.42 -77.97
N THR C 725 -19.12 -1.20 -79.01
CA THR C 725 -19.22 0.06 -79.75
C THR C 725 -20.57 0.18 -80.45
N ASN C 726 -21.07 -0.92 -81.02
CA ASN C 726 -22.37 -0.88 -81.67
C ASN C 726 -23.48 -0.61 -80.67
N LEU C 727 -23.41 -1.21 -79.49
CA LEU C 727 -24.39 -0.89 -78.45
C LEU C 727 -24.28 0.55 -78.00
N TYR C 728 -23.05 1.07 -77.93
CA TYR C 728 -22.83 2.44 -77.48
C TYR C 728 -23.46 3.46 -78.43
N LEU C 729 -23.39 3.19 -79.73
CA LEU C 729 -23.92 4.10 -80.74
C LEU C 729 -25.43 4.30 -80.57
N VAL C 741 -37.85 -9.14 -80.50
CA VAL C 741 -37.44 -10.45 -80.03
C VAL C 741 -37.40 -10.48 -78.51
N LEU C 742 -37.53 -9.29 -77.90
CA LEU C 742 -37.51 -9.18 -76.44
C LEU C 742 -38.93 -9.09 -75.92
N PRO C 743 -39.39 -10.08 -75.15
CA PRO C 743 -40.77 -10.04 -74.64
C PRO C 743 -40.96 -9.03 -73.52
N VAL C 744 -42.14 -9.08 -72.90
CA VAL C 744 -42.61 -8.12 -71.91
C VAL C 744 -43.00 -8.98 -70.71
N GLU C 745 -43.65 -8.39 -69.70
CA GLU C 745 -44.05 -9.09 -68.48
C GLU C 745 -44.78 -10.40 -68.78
N PHE C 746 -45.20 -10.60 -70.03
CA PHE C 746 -45.55 -11.91 -70.57
C PHE C 746 -44.65 -13.00 -70.00
N LEU C 747 -43.34 -12.73 -69.94
CA LEU C 747 -42.42 -13.67 -69.32
C LEU C 747 -42.84 -14.00 -67.89
N THR C 748 -43.17 -12.98 -67.10
CA THR C 748 -43.48 -13.19 -65.69
C THR C 748 -44.72 -14.06 -65.52
N MET C 749 -45.80 -13.77 -66.26
CA MET C 749 -47.02 -14.54 -66.10
C MET C 749 -46.87 -15.94 -66.67
N TYR C 750 -46.07 -16.09 -67.74
CA TYR C 750 -45.74 -17.43 -68.22
C TYR C 750 -45.01 -18.24 -67.15
N ILE C 751 -44.05 -17.63 -66.47
CA ILE C 751 -43.32 -18.32 -65.40
C ILE C 751 -44.28 -18.69 -64.27
N SER C 752 -45.18 -17.79 -63.89
CA SER C 752 -46.13 -18.11 -62.84
C SER C 752 -46.99 -19.31 -63.22
N TYR C 753 -47.50 -19.30 -64.45
CA TYR C 753 -48.33 -20.40 -64.93
C TYR C 753 -47.56 -21.72 -64.93
N ALA C 754 -46.30 -21.69 -65.36
CA ALA C 754 -45.49 -22.90 -65.30
C ALA C 754 -45.29 -23.36 -63.86
N LYS C 755 -45.04 -22.42 -62.94
CA LYS C 755 -44.78 -22.78 -61.55
C LYS C 755 -45.96 -23.48 -60.92
N GLU C 756 -47.16 -22.91 -61.07
CA GLU C 756 -48.28 -23.35 -60.24
C GLU C 756 -49.34 -24.18 -60.97
N HIS C 757 -49.51 -24.07 -62.30
CA HIS C 757 -50.35 -25.04 -62.99
C HIS C 757 -49.64 -26.33 -63.37
N ILE C 758 -48.35 -26.28 -63.67
CA ILE C 758 -47.65 -27.40 -64.26
C ILE C 758 -46.90 -28.17 -63.18
N HIS C 759 -47.14 -29.49 -63.12
CA HIS C 759 -46.45 -30.39 -62.20
C HIS C 759 -46.03 -31.65 -62.95
N PRO C 760 -44.98 -31.56 -63.76
CA PRO C 760 -44.55 -32.73 -64.54
C PRO C 760 -43.89 -33.78 -63.66
N ILE C 761 -43.84 -35.00 -64.19
CA ILE C 761 -43.19 -36.14 -63.54
C ILE C 761 -42.27 -36.83 -64.53
N ILE C 762 -41.34 -37.61 -64.01
CA ILE C 762 -40.41 -38.38 -64.82
C ILE C 762 -41.03 -39.74 -65.13
N THR C 763 -40.68 -40.29 -66.29
CA THR C 763 -41.20 -41.56 -66.77
C THR C 763 -40.17 -42.66 -66.56
N GLU C 764 -40.62 -43.90 -66.79
CA GLU C 764 -39.74 -45.06 -66.60
C GLU C 764 -38.61 -45.10 -67.61
N ALA C 765 -38.85 -44.58 -68.83
CA ALA C 765 -37.82 -44.64 -69.87
C ALA C 765 -36.59 -43.85 -69.49
N ALA C 766 -36.77 -42.67 -68.88
CA ALA C 766 -35.64 -41.83 -68.52
C ALA C 766 -34.82 -42.43 -67.38
N LYS C 767 -35.38 -43.37 -66.62
CA LYS C 767 -34.64 -43.99 -65.53
C LYS C 767 -33.42 -44.74 -66.05
N THR C 768 -33.59 -45.48 -67.16
CA THR C 768 -32.47 -46.21 -67.74
C THR C 768 -31.35 -45.27 -68.16
N GLU C 769 -31.71 -44.15 -68.80
CA GLU C 769 -30.69 -43.20 -69.21
C GLU C 769 -30.01 -42.56 -68.01
N LEU C 770 -30.76 -42.26 -66.95
CA LEU C 770 -30.16 -41.70 -65.75
C LEU C 770 -29.17 -42.67 -65.13
N VAL C 771 -29.55 -43.94 -65.03
CA VAL C 771 -28.65 -44.95 -64.46
C VAL C 771 -27.41 -45.10 -65.34
N ARG C 772 -27.60 -45.09 -66.67
CA ARG C 772 -26.47 -45.21 -67.58
C ARG C 772 -25.52 -44.02 -67.43
N ALA C 773 -26.06 -42.81 -67.29
CA ALA C 773 -25.23 -41.64 -67.10
C ALA C 773 -24.46 -41.71 -65.78
N TYR C 774 -25.13 -42.15 -64.72
CA TYR C 774 -24.45 -42.28 -63.43
C TYR C 774 -23.31 -43.30 -63.52
N VAL C 775 -23.55 -44.42 -64.18
CA VAL C 775 -22.49 -45.41 -64.38
C VAL C 775 -21.37 -44.81 -65.21
N GLY C 776 -21.73 -44.05 -66.25
CA GLY C 776 -20.71 -43.49 -67.14
C GLY C 776 -19.78 -42.53 -66.43
N MET C 777 -20.35 -41.63 -65.61
CA MET C 777 -19.47 -40.78 -64.81
C MET C 777 -18.82 -41.54 -63.67
N ARG C 778 -19.35 -42.71 -63.31
CA ARG C 778 -18.63 -43.57 -62.38
C ARG C 778 -17.45 -44.25 -63.06
N LYS C 779 -17.63 -44.71 -64.30
CA LYS C 779 -16.57 -45.43 -65.00
C LYS C 779 -15.37 -44.53 -65.29
N MET C 780 -15.59 -43.23 -65.48
CA MET C 780 -14.47 -42.31 -65.69
C MET C 780 -13.65 -42.16 -64.43
N GLY C 781 -14.30 -42.24 -63.26
CA GLY C 781 -13.65 -41.98 -61.98
C GLY C 781 -12.54 -42.96 -61.63
N ASP C 782 -12.40 -44.06 -62.36
CA ASP C 782 -11.30 -44.99 -62.17
C ASP C 782 -10.66 -45.29 -63.52
N ASP C 783 -9.40 -45.70 -63.47
CA ASP C 783 -8.61 -45.93 -64.69
C ASP C 783 -7.82 -47.22 -64.52
N SER C 784 -6.85 -47.43 -65.40
CA SER C 784 -6.04 -48.65 -65.44
C SER C 784 -5.04 -48.74 -64.28
N ARG C 785 -5.05 -47.83 -63.32
CA ARG C 785 -4.14 -47.87 -62.18
C ARG C 785 -4.95 -48.01 -60.89
N SER C 786 -4.32 -48.63 -59.90
CA SER C 786 -4.94 -48.88 -58.60
C SER C 786 -4.76 -47.70 -57.64
N ASP C 787 -4.54 -46.50 -58.16
CA ASP C 787 -4.30 -45.32 -57.33
C ASP C 787 -5.55 -44.85 -56.60
N GLU C 788 -6.73 -45.43 -56.90
CA GLU C 788 -8.00 -45.04 -56.29
C GLU C 788 -8.29 -43.55 -56.55
N LYS C 789 -8.49 -43.27 -57.83
CA LYS C 789 -8.76 -41.90 -58.29
C LYS C 789 -9.98 -41.32 -57.57
N ARG C 790 -10.09 -40.00 -57.64
CA ARG C 790 -11.14 -39.29 -56.93
C ARG C 790 -12.52 -39.76 -57.38
N ILE C 791 -13.43 -39.91 -56.41
CA ILE C 791 -14.80 -40.32 -56.68
C ILE C 791 -15.58 -39.06 -57.09
N THR C 792 -15.76 -38.88 -58.40
CA THR C 792 -16.41 -37.70 -58.94
C THR C 792 -17.91 -37.86 -59.16
N ALA C 793 -18.42 -39.09 -59.10
CA ALA C 793 -19.83 -39.36 -59.35
C ALA C 793 -20.54 -39.52 -58.00
N THR C 794 -21.02 -38.41 -57.46
CA THR C 794 -21.73 -38.40 -56.20
C THR C 794 -23.23 -38.36 -56.41
N THR C 795 -23.98 -38.66 -55.34
CA THR C 795 -25.42 -38.57 -55.39
C THR C 795 -25.91 -37.14 -55.59
N ARG C 796 -25.08 -36.15 -55.23
CA ARG C 796 -25.41 -34.76 -55.56
C ARG C 796 -25.57 -34.58 -57.06
N GLN C 797 -24.76 -35.27 -57.85
CA GLN C 797 -24.95 -35.25 -59.29
C GLN C 797 -26.31 -35.84 -59.67
N LEU C 798 -26.73 -36.89 -58.97
CA LEU C 798 -28.01 -37.53 -59.26
C LEU C 798 -29.16 -36.56 -59.00
N GLU C 799 -29.14 -35.89 -57.84
CA GLU C 799 -30.19 -34.92 -57.57
C GLU C 799 -30.11 -33.76 -58.56
N SER C 800 -28.91 -33.40 -58.98
CA SER C 800 -28.75 -32.35 -59.98
C SER C 800 -29.46 -32.71 -61.27
N MET C 801 -29.18 -33.91 -61.80
CA MET C 801 -29.81 -34.25 -63.08
C MET C 801 -31.30 -34.45 -62.95
N ILE C 802 -31.77 -35.06 -61.85
CA ILE C 802 -33.22 -35.25 -61.73
C ILE C 802 -33.93 -33.90 -61.65
N ARG C 803 -33.40 -32.97 -60.85
CA ARG C 803 -34.03 -31.66 -60.74
C ARG C 803 -33.97 -30.89 -62.05
N LEU C 804 -32.82 -30.93 -62.73
CA LEU C 804 -32.70 -30.20 -64.00
C LEU C 804 -33.60 -30.78 -65.07
N ALA C 805 -33.70 -32.11 -65.15
CA ALA C 805 -34.57 -32.74 -66.13
C ALA C 805 -36.04 -32.41 -65.84
N GLU C 806 -36.43 -32.42 -64.57
CA GLU C 806 -37.81 -32.08 -64.23
C GLU C 806 -38.09 -30.62 -64.57
N ALA C 807 -37.13 -29.73 -64.29
CA ALA C 807 -37.32 -28.32 -64.63
C ALA C 807 -37.39 -28.09 -66.13
N HIS C 808 -36.66 -28.89 -66.91
CA HIS C 808 -36.76 -28.79 -68.37
C HIS C 808 -38.15 -29.18 -68.84
N ALA C 809 -38.73 -30.24 -68.26
CA ALA C 809 -40.10 -30.61 -68.58
C ALA C 809 -41.09 -29.57 -68.06
N LYS C 810 -40.75 -28.89 -66.98
CA LYS C 810 -41.58 -27.78 -66.52
C LYS C 810 -41.69 -26.71 -67.60
N MET C 811 -40.58 -26.39 -68.25
CA MET C 811 -40.58 -25.54 -69.42
C MET C 811 -41.32 -26.25 -70.57
N LYS C 812 -41.87 -25.44 -71.48
CA LYS C 812 -42.64 -25.89 -72.64
C LYS C 812 -43.99 -26.50 -72.26
N LEU C 813 -44.38 -26.38 -70.99
CA LEU C 813 -45.73 -26.75 -70.54
C LEU C 813 -46.05 -28.22 -70.76
N LYS C 814 -45.03 -29.07 -70.76
CA LYS C 814 -45.25 -30.50 -70.91
C LYS C 814 -45.72 -31.10 -69.59
N ASN C 815 -46.06 -32.39 -69.62
CA ASN C 815 -46.51 -33.10 -68.42
C ASN C 815 -45.67 -34.31 -68.08
N VAL C 816 -44.96 -34.89 -69.04
CA VAL C 816 -44.07 -36.02 -68.79
C VAL C 816 -42.73 -35.71 -69.47
N VAL C 817 -41.65 -36.19 -68.86
CA VAL C 817 -40.32 -35.90 -69.37
C VAL C 817 -40.04 -36.74 -70.61
N GLU C 818 -39.00 -36.34 -71.35
CA GLU C 818 -38.51 -37.08 -72.50
C GLU C 818 -37.01 -37.22 -72.37
N LEU C 819 -36.41 -37.94 -73.33
CA LEU C 819 -34.97 -38.14 -73.30
C LEU C 819 -34.21 -36.83 -73.45
N GLU C 820 -34.69 -35.95 -74.34
CA GLU C 820 -33.99 -34.70 -74.58
C GLU C 820 -33.71 -33.95 -73.29
N ASP C 821 -34.63 -34.04 -72.32
CA ASP C 821 -34.41 -33.42 -71.02
C ASP C 821 -33.18 -33.99 -70.33
N VAL C 822 -33.04 -35.32 -70.32
CA VAL C 822 -31.93 -35.92 -69.58
C VAL C 822 -30.61 -35.70 -70.30
N GLN C 823 -30.59 -35.76 -71.64
CA GLN C 823 -29.36 -35.42 -72.34
C GLN C 823 -28.97 -33.96 -72.10
N GLU C 824 -29.95 -33.04 -72.11
CA GLU C 824 -29.64 -31.64 -71.82
C GLU C 824 -29.08 -31.49 -70.42
N ALA C 825 -29.67 -32.17 -69.44
CA ALA C 825 -29.20 -32.05 -68.06
C ALA C 825 -27.78 -32.58 -67.90
N VAL C 826 -27.51 -33.76 -68.46
CA VAL C 826 -26.18 -34.35 -68.31
C VAL C 826 -25.13 -33.52 -69.04
N ARG C 827 -25.46 -33.01 -70.24
CA ARG C 827 -24.52 -32.16 -70.95
C ARG C 827 -24.27 -30.87 -70.18
N LEU C 828 -25.32 -30.28 -69.61
CA LEU C 828 -25.16 -29.03 -68.86
C LEU C 828 -24.29 -29.22 -67.64
N ILE C 829 -24.48 -30.32 -66.90
CA ILE C 829 -23.65 -30.52 -65.72
C ILE C 829 -22.21 -30.85 -66.11
N ARG C 830 -22.03 -31.72 -67.12
CA ARG C 830 -20.69 -32.16 -67.46
C ARG C 830 -19.88 -31.10 -68.20
N SER C 831 -20.54 -30.10 -68.79
CA SER C 831 -19.80 -28.96 -69.31
C SER C 831 -19.12 -28.19 -68.19
N ALA C 832 -19.83 -27.98 -67.08
CA ALA C 832 -19.24 -27.32 -65.93
C ALA C 832 -18.17 -28.20 -65.27
N ILE C 833 -18.43 -29.51 -65.19
CA ILE C 833 -17.44 -30.41 -64.59
C ILE C 833 -16.16 -30.46 -65.43
N LYS C 834 -16.30 -30.42 -66.76
CA LYS C 834 -15.13 -30.49 -67.62
C LYS C 834 -14.23 -29.27 -67.49
N ASP C 835 -14.75 -28.15 -67.00
CA ASP C 835 -13.97 -26.95 -66.75
C ASP C 835 -13.55 -26.82 -65.30
N TYR C 836 -13.76 -27.87 -64.50
CA TYR C 836 -13.43 -27.87 -63.08
C TYR C 836 -12.05 -28.45 -62.81
N ALA C 837 -11.32 -28.85 -63.84
CA ALA C 837 -10.03 -29.50 -63.65
C ALA C 837 -8.95 -28.49 -63.29
N THR C 838 -7.96 -28.94 -62.53
CA THR C 838 -6.83 -28.13 -62.14
C THR C 838 -5.70 -28.31 -63.15
N ASP C 839 -4.51 -27.82 -62.82
CA ASP C 839 -3.38 -27.91 -63.75
C ASP C 839 -3.03 -29.35 -64.11
N PRO C 840 -2.94 -30.31 -63.16
CA PRO C 840 -2.82 -31.70 -63.57
C PRO C 840 -4.03 -32.16 -64.38
N LYS C 841 -3.77 -33.06 -65.32
CA LYS C 841 -4.76 -33.59 -66.26
C LYS C 841 -5.66 -32.49 -66.84
N ASN D 20 -44.70 22.92 34.06
CA ASN D 20 -43.84 22.58 32.93
C ASN D 20 -42.52 23.35 33.00
N ASP D 21 -42.60 24.66 33.23
CA ASP D 21 -41.39 25.46 33.33
C ASP D 21 -40.62 25.18 34.62
N ASP D 22 -41.31 24.74 35.67
CA ASP D 22 -40.64 24.45 36.94
C ASP D 22 -39.64 23.31 36.79
N ASP D 23 -40.00 22.27 36.05
CA ASP D 23 -39.10 21.14 35.86
C ASP D 23 -37.85 21.57 35.08
N ASN D 24 -38.02 22.40 34.06
CA ASN D 24 -36.86 22.89 33.32
C ASN D 24 -35.93 23.70 34.21
N THR D 25 -36.50 24.56 35.06
CA THR D 25 -35.68 25.34 35.98
C THR D 25 -34.97 24.43 36.97
N GLU D 26 -35.65 23.39 37.47
CA GLU D 26 -35.02 22.46 38.38
C GLU D 26 -33.85 21.73 37.72
N ILE D 27 -34.03 21.29 36.49
CA ILE D 27 -32.96 20.61 35.78
C ILE D 27 -31.78 21.54 35.54
N ILE D 28 -32.06 22.78 35.13
CA ILE D 28 -31.00 23.75 34.90
C ILE D 28 -30.24 24.03 36.19
N LYS D 29 -30.97 24.17 37.31
CA LYS D 29 -30.33 24.40 38.59
C LYS D 29 -29.47 23.20 38.99
N SER D 30 -29.96 21.99 38.74
CA SER D 30 -29.17 20.80 39.06
C SER D 30 -27.85 20.78 38.28
N PHE D 31 -27.92 21.06 36.98
CA PHE D 31 -26.70 21.04 36.18
C PHE D 31 -25.75 22.17 36.57
N LYS D 32 -26.29 23.35 36.89
CA LYS D 32 -25.44 24.45 37.32
C LYS D 32 -24.77 24.14 38.65
N ASN D 33 -25.50 23.50 39.58
CA ASN D 33 -24.90 23.08 40.84
C ASN D 33 -23.81 22.05 40.61
N PHE D 34 -24.05 21.12 39.67
CA PHE D 34 -23.01 20.15 39.32
C PHE D 34 -21.76 20.85 38.81
N ILE D 35 -21.93 21.83 37.92
CA ILE D 35 -20.77 22.51 37.37
C ILE D 35 -20.04 23.30 38.44
N LEU D 36 -20.76 24.00 39.29
CA LEU D 36 -20.15 24.92 40.25
C LEU D 36 -19.68 24.23 41.54
N GLU D 37 -20.08 22.98 41.78
CA GLU D 37 -19.78 22.33 43.05
C GLU D 37 -18.86 21.12 42.90
N PHE D 38 -18.68 20.59 41.70
CA PHE D 38 -17.85 19.41 41.51
C PHE D 38 -16.38 19.77 41.73
N ARG D 39 -15.75 19.09 42.68
CA ARG D 39 -14.33 19.28 42.95
C ARG D 39 -13.74 17.97 43.44
N LEU D 40 -12.50 17.70 43.00
CA LEU D 40 -11.72 16.57 43.49
C LEU D 40 -10.42 17.11 44.07
N ASP D 41 -10.10 16.69 45.29
CA ASP D 41 -8.97 17.21 46.04
C ASP D 41 -9.13 18.71 46.27
N SER D 42 -8.37 19.53 45.54
CA SER D 42 -8.39 20.98 45.75
C SER D 42 -8.54 21.73 44.43
N GLN D 43 -9.25 21.16 43.46
CA GLN D 43 -9.43 21.81 42.16
C GLN D 43 -10.88 21.68 41.71
N PHE D 44 -11.46 22.80 41.27
CA PHE D 44 -12.72 22.79 40.54
C PHE D 44 -12.38 22.71 39.06
N ILE D 45 -12.42 21.49 38.51
CA ILE D 45 -11.88 21.26 37.17
C ILE D 45 -12.70 21.97 36.10
N TYR D 46 -14.02 21.93 36.20
CA TYR D 46 -14.86 22.41 35.11
C TYR D 46 -14.84 23.93 35.00
N ARG D 47 -14.77 24.63 36.14
CA ARG D 47 -14.70 26.09 36.08
C ARG D 47 -13.39 26.55 35.43
N ASP D 48 -12.27 25.92 35.79
CA ASP D 48 -11.00 26.25 35.16
C ASP D 48 -11.01 25.89 33.68
N GLN D 49 -11.67 24.78 33.32
CA GLN D 49 -11.82 24.43 31.92
C GLN D 49 -12.60 25.49 31.16
N LEU D 50 -13.69 26.00 31.75
CA LEU D 50 -14.44 27.07 31.11
C LEU D 50 -13.61 28.32 30.95
N ARG D 51 -12.83 28.67 31.98
CA ARG D 51 -11.96 29.84 31.88
C ARG D 51 -10.98 29.69 30.73
N ASN D 52 -10.26 28.56 30.69
CA ASN D 52 -9.24 28.36 29.66
C ASN D 52 -9.86 28.26 28.26
N ASN D 53 -11.11 27.79 28.18
CA ASN D 53 -11.79 27.73 26.89
C ASN D 53 -12.19 29.12 26.41
N ILE D 54 -12.75 29.93 27.31
CA ILE D 54 -13.18 31.27 26.93
C ILE D 54 -11.97 32.13 26.56
N LEU D 55 -10.86 31.96 27.27
CA LEU D 55 -9.67 32.75 26.95
C LEU D 55 -9.17 32.50 25.54
N VAL D 56 -9.34 31.28 25.02
CA VAL D 56 -8.86 30.94 23.69
C VAL D 56 -9.96 30.96 22.65
N LYS D 57 -11.19 31.33 23.04
CA LYS D 57 -12.35 31.41 22.15
C LYS D 57 -12.72 30.02 21.62
N ASN D 58 -12.91 29.07 22.54
CA ASN D 58 -13.46 27.75 22.24
C ASN D 58 -14.65 27.55 23.16
N TYR D 59 -15.82 28.03 22.72
CA TYR D 59 -17.03 28.00 23.53
C TYR D 59 -17.58 26.58 23.52
N SER D 60 -16.97 25.73 24.35
CA SER D 60 -17.39 24.35 24.46
C SER D 60 -16.95 23.82 25.83
N LEU D 61 -17.56 22.70 26.22
CA LEU D 61 -17.22 22.06 27.48
C LEU D 61 -17.35 20.55 27.31
N THR D 62 -16.46 19.81 27.96
CA THR D 62 -16.41 18.36 27.86
C THR D 62 -16.82 17.73 29.19
N VAL D 63 -17.80 16.84 29.13
CA VAL D 63 -18.33 16.16 30.31
C VAL D 63 -18.01 14.67 30.21
N ASN D 64 -17.46 14.11 31.27
CA ASN D 64 -17.19 12.69 31.35
C ASN D 64 -18.32 11.99 32.09
N MET D 65 -18.73 10.82 31.60
CA MET D 65 -19.87 10.12 32.20
C MET D 65 -19.61 9.73 33.64
N GLU D 66 -18.39 9.28 33.95
CA GLU D 66 -18.09 8.80 35.30
C GLU D 66 -18.27 9.89 36.33
N HIS D 67 -17.84 11.11 36.03
CA HIS D 67 -18.04 12.23 36.95
C HIS D 67 -19.52 12.49 37.17
N LEU D 68 -20.31 12.47 36.10
CA LEU D 68 -21.74 12.72 36.22
C LEU D 68 -22.42 11.66 37.06
N ILE D 69 -22.04 10.39 36.88
CA ILE D 69 -22.65 9.32 37.66
C ILE D 69 -22.21 9.40 39.11
N GLY D 70 -20.93 9.70 39.36
CA GLY D 70 -20.46 9.80 40.73
C GLY D 70 -21.08 10.94 41.49
N TYR D 71 -21.31 12.08 40.82
CA TYR D 71 -21.93 13.22 41.47
C TYR D 71 -23.33 12.87 41.95
N ASN D 72 -24.22 12.52 41.02
CA ASN D 72 -25.56 12.09 41.37
C ASN D 72 -26.11 11.25 40.22
N GLU D 73 -26.83 10.19 40.57
CA GLU D 73 -27.30 9.24 39.57
C GLU D 73 -28.57 9.70 38.86
N ASP D 74 -29.37 10.54 39.51
CA ASP D 74 -30.64 10.96 38.91
C ASP D 74 -30.42 11.77 37.64
N ILE D 75 -29.41 12.63 37.62
CA ILE D 75 -29.13 13.42 36.42
C ILE D 75 -28.75 12.53 35.26
N TYR D 76 -27.90 11.53 35.51
CA TYR D 76 -27.53 10.61 34.44
C TYR D 76 -28.73 9.78 33.99
N LYS D 77 -29.59 9.38 34.94
CA LYS D 77 -30.79 8.64 34.57
C LYS D 77 -31.68 9.47 33.65
N LYS D 78 -31.88 10.75 33.98
CA LYS D 78 -32.71 11.61 33.15
C LYS D 78 -32.05 11.86 31.80
N LEU D 79 -30.73 11.99 31.76
CA LEU D 79 -30.03 12.20 30.50
C LEU D 79 -30.14 10.97 29.59
N SER D 80 -30.04 9.78 30.18
CA SER D 80 -30.16 8.55 29.40
C SER D 80 -31.59 8.23 29.02
N ASP D 81 -32.58 8.77 29.75
CA ASP D 81 -33.97 8.48 29.43
C ASP D 81 -34.40 9.18 28.14
N GLU D 82 -34.34 10.51 28.12
CA GLU D 82 -34.76 11.31 26.98
C GLU D 82 -33.66 12.32 26.66
N PRO D 83 -32.63 11.90 25.92
CA PRO D 83 -31.47 12.78 25.72
C PRO D 83 -31.78 14.03 24.91
N SER D 84 -32.53 13.90 23.81
CA SER D 84 -32.73 15.02 22.91
C SER D 84 -33.52 16.16 23.54
N ASP D 85 -34.27 15.87 24.61
CA ASP D 85 -35.00 16.92 25.31
C ASP D 85 -34.21 17.52 26.46
N ILE D 86 -33.29 16.76 27.04
CA ILE D 86 -32.55 17.23 28.22
C ILE D 86 -31.25 17.96 27.85
N ILE D 87 -30.58 17.53 26.78
CA ILE D 87 -29.27 18.11 26.45
C ILE D 87 -29.31 19.62 26.28
N PRO D 88 -30.29 20.22 25.56
CA PRO D 88 -30.28 21.68 25.43
C PRO D 88 -30.37 22.42 26.76
N LEU D 89 -31.07 21.87 27.75
CA LEU D 89 -31.09 22.51 29.07
C LEU D 89 -29.69 22.58 29.65
N PHE D 90 -28.92 21.49 29.53
CA PHE D 90 -27.54 21.50 30.01
C PHE D 90 -26.70 22.49 29.22
N GLU D 91 -26.88 22.54 27.91
CA GLU D 91 -26.07 23.42 27.08
C GLU D 91 -26.41 24.89 27.27
N THR D 92 -27.59 25.21 27.81
CA THR D 92 -27.87 26.60 28.17
C THR D 92 -27.48 26.90 29.61
N ALA D 93 -27.51 25.91 30.51
CA ALA D 93 -26.94 26.12 31.83
C ALA D 93 -25.45 26.41 31.74
N ILE D 94 -24.77 25.77 30.80
CA ILE D 94 -23.33 26.00 30.61
C ILE D 94 -23.07 27.47 30.26
N THR D 95 -23.86 28.02 29.32
CA THR D 95 -23.62 29.40 28.93
C THR D 95 -24.06 30.37 30.02
N GLN D 96 -25.08 30.02 30.81
CA GLN D 96 -25.42 30.84 31.97
C GLN D 96 -24.24 30.91 32.95
N VAL D 97 -23.62 29.76 33.24
CA VAL D 97 -22.48 29.76 34.16
C VAL D 97 -21.31 30.52 33.55
N ALA D 98 -21.10 30.39 32.24
CA ALA D 98 -20.00 31.10 31.59
C ALA D 98 -20.19 32.61 31.68
N LYS D 99 -21.41 33.09 31.45
CA LYS D 99 -21.67 34.52 31.61
C LYS D 99 -21.54 34.95 33.06
N ARG D 100 -21.87 34.06 34.01
CA ARG D 100 -21.70 34.39 35.42
C ARG D 100 -20.22 34.57 35.77
N ILE D 101 -19.35 33.69 35.28
CA ILE D 101 -17.97 33.66 35.73
C ILE D 101 -17.02 34.22 34.68
N SER D 102 -17.51 34.97 33.70
CA SER D 102 -16.64 35.59 32.72
C SER D 102 -16.83 37.09 32.54
N ILE D 103 -17.95 37.66 33.01
CA ILE D 103 -18.22 39.08 32.82
C ILE D 103 -18.75 39.65 34.14
N LEU D 104 -18.61 40.96 34.28
CA LEU D 104 -19.03 41.68 35.48
C LEU D 104 -20.38 42.33 35.28
N SER D 105 -21.19 42.32 36.35
CA SER D 105 -22.50 42.98 36.29
C SER D 105 -22.37 44.48 36.11
N ARG D 106 -21.38 45.09 36.79
CA ARG D 106 -21.15 46.54 36.73
C ARG D 106 -22.39 47.33 37.14
N ALA D 107 -23.02 46.89 38.23
CA ALA D 107 -24.20 47.54 38.81
C ALA D 107 -25.36 47.65 37.84
N GLN D 108 -25.34 46.88 36.76
CA GLN D 108 -26.40 46.92 35.75
C GLN D 108 -26.67 45.54 35.18
N LEU D 128 -23.95 46.42 25.56
CA LEU D 128 -22.70 45.68 25.67
C LEU D 128 -22.52 44.73 24.48
N LEU D 129 -21.40 44.01 24.47
CA LEU D 129 -21.13 43.07 23.39
C LEU D 129 -21.96 41.79 23.55
N ASN D 130 -21.70 41.05 24.62
CA ASN D 130 -22.42 39.81 24.93
C ASN D 130 -22.50 38.88 23.72
N SER D 131 -21.38 38.77 23.01
CA SER D 131 -21.30 37.91 21.83
C SER D 131 -20.97 36.47 22.20
N LEU D 132 -21.75 35.91 23.12
CA LEU D 132 -21.55 34.54 23.57
C LEU D 132 -22.72 33.69 23.10
N PRO D 133 -22.54 32.86 22.07
CA PRO D 133 -23.64 31.99 21.62
C PRO D 133 -23.89 30.85 22.59
N THR D 134 -24.85 29.98 22.27
CA THR D 134 -25.10 28.82 23.11
C THR D 134 -23.92 27.87 23.04
N PHE D 135 -23.43 27.46 24.21
CA PHE D 135 -22.22 26.66 24.28
C PHE D 135 -22.46 25.24 23.81
N GLN D 136 -21.45 24.67 23.15
CA GLN D 136 -21.50 23.30 22.66
C GLN D 136 -21.10 22.33 23.76
N LEU D 137 -21.83 21.22 23.85
CA LEU D 137 -21.57 20.19 24.85
C LEU D 137 -20.99 18.96 24.15
N ILE D 138 -19.87 18.47 24.67
CA ILE D 138 -19.18 17.31 24.11
C ILE D 138 -19.04 16.27 25.21
N LEU D 139 -19.30 15.01 24.87
CA LEU D 139 -19.33 13.93 25.86
C LEU D 139 -18.28 12.88 25.55
N ASN D 140 -17.82 12.21 26.59
CA ASN D 140 -16.93 11.06 26.48
C ASN D 140 -17.45 9.94 27.36
N SER D 141 -17.23 8.71 26.94
CA SER D 141 -17.75 7.56 27.68
C SER D 141 -16.87 6.35 27.40
N ASN D 142 -17.03 5.33 28.24
CA ASN D 142 -16.31 4.07 28.13
C ASN D 142 -17.27 2.90 28.22
N ALA D 143 -18.44 3.03 27.61
CA ALA D 143 -19.43 1.96 27.61
C ALA D 143 -19.07 0.90 26.57
N ASN D 144 -19.77 -0.23 26.66
CA ASN D 144 -19.54 -1.31 25.71
C ASN D 144 -19.93 -0.90 24.30
N GLN D 145 -19.07 -1.23 23.34
CA GLN D 145 -19.32 -0.85 21.95
C GLN D 145 -20.44 -1.71 21.36
N ILE D 146 -21.09 -1.15 20.36
CA ILE D 146 -22.19 -1.80 19.66
C ILE D 146 -21.86 -1.84 18.18
N PRO D 147 -21.81 -3.00 17.55
CA PRO D 147 -21.54 -3.05 16.10
C PRO D 147 -22.67 -2.44 15.31
N LEU D 148 -22.33 -1.97 14.10
CA LEU D 148 -23.31 -1.27 13.27
C LEU D 148 -24.49 -2.17 12.93
N ARG D 149 -24.23 -3.43 12.56
CA ARG D 149 -25.29 -4.33 12.19
C ARG D 149 -26.16 -4.75 13.36
N ASP D 150 -25.72 -4.50 14.59
CA ASP D 150 -26.51 -4.85 15.76
C ASP D 150 -27.56 -3.79 16.08
N LEU D 151 -27.47 -2.60 15.48
CA LEU D 151 -28.45 -1.55 15.74
C LEU D 151 -29.80 -1.96 15.17
N ASP D 152 -30.84 -1.77 15.97
CA ASP D 152 -32.19 -2.20 15.60
C ASP D 152 -33.19 -1.26 16.24
N SER D 153 -34.47 -1.68 16.30
CA SER D 153 -35.55 -0.81 16.73
C SER D 153 -35.45 -0.39 18.19
N GLU D 154 -34.74 -1.16 19.03
CA GLU D 154 -34.65 -0.83 20.45
C GLU D 154 -33.63 0.27 20.75
N HIS D 155 -32.85 0.70 19.75
CA HIS D 155 -31.85 1.74 19.96
C HIS D 155 -32.33 3.12 19.51
N VAL D 156 -33.62 3.26 19.23
CA VAL D 156 -34.14 4.55 18.77
C VAL D 156 -34.18 5.52 19.94
N SER D 157 -33.62 6.71 19.73
CA SER D 157 -33.57 7.77 20.74
C SER D 157 -32.81 7.32 21.99
N LYS D 158 -31.64 6.73 21.77
CA LYS D 158 -30.77 6.29 22.85
C LYS D 158 -29.35 6.72 22.53
N ILE D 159 -28.54 6.86 23.59
CA ILE D 159 -27.13 7.19 23.44
C ILE D 159 -26.36 5.90 23.21
N VAL D 160 -25.64 5.83 22.09
CA VAL D 160 -24.91 4.64 21.71
C VAL D 160 -23.48 5.01 21.35
N ARG D 161 -22.57 4.06 21.55
CA ARG D 161 -21.17 4.23 21.19
C ARG D 161 -20.79 3.13 20.20
N LEU D 162 -20.09 3.51 19.13
CA LEU D 162 -19.78 2.57 18.06
C LEU D 162 -18.55 3.06 17.32
N SER D 163 -17.97 2.16 16.53
CA SER D 163 -16.75 2.44 15.79
C SER D 163 -16.90 2.03 14.34
N GLY D 164 -16.23 2.76 13.47
CA GLY D 164 -16.27 2.49 12.05
C GLY D 164 -15.11 3.14 11.34
N ILE D 165 -15.26 3.29 10.02
CA ILE D 165 -14.25 3.93 9.18
C ILE D 165 -14.94 4.98 8.31
N ILE D 166 -14.33 6.16 8.22
CA ILE D 166 -14.90 7.25 7.44
C ILE D 166 -14.54 7.05 5.97
N ILE D 167 -15.53 7.16 5.10
CA ILE D 167 -15.32 6.93 3.67
C ILE D 167 -15.55 8.18 2.83
N SER D 168 -16.36 9.14 3.27
CA SER D 168 -16.59 10.34 2.49
C SER D 168 -17.09 11.44 3.41
N THR D 169 -16.64 12.67 3.16
CA THR D 169 -17.04 13.84 3.92
C THR D 169 -17.72 14.84 2.99
N SER D 170 -18.91 15.29 3.37
CA SER D 170 -19.65 16.26 2.59
C SER D 170 -19.12 17.67 2.84
N VAL D 171 -19.49 18.59 1.96
CA VAL D 171 -19.14 19.99 2.13
C VAL D 171 -20.05 20.61 3.18
N LEU D 172 -19.50 21.55 3.95
CA LEU D 172 -20.26 22.16 5.02
C LEU D 172 -21.36 23.05 4.48
N SER D 173 -22.48 23.10 5.21
CA SER D 173 -23.62 23.91 4.86
C SER D 173 -24.02 24.76 6.06
N SER D 174 -24.86 25.76 5.81
CA SER D 174 -25.26 26.71 6.82
C SER D 174 -26.60 26.32 7.45
N ARG D 175 -26.74 26.67 8.73
CA ARG D 175 -27.98 26.46 9.47
C ARG D 175 -28.31 27.73 10.24
N ALA D 176 -29.61 28.00 10.39
CA ALA D 176 -30.06 29.19 11.09
C ALA D 176 -30.29 28.90 12.56
N THR D 177 -29.88 29.83 13.42
CA THR D 177 -30.10 29.72 14.85
C THR D 177 -30.94 30.84 15.41
N TYR D 178 -30.71 32.08 14.98
CA TYR D 178 -31.47 33.24 15.43
C TYR D 178 -32.02 33.94 14.20
N LEU D 179 -33.31 33.81 13.97
CA LEU D 179 -33.95 34.33 12.76
C LEU D 179 -34.71 35.62 13.09
N SER D 180 -34.39 36.68 12.36
CA SER D 180 -35.13 37.93 12.44
C SER D 180 -36.21 37.92 11.38
N ILE D 181 -37.46 38.00 11.80
CA ILE D 181 -38.61 37.80 10.93
C ILE D 181 -39.44 39.08 10.88
N MET D 182 -39.83 39.47 9.66
CA MET D 182 -40.58 40.69 9.39
C MET D 182 -41.92 40.33 8.77
N CYS D 183 -42.97 41.00 9.23
CA CYS D 183 -44.26 40.87 8.58
C CYS D 183 -44.36 41.80 7.38
N ARG D 184 -45.37 41.56 6.54
CA ARG D 184 -45.56 42.34 5.33
C ARG D 184 -46.71 43.35 5.43
N ASN D 185 -47.82 42.98 6.08
CA ASN D 185 -48.96 43.89 6.19
C ASN D 185 -48.90 44.73 7.46
N CYS D 186 -48.89 44.08 8.62
CA CYS D 186 -48.70 44.82 9.87
C CYS D 186 -47.26 45.30 10.00
N ARG D 187 -46.31 44.52 9.50
CA ARG D 187 -44.91 44.94 9.35
C ARG D 187 -44.28 45.28 10.70
N HIS D 188 -44.23 44.27 11.57
CA HIS D 188 -43.52 44.36 12.83
C HIS D 188 -42.35 43.39 12.83
N THR D 189 -41.49 43.50 13.85
CA THR D 189 -40.30 42.68 13.96
C THR D 189 -40.49 41.62 15.02
N THR D 190 -39.91 40.44 14.78
CA THR D 190 -39.93 39.38 15.77
C THR D 190 -38.66 38.54 15.61
N SER D 191 -38.31 37.82 16.66
CA SER D 191 -37.11 36.98 16.64
C SER D 191 -37.48 35.55 17.03
N ILE D 192 -36.83 34.59 16.38
CA ILE D 192 -37.06 33.17 16.62
C ILE D 192 -35.72 32.52 16.96
N THR D 193 -35.70 31.79 18.07
CA THR D 193 -34.51 31.04 18.50
C THR D 193 -34.72 29.56 18.21
N ILE D 194 -33.77 28.95 17.51
CA ILE D 194 -33.91 27.58 17.03
C ILE D 194 -32.78 26.74 17.60
N ASN D 195 -33.14 25.63 18.24
CA ASN D 195 -32.19 24.64 18.69
C ASN D 195 -32.06 23.53 17.64
N ASN D 196 -30.91 22.86 17.66
CA ASN D 196 -30.61 21.86 16.64
C ASN D 196 -31.19 20.48 16.94
N PHE D 197 -31.49 20.18 18.20
CA PHE D 197 -32.03 18.87 18.55
C PHE D 197 -33.49 18.77 18.11
N ASN D 198 -34.00 17.54 18.13
CA ASN D 198 -35.36 17.23 17.72
C ASN D 198 -35.62 17.68 16.27
N VAL D 205 -40.18 23.82 14.13
CA VAL D 205 -40.71 25.17 14.23
C VAL D 205 -41.00 25.73 12.84
N SER D 206 -42.17 26.32 12.67
CA SER D 206 -42.61 26.88 11.39
C SER D 206 -43.12 28.29 11.61
N LEU D 207 -43.53 28.92 10.50
CA LEU D 207 -44.08 30.27 10.56
C LEU D 207 -45.32 30.27 11.44
N PRO D 208 -45.40 31.15 12.44
CA PRO D 208 -46.59 31.17 13.32
C PRO D 208 -47.84 31.51 12.55
N ARG D 209 -48.95 30.88 12.94
CA ARG D 209 -50.24 31.16 12.34
C ARG D 209 -50.81 32.46 12.90
N SER D 210 -51.41 33.26 12.01
CA SER D 210 -51.97 34.57 12.33
C SER D 210 -50.88 35.55 12.77
N CYS D 211 -51.23 36.83 12.87
CA CYS D 211 -50.26 37.85 13.24
C CYS D 211 -50.24 38.05 14.75
N LEU D 212 -49.36 38.93 15.22
CA LEU D 212 -49.20 39.22 16.63
C LEU D 212 -49.93 40.51 16.97
N SER D 213 -50.81 40.46 17.96
CA SER D 213 -51.60 41.62 18.36
C SER D 213 -51.37 41.95 19.83
N LYS D 234 -53.99 44.77 10.95
CA LYS D 234 -55.24 44.08 11.23
C LYS D 234 -55.67 43.21 10.04
N ASN D 235 -56.11 41.99 10.34
CA ASN D 235 -56.59 41.04 9.35
C ASN D 235 -55.53 40.75 8.29
N CYS D 236 -54.42 40.18 8.74
CA CYS D 236 -53.37 39.74 7.84
C CYS D 236 -53.70 38.36 7.27
N GLY D 237 -52.79 37.83 6.47
CA GLY D 237 -52.98 36.54 5.86
C GLY D 237 -52.65 35.40 6.82
N PRO D 238 -52.58 34.17 6.30
CA PRO D 238 -52.23 33.03 7.15
C PRO D 238 -50.82 33.14 7.72
N ASP D 239 -49.83 33.30 6.85
CA ASP D 239 -48.43 33.45 7.25
C ASP D 239 -47.81 34.59 6.44
N PRO D 240 -48.12 35.85 6.79
CA PRO D 240 -47.59 37.01 6.07
C PRO D 240 -46.19 37.43 6.53
N TYR D 241 -45.29 36.46 6.58
CA TYR D 241 -43.95 36.67 7.12
C TYR D 241 -42.88 36.40 6.07
N ILE D 242 -41.77 37.12 6.20
CA ILE D 242 -40.57 36.91 5.39
C ILE D 242 -39.38 36.86 6.31
N ILE D 243 -38.28 36.33 5.80
CA ILE D 243 -37.05 36.16 6.57
C ILE D 243 -36.10 37.30 6.24
N ILE D 244 -35.66 38.01 7.27
CA ILE D 244 -34.65 39.05 7.12
C ILE D 244 -33.28 38.39 7.27
N HIS D 245 -32.56 38.26 6.17
CA HIS D 245 -31.32 37.50 6.19
C HIS D 245 -30.22 38.23 6.95
N GLU D 246 -30.15 39.56 6.80
CA GLU D 246 -29.24 40.32 7.64
C GLU D 246 -29.74 40.32 9.07
N SER D 247 -28.81 40.53 10.01
CA SER D 247 -29.09 40.44 11.43
C SER D 247 -29.65 39.06 11.80
N SER D 248 -29.02 38.02 11.26
CA SER D 248 -29.37 36.63 11.56
C SER D 248 -28.11 35.85 11.84
N LYS D 249 -28.24 34.83 12.70
CA LYS D 249 -27.11 34.04 13.17
C LYS D 249 -27.12 32.66 12.53
N PHE D 250 -25.96 32.22 12.06
CA PHE D 250 -25.83 30.97 11.33
C PHE D 250 -24.65 30.16 11.86
N ILE D 251 -24.77 28.83 11.73
CA ILE D 251 -23.76 27.88 12.15
C ILE D 251 -23.49 26.92 11.00
N ASP D 252 -22.53 26.00 11.21
CA ASP D 252 -22.07 25.08 10.18
C ASP D 252 -22.49 23.65 10.51
N GLN D 253 -22.88 22.91 9.48
CA GLN D 253 -23.25 21.50 9.59
C GLN D 253 -22.55 20.71 8.50
N GLN D 254 -22.23 19.45 8.81
CA GLN D 254 -21.52 18.59 7.89
C GLN D 254 -22.05 17.17 7.98
N PHE D 255 -22.00 16.45 6.86
CA PHE D 255 -22.47 15.07 6.76
C PHE D 255 -21.28 14.14 6.54
N LEU D 256 -21.35 12.96 7.14
CA LEU D 256 -20.29 11.97 7.04
C LEU D 256 -20.91 10.60 6.79
N LYS D 257 -20.12 9.71 6.16
CA LYS D 257 -20.52 8.34 5.91
C LYS D 257 -19.60 7.39 6.65
N LEU D 258 -20.19 6.41 7.32
CA LEU D 258 -19.46 5.44 8.13
C LEU D 258 -19.67 4.04 7.58
N GLN D 259 -18.62 3.23 7.64
CA GLN D 259 -18.63 1.87 7.11
C GLN D 259 -18.11 0.91 8.17
N GLU D 260 -18.64 -0.30 8.17
CA GLU D 260 -18.21 -1.32 9.13
C GLU D 260 -16.75 -1.70 8.92
N ILE D 261 -16.07 -1.97 10.03
CA ILE D 261 -14.67 -2.40 9.99
C ILE D 261 -14.58 -3.78 9.37
N PRO D 262 -13.52 -4.07 8.61
CA PRO D 262 -13.48 -5.36 7.89
C PRO D 262 -13.51 -6.59 8.78
N GLU D 263 -12.90 -6.54 9.96
CA GLU D 263 -12.77 -7.72 10.79
C GLU D 263 -14.05 -8.09 11.53
N LEU D 264 -15.05 -7.22 11.54
CA LEU D 264 -16.29 -7.49 12.26
C LEU D 264 -17.45 -7.80 11.34
N VAL D 265 -17.22 -7.85 10.03
CA VAL D 265 -18.29 -8.18 9.07
C VAL D 265 -18.74 -9.62 9.31
N PRO D 266 -20.04 -9.91 9.32
CA PRO D 266 -20.50 -11.29 9.52
C PRO D 266 -20.15 -12.21 8.36
N VAL D 267 -20.53 -13.47 8.47
CA VAL D 267 -20.11 -14.47 7.48
C VAL D 267 -20.83 -14.25 6.17
N GLY D 268 -20.06 -14.19 5.08
CA GLY D 268 -20.63 -14.12 3.74
C GLY D 268 -21.51 -12.91 3.49
N GLU D 269 -21.14 -11.76 4.03
CA GLU D 269 -21.92 -10.53 3.87
C GLU D 269 -21.04 -9.44 3.28
N MET D 270 -21.60 -8.24 3.19
CA MET D 270 -20.92 -7.09 2.64
C MET D 270 -21.09 -5.90 3.58
N PRO D 271 -20.15 -4.96 3.56
CA PRO D 271 -20.21 -3.85 4.53
C PRO D 271 -21.43 -2.97 4.32
N ARG D 272 -21.93 -2.42 5.42
CA ARG D 272 -23.11 -1.56 5.42
C ARG D 272 -22.68 -0.13 5.76
N ASN D 273 -23.34 0.84 5.12
CA ASN D 273 -23.03 2.25 5.31
C ASN D 273 -24.08 2.92 6.18
N LEU D 274 -23.66 4.00 6.81
CA LEU D 274 -24.55 4.76 7.69
C LEU D 274 -24.19 6.24 7.59
N THR D 275 -25.17 7.09 7.89
CA THR D 275 -25.05 8.54 7.70
C THR D 275 -25.02 9.23 9.06
N MET D 276 -24.07 10.16 9.22
CA MET D 276 -23.89 10.90 10.46
C MET D 276 -23.89 12.39 10.16
N THR D 277 -24.34 13.18 11.13
CA THR D 277 -24.37 14.63 11.01
C THR D 277 -23.66 15.26 12.20
N CYS D 278 -22.74 16.18 11.92
CA CYS D 278 -22.03 16.93 12.94
C CYS D 278 -22.23 18.42 12.71
N ASP D 279 -21.97 19.22 13.74
CA ASP D 279 -22.21 20.65 13.65
C ASP D 279 -21.21 21.42 14.50
N ARG D 280 -21.03 22.69 14.15
CA ARG D 280 -20.13 23.61 14.84
C ARG D 280 -18.70 23.09 14.91
N TYR D 281 -18.15 22.99 16.12
CA TYR D 281 -16.74 22.66 16.29
C TYR D 281 -16.40 21.23 15.87
N LEU D 282 -17.38 20.32 15.92
CA LEU D 282 -17.11 18.93 15.54
C LEU D 282 -16.87 18.75 14.05
N THR D 283 -17.15 19.77 13.23
CA THR D 283 -16.96 19.64 11.80
C THR D 283 -15.49 19.81 11.42
N ASN D 284 -15.15 19.32 10.23
CA ASN D 284 -13.81 19.46 9.66
C ASN D 284 -12.73 18.87 10.56
N LYS D 285 -13.07 17.79 11.28
CA LYS D 285 -12.15 17.17 12.22
C LYS D 285 -11.55 15.86 11.72
N VAL D 286 -12.26 15.12 10.87
CA VAL D 286 -11.80 13.83 10.38
C VAL D 286 -11.61 13.92 8.87
N ILE D 287 -10.86 12.95 8.35
CA ILE D 287 -10.63 12.83 6.91
C ILE D 287 -11.00 11.41 6.50
N PRO D 288 -11.39 11.19 5.25
CA PRO D 288 -11.80 9.84 4.83
C PRO D 288 -10.66 8.84 5.00
N GLY D 289 -11.04 7.63 5.43
CA GLY D 289 -10.08 6.55 5.58
C GLY D 289 -9.40 6.45 6.92
N THR D 290 -10.00 7.01 7.98
CA THR D 290 -9.43 6.96 9.32
C THR D 290 -10.40 6.29 10.27
N ARG D 291 -9.91 5.28 11.01
CA ARG D 291 -10.73 4.61 12.00
C ARG D 291 -11.08 5.58 13.13
N VAL D 292 -12.36 5.64 13.48
CA VAL D 292 -12.84 6.59 14.49
C VAL D 292 -13.79 5.87 15.44
N THR D 293 -13.96 6.48 16.62
CA THR D 293 -14.92 6.03 17.62
C THR D 293 -15.91 7.16 17.86
N ILE D 294 -17.19 6.87 17.68
CA ILE D 294 -18.24 7.89 17.71
C ILE D 294 -19.19 7.61 18.85
N VAL D 295 -19.58 8.66 19.56
CA VAL D 295 -20.66 8.61 20.54
C VAL D 295 -21.72 9.63 20.14
N GLY D 296 -22.97 9.18 20.07
CA GLY D 296 -24.03 10.06 19.60
C GLY D 296 -25.39 9.44 19.84
N ILE D 297 -26.39 9.99 19.15
CA ILE D 297 -27.79 9.60 19.30
C ILE D 297 -28.24 8.94 18.00
N TYR D 298 -28.88 7.79 18.13
CA TYR D 298 -29.42 7.04 16.99
C TYR D 298 -30.89 7.36 16.86
N SER D 299 -31.22 8.30 15.97
CA SER D 299 -32.59 8.75 15.76
C SER D 299 -32.97 8.55 14.30
N ILE D 300 -34.25 8.82 14.00
CA ILE D 300 -34.82 8.55 12.68
C ILE D 300 -35.43 9.84 12.15
N TYR D 301 -35.23 10.08 10.85
CA TYR D 301 -35.81 11.23 10.16
C TYR D 301 -36.58 10.75 8.94
N ASN D 302 -37.78 11.27 8.76
CA ASN D 302 -38.61 10.85 7.64
C ASN D 302 -38.09 11.44 6.33
N SER D 303 -38.51 10.83 5.22
CA SER D 303 -38.10 11.24 3.88
C SER D 303 -39.37 11.44 3.04
N LYS D 304 -39.90 12.67 3.03
CA LYS D 304 -41.06 12.96 2.21
C LYS D 304 -40.73 12.88 0.72
N ASN D 305 -39.54 13.35 0.34
CA ASN D 305 -39.14 13.28 -1.08
C ASN D 305 -39.03 11.85 -1.56
N GLY D 306 -38.46 10.97 -0.74
CA GLY D 306 -38.30 9.58 -1.10
C GLY D 306 -39.61 8.79 -1.04
N SER D 319 -41.49 3.46 -1.60
CA SER D 319 -41.09 2.17 -1.05
C SER D 319 -41.68 1.96 0.34
N GLY D 320 -42.48 0.91 0.48
CA GLY D 320 -43.06 0.57 1.76
C GLY D 320 -44.11 1.57 2.22
N VAL D 321 -44.48 1.44 3.49
CA VAL D 321 -45.46 2.30 4.13
C VAL D 321 -44.90 2.74 5.48
N ALA D 322 -45.02 4.04 5.78
CA ALA D 322 -44.58 4.59 7.06
C ALA D 322 -43.10 4.28 7.34
N ILE D 323 -42.26 4.46 6.32
CA ILE D 323 -40.85 4.15 6.43
C ILE D 323 -40.10 5.37 6.95
N ARG D 324 -38.99 5.14 7.63
CA ARG D 324 -38.21 6.20 8.26
C ARG D 324 -36.74 5.83 8.18
N THR D 325 -35.95 6.62 7.46
CA THR D 325 -34.53 6.34 7.32
C THR D 325 -33.78 6.80 8.56
N PRO D 326 -33.00 5.93 9.20
CA PRO D 326 -32.26 6.32 10.40
C PRO D 326 -30.94 7.00 10.07
N TYR D 327 -30.40 7.69 11.07
CA TYR D 327 -29.12 8.40 10.95
C TYR D 327 -28.56 8.62 12.34
N ILE D 328 -27.38 9.22 12.40
CA ILE D 328 -26.67 9.45 13.67
C ILE D 328 -26.39 10.93 13.83
N LYS D 329 -26.59 11.43 15.04
CA LYS D 329 -26.22 12.79 15.42
C LYS D 329 -24.94 12.71 16.26
N ILE D 330 -23.85 13.27 15.75
CA ILE D 330 -22.55 13.11 16.41
C ILE D 330 -22.49 14.01 17.63
N LEU D 331 -22.11 13.43 18.77
CA LEU D 331 -21.83 14.18 19.99
C LEU D 331 -20.36 14.20 20.35
N GLY D 332 -19.64 13.11 20.12
CA GLY D 332 -18.23 13.05 20.42
C GLY D 332 -17.45 12.12 19.53
N ILE D 333 -16.22 12.51 19.19
CA ILE D 333 -15.38 11.78 18.24
C ILE D 333 -14.01 11.55 18.87
N GLN D 334 -13.53 10.31 18.80
CA GLN D 334 -12.16 9.98 19.17
C GLN D 334 -11.46 9.37 17.97
N SER D 335 -10.21 9.78 17.75
CA SER D 335 -9.43 9.28 16.62
C SER D 335 -8.03 8.93 17.09
N ASP D 336 -7.45 7.90 16.46
CA ASP D 336 -6.11 7.47 16.82
C ASP D 336 -5.06 8.51 16.42
N VAL D 337 -5.18 9.05 15.21
CA VAL D 337 -4.22 10.05 14.74
C VAL D 337 -4.33 11.35 15.51
N GLU D 338 -5.51 11.61 16.11
CA GLU D 338 -5.76 12.83 16.89
C GLU D 338 -5.56 14.09 16.07
N THR D 339 -5.73 13.98 14.74
CA THR D 339 -5.63 15.11 13.82
C THR D 339 -4.27 15.81 13.93
N SER D 340 -3.24 15.08 14.36
CA SER D 340 -1.92 15.69 14.53
C SER D 340 -1.32 16.09 13.19
N SER D 341 -1.41 15.21 12.20
CA SER D 341 -0.86 15.48 10.87
C SER D 341 -1.79 16.32 10.03
N VAL D 346 0.84 21.25 11.80
CA VAL D 346 1.68 21.76 12.89
C VAL D 346 1.64 20.80 14.08
N THR D 347 2.50 21.05 15.06
CA THR D 347 2.68 20.14 16.17
C THR D 347 1.63 20.39 17.26
N MET D 348 0.88 19.34 17.59
CA MET D 348 -0.14 19.38 18.64
C MET D 348 0.31 18.67 19.92
N PHE D 349 1.57 18.29 20.03
CA PHE D 349 2.04 17.51 21.16
C PHE D 349 2.35 18.39 22.35
N THR D 350 2.09 17.87 23.55
CA THR D 350 2.40 18.58 24.79
C THR D 350 3.85 18.32 25.16
N GLU D 351 4.25 18.77 26.35
CA GLU D 351 5.66 18.72 26.73
C GLU D 351 6.13 17.32 27.12
N GLU D 352 5.25 16.52 27.75
CA GLU D 352 5.68 15.20 28.23
C GLU D 352 6.09 14.30 27.08
N GLU D 353 5.22 14.15 26.08
CA GLU D 353 5.56 13.31 24.94
C GLU D 353 6.68 13.91 24.11
N GLU D 354 6.79 15.24 24.08
CA GLU D 354 7.91 15.88 23.36
C GLU D 354 9.24 15.51 23.98
N GLU D 355 9.35 15.63 25.31
CA GLU D 355 10.60 15.27 25.97
C GLU D 355 10.84 13.77 25.92
N GLU D 356 9.78 12.96 25.93
CA GLU D 356 9.95 11.53 25.75
C GLU D 356 10.53 11.22 24.38
N PHE D 357 10.03 11.87 23.33
CA PHE D 357 10.56 11.67 21.99
C PHE D 357 12.01 12.13 21.89
N LEU D 358 12.34 13.26 22.53
CA LEU D 358 13.72 13.73 22.53
C LEU D 358 14.65 12.73 23.22
N GLN D 359 14.23 12.22 24.38
CA GLN D 359 15.04 11.23 25.09
C GLN D 359 15.21 9.96 24.26
N LEU D 360 14.15 9.54 23.56
CA LEU D 360 14.27 8.40 22.67
C LEU D 360 15.25 8.69 21.53
N SER D 361 15.22 9.92 21.01
CA SER D 361 16.17 10.31 19.97
C SER D 361 17.60 10.37 20.48
N ARG D 362 17.79 10.53 21.79
CA ARG D 362 19.13 10.50 22.37
C ARG D 362 19.68 9.09 22.54
N ASN D 363 18.88 8.06 22.25
CA ASN D 363 19.37 6.69 22.33
C ASN D 363 20.43 6.47 21.26
N PRO D 364 21.64 6.02 21.61
CA PRO D 364 22.69 5.86 20.61
C PRO D 364 22.58 4.61 19.76
N LYS D 365 21.57 3.77 19.96
CA LYS D 365 21.34 2.60 19.13
C LYS D 365 19.88 2.56 18.65
N LEU D 366 19.32 3.74 18.39
CA LEU D 366 17.92 3.81 17.97
C LEU D 366 17.70 3.14 16.62
N TYR D 367 18.72 3.13 15.75
CA TYR D 367 18.59 2.49 14.46
C TYR D 367 18.30 1.01 14.61
N GLU D 368 19.02 0.34 15.50
CA GLU D 368 18.78 -1.09 15.73
C GLU D 368 17.47 -1.32 16.47
N ILE D 369 17.11 -0.45 17.41
CA ILE D 369 15.86 -0.64 18.15
C ILE D 369 14.66 -0.39 17.25
N LEU D 370 14.83 0.33 16.15
CA LEU D 370 13.77 0.48 15.17
C LEU D 370 13.76 -0.65 14.15
N THR D 371 14.94 -1.10 13.70
CA THR D 371 15.02 -2.21 12.77
C THR D 371 14.47 -3.48 13.39
N ASN D 372 14.78 -3.73 14.67
CA ASN D 372 14.23 -4.89 15.36
C ASN D 372 12.72 -4.81 15.53
N SER D 373 12.15 -3.61 15.51
CA SER D 373 10.73 -3.42 15.75
C SER D 373 9.88 -3.56 14.49
N ILE D 374 10.49 -3.66 13.32
CA ILE D 374 9.74 -3.78 12.07
C ILE D 374 9.40 -5.26 11.90
N ALA D 375 8.14 -5.61 12.18
CA ALA D 375 7.64 -6.97 12.06
C ALA D 375 8.52 -7.95 12.81
N PRO D 376 8.49 -7.96 14.15
CA PRO D 376 9.32 -8.91 14.90
C PRO D 376 8.95 -10.36 14.66
N SER D 377 7.85 -10.62 13.95
CA SER D 377 7.41 -11.96 13.64
C SER D 377 8.05 -12.51 12.36
N ILE D 378 8.85 -11.72 11.66
CA ILE D 378 9.52 -12.14 10.44
C ILE D 378 11.00 -12.29 10.74
N PHE D 379 11.56 -13.45 10.40
CA PHE D 379 12.93 -13.80 10.73
C PHE D 379 13.81 -13.73 9.48
N GLY D 380 15.03 -13.21 9.66
CA GLY D 380 16.04 -13.28 8.63
C GLY D 380 16.29 -12.00 7.86
N ASN D 381 15.23 -11.31 7.47
CA ASN D 381 15.38 -10.11 6.65
C ASN D 381 15.87 -8.95 7.50
N GLU D 382 16.97 -8.34 7.08
CA GLU D 382 17.50 -7.14 7.76
C GLU D 382 17.63 -5.95 6.84
N ASP D 383 18.17 -6.14 5.63
CA ASP D 383 18.26 -5.03 4.69
C ASP D 383 16.88 -4.56 4.24
N ILE D 384 15.93 -5.50 4.10
CA ILE D 384 14.56 -5.12 3.77
C ILE D 384 13.97 -4.23 4.86
N LYS D 385 14.18 -4.60 6.12
CA LYS D 385 13.65 -3.79 7.22
C LYS D 385 14.32 -2.42 7.27
N LYS D 386 15.63 -2.37 7.03
CA LYS D 386 16.30 -1.07 6.99
C LYS D 386 15.75 -0.20 5.86
N ALA D 387 15.50 -0.80 4.70
CA ALA D 387 14.92 -0.06 3.59
C ALA D 387 13.51 0.44 3.93
N ILE D 388 12.72 -0.40 4.60
CA ILE D 388 11.38 0.00 4.99
C ILE D 388 11.42 1.16 5.97
N VAL D 389 12.35 1.12 6.92
CA VAL D 389 12.49 2.24 7.87
C VAL D 389 12.88 3.51 7.14
N CYS D 390 13.84 3.40 6.21
CA CYS D 390 14.27 4.58 5.45
C CYS D 390 13.13 5.15 4.62
N LEU D 391 12.30 4.28 4.03
CA LEU D 391 11.14 4.74 3.29
C LEU D 391 10.12 5.42 4.20
N LEU D 392 9.90 4.83 5.39
CA LEU D 392 8.92 5.40 6.31
C LEU D 392 9.33 6.80 6.76
N MET D 393 10.61 6.98 7.09
CA MET D 393 11.07 8.32 7.45
C MET D 393 10.89 9.31 6.31
N GLY D 394 11.22 8.91 5.09
CA GLY D 394 11.04 9.76 3.94
C GLY D 394 12.18 10.74 3.75
N GLY D 395 12.29 11.25 2.53
CA GLY D 395 13.31 12.21 2.19
C GLY D 395 12.94 13.61 2.64
N SER D 396 13.74 14.57 2.18
CA SER D 396 13.54 15.98 2.49
C SER D 396 13.11 16.70 1.23
N LYS D 397 11.88 17.22 1.24
CA LYS D 397 11.37 17.95 0.08
C LYS D 397 12.17 19.22 -0.15
N LYS D 398 12.39 19.55 -1.42
CA LYS D 398 13.19 20.71 -1.80
C LYS D 398 12.48 21.49 -2.89
N ILE D 399 12.59 22.81 -2.83
CA ILE D 399 12.06 23.72 -3.84
C ILE D 399 13.16 24.72 -4.20
N LEU D 400 13.01 25.31 -5.38
CA LEU D 400 13.99 26.25 -5.92
C LEU D 400 13.31 27.53 -6.35
N PRO D 401 14.05 28.65 -6.38
CA PRO D 401 13.46 29.90 -6.89
C PRO D 401 13.10 29.84 -8.36
N ASP D 402 13.69 28.92 -9.12
CA ASP D 402 13.36 28.78 -10.54
C ASP D 402 11.99 28.14 -10.76
N GLY D 403 11.40 27.54 -9.73
CA GLY D 403 10.08 26.96 -9.80
C GLY D 403 10.05 25.46 -9.90
N MET D 404 11.17 24.82 -10.21
CA MET D 404 11.19 23.37 -10.37
C MET D 404 11.04 22.68 -9.02
N ARG D 405 10.49 21.47 -9.05
CA ARG D 405 10.29 20.66 -7.86
C ARG D 405 11.28 19.50 -7.82
N LEU D 406 11.63 19.09 -6.60
CA LEU D 406 12.47 17.92 -6.37
C LEU D 406 11.70 16.94 -5.50
N ARG D 407 11.68 15.67 -5.93
CA ARG D 407 10.94 14.64 -5.20
C ARG D 407 11.55 14.41 -3.83
N GLY D 408 10.72 13.97 -2.89
CA GLY D 408 11.17 13.76 -1.52
C GLY D 408 10.78 12.42 -0.94
N ASP D 409 10.63 11.41 -1.79
CA ASP D 409 10.28 10.07 -1.35
C ASP D 409 11.18 9.06 -2.07
N ILE D 410 11.22 7.84 -1.52
CA ILE D 410 11.95 6.73 -2.11
C ILE D 410 10.99 5.58 -2.32
N ASN D 411 11.15 4.86 -3.43
CA ASN D 411 10.25 3.77 -3.81
C ASN D 411 11.01 2.45 -3.80
N VAL D 412 10.50 1.49 -3.04
CA VAL D 412 11.15 0.20 -2.85
C VAL D 412 10.33 -0.88 -3.56
N LEU D 413 11.00 -1.70 -4.36
CA LEU D 413 10.36 -2.78 -5.10
C LEU D 413 10.92 -4.11 -4.63
N LEU D 414 10.03 -5.03 -4.25
CA LEU D 414 10.41 -6.37 -3.84
C LEU D 414 10.10 -7.34 -4.99
N LEU D 415 11.13 -7.98 -5.50
CA LEU D 415 11.04 -8.82 -6.70
C LEU D 415 11.79 -10.12 -6.44
N GLY D 416 11.10 -11.13 -5.92
CA GLY D 416 11.77 -12.36 -5.55
C GLY D 416 10.95 -13.63 -5.63
N ASP D 417 11.51 -14.72 -5.11
CA ASP D 417 10.88 -16.02 -5.20
C ASP D 417 9.69 -16.12 -4.25
N PRO D 418 8.75 -17.03 -4.54
CA PRO D 418 7.61 -17.19 -3.65
C PRO D 418 8.01 -17.79 -2.30
N GLY D 419 7.20 -17.50 -1.29
CA GLY D 419 7.42 -18.01 0.05
C GLY D 419 8.38 -17.22 0.90
N THR D 420 8.94 -16.12 0.39
CA THR D 420 9.90 -15.32 1.11
C THR D 420 9.25 -14.18 1.90
N ALA D 421 7.94 -14.26 2.15
CA ALA D 421 7.21 -13.31 3.00
C ALA D 421 7.35 -11.87 2.48
N LYS D 422 6.72 -11.63 1.32
CA LYS D 422 6.69 -10.29 0.77
C LYS D 422 5.41 -9.53 1.11
N SER D 423 4.25 -10.18 1.02
CA SER D 423 3.00 -9.50 1.34
C SER D 423 2.84 -9.28 2.84
N GLN D 424 3.36 -10.19 3.67
CA GLN D 424 3.24 -10.02 5.11
C GLN D 424 3.98 -8.78 5.59
N LEU D 425 5.03 -8.37 4.87
CA LEU D 425 5.65 -7.09 5.13
C LEU D 425 4.83 -5.93 4.59
N LEU D 426 4.13 -6.13 3.45
CA LEU D 426 3.29 -5.06 2.91
C LEU D 426 2.15 -4.71 3.86
N LYS D 427 1.49 -5.71 4.44
CA LYS D 427 0.38 -5.39 5.35
C LYS D 427 0.89 -4.74 6.63
N PHE D 428 2.07 -5.14 7.11
CA PHE D 428 2.61 -4.48 8.30
C PHE D 428 3.02 -3.05 8.01
N VAL D 429 3.62 -2.80 6.83
CA VAL D 429 3.94 -1.43 6.44
C VAL D 429 2.68 -0.60 6.31
N GLU D 430 1.60 -1.19 5.80
CA GLU D 430 0.32 -0.49 5.78
C GLU D 430 -0.14 -0.15 7.20
N LYS D 431 0.03 -1.09 8.13
CA LYS D 431 -0.44 -0.86 9.50
C LYS D 431 0.36 0.25 10.19
N VAL D 432 1.69 0.26 10.02
CA VAL D 432 2.52 1.19 10.79
C VAL D 432 2.31 2.62 10.33
N SER D 433 2.26 2.85 9.03
CA SER D 433 2.25 4.21 8.51
C SER D 433 0.99 4.94 8.94
N PRO D 434 1.08 6.23 9.29
CA PRO D 434 -0.12 6.97 9.70
C PRO D 434 -1.19 7.04 8.63
N ILE D 435 -0.79 7.17 7.37
CA ILE D 435 -1.72 7.19 6.23
C ILE D 435 -1.22 6.16 5.22
N ALA D 436 -2.02 5.12 5.00
CA ALA D 436 -1.62 4.07 4.08
C ALA D 436 -2.86 3.38 3.54
N VAL D 437 -2.72 2.82 2.34
CA VAL D 437 -3.77 2.04 1.69
C VAL D 437 -3.15 0.80 1.08
N TYR D 438 -3.86 -0.33 1.17
CA TYR D 438 -3.38 -1.60 0.67
C TYR D 438 -4.31 -2.07 -0.43
N THR D 439 -3.77 -2.29 -1.62
CA THR D 439 -4.57 -2.71 -2.76
C THR D 439 -3.74 -3.65 -3.63
N SER D 440 -4.45 -4.46 -4.41
CA SER D 440 -3.83 -5.43 -5.31
C SER D 440 -3.73 -4.85 -6.71
N GLY D 441 -2.63 -5.17 -7.39
CA GLY D 441 -2.46 -4.73 -8.77
C GLY D 441 -3.31 -5.50 -9.76
N LYS D 442 -3.92 -6.61 -9.35
CA LYS D 442 -4.78 -7.37 -10.24
C LYS D 442 -6.18 -6.74 -10.30
N GLY D 443 -6.85 -6.62 -9.17
CA GLY D 443 -8.15 -5.98 -9.11
C GLY D 443 -8.05 -4.47 -9.02
N SER D 444 -7.54 -3.85 -10.07
CA SER D 444 -7.36 -2.41 -10.09
C SER D 444 -7.37 -1.93 -11.53
N SER D 445 -7.64 -0.63 -11.70
CA SER D 445 -7.73 -0.03 -13.02
C SER D 445 -7.15 1.38 -12.97
N ALA D 446 -6.79 1.89 -14.15
CA ALA D 446 -6.21 3.23 -14.23
C ALA D 446 -7.18 4.30 -13.75
N ALA D 447 -8.46 4.17 -14.12
CA ALA D 447 -9.46 5.13 -13.68
C ALA D 447 -9.87 4.93 -12.22
N GLY D 448 -9.65 3.74 -11.68
CA GLY D 448 -9.97 3.45 -10.29
C GLY D 448 -8.88 3.76 -9.30
N LEU D 449 -7.77 4.36 -9.75
CA LEU D 449 -6.66 4.70 -8.89
C LEU D 449 -6.44 6.21 -8.76
N THR D 450 -6.30 6.91 -9.88
CA THR D 450 -5.95 8.34 -9.82
C THR D 450 -7.19 9.20 -9.58
N ALA D 451 -8.15 9.17 -10.51
CA ALA D 451 -9.33 10.02 -10.40
C ALA D 451 -10.40 9.48 -11.34
N SER D 452 -11.60 9.26 -10.81
CA SER D 452 -12.74 8.78 -11.59
C SER D 452 -13.73 9.91 -11.80
N VAL D 453 -14.16 10.12 -13.04
CA VAL D 453 -15.06 11.20 -13.40
C VAL D 453 -16.49 10.67 -13.30
N GLN D 454 -17.11 10.88 -12.15
CA GLN D 454 -18.49 10.45 -11.90
C GLN D 454 -19.44 11.55 -12.37
N ARG D 455 -20.75 11.25 -12.38
CA ARG D 455 -21.74 12.21 -12.85
C ARG D 455 -22.99 12.07 -11.99
N ASP D 456 -23.36 13.16 -11.32
CA ASP D 456 -24.50 13.13 -10.41
C ASP D 456 -25.79 12.91 -11.20
N PRO D 457 -26.55 11.85 -10.92
CA PRO D 457 -27.80 11.63 -11.68
C PRO D 457 -28.85 12.70 -11.48
N MET D 458 -28.89 13.36 -10.32
CA MET D 458 -29.96 14.30 -10.04
C MET D 458 -29.75 15.61 -10.81
N THR D 459 -28.69 16.34 -10.49
CA THR D 459 -28.43 17.62 -11.15
C THR D 459 -27.76 17.46 -12.51
N ARG D 460 -27.28 16.26 -12.84
CA ARG D 460 -26.68 15.96 -14.14
C ARG D 460 -25.47 16.87 -14.40
N GLU D 461 -24.48 16.77 -13.52
CA GLU D 461 -23.25 17.53 -13.63
C GLU D 461 -22.07 16.62 -13.33
N PHE D 462 -20.93 16.91 -13.96
CA PHE D 462 -19.71 16.12 -13.79
C PHE D 462 -18.92 16.62 -12.60
N TYR D 463 -18.28 15.69 -11.89
CA TYR D 463 -17.39 16.04 -10.78
C TYR D 463 -16.40 14.91 -10.58
N LEU D 464 -15.23 15.28 -10.04
CA LEU D 464 -14.16 14.31 -9.81
C LEU D 464 -14.35 13.61 -8.48
N GLU D 465 -14.11 12.30 -8.46
CA GLU D 465 -14.12 11.50 -7.25
C GLU D 465 -12.76 10.85 -7.07
N GLY D 466 -12.24 10.91 -5.85
CA GLY D 466 -10.91 10.39 -5.59
C GLY D 466 -10.84 8.88 -5.71
N GLY D 467 -9.67 8.41 -6.11
CA GLY D 467 -9.43 6.98 -6.26
C GLY D 467 -8.70 6.38 -5.07
N ALA D 468 -7.55 5.75 -5.33
CA ALA D 468 -6.75 5.16 -4.27
C ALA D 468 -5.38 5.79 -4.10
N MET D 469 -4.83 6.43 -5.12
CA MET D 469 -3.54 7.09 -5.01
C MET D 469 -3.66 8.53 -4.54
N VAL D 470 -4.88 9.04 -4.40
CA VAL D 470 -5.11 10.34 -3.80
C VAL D 470 -5.50 10.23 -2.33
N LEU D 471 -6.08 9.10 -1.91
CA LEU D 471 -6.32 8.87 -0.49
C LEU D 471 -5.02 8.68 0.27
N ALA D 472 -3.99 8.15 -0.39
CA ALA D 472 -2.70 7.88 0.23
C ALA D 472 -1.71 9.03 0.05
N ASP D 473 -2.19 10.22 -0.27
CA ASP D 473 -1.32 11.38 -0.39
C ASP D 473 -0.74 11.74 0.98
N GLY D 474 0.56 11.99 1.02
CA GLY D 474 1.25 12.22 2.27
C GLY D 474 1.55 10.97 3.05
N GLY D 475 1.41 9.79 2.44
CA GLY D 475 1.69 8.53 3.12
C GLY D 475 2.35 7.52 2.21
N VAL D 476 1.98 6.25 2.34
CA VAL D 476 2.55 5.18 1.53
C VAL D 476 1.40 4.34 0.97
N VAL D 477 1.57 3.89 -0.27
CA VAL D 477 0.59 3.03 -0.93
C VAL D 477 1.18 1.65 -1.10
N CYS D 478 0.42 0.62 -0.73
CA CYS D 478 0.88 -0.75 -0.73
C CYS D 478 0.30 -1.47 -1.94
N ILE D 479 1.16 -1.85 -2.88
CA ILE D 479 0.77 -2.58 -4.09
C ILE D 479 1.46 -3.93 -4.10
N ASP D 480 0.68 -4.99 -4.26
CA ASP D 480 1.21 -6.34 -4.42
C ASP D 480 0.71 -6.93 -5.72
N GLU D 481 1.40 -7.98 -6.18
CA GLU D 481 1.18 -8.56 -7.50
C GLU D 481 1.30 -7.50 -8.58
N PHE D 482 2.40 -6.74 -8.50
CA PHE D 482 2.62 -5.63 -9.43
C PHE D 482 2.72 -6.11 -10.87
N ASP D 483 3.21 -7.32 -11.09
CA ASP D 483 3.35 -7.83 -12.45
C ASP D 483 2.01 -8.25 -13.06
N LYS D 484 1.06 -8.70 -12.23
CA LYS D 484 -0.27 -9.05 -12.74
C LYS D 484 -1.05 -7.84 -13.22
N MET D 485 -0.58 -6.62 -12.93
CA MET D 485 -1.29 -5.42 -13.35
C MET D 485 -1.18 -5.25 -14.86
N ARG D 486 -2.27 -4.77 -15.46
CA ARG D 486 -2.32 -4.63 -16.91
C ARG D 486 -1.31 -3.58 -17.39
N ASP D 487 -0.84 -3.78 -18.63
CA ASP D 487 0.15 -2.86 -19.20
C ASP D 487 -0.44 -1.46 -19.37
N GLU D 488 -1.69 -1.37 -19.83
CA GLU D 488 -2.31 -0.07 -20.02
C GLU D 488 -2.58 0.63 -18.70
N ASP D 489 -2.81 -0.13 -17.63
CA ASP D 489 -3.01 0.47 -16.32
C ASP D 489 -1.69 0.91 -15.70
N ARG D 490 -0.60 0.20 -15.98
CA ARG D 490 0.69 0.46 -15.35
C ARG D 490 1.38 1.72 -15.85
N VAL D 491 0.86 2.34 -16.92
CA VAL D 491 1.52 3.50 -17.49
C VAL D 491 1.05 4.81 -16.88
N ALA D 492 -0.16 4.84 -16.30
CA ALA D 492 -0.68 6.06 -15.70
C ALA D 492 0.09 6.49 -14.47
N ILE D 493 0.82 5.57 -13.82
CA ILE D 493 1.53 5.89 -12.58
C ILE D 493 2.87 6.55 -12.84
N HIS D 494 3.35 6.56 -14.09
CA HIS D 494 4.66 7.10 -14.39
C HIS D 494 4.80 8.55 -13.93
N GLU D 495 3.97 9.44 -14.49
CA GLU D 495 4.03 10.84 -14.11
C GLU D 495 3.62 11.05 -12.66
N ALA D 496 2.65 10.26 -12.19
CA ALA D 496 2.16 10.41 -10.81
C ALA D 496 3.25 10.12 -9.78
N MET D 497 4.23 9.28 -10.13
CA MET D 497 5.32 9.01 -9.20
C MET D 497 6.61 9.75 -9.53
N GLU D 498 6.78 10.24 -10.75
CA GLU D 498 8.00 10.98 -11.06
C GLU D 498 7.85 12.49 -10.84
N GLN D 499 6.63 13.02 -10.89
CA GLN D 499 6.40 14.44 -10.63
C GLN D 499 5.46 14.70 -9.48
N GLN D 500 4.82 13.66 -8.92
CA GLN D 500 3.94 13.76 -7.77
C GLN D 500 2.71 14.63 -8.02
N THR D 501 2.37 14.85 -9.29
CA THR D 501 1.17 15.58 -9.67
C THR D 501 0.51 14.86 -10.84
N ILE D 502 -0.83 14.85 -10.83
CA ILE D 502 -1.61 14.21 -11.88
C ILE D 502 -2.44 15.27 -12.59
N SER D 503 -2.46 15.21 -13.91
CA SER D 503 -3.22 16.15 -14.74
C SER D 503 -4.31 15.38 -15.47
N ILE D 504 -5.52 15.91 -15.45
CA ILE D 504 -6.68 15.26 -16.05
C ILE D 504 -7.38 16.26 -16.97
N ALA D 505 -7.89 15.76 -18.09
CA ALA D 505 -8.63 16.57 -19.07
C ALA D 505 -9.77 15.70 -19.60
N LYS D 506 -10.94 15.82 -18.98
CA LYS D 506 -12.10 15.02 -19.34
C LYS D 506 -13.36 15.86 -19.21
N ALA D 507 -14.17 15.89 -20.27
CA ALA D 507 -15.45 16.61 -20.27
C ALA D 507 -15.28 18.07 -19.88
N GLY D 508 -14.20 18.70 -20.36
CA GLY D 508 -13.95 20.10 -20.09
C GLY D 508 -13.34 20.40 -18.74
N ILE D 509 -13.00 19.39 -17.96
CA ILE D 509 -12.38 19.59 -16.64
C ILE D 509 -10.87 19.54 -16.82
N THR D 510 -10.21 20.67 -16.60
CA THR D 510 -8.76 20.77 -16.72
C THR D 510 -8.20 21.12 -15.35
N THR D 511 -7.80 20.10 -14.59
CA THR D 511 -7.33 20.28 -13.23
C THR D 511 -6.06 19.49 -13.02
N VAL D 512 -5.02 20.16 -12.52
CA VAL D 512 -3.81 19.49 -12.05
C VAL D 512 -3.97 19.19 -10.57
N LEU D 513 -3.76 17.95 -10.18
CA LEU D 513 -4.00 17.50 -8.82
C LEU D 513 -2.72 16.93 -8.23
N ASN D 514 -2.44 17.29 -6.99
CA ASN D 514 -1.21 16.90 -6.33
C ASN D 514 -1.38 15.58 -5.59
N SER D 515 -0.40 14.69 -5.75
CA SER D 515 -0.41 13.40 -5.06
C SER D 515 1.03 13.05 -4.70
N ARG D 516 1.38 13.21 -3.43
CA ARG D 516 2.72 12.95 -2.93
C ARG D 516 2.67 11.72 -2.03
N THR D 517 3.30 10.64 -2.46
CA THR D 517 3.25 9.38 -1.72
C THR D 517 4.44 8.53 -2.11
N SER D 518 4.67 7.49 -1.31
CA SER D 518 5.71 6.50 -1.57
C SER D 518 5.06 5.19 -1.97
N VAL D 519 5.69 4.48 -2.91
CA VAL D 519 5.15 3.24 -3.46
C VAL D 519 6.03 2.09 -3.04
N LEU D 520 5.42 1.07 -2.45
CA LEU D 520 6.09 -0.17 -2.07
C LEU D 520 5.44 -1.30 -2.84
N ALA D 521 6.14 -1.85 -3.81
CA ALA D 521 5.58 -2.81 -4.75
C ALA D 521 6.23 -4.18 -4.58
N ALA D 522 5.40 -5.23 -4.67
CA ALA D 522 5.85 -6.61 -4.64
C ALA D 522 5.56 -7.28 -5.97
N ALA D 523 6.51 -8.04 -6.48
CA ALA D 523 6.36 -8.67 -7.79
C ALA D 523 7.14 -9.97 -7.83
N ASN D 524 6.77 -10.84 -8.76
CA ASN D 524 7.44 -12.11 -8.98
C ASN D 524 8.04 -12.16 -10.38
N PRO D 525 9.24 -12.70 -10.52
CA PRO D 525 9.84 -12.82 -11.85
C PRO D 525 9.16 -13.92 -12.66
N ILE D 526 9.42 -13.90 -13.97
CA ILE D 526 8.85 -14.90 -14.87
C ILE D 526 9.40 -16.28 -14.52
N TYR D 527 8.63 -17.31 -14.81
CA TYR D 527 8.96 -18.70 -14.51
C TYR D 527 9.06 -18.95 -13.01
N GLY D 528 8.29 -18.21 -12.21
CA GLY D 528 8.32 -18.41 -10.78
C GLY D 528 9.66 -18.05 -10.18
N ARG D 529 10.44 -19.06 -9.81
CA ARG D 529 11.78 -18.86 -9.29
C ARG D 529 12.62 -18.06 -10.29
N TYR D 530 13.69 -17.45 -9.77
CA TYR D 530 14.50 -16.57 -10.60
C TYR D 530 15.19 -17.31 -11.73
N ASP D 531 15.53 -18.58 -11.52
CA ASP D 531 16.20 -19.41 -12.53
C ASP D 531 17.52 -18.76 -12.97
N ASP D 532 18.45 -18.71 -12.01
CA ASP D 532 19.70 -17.98 -12.21
C ASP D 532 20.46 -18.45 -13.44
N LEU D 533 20.31 -19.72 -13.82
CA LEU D 533 20.97 -20.21 -15.03
C LEU D 533 20.48 -19.48 -16.27
N LYS D 534 19.23 -19.01 -16.26
CA LYS D 534 18.71 -18.20 -17.36
C LYS D 534 19.28 -16.79 -17.28
N SER D 535 19.34 -16.13 -18.44
CA SER D 535 19.91 -14.79 -18.50
C SER D 535 19.06 -13.82 -17.67
N PRO D 536 19.68 -12.83 -17.04
CA PRO D 536 18.90 -11.83 -16.29
C PRO D 536 18.01 -10.98 -17.16
N GLY D 537 18.27 -10.91 -18.47
CA GLY D 537 17.47 -10.05 -19.32
C GLY D 537 16.02 -10.51 -19.46
N ASP D 538 15.80 -11.83 -19.53
CA ASP D 538 14.47 -12.37 -19.78
C ASP D 538 13.86 -13.02 -18.54
N ASN D 539 14.31 -12.63 -17.34
CA ASN D 539 13.63 -13.02 -16.11
C ASN D 539 12.71 -11.94 -15.56
N ILE D 540 12.84 -10.71 -16.03
CA ILE D 540 11.99 -9.60 -15.59
C ILE D 540 11.41 -8.93 -16.83
N ASP D 541 10.10 -8.67 -16.79
CA ASP D 541 9.38 -8.13 -17.94
C ASP D 541 9.15 -6.62 -17.85
N PHE D 542 9.60 -5.98 -16.79
CA PHE D 542 9.41 -4.54 -16.66
C PHE D 542 10.33 -3.79 -17.62
N GLN D 543 9.82 -2.69 -18.17
CA GLN D 543 10.60 -1.88 -19.10
C GLN D 543 11.64 -1.06 -18.34
N THR D 544 12.51 -0.40 -19.10
CA THR D 544 13.54 0.44 -18.49
C THR D 544 12.93 1.66 -17.82
N THR D 545 11.87 2.23 -18.40
CA THR D 545 11.30 3.46 -17.88
C THR D 545 10.74 3.27 -16.48
N ILE D 546 9.98 2.18 -16.27
CA ILE D 546 9.32 1.97 -14.98
C ILE D 546 10.35 1.65 -13.90
N LEU D 547 11.40 0.91 -14.24
CA LEU D 547 12.41 0.53 -13.25
C LEU D 547 13.23 1.73 -12.80
N SER D 548 13.37 2.73 -13.65
CA SER D 548 14.18 3.90 -13.29
C SER D 548 13.58 4.65 -12.12
N ARG D 549 12.25 4.77 -12.08
CA ARG D 549 11.60 5.49 -10.99
C ARG D 549 11.84 4.81 -9.66
N PHE D 550 11.77 3.49 -9.62
CA PHE D 550 12.17 2.76 -8.43
C PHE D 550 13.66 2.94 -8.19
N ASP D 551 14.05 2.90 -6.92
CA ASP D 551 15.46 3.10 -6.57
C ASP D 551 15.97 2.12 -5.52
N MET D 552 15.17 1.16 -5.08
CA MET D 552 15.64 0.08 -4.21
C MET D 552 15.00 -1.20 -4.72
N ILE D 553 15.74 -1.96 -5.52
CA ILE D 553 15.26 -3.18 -6.13
C ILE D 553 15.92 -4.34 -5.40
N PHE D 554 15.12 -5.13 -4.70
CA PHE D 554 15.61 -6.24 -3.89
C PHE D 554 15.14 -7.55 -4.52
N ILE D 555 16.10 -8.43 -4.83
CA ILE D 555 15.81 -9.75 -5.36
C ILE D 555 16.05 -10.74 -4.23
N VAL D 556 14.98 -11.21 -3.60
CA VAL D 556 15.08 -12.19 -2.53
C VAL D 556 15.03 -13.58 -3.15
N LYS D 557 16.12 -14.33 -3.03
CA LYS D 557 16.21 -15.67 -3.56
C LYS D 557 16.17 -16.70 -2.44
N ASP D 558 15.64 -17.87 -2.74
CA ASP D 558 15.60 -18.97 -1.79
C ASP D 558 16.91 -19.75 -1.84
N ASP D 559 17.33 -20.26 -0.69
CA ASP D 559 18.59 -20.98 -0.58
C ASP D 559 18.42 -22.16 0.36
N HIS D 560 19.32 -23.13 0.24
CA HIS D 560 19.25 -24.36 1.03
C HIS D 560 20.64 -24.69 1.55
N ASN D 561 20.82 -24.58 2.87
CA ASN D 561 22.01 -25.08 3.53
C ASN D 561 21.69 -25.83 4.82
N GLU D 562 20.41 -25.92 5.19
CA GLU D 562 19.87 -26.70 6.31
C GLU D 562 20.16 -26.07 7.67
N GLU D 563 21.07 -25.10 7.75
CA GLU D 563 21.24 -24.44 9.03
C GLU D 563 20.30 -23.24 9.14
N ARG D 564 20.21 -22.43 8.08
CA ARG D 564 19.18 -21.41 8.01
C ARG D 564 17.80 -22.06 7.98
N ASP D 565 17.70 -23.24 7.35
CA ASP D 565 16.43 -23.97 7.35
C ASP D 565 16.05 -24.43 8.76
N ILE D 566 17.02 -24.96 9.51
CA ILE D 566 16.73 -25.34 10.89
C ILE D 566 16.32 -24.11 11.71
N SER D 567 17.03 -23.00 11.52
CA SER D 567 16.69 -21.78 12.26
C SER D 567 15.29 -21.29 11.93
N ILE D 568 14.93 -21.29 10.65
CA ILE D 568 13.60 -20.81 10.24
C ILE D 568 12.52 -21.74 10.74
N ALA D 569 12.75 -23.06 10.67
CA ALA D 569 11.77 -24.01 11.18
C ALA D 569 11.55 -23.81 12.68
N ASN D 570 12.63 -23.64 13.44
CA ASN D 570 12.49 -23.39 14.88
C ASN D 570 11.76 -22.08 15.12
N HIS D 571 12.08 -21.04 14.34
CA HIS D 571 11.43 -19.74 14.52
C HIS D 571 9.93 -19.84 14.32
N VAL D 572 9.50 -20.47 13.22
CA VAL D 572 8.07 -20.58 12.94
C VAL D 572 7.39 -21.47 13.98
N ILE D 573 8.04 -22.57 14.36
CA ILE D 573 7.44 -23.49 15.31
C ILE D 573 7.23 -22.81 16.64
N ASN D 574 8.21 -21.99 17.08
CA ASN D 574 8.05 -21.23 18.31
C ASN D 574 7.02 -20.12 18.14
N ILE D 575 7.00 -19.45 16.98
CA ILE D 575 6.09 -18.33 16.75
C ILE D 575 4.64 -18.77 16.68
N HIS D 576 4.40 -20.07 16.51
CA HIS D 576 3.07 -20.60 16.81
C HIS D 576 2.59 -20.04 18.14
N THR D 577 1.30 -19.72 18.22
CA THR D 577 0.80 -18.82 19.25
C THR D 577 0.99 -19.35 20.66
N GLY D 578 1.28 -20.63 20.82
CA GLY D 578 1.44 -21.20 22.15
C GLY D 578 2.61 -20.65 22.94
N ASN D 579 3.62 -20.10 22.26
CA ASN D 579 4.82 -19.63 22.94
C ASN D 579 5.11 -18.16 22.70
N ALA D 580 4.96 -17.67 21.46
CA ALA D 580 5.34 -16.30 21.13
C ALA D 580 4.65 -15.28 22.02
N ASN D 581 3.38 -15.53 22.35
CA ASN D 581 2.60 -14.62 23.20
C ASN D 581 3.32 -14.27 24.49
N ALA D 582 4.29 -15.07 24.92
CA ALA D 582 5.11 -14.72 26.07
C ALA D 582 6.36 -13.95 25.66
N MET D 583 7.13 -14.49 24.71
CA MET D 583 8.47 -13.97 24.45
C MET D 583 8.43 -12.52 24.00
N GLN D 584 7.53 -12.20 23.07
CA GLN D 584 7.42 -10.83 22.59
C GLN D 584 7.12 -9.86 23.74
N ASN D 585 6.38 -10.31 24.74
CA ASN D 585 6.11 -9.46 25.90
C ASN D 585 7.40 -9.03 26.57
N GLN D 586 8.36 -9.94 26.72
CA GLN D 586 9.63 -9.57 27.31
C GLN D 586 10.36 -8.52 26.48
N GLN D 587 10.14 -8.52 25.16
CA GLN D 587 10.76 -7.50 24.33
C GLN D 587 10.25 -6.10 24.65
N GLU D 588 9.05 -5.99 25.22
CA GLU D 588 8.54 -4.71 25.69
C GLU D 588 8.85 -4.47 27.17
N GLU D 589 9.42 -5.45 27.86
CA GLU D 589 9.79 -5.29 29.26
C GLU D 589 11.26 -5.00 29.46
N ASN D 590 12.13 -5.47 28.57
CA ASN D 590 13.55 -5.17 28.61
C ASN D 590 13.92 -3.98 27.73
N GLY D 591 12.94 -3.37 27.07
CA GLY D 591 13.22 -2.20 26.26
C GLY D 591 13.94 -2.46 24.96
N SER D 592 13.88 -3.69 24.44
CA SER D 592 14.54 -4.00 23.18
C SER D 592 13.72 -3.57 21.97
N GLU D 593 12.42 -3.35 22.13
CA GLU D 593 11.56 -2.94 21.03
C GLU D 593 10.46 -2.04 21.57
N ILE D 594 9.84 -1.27 20.67
CA ILE D 594 8.77 -0.37 21.02
C ILE D 594 7.50 -0.79 20.30
N SER D 595 6.36 -0.35 20.84
CA SER D 595 5.07 -0.71 20.27
C SER D 595 4.82 0.07 18.98
N ILE D 596 3.77 -0.36 18.26
CA ILE D 596 3.50 0.21 16.93
C ILE D 596 3.00 1.64 17.03
N GLU D 597 2.10 1.93 17.98
CA GLU D 597 1.52 3.27 18.05
C GLU D 597 2.56 4.31 18.45
N LYS D 598 3.48 3.95 19.35
CA LYS D 598 4.56 4.86 19.69
C LYS D 598 5.44 5.13 18.48
N MET D 599 5.68 4.12 17.67
CA MET D 599 6.44 4.32 16.44
C MET D 599 5.70 5.24 15.48
N LYS D 600 4.38 5.11 15.40
CA LYS D 600 3.58 6.00 14.55
C LYS D 600 3.69 7.45 15.02
N ARG D 601 3.58 7.66 16.33
CA ARG D 601 3.73 9.00 16.87
C ARG D 601 5.13 9.54 16.59
N TYR D 602 6.15 8.71 16.75
CA TYR D 602 7.52 9.16 16.51
C TYR D 602 7.74 9.52 15.06
N ILE D 603 7.20 8.72 14.13
CA ILE D 603 7.43 9.00 12.71
C ILE D 603 6.71 10.26 12.29
N THR D 604 5.48 10.48 12.77
CA THR D 604 4.80 11.72 12.41
C THR D 604 5.50 12.93 13.03
N TYR D 605 6.02 12.78 14.25
CA TYR D 605 6.77 13.88 14.88
C TYR D 605 8.01 14.22 14.07
N CYS D 606 8.77 13.20 13.68
CA CYS D 606 9.99 13.43 12.92
C CYS D 606 9.69 14.01 11.55
N ARG D 607 8.61 13.55 10.90
CA ARG D 607 8.22 14.11 9.62
C ARG D 607 7.87 15.59 9.75
N LEU D 608 7.19 15.96 10.84
CA LEU D 608 6.81 17.35 11.03
C LEU D 608 8.01 18.24 11.33
N LYS D 609 8.94 17.76 12.17
CA LYS D 609 9.96 18.65 12.72
C LYS D 609 11.21 18.77 11.84
N CYS D 610 11.87 17.65 11.54
CA CYS D 610 13.20 17.72 10.97
C CYS D 610 13.18 17.72 9.45
N ALA D 611 14.24 18.28 8.87
CA ALA D 611 14.49 18.30 7.43
C ALA D 611 15.97 18.55 7.19
N PRO D 612 16.80 17.51 7.15
CA PRO D 612 18.26 17.71 7.17
C PRO D 612 18.83 18.27 5.88
N ARG D 613 20.14 18.47 5.86
CA ARG D 613 20.83 19.08 4.74
C ARG D 613 22.23 18.48 4.63
N LEU D 614 22.82 18.60 3.44
CA LEU D 614 24.09 17.97 3.15
C LEU D 614 25.27 18.88 3.50
N SER D 615 26.47 18.31 3.37
CA SER D 615 27.73 18.99 3.60
C SER D 615 28.66 18.77 2.41
N PRO D 616 29.60 19.69 2.17
CA PRO D 616 30.44 19.57 0.97
C PRO D 616 31.24 18.27 0.90
N GLN D 617 31.74 17.77 2.04
CA GLN D 617 32.46 16.49 2.03
C GLN D 617 31.55 15.36 1.59
N ALA D 618 30.30 15.35 2.10
CA ALA D 618 29.35 14.34 1.66
C ALA D 618 29.04 14.48 0.17
N ALA D 619 28.96 15.71 -0.33
CA ALA D 619 28.73 15.92 -1.75
C ALA D 619 29.86 15.34 -2.59
N GLU D 620 31.11 15.57 -2.15
CA GLU D 620 32.25 15.02 -2.87
C GLU D 620 32.23 13.50 -2.86
N LYS D 621 31.91 12.90 -1.71
CA LYS D 621 31.85 11.45 -1.63
C LYS D 621 30.75 10.89 -2.53
N LEU D 622 29.59 11.54 -2.55
CA LEU D 622 28.51 11.12 -3.44
C LEU D 622 28.91 11.20 -4.90
N SER D 623 29.56 12.31 -5.30
CA SER D 623 29.97 12.44 -6.70
C SER D 623 30.96 11.35 -7.08
N SER D 624 31.94 11.08 -6.22
CA SER D 624 32.92 10.04 -6.51
C SER D 624 32.26 8.67 -6.61
N ASN D 625 31.34 8.36 -5.70
CA ASN D 625 30.67 7.07 -5.74
C ASN D 625 29.84 6.92 -7.01
N PHE D 626 29.14 7.99 -7.42
CA PHE D 626 28.34 7.93 -8.64
C PHE D 626 29.22 7.70 -9.86
N VAL D 627 30.35 8.39 -9.95
CA VAL D 627 31.25 8.17 -11.08
C VAL D 627 31.77 6.74 -11.09
N THR D 628 32.11 6.21 -9.90
CA THR D 628 32.62 4.84 -9.82
C THR D 628 31.57 3.83 -10.31
N ILE D 629 30.33 3.95 -9.83
CA ILE D 629 29.33 2.98 -10.23
C ILE D 629 28.98 3.12 -11.71
N ARG D 630 29.01 4.36 -12.24
CA ARG D 630 28.76 4.53 -13.66
C ARG D 630 29.84 3.85 -14.50
N LYS D 631 31.11 3.99 -14.09
CA LYS D 631 32.18 3.35 -14.82
C LYS D 631 32.08 1.83 -14.74
N GLN D 632 31.72 1.30 -13.56
CA GLN D 632 31.57 -0.14 -13.43
C GLN D 632 30.43 -0.66 -14.31
N LEU D 633 29.33 0.10 -14.40
CA LEU D 633 28.24 -0.26 -15.30
C LEU D 633 28.69 -0.28 -16.74
N LEU D 634 29.51 0.72 -17.14
CA LEU D 634 30.02 0.72 -18.51
C LEU D 634 30.90 -0.50 -18.77
N ILE D 635 31.73 -0.88 -17.81
CA ILE D 635 32.57 -2.06 -17.98
C ILE D 635 31.70 -3.30 -18.16
N ASN D 636 30.67 -3.45 -17.33
CA ASN D 636 29.81 -4.63 -17.42
C ASN D 636 29.05 -4.66 -18.74
N GLU D 637 28.59 -3.49 -19.21
CA GLU D 637 27.92 -3.44 -20.51
C GLU D 637 28.87 -3.79 -21.65
N LEU D 638 30.12 -3.31 -21.59
CA LEU D 638 31.08 -3.58 -22.64
C LEU D 638 31.46 -5.06 -22.70
N GLU D 639 31.57 -5.71 -21.54
CA GLU D 639 31.85 -7.14 -21.56
C GLU D 639 30.63 -7.94 -22.02
N SER D 640 29.44 -7.58 -21.52
CA SER D 640 28.24 -8.36 -21.85
C SER D 640 27.80 -8.17 -23.30
N THR D 641 27.98 -6.97 -23.85
CA THR D 641 27.56 -6.62 -25.21
C THR D 641 26.04 -6.68 -25.37
N GLU D 642 25.31 -6.29 -24.34
CA GLU D 642 23.89 -5.99 -24.46
C GLU D 642 23.52 -4.94 -23.43
N ARG D 643 22.41 -4.24 -23.67
CA ARG D 643 21.97 -3.21 -22.75
C ARG D 643 21.55 -3.81 -21.42
N SER D 644 21.94 -3.17 -20.33
CA SER D 644 21.61 -3.66 -19.00
C SER D 644 20.11 -3.55 -18.75
N SER D 645 19.56 -4.60 -18.12
CA SER D 645 18.13 -4.62 -17.82
C SER D 645 17.77 -3.70 -16.65
N ILE D 646 18.75 -3.31 -15.85
CA ILE D 646 18.52 -2.36 -14.75
C ILE D 646 19.45 -1.17 -14.97
N PRO D 647 18.92 0.02 -15.26
CA PRO D 647 19.77 1.15 -15.61
C PRO D 647 20.23 1.94 -14.40
N ILE D 648 21.26 2.75 -14.62
CA ILE D 648 21.78 3.68 -13.62
C ILE D 648 21.81 5.06 -14.25
N THR D 649 21.06 6.00 -13.66
CA THR D 649 20.95 7.35 -14.20
C THR D 649 21.05 8.34 -13.03
N ILE D 650 20.78 9.62 -13.34
CA ILE D 650 20.84 10.67 -12.34
C ILE D 650 19.80 10.45 -11.25
N ARG D 651 18.69 9.79 -11.61
CA ARG D 651 17.68 9.44 -10.61
C ARG D 651 18.27 8.62 -9.48
N GLN D 652 19.26 7.77 -9.77
CA GLN D 652 19.89 6.99 -8.71
C GLN D 652 20.73 7.87 -7.79
N LEU D 653 21.39 8.88 -8.34
CA LEU D 653 22.13 9.83 -7.51
C LEU D 653 21.18 10.59 -6.59
N GLU D 654 20.06 11.08 -7.15
CA GLU D 654 19.04 11.71 -6.32
C GLU D 654 18.52 10.75 -5.26
N ALA D 655 18.38 9.48 -5.63
CA ALA D 655 17.91 8.46 -4.69
C ALA D 655 18.87 8.31 -3.52
N ILE D 656 20.17 8.24 -3.81
CA ILE D 656 21.15 8.07 -2.74
C ILE D 656 21.16 9.31 -1.85
N ILE D 657 20.99 10.49 -2.45
CA ILE D 657 20.91 11.72 -1.67
C ILE D 657 19.72 11.66 -0.72
N ARG D 658 18.57 11.23 -1.22
CA ARG D 658 17.37 11.13 -0.39
C ARG D 658 17.54 10.07 0.69
N ILE D 659 18.25 8.98 0.40
CA ILE D 659 18.50 7.97 1.42
C ILE D 659 19.36 8.54 2.53
N THR D 660 20.41 9.30 2.18
CA THR D 660 21.23 9.93 3.21
C THR D 660 20.41 10.88 4.06
N GLU D 661 19.57 11.70 3.41
CA GLU D 661 18.75 12.64 4.16
C GLU D 661 17.75 11.92 5.06
N SER D 662 17.16 10.83 4.59
CA SER D 662 16.23 10.07 5.43
C SER D 662 16.95 9.43 6.61
N LEU D 663 18.18 8.95 6.39
CA LEU D 663 18.95 8.40 7.50
C LEU D 663 19.27 9.49 8.53
N ALA D 664 19.64 10.69 8.08
CA ALA D 664 19.90 11.78 9.01
C ALA D 664 18.63 12.21 9.72
N LYS D 665 17.48 12.05 9.08
CA LYS D 665 16.20 12.43 9.67
C LYS D 665 15.83 11.59 10.88
N LEU D 666 16.43 10.40 11.02
CA LEU D 666 16.08 9.51 12.13
C LEU D 666 16.44 10.14 13.47
N GLU D 667 17.60 10.75 13.56
CA GLU D 667 18.11 11.30 14.82
C GLU D 667 17.84 12.79 14.96
N LEU D 668 16.99 13.36 14.10
CA LEU D 668 16.63 14.78 14.14
C LEU D 668 17.86 15.68 13.99
N SER D 669 18.86 15.22 13.26
CA SER D 669 20.07 16.00 13.07
C SER D 669 19.85 17.04 11.96
N PRO D 670 20.07 18.33 12.24
CA PRO D 670 19.92 19.33 11.17
C PRO D 670 20.82 19.10 9.97
N ILE D 671 21.99 18.48 10.17
CA ILE D 671 22.99 18.33 9.12
C ILE D 671 23.31 16.84 8.96
N ALA D 672 23.41 16.40 7.71
CA ALA D 672 23.77 15.02 7.40
C ALA D 672 25.28 14.92 7.19
N GLN D 673 25.88 13.89 7.78
CA GLN D 673 27.33 13.74 7.75
C GLN D 673 27.76 12.38 7.22
N GLU D 674 29.06 12.08 7.33
CA GLU D 674 29.60 10.86 6.74
C GLU D 674 29.03 9.61 7.38
N ARG D 675 28.68 9.67 8.67
CA ARG D 675 28.17 8.49 9.36
C ARG D 675 26.89 7.97 8.72
N HIS D 676 26.05 8.85 8.19
CA HIS D 676 24.84 8.42 7.50
C HIS D 676 25.13 8.08 6.05
N VAL D 677 26.04 8.83 5.42
CA VAL D 677 26.34 8.61 4.01
C VAL D 677 26.94 7.23 3.79
N ASP D 678 27.80 6.78 4.71
CA ASP D 678 28.41 5.46 4.56
C ASP D 678 27.36 4.36 4.61
N GLU D 679 26.41 4.46 5.54
CA GLU D 679 25.37 3.44 5.64
C GLU D 679 24.45 3.48 4.42
N ALA D 680 24.13 4.68 3.93
CA ALA D 680 23.32 4.78 2.71
C ALA D 680 24.05 4.17 1.52
N ILE D 681 25.35 4.40 1.42
CA ILE D 681 26.14 3.82 0.33
C ILE D 681 26.18 2.31 0.46
N ARG D 682 26.26 1.79 1.68
CA ARG D 682 26.22 0.35 1.89
C ARG D 682 24.88 -0.23 1.43
N LEU D 683 23.78 0.43 1.77
CA LEU D 683 22.47 -0.04 1.35
C LEU D 683 22.34 -0.03 -0.17
N PHE D 684 22.82 1.04 -0.81
CA PHE D 684 22.76 1.09 -2.26
C PHE D 684 23.65 0.04 -2.90
N GLN D 685 24.82 -0.21 -2.31
CA GLN D 685 25.70 -1.26 -2.81
C GLN D 685 25.02 -2.63 -2.73
N ALA D 686 24.33 -2.89 -1.62
CA ALA D 686 23.59 -4.14 -1.50
C ALA D 686 22.52 -4.23 -2.59
N SER D 687 21.68 -3.21 -2.72
CA SER D 687 20.58 -3.24 -3.68
C SER D 687 21.05 -3.15 -5.12
N THR D 688 22.31 -2.81 -5.37
CA THR D 688 22.86 -2.80 -6.73
C THR D 688 23.54 -4.13 -7.05
N MET D 689 24.48 -4.56 -6.22
CA MET D 689 25.17 -5.82 -6.45
C MET D 689 24.24 -7.02 -6.37
N ASP D 690 23.08 -6.88 -5.71
CA ASP D 690 22.15 -8.01 -5.66
C ASP D 690 21.38 -8.18 -6.96
N ALA D 691 21.05 -7.08 -7.65
CA ALA D 691 20.16 -7.12 -8.79
C ALA D 691 20.84 -6.77 -10.10
N ALA D 692 21.47 -5.60 -10.19
CA ALA D 692 21.96 -5.11 -11.47
C ALA D 692 23.25 -5.81 -11.89
N SER D 693 24.26 -5.81 -11.02
CA SER D 693 25.58 -6.35 -11.35
C SER D 693 25.74 -7.80 -10.93
N GLN D 694 24.65 -8.54 -10.77
CA GLN D 694 24.73 -9.96 -10.43
C GLN D 694 24.86 -10.77 -11.71
N ASP D 695 25.90 -11.61 -11.76
CA ASP D 695 26.28 -12.41 -12.92
C ASP D 695 26.06 -11.67 -14.24
N PRO D 696 26.76 -10.55 -14.46
CA PRO D 696 26.58 -9.84 -15.75
C PRO D 696 26.97 -10.68 -16.95
N ILE D 697 27.89 -11.62 -16.79
CA ILE D 697 28.31 -12.47 -17.90
C ILE D 697 27.19 -13.39 -18.37
N GLY D 698 26.23 -13.69 -17.51
CA GLY D 698 25.13 -14.57 -17.89
C GLY D 698 25.57 -15.98 -18.24
N GLY D 699 26.51 -16.53 -17.49
CA GLY D 699 27.02 -17.86 -17.77
C GLY D 699 28.24 -17.85 -18.67
N THR D 706 36.07 -15.35 -28.73
CA THR D 706 37.02 -16.42 -28.41
C THR D 706 36.27 -17.66 -27.91
N SER D 707 35.05 -17.45 -27.42
CA SER D 707 34.14 -18.49 -26.98
C SER D 707 34.82 -19.41 -25.96
N LEU D 708 34.44 -20.68 -25.92
CA LEU D 708 34.94 -21.63 -24.93
C LEU D 708 36.10 -22.47 -25.45
N SER D 709 36.53 -22.26 -26.70
CA SER D 709 37.65 -23.04 -27.22
C SER D 709 38.92 -22.77 -26.43
N GLU D 710 39.15 -21.51 -26.05
CA GLU D 710 40.27 -21.20 -25.17
C GLU D 710 40.04 -21.79 -23.78
N ILE D 711 38.80 -21.77 -23.30
CA ILE D 711 38.48 -22.22 -21.95
C ILE D 711 39.00 -23.64 -21.72
N ARG D 712 38.76 -24.53 -22.68
CA ARG D 712 39.34 -25.86 -22.61
C ARG D 712 40.87 -25.78 -22.72
N ARG D 713 41.38 -24.92 -23.60
CA ARG D 713 42.83 -24.85 -23.83
C ARG D 713 43.57 -24.41 -22.57
N PHE D 714 43.05 -23.42 -21.85
CA PHE D 714 43.67 -23.03 -20.58
C PHE D 714 43.68 -24.20 -19.60
N GLU D 715 42.52 -24.81 -19.37
CA GLU D 715 42.36 -25.75 -18.27
C GLU D 715 43.27 -26.96 -18.43
N GLN D 716 43.64 -27.28 -19.67
CA GLN D 716 44.64 -28.33 -19.90
C GLN D 716 46.01 -27.89 -19.43
N GLU D 717 46.37 -26.62 -19.64
CA GLU D 717 47.70 -26.15 -19.32
C GLU D 717 47.95 -26.15 -17.82
N LEU D 718 46.97 -25.73 -17.03
CA LEU D 718 47.14 -25.71 -15.58
C LEU D 718 47.35 -27.12 -15.03
N LYS D 719 46.55 -28.09 -15.50
CA LYS D 719 46.74 -29.46 -15.06
C LYS D 719 48.09 -30.00 -15.52
N ARG D 720 48.50 -29.67 -16.75
CA ARG D 720 49.75 -30.19 -17.28
C ARG D 720 50.95 -29.61 -16.54
N ARG D 721 50.93 -28.30 -16.27
CA ARG D 721 52.11 -27.61 -15.77
C ARG D 721 52.10 -27.35 -14.28
N LEU D 722 50.95 -27.49 -13.61
CA LEU D 722 50.83 -27.17 -12.19
C LEU D 722 50.19 -28.35 -11.47
N PRO D 723 50.97 -29.17 -10.78
CA PRO D 723 50.42 -30.37 -10.12
C PRO D 723 49.66 -30.01 -8.86
N ILE D 724 49.07 -31.04 -8.24
CA ILE D 724 48.31 -30.86 -7.02
C ILE D 724 49.25 -30.60 -5.85
N GLY D 725 48.96 -29.56 -5.07
CA GLY D 725 49.71 -29.23 -3.89
C GLY D 725 50.76 -28.16 -4.07
N TRP D 726 51.18 -27.90 -5.30
CA TRP D 726 52.12 -26.84 -5.57
C TRP D 726 51.38 -25.55 -5.93
N SER D 727 52.13 -24.47 -6.15
CA SER D 727 51.54 -23.18 -6.40
C SER D 727 52.47 -22.33 -7.24
N THR D 728 51.90 -21.33 -7.92
CA THR D 728 52.65 -20.40 -8.72
C THR D 728 52.15 -18.99 -8.47
N SER D 729 53.01 -18.00 -8.73
CA SER D 729 52.63 -16.61 -8.56
C SER D 729 51.64 -16.20 -9.65
N TYR D 730 50.74 -15.28 -9.29
CA TYR D 730 49.79 -14.75 -10.25
C TYR D 730 50.50 -13.99 -11.37
N GLN D 731 51.53 -13.22 -11.01
CA GLN D 731 52.21 -12.38 -11.99
C GLN D 731 52.87 -13.22 -13.08
N THR D 732 53.49 -14.34 -12.70
CA THR D 732 54.18 -15.17 -13.70
C THR D 732 53.20 -15.80 -14.68
N LEU D 733 52.09 -16.34 -14.17
CA LEU D 733 51.08 -16.92 -15.05
C LEU D 733 50.49 -15.86 -15.97
N ARG D 734 50.17 -14.68 -15.43
CA ARG D 734 49.66 -13.61 -16.26
C ARG D 734 50.67 -13.20 -17.33
N ARG D 735 51.94 -13.11 -16.95
CA ARG D 735 52.99 -12.73 -17.89
C ARG D 735 53.08 -13.73 -19.04
N GLU D 736 53.15 -15.03 -18.71
CA GLU D 736 53.29 -16.04 -19.76
C GLU D 736 52.07 -16.07 -20.66
N PHE D 737 50.88 -15.97 -20.09
CA PHE D 737 49.67 -16.09 -20.90
C PHE D 737 49.33 -14.82 -21.65
N VAL D 738 49.88 -13.67 -21.25
CA VAL D 738 49.80 -12.50 -22.12
C VAL D 738 50.86 -12.59 -23.21
N ASP D 739 52.00 -13.23 -22.92
CA ASP D 739 53.00 -13.46 -23.95
C ASP D 739 52.44 -14.35 -25.05
N THR D 740 51.64 -15.35 -24.69
CA THR D 740 50.98 -16.17 -25.69
C THR D 740 49.68 -15.48 -26.13
N HIS D 741 48.85 -16.20 -26.89
CA HIS D 741 47.61 -15.65 -27.45
C HIS D 741 46.54 -15.39 -26.39
N ARG D 742 46.75 -15.87 -25.15
CA ARG D 742 45.70 -15.83 -24.15
C ARG D 742 45.32 -14.40 -23.76
N PHE D 743 46.32 -13.53 -23.57
CA PHE D 743 46.13 -12.15 -23.14
C PHE D 743 45.55 -12.06 -21.72
N SER D 744 45.49 -10.84 -21.18
CA SER D 744 45.15 -10.65 -19.77
C SER D 744 43.66 -10.81 -19.50
N GLN D 745 42.80 -10.32 -20.40
CA GLN D 745 41.36 -10.31 -20.14
C GLN D 745 40.82 -11.74 -20.00
N LEU D 746 41.28 -12.65 -20.86
CA LEU D 746 40.77 -14.01 -20.84
C LEU D 746 41.16 -14.76 -19.58
N ALA D 747 42.33 -14.45 -19.01
CA ALA D 747 42.85 -15.23 -17.89
C ALA D 747 42.05 -15.00 -16.62
N LEU D 748 41.78 -13.73 -16.29
CA LEU D 748 41.17 -13.41 -15.00
C LEU D 748 39.78 -14.02 -14.86
N ASP D 749 38.98 -13.96 -15.93
CA ASP D 749 37.61 -14.44 -15.86
C ASP D 749 37.56 -15.91 -15.48
N LYS D 750 38.28 -16.76 -16.21
CA LYS D 750 38.23 -18.17 -15.85
C LYS D 750 39.10 -18.49 -14.65
N ALA D 751 40.05 -17.63 -14.30
CA ALA D 751 40.74 -17.80 -13.02
C ALA D 751 39.75 -17.74 -11.87
N LEU D 752 38.93 -16.69 -11.83
CA LEU D 752 37.91 -16.61 -10.80
C LEU D 752 36.80 -17.62 -11.00
N TYR D 753 36.59 -18.11 -12.23
CA TYR D 753 35.63 -19.19 -12.44
C TYR D 753 36.12 -20.49 -11.80
N ALA D 754 37.36 -20.88 -12.09
CA ALA D 754 37.93 -22.08 -11.49
C ALA D 754 38.01 -21.95 -9.98
N LEU D 755 38.25 -20.74 -9.49
CA LEU D 755 38.15 -20.49 -8.05
C LEU D 755 36.72 -20.71 -7.57
N GLU D 756 35.74 -20.24 -8.33
CA GLU D 756 34.34 -20.46 -7.99
C GLU D 756 34.00 -21.94 -8.01
N LYS D 757 34.51 -22.68 -8.99
CA LYS D 757 34.35 -24.13 -8.99
C LYS D 757 34.89 -24.74 -7.70
N HIS D 758 36.03 -24.22 -7.24
CA HIS D 758 36.62 -24.58 -5.94
C HIS D 758 36.89 -26.07 -5.80
N GLU D 759 36.90 -26.81 -6.91
CA GLU D 759 37.20 -28.24 -6.83
C GLU D 759 38.66 -28.46 -6.50
N THR D 760 39.57 -27.79 -7.22
CA THR D 760 40.99 -27.97 -6.97
C THR D 760 41.80 -26.68 -7.10
N ILE D 761 41.18 -25.51 -6.93
CA ILE D 761 41.88 -24.22 -7.03
C ILE D 761 41.50 -23.38 -5.82
N GLN D 762 42.50 -22.90 -5.08
CA GLN D 762 42.29 -22.11 -3.87
C GLN D 762 43.14 -20.86 -3.89
N LEU D 763 42.59 -19.75 -3.40
CA LEU D 763 43.36 -18.54 -3.14
C LEU D 763 43.74 -18.44 -1.68
N ARG D 764 44.99 -18.06 -1.42
CA ARG D 764 45.42 -17.68 -0.08
C ARG D 764 46.48 -16.59 -0.21
N HIS D 765 46.78 -15.95 0.91
CA HIS D 765 47.87 -14.97 1.00
C HIS D 765 47.68 -13.85 -0.03
N GLN D 766 46.56 -13.15 0.11
CA GLN D 766 46.15 -12.07 -0.80
C GLN D 766 45.99 -12.68 -2.21
N GLY D 767 46.17 -11.87 -3.25
CA GLY D 767 45.99 -12.34 -4.60
C GLY D 767 47.27 -12.75 -5.28
N GLN D 768 48.15 -13.45 -4.56
CA GLN D 768 49.44 -13.87 -5.08
C GLN D 768 49.64 -15.37 -5.11
N ASN D 769 49.07 -16.11 -4.17
CA ASN D 769 49.30 -17.55 -4.04
C ASN D 769 48.14 -18.29 -4.71
N ILE D 770 48.41 -18.93 -5.84
CA ILE D 770 47.42 -19.72 -6.56
C ILE D 770 47.64 -21.17 -6.14
N TYR D 771 46.98 -21.57 -5.05
CA TYR D 771 47.11 -22.92 -4.52
C TYR D 771 46.15 -23.86 -5.23
N ARG D 772 46.64 -25.04 -5.60
CA ARG D 772 45.82 -26.06 -6.25
C ARG D 772 45.45 -27.12 -5.23
N SER D 773 44.18 -27.17 -4.86
CA SER D 773 43.70 -28.13 -3.87
C SER D 773 43.35 -29.47 -4.52
N LEU E 97 -87.38 5.95 -4.50
CA LEU E 97 -88.69 6.31 -3.98
C LEU E 97 -89.80 5.82 -4.91
N ASN E 98 -89.68 6.16 -6.20
CA ASN E 98 -90.72 5.81 -7.15
C ASN E 98 -90.76 4.30 -7.42
N HIS E 99 -89.60 3.64 -7.42
CA HIS E 99 -89.50 2.20 -7.65
C HIS E 99 -90.11 1.82 -9.00
N VAL E 100 -89.69 2.51 -10.05
CA VAL E 100 -90.21 2.26 -11.39
C VAL E 100 -89.67 0.93 -11.91
N LYS E 101 -90.55 0.12 -12.49
CA LYS E 101 -90.13 -1.16 -13.05
C LYS E 101 -89.19 -0.94 -14.23
N LYS E 102 -88.11 -1.71 -14.26
CA LYS E 102 -87.11 -1.54 -15.30
C LYS E 102 -87.64 -2.02 -16.65
N VAL E 103 -87.03 -1.50 -17.71
CA VAL E 103 -87.42 -1.87 -19.06
C VAL E 103 -87.03 -3.31 -19.32
N ASP E 104 -87.96 -4.10 -19.85
CA ASP E 104 -87.73 -5.51 -20.13
C ASP E 104 -87.24 -5.66 -21.56
N ASP E 105 -85.97 -6.00 -21.73
CA ASP E 105 -85.40 -6.25 -23.05
C ASP E 105 -85.84 -7.64 -23.50
N VAL E 106 -87.04 -7.68 -24.10
CA VAL E 106 -87.65 -8.95 -24.47
C VAL E 106 -86.84 -9.70 -25.51
N THR E 107 -86.09 -8.97 -26.35
CA THR E 107 -85.23 -9.63 -27.32
C THR E 107 -84.18 -10.49 -26.63
N GLY E 108 -83.56 -9.95 -25.58
CA GLY E 108 -82.65 -10.76 -24.78
C GLY E 108 -83.33 -11.95 -24.14
N GLU E 109 -84.55 -11.75 -23.63
CA GLU E 109 -85.29 -12.86 -23.05
C GLU E 109 -85.61 -13.92 -24.10
N LYS E 110 -85.98 -13.50 -25.32
CA LYS E 110 -86.29 -14.45 -26.37
C LYS E 110 -85.06 -15.25 -26.79
N VAL E 111 -83.91 -14.57 -26.97
CA VAL E 111 -82.71 -15.29 -27.37
C VAL E 111 -82.24 -16.21 -26.24
N ARG E 112 -82.41 -15.79 -24.98
CA ARG E 112 -82.08 -16.66 -23.86
C ARG E 112 -82.98 -17.89 -23.83
N GLU E 113 -84.27 -17.71 -24.12
CA GLU E 113 -85.19 -18.84 -24.16
C GLU E 113 -84.79 -19.83 -25.24
N ALA E 114 -84.48 -19.33 -26.44
CA ALA E 114 -84.03 -20.22 -27.51
C ALA E 114 -82.72 -20.89 -27.15
N PHE E 115 -81.83 -20.15 -26.47
CA PHE E 115 -80.54 -20.70 -26.07
C PHE E 115 -80.71 -21.87 -25.12
N GLU E 116 -81.50 -21.68 -24.05
CA GLU E 116 -81.74 -22.78 -23.13
C GLU E 116 -82.51 -23.91 -23.80
N GLN E 117 -83.36 -23.60 -24.78
CA GLN E 117 -84.09 -24.64 -25.49
C GLN E 117 -83.13 -25.56 -26.24
N PHE E 118 -82.23 -25.00 -27.05
CA PHE E 118 -81.36 -25.90 -27.78
C PHE E 118 -80.21 -26.42 -26.91
N LEU E 119 -80.00 -25.83 -25.73
CA LEU E 119 -79.11 -26.46 -24.75
C LEU E 119 -79.73 -27.71 -24.17
N GLU E 120 -81.02 -27.66 -23.81
CA GLU E 120 -81.65 -28.80 -23.17
C GLU E 120 -82.02 -29.90 -24.17
N ASP E 121 -82.38 -29.56 -25.40
CA ASP E 121 -82.93 -30.54 -26.32
C ASP E 121 -82.28 -30.45 -27.70
N PHE E 122 -80.94 -30.41 -27.73
CA PHE E 122 -80.25 -30.49 -29.01
C PHE E 122 -80.43 -31.87 -29.63
N SER E 123 -80.15 -32.93 -28.86
CA SER E 123 -80.48 -34.31 -29.23
C SER E 123 -79.91 -34.71 -30.60
N VAL E 124 -78.63 -34.41 -30.82
CA VAL E 124 -77.97 -34.84 -32.05
C VAL E 124 -77.45 -36.27 -31.88
N GLN E 125 -77.34 -36.97 -33.01
CA GLN E 125 -76.79 -38.32 -33.04
C GLN E 125 -75.42 -38.30 -33.70
N SER E 126 -74.47 -39.01 -33.10
CA SER E 126 -73.10 -39.04 -33.60
C SER E 126 -72.87 -40.23 -34.53
N THR E 127 -73.07 -41.45 -34.04
CA THR E 127 -72.87 -42.67 -34.80
C THR E 127 -74.14 -43.50 -34.80
N ASP E 128 -74.07 -44.67 -35.44
CA ASP E 128 -75.22 -45.56 -35.49
C ASP E 128 -75.60 -46.04 -34.09
N THR E 129 -74.61 -46.48 -33.31
CA THR E 129 -74.88 -46.91 -31.94
C THR E 129 -75.31 -45.76 -31.04
N GLY E 130 -74.91 -44.54 -31.38
CA GLY E 130 -75.33 -43.37 -30.63
C GLY E 130 -76.69 -42.84 -31.05
N GLU E 131 -77.75 -43.50 -30.61
CA GLU E 131 -79.11 -43.11 -30.97
C GLU E 131 -79.39 -41.67 -30.54
N VAL E 132 -79.37 -41.43 -29.23
CA VAL E 132 -79.54 -40.09 -28.66
C VAL E 132 -78.37 -39.83 -27.73
N GLU E 133 -77.63 -38.75 -27.98
CA GLU E 133 -76.46 -38.42 -27.18
C GLU E 133 -76.73 -37.38 -26.11
N LYS E 134 -77.45 -36.30 -26.44
CA LYS E 134 -77.63 -35.17 -25.55
C LYS E 134 -76.28 -34.65 -25.07
N VAL E 135 -75.51 -34.15 -26.04
CA VAL E 135 -74.10 -33.85 -25.83
C VAL E 135 -73.91 -32.86 -24.69
N TYR E 136 -74.80 -31.87 -24.59
CA TYR E 136 -74.65 -30.87 -23.53
C TYR E 136 -75.07 -31.42 -22.18
N ARG E 137 -76.03 -32.36 -22.14
CA ARG E 137 -76.31 -33.05 -20.89
C ARG E 137 -75.10 -33.86 -20.43
N ALA E 138 -74.42 -34.54 -21.36
CA ALA E 138 -73.20 -35.25 -21.01
C ALA E 138 -72.12 -34.29 -20.55
N GLN E 139 -72.05 -33.10 -21.15
CA GLN E 139 -71.09 -32.10 -20.70
C GLN E 139 -71.39 -31.67 -19.27
N ILE E 140 -72.68 -31.46 -18.95
CA ILE E 140 -73.05 -31.09 -17.59
C ILE E 140 -72.72 -32.23 -16.63
N GLU E 141 -72.89 -33.48 -17.06
CA GLU E 141 -72.48 -34.61 -16.25
C GLU E 141 -70.97 -34.58 -16.00
N PHE E 142 -70.20 -34.20 -17.02
CA PHE E 142 -68.76 -34.07 -16.86
C PHE E 142 -68.42 -32.99 -15.83
N MET E 143 -69.11 -31.84 -15.89
CA MET E 143 -68.88 -30.82 -14.88
C MET E 143 -69.29 -31.28 -13.49
N LYS E 144 -70.31 -32.15 -13.40
CA LYS E 144 -70.64 -32.74 -12.11
C LYS E 144 -69.48 -33.59 -11.59
N ILE E 145 -68.98 -34.49 -12.44
CA ILE E 145 -68.03 -35.51 -11.98
C ILE E 145 -66.59 -35.02 -11.92
N TYR E 146 -66.31 -33.82 -12.42
CA TYR E 146 -64.95 -33.29 -12.38
C TYR E 146 -64.87 -31.86 -11.87
N ASP E 147 -65.99 -31.24 -11.50
CA ASP E 147 -66.02 -29.89 -10.95
C ASP E 147 -65.35 -28.90 -11.91
N LEU E 148 -65.92 -28.80 -13.11
CA LEU E 148 -65.47 -27.82 -14.09
C LEU E 148 -66.47 -26.67 -14.15
N ASN E 149 -66.04 -25.56 -14.75
CA ASN E 149 -66.84 -24.34 -14.80
C ASN E 149 -67.09 -23.81 -16.20
N THR E 150 -66.28 -24.19 -17.18
CA THR E 150 -66.43 -23.69 -18.54
C THR E 150 -67.17 -24.70 -19.41
N ILE E 151 -67.92 -24.18 -20.39
CA ILE E 151 -68.62 -25.00 -21.36
C ILE E 151 -68.15 -24.61 -22.75
N TYR E 152 -68.17 -25.58 -23.66
CA TYR E 152 -67.72 -25.39 -25.03
C TYR E 152 -68.89 -25.64 -25.96
N ILE E 153 -69.15 -24.68 -26.86
CA ILE E 153 -70.25 -24.75 -27.80
C ILE E 153 -69.69 -24.61 -29.21
N ASP E 154 -70.07 -25.54 -30.08
CA ASP E 154 -69.68 -25.47 -31.48
C ASP E 154 -70.60 -24.50 -32.22
N TYR E 155 -70.00 -23.63 -33.03
CA TYR E 155 -70.79 -22.66 -33.79
C TYR E 155 -71.67 -23.36 -34.83
N GLN E 156 -71.14 -24.41 -35.46
CA GLN E 156 -71.92 -25.14 -36.45
C GLN E 156 -73.15 -25.79 -35.84
N HIS E 157 -73.00 -26.36 -34.64
CA HIS E 157 -74.16 -26.92 -33.94
C HIS E 157 -75.16 -25.82 -33.59
N LEU E 158 -74.69 -24.61 -33.35
CA LEU E 158 -75.57 -23.47 -33.14
C LEU E 158 -76.15 -22.94 -34.45
N SER E 159 -75.45 -23.15 -35.57
CA SER E 159 -75.82 -22.50 -36.82
C SER E 159 -77.19 -22.96 -37.32
N MET E 160 -77.48 -24.26 -37.25
CA MET E 160 -78.71 -24.77 -37.82
C MET E 160 -79.91 -24.62 -36.90
N ARG E 161 -79.72 -24.11 -35.69
CA ARG E 161 -80.83 -23.87 -34.77
C ARG E 161 -81.43 -22.50 -35.07
N GLU E 162 -82.65 -22.50 -35.63
CA GLU E 162 -83.40 -21.31 -36.00
C GLU E 162 -82.72 -20.50 -37.09
N ASN E 163 -81.73 -21.09 -37.77
CA ASN E 163 -81.02 -20.45 -38.89
C ASN E 163 -80.42 -19.13 -38.40
N GLY E 164 -80.51 -18.06 -39.17
CA GLY E 164 -79.95 -16.77 -38.76
C GLY E 164 -80.76 -16.00 -37.76
N ALA E 165 -81.97 -16.48 -37.42
CA ALA E 165 -82.78 -15.79 -36.43
C ALA E 165 -82.21 -15.93 -35.02
N LEU E 166 -81.37 -16.94 -34.79
CA LEU E 166 -80.74 -17.14 -33.49
C LEU E 166 -79.22 -17.07 -33.58
N ALA E 167 -78.62 -17.78 -34.53
CA ALA E 167 -77.16 -17.79 -34.64
C ALA E 167 -76.61 -16.40 -34.92
N MET E 168 -77.15 -15.73 -35.94
CA MET E 168 -76.72 -14.37 -36.24
C MET E 168 -77.08 -13.41 -35.12
N ALA E 169 -78.27 -13.60 -34.52
CA ALA E 169 -78.70 -12.74 -33.42
C ALA E 169 -77.73 -12.80 -32.24
N ILE E 170 -77.12 -13.97 -32.01
CA ILE E 170 -76.14 -14.06 -30.93
C ILE E 170 -74.77 -13.58 -31.40
N SER E 171 -74.37 -13.94 -32.63
CA SER E 171 -73.02 -13.62 -33.09
C SER E 171 -72.81 -12.12 -33.24
N GLU E 172 -73.80 -11.40 -33.79
CA GLU E 172 -73.59 -9.99 -34.10
C GLU E 172 -73.57 -9.15 -32.82
N GLN E 173 -74.63 -9.21 -32.04
CA GLN E 173 -74.68 -8.50 -30.75
C GLN E 173 -74.35 -9.45 -29.61
N TYR E 174 -73.11 -9.94 -29.62
CA TYR E 174 -72.66 -10.87 -28.58
C TYR E 174 -72.60 -10.19 -27.21
N TYR E 175 -72.02 -9.00 -27.15
CA TYR E 175 -71.94 -8.26 -25.89
C TYR E 175 -73.33 -7.88 -25.40
N ARG E 176 -74.24 -7.58 -26.31
CA ARG E 176 -75.60 -7.18 -25.93
C ARG E 176 -76.34 -8.32 -25.24
N PHE E 177 -76.17 -9.55 -25.73
CA PHE E 177 -76.96 -10.68 -25.26
C PHE E 177 -76.16 -11.66 -24.38
N LEU E 178 -74.93 -11.33 -24.03
CA LEU E 178 -74.15 -12.23 -23.17
C LEU E 178 -74.81 -12.47 -21.82
N PRO E 179 -75.25 -11.46 -21.06
CA PRO E 179 -75.88 -11.75 -19.76
C PRO E 179 -77.13 -12.60 -19.87
N PHE E 180 -77.90 -12.47 -20.95
CA PHE E 180 -79.08 -13.31 -21.12
C PHE E 180 -78.69 -14.77 -21.29
N LEU E 181 -77.65 -15.03 -22.08
CA LEU E 181 -77.15 -16.40 -22.19
C LEU E 181 -76.64 -16.92 -20.85
N GLN E 182 -75.96 -16.06 -20.09
CA GLN E 182 -75.51 -16.47 -18.76
C GLN E 182 -76.68 -16.84 -17.87
N LYS E 183 -77.75 -16.03 -17.90
CA LYS E 183 -78.94 -16.33 -17.10
C LYS E 183 -79.57 -17.64 -17.51
N GLY E 184 -79.69 -17.88 -18.82
CA GLY E 184 -80.25 -19.14 -19.28
C GLY E 184 -79.43 -20.34 -18.87
N LEU E 185 -78.10 -20.22 -18.98
CA LEU E 185 -77.22 -21.31 -18.57
C LEU E 185 -77.35 -21.58 -17.08
N ARG E 186 -77.39 -20.52 -16.27
CA ARG E 186 -77.57 -20.70 -14.83
C ARG E 186 -78.91 -21.37 -14.54
N ARG E 187 -79.95 -20.97 -15.26
CA ARG E 187 -81.28 -21.55 -15.04
C ARG E 187 -81.27 -23.04 -15.33
N VAL E 188 -80.70 -23.45 -16.47
CA VAL E 188 -80.73 -24.87 -16.82
C VAL E 188 -79.83 -25.67 -15.88
N VAL E 189 -78.68 -25.11 -15.49
CA VAL E 189 -77.80 -25.85 -14.59
C VAL E 189 -78.46 -26.05 -13.24
N ARG E 190 -79.06 -25.00 -12.67
CA ARG E 190 -79.73 -25.17 -11.39
C ARG E 190 -81.04 -25.93 -11.52
N LYS E 191 -81.57 -26.09 -12.72
CA LYS E 191 -82.65 -27.03 -12.95
C LYS E 191 -82.16 -28.47 -12.94
N TYR E 192 -80.94 -28.72 -13.42
CA TYR E 192 -80.43 -30.07 -13.54
C TYR E 192 -79.32 -30.42 -12.56
N ALA E 193 -78.69 -29.44 -11.93
CA ALA E 193 -77.61 -29.72 -10.98
C ALA E 193 -77.40 -28.55 -10.04
N PRO E 194 -78.26 -28.37 -9.03
CA PRO E 194 -78.05 -27.26 -8.08
C PRO E 194 -76.73 -27.32 -7.34
N GLU E 195 -76.29 -28.53 -6.95
CA GLU E 195 -75.05 -28.65 -6.20
C GLU E 195 -73.83 -28.23 -7.01
N LEU E 196 -73.94 -28.19 -8.33
CA LEU E 196 -72.85 -27.67 -9.15
C LEU E 196 -72.61 -26.19 -8.89
N LEU E 197 -73.65 -25.43 -8.54
CA LEU E 197 -73.51 -24.00 -8.35
C LEU E 197 -72.66 -23.65 -7.13
N ASN E 198 -72.56 -24.55 -6.16
CA ASN E 198 -71.81 -24.29 -4.94
C ASN E 198 -70.32 -24.09 -5.24
N GLU E 260 -73.69 -18.97 -8.17
CA GLU E 260 -72.71 -18.71 -7.12
C GLU E 260 -71.29 -18.84 -7.65
N ARG E 261 -71.15 -19.44 -8.82
CA ARG E 261 -69.85 -19.63 -9.46
C ARG E 261 -69.89 -19.06 -10.87
N VAL E 262 -68.73 -18.56 -11.32
CA VAL E 262 -68.63 -17.87 -12.60
C VAL E 262 -68.65 -18.92 -13.70
N PHE E 263 -69.78 -19.07 -14.38
CA PHE E 263 -69.86 -19.92 -15.55
C PHE E 263 -69.34 -19.19 -16.78
N GLN E 264 -68.57 -19.89 -17.61
CA GLN E 264 -68.01 -19.32 -18.82
C GLN E 264 -68.40 -20.16 -20.02
N ILE E 265 -68.57 -19.50 -21.16
CA ILE E 265 -68.99 -20.14 -22.40
C ILE E 265 -67.96 -19.80 -23.47
N SER E 266 -67.49 -20.81 -24.19
CA SER E 266 -66.53 -20.62 -25.27
C SER E 266 -67.10 -21.20 -26.56
N PHE E 267 -67.27 -20.34 -27.57
CA PHE E 267 -67.72 -20.77 -28.88
C PHE E 267 -66.51 -21.10 -29.75
N PHE E 268 -66.63 -22.19 -30.51
CA PHE E 268 -65.54 -22.59 -31.40
C PHE E 268 -66.10 -23.02 -32.74
N ASN E 269 -65.19 -23.29 -33.68
CA ASN E 269 -65.51 -23.73 -35.03
C ASN E 269 -66.33 -22.67 -35.79
N LEU E 270 -65.72 -21.50 -35.94
CA LEU E 270 -66.33 -20.42 -36.72
C LEU E 270 -66.09 -20.65 -38.21
N PRO E 271 -67.00 -20.17 -39.07
CA PRO E 271 -66.85 -20.40 -40.50
C PRO E 271 -65.57 -19.84 -41.12
N THR E 272 -65.08 -18.70 -40.62
CA THR E 272 -63.96 -18.04 -41.26
C THR E 272 -63.09 -17.36 -40.21
N VAL E 273 -61.87 -17.03 -40.63
CA VAL E 273 -60.91 -16.31 -39.79
C VAL E 273 -60.44 -15.08 -40.55
N HIS E 274 -60.29 -13.97 -39.81
CA HIS E 274 -59.90 -12.69 -40.40
C HIS E 274 -58.43 -12.40 -40.12
N ARG E 275 -57.83 -11.62 -41.02
CA ARG E 275 -56.48 -11.13 -40.81
C ARG E 275 -56.52 -9.85 -39.98
N ILE E 276 -55.36 -9.51 -39.40
CA ILE E 276 -55.27 -8.32 -38.56
C ILE E 276 -55.52 -7.06 -39.40
N ARG E 277 -55.01 -7.03 -40.62
CA ARG E 277 -55.18 -5.86 -41.49
C ARG E 277 -56.62 -5.65 -41.92
N ASP E 278 -57.50 -6.62 -41.71
CA ASP E 278 -58.91 -6.51 -42.07
C ASP E 278 -59.80 -6.13 -40.90
N ILE E 279 -59.21 -5.77 -39.77
CA ILE E 279 -59.99 -5.38 -38.59
C ILE E 279 -60.50 -3.96 -38.79
N ARG E 280 -61.82 -3.79 -38.66
CA ARG E 280 -62.46 -2.50 -38.84
C ARG E 280 -63.46 -2.25 -37.72
N SER E 281 -63.77 -0.97 -37.51
CA SER E 281 -64.54 -0.56 -36.35
C SER E 281 -66.00 -0.97 -36.42
N GLU E 282 -66.52 -1.33 -37.60
CA GLU E 282 -67.93 -1.65 -37.71
C GLU E 282 -68.29 -2.99 -37.06
N LYS E 283 -67.31 -3.78 -36.65
CA LYS E 283 -67.54 -5.09 -36.05
C LYS E 283 -67.42 -5.07 -34.53
N ILE E 284 -67.53 -3.90 -33.90
CA ILE E 284 -67.41 -3.81 -32.46
C ILE E 284 -68.59 -4.51 -31.80
N GLY E 285 -68.29 -5.39 -30.85
CA GLY E 285 -69.31 -6.16 -30.17
C GLY E 285 -69.75 -7.41 -30.89
N SER E 286 -69.06 -7.81 -31.95
CA SER E 286 -69.44 -8.97 -32.75
C SER E 286 -68.43 -10.09 -32.57
N LEU E 287 -68.92 -11.32 -32.53
CA LEU E 287 -68.06 -12.49 -32.42
C LEU E 287 -67.16 -12.58 -33.66
N LEU E 288 -65.91 -12.96 -33.44
CA LEU E 288 -64.92 -12.95 -34.52
C LEU E 288 -63.81 -13.93 -34.18
N SER E 289 -63.04 -14.29 -35.21
CA SER E 289 -61.89 -15.15 -35.07
C SER E 289 -60.71 -14.56 -35.82
N ILE E 290 -59.55 -14.53 -35.17
CA ILE E 290 -58.33 -13.94 -35.71
C ILE E 290 -57.16 -14.87 -35.44
N SER E 291 -56.06 -14.65 -36.14
CA SER E 291 -54.88 -15.48 -35.99
C SER E 291 -53.62 -14.64 -36.18
N GLY E 292 -52.55 -15.06 -35.54
CA GLY E 292 -51.28 -14.35 -35.62
C GLY E 292 -50.24 -15.03 -34.75
N THR E 293 -49.07 -14.41 -34.68
CA THR E 293 -47.96 -14.91 -33.88
C THR E 293 -47.90 -14.16 -32.56
N VAL E 294 -48.05 -14.89 -31.46
CA VAL E 294 -47.92 -14.30 -30.13
C VAL E 294 -46.46 -13.98 -29.87
N THR E 295 -46.18 -12.76 -29.43
CA THR E 295 -44.82 -12.31 -29.20
C THR E 295 -44.51 -11.95 -27.75
N ARG E 296 -45.52 -11.80 -26.89
CA ARG E 296 -45.29 -11.46 -25.50
C ARG E 296 -46.54 -11.77 -24.69
N THR E 297 -46.33 -12.15 -23.44
CA THR E 297 -47.40 -12.40 -22.48
C THR E 297 -47.12 -11.59 -21.22
N SER E 298 -48.01 -11.71 -20.24
CA SER E 298 -47.88 -10.98 -18.98
C SER E 298 -48.24 -11.91 -17.83
N GLU E 299 -47.90 -11.47 -16.62
CA GLU E 299 -48.16 -12.27 -15.43
C GLU E 299 -49.66 -12.43 -15.20
N VAL E 300 -50.03 -13.54 -14.56
CA VAL E 300 -51.43 -13.82 -14.29
C VAL E 300 -51.85 -13.06 -13.04
N ARG E 301 -52.38 -11.84 -13.25
CA ARG E 301 -52.77 -10.96 -12.16
C ARG E 301 -54.25 -11.17 -11.82
N PRO E 302 -54.61 -11.13 -10.54
CA PRO E 302 -56.02 -11.19 -10.17
C PRO E 302 -56.75 -9.92 -10.60
N GLU E 303 -58.04 -10.06 -10.88
CA GLU E 303 -58.86 -8.97 -11.38
C GLU E 303 -60.15 -8.89 -10.58
N LEU E 304 -60.51 -7.68 -10.16
CA LEU E 304 -61.77 -7.48 -9.45
C LEU E 304 -62.94 -7.67 -10.39
N TYR E 305 -63.92 -8.48 -9.98
CA TYR E 305 -65.09 -8.77 -10.79
C TYR E 305 -66.39 -8.34 -10.13
N LYS E 306 -66.59 -8.70 -8.86
CA LYS E 306 -67.79 -8.32 -8.13
C LYS E 306 -67.35 -7.85 -6.74
N ALA E 307 -67.48 -6.56 -6.48
CA ALA E 307 -66.97 -5.95 -5.26
C ALA E 307 -68.07 -5.81 -4.21
N SER E 308 -67.67 -5.91 -2.94
CA SER E 308 -68.54 -5.69 -1.81
C SER E 308 -67.99 -4.53 -0.99
N PHE E 309 -68.87 -3.64 -0.56
CA PHE E 309 -68.46 -2.40 0.08
C PHE E 309 -69.18 -2.22 1.41
N THR E 310 -68.51 -1.52 2.33
CA THR E 310 -69.04 -1.22 3.65
C THR E 310 -69.13 0.29 3.83
N CYS E 311 -70.31 0.78 4.21
CA CYS E 311 -70.51 2.20 4.45
C CYS E 311 -69.97 2.52 5.84
N ASP E 312 -68.88 3.29 5.89
CA ASP E 312 -68.05 3.35 7.10
C ASP E 312 -68.82 3.90 8.30
N MET E 313 -69.60 4.96 8.11
CA MET E 313 -70.23 5.61 9.25
C MET E 313 -71.41 4.84 9.80
N CYS E 314 -71.94 3.88 9.05
CA CYS E 314 -73.04 3.05 9.54
C CYS E 314 -72.80 1.55 9.42
N ARG E 315 -71.69 1.13 8.78
CA ARG E 315 -71.33 -0.28 8.67
C ARG E 315 -72.45 -1.12 8.05
N ALA E 316 -73.05 -0.58 7.00
CA ALA E 316 -73.96 -1.34 6.17
C ALA E 316 -73.19 -2.01 5.02
N ILE E 317 -73.81 -3.03 4.44
CA ILE E 317 -73.16 -3.85 3.42
C ILE E 317 -73.85 -3.60 2.09
N VAL E 318 -73.08 -3.16 1.10
CA VAL E 318 -73.53 -3.04 -0.29
C VAL E 318 -72.60 -3.88 -1.14
N ASP E 319 -73.16 -4.87 -1.82
CA ASP E 319 -72.34 -5.82 -2.58
C ASP E 319 -72.84 -5.97 -4.01
N ASN E 320 -72.24 -6.91 -4.75
CA ASN E 320 -72.62 -7.21 -6.13
C ASN E 320 -72.49 -5.99 -7.03
N VAL E 321 -71.57 -5.09 -6.70
CA VAL E 321 -71.34 -3.88 -7.49
C VAL E 321 -70.53 -4.27 -8.72
N GLU E 322 -71.16 -4.25 -9.89
CA GLU E 322 -70.46 -4.56 -11.12
C GLU E 322 -69.43 -3.48 -11.43
N GLN E 323 -68.28 -3.90 -11.95
CA GLN E 323 -67.18 -3.00 -12.22
C GLN E 323 -67.09 -2.69 -13.71
N SER E 324 -66.22 -1.75 -14.03
CA SER E 324 -65.98 -1.32 -15.41
C SER E 324 -64.49 -1.10 -15.57
N PHE E 325 -64.10 -0.40 -16.63
CA PHE E 325 -62.69 -0.12 -16.88
C PHE E 325 -62.05 0.76 -15.83
N LYS E 326 -62.79 1.17 -14.80
CA LYS E 326 -62.25 1.89 -13.66
C LYS E 326 -62.78 1.28 -12.38
N TYR E 327 -62.08 1.52 -11.28
CA TYR E 327 -62.50 1.01 -9.98
C TYR E 327 -63.65 1.88 -9.48
N THR E 328 -64.84 1.29 -9.42
CA THR E 328 -66.08 2.02 -9.13
C THR E 328 -66.57 1.71 -7.73
N GLU E 329 -66.88 2.75 -6.97
CA GLU E 329 -67.52 2.67 -5.68
C GLU E 329 -69.03 2.87 -5.81
N PRO E 330 -69.82 2.44 -4.83
CA PRO E 330 -71.27 2.63 -4.91
C PRO E 330 -71.64 4.11 -4.90
N THR E 331 -72.93 4.37 -5.10
CA THR E 331 -73.44 5.73 -5.17
C THR E 331 -74.54 6.03 -4.16
N PHE E 332 -75.02 5.03 -3.41
CA PHE E 332 -76.08 5.24 -2.45
C PHE E 332 -75.98 4.18 -1.36
N CYS E 333 -76.62 4.47 -0.23
CA CYS E 333 -76.68 3.56 0.90
C CYS E 333 -78.14 3.26 1.22
N PRO E 334 -78.57 2.00 1.16
CA PRO E 334 -80.01 1.71 1.35
C PRO E 334 -80.55 2.07 2.73
N ASN E 335 -79.69 2.25 3.73
CA ASN E 335 -80.14 2.61 5.07
C ASN E 335 -80.85 3.96 5.02
N PRO E 336 -82.10 4.05 5.50
CA PRO E 336 -82.80 5.35 5.43
C PRO E 336 -82.16 6.44 6.28
N SER E 337 -81.72 6.11 7.49
CA SER E 337 -81.09 7.11 8.35
C SER E 337 -79.77 7.60 7.79
N CYS E 338 -79.10 6.80 6.97
CA CYS E 338 -77.83 7.17 6.36
C CYS E 338 -78.06 7.67 4.94
N GLU E 339 -77.13 8.51 4.46
CA GLU E 339 -77.24 9.05 3.11
C GLU E 339 -75.90 9.03 2.38
N ASN E 340 -75.07 8.02 2.67
CA ASN E 340 -73.80 7.75 2.00
C ASN E 340 -72.97 9.00 1.74
N ARG E 341 -72.93 9.93 2.70
CA ARG E 341 -72.05 11.08 2.58
C ARG E 341 -70.59 10.65 2.50
N ALA E 342 -70.20 9.70 3.34
CA ALA E 342 -68.86 9.16 3.31
C ALA E 342 -68.76 8.06 2.25
N PHE E 343 -67.52 7.73 1.90
CA PHE E 343 -67.26 6.69 0.91
C PHE E 343 -67.26 5.32 1.59
N TRP E 344 -66.81 4.30 0.87
CA TRP E 344 -66.90 2.92 1.34
C TRP E 344 -65.51 2.32 1.46
N THR E 345 -65.43 1.24 2.24
CA THR E 345 -64.21 0.46 2.40
C THR E 345 -64.41 -0.89 1.74
N LEU E 346 -63.54 -1.23 0.79
CA LEU E 346 -63.66 -2.47 0.05
C LEU E 346 -63.42 -3.67 0.97
N ASN E 347 -64.29 -4.67 0.84
CA ASN E 347 -64.19 -5.91 1.62
C ASN E 347 -63.48 -6.94 0.75
N VAL E 348 -62.19 -7.13 0.99
CA VAL E 348 -61.39 -8.00 0.14
C VAL E 348 -61.85 -9.45 0.27
N THR E 349 -62.09 -9.91 1.51
CA THR E 349 -62.49 -11.30 1.72
C THR E 349 -63.91 -11.57 1.23
N ARG E 350 -64.69 -10.55 0.90
CA ARG E 350 -66.02 -10.73 0.36
C ARG E 350 -66.08 -10.57 -1.16
N SER E 351 -65.13 -9.87 -1.75
CA SER E 351 -65.09 -9.72 -3.20
C SER E 351 -64.64 -11.01 -3.86
N ARG E 352 -64.95 -11.13 -5.15
CA ARG E 352 -64.57 -12.28 -5.95
C ARG E 352 -63.69 -11.83 -7.10
N PHE E 353 -62.51 -12.44 -7.23
CA PHE E 353 -61.54 -12.08 -8.25
C PHE E 353 -61.51 -13.13 -9.35
N LEU E 354 -60.94 -12.74 -10.49
CA LEU E 354 -60.79 -13.63 -11.63
C LEU E 354 -59.44 -13.38 -12.28
N ASP E 355 -58.97 -14.38 -13.04
CA ASP E 355 -57.67 -14.29 -13.67
C ASP E 355 -57.68 -13.27 -14.80
N TRP E 356 -56.50 -12.80 -15.16
CA TRP E 356 -56.36 -11.78 -16.19
C TRP E 356 -54.95 -11.83 -16.76
N GLN E 357 -54.84 -11.91 -18.09
CA GLN E 357 -53.55 -11.93 -18.75
C GLN E 357 -53.69 -11.27 -20.11
N LYS E 358 -52.72 -10.42 -20.45
CA LYS E 358 -52.72 -9.68 -21.71
C LYS E 358 -51.60 -10.18 -22.60
N VAL E 359 -51.94 -10.53 -23.84
CA VAL E 359 -50.99 -11.03 -24.81
C VAL E 359 -50.97 -10.11 -26.02
N ARG E 360 -49.89 -10.17 -26.78
CA ARG E 360 -49.72 -9.37 -27.97
C ARG E 360 -49.51 -10.26 -29.19
N ILE E 361 -50.17 -9.92 -30.29
CA ILE E 361 -50.08 -10.68 -31.53
C ILE E 361 -49.78 -9.73 -32.67
N GLN E 362 -49.22 -10.30 -33.74
CA GLN E 362 -48.90 -9.53 -34.95
C GLN E 362 -49.16 -10.40 -36.17
N GLU E 363 -49.12 -9.77 -37.35
CA GLU E 363 -49.37 -10.49 -38.59
C GLU E 363 -48.22 -11.44 -38.90
N ASN E 364 -48.57 -12.56 -39.53
CA ASN E 364 -47.58 -13.53 -39.94
C ASN E 364 -46.74 -12.97 -41.09
N ALA E 365 -45.64 -13.64 -41.38
CA ALA E 365 -44.83 -13.27 -42.54
C ALA E 365 -45.53 -13.58 -43.85
N ASN E 366 -46.53 -14.46 -43.82
CA ASN E 366 -47.24 -14.83 -45.04
C ASN E 366 -48.09 -13.68 -45.56
N GLU E 367 -48.89 -13.07 -44.68
CA GLU E 367 -49.86 -12.07 -45.14
C GLU E 367 -49.20 -10.74 -45.49
N ILE E 368 -48.17 -10.34 -44.76
CA ILE E 368 -47.60 -9.00 -44.87
C ILE E 368 -46.95 -8.77 -46.24
N PRO E 369 -47.34 -7.73 -46.97
CA PRO E 369 -46.68 -7.46 -48.26
C PRO E 369 -45.41 -6.64 -48.12
N THR E 370 -44.53 -6.74 -49.10
CA THR E 370 -43.42 -5.80 -49.32
C THR E 370 -42.57 -5.69 -48.04
N GLY E 371 -41.95 -4.53 -47.82
CA GLY E 371 -41.11 -4.32 -46.66
C GLY E 371 -41.76 -3.50 -45.57
N SER E 372 -43.09 -3.42 -45.58
CA SER E 372 -43.80 -2.65 -44.58
C SER E 372 -43.70 -3.33 -43.21
N MET E 373 -44.02 -2.56 -42.17
CA MET E 373 -43.94 -3.09 -40.81
C MET E 373 -45.20 -3.87 -40.46
N PRO E 374 -45.08 -4.90 -39.62
CA PRO E 374 -46.26 -5.67 -39.23
C PRO E 374 -47.22 -4.86 -38.37
N ARG E 375 -48.50 -5.19 -38.47
CA ARG E 375 -49.53 -4.56 -37.65
C ARG E 375 -49.70 -5.35 -36.35
N THR E 376 -49.86 -4.62 -35.26
CA THR E 376 -49.90 -5.21 -33.93
C THR E 376 -51.27 -4.99 -33.28
N LEU E 377 -51.66 -5.96 -32.45
CA LEU E 377 -52.92 -5.90 -31.74
C LEU E 377 -52.70 -6.44 -30.33
N ASP E 378 -53.60 -6.06 -29.42
CA ASP E 378 -53.52 -6.48 -28.02
C ASP E 378 -54.75 -7.31 -27.68
N VAL E 379 -54.51 -8.52 -27.15
CA VAL E 379 -55.56 -9.46 -26.82
C VAL E 379 -55.54 -9.71 -25.31
N ILE E 380 -56.72 -9.75 -24.70
CA ILE E 380 -56.87 -9.93 -23.27
C ILE E 380 -57.58 -11.25 -23.02
N LEU E 381 -56.95 -12.13 -22.24
CA LEU E 381 -57.55 -13.40 -21.88
C LEU E 381 -58.20 -13.30 -20.50
N ARG E 382 -59.03 -14.30 -20.19
CA ARG E 382 -59.74 -14.30 -18.92
C ARG E 382 -60.24 -15.70 -18.62
N GLY E 383 -60.10 -16.14 -17.38
CA GLY E 383 -60.66 -17.40 -16.94
C GLY E 383 -59.67 -18.53 -17.06
N ASP E 384 -60.08 -19.61 -17.72
CA ASP E 384 -59.28 -20.82 -17.85
C ASP E 384 -58.32 -20.77 -19.03
N SER E 385 -58.34 -19.71 -19.82
CA SER E 385 -57.51 -19.59 -21.01
C SER E 385 -56.21 -18.82 -20.75
N VAL E 386 -55.70 -18.87 -19.53
CA VAL E 386 -54.47 -18.19 -19.18
C VAL E 386 -53.29 -19.12 -19.43
N GLU E 387 -52.16 -18.53 -19.83
CA GLU E 387 -50.92 -19.25 -20.14
C GLU E 387 -51.10 -20.27 -21.24
N ARG E 388 -52.10 -20.10 -22.10
CA ARG E 388 -52.37 -21.03 -23.19
C ARG E 388 -51.74 -20.62 -24.50
N ALA E 389 -51.14 -19.43 -24.58
CA ALA E 389 -50.51 -18.94 -25.80
C ALA E 389 -49.08 -18.52 -25.47
N LYS E 390 -48.14 -19.43 -25.66
CA LYS E 390 -46.74 -19.15 -25.37
C LYS E 390 -46.12 -18.30 -26.48
N PRO E 391 -45.13 -17.47 -26.13
CA PRO E 391 -44.52 -16.61 -27.15
C PRO E 391 -43.91 -17.41 -28.29
N GLY E 392 -44.06 -16.89 -29.51
CA GLY E 392 -43.52 -17.52 -30.70
C GLY E 392 -44.45 -18.50 -31.37
N ASP E 393 -45.56 -18.86 -30.74
CA ASP E 393 -46.50 -19.82 -31.32
C ASP E 393 -47.56 -19.11 -32.13
N ARG E 394 -47.90 -19.69 -33.28
CA ARG E 394 -48.98 -19.19 -34.12
C ARG E 394 -50.28 -19.82 -33.64
N CYS E 395 -51.24 -18.98 -33.24
CA CYS E 395 -52.47 -19.44 -32.62
C CYS E 395 -53.66 -18.73 -33.22
N LYS E 396 -54.83 -19.34 -33.05
CA LYS E 396 -56.10 -18.79 -33.51
C LYS E 396 -56.95 -18.44 -32.30
N PHE E 397 -57.43 -17.20 -32.25
CA PHE E 397 -58.22 -16.70 -31.14
C PHE E 397 -59.67 -16.52 -31.56
N THR E 398 -60.59 -16.83 -30.64
CA THR E 398 -62.02 -16.64 -30.87
C THR E 398 -62.57 -15.78 -29.75
N GLY E 399 -63.20 -14.65 -30.10
CA GLY E 399 -63.73 -13.75 -29.10
C GLY E 399 -64.56 -12.63 -29.68
N VAL E 400 -64.65 -11.52 -28.95
CA VAL E 400 -65.51 -10.40 -29.31
C VAL E 400 -64.70 -9.12 -29.37
N GLU E 401 -64.92 -8.34 -30.43
CA GLU E 401 -64.30 -7.04 -30.55
C GLU E 401 -64.81 -6.09 -29.49
N ILE E 402 -63.89 -5.35 -28.86
CA ILE E 402 -64.20 -4.34 -27.86
C ILE E 402 -63.32 -3.12 -28.12
N VAL E 403 -63.55 -2.06 -27.35
CA VAL E 403 -62.77 -0.83 -27.44
C VAL E 403 -62.47 -0.36 -26.02
N VAL E 404 -61.26 0.14 -25.80
CA VAL E 404 -60.80 0.57 -24.48
C VAL E 404 -60.45 2.04 -24.55
N PRO E 405 -60.96 2.87 -23.64
CA PRO E 405 -60.56 4.28 -23.60
C PRO E 405 -59.27 4.51 -22.81
N ASP E 406 -58.91 5.76 -22.62
CA ASP E 406 -57.75 6.12 -21.80
C ASP E 406 -58.25 6.42 -20.39
N VAL E 407 -57.95 5.51 -19.45
CA VAL E 407 -58.43 5.66 -18.08
C VAL E 407 -57.76 6.84 -17.38
N THR E 408 -56.59 7.28 -17.86
CA THR E 408 -55.90 8.38 -17.22
C THR E 408 -56.75 9.64 -17.19
N GLN E 409 -57.39 9.96 -18.32
CA GLN E 409 -58.31 11.10 -18.34
C GLN E 409 -59.52 10.86 -17.46
N LEU E 410 -59.93 9.59 -17.29
CA LEU E 410 -61.05 9.27 -16.43
C LEU E 410 -60.67 9.48 -14.97
N GLY E 411 -61.67 9.74 -14.14
CA GLY E 411 -61.43 10.01 -12.73
C GLY E 411 -60.85 8.79 -12.02
N LEU E 412 -59.74 8.99 -11.33
CA LEU E 412 -59.08 7.94 -10.56
C LEU E 412 -58.56 8.53 -9.26
N PRO E 413 -58.53 7.72 -8.19
CA PRO E 413 -57.94 8.21 -6.93
C PRO E 413 -56.47 8.59 -7.07
N GLY E 414 -55.72 7.90 -7.92
CA GLY E 414 -54.31 8.18 -8.07
C GLY E 414 -54.04 9.45 -8.87
N VAL E 415 -52.79 9.88 -8.84
CA VAL E 415 -52.37 11.10 -9.54
C VAL E 415 -52.14 10.77 -11.00
N LYS E 416 -52.26 11.78 -11.86
CA LYS E 416 -52.08 11.61 -13.29
C LYS E 416 -50.61 11.36 -13.62
N LYS E 428 -44.98 10.62 -33.95
CA LYS E 428 -45.97 9.55 -33.84
C LYS E 428 -47.07 9.92 -32.86
N THR E 429 -46.68 10.23 -31.62
CA THR E 429 -47.62 10.60 -30.58
C THR E 429 -47.69 12.11 -30.36
N THR E 430 -46.58 12.83 -30.56
CA THR E 430 -46.55 14.26 -30.32
C THR E 430 -47.38 15.04 -31.34
N GLU E 431 -47.77 14.43 -32.45
CA GLU E 431 -48.55 15.12 -33.47
C GLU E 431 -50.03 15.21 -33.13
N GLY E 432 -50.50 14.45 -32.16
CA GLY E 432 -51.90 14.55 -31.75
C GLY E 432 -52.85 14.13 -32.87
N LEU E 433 -53.84 14.99 -33.13
CA LEU E 433 -54.88 14.75 -34.13
C LEU E 433 -55.71 13.51 -33.82
N ASN E 434 -55.76 13.09 -32.56
CA ASN E 434 -56.57 11.94 -32.16
C ASN E 434 -58.03 12.36 -32.07
N SER E 435 -58.92 11.37 -32.18
CA SER E 435 -60.36 11.60 -32.13
C SER E 435 -60.78 11.81 -30.68
N GLY E 436 -60.55 13.02 -30.20
CA GLY E 436 -60.89 13.36 -28.83
C GLY E 436 -62.34 13.76 -28.67
N VAL E 437 -62.92 13.37 -27.54
CA VAL E 437 -64.31 13.67 -27.21
C VAL E 437 -64.34 14.33 -25.84
N THR E 438 -65.07 15.44 -25.73
CA THR E 438 -65.16 16.19 -24.49
C THR E 438 -66.59 16.68 -24.29
N GLY E 439 -66.92 17.00 -23.05
CA GLY E 439 -68.23 17.54 -22.73
C GLY E 439 -68.97 16.80 -21.63
N LEU E 440 -68.30 15.88 -20.96
CA LEU E 440 -68.94 15.10 -19.90
C LEU E 440 -68.72 15.76 -18.53
N ARG E 441 -69.42 15.24 -17.52
CA ARG E 441 -69.28 15.76 -16.17
C ARG E 441 -67.92 15.39 -15.57
N SER E 442 -67.59 14.10 -15.58
CA SER E 442 -66.38 13.64 -14.91
C SER E 442 -65.11 14.02 -15.66
N LEU E 443 -65.19 14.22 -16.98
CA LEU E 443 -64.00 14.58 -17.74
C LEU E 443 -63.59 16.03 -17.51
N GLY E 444 -64.54 16.92 -17.22
CA GLY E 444 -64.23 18.31 -17.02
C GLY E 444 -63.83 19.00 -18.31
N VAL E 445 -62.55 19.33 -18.45
CA VAL E 445 -62.02 19.95 -19.65
C VAL E 445 -61.07 19.01 -20.40
N ARG E 446 -61.13 17.71 -20.09
CA ARG E 446 -60.25 16.72 -20.70
C ARG E 446 -60.95 16.00 -21.85
N ASP E 447 -60.16 15.54 -22.81
CA ASP E 447 -60.65 14.83 -23.97
C ASP E 447 -60.43 13.34 -23.82
N LEU E 448 -61.39 12.55 -24.30
CA LEU E 448 -61.34 11.09 -24.19
C LEU E 448 -61.01 10.48 -25.53
N THR E 449 -60.05 9.56 -25.55
CA THR E 449 -59.63 8.84 -26.74
C THR E 449 -59.94 7.36 -26.58
N TYR E 450 -59.80 6.62 -27.68
CA TYR E 450 -60.12 5.19 -27.69
C TYR E 450 -59.07 4.45 -28.51
N LYS E 451 -59.01 3.14 -28.28
CA LYS E 451 -58.10 2.27 -29.00
C LYS E 451 -58.73 0.89 -29.11
N ILE E 452 -58.42 0.19 -30.20
CA ILE E 452 -59.02 -1.11 -30.47
C ILE E 452 -58.24 -2.21 -29.75
N SER E 453 -58.97 -3.06 -29.02
CA SER E 453 -58.41 -4.21 -28.36
C SER E 453 -59.37 -5.38 -28.52
N PHE E 454 -58.84 -6.60 -28.41
CA PHE E 454 -59.61 -7.81 -28.64
C PHE E 454 -59.75 -8.60 -27.34
N LEU E 455 -60.96 -9.11 -27.11
CA LEU E 455 -61.25 -9.97 -25.97
C LEU E 455 -61.44 -11.38 -26.48
N ALA E 456 -60.78 -12.34 -25.83
CA ALA E 456 -60.74 -13.72 -26.29
C ALA E 456 -61.42 -14.64 -25.29
N CYS E 457 -61.98 -15.74 -25.80
CA CYS E 457 -62.60 -16.75 -24.96
C CYS E 457 -62.25 -18.18 -25.36
N HIS E 458 -61.47 -18.38 -26.42
CA HIS E 458 -61.09 -19.72 -26.87
C HIS E 458 -59.81 -19.61 -27.68
N VAL E 459 -58.78 -20.36 -27.28
CA VAL E 459 -57.47 -20.30 -27.91
C VAL E 459 -57.09 -21.70 -28.38
N ILE E 460 -56.62 -21.80 -29.62
CA ILE E 460 -56.09 -23.04 -30.17
C ILE E 460 -54.84 -22.71 -30.98
N SER E 461 -53.97 -23.69 -31.12
CA SER E 461 -52.69 -23.52 -31.81
C SER E 461 -52.65 -24.38 -33.06
N ILE E 462 -52.12 -23.81 -34.14
CA ILE E 462 -51.96 -24.52 -35.41
C ILE E 462 -50.48 -24.73 -35.74
N GLY E 463 -49.61 -24.58 -34.75
CA GLY E 463 -48.18 -24.75 -34.95
C GLY E 463 -47.37 -24.60 -33.69
N ASP E 500 -45.52 -44.74 -15.63
CA ASP E 500 -46.08 -45.97 -15.09
C ASP E 500 -46.82 -46.75 -16.17
N GLN E 501 -46.56 -48.06 -16.23
CA GLN E 501 -47.21 -48.89 -17.26
C GLN E 501 -48.71 -49.01 -17.03
N GLU E 502 -49.16 -48.95 -15.77
CA GLU E 502 -50.59 -49.00 -15.50
C GLU E 502 -51.29 -47.74 -15.98
N VAL E 503 -50.61 -46.59 -15.94
CA VAL E 503 -51.18 -45.37 -16.50
C VAL E 503 -51.41 -45.54 -17.99
N PHE E 504 -50.43 -46.11 -18.70
CA PHE E 504 -50.60 -46.36 -20.13
C PHE E 504 -51.72 -47.36 -20.39
N LEU E 505 -51.79 -48.42 -19.57
CA LEU E 505 -52.86 -49.41 -19.73
C LEU E 505 -54.23 -48.82 -19.43
N ASN E 506 -54.29 -47.75 -18.64
CA ASN E 506 -55.57 -47.11 -18.34
C ASN E 506 -56.22 -46.56 -19.60
N SER E 507 -55.42 -46.09 -20.55
CA SER E 507 -55.94 -45.61 -21.84
C SER E 507 -56.35 -46.84 -22.66
N LEU E 508 -57.55 -47.33 -22.37
CA LEU E 508 -58.01 -48.62 -22.89
C LEU E 508 -58.78 -48.44 -24.19
N SER E 509 -58.54 -49.35 -25.13
CA SER E 509 -59.28 -49.40 -26.38
C SER E 509 -59.07 -50.80 -26.97
N SER E 510 -59.91 -51.14 -27.93
CA SER E 510 -59.80 -52.44 -28.58
C SER E 510 -58.46 -52.60 -29.28
N ASP E 511 -58.07 -51.60 -30.07
CA ASP E 511 -56.77 -51.64 -30.73
C ASP E 511 -55.63 -51.58 -29.73
N GLU E 512 -55.78 -50.75 -28.69
CA GLU E 512 -54.74 -50.65 -27.66
C GLU E 512 -54.42 -52.03 -27.07
N ILE E 513 -55.45 -52.82 -26.78
CA ILE E 513 -55.22 -54.16 -26.25
C ILE E 513 -54.66 -55.07 -27.34
N ASN E 514 -55.33 -55.14 -28.50
CA ASN E 514 -55.03 -56.15 -29.49
C ASN E 514 -53.63 -55.97 -30.09
N GLU E 515 -53.33 -54.76 -30.56
CA GLU E 515 -52.06 -54.53 -31.25
C GLU E 515 -50.88 -54.72 -30.30
N LEU E 516 -50.99 -54.18 -29.08
CA LEU E 516 -49.89 -54.32 -28.13
C LEU E 516 -49.69 -55.77 -27.71
N LYS E 517 -50.80 -56.51 -27.51
CA LYS E 517 -50.65 -57.92 -27.16
C LYS E 517 -50.01 -58.70 -28.30
N GLU E 518 -50.39 -58.41 -29.55
CA GLU E 518 -49.78 -59.10 -30.67
C GLU E 518 -48.29 -58.77 -30.78
N MET E 519 -47.93 -57.51 -30.59
CA MET E 519 -46.52 -57.13 -30.65
C MET E 519 -45.71 -57.77 -29.53
N VAL E 520 -46.28 -57.90 -28.34
CA VAL E 520 -45.57 -58.52 -27.23
C VAL E 520 -45.43 -60.02 -27.43
N LYS E 521 -46.50 -60.69 -27.88
CA LYS E 521 -46.52 -62.14 -27.99
C LYS E 521 -45.83 -62.66 -29.25
N ASP E 522 -45.36 -61.78 -30.13
CA ASP E 522 -44.67 -62.23 -31.33
C ASP E 522 -43.32 -62.84 -30.94
N GLU E 523 -42.69 -63.50 -31.92
CA GLU E 523 -41.41 -64.17 -31.69
C GLU E 523 -40.24 -63.55 -32.45
N HIS E 524 -40.51 -62.72 -33.46
CA HIS E 524 -39.47 -62.06 -34.25
C HIS E 524 -39.70 -60.55 -34.29
N ILE E 525 -39.95 -59.95 -33.13
CA ILE E 525 -40.14 -58.51 -33.08
C ILE E 525 -38.86 -57.79 -33.46
N TYR E 526 -37.75 -58.16 -32.82
CA TYR E 526 -36.48 -57.48 -33.04
C TYR E 526 -36.09 -57.52 -34.51
N ASP E 527 -36.15 -58.71 -35.11
CA ASP E 527 -35.84 -58.85 -36.53
C ASP E 527 -36.67 -57.90 -37.38
N LYS E 528 -37.95 -57.75 -37.03
CA LYS E 528 -38.80 -56.80 -37.76
C LYS E 528 -38.52 -55.36 -37.33
N LEU E 529 -38.23 -55.16 -36.04
CA LEU E 529 -38.22 -53.81 -35.49
C LEU E 529 -37.16 -52.94 -36.17
N VAL E 530 -35.94 -53.47 -36.29
CA VAL E 530 -34.87 -52.70 -36.91
C VAL E 530 -35.20 -52.42 -38.37
N ARG E 531 -35.97 -53.30 -39.00
CA ARG E 531 -36.37 -53.09 -40.39
C ARG E 531 -37.34 -51.94 -40.55
N SER E 532 -37.98 -51.49 -39.45
CA SER E 532 -38.99 -50.45 -39.52
C SER E 532 -38.45 -49.06 -39.22
N ILE E 533 -37.14 -48.92 -39.03
CA ILE E 533 -36.53 -47.63 -38.69
C ILE E 533 -35.97 -47.01 -39.96
N ALA E 534 -36.43 -45.79 -40.26
CA ALA E 534 -35.99 -45.02 -41.43
C ALA E 534 -36.11 -45.84 -42.70
N PRO E 535 -37.32 -46.13 -43.18
CA PRO E 535 -37.46 -46.91 -44.42
C PRO E 535 -36.93 -46.22 -45.65
N ALA E 536 -36.77 -44.89 -45.62
CA ALA E 536 -36.31 -44.16 -46.80
C ALA E 536 -34.86 -44.49 -47.13
N VAL E 537 -34.00 -44.59 -46.11
CA VAL E 537 -32.58 -44.80 -46.37
C VAL E 537 -32.33 -46.21 -46.88
N PHE E 538 -31.22 -46.37 -47.58
CA PHE E 538 -30.85 -47.64 -48.21
C PHE E 538 -29.61 -48.20 -47.53
N GLY E 539 -29.71 -49.43 -47.03
CA GLY E 539 -28.60 -50.06 -46.33
C GLY E 539 -28.45 -49.59 -44.90
N HIS E 540 -27.26 -49.84 -44.35
CA HIS E 540 -26.88 -49.39 -43.00
C HIS E 540 -27.81 -49.98 -41.94
N GLU E 541 -27.75 -51.29 -41.81
CA GLU E 541 -28.57 -52.01 -40.84
C GLU E 541 -28.11 -51.74 -39.41
N ALA E 542 -26.80 -51.78 -39.16
CA ALA E 542 -26.30 -51.60 -37.81
C ALA E 542 -26.53 -50.18 -37.31
N VAL E 543 -26.46 -49.19 -38.21
CA VAL E 543 -26.79 -47.83 -37.82
C VAL E 543 -28.25 -47.74 -37.38
N LYS E 544 -29.13 -48.42 -38.09
CA LYS E 544 -30.55 -48.46 -37.69
C LYS E 544 -30.72 -49.12 -36.33
N LYS E 545 -30.06 -50.26 -36.10
CA LYS E 545 -30.17 -50.92 -34.81
C LYS E 545 -29.63 -50.03 -33.70
N GLY E 546 -28.50 -49.36 -33.94
CA GLY E 546 -27.94 -48.46 -32.96
C GLY E 546 -28.86 -47.31 -32.63
N ILE E 547 -29.51 -46.74 -33.65
CA ILE E 547 -30.44 -45.64 -33.42
C ILE E 547 -31.64 -46.12 -32.62
N LEU E 548 -32.14 -47.32 -32.92
CA LEU E 548 -33.25 -47.87 -32.14
C LEU E 548 -32.85 -48.04 -30.68
N LEU E 549 -31.64 -48.58 -30.44
CA LEU E 549 -31.17 -48.76 -29.08
C LEU E 549 -31.00 -47.42 -28.36
N GLN E 550 -30.51 -46.40 -29.07
CA GLN E 550 -30.44 -45.07 -28.47
C GLN E 550 -31.82 -44.55 -28.10
N MET E 551 -32.80 -44.76 -28.98
CA MET E 551 -34.12 -44.21 -28.72
C MET E 551 -34.81 -44.91 -27.57
N LEU E 552 -34.53 -46.21 -27.35
CA LEU E 552 -35.04 -46.87 -26.15
C LEU E 552 -34.47 -46.25 -24.89
N GLY E 553 -33.15 -46.08 -24.84
CA GLY E 553 -32.49 -45.48 -23.68
C GLY E 553 -32.26 -46.47 -22.56
N GLY E 554 -31.50 -46.02 -21.56
CA GLY E 554 -31.14 -46.86 -20.43
C GLY E 554 -31.74 -46.39 -19.11
N VAL E 555 -31.74 -47.27 -18.12
CA VAL E 555 -32.30 -46.93 -16.80
C VAL E 555 -31.41 -45.90 -16.12
N HIS E 556 -32.05 -45.03 -15.35
CA HIS E 556 -31.36 -43.98 -14.59
C HIS E 556 -31.52 -44.29 -13.11
N LYS E 557 -30.40 -44.38 -12.40
CA LYS E 557 -30.39 -44.74 -10.99
C LYS E 557 -29.57 -43.75 -10.20
N SER E 558 -29.88 -43.62 -8.91
CA SER E 558 -29.17 -42.75 -7.99
C SER E 558 -28.75 -43.53 -6.77
N THR E 559 -27.54 -43.26 -6.28
CA THR E 559 -27.01 -43.96 -5.13
C THR E 559 -27.71 -43.50 -3.85
N VAL E 560 -27.33 -44.11 -2.72
CA VAL E 560 -27.96 -43.78 -1.45
C VAL E 560 -27.45 -42.48 -0.86
N GLU E 561 -26.27 -42.01 -1.28
CA GLU E 561 -25.70 -40.77 -0.75
C GLU E 561 -25.80 -39.60 -1.71
N GLY E 562 -26.53 -39.76 -2.81
CA GLY E 562 -26.76 -38.66 -3.73
C GLY E 562 -25.87 -38.61 -4.95
N ILE E 563 -25.17 -39.68 -5.29
CA ILE E 563 -24.34 -39.73 -6.48
C ILE E 563 -25.20 -40.21 -7.66
N LYS E 564 -25.13 -39.47 -8.76
CA LYS E 564 -25.95 -39.74 -9.94
C LYS E 564 -25.18 -40.62 -10.93
N LEU E 565 -25.88 -41.56 -11.54
CA LEU E 565 -25.33 -42.46 -12.54
C LEU E 565 -25.96 -42.16 -13.89
N ARG E 566 -25.12 -41.95 -14.90
CA ARG E 566 -25.62 -41.61 -16.23
C ARG E 566 -26.41 -42.79 -16.82
N GLY E 567 -27.58 -42.49 -17.38
CA GLY E 567 -28.44 -43.51 -17.93
C GLY E 567 -28.84 -43.27 -19.38
N ASP E 568 -27.91 -42.77 -20.19
CA ASP E 568 -28.19 -42.45 -21.58
C ASP E 568 -27.11 -43.04 -22.48
N ILE E 569 -27.43 -43.15 -23.76
CA ILE E 569 -26.55 -43.72 -24.77
C ILE E 569 -26.18 -42.64 -25.76
N ASN E 570 -24.88 -42.48 -26.01
CA ASN E 570 -24.36 -41.49 -26.95
C ASN E 570 -23.74 -42.21 -28.13
N ILE E 571 -24.08 -41.77 -29.35
CA ILE E 571 -23.66 -42.43 -30.58
C ILE E 571 -23.08 -41.40 -31.53
N CYS E 572 -21.95 -41.74 -32.15
CA CYS E 572 -21.33 -40.93 -33.17
C CYS E 572 -21.29 -41.69 -34.48
N VAL E 573 -21.38 -40.96 -35.59
CA VAL E 573 -21.35 -41.54 -36.93
C VAL E 573 -20.27 -40.84 -37.74
N VAL E 574 -19.36 -41.62 -38.29
CA VAL E 574 -18.23 -41.11 -39.09
C VAL E 574 -18.29 -41.76 -40.46
N GLY E 575 -18.06 -40.95 -41.49
CA GLY E 575 -18.04 -41.48 -42.84
C GLY E 575 -17.58 -40.44 -43.84
N ASP E 576 -17.25 -40.93 -45.04
CA ASP E 576 -16.86 -40.07 -46.14
C ASP E 576 -18.07 -39.30 -46.65
N PRO E 577 -17.85 -38.20 -47.38
CA PRO E 577 -18.98 -37.35 -47.79
C PRO E 577 -20.00 -38.09 -48.63
N SER E 578 -21.27 -37.73 -48.43
CA SER E 578 -22.44 -38.10 -49.21
C SER E 578 -22.94 -39.52 -48.99
N THR E 579 -22.52 -40.21 -47.94
CA THR E 579 -23.06 -41.55 -47.68
C THR E 579 -24.24 -41.51 -46.71
N SER E 580 -25.21 -40.64 -46.98
CA SER E 580 -26.51 -40.63 -46.32
C SER E 580 -26.39 -40.62 -44.79
N LYS E 581 -25.62 -39.66 -44.27
CA LYS E 581 -25.48 -39.56 -42.82
C LYS E 581 -26.42 -38.52 -42.21
N SER E 582 -26.77 -37.46 -42.95
CA SER E 582 -27.69 -36.46 -42.44
C SER E 582 -29.14 -36.93 -42.49
N GLN E 583 -29.45 -37.96 -43.29
CA GLN E 583 -30.81 -38.47 -43.35
C GLN E 583 -31.25 -39.05 -42.02
N PHE E 584 -30.35 -39.76 -41.34
CA PHE E 584 -30.67 -40.30 -40.02
C PHE E 584 -30.94 -39.17 -39.03
N LEU E 585 -30.12 -38.11 -39.07
CA LEU E 585 -30.36 -36.95 -38.20
C LEU E 585 -31.73 -36.36 -38.46
N LYS E 586 -32.08 -36.14 -39.72
CA LYS E 586 -33.37 -35.53 -40.03
C LYS E 586 -34.52 -36.43 -39.61
N TYR E 587 -34.39 -37.74 -39.83
CA TYR E 587 -35.45 -38.66 -39.44
C TYR E 587 -35.64 -38.69 -37.93
N VAL E 588 -34.54 -38.75 -37.16
CA VAL E 588 -34.68 -38.80 -35.71
C VAL E 588 -35.18 -37.46 -35.17
N VAL E 589 -34.86 -36.36 -35.84
CA VAL E 589 -35.45 -35.07 -35.45
C VAL E 589 -36.95 -35.08 -35.70
N GLY E 590 -37.38 -35.61 -36.84
CA GLY E 590 -38.79 -35.64 -37.17
C GLY E 590 -39.60 -36.69 -36.44
N PHE E 591 -38.95 -37.66 -35.79
CA PHE E 591 -39.64 -38.73 -35.09
C PHE E 591 -39.56 -38.62 -33.59
N ALA E 592 -38.36 -38.44 -33.03
CA ALA E 592 -38.21 -38.42 -31.59
C ALA E 592 -38.78 -37.12 -31.02
N PRO E 593 -39.71 -37.18 -30.06
CA PRO E 593 -40.24 -35.96 -29.47
C PRO E 593 -39.18 -35.19 -28.71
N ARG E 594 -39.37 -33.86 -28.65
CA ARG E 594 -38.49 -32.96 -27.91
C ARG E 594 -37.05 -33.05 -28.42
N SER E 595 -36.90 -33.18 -29.73
CA SER E 595 -35.59 -33.24 -30.38
C SER E 595 -35.30 -31.93 -31.09
N VAL E 596 -34.00 -31.60 -31.18
CA VAL E 596 -33.55 -30.35 -31.78
C VAL E 596 -32.44 -30.65 -32.77
N TYR E 597 -32.52 -30.09 -33.97
CA TYR E 597 -31.46 -30.17 -34.95
C TYR E 597 -30.55 -28.96 -34.81
N THR E 598 -29.24 -29.20 -34.85
CA THR E 598 -28.26 -28.16 -34.60
C THR E 598 -27.02 -28.42 -35.43
N SER E 599 -26.40 -27.35 -35.91
CA SER E 599 -25.12 -27.42 -36.59
C SER E 599 -23.98 -27.32 -35.58
N GLY E 600 -22.82 -27.85 -35.97
CA GLY E 600 -21.66 -27.80 -35.08
C GLY E 600 -21.21 -26.38 -34.79
N LYS E 601 -21.16 -25.54 -35.83
CA LYS E 601 -20.83 -24.12 -35.67
C LYS E 601 -22.11 -23.33 -35.53
N ALA E 602 -22.32 -22.72 -34.37
CA ALA E 602 -23.54 -21.99 -34.07
C ALA E 602 -23.31 -20.50 -34.26
N SER E 603 -24.22 -19.84 -34.98
CA SER E 603 -24.11 -18.41 -35.24
C SER E 603 -24.44 -17.57 -34.01
N SER E 604 -25.27 -18.09 -33.10
CA SER E 604 -25.65 -17.33 -31.93
C SER E 604 -24.56 -17.37 -30.86
N ALA E 605 -24.63 -16.42 -29.94
CA ALA E 605 -23.69 -16.38 -28.83
C ALA E 605 -23.93 -17.51 -27.83
N ALA E 606 -25.12 -18.10 -27.84
CA ALA E 606 -25.39 -19.24 -26.97
C ALA E 606 -24.51 -20.44 -27.32
N GLY E 607 -24.18 -20.59 -28.60
CA GLY E 607 -23.35 -21.70 -29.03
C GLY E 607 -24.04 -23.03 -28.86
N LEU E 608 -23.54 -23.84 -27.92
CA LEU E 608 -24.12 -25.15 -27.64
C LEU E 608 -24.73 -25.26 -26.25
N THR E 609 -24.05 -24.73 -25.23
CA THR E 609 -24.51 -24.92 -23.86
C THR E 609 -25.39 -23.77 -23.37
N ALA E 610 -24.83 -22.56 -23.29
CA ALA E 610 -25.53 -21.40 -22.75
C ALA E 610 -24.63 -20.18 -22.89
N ALA E 611 -25.19 -19.02 -22.60
CA ALA E 611 -24.45 -17.77 -22.61
C ALA E 611 -25.21 -16.76 -21.75
N VAL E 612 -24.49 -15.72 -21.32
CA VAL E 612 -25.05 -14.67 -20.48
C VAL E 612 -25.12 -13.39 -21.30
N VAL E 613 -26.28 -12.75 -21.28
CA VAL E 613 -26.51 -11.51 -22.01
C VAL E 613 -27.07 -10.47 -21.05
N ARG E 614 -26.61 -9.24 -21.19
CA ARG E 614 -27.10 -8.13 -20.37
C ARG E 614 -27.24 -6.90 -21.25
N ASP E 615 -28.27 -6.09 -20.98
CA ASP E 615 -28.45 -4.85 -21.71
C ASP E 615 -27.40 -3.83 -21.30
N GLU E 616 -26.97 -3.02 -22.27
CA GLU E 616 -26.00 -1.96 -21.98
C GLU E 616 -26.60 -0.99 -20.96
N GLU E 617 -25.98 -0.94 -19.78
CA GLU E 617 -26.52 -0.23 -18.62
C GLU E 617 -27.94 -0.73 -18.31
N GLY E 618 -28.12 -2.03 -18.39
CA GLY E 618 -29.42 -2.64 -18.11
C GLY E 618 -29.29 -3.72 -17.07
N GLY E 619 -30.30 -3.80 -16.21
CA GLY E 619 -30.29 -4.78 -15.12
C GLY E 619 -30.97 -6.08 -15.48
N ASP E 620 -30.53 -6.72 -16.56
CA ASP E 620 -31.08 -8.02 -16.95
C ASP E 620 -30.26 -9.16 -16.37
N TYR E 621 -28.98 -9.24 -16.76
CA TYR E 621 -28.06 -10.26 -16.27
C TYR E 621 -28.68 -11.66 -16.38
N THR E 622 -29.28 -11.93 -17.54
CA THR E 622 -29.99 -13.17 -17.78
C THR E 622 -29.19 -14.08 -18.69
N ILE E 623 -29.54 -15.37 -18.65
CA ILE E 623 -28.89 -16.39 -19.45
C ILE E 623 -29.79 -16.72 -20.64
N GLU E 624 -29.16 -17.17 -21.73
CA GLU E 624 -29.89 -17.68 -22.89
C GLU E 624 -29.55 -19.15 -23.07
N ALA E 625 -30.55 -19.92 -23.50
CA ALA E 625 -30.44 -21.37 -23.52
C ALA E 625 -29.92 -21.86 -24.86
N GLY E 626 -28.87 -22.68 -24.82
CA GLY E 626 -28.34 -23.31 -26.01
C GLY E 626 -29.10 -24.57 -26.38
N ALA E 627 -28.70 -25.16 -27.51
CA ALA E 627 -29.41 -26.33 -28.02
C ALA E 627 -29.42 -27.47 -27.02
N LEU E 628 -28.31 -27.67 -26.30
CA LEU E 628 -28.26 -28.70 -25.28
C LEU E 628 -29.28 -28.43 -24.18
N MET E 629 -29.43 -27.16 -23.79
CA MET E 629 -30.43 -26.82 -22.78
C MET E 629 -31.85 -27.08 -23.28
N LEU E 630 -32.14 -26.73 -24.53
CA LEU E 630 -33.47 -26.97 -25.09
C LEU E 630 -33.77 -28.45 -25.24
N ALA E 631 -32.74 -29.27 -25.45
CA ALA E 631 -32.94 -30.69 -25.72
C ALA E 631 -33.14 -31.52 -24.46
N ASP E 632 -33.49 -30.89 -23.34
CA ASP E 632 -33.65 -31.61 -22.09
C ASP E 632 -34.69 -32.71 -22.22
N ASN E 633 -34.37 -33.88 -21.65
CA ASN E 633 -35.22 -35.07 -21.72
C ASN E 633 -35.50 -35.47 -23.16
N GLY E 634 -34.60 -35.15 -24.07
CA GLY E 634 -34.77 -35.46 -25.48
C GLY E 634 -33.49 -35.87 -26.15
N ILE E 635 -33.44 -35.71 -27.47
CA ILE E 635 -32.28 -36.08 -28.28
C ILE E 635 -31.76 -34.82 -28.97
N CYS E 636 -30.47 -34.54 -28.79
CA CYS E 636 -29.81 -33.45 -29.48
C CYS E 636 -29.05 -34.02 -30.67
N CYS E 637 -29.25 -33.42 -31.84
CA CYS E 637 -28.67 -33.92 -33.09
C CYS E 637 -27.76 -32.84 -33.66
N ILE E 638 -26.49 -32.87 -33.25
CA ILE E 638 -25.49 -31.95 -33.77
C ILE E 638 -24.92 -32.51 -35.06
N ASP E 639 -24.76 -31.66 -36.06
CA ASP E 639 -24.15 -32.03 -37.33
C ASP E 639 -22.83 -31.30 -37.51
N GLU E 640 -21.89 -31.98 -38.16
CA GLU E 640 -20.56 -31.47 -38.44
C GLU E 640 -19.84 -31.11 -37.12
N PHE E 641 -19.42 -32.16 -36.42
CA PHE E 641 -18.84 -32.06 -35.08
C PHE E 641 -17.42 -31.48 -35.11
N ASP E 642 -16.76 -31.50 -36.27
CA ASP E 642 -15.31 -31.28 -36.32
C ASP E 642 -14.93 -29.86 -35.92
N LYS E 643 -15.67 -28.85 -36.37
CA LYS E 643 -15.26 -27.45 -36.22
C LYS E 643 -15.90 -26.77 -35.02
N MET E 644 -16.06 -27.50 -33.91
CA MET E 644 -16.44 -26.85 -32.66
C MET E 644 -15.27 -26.05 -32.12
N ASP E 645 -15.57 -25.08 -31.27
CA ASP E 645 -14.56 -24.20 -30.69
C ASP E 645 -14.24 -24.63 -29.27
N ILE E 646 -13.19 -24.02 -28.71
CA ILE E 646 -12.58 -24.52 -27.49
C ILE E 646 -13.56 -24.48 -26.32
N SER E 647 -14.34 -23.40 -26.20
CA SER E 647 -15.26 -23.28 -25.07
C SER E 647 -16.29 -24.40 -25.08
N ASP E 648 -16.96 -24.60 -26.22
CA ASP E 648 -17.89 -25.71 -26.34
C ASP E 648 -17.16 -27.05 -26.26
N GLN E 649 -15.97 -27.14 -26.86
CA GLN E 649 -15.21 -28.39 -26.88
C GLN E 649 -14.84 -28.85 -25.48
N VAL E 650 -14.74 -27.94 -24.52
CA VAL E 650 -14.46 -28.33 -23.15
C VAL E 650 -15.71 -28.33 -22.27
N ALA E 651 -16.78 -27.63 -22.68
CA ALA E 651 -18.02 -27.72 -21.93
C ALA E 651 -18.78 -29.01 -22.20
N ILE E 652 -18.60 -29.60 -23.39
CA ILE E 652 -19.39 -30.77 -23.76
C ILE E 652 -19.06 -31.95 -22.86
N HIS E 653 -17.77 -32.21 -22.62
CA HIS E 653 -17.42 -33.40 -21.85
C HIS E 653 -17.70 -33.23 -20.37
N GLU E 654 -18.15 -32.07 -19.93
CA GLU E 654 -18.80 -31.91 -18.64
C GLU E 654 -20.30 -32.07 -18.72
N ALA E 655 -20.91 -31.56 -19.79
CA ALA E 655 -22.35 -31.72 -19.98
C ALA E 655 -22.74 -33.17 -20.21
N MET E 656 -21.87 -33.94 -20.87
CA MET E 656 -22.21 -35.33 -21.20
C MET E 656 -22.19 -36.21 -19.96
N GLU E 657 -21.05 -36.30 -19.28
CA GLU E 657 -20.89 -37.27 -18.21
C GLU E 657 -21.69 -36.88 -16.97
N GLN E 658 -21.65 -35.60 -16.59
CA GLN E 658 -22.29 -35.17 -15.35
C GLN E 658 -23.72 -34.69 -15.53
N GLN E 659 -24.18 -34.54 -16.78
CA GLN E 659 -25.56 -34.18 -17.11
C GLN E 659 -25.95 -32.81 -16.57
N THR E 660 -24.98 -31.95 -16.25
CA THR E 660 -25.26 -30.63 -15.74
C THR E 660 -24.28 -29.63 -16.35
N ILE E 661 -24.69 -28.36 -16.36
CA ILE E 661 -23.85 -27.26 -16.83
C ILE E 661 -23.79 -26.21 -15.73
N SER E 662 -22.58 -25.76 -15.41
CA SER E 662 -22.36 -24.78 -14.36
C SER E 662 -21.62 -23.58 -14.93
N ILE E 663 -22.01 -22.38 -14.46
CA ILE E 663 -21.44 -21.15 -14.97
C ILE E 663 -21.38 -20.14 -13.82
N ALA E 664 -20.38 -19.26 -13.88
CA ALA E 664 -20.23 -18.20 -12.88
C ALA E 664 -19.56 -17.02 -13.59
N LYS E 665 -20.37 -16.05 -14.03
CA LYS E 665 -19.87 -14.90 -14.77
C LYS E 665 -20.61 -13.65 -14.34
N ALA E 666 -19.85 -12.59 -14.05
CA ALA E 666 -20.40 -11.25 -13.86
C ALA E 666 -21.54 -11.21 -12.85
N GLY E 667 -21.32 -11.88 -11.72
CA GLY E 667 -22.24 -11.77 -10.59
C GLY E 667 -23.45 -12.66 -10.63
N ILE E 668 -23.59 -13.54 -11.61
CA ILE E 668 -24.67 -14.52 -11.65
C ILE E 668 -24.07 -15.90 -11.77
N HIS E 669 -24.55 -16.83 -10.94
CA HIS E 669 -24.11 -18.21 -10.94
C HIS E 669 -25.32 -19.13 -10.94
N ALA E 670 -25.23 -20.24 -11.66
CA ALA E 670 -26.33 -21.18 -11.74
C ALA E 670 -25.81 -22.54 -12.19
N THR E 671 -26.61 -23.56 -11.91
CA THR E 671 -26.33 -24.92 -12.36
C THR E 671 -27.54 -25.42 -13.13
N LEU E 672 -27.41 -25.46 -14.46
CA LEU E 672 -28.53 -25.79 -15.33
C LEU E 672 -28.56 -27.29 -15.61
N ASN E 673 -29.78 -27.82 -15.78
CA ASN E 673 -29.95 -29.23 -16.08
C ASN E 673 -29.84 -29.44 -17.59
N ALA E 674 -29.04 -30.42 -17.99
CA ALA E 674 -28.81 -30.74 -19.39
C ALA E 674 -28.90 -32.23 -19.63
N ARG E 675 -29.96 -32.85 -19.11
CA ARG E 675 -30.16 -34.28 -19.29
C ARG E 675 -30.54 -34.60 -20.72
N THR E 676 -29.56 -34.94 -21.55
CA THR E 676 -29.76 -35.12 -22.98
C THR E 676 -29.14 -36.43 -23.44
N SER E 677 -29.64 -36.92 -24.58
CA SER E 677 -29.05 -38.06 -25.29
C SER E 677 -28.55 -37.53 -26.62
N ILE E 678 -27.25 -37.52 -26.80
CA ILE E 678 -26.63 -36.86 -27.94
C ILE E 678 -26.41 -37.86 -29.07
N LEU E 679 -26.55 -37.38 -30.30
CA LEU E 679 -26.19 -38.13 -31.50
C LEU E 679 -25.49 -37.14 -32.43
N ALA E 680 -24.33 -37.53 -32.95
CA ALA E 680 -23.49 -36.62 -33.70
C ALA E 680 -22.97 -37.28 -34.97
N ALA E 681 -22.55 -36.44 -35.91
CA ALA E 681 -21.94 -36.88 -37.15
C ALA E 681 -20.68 -36.06 -37.41
N ALA E 682 -19.73 -36.65 -38.13
CA ALA E 682 -18.46 -36.00 -38.38
C ALA E 682 -17.89 -36.49 -39.71
N ASN E 683 -16.82 -35.83 -40.15
CA ASN E 683 -16.14 -36.19 -41.39
C ASN E 683 -14.65 -36.35 -41.08
N PRO E 684 -14.00 -37.39 -41.60
CA PRO E 684 -12.58 -37.59 -41.31
C PRO E 684 -11.71 -36.51 -41.92
N VAL E 685 -10.58 -36.24 -41.26
CA VAL E 685 -9.62 -35.28 -41.76
C VAL E 685 -9.04 -35.78 -43.07
N GLY E 686 -9.02 -34.91 -44.08
CA GLY E 686 -8.62 -35.31 -45.42
C GLY E 686 -9.76 -35.73 -46.32
N GLY E 687 -10.97 -35.77 -45.81
CA GLY E 687 -12.15 -36.12 -46.60
C GLY E 687 -12.57 -37.58 -46.58
N ARG E 688 -11.65 -38.49 -46.88
CA ARG E 688 -11.95 -39.91 -46.97
C ARG E 688 -11.24 -40.67 -45.87
N TYR E 689 -11.93 -41.66 -45.29
CA TYR E 689 -11.37 -42.47 -44.22
C TYR E 689 -10.23 -43.32 -44.77
N ASN E 690 -9.05 -43.16 -44.19
CA ASN E 690 -7.88 -43.94 -44.58
C ASN E 690 -7.86 -45.23 -43.77
N ARG E 691 -8.05 -46.36 -44.45
CA ARG E 691 -8.13 -47.65 -43.77
C ARG E 691 -6.82 -48.01 -43.08
N LYS E 692 -5.69 -47.46 -43.53
CA LYS E 692 -4.41 -47.79 -42.93
C LYS E 692 -4.35 -47.36 -41.48
N LEU E 693 -4.82 -46.16 -41.17
CA LEU E 693 -4.72 -45.61 -39.83
C LEU E 693 -5.92 -46.04 -39.00
N SER E 694 -6.04 -45.47 -37.80
CA SER E 694 -7.08 -45.81 -36.85
C SER E 694 -8.01 -44.62 -36.65
N LEU E 695 -8.96 -44.77 -35.72
CA LEU E 695 -9.90 -43.69 -35.44
C LEU E 695 -9.20 -42.45 -34.92
N ARG E 696 -8.24 -42.63 -34.00
CA ARG E 696 -7.50 -41.50 -33.45
C ARG E 696 -6.68 -40.79 -34.53
N GLY E 697 -6.07 -41.56 -35.43
CA GLY E 697 -5.26 -40.96 -36.47
C GLY E 697 -6.06 -40.12 -37.45
N ASN E 698 -7.24 -40.60 -37.83
CA ASN E 698 -8.04 -39.90 -38.82
C ASN E 698 -8.81 -38.73 -38.20
N LEU E 699 -9.52 -38.99 -37.10
CA LEU E 699 -10.28 -37.93 -36.46
C LEU E 699 -9.36 -36.95 -35.73
N ASN E 700 -9.83 -35.72 -35.57
CA ASN E 700 -9.10 -34.68 -34.86
C ASN E 700 -9.65 -34.44 -33.46
N MET E 701 -10.61 -35.25 -33.02
CA MET E 701 -11.18 -35.09 -31.69
C MET E 701 -10.18 -35.51 -30.62
N THR E 702 -10.35 -34.95 -29.42
CA THR E 702 -9.47 -35.26 -28.31
C THR E 702 -9.82 -36.62 -27.71
N ALA E 703 -8.83 -37.22 -27.06
CA ALA E 703 -9.05 -38.51 -26.41
C ALA E 703 -10.15 -38.51 -25.35
N PRO E 704 -10.25 -37.52 -24.46
CA PRO E 704 -11.35 -37.55 -23.48
C PRO E 704 -12.74 -37.52 -24.10
N ILE E 705 -12.89 -36.89 -25.27
CA ILE E 705 -14.20 -36.85 -25.91
C ILE E 705 -14.60 -38.22 -26.42
N MET E 706 -13.64 -39.00 -26.95
CA MET E 706 -13.96 -40.32 -27.46
C MET E 706 -14.49 -41.24 -26.36
N SER E 707 -13.89 -41.16 -25.16
CA SER E 707 -14.35 -41.99 -24.06
C SER E 707 -15.79 -41.64 -23.66
N ARG E 708 -16.22 -40.40 -23.93
CA ARG E 708 -17.59 -40.01 -23.59
C ARG E 708 -18.61 -40.81 -24.40
N PHE E 709 -18.36 -41.02 -25.68
CA PHE E 709 -19.29 -41.73 -26.54
C PHE E 709 -19.37 -43.20 -26.15
N ASP E 710 -20.52 -43.81 -26.43
CA ASP E 710 -20.73 -45.21 -26.10
C ASP E 710 -20.67 -46.14 -27.30
N LEU E 711 -20.92 -45.62 -28.51
CA LEU E 711 -20.89 -46.44 -29.71
C LEU E 711 -20.33 -45.61 -30.87
N PHE E 712 -19.78 -46.32 -31.85
CA PHE E 712 -19.25 -45.69 -33.05
C PHE E 712 -19.70 -46.48 -34.27
N PHE E 713 -20.01 -45.77 -35.35
CA PHE E 713 -20.38 -46.39 -36.62
C PHE E 713 -19.60 -45.70 -37.73
N VAL E 714 -18.88 -46.50 -38.52
CA VAL E 714 -18.08 -46.01 -39.63
C VAL E 714 -18.65 -46.60 -40.91
N ILE E 715 -19.01 -45.73 -41.85
CA ILE E 715 -19.64 -46.13 -43.10
C ILE E 715 -18.85 -45.53 -44.26
N LEU E 716 -18.56 -46.35 -45.27
CA LEU E 716 -17.73 -45.95 -46.40
C LEU E 716 -18.48 -46.12 -47.70
N ASP E 717 -18.06 -45.35 -48.71
CA ASP E 717 -18.54 -45.47 -50.07
C ASP E 717 -17.43 -46.06 -50.94
N ASP E 718 -17.84 -46.64 -52.07
CA ASP E 718 -16.89 -47.29 -52.97
C ASP E 718 -17.33 -47.04 -54.41
N CYS E 719 -16.51 -47.51 -55.35
CA CYS E 719 -16.77 -47.35 -56.77
C CYS E 719 -17.31 -48.63 -57.41
N ASN E 720 -17.75 -49.59 -56.61
CA ASN E 720 -18.27 -50.84 -57.15
C ASN E 720 -19.51 -50.59 -58.01
N GLU E 721 -19.56 -51.23 -59.18
CA GLU E 721 -20.65 -51.01 -60.12
C GLU E 721 -21.94 -51.68 -59.69
N LYS E 722 -21.87 -52.71 -58.84
CA LYS E 722 -23.08 -53.41 -58.44
C LYS E 722 -23.88 -52.63 -57.39
N ILE E 723 -23.20 -51.89 -56.52
CA ILE E 723 -23.89 -51.21 -55.43
C ILE E 723 -24.53 -49.92 -55.91
N ASP E 724 -23.79 -49.10 -56.67
CA ASP E 724 -24.28 -47.79 -57.05
C ASP E 724 -25.53 -47.86 -57.93
N THR E 725 -25.62 -48.88 -58.78
CA THR E 725 -26.82 -49.04 -59.59
C THR E 725 -28.04 -49.31 -58.73
N GLU E 726 -27.91 -50.17 -57.72
CA GLU E 726 -29.00 -50.41 -56.79
C GLU E 726 -29.37 -49.15 -56.02
N LEU E 727 -28.36 -48.39 -55.59
CA LEU E 727 -28.62 -47.16 -54.85
C LEU E 727 -29.39 -46.16 -55.70
N ALA E 728 -28.96 -45.98 -56.96
CA ALA E 728 -29.65 -45.05 -57.85
C ALA E 728 -31.06 -45.52 -58.15
N SER E 729 -31.24 -46.83 -58.37
CA SER E 729 -32.57 -47.36 -58.63
C SER E 729 -33.50 -47.12 -57.44
N HIS E 730 -33.01 -47.37 -56.22
CA HIS E 730 -33.84 -47.14 -55.05
C HIS E 730 -34.15 -45.67 -54.86
N ILE E 731 -33.20 -44.79 -55.17
CA ILE E 731 -33.47 -43.35 -55.08
C ILE E 731 -34.56 -42.95 -56.08
N VAL E 732 -34.47 -43.45 -57.31
CA VAL E 732 -35.44 -43.08 -58.33
C VAL E 732 -36.82 -43.61 -57.99
N ASP E 733 -36.89 -44.86 -57.50
CA ASP E 733 -38.19 -45.46 -57.20
C ASP E 733 -38.94 -44.64 -56.15
N LEU E 734 -38.25 -44.23 -55.08
CA LEU E 734 -38.89 -43.40 -54.06
C LEU E 734 -39.22 -42.02 -54.59
N HIS E 735 -38.50 -41.54 -55.61
CA HIS E 735 -38.72 -40.18 -56.08
C HIS E 735 -40.00 -40.05 -56.89
N MET E 736 -40.29 -41.02 -57.76
CA MET E 736 -41.42 -40.92 -58.67
C MET E 736 -42.45 -42.03 -58.49
N LYS E 737 -42.03 -43.30 -58.49
CA LYS E 737 -42.98 -44.40 -58.59
C LYS E 737 -43.73 -44.60 -57.27
N ARG E 738 -43.01 -44.87 -56.20
CA ARG E 738 -43.62 -45.27 -54.94
C ARG E 738 -43.27 -44.26 -53.85
N ASP E 739 -43.46 -42.97 -54.14
CA ASP E 739 -43.10 -41.91 -53.21
C ASP E 739 -43.79 -42.05 -51.86
N GLU E 740 -44.94 -42.73 -51.81
CA GLU E 740 -45.60 -43.05 -50.56
C GLU E 740 -45.64 -44.55 -50.29
N ALA E 741 -45.37 -45.39 -51.30
CA ALA E 741 -45.49 -46.83 -51.15
C ALA E 741 -44.12 -47.45 -50.85
N ILE E 742 -43.63 -47.16 -49.66
CA ILE E 742 -42.51 -47.89 -49.08
C ILE E 742 -43.10 -49.05 -48.27
N GLU E 743 -42.27 -50.06 -47.99
CA GLU E 743 -42.73 -51.27 -47.29
C GLU E 743 -41.94 -51.44 -45.99
N PRO E 744 -42.33 -50.76 -44.93
CA PRO E 744 -41.79 -51.07 -43.61
C PRO E 744 -42.64 -52.13 -42.93
N PRO E 745 -42.02 -53.03 -42.15
CA PRO E 745 -42.82 -54.06 -41.46
C PRO E 745 -43.86 -53.50 -40.50
N PHE E 746 -43.60 -52.37 -39.85
CA PHE E 746 -44.52 -51.78 -38.90
C PHE E 746 -44.69 -50.30 -39.19
N SER E 747 -45.88 -49.79 -38.89
CA SER E 747 -46.20 -48.39 -39.11
C SER E 747 -45.60 -47.52 -38.01
N ALA E 748 -45.58 -46.21 -38.27
CA ALA E 748 -45.01 -45.27 -37.31
C ALA E 748 -45.80 -45.26 -36.00
N GLU E 749 -47.13 -45.28 -36.09
CA GLU E 749 -47.95 -45.27 -34.89
C GLU E 749 -47.72 -46.53 -34.05
N GLN E 750 -47.62 -47.68 -34.70
CA GLN E 750 -47.32 -48.91 -33.97
C GLN E 750 -45.94 -48.85 -33.34
N LEU E 751 -44.97 -48.26 -34.05
CA LEU E 751 -43.63 -48.10 -33.49
C LEU E 751 -43.69 -47.24 -32.22
N ARG E 752 -44.40 -46.12 -32.27
CA ARG E 752 -44.49 -45.25 -31.10
C ARG E 752 -45.21 -45.93 -29.96
N ARG E 753 -46.27 -46.69 -30.27
CA ARG E 753 -46.98 -47.41 -29.21
C ARG E 753 -46.06 -48.41 -28.52
N TYR E 754 -45.32 -49.19 -29.31
CA TYR E 754 -44.44 -50.19 -28.71
C TYR E 754 -43.30 -49.54 -27.94
N ILE E 755 -42.77 -48.43 -28.46
CA ILE E 755 -41.68 -47.73 -27.76
C ILE E 755 -42.17 -47.19 -26.42
N LYS E 756 -43.35 -46.58 -26.40
CA LYS E 756 -43.87 -46.05 -25.15
C LYS E 756 -44.31 -47.15 -24.19
N TYR E 757 -44.65 -48.34 -24.70
CA TYR E 757 -44.93 -49.46 -23.81
C TYR E 757 -43.64 -50.04 -23.23
N ALA E 758 -42.58 -50.11 -24.03
CA ALA E 758 -41.32 -50.68 -23.56
C ALA E 758 -40.59 -49.73 -22.62
N ARG E 759 -40.80 -48.42 -22.78
CA ARG E 759 -40.14 -47.45 -21.90
C ARG E 759 -40.63 -47.55 -20.46
N THR E 760 -41.73 -48.26 -20.20
CA THR E 760 -42.27 -48.42 -18.86
C THR E 760 -41.79 -49.71 -18.18
N PHE E 761 -40.58 -50.17 -18.51
CA PHE E 761 -40.00 -51.36 -17.90
C PHE E 761 -38.60 -51.04 -17.40
N LYS E 762 -38.28 -51.57 -16.22
CA LYS E 762 -36.96 -51.40 -15.60
C LYS E 762 -36.33 -52.76 -15.37
N PRO E 763 -35.45 -53.23 -16.24
CA PRO E 763 -34.85 -54.56 -16.07
C PRO E 763 -33.88 -54.61 -14.90
N ILE E 764 -33.66 -55.82 -14.40
CA ILE E 764 -32.72 -56.07 -13.31
C ILE E 764 -31.64 -57.03 -13.80
N LEU E 765 -30.68 -57.35 -12.93
CA LEU E 765 -29.57 -58.23 -13.25
C LEU E 765 -29.55 -59.41 -12.29
N THR E 766 -29.21 -60.59 -12.82
CA THR E 766 -29.17 -61.81 -12.05
C THR E 766 -27.71 -62.21 -11.78
N LYS E 767 -27.54 -63.29 -11.00
CA LYS E 767 -26.21 -63.70 -10.58
C LYS E 767 -25.33 -64.08 -11.77
N GLU E 768 -25.86 -64.93 -12.66
CA GLU E 768 -25.09 -65.34 -13.83
C GLU E 768 -24.79 -64.14 -14.73
N ALA E 769 -25.71 -63.18 -14.81
CA ALA E 769 -25.45 -61.96 -15.56
C ALA E 769 -24.27 -61.20 -14.98
N ARG E 770 -24.21 -61.07 -13.65
CA ARG E 770 -23.10 -60.36 -13.02
C ARG E 770 -21.77 -61.09 -13.26
N SER E 771 -21.77 -62.42 -13.12
CA SER E 771 -20.54 -63.17 -13.33
C SER E 771 -20.06 -63.04 -14.77
N TYR E 772 -20.97 -63.19 -15.73
CA TYR E 772 -20.61 -63.05 -17.13
C TYR E 772 -20.11 -61.63 -17.43
N LEU E 773 -20.74 -60.63 -16.81
CA LEU E 773 -20.35 -59.25 -17.05
C LEU E 773 -18.95 -58.96 -16.52
N VAL E 774 -18.62 -59.45 -15.32
CA VAL E 774 -17.29 -59.20 -14.77
C VAL E 774 -16.25 -59.97 -15.57
N GLU E 775 -16.57 -61.19 -16.01
CA GLU E 775 -15.64 -61.92 -16.86
C GLU E 775 -15.40 -61.18 -18.18
N LYS E 776 -16.46 -60.67 -18.79
CA LYS E 776 -16.32 -59.94 -20.05
C LYS E 776 -15.50 -58.67 -19.87
N TYR E 777 -15.75 -57.93 -18.79
CA TYR E 777 -14.97 -56.72 -18.55
C TYR E 777 -13.50 -57.05 -18.33
N LYS E 778 -13.21 -58.12 -17.57
CA LYS E 778 -11.83 -58.51 -17.38
C LYS E 778 -11.16 -58.86 -18.70
N GLU E 779 -11.86 -59.61 -19.56
CA GLU E 779 -11.29 -59.99 -20.85
C GLU E 779 -11.04 -58.77 -21.73
N LEU E 780 -12.00 -57.83 -21.75
CA LEU E 780 -11.84 -56.64 -22.60
C LEU E 780 -10.73 -55.74 -22.09
N ARG E 781 -10.57 -55.64 -20.77
CA ARG E 781 -9.47 -54.86 -20.23
C ARG E 781 -8.13 -55.53 -20.53
N LYS E 782 -8.08 -56.86 -20.45
CA LYS E 782 -6.81 -57.56 -20.62
C LYS E 782 -6.34 -57.54 -22.07
N ASP E 783 -7.23 -57.87 -23.01
CA ASP E 783 -6.77 -58.10 -24.38
C ASP E 783 -6.29 -56.80 -25.05
N ASP E 784 -6.93 -55.67 -24.75
CA ASP E 784 -6.50 -54.42 -25.36
C ASP E 784 -5.19 -53.93 -24.77
N ALA E 785 -4.95 -54.17 -23.49
CA ALA E 785 -3.71 -53.75 -22.85
C ALA E 785 -2.52 -54.60 -23.29
N GLN E 786 -2.76 -55.74 -23.93
CA GLN E 786 -1.67 -56.59 -24.42
C GLN E 786 -1.01 -56.03 -25.66
N GLY E 787 -1.65 -55.09 -26.35
CA GLY E 787 -1.10 -54.56 -27.58
C GLY E 787 0.17 -53.76 -27.40
N PHE E 788 0.07 -52.60 -26.75
CA PHE E 788 1.23 -51.73 -26.55
C PHE E 788 0.97 -50.83 -25.35
N SER E 789 2.05 -50.27 -24.82
CA SER E 789 2.00 -49.37 -23.68
C SER E 789 2.24 -47.94 -24.15
N ARG E 790 1.53 -47.00 -23.52
CA ARG E 790 1.62 -45.57 -23.82
C ARG E 790 1.16 -45.22 -25.22
N SER E 791 0.50 -46.14 -25.92
CA SER E 791 -0.09 -45.88 -27.22
C SER E 791 -1.53 -46.34 -27.35
N SER E 792 -1.99 -47.26 -26.51
CA SER E 792 -3.36 -47.75 -26.52
C SER E 792 -3.97 -47.57 -25.14
N TYR E 793 -4.98 -46.71 -25.04
CA TYR E 793 -5.70 -46.51 -23.78
C TYR E 793 -7.13 -46.12 -24.15
N ARG E 794 -8.03 -47.12 -24.12
CA ARG E 794 -9.39 -46.89 -24.57
C ARG E 794 -10.46 -47.50 -23.68
N ILE E 795 -10.12 -48.34 -22.70
CA ILE E 795 -11.10 -49.06 -21.90
C ILE E 795 -11.03 -48.54 -20.48
N THR E 796 -12.16 -48.04 -19.97
CA THR E 796 -12.28 -47.59 -18.59
C THR E 796 -13.51 -48.21 -17.94
N VAL E 797 -13.87 -47.75 -16.74
CA VAL E 797 -15.09 -48.23 -16.11
C VAL E 797 -16.32 -47.75 -16.87
N ARG E 798 -16.20 -46.63 -17.60
CA ARG E 798 -17.29 -46.16 -18.44
C ARG E 798 -17.71 -47.21 -19.45
N GLN E 799 -16.77 -48.03 -19.92
CA GLN E 799 -17.15 -49.10 -20.85
C GLN E 799 -18.02 -50.14 -20.17
N LEU E 800 -17.70 -50.49 -18.92
CA LEU E 800 -18.55 -51.42 -18.18
C LEU E 800 -19.94 -50.82 -17.96
N GLU E 801 -20.01 -49.54 -17.60
CA GLU E 801 -21.31 -48.90 -17.43
C GLU E 801 -22.08 -48.87 -18.75
N SER E 802 -21.37 -48.66 -19.86
CA SER E 802 -22.01 -48.70 -21.17
C SER E 802 -22.56 -50.09 -21.49
N MET E 803 -21.82 -51.13 -21.13
CA MET E 803 -22.34 -52.48 -21.27
C MET E 803 -23.62 -52.67 -20.48
N ILE E 804 -23.63 -52.19 -19.24
CA ILE E 804 -24.82 -52.32 -18.40
C ILE E 804 -26.01 -51.61 -19.05
N ARG E 805 -25.77 -50.38 -19.50
CA ARG E 805 -26.86 -49.59 -20.10
C ARG E 805 -27.38 -50.24 -21.38
N LEU E 806 -26.48 -50.72 -22.24
CA LEU E 806 -26.90 -51.36 -23.47
C LEU E 806 -27.67 -52.65 -23.20
N SER E 807 -27.22 -53.43 -22.23
CA SER E 807 -27.96 -54.64 -21.86
C SER E 807 -29.35 -54.29 -21.35
N GLU E 808 -29.46 -53.25 -20.53
CA GLU E 808 -30.77 -52.82 -20.05
C GLU E 808 -31.66 -52.38 -21.20
N ALA E 809 -31.10 -51.66 -22.17
CA ALA E 809 -31.88 -51.22 -23.32
C ALA E 809 -32.37 -52.41 -24.15
N ILE E 810 -31.49 -53.39 -24.38
CA ILE E 810 -31.88 -54.57 -25.15
C ILE E 810 -32.96 -55.34 -24.40
N ALA E 811 -32.84 -55.45 -23.08
CA ALA E 811 -33.89 -56.10 -22.30
C ALA E 811 -35.20 -55.35 -22.42
N ARG E 812 -35.14 -54.02 -22.45
CA ARG E 812 -36.35 -53.22 -22.64
C ARG E 812 -36.98 -53.49 -23.99
N ALA E 813 -36.16 -53.67 -25.03
CA ALA E 813 -36.68 -53.88 -26.38
C ALA E 813 -37.53 -55.14 -26.45
N ASN E 814 -37.10 -56.22 -25.81
CA ASN E 814 -37.84 -57.46 -25.81
C ASN E 814 -38.92 -57.51 -24.72
N CYS E 815 -39.04 -56.47 -23.90
CA CYS E 815 -40.03 -56.39 -22.84
C CYS E 815 -39.90 -57.55 -21.86
N VAL E 816 -38.73 -57.62 -21.23
CA VAL E 816 -38.43 -58.62 -20.21
C VAL E 816 -37.90 -57.91 -18.98
N ASP E 817 -38.42 -58.29 -17.80
CA ASP E 817 -38.01 -57.67 -16.56
C ASP E 817 -36.65 -58.14 -16.06
N GLU E 818 -36.10 -59.19 -16.65
CA GLU E 818 -34.79 -59.72 -16.27
C GLU E 818 -33.83 -59.61 -17.44
N ILE E 819 -32.57 -59.96 -17.19
CA ILE E 819 -31.52 -59.89 -18.21
C ILE E 819 -30.83 -61.25 -18.27
N THR E 820 -30.72 -61.79 -19.48
CA THR E 820 -30.09 -63.02 -19.93
C THR E 820 -28.67 -62.74 -20.42
N PRO E 821 -27.70 -63.58 -20.08
CA PRO E 821 -26.32 -63.35 -20.53
C PRO E 821 -26.17 -63.24 -22.04
N SER E 822 -27.17 -63.66 -22.82
CA SER E 822 -27.11 -63.44 -24.26
C SER E 822 -27.10 -61.95 -24.58
N PHE E 823 -27.87 -61.16 -23.83
CA PHE E 823 -27.84 -59.71 -24.01
C PHE E 823 -26.47 -59.15 -23.69
N ILE E 824 -25.83 -59.65 -22.63
CA ILE E 824 -24.47 -59.23 -22.29
C ILE E 824 -23.52 -59.58 -23.42
N ALA E 825 -23.66 -60.78 -24.00
CA ALA E 825 -22.81 -61.17 -25.10
C ALA E 825 -23.02 -60.27 -26.31
N GLU E 826 -24.26 -59.90 -26.60
CA GLU E 826 -24.54 -59.01 -27.73
C GLU E 826 -23.92 -57.64 -27.50
N ALA E 827 -24.04 -57.10 -26.28
CA ALA E 827 -23.44 -55.80 -25.99
C ALA E 827 -21.92 -55.85 -26.10
N TYR E 828 -21.32 -56.95 -25.60
CA TYR E 828 -19.88 -57.11 -25.73
C TYR E 828 -19.47 -57.21 -27.19
N ASP E 829 -20.28 -57.90 -28.00
CA ASP E 829 -19.99 -57.99 -29.43
C ASP E 829 -20.02 -56.62 -30.08
N LEU E 830 -21.01 -55.79 -29.72
CA LEU E 830 -21.09 -54.45 -30.26
C LEU E 830 -19.86 -53.63 -29.87
N LEU E 831 -19.50 -53.65 -28.59
CA LEU E 831 -18.36 -52.86 -28.16
C LEU E 831 -17.03 -53.39 -28.72
N ARG E 832 -16.95 -54.70 -28.97
CA ARG E 832 -15.74 -55.27 -29.54
C ARG E 832 -15.62 -54.94 -31.03
N GLN E 833 -16.72 -55.02 -31.77
CA GLN E 833 -16.68 -54.60 -33.16
C GLN E 833 -16.47 -53.10 -33.30
N SER E 834 -16.77 -52.34 -32.24
CA SER E 834 -16.32 -50.95 -32.20
C SER E 834 -14.80 -50.86 -32.18
N ILE E 835 -14.12 -51.91 -31.71
CA ILE E 835 -12.66 -51.97 -31.73
C ILE E 835 -12.15 -52.77 -32.93
N ILE E 836 -12.97 -53.67 -33.48
CA ILE E 836 -12.60 -54.31 -34.75
C ILE E 836 -12.52 -53.26 -35.86
N ARG E 837 -13.44 -52.30 -35.85
CA ARG E 837 -13.44 -51.26 -36.87
C ARG E 837 -12.18 -50.40 -36.81
N VAL E 838 -11.74 -50.01 -35.60
CA VAL E 838 -10.57 -49.17 -35.48
C VAL E 838 -9.31 -49.91 -35.92
N ASP E 839 -9.31 -51.25 -35.85
CA ASP E 839 -8.19 -52.01 -36.38
C ASP E 839 -8.22 -52.06 -37.91
N VAL E 840 -9.41 -52.15 -38.50
CA VAL E 840 -9.55 -52.25 -39.95
C VAL E 840 -9.84 -50.87 -40.54
N ALA F 4 -50.51 53.57 -5.86
CA ALA F 4 -50.71 52.74 -7.05
C ALA F 4 -49.53 52.86 -8.00
N LEU F 5 -49.68 53.67 -9.04
CA LEU F 5 -48.64 53.87 -10.04
C LEU F 5 -48.22 55.33 -10.09
N PRO F 6 -47.03 55.68 -9.60
CA PRO F 6 -46.57 57.07 -9.70
C PRO F 6 -46.33 57.48 -11.15
N SER F 7 -46.45 58.78 -11.39
CA SER F 7 -46.37 59.34 -12.74
C SER F 7 -45.11 60.17 -12.90
N ILE F 8 -44.59 60.18 -14.14
CA ILE F 8 -43.42 60.96 -14.50
C ILE F 8 -43.73 61.75 -15.75
N GLN F 9 -42.92 62.77 -16.00
CA GLN F 9 -43.08 63.66 -17.14
C GLN F 9 -42.01 63.36 -18.17
N LEU F 10 -42.42 63.28 -19.44
CA LEU F 10 -41.52 63.01 -20.54
C LEU F 10 -41.68 64.07 -21.61
N PRO F 11 -40.61 64.40 -22.33
CA PRO F 11 -40.68 65.48 -23.33
C PRO F 11 -41.38 65.06 -24.61
N VAL F 12 -42.00 63.89 -24.63
CA VAL F 12 -42.60 63.33 -25.84
C VAL F 12 -44.12 63.35 -25.70
N ASP F 13 -44.78 63.99 -26.66
CA ASP F 13 -46.24 63.98 -26.77
C ASP F 13 -46.60 63.55 -28.18
N TYR F 14 -47.51 62.58 -28.28
CA TYR F 14 -47.74 61.88 -29.54
C TYR F 14 -48.67 62.62 -30.50
N ASN F 15 -49.40 63.64 -30.05
CA ASN F 15 -50.33 64.32 -30.94
C ASN F 15 -49.61 65.06 -32.06
N ASN F 16 -48.61 65.86 -31.70
CA ASN F 16 -47.84 66.59 -32.71
C ASN F 16 -47.08 65.63 -33.62
N LEU F 17 -46.57 64.54 -33.05
CA LEU F 17 -45.89 63.53 -33.87
C LEU F 17 -46.85 62.93 -34.88
N PHE F 18 -48.07 62.60 -34.47
CA PHE F 18 -49.05 62.04 -35.40
C PHE F 18 -49.42 63.04 -36.49
N ASN F 19 -49.58 64.31 -36.12
CA ASN F 19 -49.88 65.33 -37.12
C ASN F 19 -48.74 65.46 -38.12
N GLU F 20 -47.49 65.44 -37.64
CA GLU F 20 -46.35 65.51 -38.54
C GLU F 20 -46.26 64.28 -39.43
N ILE F 21 -46.61 63.10 -38.89
CA ILE F 21 -46.64 61.89 -39.69
C ILE F 21 -47.64 62.03 -40.84
N THR F 22 -48.84 62.51 -40.52
CA THR F 22 -49.85 62.69 -41.56
C THR F 22 -49.38 63.71 -42.61
N ASP F 23 -48.79 64.82 -42.16
CA ASP F 23 -48.33 65.84 -43.09
C ASP F 23 -47.24 65.30 -44.00
N PHE F 24 -46.30 64.53 -43.45
CA PHE F 24 -45.25 63.94 -44.27
C PHE F 24 -45.83 62.93 -45.26
N LEU F 25 -46.75 62.09 -44.80
CA LEU F 25 -47.31 61.07 -45.68
C LEU F 25 -48.14 61.68 -46.80
N VAL F 26 -48.72 62.86 -46.57
CA VAL F 26 -49.55 63.48 -47.60
C VAL F 26 -48.74 64.38 -48.53
N THR F 27 -47.73 65.08 -48.01
CA THR F 27 -47.08 66.16 -48.73
C THR F 27 -45.74 65.78 -49.36
N PHE F 28 -45.17 64.64 -48.98
CA PHE F 28 -43.79 64.33 -49.38
C PHE F 28 -43.62 64.28 -50.88
N LYS F 29 -42.58 64.95 -51.38
CA LYS F 29 -42.18 64.92 -52.78
C LYS F 29 -40.74 64.43 -52.83
N GLN F 30 -40.49 63.39 -53.62
CA GLN F 30 -39.15 62.82 -53.73
C GLN F 30 -38.29 63.63 -54.69
N LYS F 59 -44.92 61.98 -61.34
CA LYS F 59 -45.23 60.88 -60.42
C LYS F 59 -45.92 61.39 -59.16
N GLY F 60 -45.73 62.67 -58.86
CA GLY F 60 -46.32 63.26 -57.69
C GLY F 60 -45.78 62.64 -56.41
N PRO F 61 -46.61 62.56 -55.38
CA PRO F 61 -46.16 61.97 -54.11
C PRO F 61 -45.94 60.47 -54.25
N LYS F 62 -44.77 60.01 -53.79
CA LYS F 62 -44.50 58.57 -53.75
C LYS F 62 -45.48 57.86 -52.82
N TYR F 63 -45.66 58.42 -51.62
CA TYR F 63 -46.48 57.79 -50.60
C TYR F 63 -47.97 57.80 -50.93
N MET F 64 -48.38 58.59 -51.92
CA MET F 64 -49.75 58.49 -52.44
C MET F 64 -49.85 57.43 -53.51
N ALA F 65 -48.84 57.32 -54.39
CA ALA F 65 -48.88 56.32 -55.45
C ALA F 65 -48.82 54.91 -54.88
N MET F 66 -47.97 54.67 -53.88
CA MET F 66 -47.89 53.33 -53.31
C MET F 66 -49.19 52.95 -52.62
N LEU F 67 -49.81 53.90 -51.89
CA LEU F 67 -51.10 53.63 -51.26
C LEU F 67 -52.16 53.36 -52.32
N GLN F 68 -52.11 54.07 -53.44
CA GLN F 68 -53.06 53.81 -54.53
C GLN F 68 -52.90 52.39 -55.05
N LYS F 69 -51.66 51.95 -55.26
CA LYS F 69 -51.44 50.58 -55.70
C LYS F 69 -51.89 49.56 -54.66
N VAL F 70 -51.76 49.90 -53.37
CA VAL F 70 -52.30 49.04 -52.32
C VAL F 70 -53.82 48.96 -52.45
N ALA F 71 -54.46 50.08 -52.74
CA ALA F 71 -55.93 50.11 -52.82
C ALA F 71 -56.43 49.20 -53.94
N ASN F 72 -55.72 49.15 -55.06
CA ASN F 72 -56.10 48.30 -56.18
C ASN F 72 -55.71 46.84 -55.99
N ARG F 73 -55.37 46.45 -54.76
CA ARG F 73 -54.95 45.08 -54.43
C ARG F 73 -53.78 44.64 -55.31
N GLU F 74 -52.81 45.54 -55.49
CA GLU F 74 -51.60 45.26 -56.24
C GLU F 74 -50.39 45.04 -55.32
N LEU F 75 -50.16 45.97 -54.40
CA LEU F 75 -49.06 45.84 -53.45
C LEU F 75 -49.51 45.02 -52.24
N ASN F 76 -48.55 44.41 -51.56
CA ASN F 76 -48.81 43.60 -50.39
C ASN F 76 -48.04 44.03 -49.15
N SER F 77 -47.08 44.95 -49.28
CA SER F 77 -46.29 45.39 -48.14
C SER F 77 -45.94 46.85 -48.30
N VAL F 78 -45.65 47.50 -47.18
CA VAL F 78 -45.30 48.91 -47.12
C VAL F 78 -43.92 49.05 -46.50
N ILE F 79 -43.04 49.78 -47.18
CA ILE F 79 -41.70 50.07 -46.69
C ILE F 79 -41.58 51.58 -46.51
N ILE F 80 -41.09 52.01 -45.35
CA ILE F 80 -40.94 53.41 -45.03
C ILE F 80 -39.45 53.70 -44.87
N ASP F 81 -38.95 54.68 -45.64
CA ASP F 81 -37.55 55.04 -45.60
C ASP F 81 -37.34 56.16 -44.58
N LEU F 82 -36.58 55.88 -43.53
CA LEU F 82 -36.29 56.91 -42.52
C LEU F 82 -35.42 58.02 -43.10
N ASP F 83 -34.64 57.72 -44.14
CA ASP F 83 -33.85 58.76 -44.78
C ASP F 83 -34.75 59.81 -45.41
N ASP F 84 -35.90 59.40 -45.94
CA ASP F 84 -36.86 60.36 -46.50
C ASP F 84 -37.35 61.31 -45.41
N ILE F 85 -37.71 60.77 -44.25
CA ILE F 85 -38.17 61.62 -43.15
C ILE F 85 -37.07 62.55 -42.69
N LEU F 86 -35.84 62.03 -42.57
CA LEU F 86 -34.72 62.85 -42.11
C LEU F 86 -34.47 64.01 -43.07
N GLN F 87 -34.42 63.72 -44.38
CA GLN F 87 -34.14 64.77 -45.35
C GLN F 87 -35.29 65.76 -45.45
N TYR F 88 -36.53 65.28 -45.33
CA TYR F 88 -37.69 66.17 -45.35
C TYR F 88 -37.65 67.13 -44.16
N GLN F 89 -37.36 66.62 -42.97
CA GLN F 89 -37.26 67.48 -41.79
C GLN F 89 -36.08 68.44 -41.92
N ASN F 90 -34.96 67.97 -42.45
CA ASN F 90 -33.80 68.84 -42.59
C ASN F 90 -34.07 69.99 -43.56
N GLU F 91 -34.75 69.70 -44.67
CA GLU F 91 -35.05 70.74 -45.64
C GLU F 91 -36.20 71.64 -45.19
N LYS F 92 -37.09 71.16 -44.34
CA LYS F 92 -38.15 72.01 -43.81
C LYS F 92 -37.72 72.79 -42.58
N PHE F 93 -36.59 72.44 -41.95
CA PHE F 93 -36.09 73.21 -40.83
C PHE F 93 -35.60 74.59 -41.25
N LEU F 94 -35.37 74.80 -42.55
CA LEU F 94 -34.96 76.11 -43.04
C LEU F 94 -35.99 77.18 -42.72
N GLN F 95 -37.25 76.79 -42.53
CA GLN F 95 -38.31 77.69 -42.09
C GLN F 95 -38.64 77.39 -40.64
N GLY F 96 -38.75 78.44 -39.83
CA GLY F 96 -38.87 78.29 -38.40
C GLY F 96 -40.20 77.75 -37.91
N THR F 97 -40.57 76.56 -38.35
CA THR F 97 -41.81 75.90 -37.92
C THR F 97 -41.57 74.61 -37.17
N GLN F 98 -40.66 73.76 -37.65
CA GLN F 98 -40.40 72.49 -36.98
C GLN F 98 -39.75 72.71 -35.63
N ALA F 99 -40.11 71.88 -34.66
CA ALA F 99 -39.61 72.00 -33.30
C ALA F 99 -38.88 70.76 -32.79
N ASP F 100 -39.24 69.57 -33.24
CA ASP F 100 -38.66 68.34 -32.72
C ASP F 100 -38.22 67.45 -33.88
N ASP F 101 -37.59 66.33 -33.55
CA ASP F 101 -37.13 65.35 -34.51
C ASP F 101 -37.89 64.05 -34.30
N LEU F 102 -38.21 63.37 -35.41
CA LEU F 102 -39.01 62.16 -35.35
C LEU F 102 -38.18 60.89 -35.51
N VAL F 103 -37.11 60.92 -36.30
CA VAL F 103 -36.28 59.73 -36.47
C VAL F 103 -35.62 59.32 -35.16
N SER F 104 -35.29 60.30 -34.31
CA SER F 104 -34.77 59.96 -32.99
C SER F 104 -35.79 59.19 -32.18
N ALA F 105 -37.05 59.62 -32.21
CA ALA F 105 -38.11 58.90 -31.52
C ALA F 105 -38.34 57.52 -32.12
N ILE F 106 -38.16 57.39 -33.44
CA ILE F 106 -38.24 56.08 -34.07
C ILE F 106 -37.15 55.16 -33.53
N GLN F 107 -35.93 55.69 -33.43
CA GLN F 107 -34.82 54.88 -32.90
C GLN F 107 -35.06 54.49 -31.45
N GLN F 108 -35.57 55.42 -30.64
CA GLN F 108 -35.81 55.12 -29.22
C GLN F 108 -37.04 54.25 -29.01
N ASN F 109 -37.96 54.17 -29.98
CA ASN F 109 -39.16 53.35 -29.84
C ASN F 109 -39.75 53.15 -31.22
N ALA F 110 -40.14 51.91 -31.52
CA ALA F 110 -40.58 51.57 -32.88
C ALA F 110 -41.99 51.02 -32.96
N ASN F 111 -42.39 50.12 -32.06
CA ASN F 111 -43.68 49.46 -32.19
C ASN F 111 -44.84 50.45 -32.06
N HIS F 112 -44.72 51.40 -31.13
CA HIS F 112 -45.74 52.44 -31.01
C HIS F 112 -45.89 53.22 -32.30
N PHE F 113 -44.76 53.55 -32.94
CA PHE F 113 -44.83 54.26 -34.21
C PHE F 113 -45.34 53.37 -35.33
N THR F 114 -45.15 52.05 -35.24
CA THR F 114 -45.80 51.15 -36.19
C THR F 114 -47.31 51.24 -36.07
N GLU F 115 -47.83 51.24 -34.83
CA GLU F 115 -49.27 51.39 -34.63
C GLU F 115 -49.76 52.74 -35.15
N LEU F 116 -49.00 53.81 -34.88
CA LEU F 116 -49.38 55.13 -35.36
C LEU F 116 -49.38 55.19 -36.88
N PHE F 117 -48.39 54.56 -37.52
CA PHE F 117 -48.33 54.55 -38.97
C PHE F 117 -49.50 53.79 -39.58
N CYS F 118 -49.86 52.63 -39.01
CA CYS F 118 -50.97 51.90 -39.60
C CYS F 118 -52.28 52.66 -39.40
N ARG F 119 -52.46 53.30 -38.25
CA ARG F 119 -53.64 54.14 -38.05
C ARG F 119 -53.70 55.27 -39.06
N ALA F 120 -52.56 55.96 -39.27
CA ALA F 120 -52.54 57.07 -40.22
C ALA F 120 -52.82 56.59 -41.64
N ILE F 121 -52.25 55.46 -42.03
CA ILE F 121 -52.47 54.92 -43.37
C ILE F 121 -53.93 54.53 -43.56
N ASP F 122 -54.52 53.87 -42.57
CA ASP F 122 -55.93 53.51 -42.68
C ASP F 122 -56.82 54.74 -42.69
N ASN F 123 -56.39 55.83 -42.07
CA ASN F 123 -57.18 57.05 -42.08
C ASN F 123 -57.25 57.66 -43.48
N ASN F 124 -56.14 57.62 -44.23
CA ASN F 124 -56.05 58.27 -45.53
C ASN F 124 -55.95 57.26 -46.67
N MET F 125 -56.63 56.14 -46.56
CA MET F 125 -56.56 55.12 -47.60
C MET F 125 -57.32 55.58 -48.85
N PRO F 126 -56.69 55.62 -50.02
CA PRO F 126 -57.36 56.15 -51.21
C PRO F 126 -58.41 55.22 -51.80
N LEU F 127 -59.13 55.71 -52.81
CA LEU F 127 -60.17 54.97 -53.50
C LEU F 127 -59.55 54.07 -54.58
N PRO F 128 -60.13 52.88 -54.82
CA PRO F 128 -59.64 52.03 -55.90
C PRO F 128 -59.91 52.61 -57.28
N THR F 129 -58.85 52.95 -58.00
CA THR F 129 -58.98 53.48 -59.35
C THR F 129 -58.99 52.40 -60.42
N LYS F 130 -58.95 51.13 -60.03
CA LYS F 130 -58.92 50.01 -60.96
C LYS F 130 -59.99 49.00 -60.55
N GLU F 131 -60.38 48.17 -61.51
CA GLU F 131 -61.33 47.11 -61.23
C GLU F 131 -60.70 46.02 -60.36
N ILE F 132 -61.54 45.32 -59.60
CA ILE F 132 -61.10 44.27 -58.70
C ILE F 132 -61.94 43.02 -58.94
N ASP F 133 -61.28 41.87 -58.94
CA ASP F 133 -61.98 40.58 -58.97
C ASP F 133 -62.57 40.36 -57.58
N TYR F 134 -63.74 40.96 -57.36
CA TYR F 134 -64.30 41.07 -56.02
C TYR F 134 -64.86 39.76 -55.48
N LYS F 135 -65.10 38.78 -56.35
CA LYS F 135 -65.74 37.54 -55.90
C LYS F 135 -64.78 36.63 -55.13
N ASP F 136 -63.47 36.75 -55.37
CA ASP F 136 -62.52 35.85 -54.74
C ASP F 136 -62.29 36.16 -53.26
N ASP F 137 -62.56 37.39 -52.82
CA ASP F 137 -62.28 37.77 -51.44
C ASP F 137 -63.33 37.17 -50.51
N VAL F 138 -63.08 35.94 -50.06
CA VAL F 138 -64.06 35.22 -49.24
C VAL F 138 -64.28 35.93 -47.92
N LEU F 139 -63.20 36.48 -47.33
CA LEU F 139 -63.35 37.20 -46.07
C LEU F 139 -64.27 38.41 -46.23
N ASP F 140 -64.08 39.18 -47.30
CA ASP F 140 -64.93 40.33 -47.52
C ASP F 140 -66.36 39.92 -47.86
N VAL F 141 -66.55 38.80 -48.55
CA VAL F 141 -67.90 38.30 -48.81
C VAL F 141 -68.59 37.94 -47.50
N ILE F 142 -67.87 37.26 -46.60
CA ILE F 142 -68.43 36.89 -45.31
C ILE F 142 -68.79 38.13 -44.51
N LEU F 143 -67.89 39.12 -44.47
CA LEU F 143 -68.18 40.35 -43.75
C LEU F 143 -69.33 41.13 -44.38
N ASN F 144 -69.45 41.11 -45.71
CA ASN F 144 -70.58 41.75 -46.35
C ASN F 144 -71.88 41.07 -46.00
N GLN F 145 -71.87 39.74 -45.91
CA GLN F 145 -73.06 39.02 -45.46
C GLN F 145 -73.41 39.38 -44.02
N ARG F 146 -72.40 39.45 -43.15
CA ARG F 146 -72.65 39.83 -41.77
C ARG F 146 -73.24 41.22 -41.67
N ARG F 147 -72.73 42.17 -42.48
CA ARG F 147 -73.28 43.52 -42.49
C ARG F 147 -74.71 43.53 -43.01
N LEU F 148 -74.94 42.88 -44.16
CA LEU F 148 -76.30 42.83 -44.70
C LEU F 148 -77.27 42.17 -43.74
N ARG F 149 -76.79 41.36 -42.81
CA ARG F 149 -77.63 40.93 -41.70
C ARG F 149 -77.85 42.06 -40.70
N ASN F 150 -76.75 42.58 -40.11
CA ASN F 150 -76.87 43.39 -38.91
C ASN F 150 -77.45 44.78 -39.20
N GLU F 151 -76.94 45.46 -40.24
CA GLU F 151 -77.40 46.82 -40.50
C GLU F 151 -78.79 46.83 -41.14
N ARG F 152 -79.25 45.70 -41.66
CA ARG F 152 -80.62 45.63 -42.16
C ARG F 152 -81.62 45.87 -41.03
N MET F 153 -81.32 45.36 -39.84
CA MET F 153 -82.13 45.63 -38.65
C MET F 153 -81.65 46.86 -37.90
N LEU F 154 -80.67 47.59 -38.44
CA LEU F 154 -80.15 48.81 -37.84
C LEU F 154 -79.60 48.56 -36.43
N THR F 189 -75.04 45.97 -35.97
CA THR F 189 -73.79 46.39 -36.60
C THR F 189 -72.69 46.54 -35.56
N GLU F 190 -71.52 46.00 -35.86
CA GLU F 190 -70.37 46.03 -34.97
C GLU F 190 -69.19 46.70 -35.66
N LEU F 191 -68.47 47.55 -34.92
CA LEU F 191 -67.28 48.21 -35.43
C LEU F 191 -66.14 47.19 -35.42
N PHE F 192 -65.85 46.62 -36.59
CA PHE F 192 -64.79 45.64 -36.68
C PHE F 192 -63.42 46.31 -36.48
N PRO F 193 -62.51 45.66 -35.75
CA PRO F 193 -61.19 46.25 -35.56
C PRO F 193 -60.47 46.41 -36.88
N PRO F 194 -59.64 47.45 -37.02
CA PRO F 194 -58.97 47.67 -38.30
C PRO F 194 -58.02 46.55 -38.71
N ASN F 195 -57.34 45.92 -37.75
CA ASN F 195 -56.34 44.91 -38.11
C ASN F 195 -56.97 43.72 -38.83
N LEU F 196 -58.24 43.44 -38.55
CA LEU F 196 -58.93 42.39 -39.30
C LEU F 196 -59.10 42.78 -40.76
N THR F 197 -59.42 44.04 -41.03
CA THR F 197 -59.67 44.48 -42.40
C THR F 197 -58.40 44.83 -43.17
N ARG F 198 -57.27 44.98 -42.48
CA ARG F 198 -56.04 45.37 -43.15
C ARG F 198 -55.54 44.26 -44.06
N ARG F 199 -54.91 44.66 -45.17
CA ARG F 199 -54.33 43.73 -46.13
C ARG F 199 -52.84 43.92 -46.35
N TYR F 200 -52.28 45.05 -45.96
CA TYR F 200 -50.88 45.37 -46.18
C TYR F 200 -50.07 45.09 -44.92
N PHE F 201 -48.75 45.24 -45.05
CA PHE F 201 -47.82 45.06 -43.94
C PHE F 201 -46.84 46.22 -43.91
N LEU F 202 -46.50 46.68 -42.70
CA LEU F 202 -45.61 47.82 -42.52
C LEU F 202 -44.21 47.34 -42.22
N TYR F 203 -43.24 47.81 -43.01
CA TYR F 203 -41.84 47.48 -42.84
C TYR F 203 -41.02 48.76 -42.85
N PHE F 204 -39.87 48.71 -42.18
CA PHE F 204 -38.98 49.87 -42.06
C PHE F 204 -37.67 49.60 -42.79
N LYS F 205 -36.97 50.68 -43.10
CA LYS F 205 -35.68 50.60 -43.76
C LYS F 205 -34.68 51.49 -43.01
N PRO F 206 -33.53 50.95 -42.61
CA PRO F 206 -32.57 51.75 -41.86
C PRO F 206 -31.94 52.84 -42.71
N LEU F 207 -31.36 53.83 -42.03
CA LEU F 207 -30.75 54.96 -42.71
C LEU F 207 -29.47 54.53 -43.43
N SER F 208 -28.87 55.47 -44.14
CA SER F 208 -27.61 55.26 -44.84
C SER F 208 -26.57 56.22 -44.27
N GLN F 209 -25.33 55.74 -44.16
CA GLN F 209 -24.29 56.52 -43.49
C GLN F 209 -23.95 57.79 -44.26
N ASN F 210 -24.01 57.76 -45.59
CA ASN F 210 -23.76 58.98 -46.36
C ASN F 210 -24.83 60.03 -46.09
N CYS F 211 -26.08 59.60 -45.89
CA CYS F 211 -27.13 60.56 -45.53
C CYS F 211 -26.82 61.22 -44.19
N ALA F 212 -26.33 60.45 -43.23
CA ALA F 212 -25.91 61.03 -41.96
C ALA F 212 -24.75 62.00 -42.15
N ARG F 213 -23.78 61.63 -43.00
CA ARG F 213 -22.66 62.51 -43.28
C ARG F 213 -23.08 63.79 -43.98
N ARG F 214 -24.22 63.76 -44.69
CA ARG F 214 -24.71 64.97 -45.35
C ARG F 214 -24.95 66.10 -44.34
N TYR F 215 -25.25 65.77 -43.09
CA TYR F 215 -25.54 66.76 -42.07
C TYR F 215 -24.59 66.59 -40.89
N ARG F 216 -24.65 67.56 -39.97
CA ARG F 216 -23.80 67.55 -38.78
C ARG F 216 -24.29 66.55 -37.73
N LYS F 217 -25.59 66.29 -37.68
CA LYS F 217 -26.16 65.49 -36.61
C LYS F 217 -25.68 64.04 -36.69
N LYS F 218 -25.60 63.40 -35.53
CA LYS F 218 -25.16 62.01 -35.42
C LYS F 218 -26.33 61.03 -35.48
N ALA F 219 -27.15 61.15 -36.51
CA ALA F 219 -28.23 60.20 -36.75
C ALA F 219 -27.66 59.04 -37.54
N ILE F 220 -27.10 58.06 -36.82
CA ILE F 220 -26.30 57.00 -37.41
C ILE F 220 -27.09 55.69 -37.53
N SER F 221 -27.51 55.13 -36.41
CA SER F 221 -28.09 53.79 -36.35
C SER F 221 -27.20 52.81 -37.11
N SER F 222 -27.82 51.90 -37.87
CA SER F 222 -27.08 50.91 -38.66
C SER F 222 -26.04 50.20 -37.81
N LYS F 223 -24.77 50.27 -38.22
CA LYS F 223 -23.65 49.77 -37.43
C LYS F 223 -23.89 48.33 -37.00
N PRO F 224 -23.71 47.36 -37.89
CA PRO F 224 -24.20 46.00 -37.63
C PRO F 224 -23.48 45.30 -36.48
N LEU F 225 -23.92 45.61 -35.25
CA LEU F 225 -23.37 44.98 -34.06
C LEU F 225 -23.36 43.46 -34.19
N SER F 226 -22.44 42.82 -33.49
CA SER F 226 -22.43 41.37 -33.41
C SER F 226 -23.47 40.90 -32.40
N VAL F 227 -23.63 39.57 -32.32
CA VAL F 227 -24.60 39.00 -31.40
C VAL F 227 -24.21 39.29 -29.96
N ARG F 228 -22.93 39.10 -29.61
CA ARG F 228 -22.48 39.31 -28.25
C ARG F 228 -22.35 40.78 -27.88
N GLN F 229 -22.22 41.66 -28.88
CA GLN F 229 -22.08 43.09 -28.59
C GLN F 229 -23.39 43.75 -28.20
N ILE F 230 -24.52 43.09 -28.45
CA ILE F 230 -25.82 43.60 -28.02
C ILE F 230 -25.98 43.31 -26.53
N LYS F 231 -26.35 44.33 -25.77
CA LYS F 231 -26.53 44.22 -24.34
C LYS F 231 -27.97 44.57 -23.96
N GLY F 232 -28.22 44.63 -22.66
CA GLY F 232 -29.59 44.73 -22.17
C GLY F 232 -30.25 46.07 -22.36
N ASP F 233 -29.47 47.14 -22.52
CA ASP F 233 -30.07 48.47 -22.64
C ASP F 233 -30.50 48.80 -24.06
N PHE F 234 -30.29 47.90 -25.01
CA PHE F 234 -30.71 48.11 -26.39
C PHE F 234 -32.12 47.61 -26.66
N LEU F 235 -32.82 47.10 -25.64
CA LEU F 235 -34.17 46.58 -25.84
C LEU F 235 -35.12 47.72 -26.23
N GLY F 236 -35.94 47.46 -27.23
CA GLY F 236 -36.94 48.41 -27.69
C GLY F 236 -36.51 49.26 -28.87
N GLN F 237 -35.21 49.36 -29.12
CA GLN F 237 -34.72 50.20 -30.20
C GLN F 237 -34.73 49.43 -31.52
N LEU F 238 -34.24 50.10 -32.57
CA LEU F 238 -34.08 49.51 -33.88
C LEU F 238 -32.59 49.30 -34.13
N ILE F 239 -32.19 48.05 -34.30
CA ILE F 239 -30.78 47.68 -34.40
C ILE F 239 -30.56 46.80 -35.62
N THR F 240 -29.30 46.72 -36.04
CA THR F 240 -28.87 45.89 -37.16
C THR F 240 -27.85 44.88 -36.68
N VAL F 241 -28.04 43.62 -37.04
CA VAL F 241 -27.14 42.55 -36.66
C VAL F 241 -26.52 41.95 -37.91
N ARG F 242 -25.38 41.30 -37.73
CA ARG F 242 -24.68 40.64 -38.82
C ARG F 242 -24.20 39.27 -38.37
N GLY F 243 -24.28 38.29 -39.25
CA GLY F 243 -23.84 36.95 -38.92
C GLY F 243 -24.21 35.97 -40.02
N ILE F 244 -24.07 34.69 -39.68
CA ILE F 244 -24.37 33.60 -40.60
C ILE F 244 -25.63 32.89 -40.11
N ILE F 245 -26.51 32.56 -41.05
CA ILE F 245 -27.75 31.84 -40.75
C ILE F 245 -27.46 30.35 -40.83
N THR F 246 -27.81 29.63 -39.76
CA THR F 246 -27.56 28.19 -39.69
C THR F 246 -28.84 27.36 -39.72
N ARG F 247 -29.89 27.78 -39.02
CA ARG F 247 -31.13 27.04 -38.94
C ARG F 247 -32.29 27.91 -39.39
N VAL F 248 -33.13 27.37 -40.27
CA VAL F 248 -34.33 28.04 -40.73
C VAL F 248 -35.49 27.06 -40.62
N SER F 249 -36.52 27.43 -39.87
CA SER F 249 -37.67 26.56 -39.69
C SER F 249 -38.64 26.73 -40.86
N ASP F 250 -39.65 25.85 -40.89
CA ASP F 250 -40.63 25.86 -41.95
C ASP F 250 -41.62 27.01 -41.76
N VAL F 251 -42.58 27.11 -42.67
CA VAL F 251 -43.60 28.15 -42.63
C VAL F 251 -44.84 27.60 -41.93
N LYS F 252 -45.32 28.32 -40.92
CA LYS F 252 -46.47 27.88 -40.15
C LYS F 252 -47.39 29.07 -39.95
N PRO F 253 -48.69 28.92 -40.23
CA PRO F 253 -49.61 30.05 -40.08
C PRO F 253 -49.87 30.37 -38.61
N ALA F 254 -49.96 31.66 -38.31
CA ALA F 254 -50.21 32.14 -36.96
C ALA F 254 -51.41 33.07 -36.97
N VAL F 255 -52.12 33.10 -35.84
CA VAL F 255 -53.35 33.88 -35.72
C VAL F 255 -53.02 35.34 -35.39
N GLU F 256 -53.83 36.24 -35.93
CA GLU F 256 -53.79 37.66 -35.57
C GLU F 256 -55.10 38.11 -34.96
N VAL F 257 -56.22 37.80 -35.61
CA VAL F 257 -57.56 38.03 -35.06
C VAL F 257 -58.32 36.72 -35.11
N ILE F 258 -58.86 36.31 -33.97
CA ILE F 258 -59.56 35.04 -33.84
C ILE F 258 -61.05 35.31 -33.68
N ALA F 259 -61.85 34.68 -34.54
CA ALA F 259 -63.29 34.89 -34.57
C ALA F 259 -64.02 33.64 -34.13
N TYR F 260 -65.14 33.83 -33.44
CA TYR F 260 -66.00 32.74 -33.01
C TYR F 260 -67.37 32.89 -33.67
N THR F 261 -67.87 31.79 -34.23
CA THR F 261 -69.27 31.76 -34.63
C THR F 261 -70.15 31.61 -33.39
N CYS F 262 -71.35 32.18 -33.46
CA CYS F 262 -72.17 32.36 -32.28
C CYS F 262 -73.47 31.55 -32.34
N ASP F 263 -73.56 30.60 -33.27
CA ASP F 263 -74.75 29.76 -33.45
C ASP F 263 -75.99 30.62 -33.72
N GLN F 264 -75.97 31.25 -34.90
CA GLN F 264 -77.06 32.05 -35.45
C GLN F 264 -77.55 33.13 -34.49
N CYS F 265 -76.78 33.41 -33.44
CA CYS F 265 -77.14 34.43 -32.46
C CYS F 265 -76.54 35.77 -32.86
N GLY F 266 -77.05 36.29 -33.98
CA GLY F 266 -76.65 37.62 -34.43
C GLY F 266 -75.18 37.73 -34.73
N TYR F 267 -74.56 38.77 -34.18
CA TYR F 267 -73.16 39.07 -34.47
C TYR F 267 -72.24 37.98 -33.92
N GLU F 268 -71.15 37.73 -34.64
CA GLU F 268 -70.17 36.73 -34.27
C GLU F 268 -69.05 37.40 -33.48
N VAL F 269 -68.91 37.03 -32.21
CA VAL F 269 -67.96 37.70 -31.33
C VAL F 269 -66.52 37.49 -31.83
N PHE F 270 -65.73 38.57 -31.75
CA PHE F 270 -64.34 38.56 -32.16
C PHE F 270 -63.43 38.71 -30.96
N GLN F 271 -62.18 38.26 -31.14
CA GLN F 271 -61.17 38.37 -30.09
C GLN F 271 -59.81 38.61 -30.74
N GLU F 272 -58.96 39.36 -30.04
CA GLU F 272 -57.64 39.71 -30.54
C GLU F 272 -56.60 39.39 -29.47
N VAL F 273 -55.53 38.69 -29.87
CA VAL F 273 -54.46 38.32 -28.95
C VAL F 273 -53.13 38.56 -29.63
N ASN F 274 -52.21 39.21 -28.91
CA ASN F 274 -50.85 39.42 -29.39
C ASN F 274 -49.81 38.58 -28.65
N SER F 275 -50.14 38.06 -27.48
CA SER F 275 -49.21 37.22 -26.73
C SER F 275 -49.08 35.85 -27.40
N ARG F 276 -48.03 35.15 -27.03
CA ARG F 276 -47.80 33.80 -27.57
C ARG F 276 -48.69 32.75 -26.95
N THR F 277 -49.46 33.11 -25.92
CA THR F 277 -50.40 32.20 -25.28
C THR F 277 -51.81 32.75 -25.46
N PHE F 278 -52.75 31.87 -25.80
CA PHE F 278 -54.10 32.26 -26.16
C PHE F 278 -55.11 31.50 -25.31
N THR F 279 -56.20 32.18 -24.96
CA THR F 279 -57.29 31.58 -24.21
C THR F 279 -58.61 31.82 -24.92
N PRO F 280 -59.48 30.83 -24.98
CA PRO F 280 -60.74 30.98 -25.71
C PRO F 280 -61.87 31.49 -24.83
N LEU F 281 -63.00 31.76 -25.46
CA LEU F 281 -64.19 32.23 -24.78
C LEU F 281 -65.08 31.06 -24.37
N SER F 282 -65.99 31.34 -23.44
CA SER F 282 -66.97 30.36 -22.98
C SER F 282 -68.41 30.83 -23.17
N GLU F 283 -68.69 32.10 -22.90
CA GLU F 283 -70.01 32.67 -23.12
C GLU F 283 -69.87 33.93 -23.96
N CYS F 284 -70.94 34.26 -24.68
CA CYS F 284 -70.91 35.34 -25.65
C CYS F 284 -71.91 36.43 -25.26
N THR F 285 -71.73 37.61 -25.86
CA THR F 285 -72.53 38.79 -25.56
C THR F 285 -73.72 38.96 -26.49
N SER F 286 -74.10 37.92 -27.23
CA SER F 286 -75.30 38.01 -28.06
C SER F 286 -76.52 38.21 -27.18
N GLU F 287 -77.44 39.07 -27.65
CA GLU F 287 -78.55 39.51 -26.80
C GLU F 287 -79.45 38.34 -26.40
N GLU F 288 -79.78 37.46 -27.34
CA GLU F 288 -80.55 36.27 -26.97
C GLU F 288 -79.70 35.26 -26.22
N CYS F 289 -78.38 35.26 -26.43
CA CYS F 289 -77.49 34.47 -25.59
C CYS F 289 -77.26 35.12 -24.23
N SER F 290 -77.30 36.46 -24.18
CA SER F 290 -77.25 37.16 -22.89
C SER F 290 -78.52 36.97 -22.09
N GLN F 291 -79.57 36.42 -22.69
CA GLN F 291 -80.80 36.12 -21.96
C GLN F 291 -80.51 35.06 -20.89
N ASN F 292 -81.45 34.93 -19.95
CA ASN F 292 -81.24 34.16 -18.73
C ASN F 292 -80.97 32.67 -18.98
N GLN F 293 -81.06 32.21 -20.23
CA GLN F 293 -80.67 30.85 -20.57
C GLN F 293 -79.87 30.86 -21.86
N THR F 294 -78.97 29.90 -21.97
CA THR F 294 -78.03 29.87 -23.09
C THR F 294 -78.74 29.50 -24.40
N LYS F 295 -78.19 30.02 -25.50
CA LYS F 295 -78.67 29.71 -26.86
C LYS F 295 -77.45 29.35 -27.71
N GLY F 296 -77.08 28.07 -27.69
CA GLY F 296 -75.97 27.60 -28.51
C GLY F 296 -74.60 27.88 -27.92
N GLN F 297 -73.68 26.95 -28.10
CA GLN F 297 -72.31 27.11 -27.62
C GLN F 297 -71.45 27.73 -28.73
N LEU F 298 -70.71 28.78 -28.38
CA LEU F 298 -69.87 29.46 -29.37
C LEU F 298 -68.74 28.54 -29.83
N PHE F 299 -68.42 28.63 -31.12
CA PHE F 299 -67.37 27.81 -31.73
C PHE F 299 -66.45 28.70 -32.53
N MET F 300 -65.18 28.31 -32.59
CA MET F 300 -64.19 29.05 -33.38
C MET F 300 -64.34 28.70 -34.85
N SER F 301 -64.40 29.72 -35.69
CA SER F 301 -64.55 29.56 -37.14
C SER F 301 -63.22 29.90 -37.81
N THR F 302 -62.70 28.96 -38.61
CA THR F 302 -61.42 29.16 -39.26
C THR F 302 -61.53 30.09 -40.46
N ARG F 303 -62.69 30.12 -41.12
CA ARG F 303 -62.83 30.94 -42.32
C ARG F 303 -62.84 32.43 -41.99
N ALA F 304 -63.54 32.82 -40.93
CA ALA F 304 -63.70 34.24 -40.62
C ALA F 304 -62.44 34.86 -40.03
N SER F 305 -61.66 34.10 -39.27
CA SER F 305 -60.51 34.65 -38.58
C SER F 305 -59.41 35.02 -39.58
N LYS F 306 -58.48 35.86 -39.13
CA LYS F 306 -57.37 36.33 -39.93
C LYS F 306 -56.07 35.66 -39.46
N PHE F 307 -55.22 35.30 -40.42
CA PHE F 307 -53.98 34.59 -40.14
C PHE F 307 -52.79 35.37 -40.66
N SER F 308 -51.60 34.88 -40.32
CA SER F 308 -50.36 35.47 -40.79
C SER F 308 -49.27 34.40 -40.76
N ALA F 309 -48.42 34.41 -41.79
CA ALA F 309 -47.34 33.45 -41.85
C ALA F 309 -46.30 33.73 -40.78
N PHE F 310 -45.79 32.67 -40.16
CA PHE F 310 -44.82 32.78 -39.07
C PHE F 310 -43.62 31.89 -39.36
N GLN F 311 -42.43 32.39 -39.06
CA GLN F 311 -41.20 31.65 -39.24
C GLN F 311 -40.17 32.17 -38.25
N GLU F 312 -39.36 31.27 -37.70
CA GLU F 312 -38.33 31.63 -36.74
C GLU F 312 -37.01 30.98 -37.12
N CYS F 313 -35.92 31.68 -36.84
CA CYS F 313 -34.57 31.22 -37.16
C CYS F 313 -33.63 31.68 -36.06
N LYS F 314 -32.36 31.28 -36.19
CA LYS F 314 -31.31 31.76 -35.30
C LYS F 314 -30.07 32.10 -36.12
N ILE F 315 -29.25 33.00 -35.59
CA ILE F 315 -28.10 33.52 -36.29
C ILE F 315 -26.87 33.34 -35.42
N GLN F 316 -25.74 32.98 -36.04
CA GLN F 316 -24.49 32.74 -35.35
C GLN F 316 -23.50 33.86 -35.63
N GLU F 317 -22.67 34.15 -34.63
CA GLU F 317 -21.59 35.12 -34.80
C GLU F 317 -20.54 34.57 -35.75
N LEU F 318 -19.91 35.49 -36.50
CA LEU F 318 -18.83 35.10 -37.40
C LEU F 318 -17.58 34.74 -36.60
N SER F 319 -16.74 33.89 -37.21
CA SER F 319 -15.50 33.49 -36.55
C SER F 319 -14.52 34.64 -36.40
N GLN F 320 -14.66 35.70 -37.20
CA GLN F 320 -13.75 36.84 -37.09
C GLN F 320 -14.03 37.66 -35.83
N GLN F 321 -15.30 37.84 -35.48
CA GLN F 321 -15.68 38.77 -34.43
C GLN F 321 -15.61 38.18 -33.04
N VAL F 322 -15.39 36.87 -32.91
CA VAL F 322 -15.34 36.24 -31.60
C VAL F 322 -14.00 36.54 -30.94
N PRO F 323 -13.99 37.09 -29.73
CA PRO F 323 -12.72 37.29 -29.02
C PRO F 323 -12.09 35.95 -28.66
N VAL F 324 -10.76 35.95 -28.54
CA VAL F 324 -10.02 34.71 -28.33
C VAL F 324 -10.43 34.05 -27.03
N GLY F 325 -10.50 32.72 -27.06
CA GLY F 325 -10.86 31.95 -25.88
C GLY F 325 -12.33 31.95 -25.55
N HIS F 326 -13.21 32.23 -26.52
CA HIS F 326 -14.64 32.32 -26.28
C HIS F 326 -15.38 31.43 -27.27
N ILE F 327 -16.61 31.09 -26.91
CA ILE F 327 -17.51 30.26 -27.72
C ILE F 327 -18.56 31.17 -28.33
N PRO F 328 -18.81 31.09 -29.64
CA PRO F 328 -19.80 31.97 -30.26
C PRO F 328 -21.19 31.77 -29.68
N ARG F 329 -21.93 32.87 -29.61
CA ARG F 329 -23.30 32.88 -29.08
C ARG F 329 -24.31 32.89 -30.22
N SER F 330 -25.59 32.82 -29.84
CA SER F 330 -26.69 32.73 -30.78
C SER F 330 -27.71 33.82 -30.51
N LEU F 331 -28.67 33.95 -31.43
CA LEU F 331 -29.73 34.94 -31.30
C LEU F 331 -30.92 34.49 -32.14
N ASN F 332 -32.07 34.31 -31.51
CA ASN F 332 -33.29 33.95 -32.24
C ASN F 332 -33.82 35.16 -33.00
N ILE F 333 -34.59 34.89 -34.04
CA ILE F 333 -35.17 35.94 -34.87
C ILE F 333 -36.52 35.48 -35.38
N HIS F 334 -37.51 36.38 -35.35
CA HIS F 334 -38.85 36.11 -35.83
C HIS F 334 -39.13 36.95 -37.07
N VAL F 335 -39.78 36.35 -38.06
CA VAL F 335 -40.15 37.03 -39.29
C VAL F 335 -41.61 36.73 -39.60
N ASN F 336 -42.37 37.78 -39.95
CA ASN F 336 -43.78 37.65 -40.27
C ASN F 336 -44.09 38.48 -41.50
N GLY F 337 -45.12 38.06 -42.23
CA GLY F 337 -45.59 38.81 -43.38
C GLY F 337 -45.04 38.31 -44.71
N THR F 338 -44.77 39.24 -45.62
CA THR F 338 -44.27 38.88 -46.95
C THR F 338 -42.77 38.64 -46.98
N LEU F 339 -42.05 38.97 -45.90
CA LEU F 339 -40.62 38.69 -45.82
C LEU F 339 -40.32 37.23 -45.53
N VAL F 340 -41.34 36.41 -45.33
CA VAL F 340 -41.12 34.99 -45.07
C VAL F 340 -40.40 34.35 -46.25
N ARG F 341 -39.46 33.45 -45.94
CA ARG F 341 -38.71 32.69 -46.94
C ARG F 341 -37.76 33.57 -47.76
N SER F 342 -37.24 34.63 -47.14
CA SER F 342 -36.27 35.50 -47.78
C SER F 342 -34.84 35.19 -47.39
N LEU F 343 -34.61 34.16 -46.57
CA LEU F 343 -33.27 33.80 -46.13
C LEU F 343 -33.15 32.28 -46.11
N SER F 344 -31.92 31.81 -46.33
CA SER F 344 -31.61 30.39 -46.40
C SER F 344 -30.43 30.08 -45.48
N PRO F 345 -30.36 28.87 -44.94
CA PRO F 345 -29.21 28.51 -44.11
C PRO F 345 -27.90 28.61 -44.87
N GLY F 346 -26.86 29.09 -44.18
CA GLY F 346 -25.53 29.15 -44.75
C GLY F 346 -25.28 30.35 -45.64
N ASP F 347 -25.49 31.56 -45.12
CA ASP F 347 -25.17 32.77 -45.84
C ASP F 347 -24.87 33.88 -44.85
N ILE F 348 -24.17 34.91 -45.33
CA ILE F 348 -23.82 36.07 -44.53
C ILE F 348 -24.82 37.18 -44.86
N VAL F 349 -25.53 37.67 -43.84
CA VAL F 349 -26.56 38.69 -44.02
C VAL F 349 -26.39 39.76 -42.94
N ASP F 350 -27.14 40.85 -43.11
CA ASP F 350 -27.21 41.90 -42.10
C ASP F 350 -28.67 42.34 -41.97
N VAL F 351 -29.34 41.83 -40.94
CA VAL F 351 -30.77 42.03 -40.75
C VAL F 351 -31.00 43.26 -39.90
N THR F 352 -32.02 44.04 -40.27
CA THR F 352 -32.45 45.20 -39.50
C THR F 352 -33.84 44.92 -38.93
N GLY F 353 -34.02 45.23 -37.65
CA GLY F 353 -35.29 44.94 -37.02
C GLY F 353 -35.39 45.51 -35.62
N ILE F 354 -36.38 45.02 -34.90
CA ILE F 354 -36.71 45.51 -33.56
C ILE F 354 -36.29 44.45 -32.55
N PHE F 355 -35.60 44.88 -31.50
CA PHE F 355 -35.09 43.98 -30.45
C PHE F 355 -36.10 44.01 -29.31
N LEU F 356 -36.78 42.90 -29.09
CA LEU F 356 -37.92 42.86 -28.17
C LEU F 356 -37.74 41.79 -27.11
N PRO F 357 -38.30 41.99 -25.92
CA PRO F 357 -38.25 40.94 -24.90
C PRO F 357 -39.37 39.93 -25.06
N ALA F 358 -39.12 38.73 -24.52
CA ALA F 358 -40.10 37.65 -24.54
C ALA F 358 -40.20 37.06 -23.14
N PRO F 359 -41.40 36.87 -22.62
CA PRO F 359 -41.54 36.36 -21.24
C PRO F 359 -40.98 34.96 -21.09
N TYR F 360 -40.39 34.69 -19.92
CA TYR F 360 -39.89 33.37 -19.58
C TYR F 360 -41.00 32.45 -19.06
N THR F 361 -42.22 32.97 -18.90
CA THR F 361 -43.32 32.19 -18.34
C THR F 361 -43.73 31.03 -19.24
N GLY F 362 -43.30 31.03 -20.51
CA GLY F 362 -43.60 29.91 -21.37
C GLY F 362 -42.99 28.60 -20.89
N PHE F 363 -41.80 28.68 -20.29
CA PHE F 363 -41.17 27.48 -19.74
C PHE F 363 -41.90 27.00 -18.50
N LYS F 364 -42.53 27.92 -17.76
CA LYS F 364 -43.37 27.60 -16.61
C LYS F 364 -42.60 26.82 -15.53
N ALA F 365 -41.59 27.49 -14.97
CA ALA F 365 -40.81 26.95 -13.87
C ALA F 365 -41.01 27.70 -12.56
N LEU F 366 -41.75 28.81 -12.58
CA LEU F 366 -41.95 29.68 -11.41
C LEU F 366 -40.64 30.23 -10.86
N LYS F 367 -39.59 30.23 -11.68
CA LYS F 367 -38.28 30.77 -11.34
C LYS F 367 -38.00 31.98 -12.23
N ALA F 368 -36.81 32.54 -12.07
CA ALA F 368 -36.37 33.69 -12.85
C ALA F 368 -37.38 34.84 -12.73
N GLY F 369 -37.50 35.34 -11.50
CA GLY F 369 -38.50 36.34 -11.20
C GLY F 369 -38.41 37.59 -12.06
N LEU F 370 -37.20 37.97 -12.45
CA LEU F 370 -37.01 39.11 -13.33
C LEU F 370 -36.26 38.77 -14.61
N LEU F 371 -35.68 37.57 -14.72
CA LEU F 371 -34.97 37.17 -15.93
C LEU F 371 -35.95 36.82 -17.03
N THR F 372 -35.68 37.34 -18.24
CA THR F 372 -36.54 37.10 -19.38
C THR F 372 -35.68 36.85 -20.62
N GLU F 373 -36.30 36.18 -21.59
CA GLU F 373 -35.64 35.89 -22.86
C GLU F 373 -35.92 37.02 -23.86
N THR F 374 -35.03 37.15 -24.84
CA THR F 374 -35.12 38.22 -25.82
C THR F 374 -34.98 37.66 -27.23
N TYR F 375 -35.57 38.37 -28.19
CA TYR F 375 -35.53 37.96 -29.59
C TYR F 375 -35.65 39.21 -30.47
N LEU F 376 -35.30 39.03 -31.74
CA LEU F 376 -35.34 40.11 -32.72
C LEU F 376 -36.50 39.88 -33.69
N GLU F 377 -37.14 40.96 -34.10
CA GLU F 377 -38.23 40.92 -35.08
C GLU F 377 -37.71 41.51 -36.39
N ALA F 378 -37.79 40.73 -37.47
CA ALA F 378 -37.20 41.15 -38.73
C ALA F 378 -38.01 42.26 -39.38
N GLN F 379 -37.31 43.19 -40.01
CA GLN F 379 -37.92 44.28 -40.76
C GLN F 379 -37.39 44.40 -42.18
N PHE F 380 -36.09 44.18 -42.38
CA PHE F 380 -35.46 44.35 -43.69
C PHE F 380 -34.13 43.61 -43.68
N VAL F 381 -33.86 42.88 -44.75
CA VAL F 381 -32.68 42.03 -44.84
C VAL F 381 -31.98 42.26 -46.18
N ARG F 382 -30.65 42.32 -46.15
CA ARG F 382 -29.82 42.32 -47.34
C ARG F 382 -29.14 40.97 -47.42
N GLN F 383 -29.38 40.23 -48.52
CA GLN F 383 -28.89 38.86 -48.59
C GLN F 383 -27.37 38.80 -48.62
N HIS F 384 -26.72 39.77 -49.26
CA HIS F 384 -25.26 39.90 -49.25
C HIS F 384 -24.66 38.64 -49.88
N LYS F 385 -23.49 38.22 -49.42
CA LYS F 385 -22.77 37.06 -49.93
C LYS F 385 -22.56 37.18 -51.44
N LYS F 386 -22.76 36.07 -52.16
CA LYS F 386 -22.59 36.05 -53.61
C LYS F 386 -23.75 35.27 -54.22
N LYS F 387 -23.85 35.33 -55.55
CA LYS F 387 -24.94 34.68 -56.28
C LYS F 387 -24.35 33.81 -57.38
N PHE F 388 -24.80 32.55 -57.43
CA PHE F 388 -24.39 31.66 -58.51
C PHE F 388 -25.14 31.97 -59.81
N ALA F 389 -26.41 32.38 -59.71
CA ALA F 389 -27.25 32.86 -60.80
C ALA F 389 -27.57 31.81 -61.85
N SER F 390 -27.09 30.57 -61.68
CA SER F 390 -27.37 29.48 -62.63
C SER F 390 -27.00 29.87 -64.06
N PHE F 391 -25.83 30.51 -64.19
CA PHE F 391 -25.29 31.02 -65.45
C PHE F 391 -26.36 31.68 -66.33
N SER F 392 -27.24 32.47 -65.71
CA SER F 392 -28.27 33.17 -66.46
C SER F 392 -27.63 34.08 -67.51
N LEU F 393 -28.14 34.00 -68.73
CA LEU F 393 -27.51 34.69 -69.86
C LEU F 393 -27.69 36.19 -69.73
N THR F 394 -26.59 36.92 -69.95
CA THR F 394 -26.58 38.37 -69.90
C THR F 394 -25.57 38.87 -70.92
N SER F 395 -25.74 40.13 -71.34
CA SER F 395 -24.88 40.67 -72.40
C SER F 395 -23.42 40.71 -71.96
N ASP F 396 -23.16 41.12 -70.71
CA ASP F 396 -21.78 41.29 -70.26
C ASP F 396 -21.00 39.98 -70.34
N VAL F 397 -21.58 38.89 -69.82
CA VAL F 397 -20.91 37.61 -69.93
C VAL F 397 -20.86 37.13 -71.38
N GLU F 398 -21.75 37.62 -72.24
CA GLU F 398 -21.64 37.29 -73.66
C GLU F 398 -20.39 37.91 -74.28
N GLU F 399 -20.13 39.19 -73.98
CA GLU F 399 -18.85 39.75 -74.44
C GLU F 399 -17.66 39.11 -73.74
N ARG F 400 -17.84 38.64 -72.50
CA ARG F 400 -16.77 37.94 -71.83
C ARG F 400 -16.41 36.64 -72.54
N VAL F 401 -17.42 35.86 -72.96
CA VAL F 401 -17.14 34.62 -73.68
C VAL F 401 -16.65 34.92 -75.09
N MET F 402 -17.06 36.06 -75.67
CA MET F 402 -16.44 36.49 -76.93
C MET F 402 -14.95 36.74 -76.74
N GLU F 403 -14.58 37.39 -75.64
CA GLU F 403 -13.17 37.60 -75.32
C GLU F 403 -12.45 36.26 -75.15
N LEU F 404 -13.09 35.31 -74.47
CA LEU F 404 -12.50 33.99 -74.31
C LEU F 404 -12.30 33.29 -75.65
N ILE F 405 -13.27 33.40 -76.55
CA ILE F 405 -13.14 32.81 -77.88
C ILE F 405 -11.97 33.44 -78.62
N THR F 406 -11.87 34.78 -78.55
CA THR F 406 -10.73 35.46 -79.17
C THR F 406 -9.41 35.12 -78.50
N SER F 407 -9.43 34.61 -77.26
CA SER F 407 -8.21 34.25 -76.57
C SER F 407 -7.54 33.01 -77.14
N GLY F 408 -8.21 32.27 -78.03
CA GLY F 408 -7.64 31.09 -78.64
C GLY F 408 -7.67 29.87 -77.75
N ASP F 409 -6.59 29.09 -77.77
CA ASP F 409 -6.50 27.92 -76.89
C ASP F 409 -6.60 28.36 -75.43
N VAL F 410 -7.47 27.70 -74.68
CA VAL F 410 -7.86 28.23 -73.37
C VAL F 410 -7.50 27.28 -72.23
N TYR F 411 -7.46 25.96 -72.50
CA TYR F 411 -7.35 25.01 -71.39
C TYR F 411 -6.02 25.13 -70.67
N ASN F 412 -4.92 25.38 -71.39
CA ASN F 412 -3.64 25.57 -70.72
C ASN F 412 -3.67 26.79 -69.82
N ARG F 413 -4.30 27.89 -70.29
CA ARG F 413 -4.42 29.08 -69.46
C ARG F 413 -5.26 28.81 -68.22
N LEU F 414 -6.37 28.08 -68.38
CA LEU F 414 -7.20 27.75 -67.22
C LEU F 414 -6.44 26.90 -66.22
N ALA F 415 -5.66 25.92 -66.70
CA ALA F 415 -4.83 25.13 -65.81
C ALA F 415 -3.81 26.00 -65.09
N LYS F 416 -3.19 26.94 -65.80
CA LYS F 416 -2.24 27.85 -65.18
C LYS F 416 -2.91 28.75 -64.15
N SER F 417 -4.20 29.03 -64.33
CA SER F 417 -4.89 30.03 -63.52
C SER F 417 -5.58 29.46 -62.28
N ILE F 418 -5.55 28.14 -62.08
CA ILE F 418 -6.27 27.56 -60.95
C ILE F 418 -5.54 27.82 -59.64
N ALA F 419 -4.32 27.29 -59.50
CA ALA F 419 -3.56 27.38 -58.26
C ALA F 419 -2.13 27.80 -58.57
N PRO F 420 -1.89 29.10 -58.76
CA PRO F 420 -0.52 29.56 -58.95
C PRO F 420 0.37 29.35 -57.73
N GLU F 421 -0.20 29.20 -56.55
CA GLU F 421 0.61 29.01 -55.35
C GLU F 421 1.44 27.73 -55.42
N ILE F 422 0.84 26.64 -55.91
CA ILE F 422 1.57 25.41 -56.15
C ILE F 422 2.28 25.52 -57.49
N TYR F 423 3.54 25.09 -57.55
CA TYR F 423 4.35 25.24 -58.74
C TYR F 423 4.28 23.98 -59.60
N GLY F 424 4.24 24.20 -60.92
CA GLY F 424 4.25 23.11 -61.88
C GLY F 424 3.01 22.24 -61.78
N ASN F 425 3.21 20.94 -62.03
CA ASN F 425 2.15 19.94 -61.99
C ASN F 425 1.02 20.31 -62.96
N LEU F 426 1.38 20.38 -64.23
CA LEU F 426 0.42 20.74 -65.26
C LEU F 426 -0.53 19.59 -65.60
N ASP F 427 -0.06 18.35 -65.50
CA ASP F 427 -0.91 17.21 -65.84
C ASP F 427 -2.10 17.11 -64.90
N VAL F 428 -1.88 17.29 -63.60
CA VAL F 428 -2.98 17.18 -62.64
C VAL F 428 -3.98 18.31 -62.85
N LYS F 429 -3.50 19.50 -63.19
CA LYS F 429 -4.40 20.62 -63.44
C LYS F 429 -5.22 20.39 -64.70
N LYS F 430 -4.59 19.87 -65.76
CA LYS F 430 -5.32 19.53 -66.97
C LYS F 430 -6.38 18.47 -66.69
N ALA F 431 -6.02 17.46 -65.89
CA ALA F 431 -6.99 16.43 -65.52
C ALA F 431 -8.14 17.00 -64.72
N LEU F 432 -7.85 17.92 -63.80
CA LEU F 432 -8.92 18.58 -63.04
C LEU F 432 -9.83 19.36 -63.95
N LEU F 433 -9.26 20.08 -64.93
CA LEU F 433 -10.07 20.84 -65.87
C LEU F 433 -10.99 19.93 -66.67
N LEU F 434 -10.43 18.82 -67.18
CA LEU F 434 -11.26 17.87 -67.92
C LEU F 434 -12.31 17.24 -67.01
N LEU F 435 -12.01 17.11 -65.73
CA LEU F 435 -12.98 16.59 -64.77
C LEU F 435 -14.13 17.57 -64.56
N LEU F 436 -13.82 18.87 -64.54
CA LEU F 436 -14.84 19.88 -64.24
C LEU F 436 -15.95 19.91 -65.27
N VAL F 437 -15.69 19.46 -66.50
CA VAL F 437 -16.71 19.44 -67.54
C VAL F 437 -17.57 18.19 -67.47
N GLY F 438 -16.96 17.04 -67.34
CA GLY F 438 -17.69 15.79 -67.26
C GLY F 438 -17.60 15.00 -68.56
N GLY F 439 -17.74 13.68 -68.44
CA GLY F 439 -17.71 12.79 -69.58
C GLY F 439 -19.07 12.58 -70.21
N VAL F 440 -19.14 11.56 -71.05
CA VAL F 440 -20.40 11.25 -71.74
C VAL F 440 -21.43 10.75 -70.73
N ASP F 441 -22.68 11.15 -70.92
CA ASP F 441 -23.73 10.94 -69.93
C ASP F 441 -25.05 10.76 -70.67
N LYS F 442 -26.15 10.96 -69.94
CA LYS F 442 -27.53 10.91 -70.46
C LYS F 442 -27.81 9.64 -71.26
N ARG F 443 -27.29 8.51 -70.75
CA ARG F 443 -27.71 7.17 -71.17
C ARG F 443 -27.36 6.86 -72.62
N VAL F 444 -27.65 5.63 -73.03
CA VAL F 444 -27.53 5.17 -74.40
C VAL F 444 -28.80 4.40 -74.75
N GLY F 445 -28.80 3.77 -75.93
CA GLY F 445 -29.94 3.00 -76.35
C GLY F 445 -30.22 1.83 -75.41
N ASP F 446 -31.50 1.46 -75.33
CA ASP F 446 -32.04 0.38 -74.52
C ASP F 446 -31.98 0.69 -73.02
N GLY F 447 -31.44 1.84 -72.62
CA GLY F 447 -31.41 2.23 -71.22
C GLY F 447 -30.16 1.84 -70.45
N MET F 448 -29.11 1.41 -71.13
CA MET F 448 -27.88 1.04 -70.43
C MET F 448 -27.27 2.25 -69.75
N LYS F 449 -26.75 2.04 -68.54
CA LYS F 449 -26.29 3.14 -67.70
C LYS F 449 -24.89 3.57 -68.07
N ILE F 450 -24.71 4.88 -68.25
CA ILE F 450 -23.40 5.50 -68.41
C ILE F 450 -23.38 6.78 -67.57
N ARG F 451 -22.28 6.99 -66.85
CA ARG F 451 -22.14 8.12 -65.94
C ARG F 451 -21.12 9.11 -66.49
N GLY F 452 -21.50 10.38 -66.55
CA GLY F 452 -20.62 11.42 -67.06
C GLY F 452 -19.58 11.92 -66.09
N ASP F 453 -19.64 11.50 -64.83
CA ASP F 453 -18.66 11.92 -63.85
C ASP F 453 -17.38 11.09 -63.99
N ILE F 454 -16.24 11.75 -63.81
CA ILE F 454 -14.93 11.11 -63.91
C ILE F 454 -14.43 10.85 -62.50
N ASN F 455 -13.91 9.65 -62.27
CA ASN F 455 -13.37 9.25 -60.97
C ASN F 455 -11.86 9.14 -61.09
N VAL F 456 -11.15 10.13 -60.54
CA VAL F 456 -9.70 10.18 -60.57
C VAL F 456 -9.17 10.16 -59.15
N CYS F 457 -8.06 9.46 -58.94
CA CYS F 457 -7.40 9.38 -57.64
C CYS F 457 -5.98 9.90 -57.77
N LEU F 458 -5.51 10.59 -56.73
CA LEU F 458 -4.18 11.19 -56.72
C LEU F 458 -3.31 10.44 -55.72
N MET F 459 -2.16 9.96 -56.18
CA MET F 459 -1.20 9.25 -55.35
C MET F 459 0.04 10.12 -55.16
N GLY F 460 0.55 10.17 -53.94
CA GLY F 460 1.75 10.94 -53.68
C GLY F 460 2.13 10.86 -52.21
N ASP F 461 3.40 11.12 -51.97
CA ASP F 461 3.93 11.16 -50.61
C ASP F 461 3.50 12.43 -49.91
N PRO F 462 3.52 12.44 -48.57
CA PRO F 462 3.22 13.68 -47.85
C PRO F 462 4.19 14.79 -48.21
N GLY F 463 3.67 16.01 -48.26
CA GLY F 463 4.49 17.16 -48.59
C GLY F 463 4.56 17.45 -50.08
N VAL F 464 3.47 17.22 -50.79
CA VAL F 464 3.37 17.51 -52.21
C VAL F 464 2.25 18.50 -52.53
N ALA F 465 1.53 18.97 -51.51
CA ALA F 465 0.46 19.96 -51.67
C ALA F 465 -0.67 19.44 -52.56
N LYS F 466 -0.92 18.13 -52.50
CA LYS F 466 -2.14 17.61 -53.12
C LYS F 466 -3.36 18.02 -52.32
N SER F 467 -3.23 18.11 -50.98
CA SER F 467 -4.33 18.62 -50.17
C SER F 467 -4.61 20.08 -50.46
N GLN F 468 -3.57 20.88 -50.69
CA GLN F 468 -3.77 22.28 -51.03
C GLN F 468 -4.49 22.42 -52.37
N LEU F 469 -4.08 21.62 -53.36
CA LEU F 469 -4.77 21.64 -54.65
C LEU F 469 -6.21 21.17 -54.52
N LEU F 470 -6.45 20.19 -53.65
CA LEU F 470 -7.81 19.74 -53.39
C LEU F 470 -8.65 20.85 -52.78
N LYS F 471 -8.07 21.59 -51.83
CA LYS F 471 -8.78 22.72 -51.25
C LYS F 471 -9.07 23.78 -52.30
N ALA F 472 -8.11 24.03 -53.19
CA ALA F 472 -8.32 25.02 -54.25
C ALA F 472 -9.45 24.61 -55.18
N ILE F 473 -9.46 23.34 -55.63
CA ILE F 473 -10.51 22.89 -56.53
C ILE F 473 -11.86 22.87 -55.82
N CYS F 474 -11.88 22.53 -54.52
CA CYS F 474 -13.12 22.56 -53.78
C CYS F 474 -13.65 23.99 -53.66
N LYS F 475 -12.77 24.95 -53.38
CA LYS F 475 -13.20 26.34 -53.27
C LYS F 475 -13.70 26.87 -54.60
N ILE F 476 -13.02 26.55 -55.70
CA ILE F 476 -13.39 27.10 -56.99
C ILE F 476 -14.61 26.39 -57.60
N SER F 477 -14.90 25.17 -57.17
CA SER F 477 -16.07 24.46 -57.66
C SER F 477 -17.23 24.67 -56.71
N PRO F 478 -18.37 25.21 -57.16
CA PRO F 478 -19.49 25.45 -56.25
C PRO F 478 -20.08 24.19 -55.65
N ARG F 479 -19.92 23.04 -56.29
CA ARG F 479 -20.49 21.78 -55.80
C ARG F 479 -19.51 20.94 -55.01
N GLY F 480 -18.30 21.43 -54.78
CA GLY F 480 -17.29 20.63 -54.09
C GLY F 480 -17.62 20.48 -52.61
N VAL F 481 -17.31 19.29 -52.08
CA VAL F 481 -17.47 18.99 -50.66
C VAL F 481 -16.25 18.18 -50.21
N TYR F 482 -15.74 18.50 -49.03
CA TYR F 482 -14.58 17.80 -48.48
C TYR F 482 -15.01 16.96 -47.29
N THR F 483 -14.62 15.69 -47.30
CA THR F 483 -14.91 14.76 -46.21
C THR F 483 -13.62 14.02 -45.85
N THR F 484 -13.68 13.26 -44.76
CA THR F 484 -12.54 12.49 -44.29
C THR F 484 -13.04 11.36 -43.41
N GLY F 485 -12.12 10.48 -43.01
CA GLY F 485 -12.45 9.37 -42.16
C GLY F 485 -12.77 9.79 -40.73
N LYS F 486 -14.03 9.68 -40.36
CA LYS F 486 -14.53 10.06 -39.04
C LYS F 486 -14.16 11.51 -38.76
N GLY F 487 -13.92 11.85 -37.51
CA GLY F 487 -13.80 13.26 -37.11
C GLY F 487 -15.17 13.88 -36.92
N SER F 488 -16.03 13.77 -37.92
CA SER F 488 -17.44 14.08 -37.81
C SER F 488 -18.23 12.85 -38.23
N SER F 489 -19.26 12.51 -37.46
CA SER F 489 -20.00 11.27 -37.67
C SER F 489 -21.22 11.43 -38.55
N GLY F 490 -21.85 12.61 -38.56
CA GLY F 490 -23.05 12.83 -39.35
C GLY F 490 -22.78 13.20 -40.79
N VAL F 491 -21.70 12.68 -41.36
CA VAL F 491 -21.31 13.00 -42.73
C VAL F 491 -21.42 11.80 -43.66
N GLY F 492 -21.27 10.58 -43.17
CA GLY F 492 -21.32 9.40 -44.01
C GLY F 492 -22.39 8.44 -43.57
N LEU F 493 -23.06 7.83 -44.55
CA LEU F 493 -24.09 6.81 -44.37
C LEU F 493 -25.32 7.34 -43.63
N THR F 494 -25.38 8.64 -43.36
CA THR F 494 -26.50 9.22 -42.64
C THR F 494 -26.70 10.65 -43.11
N ALA F 495 -27.93 11.12 -43.01
CA ALA F 495 -28.28 12.48 -43.39
C ALA F 495 -28.10 13.44 -42.21
N ALA F 496 -28.22 14.73 -42.50
CA ALA F 496 -28.00 15.78 -41.52
C ALA F 496 -29.25 16.13 -40.72
N VAL F 497 -30.36 15.43 -40.94
CA VAL F 497 -31.62 15.74 -40.27
C VAL F 497 -31.96 14.67 -39.23
N MET F 498 -30.97 13.89 -38.80
CA MET F 498 -31.21 12.88 -37.77
C MET F 498 -31.49 13.55 -36.44
N LYS F 499 -32.58 13.14 -35.78
CA LYS F 499 -32.97 13.57 -34.42
C LYS F 499 -32.83 15.08 -34.24
N ASP F 500 -32.99 15.84 -35.33
CA ASP F 500 -32.83 17.29 -35.32
C ASP F 500 -34.04 18.03 -34.74
N PRO F 501 -35.28 17.74 -35.17
CA PRO F 501 -36.41 18.57 -34.72
C PRO F 501 -36.63 18.49 -33.23
N VAL F 502 -37.21 19.56 -32.68
CA VAL F 502 -37.48 19.64 -31.25
C VAL F 502 -38.41 18.52 -30.80
N THR F 503 -39.30 18.07 -31.69
CA THR F 503 -40.19 16.97 -31.37
C THR F 503 -39.52 15.61 -31.50
N ASP F 504 -38.27 15.57 -31.97
CA ASP F 504 -37.57 14.31 -32.27
C ASP F 504 -38.41 13.45 -33.22
N GLU F 505 -38.84 14.08 -34.31
CA GLU F 505 -39.70 13.45 -35.29
C GLU F 505 -39.00 12.38 -36.11
N MET F 506 -37.67 12.28 -35.99
CA MET F 506 -36.89 11.24 -36.67
C MET F 506 -37.05 11.34 -38.19
N ILE F 507 -36.92 12.56 -38.71
CA ILE F 507 -36.90 12.74 -40.16
C ILE F 507 -35.65 12.10 -40.73
N LEU F 508 -35.82 11.29 -41.78
CA LEU F 508 -34.70 10.54 -42.32
C LEU F 508 -35.00 10.11 -43.74
N GLU F 509 -33.95 10.07 -44.57
CA GLU F 509 -34.04 9.51 -45.91
C GLU F 509 -33.53 8.08 -46.00
N GLY F 510 -32.78 7.62 -45.01
CA GLY F 510 -32.22 6.28 -45.03
C GLY F 510 -30.77 6.26 -45.50
N GLY F 511 -30.54 5.71 -46.69
CA GLY F 511 -29.20 5.67 -47.25
C GLY F 511 -28.91 6.86 -48.13
N ALA F 512 -28.04 7.76 -47.68
CA ALA F 512 -27.71 8.95 -48.45
C ALA F 512 -26.34 9.46 -48.02
N LEU F 513 -25.77 10.30 -48.87
CA LEU F 513 -24.49 10.96 -48.61
C LEU F 513 -24.70 12.47 -48.61
N VAL F 514 -23.61 13.22 -48.53
CA VAL F 514 -23.66 14.67 -48.49
C VAL F 514 -23.66 15.20 -49.92
N LEU F 515 -24.80 15.76 -50.35
CA LEU F 515 -24.99 16.36 -51.66
C LEU F 515 -24.42 15.48 -52.78
N ALA F 516 -24.73 14.18 -52.70
CA ALA F 516 -24.17 13.21 -53.63
C ALA F 516 -24.67 13.40 -55.07
N ASP F 517 -25.73 14.17 -55.27
CA ASP F 517 -26.26 14.39 -56.61
C ASP F 517 -25.50 15.53 -57.27
N ASN F 518 -24.80 15.21 -58.38
CA ASN F 518 -24.04 16.19 -59.15
C ASN F 518 -23.03 16.94 -58.28
N GLY F 519 -22.44 16.24 -57.32
CA GLY F 519 -21.46 16.82 -56.43
C GLY F 519 -20.04 16.40 -56.79
N ILE F 520 -19.09 17.06 -56.14
CA ILE F 520 -17.67 16.77 -56.31
C ILE F 520 -17.13 16.41 -54.93
N CYS F 521 -17.11 15.11 -54.64
CA CYS F 521 -16.64 14.63 -53.34
C CYS F 521 -15.11 14.63 -53.32
N CYS F 522 -14.54 15.32 -52.34
CA CYS F 522 -13.09 15.41 -52.18
C CYS F 522 -12.71 14.83 -50.83
N ILE F 523 -11.72 13.94 -50.84
CA ILE F 523 -11.31 13.22 -49.63
C ILE F 523 -9.79 13.27 -49.52
N ASP F 524 -9.29 13.61 -48.34
CA ASP F 524 -7.89 13.48 -48.01
C ASP F 524 -7.70 12.27 -47.09
N GLU F 525 -6.53 11.65 -47.18
CA GLU F 525 -6.24 10.41 -46.48
C GLU F 525 -7.30 9.35 -46.80
N PHE F 526 -7.32 8.98 -48.09
CA PHE F 526 -8.32 8.04 -48.58
C PHE F 526 -8.10 6.62 -48.07
N ASP F 527 -6.99 6.36 -47.39
CA ASP F 527 -6.76 5.08 -46.73
C ASP F 527 -7.19 5.08 -45.27
N LYS F 528 -7.68 6.21 -44.76
CA LYS F 528 -7.92 6.34 -43.32
C LYS F 528 -9.29 5.84 -42.90
N MET F 529 -10.33 6.06 -43.72
CA MET F 529 -11.68 5.84 -43.25
C MET F 529 -11.95 4.37 -42.95
N ASP F 530 -12.96 4.14 -42.11
CA ASP F 530 -13.27 2.81 -41.62
C ASP F 530 -14.06 2.03 -42.67
N GLU F 531 -14.63 0.90 -42.25
CA GLU F 531 -15.35 0.04 -43.19
C GLU F 531 -16.66 0.66 -43.66
N SER F 532 -17.27 1.50 -42.83
CA SER F 532 -18.57 2.07 -43.19
C SER F 532 -18.46 2.98 -44.40
N ASP F 533 -17.53 3.94 -44.36
CA ASP F 533 -17.39 4.86 -45.49
C ASP F 533 -16.84 4.15 -46.73
N ARG F 534 -15.97 3.17 -46.54
CA ARG F 534 -15.48 2.39 -47.67
C ARG F 534 -16.62 1.64 -48.34
N THR F 535 -17.51 1.04 -47.55
CA THR F 535 -18.69 0.39 -48.11
C THR F 535 -19.62 1.41 -48.77
N ALA F 536 -19.69 2.62 -48.23
CA ALA F 536 -20.46 3.67 -48.87
C ALA F 536 -19.92 3.99 -50.27
N ILE F 537 -18.59 4.12 -50.39
CA ILE F 537 -17.99 4.35 -51.70
C ILE F 537 -18.25 3.17 -52.63
N HIS F 538 -18.13 1.95 -52.11
CA HIS F 538 -18.47 0.78 -52.91
C HIS F 538 -19.93 0.78 -53.33
N GLU F 539 -20.81 1.44 -52.58
CA GLU F 539 -22.19 1.57 -53.00
C GLU F 539 -22.36 2.67 -54.05
N VAL F 540 -21.57 3.74 -53.97
CA VAL F 540 -21.68 4.84 -54.92
C VAL F 540 -20.98 4.56 -56.23
N MET F 541 -20.18 3.48 -56.32
CA MET F 541 -19.48 3.18 -57.57
C MET F 541 -20.43 3.20 -58.76
N GLU F 542 -20.05 3.96 -59.78
CA GLU F 542 -20.75 4.02 -61.07
C GLU F 542 -22.21 4.42 -60.87
N GLN F 543 -22.40 5.63 -60.34
CA GLN F 543 -23.70 6.30 -60.17
C GLN F 543 -24.77 5.38 -59.57
N GLN F 544 -24.35 4.36 -58.81
CA GLN F 544 -25.30 3.44 -58.22
C GLN F 544 -26.04 4.10 -57.06
N THR F 545 -27.34 3.88 -56.99
CA THR F 545 -28.15 4.48 -55.94
C THR F 545 -27.83 3.87 -54.58
N ILE F 546 -28.08 4.64 -53.53
CA ILE F 546 -27.79 4.21 -52.16
C ILE F 546 -29.06 3.58 -51.60
N SER F 547 -28.99 2.30 -51.28
CA SER F 547 -30.19 1.57 -50.85
C SER F 547 -29.99 0.89 -49.51
N ILE F 548 -29.42 1.60 -48.54
CA ILE F 548 -29.25 1.08 -47.19
C ILE F 548 -30.47 1.44 -46.37
N SER F 549 -31.09 0.45 -45.75
CA SER F 549 -32.34 0.62 -45.02
C SER F 549 -32.15 0.20 -43.56
N LYS F 550 -32.83 0.90 -42.67
CA LYS F 550 -32.76 0.60 -41.24
C LYS F 550 -34.11 0.40 -40.59
N ALA F 551 -35.12 1.17 -40.99
CA ALA F 551 -36.44 1.12 -40.35
C ALA F 551 -37.53 1.10 -41.41
N GLY F 552 -37.33 0.31 -42.46
CA GLY F 552 -38.30 0.20 -43.53
C GLY F 552 -38.27 1.31 -44.54
N ILE F 553 -37.35 2.27 -44.40
CA ILE F 553 -37.24 3.37 -45.35
C ILE F 553 -36.47 2.90 -46.58
N ASN F 554 -36.88 3.41 -47.74
CA ASN F 554 -36.17 3.11 -48.99
C ASN F 554 -36.05 4.36 -49.86
N THR F 555 -35.98 5.53 -49.24
CA THR F 555 -35.83 6.79 -49.97
C THR F 555 -34.39 6.89 -50.43
N THR F 556 -34.10 6.21 -51.53
CA THR F 556 -32.73 6.17 -52.05
C THR F 556 -32.33 7.51 -52.64
N LEU F 557 -31.08 7.90 -52.42
CA LEU F 557 -30.53 9.12 -52.97
C LEU F 557 -29.81 8.79 -54.27
N ASN F 558 -30.21 9.45 -55.35
CA ASN F 558 -29.64 9.18 -56.67
C ASN F 558 -28.22 9.73 -56.75
N ALA F 559 -27.25 8.96 -56.28
CA ALA F 559 -25.88 9.42 -56.23
C ALA F 559 -25.27 9.46 -57.63
N ARG F 560 -24.92 10.66 -58.09
CA ARG F 560 -24.20 10.87 -59.35
C ARG F 560 -23.14 11.93 -59.08
N THR F 561 -21.95 11.48 -58.67
CA THR F 561 -20.91 12.41 -58.24
C THR F 561 -19.56 11.95 -58.74
N SER F 562 -18.66 12.91 -58.93
CA SER F 562 -17.26 12.61 -59.20
C SER F 562 -16.53 12.36 -57.90
N ILE F 563 -15.53 11.48 -57.94
CA ILE F 563 -14.77 11.07 -56.77
C ILE F 563 -13.37 11.63 -56.87
N LEU F 564 -12.96 12.38 -55.85
CA LEU F 564 -11.60 12.91 -55.73
C LEU F 564 -10.97 12.30 -54.49
N ALA F 565 -9.93 11.48 -54.70
CA ALA F 565 -9.28 10.76 -53.62
C ALA F 565 -7.80 11.10 -53.60
N ALA F 566 -7.32 11.54 -52.44
CA ALA F 566 -5.90 11.78 -52.20
C ALA F 566 -5.46 10.95 -51.02
N ALA F 567 -4.39 10.16 -51.20
CA ALA F 567 -3.91 9.28 -50.16
C ALA F 567 -2.44 8.98 -50.41
N ASN F 568 -1.85 8.24 -49.48
CA ASN F 568 -0.46 7.84 -49.55
C ASN F 568 -0.33 6.39 -49.11
N PRO F 569 0.72 5.69 -49.56
CA PRO F 569 1.01 4.38 -49.00
C PRO F 569 1.34 4.49 -47.53
N LEU F 570 0.96 3.47 -46.76
CA LEU F 570 1.12 3.52 -45.31
C LEU F 570 2.58 3.58 -44.88
N TYR F 571 3.52 3.28 -45.77
CA TYR F 571 4.92 3.54 -45.50
C TYR F 571 5.31 5.00 -45.72
N GLY F 572 4.46 5.77 -46.41
CA GLY F 572 4.72 7.19 -46.59
C GLY F 572 5.76 7.53 -47.64
N ARG F 573 6.26 6.54 -48.38
CA ARG F 573 7.28 6.80 -49.38
C ARG F 573 7.21 5.68 -50.43
N TYR F 574 7.75 5.98 -51.60
CA TYR F 574 7.79 5.00 -52.67
C TYR F 574 8.96 4.03 -52.45
N ASN F 575 8.88 2.88 -53.11
CA ASN F 575 9.84 1.81 -52.92
C ASN F 575 10.34 1.28 -54.25
N PRO F 576 11.57 0.79 -54.31
CA PRO F 576 12.10 0.24 -55.57
C PRO F 576 11.47 -1.09 -55.96
N ARG F 577 10.78 -1.78 -55.04
CA ARG F 577 10.27 -3.11 -55.31
C ARG F 577 8.98 -3.02 -56.12
N LEU F 578 8.26 -4.13 -56.20
CA LEU F 578 7.01 -4.21 -56.97
C LEU F 578 6.03 -3.14 -56.50
N SER F 579 5.51 -2.37 -57.46
CA SER F 579 4.70 -1.19 -57.17
C SER F 579 3.27 -1.51 -56.69
N PRO F 580 2.60 -2.56 -57.17
CA PRO F 580 1.28 -2.89 -56.60
C PRO F 580 1.33 -3.23 -55.13
N LEU F 581 2.49 -3.59 -54.58
CA LEU F 581 2.61 -3.80 -53.14
C LEU F 581 2.30 -2.53 -52.37
N ASP F 582 2.62 -1.37 -52.95
CA ASP F 582 2.27 -0.11 -52.33
C ASP F 582 0.82 0.29 -52.63
N ASN F 583 0.51 0.41 -53.93
CA ASN F 583 -0.80 0.82 -54.45
C ASN F 583 -1.49 1.84 -53.53
N ILE F 584 -2.65 1.48 -52.96
CA ILE F 584 -3.31 2.33 -51.98
C ILE F 584 -3.58 1.59 -50.68
N ASN F 585 -3.09 0.35 -50.53
CA ASN F 585 -3.47 -0.51 -49.41
C ASN F 585 -4.99 -0.65 -49.33
N LEU F 586 -5.61 -0.77 -50.50
CA LEU F 586 -7.06 -0.86 -50.66
C LEU F 586 -7.34 -1.97 -51.66
N PRO F 587 -8.56 -2.53 -51.64
CA PRO F 587 -8.88 -3.60 -52.58
C PRO F 587 -8.73 -3.15 -54.02
N ALA F 588 -8.27 -4.09 -54.87
CA ALA F 588 -8.04 -3.77 -56.28
C ALA F 588 -9.32 -3.54 -57.05
N ALA F 589 -10.46 -4.05 -56.56
CA ALA F 589 -11.73 -3.80 -57.24
C ALA F 589 -12.06 -2.32 -57.25
N LEU F 590 -11.84 -1.64 -56.12
CA LEU F 590 -12.05 -0.19 -56.07
C LEU F 590 -11.04 0.53 -56.97
N LEU F 591 -9.80 0.06 -56.99
CA LEU F 591 -8.77 0.69 -57.81
C LEU F 591 -9.12 0.63 -59.29
N SER F 592 -9.62 -0.52 -59.75
CA SER F 592 -9.99 -0.65 -61.15
C SER F 592 -11.17 0.23 -61.53
N ARG F 593 -11.99 0.63 -60.56
CA ARG F 593 -13.12 1.50 -60.85
C ARG F 593 -12.66 2.87 -61.34
N PHE F 594 -11.60 3.40 -60.72
CA PHE F 594 -11.18 4.77 -61.00
C PHE F 594 -10.75 4.92 -62.46
N ASP F 595 -10.98 6.12 -62.99
CA ASP F 595 -10.69 6.38 -64.40
C ASP F 595 -9.22 6.68 -64.63
N ILE F 596 -8.65 7.58 -63.83
CA ILE F 596 -7.27 8.01 -64.00
C ILE F 596 -6.55 7.92 -62.66
N LEU F 597 -5.41 7.24 -62.65
CA LEU F 597 -4.54 7.17 -61.48
C LEU F 597 -3.27 7.94 -61.79
N PHE F 598 -2.99 8.97 -60.99
CA PHE F 598 -1.82 9.81 -61.18
C PHE F 598 -0.96 9.76 -59.93
N LEU F 599 0.34 9.49 -60.12
CA LEU F 599 1.28 9.34 -59.01
C LEU F 599 2.21 10.54 -58.98
N MET F 600 2.41 11.10 -57.79
CA MET F 600 3.32 12.22 -57.57
C MET F 600 4.45 11.73 -56.67
N LEU F 601 5.61 11.49 -57.27
CA LEU F 601 6.76 10.97 -56.55
C LEU F 601 7.80 12.08 -56.39
N ASP F 602 8.23 12.30 -55.15
CA ASP F 602 9.17 13.37 -54.85
C ASP F 602 10.59 12.89 -55.17
N ILE F 603 11.18 13.46 -56.21
CA ILE F 603 12.52 13.12 -56.65
C ILE F 603 13.44 14.29 -56.32
N PRO F 604 14.44 14.10 -55.46
CA PRO F 604 15.37 15.21 -55.15
C PRO F 604 16.19 15.62 -56.35
N SER F 605 15.94 16.82 -56.87
CA SER F 605 16.67 17.36 -58.00
C SER F 605 16.96 18.83 -57.76
N ARG F 606 18.18 19.25 -58.10
CA ARG F 606 18.59 20.63 -57.86
C ARG F 606 17.81 21.60 -58.74
N ASP F 607 17.74 21.32 -60.05
CA ASP F 607 17.19 22.26 -61.02
C ASP F 607 15.68 22.43 -60.90
N ASP F 608 14.99 21.58 -60.14
CA ASP F 608 13.56 21.72 -59.92
C ASP F 608 13.25 22.25 -58.51
N ASP F 609 13.92 21.70 -57.50
CA ASP F 609 13.73 22.20 -56.14
C ASP F 609 14.19 23.64 -56.00
N GLU F 610 15.20 24.04 -56.78
CA GLU F 610 15.64 25.43 -56.76
C GLU F 610 14.51 26.36 -57.22
N LYS F 611 13.86 26.02 -58.33
CA LYS F 611 12.76 26.83 -58.83
C LYS F 611 11.59 26.82 -57.86
N LEU F 612 11.28 25.65 -57.28
CA LEU F 612 10.18 25.57 -56.32
C LEU F 612 10.46 26.46 -55.11
N ALA F 613 11.68 26.40 -54.58
CA ALA F 613 12.04 27.21 -53.42
C ALA F 613 11.99 28.69 -53.76
N GLU F 614 12.49 29.07 -54.94
CA GLU F 614 12.47 30.48 -55.34
C GLU F 614 11.04 30.98 -55.46
N HIS F 615 10.15 30.18 -56.06
CA HIS F 615 8.76 30.59 -56.19
C HIS F 615 8.09 30.73 -54.84
N VAL F 616 8.30 29.76 -53.94
CA VAL F 616 7.66 29.83 -52.63
C VAL F 616 8.15 31.03 -51.84
N THR F 617 9.47 31.28 -51.86
CA THR F 617 10.00 32.40 -51.10
C THR F 617 9.61 33.74 -51.72
N TYR F 618 9.44 33.79 -53.05
CA TYR F 618 8.93 35.02 -53.67
C TYR F 618 7.48 35.25 -53.31
N VAL F 619 6.69 34.18 -53.20
CA VAL F 619 5.31 34.31 -52.72
C VAL F 619 5.31 34.87 -51.30
N HIS F 620 6.17 34.33 -50.44
CA HIS F 620 6.22 34.78 -49.05
C HIS F 620 6.69 36.23 -48.94
N MET F 621 7.64 36.63 -49.79
CA MET F 621 8.24 37.96 -49.63
C MET F 621 7.23 39.06 -49.88
N HIS F 622 6.37 38.90 -50.90
CA HIS F 622 5.40 39.94 -51.25
C HIS F 622 4.18 39.94 -50.35
N ASN F 623 3.98 38.90 -49.54
CA ASN F 623 2.78 38.75 -48.71
C ASN F 623 1.51 38.79 -49.55
N LYS F 624 1.63 38.37 -50.81
CA LYS F 624 0.54 38.40 -51.77
C LYS F 624 0.88 37.43 -52.89
N GLN F 625 -0.07 37.25 -53.80
CA GLN F 625 0.21 36.44 -54.98
C GLN F 625 1.24 37.15 -55.85
N PRO F 626 2.28 36.46 -56.30
CA PRO F 626 3.37 37.15 -56.99
C PRO F 626 2.99 37.53 -58.41
N ASP F 627 3.71 38.54 -58.93
CA ASP F 627 3.64 38.88 -60.34
C ASP F 627 4.50 37.95 -61.19
N LEU F 628 5.25 37.05 -60.56
CA LEU F 628 6.01 36.04 -61.30
C LEU F 628 5.08 35.19 -62.16
N ASP F 629 3.89 34.90 -61.65
CA ASP F 629 2.89 34.19 -62.43
C ASP F 629 2.34 35.08 -63.53
N PHE F 630 1.94 34.45 -64.64
CA PHE F 630 1.36 35.15 -65.80
C PHE F 630 0.12 34.37 -66.23
N THR F 631 -1.04 34.80 -65.73
CA THR F 631 -2.31 34.15 -66.06
C THR F 631 -3.29 35.20 -66.58
N PRO F 632 -3.63 35.17 -67.87
CA PRO F 632 -4.67 36.09 -68.37
C PRO F 632 -6.05 35.80 -67.83
N VAL F 633 -6.29 34.59 -67.33
CA VAL F 633 -7.60 34.17 -66.86
C VAL F 633 -7.66 34.34 -65.34
N GLU F 634 -8.87 34.54 -64.82
CA GLU F 634 -9.12 34.74 -63.41
C GLU F 634 -10.05 33.65 -62.89
N PRO F 635 -10.04 33.38 -61.57
CA PRO F 635 -10.88 32.30 -61.03
C PRO F 635 -12.36 32.47 -61.34
N SER F 636 -12.91 33.69 -61.24
CA SER F 636 -14.31 33.89 -61.59
C SER F 636 -14.52 33.77 -63.11
N LYS F 637 -13.51 34.17 -63.88
CA LYS F 637 -13.59 34.04 -65.33
C LYS F 637 -13.77 32.58 -65.73
N MET F 638 -12.93 31.69 -65.21
CA MET F 638 -13.08 30.27 -65.49
C MET F 638 -14.31 29.68 -64.79
N ARG F 639 -14.76 30.28 -63.68
CA ARG F 639 -16.01 29.86 -63.07
C ARG F 639 -17.18 30.06 -64.02
N GLU F 640 -17.20 31.18 -64.74
CA GLU F 640 -18.22 31.38 -65.75
C GLU F 640 -18.00 30.47 -66.96
N TYR F 641 -16.74 30.31 -67.37
CA TYR F 641 -16.48 29.56 -68.59
C TYR F 641 -16.75 28.06 -68.44
N ILE F 642 -16.60 27.51 -67.24
CA ILE F 642 -16.89 26.08 -67.08
C ILE F 642 -18.38 25.82 -67.29
N ALA F 643 -19.24 26.68 -66.73
CA ALA F 643 -20.67 26.56 -66.99
C ALA F 643 -20.98 26.79 -68.45
N TYR F 644 -20.32 27.76 -69.07
CA TYR F 644 -20.55 28.02 -70.49
C TYR F 644 -20.19 26.81 -71.34
N ALA F 645 -19.07 26.15 -71.04
CA ALA F 645 -18.64 25.00 -71.82
C ALA F 645 -19.49 23.77 -71.54
N LYS F 646 -20.00 23.63 -70.31
CA LYS F 646 -20.92 22.55 -70.02
C LYS F 646 -22.25 22.75 -70.74
N THR F 647 -22.65 24.01 -70.94
CA THR F 647 -23.91 24.28 -71.63
C THR F 647 -23.87 23.80 -73.08
N LYS F 648 -22.72 23.95 -73.74
CA LYS F 648 -22.65 23.64 -75.17
C LYS F 648 -22.96 22.17 -75.44
N ARG F 649 -22.41 21.27 -74.63
CA ARG F 649 -22.74 19.84 -74.65
C ARG F 649 -22.61 19.21 -76.03
N PRO F 650 -21.40 19.00 -76.53
CA PRO F 650 -21.25 18.27 -77.80
C PRO F 650 -21.62 16.80 -77.66
N VAL F 651 -21.99 16.21 -78.80
CA VAL F 651 -22.36 14.80 -78.84
C VAL F 651 -21.29 14.04 -79.62
N MET F 652 -21.41 12.72 -79.61
CA MET F 652 -20.37 11.84 -80.13
C MET F 652 -20.37 11.81 -81.67
N SER F 653 -19.33 11.18 -82.20
CA SER F 653 -19.20 10.94 -83.64
C SER F 653 -18.79 9.49 -83.85
N GLU F 654 -19.11 8.96 -85.03
CA GLU F 654 -18.94 7.53 -85.29
C GLU F 654 -17.57 7.19 -85.89
N ALA F 655 -16.96 8.12 -86.63
CA ALA F 655 -15.77 7.82 -87.42
C ALA F 655 -14.55 7.45 -86.59
N VAL F 656 -14.68 7.50 -85.25
CA VAL F 656 -13.56 7.17 -84.37
C VAL F 656 -13.69 5.78 -83.76
N ASN F 657 -14.72 5.03 -84.14
CA ASN F 657 -14.93 3.71 -83.55
C ASN F 657 -13.78 2.76 -83.88
N ASP F 658 -13.32 2.76 -85.13
CA ASP F 658 -12.19 1.90 -85.49
C ASP F 658 -10.92 2.30 -84.74
N TYR F 659 -10.69 3.62 -84.59
CA TYR F 659 -9.51 4.09 -83.89
C TYR F 659 -9.53 3.64 -82.43
N VAL F 660 -10.67 3.81 -81.76
CA VAL F 660 -10.74 3.42 -80.36
C VAL F 660 -10.68 1.89 -80.22
N VAL F 661 -11.22 1.16 -81.20
CA VAL F 661 -11.15 -0.30 -81.15
C VAL F 661 -9.70 -0.78 -81.27
N GLN F 662 -8.94 -0.20 -82.21
CA GLN F 662 -7.55 -0.60 -82.32
C GLN F 662 -6.73 -0.14 -81.13
N ALA F 663 -7.09 1.01 -80.54
CA ALA F 663 -6.43 1.45 -79.31
C ALA F 663 -6.69 0.46 -78.18
N TYR F 664 -7.92 -0.03 -78.07
CA TYR F 664 -8.23 -1.04 -77.06
C TYR F 664 -7.50 -2.35 -77.35
N ILE F 665 -7.34 -2.69 -78.63
CA ILE F 665 -6.60 -3.89 -78.99
C ILE F 665 -5.15 -3.78 -78.56
N ARG F 666 -4.52 -2.62 -78.79
CA ARG F 666 -3.15 -2.44 -78.34
C ARG F 666 -3.05 -2.32 -76.83
N LEU F 667 -4.10 -1.84 -76.16
CA LEU F 667 -4.11 -1.88 -74.70
C LEU F 667 -4.16 -3.31 -74.18
N ARG F 668 -4.93 -4.17 -74.84
CA ARG F 668 -4.90 -5.59 -74.49
C ARG F 668 -3.55 -6.21 -74.83
N GLN F 669 -2.89 -5.73 -75.88
CA GLN F 669 -1.52 -6.13 -76.15
C GLN F 669 -0.60 -5.77 -74.98
N ASP F 670 -0.80 -4.59 -74.41
CA ASP F 670 -0.07 -4.22 -73.20
C ASP F 670 -0.40 -5.16 -72.05
N SER F 671 -1.67 -5.51 -71.90
CA SER F 671 -2.07 -6.47 -70.87
C SER F 671 -1.43 -7.84 -71.09
N LYS F 672 -1.08 -8.18 -72.33
CA LYS F 672 -0.32 -9.40 -72.57
C LYS F 672 1.05 -9.35 -71.91
N ARG F 673 1.55 -8.17 -71.56
CA ARG F 673 2.85 -8.02 -70.92
C ARG F 673 2.72 -7.51 -69.48
N GLU F 674 1.54 -7.63 -68.88
CA GLU F 674 1.38 -7.21 -67.49
C GLU F 674 2.11 -8.13 -66.52
N MET F 675 2.42 -9.37 -66.93
CA MET F 675 3.19 -10.26 -66.10
C MET F 675 4.67 -9.91 -66.06
N ASP F 676 5.12 -8.97 -66.90
CA ASP F 676 6.50 -8.49 -66.79
C ASP F 676 6.77 -7.84 -65.45
N SER F 677 5.72 -7.38 -64.76
CA SER F 677 5.76 -6.97 -63.37
C SER F 677 6.59 -5.72 -63.12
N LYS F 678 6.68 -5.34 -61.83
CA LYS F 678 7.42 -4.21 -61.29
C LYS F 678 6.74 -2.87 -61.60
N PHE F 679 5.78 -2.88 -62.52
CA PHE F 679 4.81 -1.81 -62.65
C PHE F 679 3.47 -2.39 -63.10
N SER F 680 3.05 -3.47 -62.46
CA SER F 680 1.98 -4.36 -62.95
C SER F 680 0.62 -3.69 -63.13
N PHE F 681 0.52 -2.38 -62.85
CA PHE F 681 -0.76 -1.68 -62.94
C PHE F 681 -1.39 -1.74 -64.32
N GLY F 682 -0.64 -2.10 -65.36
CA GLY F 682 -1.19 -2.20 -66.69
C GLY F 682 -2.03 -3.45 -66.91
N GLN F 683 -3.19 -3.51 -66.27
CA GLN F 683 -4.05 -4.68 -66.32
C GLN F 683 -5.20 -4.48 -67.31
N ALA F 684 -5.94 -5.56 -67.55
CA ALA F 684 -7.01 -5.57 -68.54
C ALA F 684 -8.35 -5.25 -67.89
N THR F 685 -9.08 -4.29 -68.47
CA THR F 685 -10.39 -3.89 -67.96
C THR F 685 -11.19 -3.19 -69.07
N PRO F 686 -12.42 -3.62 -69.34
CA PRO F 686 -13.26 -2.86 -70.28
C PRO F 686 -13.57 -1.45 -69.80
N ARG F 687 -13.58 -1.24 -68.48
CA ARG F 687 -13.75 0.12 -67.97
C ARG F 687 -12.62 1.05 -68.41
N THR F 688 -11.47 0.50 -68.79
CA THR F 688 -10.44 1.34 -69.41
C THR F 688 -10.93 1.90 -70.74
N LEU F 689 -11.56 1.06 -71.57
CA LEU F 689 -12.14 1.54 -72.81
C LEU F 689 -13.25 2.54 -72.56
N LEU F 690 -14.11 2.25 -71.58
CA LEU F 690 -15.18 3.19 -71.25
C LEU F 690 -14.60 4.52 -70.79
N GLY F 691 -13.56 4.49 -69.98
CA GLY F 691 -12.93 5.70 -69.50
C GLY F 691 -12.25 6.50 -70.60
N ILE F 692 -11.60 5.81 -71.55
CA ILE F 692 -10.96 6.54 -72.63
C ILE F 692 -12.02 7.17 -73.54
N ILE F 693 -13.16 6.49 -73.73
CA ILE F 693 -14.26 7.10 -74.47
C ILE F 693 -14.78 8.33 -73.74
N ARG F 694 -14.95 8.22 -72.42
CA ARG F 694 -15.44 9.37 -71.65
C ARG F 694 -14.45 10.51 -71.68
N LEU F 695 -13.15 10.22 -71.64
CA LEU F 695 -12.14 11.26 -71.65
C LEU F 695 -12.06 11.93 -73.01
N SER F 696 -12.24 11.16 -74.09
CA SER F 696 -12.35 11.78 -75.42
C SER F 696 -13.57 12.68 -75.50
N GLN F 697 -14.69 12.24 -74.92
CA GLN F 697 -15.87 13.09 -74.89
C GLN F 697 -15.62 14.38 -74.13
N ALA F 698 -14.93 14.29 -73.00
CA ALA F 698 -14.61 15.49 -72.23
C ALA F 698 -13.64 16.39 -72.97
N LEU F 699 -12.69 15.80 -73.70
CA LEU F 699 -11.75 16.58 -74.50
C LEU F 699 -12.41 17.20 -75.72
N ALA F 700 -13.58 16.70 -76.11
CA ALA F 700 -14.40 17.42 -77.06
C ALA F 700 -15.29 18.46 -76.39
N LYS F 701 -15.65 18.23 -75.13
CA LYS F 701 -16.58 19.11 -74.42
C LYS F 701 -15.93 20.40 -73.95
N LEU F 702 -14.69 20.33 -73.46
CA LEU F 702 -14.15 21.45 -72.68
C LEU F 702 -14.03 22.71 -73.53
N ARG F 703 -13.61 22.58 -74.77
CA ARG F 703 -13.37 23.74 -75.64
C ARG F 703 -14.07 23.62 -76.98
N LEU F 704 -14.17 22.42 -77.54
CA LEU F 704 -14.70 22.26 -78.88
C LEU F 704 -16.22 22.40 -78.88
N ALA F 705 -16.75 22.68 -80.08
CA ALA F 705 -18.18 22.74 -80.34
C ALA F 705 -18.73 21.33 -80.51
N ASP F 706 -19.92 21.21 -81.09
CA ASP F 706 -20.58 19.92 -81.24
C ASP F 706 -19.83 19.04 -82.24
N MET F 707 -18.64 18.60 -81.84
CA MET F 707 -17.77 17.78 -82.68
C MET F 707 -16.78 17.05 -81.79
N VAL F 708 -16.54 15.78 -82.10
CA VAL F 708 -15.56 14.96 -81.40
C VAL F 708 -14.45 14.61 -82.39
N ASP F 709 -13.21 14.94 -82.03
CA ASP F 709 -12.07 14.81 -82.92
C ASP F 709 -11.20 13.64 -82.49
N ILE F 710 -10.45 13.10 -83.47
CA ILE F 710 -9.49 12.04 -83.17
C ILE F 710 -8.38 12.57 -82.28
N ASP F 711 -8.05 13.86 -82.40
CA ASP F 711 -7.05 14.46 -81.53
C ASP F 711 -7.45 14.36 -80.06
N ASP F 712 -8.75 14.38 -79.77
CA ASP F 712 -9.19 14.16 -78.40
C ASP F 712 -8.82 12.76 -77.91
N VAL F 713 -9.02 11.75 -78.76
CA VAL F 713 -8.64 10.38 -78.40
C VAL F 713 -7.13 10.30 -78.21
N GLU F 714 -6.37 10.95 -79.09
CA GLU F 714 -4.92 10.95 -78.95
C GLU F 714 -4.48 11.59 -77.65
N GLU F 715 -5.09 12.72 -77.29
CA GLU F 715 -4.75 13.39 -76.04
C GLU F 715 -5.12 12.55 -74.83
N ALA F 716 -6.27 11.87 -74.89
CA ALA F 716 -6.65 10.97 -73.81
C ALA F 716 -5.64 9.83 -73.66
N LEU F 717 -5.21 9.26 -74.78
CA LEU F 717 -4.20 8.21 -74.73
C LEU F 717 -2.90 8.71 -74.12
N ARG F 718 -2.46 9.91 -74.52
CA ARG F 718 -1.25 10.47 -73.94
C ARG F 718 -1.41 10.74 -72.45
N LEU F 719 -2.59 11.20 -72.02
CA LEU F 719 -2.83 11.38 -70.60
C LEU F 719 -2.71 10.07 -69.85
N VAL F 720 -3.29 9.00 -70.39
CA VAL F 720 -3.19 7.69 -69.74
C VAL F 720 -1.74 7.24 -69.67
N ARG F 721 -0.99 7.40 -70.77
CA ARG F 721 0.40 6.98 -70.78
C ARG F 721 1.23 7.77 -69.78
N VAL F 722 1.02 9.09 -69.69
CA VAL F 722 1.77 9.88 -68.73
C VAL F 722 1.39 9.51 -67.30
N SER F 723 0.11 9.22 -67.07
CA SER F 723 -0.32 8.79 -65.74
C SER F 723 0.38 7.49 -65.35
N LYS F 724 0.52 6.56 -66.29
CA LYS F 724 1.26 5.33 -66.01
C LYS F 724 2.77 5.58 -65.93
N GLU F 725 3.26 6.65 -66.56
CA GLU F 725 4.69 6.89 -66.67
C GLU F 725 5.33 7.20 -65.33
N SER F 726 4.58 7.82 -64.40
CA SER F 726 5.14 8.20 -63.11
C SER F 726 5.55 7.01 -62.26
N LEU F 727 5.12 5.80 -62.61
CA LEU F 727 5.49 4.62 -61.82
C LEU F 727 6.99 4.38 -61.86
N TYR F 728 7.57 4.34 -63.07
CA TYR F 728 8.99 4.03 -63.25
C TYR F 728 9.39 2.73 -62.56
N MET H 36 21.35 47.52 23.75
CA MET H 36 22.71 47.56 23.24
C MET H 36 23.66 46.79 24.14
N GLY H 37 23.83 45.50 23.86
CA GLY H 37 24.73 44.66 24.63
C GLY H 37 25.77 43.99 23.76
N TYR H 38 27.05 44.15 24.11
CA TYR H 38 28.11 43.55 23.32
C TYR H 38 28.02 42.03 23.33
N TYR H 39 27.87 41.44 24.53
CA TYR H 39 27.82 39.99 24.67
C TYR H 39 26.39 39.45 24.60
N ASP H 40 25.49 40.18 23.94
CA ASP H 40 24.13 39.70 23.76
C ASP H 40 24.02 39.01 22.40
N ILE H 41 23.43 37.82 22.39
CA ILE H 41 23.44 37.00 21.18
C ILE H 41 22.36 37.45 20.19
N ASP H 42 21.19 37.86 20.70
CA ASP H 42 20.13 38.33 19.82
C ASP H 42 20.56 39.58 19.07
N ASP H 43 21.24 40.51 19.75
CA ASP H 43 21.67 41.74 19.11
C ASP H 43 22.70 41.46 18.02
N VAL H 44 23.68 40.60 18.31
CA VAL H 44 24.71 40.32 17.30
C VAL H 44 24.12 39.55 16.13
N LEU H 45 23.09 38.71 16.37
CA LEU H 45 22.39 38.10 15.26
C LEU H 45 21.65 39.15 14.42
N ALA H 46 20.97 40.09 15.07
CA ALA H 46 20.19 41.09 14.36
C ALA H 46 21.05 42.09 13.61
N ASP H 47 22.30 42.28 14.02
CA ASP H 47 23.18 43.21 13.31
C ASP H 47 23.56 42.72 11.93
N GLY H 48 23.33 41.45 11.61
CA GLY H 48 23.73 40.87 10.35
C GLY H 48 22.73 40.98 9.23
N THR H 49 21.61 41.67 9.42
CA THR H 49 20.64 41.81 8.35
C THR H 49 21.17 42.72 7.25
N GLU H 50 20.63 42.54 6.04
CA GLU H 50 21.11 43.21 4.84
C GLU H 50 20.16 44.32 4.45
N PHE H 51 20.72 45.49 4.15
CA PHE H 51 19.95 46.67 3.76
C PHE H 51 20.44 47.19 2.41
N PRO H 52 19.54 47.69 1.56
CA PRO H 52 19.98 48.29 0.29
C PRO H 52 20.79 49.55 0.52
N CYS H 53 21.74 49.78 -0.37
CA CYS H 53 22.63 50.92 -0.26
C CYS H 53 23.00 51.42 -1.65
N LYS H 54 23.55 52.63 -1.70
CA LYS H 54 24.00 53.27 -2.92
C LYS H 54 25.38 53.87 -2.69
N PHE H 55 26.29 53.66 -3.64
CA PHE H 55 27.60 54.31 -3.62
C PHE H 55 27.44 55.72 -4.17
N GLN H 56 27.12 56.65 -3.27
CA GLN H 56 27.00 58.06 -3.60
C GLN H 56 28.33 58.67 -4.05
N TYR H 57 29.45 58.06 -3.67
CA TYR H 57 30.76 58.59 -3.98
C TYR H 57 31.60 57.47 -4.59
N ASP H 58 32.26 57.75 -5.71
CA ASP H 58 33.01 56.73 -6.42
C ASP H 58 34.36 56.47 -5.75
N ILE H 59 34.70 55.18 -5.66
CA ILE H 59 35.98 54.76 -5.08
C ILE H 59 36.64 53.75 -6.01
N PRO H 60 37.76 54.09 -6.65
CA PRO H 60 38.44 53.12 -7.51
C PRO H 60 39.01 51.96 -6.70
N GLY H 61 39.03 50.79 -7.33
CA GLY H 61 39.65 49.61 -6.75
C GLY H 61 38.80 48.84 -5.76
N LEU H 62 37.59 49.31 -5.47
CA LEU H 62 36.72 48.62 -4.52
C LEU H 62 36.01 47.46 -5.21
N GLY H 63 35.09 46.81 -4.49
CA GLY H 63 34.40 45.67 -5.01
C GLY H 63 35.23 44.41 -5.10
N TYR H 64 36.47 44.44 -4.63
CA TYR H 64 37.36 43.29 -4.72
C TYR H 64 36.86 42.10 -3.91
N LEU H 65 35.93 42.30 -3.00
CA LEU H 65 35.32 41.22 -2.24
C LEU H 65 33.99 40.76 -2.82
N GLU H 66 33.58 41.32 -3.96
CA GLU H 66 32.31 40.98 -4.60
C GLU H 66 32.46 40.59 -6.06
N ASN H 67 33.37 41.21 -6.79
CA ASN H 67 33.58 40.92 -8.20
C ASN H 67 35.08 40.93 -8.47
N ASN H 68 35.46 41.04 -9.74
CA ASN H 68 36.86 41.05 -10.11
C ASN H 68 37.59 42.18 -9.38
N PRO H 69 38.67 41.89 -8.67
CA PRO H 69 39.33 42.95 -7.87
C PRO H 69 39.86 44.09 -8.71
N GLY H 70 40.31 43.83 -9.94
CA GLY H 70 40.85 44.88 -10.78
C GLY H 70 39.82 45.81 -11.37
N ARG H 71 38.54 45.52 -11.21
CA ARG H 71 37.49 46.36 -11.76
C ARG H 71 36.98 47.30 -10.68
N PRO H 72 37.21 48.61 -10.79
CA PRO H 72 36.64 49.53 -9.82
C PRO H 72 35.12 49.62 -9.95
N ILE H 73 34.50 50.01 -8.85
CA ILE H 73 33.04 50.14 -8.77
C ILE H 73 32.68 51.59 -9.09
N THR H 74 31.80 51.78 -10.07
CA THR H 74 31.48 53.12 -10.52
C THR H 74 30.47 53.79 -9.59
N LYS H 75 30.10 55.02 -9.92
CA LYS H 75 29.16 55.78 -9.11
C LYS H 75 27.76 55.18 -9.20
N ASN H 76 26.94 55.47 -8.19
CA ASN H 76 25.54 55.05 -8.08
C ASN H 76 25.36 53.59 -8.49
N THR H 77 26.06 52.72 -7.77
CA THR H 77 25.93 51.27 -7.91
C THR H 77 25.36 50.71 -6.60
N LYS H 78 24.32 49.88 -6.72
CA LYS H 78 23.57 49.41 -5.57
C LYS H 78 24.03 48.01 -5.18
N LEU H 79 24.12 47.77 -3.87
CA LEU H 79 24.44 46.47 -3.29
C LEU H 79 23.51 46.21 -2.11
N SER H 80 23.65 45.04 -1.50
CA SER H 80 22.92 44.67 -0.29
C SER H 80 23.96 44.52 0.81
N LEU H 81 24.27 45.61 1.49
CA LEU H 81 25.31 45.61 2.51
C LEU H 81 24.72 45.31 3.88
N PRO H 82 25.44 44.58 4.72
CA PRO H 82 24.95 44.29 6.07
C PRO H 82 24.96 45.55 6.93
N LEU H 83 24.16 45.49 8.01
CA LEU H 83 24.01 46.65 8.88
C LEU H 83 25.31 47.01 9.58
N TRP H 84 26.08 46.00 10.01
CA TRP H 84 27.23 46.25 10.87
C TRP H 84 28.28 47.12 10.19
N LEU H 85 28.29 47.21 8.87
CA LEU H 85 29.13 48.16 8.17
C LEU H 85 28.36 49.32 7.56
N ALA H 86 27.06 49.15 7.30
CA ALA H 86 26.27 50.23 6.75
C ALA H 86 26.04 51.35 7.75
N ARG H 87 25.95 51.02 9.04
CA ARG H 87 25.75 52.04 10.06
C ARG H 87 26.91 53.03 10.08
N ILE H 88 28.14 52.52 10.03
CA ILE H 88 29.31 53.37 10.20
C ILE H 88 29.81 53.91 8.86
N LEU H 89 29.77 53.12 7.79
CA LEU H 89 30.28 53.57 6.51
C LEU H 89 29.46 54.72 5.94
N ALA H 90 28.18 54.83 6.32
CA ALA H 90 27.34 55.93 5.88
C ALA H 90 27.44 57.15 6.79
N ILE H 91 28.20 57.07 7.89
CA ILE H 91 28.33 58.17 8.82
C ILE H 91 29.77 58.72 8.88
N VAL H 92 30.76 57.96 8.41
CA VAL H 92 32.14 58.44 8.49
C VAL H 92 32.35 59.63 7.56
N GLY H 93 31.75 59.60 6.38
CA GLY H 93 31.99 60.64 5.40
C GLY H 93 33.29 60.45 4.65
N GLY H 94 34.41 60.52 5.37
CA GLY H 94 35.71 60.30 4.76
C GLY H 94 36.32 61.47 4.02
N ASP H 95 35.59 62.01 3.05
CA ASP H 95 36.05 63.15 2.25
C ASP H 95 37.39 62.84 1.57
N GLU H 102 33.17 68.89 0.73
CA GLU H 102 32.12 67.92 0.46
C GLU H 102 32.35 66.62 1.25
N PRO H 103 32.00 66.63 2.54
CA PRO H 103 32.16 65.45 3.40
C PRO H 103 31.02 64.45 3.28
N VAL H 104 30.64 64.14 2.05
CA VAL H 104 29.55 63.18 1.78
C VAL H 104 30.02 61.78 2.16
N PRO H 105 29.13 60.92 2.65
CA PRO H 105 29.55 59.57 3.01
C PRO H 105 29.93 58.75 1.78
N PHE H 106 30.81 57.76 2.01
CA PHE H 106 31.21 56.87 0.93
C PHE H 106 30.02 56.10 0.36
N VAL H 107 29.02 55.82 1.19
CA VAL H 107 27.85 55.06 0.79
C VAL H 107 26.61 55.81 1.22
N GLU H 108 25.51 55.59 0.50
CA GLU H 108 24.20 56.15 0.83
C GLU H 108 23.21 55.01 1.00
N LEU H 109 22.42 55.06 2.07
CA LEU H 109 21.55 53.96 2.46
C LEU H 109 20.12 54.24 1.98
N LEU H 110 19.58 53.33 1.18
CA LEU H 110 18.25 53.47 0.62
C LEU H 110 17.18 53.03 1.61
N PRO H 111 15.95 53.52 1.47
CA PRO H 111 14.85 53.05 2.31
C PRO H 111 14.56 51.58 2.02
N PRO H 112 14.74 50.71 3.02
CA PRO H 112 14.50 49.28 2.80
C PRO H 112 13.04 48.98 2.55
N ASP H 113 12.81 47.90 1.79
CA ASP H 113 11.44 47.47 1.50
C ASP H 113 10.70 46.99 2.73
N MET H 114 11.42 46.61 3.79
CA MET H 114 10.77 46.14 5.01
C MET H 114 9.91 47.24 5.63
N PHE H 115 10.41 48.47 5.65
CA PHE H 115 9.66 49.63 6.14
C PHE H 115 9.08 50.33 4.92
N SER H 116 7.89 49.88 4.51
CA SER H 116 7.24 50.41 3.32
C SER H 116 5.79 50.76 3.64
N THR H 117 5.18 51.52 2.74
CA THR H 117 3.80 51.96 2.93
C THR H 117 2.85 50.77 3.01
N LYS H 118 3.13 49.71 2.24
CA LYS H 118 2.28 48.53 2.25
C LYS H 118 2.25 47.90 3.64
N VAL H 119 3.41 47.73 4.26
CA VAL H 119 3.49 47.10 5.57
C VAL H 119 2.83 47.99 6.62
N MET H 120 3.01 49.30 6.52
CA MET H 120 2.37 50.21 7.48
C MET H 120 0.85 50.15 7.35
N ASN H 121 0.33 50.12 6.12
CA ASN H 121 -1.11 49.99 5.94
C ASN H 121 -1.62 48.68 6.51
N ALA H 122 -0.91 47.58 6.25
CA ALA H 122 -1.35 46.28 6.75
C ALA H 122 -1.33 46.25 8.27
N ILE H 123 -0.30 46.81 8.90
CA ILE H 123 -0.19 46.77 10.35
C ILE H 123 -1.21 47.70 10.99
N LYS H 124 -1.56 48.80 10.33
CA LYS H 124 -2.58 49.69 10.88
C LYS H 124 -3.97 49.12 10.74
N THR H 125 -4.23 48.35 9.67
CA THR H 125 -5.56 47.81 9.45
C THR H 125 -5.92 46.78 10.51
N ASP H 126 -5.14 45.70 10.61
CA ASP H 126 -5.38 44.65 11.59
C ASP H 126 -4.05 44.09 12.07
N PRO H 127 -3.59 44.50 13.26
CA PRO H 127 -2.30 44.01 13.75
C PRO H 127 -2.37 42.66 14.44
N VAL H 128 -3.54 42.28 14.96
CA VAL H 128 -3.63 41.05 15.75
C VAL H 128 -3.45 39.81 14.87
N ALA H 129 -3.95 39.84 13.64
CA ALA H 129 -3.90 38.68 12.76
C ALA H 129 -2.73 38.71 11.79
N LEU H 130 -1.84 39.70 11.90
CA LEU H 130 -0.69 39.80 11.01
C LEU H 130 0.48 39.01 11.58
N ASP H 131 1.16 38.27 10.71
CA ASP H 131 2.31 37.46 11.09
C ASP H 131 3.60 38.18 10.71
N LEU H 132 4.25 38.79 11.70
CA LEU H 132 5.51 39.48 11.46
C LEU H 132 6.66 38.52 11.23
N HIS H 133 6.49 37.24 11.58
CA HIS H 133 7.57 36.28 11.43
C HIS H 133 7.96 36.09 9.97
N SER H 134 7.02 36.32 9.05
CA SER H 134 7.33 36.21 7.63
C SER H 134 8.14 37.40 7.15
N ILE H 135 7.85 38.60 7.66
CA ILE H 135 8.61 39.78 7.25
C ILE H 135 10.04 39.71 7.77
N ASN H 136 10.21 39.38 9.04
CA ASN H 136 11.53 39.26 9.63
C ASN H 136 11.42 38.51 10.95
N SER H 137 12.57 38.05 11.45
CA SER H 137 12.66 37.45 12.77
C SER H 137 13.26 38.39 13.81
N HIS H 138 13.87 39.49 13.37
CA HIS H 138 14.40 40.51 14.27
C HIS H 138 13.73 41.86 13.99
N PHE H 139 12.41 41.84 13.83
CA PHE H 139 11.70 43.04 13.39
C PHE H 139 11.81 44.16 14.42
N PHE H 140 11.61 43.85 15.71
CA PHE H 140 11.53 44.89 16.71
C PHE H 140 12.88 45.52 16.99
N SER H 141 13.93 44.71 17.14
CA SER H 141 15.26 45.26 17.35
C SER H 141 15.72 46.07 16.14
N LEU H 142 15.44 45.57 14.94
CA LEU H 142 15.79 46.31 13.73
C LEU H 142 15.05 47.64 13.66
N ALA H 143 13.76 47.63 14.04
CA ALA H 143 12.99 48.87 14.06
C ALA H 143 13.54 49.85 15.06
N ILE H 144 13.96 49.37 16.24
CA ILE H 144 14.55 50.24 17.25
C ILE H 144 15.85 50.85 16.71
N LYS H 145 16.70 50.04 16.09
CA LYS H 145 17.93 50.56 15.52
C LYS H 145 17.63 51.60 14.44
N TRP H 146 16.65 51.33 13.58
CA TRP H 146 16.33 52.23 12.49
C TRP H 146 15.78 53.56 13.02
N ILE H 147 14.91 53.50 14.04
CA ILE H 147 14.33 54.73 14.57
C ILE H 147 15.35 55.49 15.40
N MET H 148 16.35 54.80 15.96
CA MET H 148 17.45 55.52 16.60
C MET H 148 18.31 56.23 15.56
N LEU H 149 18.57 55.57 14.43
CA LEU H 149 19.37 56.22 13.39
C LEU H 149 18.61 57.38 12.75
N PHE H 150 17.34 57.18 12.43
CA PHE H 150 16.51 58.21 11.81
C PHE H 150 15.36 58.56 12.74
N SER H 151 15.26 59.83 13.10
CA SER H 151 14.18 60.30 13.97
C SER H 151 12.91 60.43 13.13
N GLU H 152 11.92 59.58 13.40
CA GLU H 152 10.66 59.57 12.67
C GLU H 152 9.53 59.41 13.68
N LYS H 153 8.82 60.49 13.95
CA LYS H 153 7.78 60.46 14.98
C LYS H 153 6.53 59.70 14.53
N GLU H 154 6.52 59.01 13.39
CA GLU H 154 5.35 58.28 12.94
C GLU H 154 5.48 56.77 13.09
N LEU H 155 6.68 56.25 13.33
CA LEU H 155 6.83 54.81 13.53
C LEU H 155 6.67 54.40 14.98
N ALA H 156 7.06 55.28 15.92
CA ALA H 156 7.04 54.91 17.33
C ALA H 156 5.63 54.63 17.83
N ASN H 157 4.65 55.42 17.41
CA ASN H 157 3.28 55.23 17.87
C ASN H 157 2.61 54.02 17.23
N VAL H 158 2.83 53.78 15.93
CA VAL H 158 2.26 52.59 15.31
C VAL H 158 2.88 51.32 15.88
N VAL H 159 4.20 51.31 16.08
CA VAL H 159 4.83 50.12 16.65
C VAL H 159 4.39 49.94 18.10
N SER H 160 4.26 51.04 18.85
CA SER H 160 3.79 50.93 20.22
C SER H 160 2.40 50.32 20.28
N GLU H 161 1.48 50.79 19.43
CA GLU H 161 0.14 50.23 19.44
C GLU H 161 0.17 48.77 18.99
N LEU H 162 1.07 48.44 18.07
CA LEU H 162 1.27 47.04 17.68
C LEU H 162 1.53 46.16 18.88
N LEU H 163 2.63 46.42 19.60
CA LEU H 163 2.97 45.45 20.66
C LEU H 163 2.01 45.58 21.84
N LEU H 164 1.43 46.76 22.05
CA LEU H 164 0.43 46.90 23.10
C LEU H 164 -0.79 46.05 22.81
N GLN H 165 -1.22 46.00 21.55
CA GLN H 165 -2.38 45.18 21.19
C GLN H 165 -2.04 43.69 21.24
N ARG H 166 -0.83 43.32 20.82
CA ARG H 166 -0.47 41.90 20.84
C ARG H 166 -0.20 41.39 22.24
N ALA H 167 0.15 42.27 23.18
CA ALA H 167 0.43 41.85 24.55
C ALA H 167 -0.80 41.24 25.21
N GLN H 168 -1.98 41.78 24.91
CA GLN H 168 -3.20 41.24 25.52
C GLN H 168 -3.44 39.80 25.10
N GLU H 169 -3.27 39.49 23.82
CA GLU H 169 -3.43 38.09 23.40
C GLU H 169 -2.29 37.22 23.91
N LEU H 170 -1.08 37.78 24.04
CA LEU H 170 0.00 37.02 24.68
C LEU H 170 -0.39 36.60 26.08
N ASN H 171 -0.94 37.54 26.85
CA ASN H 171 -1.41 37.24 28.20
C ASN H 171 -2.55 36.23 28.17
N HIS H 172 -3.48 36.38 27.22
CA HIS H 172 -4.61 35.47 27.14
C HIS H 172 -4.15 34.04 26.90
N HIS H 173 -3.20 33.85 25.98
CA HIS H 173 -2.69 32.50 25.72
C HIS H 173 -1.85 31.98 26.87
N ALA H 174 -1.09 32.87 27.52
CA ALA H 174 -0.27 32.43 28.65
C ALA H 174 -1.12 32.01 29.84
N SER H 175 -2.29 32.63 30.03
CA SER H 175 -3.15 32.29 31.15
C SER H 175 -3.96 31.03 30.93
N SER H 176 -3.97 30.50 29.71
CA SER H 176 -4.77 29.30 29.39
C SER H 176 -3.90 28.07 29.61
N LEU H 177 -4.07 27.43 30.76
CA LEU H 177 -3.32 26.24 31.12
C LEU H 177 -4.20 25.01 30.97
N SER H 178 -3.67 23.96 30.36
CA SER H 178 -4.42 22.74 30.14
C SER H 178 -4.71 22.04 31.46
N ILE H 179 -5.69 21.14 31.43
CA ILE H 179 -6.10 20.43 32.63
C ILE H 179 -6.23 18.95 32.36
N ASN H 192 -4.33 18.44 22.28
CA ASN H 192 -4.80 18.92 23.58
C ASN H 192 -5.49 20.26 23.38
N THR H 193 -5.25 20.88 22.23
CA THR H 193 -5.81 22.19 21.95
C THR H 193 -6.03 22.32 20.44
N ASN H 194 -6.80 23.34 20.07
CA ASN H 194 -7.21 23.53 18.69
C ASN H 194 -6.10 24.18 17.87
N ILE H 195 -6.44 24.59 16.64
CA ILE H 195 -5.46 25.14 15.72
C ILE H 195 -5.15 26.61 15.98
N ALA H 196 -6.06 27.34 16.62
CA ALA H 196 -5.92 28.79 16.74
C ALA H 196 -4.69 29.17 17.56
N THR H 197 -4.51 28.52 18.72
CA THR H 197 -3.41 28.92 19.60
C THR H 197 -2.05 28.64 18.96
N SER H 198 -1.88 27.47 18.35
CA SER H 198 -0.61 27.17 17.70
C SER H 198 -0.40 28.04 16.47
N THR H 199 -1.47 28.33 15.74
CA THR H 199 -1.36 29.23 14.60
C THR H 199 -0.88 30.61 15.03
N PHE H 200 -1.41 31.12 16.15
CA PHE H 200 -0.92 32.39 16.67
C PHE H 200 0.54 32.27 17.12
N LEU H 201 0.88 31.18 17.81
CA LEU H 201 2.22 31.02 18.34
C LEU H 201 3.27 30.92 17.24
N LEU H 202 2.90 30.40 16.07
CA LEU H 202 3.84 30.35 14.96
C LEU H 202 3.89 31.66 14.18
N LYS H 203 3.06 32.64 14.53
CA LYS H 203 3.13 33.98 13.96
C LYS H 203 3.98 34.93 14.79
N LEU H 204 4.43 34.50 15.96
CA LEU H 204 5.09 35.40 16.89
C LEU H 204 6.48 35.79 16.39
N GLU H 205 6.95 36.93 16.87
CA GLU H 205 8.30 37.39 16.61
C GLU H 205 9.28 36.63 17.52
N GLU H 206 10.55 36.64 17.12
CA GLU H 206 11.58 35.95 17.91
C GLU H 206 11.71 36.58 19.30
N MET H 207 11.54 37.90 19.40
CA MET H 207 11.70 38.55 20.68
C MET H 207 10.49 38.35 21.59
N GLU H 208 9.34 37.95 21.04
CA GLU H 208 8.16 37.68 21.86
C GLU H 208 8.19 36.30 22.50
N LYS H 209 9.05 35.42 22.02
CA LYS H 209 9.09 34.05 22.53
C LYS H 209 9.52 34.02 23.99
N GLU H 210 10.48 34.87 24.37
CA GLU H 210 10.92 34.85 25.77
C GLU H 210 9.84 35.38 26.70
N ILE H 211 9.08 36.40 26.29
CA ILE H 211 7.96 36.87 27.10
C ILE H 211 6.93 35.76 27.25
N TYR H 212 6.58 35.10 26.14
CA TYR H 212 5.58 34.03 26.21
C TYR H 212 6.05 32.92 27.12
N LYS H 213 7.32 32.51 26.99
CA LYS H 213 7.84 31.42 27.80
C LYS H 213 7.89 31.80 29.28
N LYS H 214 8.34 33.02 29.59
CA LYS H 214 8.44 33.45 30.98
C LYS H 214 7.06 33.51 31.62
N SER H 215 6.06 34.06 30.91
CA SER H 215 4.71 34.09 31.44
C SER H 215 4.17 32.69 31.65
N HIS H 216 4.40 31.79 30.69
CA HIS H 216 3.91 30.43 30.82
C HIS H 216 4.53 29.72 32.02
N GLU H 217 5.84 29.89 32.21
CA GLU H 217 6.50 29.27 33.36
C GLU H 217 5.99 29.85 34.67
N SER H 218 5.78 31.17 34.72
CA SER H 218 5.28 31.78 35.95
C SER H 218 3.91 31.24 36.32
N TYR H 219 3.00 31.18 35.33
CA TYR H 219 1.67 30.66 35.61
C TYR H 219 1.72 29.19 35.98
N LYS H 220 2.56 28.40 35.30
CA LYS H 220 2.68 26.99 35.63
C LYS H 220 3.19 26.79 37.05
N ASP H 221 4.19 27.58 37.46
CA ASP H 221 4.70 27.48 38.83
C ASP H 221 3.63 27.84 39.84
N THR H 222 2.85 28.90 39.56
CA THR H 222 1.79 29.28 40.47
C THR H 222 0.76 28.18 40.63
N LYS H 223 0.33 27.57 39.52
CA LYS H 223 -0.63 26.47 39.61
C LYS H 223 -0.04 25.26 40.31
N ARG H 224 1.24 24.95 40.05
CA ARG H 224 1.87 23.81 40.70
C ARG H 224 1.92 24.00 42.21
N TRP H 225 2.28 25.20 42.66
CA TRP H 225 2.30 25.45 44.10
C TRP H 225 0.89 25.42 44.68
N MET H 226 -0.09 25.98 43.97
CA MET H 226 -1.42 26.10 44.51
C MET H 226 -2.08 24.75 44.74
N PHE H 227 -1.94 23.83 43.78
CA PHE H 227 -2.65 22.55 43.82
C PHE H 227 -1.67 21.45 44.23
N LYS H 228 -1.66 21.13 45.52
CA LYS H 228 -0.85 20.03 46.03
C LYS H 228 -1.65 19.21 47.05
N THR I 50 23.97 51.24 61.12
CA THR I 50 23.52 50.93 62.47
C THR I 50 24.58 51.30 63.50
N GLN I 51 24.13 51.67 64.70
CA GLN I 51 25.04 52.06 65.77
C GLN I 51 24.75 51.28 67.04
N ILE I 52 23.50 50.87 67.23
CA ILE I 52 23.08 50.11 68.39
C ILE I 52 21.86 49.29 68.01
N TYR I 53 21.57 48.26 68.80
CA TYR I 53 20.46 47.36 68.53
C TYR I 53 19.32 47.66 69.50
N VAL I 54 18.10 47.75 68.97
CA VAL I 54 16.93 47.75 69.83
C VAL I 54 16.59 46.34 70.28
N SER I 55 16.70 45.38 69.36
CA SER I 55 16.46 43.97 69.62
C SER I 55 17.01 43.17 68.45
N PRO I 56 17.43 41.92 68.65
CA PRO I 56 17.87 41.10 67.51
C PRO I 56 16.80 40.90 66.46
N GLN I 57 15.52 40.94 66.84
CA GLN I 57 14.46 40.84 65.85
C GLN I 57 14.45 42.04 64.91
N GLN I 58 14.83 43.22 65.41
CA GLN I 58 14.99 44.37 64.52
C GLN I 58 16.10 44.12 63.50
N ASP I 59 17.20 43.50 63.94
CA ASP I 59 18.25 43.13 63.01
C ASP I 59 17.76 42.14 61.97
N PHE I 60 16.94 41.17 62.39
CA PHE I 60 16.38 40.21 61.46
C PHE I 60 15.50 40.91 60.42
N SER I 61 14.66 41.83 60.87
CA SER I 61 13.79 42.57 59.95
C SER I 61 14.61 43.41 58.97
N ASP I 62 15.66 44.06 59.47
CA ASP I 62 16.53 44.84 58.58
C ASP I 62 17.20 43.96 57.55
N LEU I 63 17.68 42.78 57.98
CA LEU I 63 18.31 41.85 57.04
C LEU I 63 17.32 41.41 55.96
N MET I 64 16.09 41.07 56.37
CA MET I 64 15.10 40.63 55.40
C MET I 64 14.77 41.74 54.41
N LYS I 65 14.61 42.97 54.90
CA LYS I 65 14.32 44.09 54.01
C LYS I 65 15.48 44.34 53.05
N SER I 66 16.71 44.25 53.54
CA SER I 66 17.87 44.43 52.66
C SER I 66 17.92 43.35 51.60
N TRP I 67 17.63 42.10 51.97
CA TRP I 67 17.62 41.02 50.99
C TRP I 67 16.57 41.27 49.92
N LYS I 68 15.36 41.65 50.34
CA LYS I 68 14.29 41.91 49.37
C LYS I 68 14.64 43.06 48.45
N ASN I 69 15.25 44.12 48.99
CA ASN I 69 15.66 45.24 48.14
C ASN I 69 16.75 44.82 47.16
N GLU I 70 17.69 43.99 47.61
CA GLU I 70 18.80 43.59 46.75
C GLU I 70 18.34 42.66 45.64
N ARG I 71 17.37 41.79 45.91
CA ARG I 71 17.01 40.75 44.94
C ARG I 71 16.45 41.34 43.65
N CYS I 72 15.64 42.39 43.76
CA CYS I 72 14.96 42.96 42.60
C CYS I 72 15.60 44.22 42.07
N SER I 73 16.54 44.83 42.80
CA SER I 73 17.17 46.05 42.33
C SER I 73 18.03 45.76 41.10
N PRO I 74 18.02 46.63 40.10
CA PRO I 74 18.88 46.44 38.92
C PRO I 74 20.29 46.97 39.08
N GLU I 75 20.70 47.35 40.28
CA GLU I 75 22.02 47.94 40.51
C GLU I 75 22.57 47.43 41.84
N LEU I 76 23.89 47.27 41.88
CA LEU I 76 24.55 46.78 43.08
C LEU I 76 24.50 47.84 44.18
N LEU I 77 24.07 47.44 45.36
CA LEU I 77 23.89 48.34 46.51
C LEU I 77 24.99 48.15 47.53
N PRO I 78 25.20 49.14 48.42
CA PRO I 78 26.27 49.02 49.42
C PRO I 78 26.07 47.87 50.42
N TYR I 79 27.03 47.71 51.33
CA TYR I 79 27.14 46.53 52.17
C TYR I 79 26.91 46.88 53.64
N PRO I 80 25.89 46.31 54.29
CA PRO I 80 25.68 46.57 55.72
C PRO I 80 26.57 45.73 56.61
N HIS I 81 27.79 46.21 56.87
CA HIS I 81 28.80 45.40 57.56
C HIS I 81 28.36 45.07 58.98
N GLN I 82 27.86 46.05 59.72
CA GLN I 82 27.61 45.86 61.15
C GLN I 82 26.51 44.84 61.41
N LEU I 83 25.49 44.81 60.54
CA LEU I 83 24.39 43.87 60.72
C LEU I 83 24.88 42.43 60.71
N MET I 84 25.65 42.06 59.68
CA MET I 84 26.17 40.70 59.63
C MET I 84 27.28 40.47 60.64
N LYS I 85 27.99 41.53 61.03
CA LYS I 85 28.96 41.39 62.11
C LYS I 85 28.28 40.95 63.39
N ARG I 86 27.11 41.52 63.68
CA ARG I 86 26.33 41.06 64.82
C ARG I 86 25.76 39.66 64.60
N LEU I 87 25.23 39.41 63.40
CA LEU I 87 24.51 38.16 63.15
C LEU I 87 25.43 36.94 63.23
N LEU I 88 26.63 37.04 62.64
CA LEU I 88 27.55 35.91 62.67
C LEU I 88 27.97 35.57 64.10
N ASN I 89 28.23 36.59 64.90
CA ASN I 89 28.59 36.36 66.31
C ASN I 89 27.42 35.74 67.06
N ARG I 90 26.20 36.19 66.79
CA ARG I 90 25.02 35.57 67.40
C ARG I 90 24.93 34.09 67.04
N ILE I 91 25.16 33.77 65.76
CA ILE I 91 25.14 32.39 65.31
C ILE I 91 26.21 31.58 66.03
N SER I 92 27.38 32.18 66.21
CA SER I 92 28.47 31.50 66.91
C SER I 92 28.07 31.13 68.34
N MET I 93 27.53 32.09 69.10
CA MET I 93 27.11 31.76 70.46
C MET I 93 25.99 30.73 70.46
N GLN I 94 25.03 30.84 69.54
CA GLN I 94 23.91 29.90 69.54
C GLN I 94 24.39 28.48 69.28
N SER I 95 25.28 28.32 68.29
CA SER I 95 25.84 27.00 68.00
C SER I 95 26.64 26.48 69.18
N GLN I 96 27.44 27.33 69.81
CA GLN I 96 28.24 26.89 70.95
C GLN I 96 27.34 26.40 72.08
N LEU I 97 26.28 27.14 72.39
CA LEU I 97 25.43 26.74 73.50
C LEU I 97 24.65 25.47 73.20
N ILE I 98 24.16 25.32 71.97
CA ILE I 98 23.42 24.09 71.64
C ILE I 98 24.35 22.89 71.70
N GLU I 99 25.59 23.03 71.21
CA GLU I 99 26.53 21.92 71.31
C GLU I 99 26.86 21.60 72.77
N ASN I 100 27.04 22.63 73.60
CA ASN I 100 27.36 22.38 75.01
C ASN I 100 26.24 21.62 75.71
N ILE I 101 24.99 22.04 75.48
CA ILE I 101 23.89 21.36 76.16
C ILE I 101 23.72 19.94 75.62
N SER I 102 23.91 19.75 74.32
CA SER I 102 23.83 18.39 73.76
C SER I 102 24.90 17.49 74.36
N MET I 103 26.12 18.00 74.50
CA MET I 103 27.18 17.23 75.15
C MET I 103 26.82 16.90 76.59
N GLY I 104 26.24 17.87 77.30
CA GLY I 104 25.85 17.61 78.69
C GLY I 104 24.84 16.49 78.81
N PHE I 105 23.78 16.53 78.01
CA PHE I 105 22.78 15.46 78.09
C PHE I 105 23.36 14.13 77.62
N LEU I 106 24.20 14.14 76.59
CA LEU I 106 24.79 12.90 76.11
C LEU I 106 25.67 12.25 77.17
N ASP I 107 26.50 13.05 77.84
CA ASP I 107 27.35 12.52 78.90
C ASP I 107 26.52 12.03 80.08
N MET I 108 25.45 12.76 80.43
CA MET I 108 24.59 12.31 81.52
C MET I 108 23.94 10.98 81.19
N GLN I 109 23.52 10.80 79.92
CA GLN I 109 22.84 9.59 79.53
C GLN I 109 23.78 8.40 79.37
N ASN I 110 25.03 8.63 78.95
CA ASN I 110 25.95 7.54 78.69
C ASN I 110 26.95 7.29 79.80
N ALA I 111 26.94 8.10 80.87
CA ALA I 111 27.79 7.79 82.02
C ALA I 111 27.29 6.57 82.76
N SER I 112 25.97 6.42 82.87
CA SER I 112 25.34 5.26 83.49
C SER I 112 23.91 5.19 82.98
N ASN I 113 23.15 4.21 83.49
CA ASN I 113 21.76 4.10 83.10
C ASN I 113 20.97 5.33 83.53
N ALA I 114 21.05 5.69 84.82
CA ALA I 114 20.44 6.90 85.36
C ALA I 114 18.97 7.02 84.98
N ASN I 115 18.55 8.23 84.64
CA ASN I 115 17.20 8.51 84.18
C ASN I 115 17.25 9.10 82.77
N PRO I 116 16.56 8.52 81.80
CA PRO I 116 16.52 9.12 80.47
C PRO I 116 15.87 10.48 80.52
N PRO I 117 16.27 11.39 79.64
CA PRO I 117 15.72 12.76 79.67
C PRO I 117 14.21 12.75 79.49
N MET I 118 13.54 13.61 80.24
CA MET I 118 12.09 13.72 80.13
C MET I 118 11.73 14.31 78.77
N PRO I 119 10.83 13.66 78.02
CA PRO I 119 10.49 14.17 76.68
C PRO I 119 9.93 15.57 76.69
N ASN I 120 9.21 15.94 77.75
CA ASN I 120 8.62 17.27 77.81
C ASN I 120 9.70 18.34 78.02
N GLU I 121 9.46 19.51 77.42
CA GLU I 121 10.34 20.68 77.43
C GLU I 121 11.81 20.33 77.14
N SER I 122 12.05 19.23 76.43
CA SER I 122 13.42 18.86 76.07
C SER I 122 13.64 18.86 74.56
N LYS I 123 12.84 18.11 73.81
CA LYS I 123 13.07 18.02 72.36
C LYS I 123 12.63 19.28 71.64
N LEU I 124 11.46 19.81 72.00
CA LEU I 124 10.88 20.94 71.26
C LEU I 124 11.76 22.18 71.27
N PRO I 125 12.30 22.64 72.40
CA PRO I 125 13.17 23.83 72.34
C PRO I 125 14.37 23.66 71.44
N LEU I 126 15.10 22.54 71.58
CA LEU I 126 16.28 22.31 70.75
C LEU I 126 15.90 22.25 69.27
N LEU I 127 14.78 21.60 68.96
CA LEU I 127 14.29 21.58 67.59
C LEU I 127 14.05 23.00 67.08
N CYS I 128 13.42 23.84 67.90
CA CYS I 128 13.12 25.21 67.49
C CYS I 128 14.40 25.99 67.23
N MET I 129 15.37 25.90 68.14
CA MET I 129 16.63 26.63 67.93
C MET I 129 17.33 26.19 66.66
N GLU I 130 17.43 24.87 66.44
CA GLU I 130 18.18 24.39 65.28
C GLU I 130 17.46 24.75 63.98
N THR I 131 16.13 24.66 63.95
CA THR I 131 15.42 25.02 62.72
C THR I 131 15.49 26.51 62.44
N GLU I 132 15.45 27.35 63.49
CA GLU I 132 15.59 28.79 63.30
C GLU I 132 16.98 29.11 62.76
N LEU I 133 18.01 28.46 63.30
CA LEU I 133 19.36 28.68 62.80
C LEU I 133 19.47 28.25 61.35
N GLU I 134 18.84 27.14 60.98
CA GLU I 134 18.86 26.69 59.60
C GLU I 134 18.21 27.71 58.67
N ARG I 135 17.05 28.25 59.07
CA ARG I 135 16.37 29.24 58.24
C ARG I 135 17.21 30.51 58.07
N LEU I 136 17.81 30.99 59.17
CA LEU I 136 18.65 32.17 59.09
C LEU I 136 19.86 31.94 58.19
N LYS I 137 20.47 30.76 58.31
CA LYS I 137 21.59 30.42 57.43
C LYS I 137 21.16 30.41 55.98
N PHE I 138 19.96 29.87 55.68
CA PHE I 138 19.46 29.87 54.32
C PHE I 138 19.29 31.29 53.79
N VAL I 139 18.73 32.19 54.60
CA VAL I 139 18.50 33.56 54.15
C VAL I 139 19.84 34.23 53.85
N ILE I 140 20.81 34.08 54.76
CA ILE I 140 22.13 34.67 54.56
C ILE I 140 22.77 34.12 53.29
N ARG I 141 22.66 32.80 53.09
CA ARG I 141 23.26 32.15 51.92
C ARG I 141 22.66 32.69 50.63
N SER I 142 21.34 32.83 50.59
CA SER I 142 20.69 33.36 49.39
C SER I 142 21.12 34.80 49.12
N TYR I 143 21.18 35.62 50.17
CA TYR I 143 21.60 37.01 49.97
C TYR I 143 23.03 37.08 49.42
N ILE I 144 23.93 36.29 50.02
CA ILE I 144 25.32 36.31 49.59
C ILE I 144 25.45 35.82 48.15
N ARG I 145 24.71 34.77 47.80
CA ARG I 145 24.79 34.26 46.42
C ARG I 145 24.25 35.27 45.42
N CYS I 146 23.17 35.98 45.77
CA CYS I 146 22.67 37.01 44.87
C CYS I 146 23.69 38.12 44.67
N ARG I 147 24.34 38.55 45.76
CA ARG I 147 25.38 39.58 45.62
C ARG I 147 26.54 39.07 44.78
N LEU I 148 26.91 37.81 44.94
CA LEU I 148 27.99 37.23 44.13
C LEU I 148 27.62 37.20 42.65
N SER I 149 26.37 36.84 42.35
CA SER I 149 25.94 36.84 40.95
C SER I 149 26.02 38.25 40.36
N LYS I 150 25.54 39.24 41.12
CA LYS I 150 25.58 40.61 40.61
C LYS I 150 27.02 41.10 40.43
N ILE I 151 27.91 40.77 41.36
CA ILE I 151 29.30 41.18 41.21
C ILE I 151 29.95 40.47 40.03
N ASP I 152 29.54 39.22 39.74
CA ASP I 152 30.04 38.54 38.55
C ASP I 152 29.58 39.24 37.29
N LYS I 153 28.33 39.73 37.27
CA LYS I 153 27.80 40.37 36.06
C LYS I 153 28.57 41.65 35.73
N PHE I 154 28.76 42.52 36.71
CA PHE I 154 29.25 43.88 36.49
C PHE I 154 30.73 44.03 36.84
N SER I 155 31.56 43.01 36.59
CA SER I 155 32.95 43.05 37.02
C SER I 155 33.72 44.18 36.35
N LEU I 156 33.65 44.26 35.01
CA LEU I 156 34.46 45.23 34.29
C LEU I 156 34.02 46.65 34.60
N TYR I 157 32.71 46.90 34.67
CA TYR I 157 32.23 48.24 34.96
C TYR I 157 32.66 48.69 36.36
N LEU I 158 32.56 47.79 37.35
CA LEU I 158 33.01 48.13 38.69
C LEU I 158 34.51 48.42 38.72
N ARG I 159 35.30 47.59 38.03
CA ARG I 159 36.74 47.81 38.02
C ARG I 159 37.09 49.13 37.37
N GLN I 160 36.40 49.48 36.28
CA GLN I 160 36.64 50.77 35.64
C GLN I 160 36.24 51.92 36.55
N LEU I 161 35.14 51.77 37.28
CA LEU I 161 34.71 52.81 38.20
C LEU I 161 35.68 53.00 39.36
N ASN I 162 36.31 51.90 39.81
CA ASN I 162 37.16 51.97 40.99
C ASN I 162 38.38 52.85 40.77
N GLU I 163 39.05 52.70 39.62
CA GLU I 163 40.27 53.44 39.37
C GLU I 163 40.03 54.92 39.12
N ASP I 164 38.78 55.35 38.98
CA ASP I 164 38.50 56.77 38.81
C ASP I 164 38.65 57.48 40.15
N GLU I 165 39.50 58.50 40.18
CA GLU I 165 39.74 59.25 41.41
C GLU I 165 38.59 60.19 41.75
N ASN I 166 37.88 60.69 40.74
CA ASN I 166 36.80 61.65 40.98
C ASN I 166 35.57 61.00 41.60
N SER I 167 35.39 59.69 41.43
CA SER I 167 34.21 59.02 41.96
C SER I 167 34.27 58.98 43.49
N LEU I 168 33.27 59.58 44.13
CA LEU I 168 33.21 59.56 45.59
C LEU I 168 32.92 58.16 46.13
N ILE I 169 32.35 57.27 45.33
CA ILE I 169 32.07 55.91 45.73
C ILE I 169 33.31 55.06 45.48
N SER I 170 33.74 54.32 46.50
CA SER I 170 34.90 53.45 46.42
C SER I 170 34.49 52.00 46.59
N LEU I 171 35.38 51.10 46.15
CA LEU I 171 35.07 49.68 46.18
C LEU I 171 35.02 49.15 47.62
N THR I 172 35.71 49.81 48.55
CA THR I 172 35.76 49.33 49.92
C THR I 172 34.38 49.36 50.58
N ASP I 173 33.61 50.41 50.32
CA ASP I 173 32.30 50.55 50.97
C ASP I 173 31.29 49.56 50.43
N LEU I 174 31.27 49.35 49.11
CA LEU I 174 30.23 48.54 48.49
C LEU I 174 30.46 47.05 48.67
N LEU I 175 31.66 46.61 49.01
CA LEU I 175 32.00 45.19 49.01
C LEU I 175 32.66 44.78 50.32
N SER I 176 32.48 43.51 50.67
CA SER I 176 33.29 42.89 51.69
C SER I 176 34.64 42.47 51.11
N LYS I 177 35.61 42.25 51.99
CA LYS I 177 36.98 41.98 51.55
C LYS I 177 37.05 40.72 50.70
N ASP I 178 36.36 39.66 51.11
CA ASP I 178 36.35 38.43 50.33
C ASP I 178 35.74 38.66 48.95
N GLU I 179 34.75 39.56 48.85
CA GLU I 179 34.20 39.88 47.53
C GLU I 179 35.21 40.63 46.67
N ILE I 180 36.02 41.48 47.28
CA ILE I 180 37.08 42.16 46.53
C ILE I 180 38.08 41.14 45.99
N LYS I 181 38.49 40.19 46.84
CA LYS I 181 39.41 39.16 46.38
C LYS I 181 38.79 38.31 45.29
N TYR I 182 37.49 37.99 45.43
CA TYR I 182 36.78 37.24 44.41
C TYR I 182 36.79 37.97 43.07
N HIS I 183 36.44 39.26 43.09
CA HIS I 183 36.43 40.03 41.85
C HIS I 183 37.80 40.09 41.22
N ASP I 184 38.84 40.34 42.03
CA ASP I 184 40.19 40.45 41.50
C ASP I 184 40.63 39.15 40.84
N THR I 185 40.51 38.02 41.56
CA THR I 185 40.94 36.75 41.02
C THR I 185 40.14 36.35 39.79
N HIS I 186 38.82 36.54 39.83
CA HIS I 186 37.98 36.16 38.70
C HIS I 186 38.32 36.98 37.47
N SER I 187 38.50 38.30 37.64
CA SER I 187 38.86 39.13 36.49
C SER I 187 40.21 38.72 35.93
N LEU I 188 41.19 38.47 36.80
CA LEU I 188 42.52 38.09 36.31
C LEU I 188 42.47 36.78 35.54
N ILE I 189 41.78 35.78 36.07
CA ILE I 189 41.78 34.48 35.41
C ILE I 189 40.98 34.53 34.11
N TRP I 190 39.85 35.25 34.10
CA TRP I 190 39.08 35.36 32.87
C TRP I 190 39.86 36.11 31.79
N LEU I 191 40.58 37.16 32.19
CA LEU I 191 41.42 37.87 31.22
C LEU I 191 42.51 36.97 30.67
N LYS I 192 43.16 36.18 31.54
CA LYS I 192 44.20 35.28 31.06
C LYS I 192 43.62 34.23 30.12
N LEU I 193 42.45 33.69 30.44
CA LEU I 193 41.82 32.69 29.58
C LEU I 193 41.50 33.29 28.20
N VAL I 194 40.86 34.46 28.18
CA VAL I 194 40.47 35.04 26.89
C VAL I 194 41.69 35.49 26.10
N ASN I 195 42.77 35.88 26.80
CA ASN I 195 44.00 36.25 26.09
C ASN I 195 44.69 35.04 25.49
N ASP I 196 44.71 33.92 26.22
CA ASP I 196 45.33 32.70 25.69
C ASP I 196 44.48 32.07 24.59
N SER I 197 43.17 32.30 24.61
CA SER I 197 42.30 31.65 23.64
C SER I 197 42.27 32.39 22.31
N ILE I 198 41.94 33.69 22.34
CA ILE I 198 41.60 34.44 21.14
C ILE I 198 42.53 35.64 20.95
N LEU I 199 42.71 36.44 21.99
CA LEU I 199 43.36 37.74 21.84
C LEU I 199 44.82 37.65 21.40
N LYS I 200 45.47 36.50 21.60
CA LYS I 200 46.86 36.39 21.17
C LYS I 200 46.98 36.45 19.65
N TYR I 201 45.95 36.00 18.93
CA TYR I 201 45.91 36.12 17.48
C TYR I 201 45.22 37.39 17.02
N MET I 202 44.73 38.21 17.94
CA MET I 202 44.00 39.43 17.63
C MET I 202 44.99 40.57 17.37
N PRO I 203 44.69 41.47 16.44
CA PRO I 203 45.59 42.62 16.20
C PRO I 203 45.73 43.48 17.44
N GLU I 204 46.93 44.07 17.58
CA GLU I 204 47.25 44.84 18.79
C GLU I 204 46.37 46.08 18.92
N GLU I 205 46.01 46.70 17.79
CA GLU I 205 45.25 47.95 17.82
C GLU I 205 43.92 47.79 18.56
N LEU I 206 43.36 46.59 18.61
CA LEU I 206 42.12 46.36 19.31
C LEU I 206 42.19 45.15 20.24
N GLN I 207 43.40 44.81 20.70
CA GLN I 207 43.55 43.71 21.65
C GLN I 207 42.95 44.04 23.01
N ALA I 208 42.77 45.32 23.34
CA ALA I 208 42.25 45.69 24.65
C ALA I 208 40.78 45.34 24.74
N ILE I 209 40.40 44.65 25.82
CA ILE I 209 39.00 44.29 26.06
C ILE I 209 38.22 45.39 26.76
N ASN I 210 38.91 46.42 27.28
CA ASN I 210 38.26 47.55 27.93
C ASN I 210 38.10 48.73 26.96
N ASP I 211 37.91 48.44 25.68
CA ASP I 211 37.73 49.48 24.69
C ASP I 211 36.33 50.07 24.78
N THR I 212 36.25 51.40 24.74
CA THR I 212 34.98 52.11 24.78
C THR I 212 34.81 53.02 23.56
N GLU I 213 35.56 52.75 22.49
CA GLU I 213 35.53 53.55 21.27
C GLU I 213 35.13 52.68 20.10
N GLY I 214 34.82 53.32 18.98
CA GLY I 214 34.45 52.61 17.78
C GLY I 214 32.95 52.50 17.64
N SER I 215 32.46 51.30 17.36
CA SER I 215 31.04 51.07 17.12
C SER I 215 30.29 50.73 18.41
N VAL I 216 30.69 49.66 19.08
CA VAL I 216 29.98 49.15 20.25
C VAL I 216 30.94 49.10 21.44
N ASN I 217 30.46 49.54 22.60
CA ASN I 217 31.23 49.50 23.82
C ASN I 217 31.03 48.18 24.55
N MET I 218 32.08 47.73 25.24
CA MET I 218 32.05 46.47 25.98
C MET I 218 31.68 46.66 27.44
N ILE I 219 31.44 47.88 27.90
CA ILE I 219 31.12 48.15 29.30
C ILE I 219 29.62 47.98 29.49
N ASP I 220 29.24 47.19 30.49
CA ASP I 220 27.83 46.87 30.76
C ASP I 220 27.38 47.70 31.96
N GLU I 221 26.80 48.87 31.68
CA GLU I 221 26.23 49.69 32.74
C GLU I 221 24.91 49.09 33.22
N PRO I 222 24.59 49.23 34.50
CA PRO I 222 23.28 48.80 34.98
C PRO I 222 22.17 49.65 34.38
N ASP I 223 21.01 49.03 34.20
CA ASP I 223 19.85 49.69 33.63
C ASP I 223 19.10 50.40 34.75
N TRP I 224 19.25 51.72 34.82
CA TRP I 224 18.60 52.50 35.87
C TRP I 224 17.12 52.77 35.59
N ASN I 225 16.66 52.53 34.36
CA ASN I 225 15.29 52.85 33.96
C ASN I 225 14.37 51.65 34.02
N LYS I 226 14.82 50.53 34.57
CA LYS I 226 13.97 49.35 34.66
C LYS I 226 12.78 49.61 35.58
N PHE I 227 11.62 49.08 35.19
CA PHE I 227 10.42 49.27 35.98
C PHE I 227 10.40 48.29 37.14
N VAL I 228 10.08 48.80 38.33
CA VAL I 228 10.04 47.98 39.54
C VAL I 228 8.74 48.25 40.28
N PHE I 229 8.31 47.26 41.06
CA PHE I 229 7.11 47.37 41.86
C PHE I 229 7.48 47.85 43.26
N ILE I 230 6.80 48.91 43.72
CA ILE I 230 7.15 49.55 44.98
C ILE I 230 5.94 49.58 45.89
N HIS I 231 6.19 49.64 47.19
CA HIS I 231 5.17 49.85 48.20
C HIS I 231 5.61 51.04 49.05
N VAL I 232 4.80 52.09 49.07
CA VAL I 232 5.17 53.32 49.76
C VAL I 232 5.08 53.08 51.26
N ASN I 233 6.23 52.87 51.90
CA ASN I 233 6.25 52.60 53.34
C ASN I 233 6.07 53.86 54.16
N GLY I 234 6.51 55.01 53.64
CA GLY I 234 6.47 56.24 54.40
C GLY I 234 7.68 56.35 55.30
N PRO I 235 7.67 57.31 56.22
CA PRO I 235 8.78 57.49 57.15
C PRO I 235 8.86 56.32 58.11
N PRO I 236 10.07 55.82 58.40
CA PRO I 236 10.19 54.69 59.33
C PRO I 236 9.82 55.02 60.76
N ASP I 237 9.82 56.30 61.14
CA ASP I 237 9.50 56.67 62.51
C ASP I 237 8.01 56.49 62.79
N GLY I 238 7.69 56.30 64.07
CA GLY I 238 6.31 56.16 64.47
C GLY I 238 5.47 57.40 64.22
N LYS I 239 6.08 58.58 64.35
CA LYS I 239 5.37 59.82 64.06
C LYS I 239 5.01 59.91 62.58
N TRP I 240 5.91 59.46 61.71
CA TRP I 240 5.71 59.40 60.25
C TRP I 240 5.17 60.70 59.67
N ASN I 241 5.38 61.83 60.34
CA ASN I 241 4.87 63.10 59.84
C ASN I 241 5.85 64.26 60.01
N GLU I 242 7.07 63.99 60.47
CA GLU I 242 8.09 65.04 60.63
C GLU I 242 9.03 65.13 59.43
N ASP I 243 8.81 64.33 58.40
CA ASP I 243 9.67 64.40 57.22
C ASP I 243 9.46 65.72 56.49
N PRO I 244 10.54 66.38 56.06
CA PRO I 244 10.40 67.68 55.39
C PRO I 244 10.05 67.60 53.91
N LEU I 245 9.83 66.40 53.36
CA LEU I 245 9.58 66.24 51.94
C LEU I 245 8.12 65.95 51.59
N LEU I 246 7.40 65.23 52.45
CA LEU I 246 6.04 64.84 52.12
C LEU I 246 5.10 66.05 52.14
N GLN I 247 4.06 65.96 51.32
CA GLN I 247 3.05 67.02 51.23
C GLN I 247 1.67 66.43 51.45
N GLU I 248 0.62 67.22 51.22
CA GLU I 248 -0.75 66.79 51.47
C GLU I 248 -1.62 67.07 50.26
N ASN I 249 -2.65 66.25 50.09
CA ASN I 249 -3.68 66.42 49.08
C ASN I 249 -5.04 66.56 49.76
N GLU I 250 -6.10 66.53 48.95
CA GLU I 250 -7.45 66.52 49.51
C GLU I 250 -7.67 65.26 50.34
N PHE I 251 -8.50 65.38 51.37
CA PHE I 251 -8.75 64.31 52.33
C PHE I 251 -7.44 63.85 52.98
N GLY I 252 -6.55 64.79 53.23
CA GLY I 252 -5.26 64.47 53.81
C GLY I 252 -4.40 63.64 52.88
N LYS I 253 -4.20 62.35 53.24
CA LYS I 253 -3.46 61.40 52.43
C LYS I 253 -2.09 61.93 52.05
N PRO I 254 -1.15 61.99 52.99
CA PRO I 254 0.18 62.54 52.68
C PRO I 254 0.85 61.77 51.56
N CYS I 255 1.56 62.50 50.71
CA CYS I 255 2.11 61.95 49.48
C CYS I 255 3.53 62.44 49.30
N TYR I 256 4.26 61.74 48.43
CA TYR I 256 5.59 62.14 48.01
C TYR I 256 5.55 62.47 46.53
N THR I 257 6.11 63.62 46.17
CA THR I 257 6.04 64.13 44.80
C THR I 257 7.38 63.91 44.11
N VAL I 258 7.34 63.27 42.94
CA VAL I 258 8.52 63.01 42.14
C VAL I 258 8.23 63.44 40.71
N THR I 259 9.31 63.73 39.98
CA THR I 259 9.21 64.21 38.60
C THR I 259 10.06 63.34 37.69
N ILE I 260 9.62 63.22 36.44
CA ILE I 260 10.33 62.46 35.41
C ILE I 260 10.98 63.47 34.47
N PRO I 261 12.32 63.59 34.48
CA PRO I 261 12.96 64.59 33.60
C PRO I 261 12.70 64.36 32.13
N ASP I 262 12.62 63.10 31.68
CA ASP I 262 12.42 62.84 30.27
C ASP I 262 11.00 63.18 29.82
N LEU I 263 10.00 62.79 30.62
CA LEU I 263 8.60 62.94 30.23
C LEU I 263 7.98 64.24 30.71
N LYS I 264 8.66 64.98 31.58
CA LYS I 264 8.16 66.25 32.12
C LYS I 264 6.79 66.10 32.76
N GLU I 265 6.75 65.28 33.80
CA GLU I 265 5.52 65.01 34.55
C GLU I 265 5.80 65.07 36.04
N GLU I 266 4.72 65.10 36.82
CA GLU I 266 4.79 65.02 38.27
C GLU I 266 3.81 63.95 38.73
N VAL I 267 4.29 63.02 39.55
CA VAL I 267 3.51 61.87 39.98
C VAL I 267 3.41 61.90 41.50
N GLU I 268 2.19 61.77 42.01
CA GLU I 268 1.96 61.69 43.44
C GLU I 268 2.08 60.25 43.92
N LEU I 269 2.74 60.06 45.06
CA LEU I 269 2.95 58.75 45.65
C LEU I 269 2.43 58.79 47.07
N THR I 270 1.18 58.35 47.26
CA THR I 270 0.58 58.36 48.59
C THR I 270 1.02 57.15 49.39
N ILE I 271 0.79 57.22 50.71
CA ILE I 271 1.19 56.16 51.61
C ILE I 271 0.16 55.04 51.57
N GLY I 272 0.61 53.81 51.35
CA GLY I 272 -0.25 52.65 51.37
C GLY I 272 -0.73 52.16 50.02
N SER I 273 -0.10 52.58 48.93
CA SER I 273 -0.51 52.16 47.59
C SER I 273 0.68 51.60 46.85
N ILE I 274 0.46 50.51 46.10
CA ILE I 274 1.50 49.87 45.32
C ILE I 274 1.53 50.50 43.93
N TYR I 275 2.72 50.89 43.48
CA TYR I 275 2.91 51.54 42.19
C TYR I 275 3.84 50.72 41.31
N VAL I 276 3.93 51.13 40.05
CA VAL I 276 4.85 50.53 39.09
C VAL I 276 5.62 51.69 38.48
N MET I 277 6.82 51.95 38.98
CA MET I 277 7.59 53.13 38.62
C MET I 277 9.03 52.72 38.30
N ARG I 278 9.66 53.50 37.42
CA ARG I 278 11.03 53.22 37.04
C ARG I 278 11.97 53.43 38.23
N TYR I 279 13.20 52.92 38.09
CA TYR I 279 14.13 52.85 39.21
C TYR I 279 14.99 54.10 39.34
N GLU I 280 15.26 54.81 38.24
CA GLU I 280 16.20 55.92 38.31
C GLU I 280 15.69 57.05 39.20
N VAL I 281 14.37 57.31 39.17
CA VAL I 281 13.80 58.42 39.93
C VAL I 281 13.51 58.08 41.38
N ILE I 282 13.79 56.85 41.81
CA ILE I 282 13.38 56.39 43.14
C ILE I 282 14.57 55.88 43.96
N ARG I 283 15.80 56.17 43.52
CA ARG I 283 16.97 55.69 44.25
C ARG I 283 17.06 56.31 45.64
N ASP I 284 16.80 57.61 45.75
CA ASP I 284 16.93 58.29 47.02
C ASP I 284 15.91 57.79 48.03
N LEU I 285 14.65 57.64 47.61
CA LEU I 285 13.62 57.15 48.51
C LEU I 285 13.92 55.73 48.97
N LEU I 286 14.47 54.89 48.10
CA LEU I 286 14.89 53.55 48.50
C LEU I 286 16.02 53.62 49.53
N ARG I 287 17.04 54.44 49.26
CA ARG I 287 18.19 54.52 50.16
C ARG I 287 17.84 55.17 51.49
N ASP I 288 16.73 55.88 51.57
CA ASP I 288 16.29 56.48 52.82
C ASP I 288 15.28 55.62 53.56
N ASP I 289 15.12 54.35 53.16
CA ASP I 289 14.13 53.44 53.75
C ASP I 289 12.72 54.02 53.69
N LYS I 290 12.44 54.79 52.63
CA LYS I 290 11.15 55.44 52.48
C LYS I 290 10.16 54.57 51.70
N VAL I 291 10.65 53.85 50.68
CA VAL I 291 9.83 52.94 49.90
C VAL I 291 10.52 51.59 49.85
N ALA I 292 9.73 50.53 49.74
CA ALA I 292 10.23 49.17 49.71
C ALA I 292 9.79 48.48 48.43
N LEU I 293 10.75 47.93 47.70
CA LEU I 293 10.43 47.18 46.49
C LEU I 293 9.86 45.81 46.82
N ILE I 294 8.93 45.36 45.99
CA ILE I 294 8.35 44.03 46.14
C ILE I 294 8.77 43.16 44.97
N MET J 1 3.13 -17.00 79.10
CA MET J 1 3.37 -16.08 78.00
C MET J 1 4.31 -14.96 78.43
N TYR J 2 5.04 -14.39 77.46
CA TYR J 2 5.94 -13.29 77.79
C TYR J 2 5.18 -11.97 77.90
N TYR J 3 4.52 -11.56 76.83
CA TYR J 3 3.70 -10.36 76.82
C TYR J 3 2.25 -10.76 76.59
N GLY J 4 1.43 -10.68 77.64
CA GLY J 4 0.03 -10.98 77.53
C GLY J 4 -0.74 -9.88 76.85
N ILE J 5 -2.06 -10.09 76.73
CA ILE J 5 -2.92 -9.11 76.09
C ILE J 5 -2.95 -7.80 76.87
N SER J 6 -2.89 -7.87 78.20
CA SER J 6 -2.99 -6.69 79.04
C SER J 6 -1.67 -5.94 79.20
N GLN J 7 -0.55 -6.49 78.72
CA GLN J 7 0.76 -5.91 78.95
C GLN J 7 1.30 -5.12 77.76
N PHE J 8 0.65 -5.20 76.59
CA PHE J 8 1.15 -4.56 75.38
C PHE J 8 1.62 -3.13 75.65
N SER J 9 0.72 -2.30 76.19
CA SER J 9 1.03 -0.90 76.42
C SER J 9 2.34 -0.74 77.19
N GLU J 10 2.50 -1.50 78.28
CA GLU J 10 3.71 -1.41 79.07
C GLU J 10 4.94 -1.63 78.20
N ALA J 11 4.94 -2.72 77.42
CA ALA J 11 6.05 -2.98 76.52
C ALA J 11 6.25 -1.81 75.57
N TYR J 12 5.15 -1.30 75.00
CA TYR J 12 5.25 -0.15 74.12
C TYR J 12 5.99 1.01 74.79
N ASN J 13 5.67 1.27 76.06
CA ASN J 13 6.34 2.34 76.77
C ASN J 13 7.83 2.12 76.80
N LYS J 14 8.27 0.89 77.07
CA LYS J 14 9.69 0.58 77.07
C LYS J 14 10.34 1.03 75.78
N ILE J 15 9.65 0.79 74.65
CA ILE J 15 10.21 1.16 73.35
C ILE J 15 10.59 2.63 73.34
N LEU J 16 9.67 3.49 73.78
CA LEU J 16 9.97 4.91 73.82
C LEU J 16 11.22 5.18 74.66
N ARG J 17 11.27 4.58 75.85
CA ARG J 17 12.38 4.82 76.75
C ARG J 17 13.70 4.37 76.17
N ASN J 18 13.67 3.55 75.13
CA ASN J 18 14.89 3.09 74.47
C ASN J 18 15.03 3.59 73.04
N SER J 19 14.05 4.31 72.50
CA SER J 19 14.12 4.67 71.09
C SER J 19 13.88 6.15 70.84
N SER J 20 13.12 6.79 71.72
CA SER J 20 12.79 8.21 71.53
C SER J 20 14.04 9.05 71.75
N SER J 21 14.60 9.58 70.66
CA SER J 21 15.82 10.37 70.73
C SER J 21 15.71 11.55 69.76
N HIS J 22 16.71 12.42 69.81
CA HIS J 22 16.69 13.63 69.00
C HIS J 22 17.29 13.43 67.61
N SER J 23 18.50 12.87 67.55
CA SER J 23 19.21 12.73 66.27
C SER J 23 19.86 11.36 66.16
N SER J 24 19.13 10.31 66.54
CA SER J 24 19.64 8.95 66.46
C SER J 24 18.53 8.01 66.02
N CYS J 25 18.83 7.15 65.04
CA CYS J 25 17.91 6.13 64.60
C CYS J 25 18.09 4.90 65.47
N GLN J 26 17.12 4.62 66.33
CA GLN J 26 17.20 3.53 67.30
C GLN J 26 16.04 2.54 67.14
N LEU J 27 15.53 2.38 65.93
CA LEU J 27 14.43 1.46 65.69
C LEU J 27 14.45 1.02 64.24
N VAL J 28 14.49 -0.29 64.02
CA VAL J 28 14.46 -0.88 62.68
C VAL J 28 13.42 -1.99 62.67
N ILE J 29 12.62 -2.04 61.61
CA ILE J 29 11.54 -3.01 61.49
C ILE J 29 11.82 -3.89 60.27
N PHE J 30 11.84 -5.21 60.49
CA PHE J 30 11.92 -6.19 59.42
C PHE J 30 10.54 -6.79 59.23
N VAL J 31 10.10 -6.88 57.98
CA VAL J 31 8.74 -7.27 57.63
C VAL J 31 8.78 -8.53 56.78
N SER J 32 7.83 -9.42 56.99
CA SER J 32 7.69 -10.63 56.18
C SER J 32 7.11 -10.22 54.82
N CYS J 33 7.98 -10.14 53.82
CA CYS J 33 7.54 -9.76 52.48
C CYS J 33 6.57 -10.80 51.92
N LEU J 34 5.84 -10.39 50.88
CA LEU J 34 4.82 -11.24 50.24
C LEU J 34 3.77 -11.68 51.25
N ASN J 35 3.30 -10.74 52.07
CA ASN J 35 2.24 -11.02 53.03
C ASN J 35 1.45 -9.74 53.26
N ILE J 36 0.12 -9.86 53.22
CA ILE J 36 -0.73 -8.68 53.32
C ILE J 36 -0.89 -8.23 54.77
N ASP J 37 -1.09 -9.19 55.68
CA ASP J 37 -1.27 -8.84 57.08
C ASP J 37 -0.06 -8.12 57.65
N ALA J 38 1.14 -8.60 57.30
CA ALA J 38 2.36 -7.92 57.72
C ALA J 38 2.43 -6.51 57.17
N LEU J 39 2.01 -6.32 55.91
CA LEU J 39 2.02 -4.98 55.32
C LEU J 39 1.07 -4.05 56.06
N CYS J 40 -0.13 -4.53 56.39
CA CYS J 40 -1.09 -3.69 57.11
C CYS J 40 -0.56 -3.33 58.50
N ALA J 41 0.01 -4.31 59.21
CA ALA J 41 0.57 -4.03 60.53
C ALA J 41 1.72 -3.04 60.43
N THR J 42 2.57 -3.18 59.41
CA THR J 42 3.68 -2.25 59.23
C THR J 42 3.17 -0.84 58.94
N LYS J 43 2.10 -0.73 58.14
CA LYS J 43 1.53 0.59 57.88
C LYS J 43 1.00 1.23 59.16
N MET J 44 0.28 0.45 59.98
CA MET J 44 -0.26 1.00 61.22
C MET J 44 0.86 1.41 62.18
N LEU J 45 1.90 0.59 62.30
CA LEU J 45 3.04 0.95 63.14
C LEU J 45 3.76 2.18 62.60
N SER J 46 3.89 2.30 61.28
CA SER J 46 4.55 3.47 60.71
C SER J 46 3.78 4.74 61.01
N LEU J 47 2.44 4.69 60.89
CA LEU J 47 1.64 5.85 61.26
C LEU J 47 1.78 6.19 62.73
N LEU J 48 1.73 5.16 63.59
CA LEU J 48 1.88 5.38 65.03
C LEU J 48 3.21 6.07 65.34
N PHE J 49 4.30 5.56 64.79
CA PHE J 49 5.62 6.09 65.10
C PHE J 49 5.94 7.37 64.36
N LYS J 50 5.16 7.72 63.33
CA LYS J 50 5.24 9.05 62.75
C LYS J 50 4.44 10.06 63.55
N LYS J 51 3.47 9.61 64.35
CA LYS J 51 2.74 10.54 65.21
C LYS J 51 3.65 11.18 66.25
N GLN J 52 4.31 10.36 67.06
CA GLN J 52 5.17 10.86 68.13
C GLN J 52 6.57 11.23 67.64
N LEU J 53 6.79 11.29 66.33
CA LEU J 53 8.07 11.71 65.75
C LEU J 53 9.22 10.84 66.23
N VAL J 54 9.06 9.52 66.10
CA VAL J 54 10.10 8.57 66.43
C VAL J 54 10.74 8.11 65.12
N GLN J 55 12.02 8.43 64.94
CA GLN J 55 12.71 8.11 63.70
C GLN J 55 12.86 6.60 63.55
N SER J 56 12.71 6.12 62.31
CA SER J 56 12.71 4.68 62.08
C SER J 56 13.08 4.40 60.62
N GLN J 57 13.27 3.11 60.34
CA GLN J 57 13.61 2.61 59.01
C GLN J 57 12.84 1.32 58.76
N ILE J 58 12.40 1.14 57.52
CA ILE J 58 11.64 -0.05 57.11
C ILE J 58 12.48 -0.80 56.10
N VAL J 59 12.73 -2.09 56.38
CA VAL J 59 13.57 -2.92 55.53
C VAL J 59 12.83 -4.20 55.18
N PRO J 60 12.47 -4.43 53.91
CA PRO J 60 11.90 -5.73 53.52
C PRO J 60 12.96 -6.81 53.41
N ILE J 61 12.59 -8.02 53.82
CA ILE J 61 13.43 -9.20 53.65
C ILE J 61 12.58 -10.33 53.11
N PHE J 62 13.25 -11.29 52.47
CA PHE J 62 12.58 -12.41 51.81
C PHE J 62 12.91 -13.76 52.43
N GLY J 63 14.19 -14.03 52.70
CA GLY J 63 14.60 -15.33 53.16
C GLY J 63 15.38 -15.25 54.46
N TYR J 64 15.53 -16.42 55.09
CA TYR J 64 16.26 -16.48 56.36
C TYR J 64 17.72 -16.09 56.19
N SER J 65 18.30 -16.35 55.02
CA SER J 65 19.65 -15.90 54.75
C SER J 65 19.74 -14.37 54.81
N GLU J 66 18.76 -13.70 54.20
CA GLU J 66 18.71 -12.24 54.28
C GLU J 66 18.55 -11.77 55.72
N LEU J 67 17.70 -12.44 56.49
CA LEU J 67 17.51 -12.07 57.89
C LEU J 67 18.83 -12.17 58.66
N ARG J 68 19.53 -13.30 58.51
CA ARG J 68 20.78 -13.49 59.23
C ARG J 68 21.83 -12.47 58.79
N ARG J 69 21.96 -12.24 57.49
CA ARG J 69 22.96 -11.29 57.00
C ARG J 69 22.65 -9.88 57.49
N HIS J 70 21.38 -9.46 57.43
CA HIS J 70 21.02 -8.12 57.86
C HIS J 70 21.22 -7.94 59.35
N TYR J 71 20.90 -8.97 60.14
CA TYR J 71 21.16 -8.87 61.58
C TYR J 71 22.65 -8.80 61.86
N SER J 72 23.46 -9.54 61.12
CA SER J 72 24.90 -9.45 61.27
C SER J 72 25.41 -8.06 60.89
N GLN J 73 24.74 -7.38 59.97
CA GLN J 73 25.17 -6.06 59.56
C GLN J 73 24.87 -4.99 60.61
N LEU J 74 23.85 -5.21 61.44
CA LEU J 74 23.38 -4.17 62.35
C LEU J 74 24.44 -3.82 63.39
N ASP J 75 24.41 -2.56 63.83
CA ASP J 75 25.31 -2.03 64.84
C ASP J 75 24.66 -2.12 66.22
N ASP J 76 25.50 -2.00 67.25
CA ASP J 76 25.01 -2.07 68.63
C ASP J 76 24.21 -0.83 69.03
N ASN J 77 24.20 0.22 68.19
CA ASN J 77 23.45 1.42 68.54
C ASN J 77 21.94 1.17 68.54
N ILE J 78 21.46 0.26 67.69
CA ILE J 78 20.03 0.01 67.57
C ILE J 78 19.56 -0.68 68.85
N ASN J 79 18.83 0.06 69.70
CA ASN J 79 18.35 -0.50 70.95
C ASN J 79 17.17 -1.45 70.72
N SER J 80 16.25 -1.08 69.82
CA SER J 80 15.02 -1.83 69.61
C SER J 80 14.93 -2.31 68.16
N LEU J 81 14.48 -3.55 67.99
CA LEU J 81 14.32 -4.17 66.69
C LEU J 81 12.96 -4.85 66.63
N LEU J 82 12.30 -4.77 65.48
CA LEU J 82 10.99 -5.38 65.28
C LEU J 82 11.09 -6.44 64.20
N LEU J 83 10.43 -7.57 64.42
CA LEU J 83 10.39 -8.68 63.47
C LEU J 83 8.92 -9.07 63.28
N VAL J 84 8.26 -8.55 62.25
CA VAL J 84 6.84 -8.79 62.06
C VAL J 84 6.64 -9.78 60.92
N GLY J 85 5.85 -10.82 61.18
CA GLY J 85 5.44 -11.76 60.16
C GLY J 85 6.20 -13.07 60.12
N PHE J 86 7.11 -13.31 61.05
CA PHE J 86 7.91 -14.53 61.05
C PHE J 86 8.62 -14.66 62.40
N GLY J 87 9.44 -15.70 62.52
CA GLY J 87 10.29 -15.90 63.67
C GLY J 87 9.68 -16.69 64.82
N GLY J 88 8.39 -16.99 64.76
CA GLY J 88 7.76 -17.70 65.87
C GLY J 88 8.21 -19.14 65.98
N VAL J 89 8.43 -19.81 64.84
CA VAL J 89 8.55 -21.27 64.83
C VAL J 89 9.98 -21.77 65.02
N ILE J 90 10.97 -20.88 65.04
CA ILE J 90 12.36 -21.28 65.19
C ILE J 90 12.99 -20.52 66.35
N ASP J 91 14.09 -21.07 66.86
CA ASP J 91 14.84 -20.46 67.96
C ASP J 91 15.83 -19.45 67.38
N LEU J 92 15.59 -18.17 67.63
CA LEU J 92 16.42 -17.13 67.05
C LEU J 92 17.83 -17.17 67.62
N GLU J 93 17.98 -17.45 68.92
CA GLU J 93 19.29 -17.40 69.55
C GLU J 93 20.25 -18.40 68.91
N ALA J 94 19.78 -19.63 68.68
CA ALA J 94 20.63 -20.60 67.99
C ALA J 94 20.93 -20.16 66.57
N PHE J 95 19.93 -19.61 65.88
CA PHE J 95 20.14 -19.12 64.52
C PHE J 95 21.09 -17.93 64.50
N LEU J 96 20.97 -17.02 65.47
CA LEU J 96 21.72 -15.77 65.47
C LEU J 96 22.89 -15.77 66.44
N GLU J 97 23.24 -16.93 67.00
CA GLU J 97 24.32 -17.10 67.98
C GLU J 97 24.38 -15.93 68.97
N ILE J 98 23.26 -15.73 69.65
CA ILE J 98 23.11 -14.64 70.60
C ILE J 98 23.68 -15.09 71.95
N ASP J 99 24.57 -14.29 72.52
CA ASP J 99 25.13 -14.58 73.84
C ASP J 99 24.47 -13.67 74.86
N PRO J 100 23.65 -14.20 75.77
CA PRO J 100 23.05 -13.34 76.80
C PRO J 100 24.07 -12.63 77.67
N GLN J 101 25.22 -13.27 77.94
CA GLN J 101 26.27 -12.62 78.72
C GLN J 101 26.91 -11.47 77.94
N GLU J 102 26.89 -11.54 76.61
CA GLU J 102 27.38 -10.42 75.81
C GLU J 102 26.46 -9.22 75.91
N TYR J 103 25.15 -9.45 76.06
CA TYR J 103 24.16 -8.37 76.12
C TYR J 103 23.67 -8.12 77.54
N VAL J 104 24.40 -8.54 78.55
CA VAL J 104 24.07 -8.21 79.93
C VAL J 104 24.81 -6.94 80.32
N ILE J 105 24.23 -6.17 81.23
CA ILE J 105 24.80 -4.89 81.61
C ILE J 105 24.24 -4.43 82.96
N SER J 115 21.46 -5.99 82.37
CA SER J 115 20.66 -6.74 81.40
C SER J 115 19.98 -5.79 80.42
N PHE J 116 19.37 -6.37 79.38
CA PHE J 116 18.60 -5.61 78.38
C PHE J 116 19.48 -4.62 77.62
N ARG J 117 20.59 -5.12 77.07
CA ARG J 117 21.39 -4.28 76.17
C ARG J 117 20.61 -3.93 74.92
N ARG J 118 19.91 -4.91 74.35
CA ARG J 118 19.05 -4.73 73.19
C ARG J 118 17.64 -5.20 73.53
N ASP J 119 16.76 -5.12 72.54
CA ASP J 119 15.41 -5.65 72.64
C ASP J 119 14.94 -6.01 71.25
N ILE J 120 14.50 -7.25 71.07
CA ILE J 120 13.98 -7.74 69.80
C ILE J 120 12.54 -8.20 70.04
N TYR J 121 11.59 -7.51 69.41
CA TYR J 121 10.17 -7.83 69.54
C TYR J 121 9.75 -8.60 68.30
N VAL J 122 9.45 -9.88 68.47
CA VAL J 122 8.98 -10.72 67.38
C VAL J 122 7.46 -10.83 67.48
N LEU J 123 6.78 -10.60 66.35
CA LEU J 123 5.33 -10.53 66.29
C LEU J 123 4.89 -11.40 65.12
N ASP J 124 4.38 -12.58 65.43
CA ASP J 124 4.03 -13.58 64.41
C ASP J 124 2.71 -14.22 64.79
N ALA J 125 2.10 -14.89 63.81
CA ALA J 125 0.76 -15.46 63.98
C ALA J 125 0.73 -16.98 63.89
N HIS J 126 1.81 -17.62 63.46
CA HIS J 126 1.82 -19.08 63.32
C HIS J 126 1.73 -19.73 64.70
N ARG J 127 0.82 -20.69 64.83
CA ARG J 127 0.43 -21.20 66.14
C ARG J 127 1.45 -22.17 66.75
N PRO J 128 1.99 -23.14 66.00
CA PRO J 128 3.09 -23.93 66.57
C PRO J 128 4.36 -23.11 66.58
N TRP J 129 4.88 -22.82 67.78
CA TRP J 129 6.03 -21.94 67.93
C TRP J 129 7.01 -22.55 68.92
N ASN J 130 8.28 -22.16 68.79
CA ASN J 130 9.37 -22.75 69.55
C ASN J 130 9.22 -22.50 71.05
N LEU J 131 8.97 -23.57 71.81
CA LEU J 131 8.73 -23.44 73.25
C LEU J 131 9.97 -22.90 73.98
N ASP J 132 11.15 -23.33 73.54
CA ASP J 132 12.38 -22.84 74.15
C ASP J 132 12.55 -21.33 73.94
N ASN J 133 12.06 -20.82 72.81
CA ASN J 133 12.20 -19.39 72.52
C ASN J 133 11.57 -18.53 73.60
N ILE J 134 10.51 -19.02 74.24
CA ILE J 134 9.87 -18.28 75.33
C ILE J 134 10.42 -18.72 76.69
N PHE J 135 10.47 -20.01 76.97
CA PHE J 135 10.80 -20.41 78.33
C PHE J 135 12.30 -20.42 78.62
N GLY J 136 13.15 -20.13 77.64
CA GLY J 136 14.57 -20.14 77.87
C GLY J 136 15.26 -18.79 77.86
N SER J 137 14.80 -17.88 77.00
CA SER J 137 15.53 -16.66 76.67
C SER J 137 14.83 -15.43 77.22
N GLN J 138 15.62 -14.50 77.75
CA GLN J 138 15.12 -13.21 78.20
C GLN J 138 15.27 -12.12 77.15
N ILE J 139 16.28 -12.24 76.27
CA ILE J 139 16.51 -11.21 75.26
C ILE J 139 15.38 -11.19 74.23
N ILE J 140 14.87 -12.37 73.87
CA ILE J 140 13.83 -12.48 72.85
C ILE J 140 12.47 -12.49 73.53
N GLN J 141 11.55 -11.68 73.00
CA GLN J 141 10.23 -11.52 73.59
C GLN J 141 9.20 -11.35 72.48
N CYS J 142 8.02 -11.95 72.69
CA CYS J 142 6.97 -11.94 71.68
C CYS J 142 5.64 -11.57 72.33
N PHE J 143 4.68 -11.19 71.49
CA PHE J 143 3.33 -10.85 71.92
C PHE J 143 2.44 -12.06 71.73
N ASP J 144 2.09 -12.72 72.83
CA ASP J 144 1.17 -13.84 72.76
C ASP J 144 -0.24 -13.37 72.46
N ASP J 145 -0.99 -14.20 71.75
CA ASP J 145 -2.39 -13.94 71.45
C ASP J 145 -3.34 -14.54 72.48
N GLY J 146 -2.81 -15.14 73.55
CA GLY J 146 -3.64 -15.79 74.54
C GLY J 146 -3.62 -17.30 74.42
N THR J 147 -2.43 -17.84 74.16
CA THR J 147 -2.25 -19.27 73.93
C THR J 147 -1.39 -19.95 74.99
N VAL J 148 -0.33 -19.29 75.44
CA VAL J 148 0.56 -19.91 76.43
C VAL J 148 -0.16 -20.11 77.75
N ASP J 149 -1.03 -19.17 78.13
CA ASP J 149 -1.67 -19.22 79.43
C ASP J 149 -2.52 -20.48 79.57
N ASP J 150 -3.28 -20.84 78.54
CA ASP J 150 -4.25 -21.92 78.63
C ASP J 150 -3.81 -23.21 77.94
N THR J 151 -3.28 -23.14 76.71
CA THR J 151 -2.93 -24.35 75.99
C THR J 151 -1.71 -25.05 76.59
N LEU J 152 -0.67 -24.28 76.92
CA LEU J 152 0.62 -24.85 77.31
C LEU J 152 0.76 -25.01 78.82
N GLY J 153 -0.34 -25.27 79.53
CA GLY J 153 -0.28 -25.48 80.96
C GLY J 153 0.43 -26.75 81.37
N GLU J 154 0.70 -27.65 80.43
CA GLU J 154 1.36 -28.92 80.72
C GLU J 154 2.77 -29.01 80.17
N GLN J 155 3.03 -28.42 79.00
CA GLN J 155 4.36 -28.51 78.40
C GLN J 155 5.39 -27.74 79.22
N LYS J 156 4.97 -26.61 79.81
CA LYS J 156 5.89 -25.79 80.58
C LYS J 156 6.41 -26.52 81.81
N GLU J 157 5.58 -27.33 82.44
CA GLU J 157 6.04 -28.11 83.59
C GLU J 157 7.18 -29.04 83.22
N ALA J 158 7.01 -29.78 82.11
CA ALA J 158 8.05 -30.70 81.66
C ALA J 158 9.32 -29.95 81.29
N TYR J 159 9.19 -28.81 80.59
CA TYR J 159 10.38 -28.05 80.22
C TYR J 159 11.10 -27.53 81.46
N TYR J 160 10.35 -27.03 82.45
CA TYR J 160 10.98 -26.53 83.67
C TYR J 160 11.69 -27.66 84.43
N LYS J 161 11.07 -28.83 84.48
CA LYS J 161 11.70 -29.95 85.18
C LYS J 161 12.93 -30.45 84.44
N LEU J 162 12.94 -30.39 83.11
CA LEU J 162 14.07 -30.89 82.33
C LEU J 162 15.16 -29.85 82.11
N LEU J 163 14.89 -28.58 82.43
CA LEU J 163 15.92 -27.54 82.29
C LEU J 163 17.07 -27.75 83.27
N ARG J 230 17.87 -43.67 93.75
CA ARG J 230 18.18 -42.54 92.88
C ARG J 230 18.19 -42.96 91.42
N LYS J 231 18.35 -44.27 91.18
CA LYS J 231 18.37 -44.80 89.82
C LYS J 231 16.96 -44.93 89.23
N GLN J 232 15.91 -44.78 90.03
CA GLN J 232 14.54 -44.88 89.55
C GLN J 232 13.98 -43.52 89.14
N ARG J 233 14.78 -42.46 89.17
CA ARG J 233 14.31 -41.14 88.79
C ARG J 233 14.25 -40.92 87.29
N LYS J 234 14.71 -41.90 86.49
CA LYS J 234 14.68 -41.77 85.04
C LYS J 234 13.27 -41.76 84.49
N LYS J 235 12.28 -42.18 85.29
CA LYS J 235 10.89 -42.14 84.84
C LYS J 235 10.44 -40.72 84.56
N GLN J 236 10.82 -39.78 85.43
CA GLN J 236 10.46 -38.37 85.21
C GLN J 236 11.10 -37.83 83.94
N ILE J 237 12.37 -38.17 83.70
CA ILE J 237 13.04 -37.72 82.49
C ILE J 237 12.37 -38.30 81.25
N HIS J 238 12.01 -39.59 81.30
CA HIS J 238 11.33 -40.20 80.17
C HIS J 238 9.97 -39.55 79.92
N GLU J 239 9.23 -39.26 81.00
CA GLU J 239 7.94 -38.61 80.84
C GLU J 239 8.09 -37.21 80.25
N TYR J 240 9.09 -36.46 80.70
CA TYR J 240 9.32 -35.12 80.14
C TYR J 240 9.69 -35.19 78.67
N GLU J 241 10.55 -36.14 78.30
CA GLU J 241 10.92 -36.30 76.90
C GLU J 241 9.71 -36.67 76.05
N GLY J 242 8.87 -37.58 76.55
CA GLY J 242 7.67 -37.94 75.81
C GLY J 242 6.72 -36.78 75.66
N VAL J 243 6.56 -35.97 76.72
CA VAL J 243 5.68 -34.81 76.65
C VAL J 243 6.20 -33.81 75.62
N LEU J 244 7.51 -33.56 75.62
CA LEU J 244 8.08 -32.65 74.63
C LEU J 244 7.90 -33.17 73.21
N GLU J 245 8.11 -34.47 73.02
CA GLU J 245 7.91 -35.06 71.68
C GLU J 245 6.46 -34.94 71.24
N GLU J 246 5.51 -35.20 72.16
CA GLU J 246 4.10 -35.08 71.83
C GLU J 246 3.74 -33.65 71.47
N TYR J 247 4.29 -32.67 72.20
CA TYR J 247 4.06 -31.28 71.85
C TYR J 247 4.60 -30.96 70.46
N TYR J 248 5.78 -31.47 70.14
CA TYR J 248 6.34 -31.30 68.80
C TYR J 248 5.63 -32.27 67.85
N SER J 249 6.12 -32.34 66.61
CA SER J 249 5.50 -33.13 65.55
C SER J 249 4.06 -32.72 65.32
N GLN J 250 3.84 -31.41 65.23
CA GLN J 250 2.53 -30.83 64.95
C GLN J 250 2.62 -29.95 63.71
N GLY J 251 1.54 -29.94 62.93
CA GLY J 251 1.53 -29.15 61.71
C GLY J 251 1.43 -27.66 61.97
N THR J 252 1.81 -26.89 60.95
CA THR J 252 1.83 -25.44 61.05
C THR J 252 0.49 -24.85 60.63
N THR J 253 -0.04 -23.95 61.45
CA THR J 253 -1.31 -23.29 61.19
C THR J 253 -1.24 -21.84 61.67
N VAL J 254 -2.31 -21.09 61.41
CA VAL J 254 -2.43 -19.70 61.81
C VAL J 254 -3.77 -19.52 62.52
N VAL J 255 -3.77 -18.86 63.67
CA VAL J 255 -4.97 -18.74 64.50
C VAL J 255 -5.35 -17.31 64.82
N ASN J 256 -4.54 -16.31 64.48
CA ASN J 256 -4.88 -14.94 64.83
C ASN J 256 -4.18 -14.00 63.86
N SER J 257 -4.57 -12.73 63.90
CA SER J 257 -4.07 -11.73 62.96
C SER J 257 -3.15 -10.73 63.62
N ILE J 258 -2.07 -10.39 62.92
CA ILE J 258 -1.14 -9.39 63.43
C ILE J 258 -1.80 -8.01 63.44
N SER J 259 -2.53 -7.68 62.37
CA SER J 259 -3.26 -6.41 62.36
C SER J 259 -4.31 -6.38 63.45
N ALA J 260 -4.93 -7.52 63.76
CA ALA J 260 -5.92 -7.56 64.85
C ALA J 260 -5.25 -7.29 66.19
N GLN J 261 -4.09 -7.89 66.43
CA GLN J 261 -3.38 -7.61 67.68
C GLN J 261 -2.96 -6.15 67.78
N ILE J 262 -2.49 -5.58 66.66
CA ILE J 262 -2.07 -4.19 66.67
C ILE J 262 -3.26 -3.27 66.91
N TYR J 263 -4.43 -3.59 66.34
CA TYR J 263 -5.60 -2.77 66.58
C TYR J 263 -6.11 -2.93 68.01
N SER J 264 -5.94 -4.11 68.60
CA SER J 264 -6.25 -4.26 70.03
C SER J 264 -5.37 -3.35 70.88
N LEU J 265 -4.07 -3.30 70.54
CA LEU J 265 -3.17 -2.37 71.23
C LEU J 265 -3.63 -0.92 71.05
N LEU J 266 -3.99 -0.56 69.82
CA LEU J 266 -4.44 0.81 69.56
C LEU J 266 -5.72 1.13 70.32
N SER J 267 -6.65 0.19 70.40
CA SER J 267 -7.88 0.42 71.14
C SER J 267 -7.60 0.58 72.63
N ALA J 268 -6.67 -0.22 73.16
CA ALA J 268 -6.30 -0.07 74.57
C ALA J 268 -5.61 1.25 74.83
N ILE J 269 -4.88 1.78 73.85
CA ILE J 269 -4.15 3.04 74.05
C ILE J 269 -5.08 4.24 73.91
N GLY J 270 -5.86 4.29 72.82
CA GLY J 270 -6.76 5.40 72.59
C GLY J 270 -6.45 6.23 71.36
N GLU J 271 -5.92 5.60 70.31
CA GLU J 271 -5.55 6.29 69.08
C GLU J 271 -6.28 5.73 67.87
N THR J 272 -7.48 5.19 68.07
CA THR J 272 -8.24 4.60 66.97
C THR J 272 -8.84 5.68 66.07
N ASN J 273 -8.91 5.38 64.78
CA ASN J 273 -9.57 6.25 63.81
C ASN J 273 -9.90 5.45 62.56
N LEU J 274 -10.36 6.15 61.53
CA LEU J 274 -10.90 5.48 60.34
C LEU J 274 -9.81 4.79 59.54
N SER J 275 -8.63 5.41 59.41
CA SER J 275 -7.54 4.77 58.69
C SER J 275 -7.11 3.47 59.39
N ASN J 276 -7.00 3.50 60.71
CA ASN J 276 -6.65 2.29 61.45
C ASN J 276 -7.72 1.23 61.28
N LEU J 277 -8.99 1.62 61.33
CA LEU J 277 -10.07 0.65 61.14
C LEU J 277 -10.03 0.04 59.75
N TRP J 278 -9.76 0.85 58.73
CA TRP J 278 -9.67 0.34 57.36
C TRP J 278 -8.52 -0.64 57.22
N LEU J 279 -7.36 -0.32 57.79
CA LEU J 279 -6.22 -1.22 57.71
C LEU J 279 -6.48 -2.52 58.46
N ASN J 280 -7.13 -2.43 59.62
CA ASN J 280 -7.49 -3.65 60.35
C ASN J 280 -8.46 -4.51 59.56
N ILE J 281 -9.43 -3.88 58.90
CA ILE J 281 -10.38 -4.64 58.07
C ILE J 281 -9.66 -5.34 56.94
N LEU J 282 -8.73 -4.65 56.28
CA LEU J 282 -7.96 -5.27 55.20
C LEU J 282 -7.15 -6.45 55.73
N GLY J 283 -6.46 -6.26 56.85
CA GLY J 283 -5.65 -7.33 57.40
C GLY J 283 -6.47 -8.54 57.78
N THR J 284 -7.66 -8.33 58.33
CA THR J 284 -8.51 -9.47 58.67
C THR J 284 -9.05 -10.15 57.42
N THR J 285 -9.55 -9.39 56.45
CA THR J 285 -10.18 -10.00 55.29
C THR J 285 -9.16 -10.62 54.33
N SER J 286 -7.87 -10.35 54.52
CA SER J 286 -6.87 -11.04 53.70
C SER J 286 -6.82 -12.54 53.95
N LEU J 287 -7.42 -13.04 55.03
CA LEU J 287 -7.39 -14.46 55.37
C LEU J 287 -8.64 -15.22 54.92
N ASP J 288 -9.55 -14.58 54.20
CA ASP J 288 -10.82 -15.23 53.86
C ASP J 288 -10.60 -16.49 53.02
N ILE J 289 -9.56 -16.50 52.18
CA ILE J 289 -9.36 -17.62 51.27
C ILE J 289 -8.98 -18.89 52.04
N ALA J 290 -8.07 -18.76 53.00
CA ALA J 290 -7.45 -19.93 53.61
C ALA J 290 -7.87 -20.21 55.04
N TYR J 291 -8.22 -19.19 55.83
CA TYR J 291 -8.48 -19.35 57.26
C TYR J 291 -9.85 -18.80 57.61
N ALA J 292 -10.87 -19.28 56.87
CA ALA J 292 -12.23 -18.83 57.07
C ALA J 292 -12.70 -19.05 58.50
N GLN J 293 -12.16 -20.06 59.20
CA GLN J 293 -12.51 -20.26 60.60
C GLN J 293 -12.05 -19.07 61.45
N VAL J 294 -10.82 -18.62 61.26
CA VAL J 294 -10.32 -17.45 61.97
C VAL J 294 -11.13 -16.22 61.58
N TYR J 295 -11.44 -16.09 60.28
CA TYR J 295 -12.23 -14.95 59.83
C TYR J 295 -13.60 -14.91 60.51
N ASN J 296 -14.26 -16.07 60.61
CA ASN J 296 -15.57 -16.13 61.24
C ASN J 296 -15.49 -15.90 62.74
N ARG J 297 -14.39 -16.34 63.36
CA ARG J 297 -14.22 -16.08 64.79
C ARG J 297 -13.98 -14.60 65.06
N LEU J 298 -13.33 -13.89 64.14
CA LEU J 298 -12.94 -12.51 64.39
C LEU J 298 -13.92 -11.47 63.88
N TYR J 299 -14.78 -11.82 62.91
CA TYR J 299 -15.67 -10.86 62.28
C TYR J 299 -16.56 -10.06 63.23
N PRO J 300 -17.21 -10.65 64.24
CA PRO J 300 -18.11 -9.84 65.08
C PRO J 300 -17.43 -8.67 65.78
N LEU J 301 -16.15 -8.82 66.15
CA LEU J 301 -15.44 -7.70 66.76
C LEU J 301 -15.34 -6.53 65.79
N LEU J 302 -14.98 -6.81 64.53
CA LEU J 302 -14.94 -5.75 63.52
C LEU J 302 -16.30 -5.12 63.32
N GLN J 303 -17.35 -5.94 63.26
CA GLN J 303 -18.70 -5.39 63.07
C GLN J 303 -19.07 -4.44 64.19
N ASP J 304 -18.84 -4.88 65.44
CA ASP J 304 -19.19 -4.04 66.59
C ASP J 304 -18.34 -2.77 66.63
N GLU J 305 -17.06 -2.86 66.25
CA GLU J 305 -16.21 -1.68 66.31
C GLU J 305 -16.61 -0.68 65.24
N VAL J 306 -16.98 -1.15 64.05
CA VAL J 306 -17.46 -0.26 63.00
C VAL J 306 -18.77 0.39 63.43
N LYS J 307 -19.65 -0.38 64.09
CA LYS J 307 -20.89 0.20 64.60
C LYS J 307 -20.61 1.29 65.63
N ARG J 308 -19.64 1.05 66.51
CA ARG J 308 -19.27 2.04 67.52
C ARG J 308 -18.74 3.31 66.87
N LEU J 309 -17.86 3.15 65.88
CA LEU J 309 -17.35 4.31 65.14
C LEU J 309 -18.28 4.67 63.99
N VAL J 317 -26.03 14.77 53.10
CA VAL J 317 -25.53 15.37 51.87
C VAL J 317 -24.17 14.78 51.53
N LYS J 318 -23.94 14.50 50.24
CA LYS J 318 -22.69 13.91 49.78
C LYS J 318 -21.66 15.02 49.59
N THR J 319 -21.11 15.47 50.72
CA THR J 319 -20.06 16.46 50.68
C THR J 319 -18.82 15.89 50.00
N PRO J 320 -18.13 16.67 49.16
CA PRO J 320 -16.96 16.14 48.44
C PRO J 320 -15.82 15.65 49.34
N ASP J 321 -15.99 15.76 50.66
CA ASP J 321 -14.96 15.30 51.59
C ASP J 321 -15.49 14.22 52.54
N THR J 322 -16.63 13.61 52.22
CA THR J 322 -17.18 12.57 53.08
C THR J 322 -16.35 11.29 52.99
N LEU J 323 -16.46 10.48 54.04
CA LEU J 323 -15.83 9.17 54.08
C LEU J 323 -16.78 8.21 54.79
N THR J 324 -17.25 7.20 54.07
CA THR J 324 -18.30 6.31 54.55
C THR J 324 -17.79 4.88 54.65
N LEU J 325 -18.06 4.24 55.79
CA LEU J 325 -17.80 2.82 55.98
C LEU J 325 -19.10 2.18 56.44
N ASN J 326 -19.64 1.27 55.61
CA ASN J 326 -20.95 0.69 55.85
C ASN J 326 -20.88 -0.82 55.74
N ILE J 327 -21.95 -1.47 56.20
CA ILE J 327 -22.08 -2.91 56.09
C ILE J 327 -23.06 -3.23 54.97
N GLN J 328 -22.55 -3.42 53.77
CA GLN J 328 -23.39 -3.71 52.63
C GLN J 328 -23.28 -5.20 52.25
N PRO J 329 -24.36 -5.79 51.75
CA PRO J 329 -24.26 -7.16 51.25
C PRO J 329 -23.28 -7.25 50.09
N ASP J 330 -22.50 -8.33 50.06
CA ASP J 330 -21.56 -8.59 48.99
C ASP J 330 -21.55 -10.09 48.72
N TYR J 331 -20.86 -10.48 47.65
CA TYR J 331 -20.90 -11.84 47.16
C TYR J 331 -19.49 -12.32 46.84
N TYR J 332 -19.33 -13.65 46.83
CA TYR J 332 -18.06 -14.25 46.46
C TYR J 332 -17.85 -14.14 44.96
N LEU J 333 -17.59 -12.91 44.49
CA LEU J 333 -17.52 -12.61 43.08
C LEU J 333 -16.20 -11.90 42.79
N PHE J 334 -15.70 -12.08 41.57
CA PHE J 334 -14.41 -11.53 41.17
C PHE J 334 -14.61 -10.14 40.57
N LEU J 335 -14.28 -9.11 41.35
CA LEU J 335 -14.33 -7.71 40.91
C LEU J 335 -15.70 -7.36 40.33
N LEU J 336 -16.72 -7.51 41.18
CA LEU J 336 -18.09 -7.30 40.74
C LEU J 336 -18.32 -5.86 40.30
N ARG J 337 -17.79 -4.90 41.05
CA ARG J 337 -18.03 -3.48 40.79
C ARG J 337 -17.07 -2.90 39.76
N HIS J 338 -16.13 -3.70 39.25
CA HIS J 338 -15.20 -3.21 38.23
C HIS J 338 -15.22 -4.03 36.95
N SER J 339 -15.92 -5.16 36.91
CA SER J 339 -16.08 -5.94 35.69
C SER J 339 -17.56 -6.23 35.48
N SER J 340 -17.88 -6.75 34.30
CA SER J 340 -19.25 -7.10 33.98
C SER J 340 -19.72 -8.27 34.84
N LEU J 341 -21.04 -8.34 35.03
CA LEU J 341 -21.61 -9.41 35.85
C LEU J 341 -21.36 -10.79 35.24
N TYR J 342 -21.34 -10.88 33.91
CA TYR J 342 -21.07 -12.15 33.25
C TYR J 342 -19.67 -12.66 33.61
N ASP J 343 -18.66 -11.80 33.47
CA ASP J 343 -17.31 -12.19 33.84
C ASP J 343 -17.19 -12.43 35.33
N SER J 344 -17.95 -11.69 36.14
CA SER J 344 -17.94 -11.90 37.58
C SER J 344 -18.41 -13.31 37.94
N PHE J 345 -19.49 -13.77 37.32
CA PHE J 345 -19.91 -15.15 37.52
C PHE J 345 -18.94 -16.14 36.89
N TYR J 346 -18.32 -15.77 35.76
CA TYR J 346 -17.49 -16.70 35.01
C TYR J 346 -16.20 -17.03 35.76
N TYR J 347 -15.55 -16.02 36.35
CA TYR J 347 -14.24 -16.22 36.95
C TYR J 347 -14.29 -16.53 38.44
N SER J 348 -15.47 -16.56 39.06
CA SER J 348 -15.56 -16.83 40.48
C SER J 348 -15.19 -18.27 40.79
N ASN J 349 -14.29 -18.46 41.76
CA ASN J 349 -13.79 -19.79 42.08
C ASN J 349 -14.90 -20.68 42.62
N TYR J 350 -15.74 -20.15 43.51
CA TYR J 350 -16.81 -20.97 44.08
C TYR J 350 -17.82 -21.38 43.01
N VAL J 351 -18.19 -20.44 42.13
CA VAL J 351 -19.12 -20.77 41.05
C VAL J 351 -18.50 -21.80 40.11
N ASN J 352 -17.21 -21.64 39.80
CA ASN J 352 -16.53 -22.62 38.95
C ASN J 352 -16.57 -24.00 39.59
N ALA J 353 -16.25 -24.08 40.87
CA ALA J 353 -16.24 -25.37 41.55
C ALA J 353 -17.63 -26.00 41.57
N LYS J 354 -18.67 -25.18 41.81
CA LYS J 354 -20.01 -25.71 41.93
C LYS J 354 -20.66 -26.06 40.59
N LEU J 355 -20.23 -25.46 39.48
CA LEU J 355 -20.91 -25.66 38.22
C LEU J 355 -20.05 -26.24 37.09
N SER J 356 -18.76 -26.52 37.33
CA SER J 356 -17.90 -27.17 36.34
C SER J 356 -17.89 -26.39 35.02
N LEU J 357 -17.34 -25.18 35.09
CA LEU J 357 -17.27 -24.30 33.91
C LEU J 357 -16.13 -24.64 32.96
N TRP J 358 -15.29 -25.62 33.29
CA TRP J 358 -14.20 -25.98 32.39
C TRP J 358 -14.66 -26.79 31.18
N ASN J 359 -15.86 -27.39 31.22
CA ASN J 359 -16.46 -28.02 30.06
C ASN J 359 -17.71 -27.26 29.64
N GLU J 360 -18.37 -27.75 28.58
CA GLU J 360 -19.46 -27.02 27.95
C GLU J 360 -20.75 -27.06 28.78
N ASN J 361 -20.96 -28.13 29.55
CA ASN J 361 -22.17 -28.21 30.36
C ASN J 361 -22.22 -27.10 31.39
N GLY J 362 -21.07 -26.67 31.89
CA GLY J 362 -21.05 -25.54 32.80
C GLY J 362 -21.54 -24.25 32.15
N LYS J 363 -21.11 -24.00 30.91
CA LYS J 363 -21.57 -22.82 30.21
C LYS J 363 -23.06 -22.91 29.91
N LYS J 364 -23.55 -24.10 29.56
CA LYS J 364 -24.98 -24.27 29.34
C LYS J 364 -25.77 -23.99 30.62
N ARG J 365 -25.29 -24.49 31.76
CA ARG J 365 -25.96 -24.22 33.03
C ARG J 365 -25.92 -22.74 33.38
N LEU J 366 -24.80 -22.08 33.09
CA LEU J 366 -24.71 -20.64 33.35
C LEU J 366 -25.71 -19.86 32.49
N HIS J 367 -25.86 -20.25 31.23
CA HIS J 367 -26.83 -19.58 30.37
C HIS J 367 -28.25 -19.84 30.84
N LYS J 368 -28.54 -21.07 31.30
CA LYS J 368 -29.85 -21.35 31.90
C LYS J 368 -30.09 -20.46 33.11
N MET J 369 -29.08 -20.33 33.97
CA MET J 369 -29.16 -19.45 35.13
C MET J 369 -29.51 -18.02 34.73
N PHE J 370 -28.77 -17.48 33.76
CA PHE J 370 -29.02 -16.10 33.34
C PHE J 370 -30.40 -15.93 32.75
N ALA J 371 -30.83 -16.87 31.90
CA ALA J 371 -32.15 -16.77 31.29
C ALA J 371 -33.25 -16.84 32.33
N ARG J 372 -33.11 -17.73 33.32
CA ARG J 372 -34.15 -17.85 34.33
C ARG J 372 -34.17 -16.64 35.26
N MET J 373 -33.01 -16.06 35.57
CA MET J 373 -33.01 -14.82 36.33
C MET J 373 -33.69 -13.70 35.54
N GLY J 374 -33.47 -13.67 34.23
CA GLY J 374 -34.12 -12.69 33.38
C GLY J 374 -33.26 -11.54 32.93
N ILE J 375 -31.98 -11.55 33.25
CA ILE J 375 -31.06 -10.53 32.74
C ILE J 375 -30.65 -10.90 31.32
N PRO J 376 -30.82 -10.02 30.34
CA PRO J 376 -30.40 -10.35 28.97
C PRO J 376 -28.90 -10.61 28.91
N LEU J 377 -28.51 -11.47 27.97
CA LEU J 377 -27.09 -11.76 27.80
C LEU J 377 -26.31 -10.55 27.35
N SER J 378 -26.92 -9.68 26.52
CA SER J 378 -26.25 -8.45 26.11
C SER J 378 -26.20 -7.43 27.24
N THR J 379 -27.21 -7.42 28.12
CA THR J 379 -27.20 -6.49 29.24
C THR J 379 -26.18 -6.91 30.29
N ALA J 380 -26.08 -8.21 30.58
CA ALA J 380 -25.16 -8.70 31.59
C ALA J 380 -23.70 -8.56 31.18
N GLN J 381 -23.41 -8.25 29.93
CA GLN J 381 -22.04 -8.09 29.44
C GLN J 381 -21.65 -6.63 29.30
N GLU J 382 -22.16 -5.77 30.19
CA GLU J 382 -21.81 -4.35 30.20
C GLU J 382 -21.19 -3.98 31.53
N THR J 383 -20.50 -2.84 31.53
CA THR J 383 -19.83 -2.36 32.74
C THR J 383 -20.83 -2.08 33.84
N TRP J 384 -20.40 -2.25 35.09
CA TRP J 384 -21.29 -2.08 36.23
C TRP J 384 -21.77 -0.64 36.35
N LEU J 385 -21.00 0.33 35.83
CA LEU J 385 -21.42 1.72 35.88
C LEU J 385 -22.64 1.97 35.00
N TYR J 386 -22.58 1.48 33.75
CA TYR J 386 -23.66 1.70 32.79
C TYR J 386 -24.73 0.61 32.87
N MET J 387 -24.57 -0.38 33.74
CA MET J 387 -25.58 -1.41 33.90
C MET J 387 -26.88 -0.80 34.38
N ASP J 388 -28.00 -1.42 33.98
CA ASP J 388 -29.33 -0.86 34.22
C ASP J 388 -29.57 -0.60 35.70
N HIS J 389 -30.08 0.59 36.01
CA HIS J 389 -30.29 1.00 37.40
C HIS J 389 -31.33 0.13 38.10
N SER J 390 -32.44 -0.17 37.41
CA SER J 390 -33.50 -0.96 38.04
C SER J 390 -33.01 -2.36 38.39
N ILE J 391 -32.27 -2.99 37.48
CA ILE J 391 -31.75 -4.33 37.75
C ILE J 391 -30.67 -4.27 38.83
N LYS J 392 -29.85 -3.21 38.83
CA LYS J 392 -28.89 -3.04 39.91
C LYS J 392 -29.58 -2.91 41.25
N ARG J 393 -30.77 -2.30 41.28
CA ARG J 393 -31.50 -2.16 42.53
C ARG J 393 -32.13 -3.49 42.96
N GLU J 394 -32.67 -4.25 42.01
CA GLU J 394 -33.40 -5.48 42.34
C GLU J 394 -32.54 -6.73 42.26
N LEU J 395 -31.22 -6.57 42.09
CA LEU J 395 -30.31 -7.71 42.01
C LEU J 395 -30.40 -8.58 43.26
N GLY J 396 -30.57 -7.97 44.43
CA GLY J 396 -30.65 -8.76 45.65
C GLY J 396 -31.83 -9.71 45.64
N ILE J 397 -33.01 -9.20 45.27
CA ILE J 397 -34.20 -10.04 45.22
C ILE J 397 -34.07 -11.09 44.12
N ILE J 398 -33.49 -10.70 42.98
CA ILE J 398 -33.30 -11.66 41.89
C ILE J 398 -32.43 -12.83 42.34
N PHE J 399 -31.31 -12.51 43.00
CA PHE J 399 -30.42 -13.56 43.50
C PHE J 399 -31.13 -14.42 44.54
N ASP J 400 -31.83 -13.79 45.48
CA ASP J 400 -32.50 -14.54 46.53
C ASP J 400 -33.51 -15.53 45.95
N LYS J 401 -34.25 -15.11 44.93
CA LYS J 401 -35.25 -16.00 44.36
C LYS J 401 -34.68 -17.02 43.38
N ASN J 402 -33.50 -16.77 42.79
CA ASN J 402 -33.02 -17.66 41.75
C ASN J 402 -31.91 -18.61 42.17
N LEU J 403 -31.13 -18.29 43.21
CA LEU J 403 -29.94 -19.08 43.51
C LEU J 403 -30.24 -20.41 44.18
N ASP J 404 -31.44 -20.59 44.73
CA ASP J 404 -31.71 -21.78 45.53
C ASP J 404 -31.66 -23.05 44.67
N ARG J 405 -32.21 -23.00 43.45
CA ARG J 405 -32.25 -24.20 42.62
C ARG J 405 -30.85 -24.68 42.26
N TYR J 406 -29.97 -23.75 41.88
CA TYR J 406 -28.59 -24.12 41.56
C TYR J 406 -27.75 -24.37 42.80
N GLY J 407 -28.22 -23.99 43.98
CA GLY J 407 -27.49 -24.31 45.19
C GLY J 407 -26.34 -23.40 45.50
N LEU J 408 -26.35 -22.17 44.99
CA LEU J 408 -25.31 -21.19 45.26
C LEU J 408 -25.69 -20.22 46.36
N GLN J 409 -26.61 -20.60 47.25
CA GLN J 409 -27.08 -19.69 48.29
C GLN J 409 -26.01 -19.35 49.32
N ASP J 410 -24.82 -19.94 49.23
CA ASP J 410 -23.71 -19.59 50.10
C ASP J 410 -22.85 -18.47 49.54
N ILE J 411 -23.23 -17.90 48.39
CA ILE J 411 -22.43 -16.83 47.80
C ILE J 411 -22.72 -15.48 48.44
N ILE J 412 -23.86 -15.33 49.11
CA ILE J 412 -24.27 -14.06 49.68
C ILE J 412 -23.71 -13.92 51.08
N ARG J 413 -23.03 -12.81 51.34
CA ARG J 413 -22.46 -12.54 52.65
C ARG J 413 -22.50 -11.03 52.90
N ASP J 414 -21.92 -10.61 54.01
CA ASP J 414 -21.87 -9.21 54.40
C ASP J 414 -20.43 -8.73 54.40
N GLY J 415 -20.18 -7.58 53.76
CA GLY J 415 -18.84 -7.05 53.64
C GLY J 415 -18.80 -5.56 53.88
N PHE J 416 -17.60 -5.00 53.81
CA PHE J 416 -17.36 -3.59 54.07
C PHE J 416 -17.16 -2.84 52.76
N VAL J 417 -17.73 -1.65 52.68
CA VAL J 417 -17.64 -0.79 51.50
C VAL J 417 -17.18 0.59 51.95
N ARG J 418 -16.18 1.14 51.26
CA ARG J 418 -15.63 2.45 51.58
C ARG J 418 -15.87 3.39 50.41
N THR J 419 -16.41 4.57 50.71
CA THR J 419 -16.67 5.60 49.71
C THR J 419 -16.07 6.92 50.17
N LEU J 420 -15.42 7.62 49.25
CA LEU J 420 -14.79 8.92 49.54
C LEU J 420 -15.22 9.91 48.48
N GLY J 421 -16.16 10.79 48.83
CA GLY J 421 -16.57 11.84 47.92
C GLY J 421 -17.22 11.29 46.67
N TYR J 422 -16.75 11.75 45.52
CA TYR J 422 -17.30 11.37 44.22
C TYR J 422 -16.43 10.35 43.50
N ARG J 423 -15.47 9.73 44.20
CA ARG J 423 -14.54 8.83 43.54
C ARG J 423 -15.24 7.54 43.09
N GLY J 424 -16.04 6.95 43.97
CA GLY J 424 -16.70 5.70 43.69
C GLY J 424 -16.74 4.82 44.92
N SER J 425 -16.99 3.53 44.71
CA SER J 425 -17.10 2.57 45.81
C SER J 425 -16.12 1.44 45.60
N ILE J 426 -15.44 1.06 46.68
CA ILE J 426 -14.51 -0.07 46.69
C ILE J 426 -14.86 -0.96 47.87
N SER J 427 -14.76 -2.27 47.64
CA SER J 427 -14.98 -3.26 48.68
C SER J 427 -13.65 -3.83 49.15
N ALA J 428 -13.67 -4.41 50.35
CA ALA J 428 -12.44 -4.94 50.94
C ALA J 428 -11.88 -6.08 50.10
N SER J 429 -12.75 -6.97 49.61
CA SER J 429 -12.29 -8.09 48.80
C SER J 429 -11.63 -7.59 47.51
N GLU J 430 -12.28 -6.64 46.83
CA GLU J 430 -11.69 -6.11 45.60
C GLU J 430 -10.37 -5.42 45.88
N PHE J 431 -10.28 -4.67 46.98
CA PHE J 431 -9.04 -3.97 47.29
C PHE J 431 -7.91 -4.93 47.59
N VAL J 432 -8.20 -6.01 48.34
CA VAL J 432 -7.15 -6.96 48.65
C VAL J 432 -6.74 -7.76 47.42
N GLU J 433 -7.68 -8.07 46.52
CA GLU J 433 -7.28 -8.72 45.27
C GLU J 433 -6.39 -7.81 44.43
N ALA J 434 -6.73 -6.52 44.37
CA ALA J 434 -5.88 -5.58 43.65
C ALA J 434 -4.49 -5.52 44.26
N LEU J 435 -4.41 -5.47 45.61
CA LEU J 435 -3.12 -5.45 46.28
C LEU J 435 -2.32 -6.71 45.99
N THR J 436 -2.97 -7.88 46.07
CA THR J 436 -2.28 -9.14 45.81
C THR J 436 -1.73 -9.19 44.39
N ALA J 437 -2.54 -8.76 43.41
CA ALA J 437 -2.08 -8.80 42.02
C ALA J 437 -0.96 -7.79 41.78
N LEU J 438 -1.03 -6.64 42.43
CA LEU J 438 0.04 -5.66 42.28
C LEU J 438 1.34 -6.16 42.91
N LEU J 439 1.23 -6.93 44.00
CA LEU J 439 2.40 -7.62 44.53
C LEU J 439 2.92 -8.66 43.53
N GLU J 440 2.03 -9.41 42.91
CA GLU J 440 2.45 -10.45 41.97
C GLU J 440 3.21 -9.86 40.79
N VAL J 441 2.62 -8.87 40.13
CA VAL J 441 3.16 -8.32 38.88
C VAL J 441 3.30 -6.81 39.03
N GLY J 442 4.42 -6.28 38.57
CA GLY J 442 4.65 -4.86 38.61
C GLY J 442 5.87 -4.48 37.82
N ASN J 443 6.25 -3.21 37.95
CA ASN J 443 7.44 -2.67 37.28
C ASN J 443 7.36 -2.85 35.76
N SER J 469 22.46 -18.32 38.05
CA SER J 469 21.71 -19.10 39.03
C SER J 469 21.44 -18.29 40.29
N ALA J 470 22.47 -18.19 41.15
CA ALA J 470 22.34 -17.40 42.37
C ALA J 470 22.11 -15.93 42.06
N GLN J 471 22.81 -15.41 41.05
CA GLN J 471 22.61 -14.01 40.66
C GLN J 471 21.18 -13.76 40.19
N LYS J 472 20.64 -14.69 39.39
CA LYS J 472 19.27 -14.53 38.90
C LYS J 472 18.27 -14.66 40.05
N LEU J 473 18.53 -15.56 41.00
CA LEU J 473 17.66 -15.67 42.16
C LEU J 473 17.68 -14.38 42.99
N THR J 474 18.85 -13.79 43.16
CA THR J 474 18.95 -12.52 43.87
C THR J 474 18.22 -11.40 43.13
N ASN J 475 18.33 -11.40 41.80
CA ASN J 475 17.61 -10.41 41.00
C ASN J 475 16.10 -10.57 41.16
N LEU J 476 15.62 -11.82 41.16
CA LEU J 476 14.21 -12.07 41.37
C LEU J 476 13.76 -11.60 42.74
N ARG J 477 14.57 -11.85 43.77
CA ARG J 477 14.21 -11.45 45.13
C ARG J 477 14.19 -9.93 45.28
N LYS J 478 15.13 -9.23 44.63
CA LYS J 478 15.09 -7.77 44.69
C LYS J 478 13.92 -7.21 43.89
N ARG J 479 13.55 -7.86 42.79
CA ARG J 479 12.33 -7.46 42.08
C ARG J 479 11.11 -7.62 42.98
N TRP J 480 11.08 -8.71 43.76
CA TRP J 480 9.95 -8.94 44.67
C TRP J 480 9.89 -7.86 45.75
N VAL J 481 11.04 -7.47 46.30
CA VAL J 481 11.01 -6.42 47.33
C VAL J 481 10.62 -5.07 46.73
N SER J 482 11.04 -4.80 45.49
CA SER J 482 10.60 -3.58 44.82
C SER J 482 9.09 -3.58 44.59
N ASN J 483 8.54 -4.74 44.21
CA ASN J 483 7.10 -4.86 44.07
C ASN J 483 6.39 -4.64 45.40
N PHE J 484 6.97 -5.14 46.49
CA PHE J 484 6.40 -4.90 47.81
C PHE J 484 6.37 -3.41 48.12
N TRP J 485 7.46 -2.69 47.83
CA TRP J 485 7.48 -1.25 48.08
C TRP J 485 6.45 -0.51 47.25
N LEU J 486 6.30 -0.91 45.98
CA LEU J 486 5.30 -0.26 45.13
C LEU J 486 3.88 -0.53 45.66
N SER J 487 3.62 -1.75 46.11
CA SER J 487 2.32 -2.05 46.72
C SER J 487 2.11 -1.23 47.98
N TRP J 488 3.15 -1.07 48.81
CA TRP J 488 3.06 -0.24 49.99
C TRP J 488 2.71 1.20 49.63
N ASP J 489 3.38 1.74 48.61
CA ASP J 489 3.11 3.10 48.16
C ASP J 489 1.67 3.24 47.67
N ALA J 490 1.11 2.16 47.10
CA ALA J 490 -0.25 2.21 46.59
C ALA J 490 -1.31 2.37 47.69
N LEU J 491 -0.95 2.22 48.96
CA LEU J 491 -1.95 2.25 50.03
C LEU J 491 -2.63 3.61 50.17
N ASP J 492 -1.87 4.70 50.06
CA ASP J 492 -2.40 6.01 50.41
C ASP J 492 -3.51 6.44 49.45
N ASP J 493 -4.39 7.30 49.96
CA ASP J 493 -5.57 7.74 49.22
C ASP J 493 -5.25 8.73 48.10
N ARG J 494 -4.03 9.24 48.03
CA ARG J 494 -3.68 10.23 47.02
C ARG J 494 -3.30 9.61 45.68
N LYS J 495 -3.27 8.28 45.58
CA LYS J 495 -2.90 7.59 44.35
C LYS J 495 -4.01 6.63 43.95
N VAL J 496 -4.46 6.74 42.70
CA VAL J 496 -5.45 5.82 42.16
C VAL J 496 -5.02 5.18 40.84
N GLU J 497 -4.05 5.75 40.13
CA GLU J 497 -3.48 5.07 38.97
C GLU J 497 -2.59 3.90 39.38
N LEU J 498 -2.24 3.80 40.64
CA LEU J 498 -1.53 2.64 41.18
C LEU J 498 -2.49 1.60 41.73
N LEU J 499 -3.80 1.81 41.59
CA LEU J 499 -4.82 0.86 41.97
C LEU J 499 -5.66 0.38 40.79
N ASN J 500 -5.94 1.27 39.84
CA ASN J 500 -6.59 0.83 38.61
C ASN J 500 -5.71 -0.15 37.85
N ARG J 501 -4.40 0.13 37.81
CA ARG J 501 -3.45 -0.79 37.20
C ARG J 501 -3.46 -2.14 37.93
N GLY J 502 -3.52 -2.12 39.26
CA GLY J 502 -3.58 -3.36 40.01
C GLY J 502 -4.84 -4.15 39.70
N ILE J 503 -5.96 -3.46 39.56
CA ILE J 503 -7.22 -4.14 39.25
C ILE J 503 -7.15 -4.80 37.88
N GLN J 504 -6.63 -4.08 36.88
CA GLN J 504 -6.55 -4.68 35.55
C GLN J 504 -5.55 -5.85 35.52
N LEU J 505 -4.46 -5.73 36.30
CA LEU J 505 -3.53 -6.84 36.40
C LEU J 505 -4.15 -8.04 37.12
N ALA J 506 -5.00 -7.79 38.11
CA ALA J 506 -5.72 -8.89 38.75
C ALA J 506 -6.61 -9.62 37.75
N GLN J 507 -7.32 -8.86 36.90
CA GLN J 507 -8.14 -9.48 35.87
C GLN J 507 -7.28 -10.35 34.95
N ASP J 508 -6.14 -9.81 34.50
CA ASP J 508 -5.27 -10.56 33.60
C ASP J 508 -4.73 -11.83 34.26
N LEU J 509 -4.30 -11.72 35.52
CA LEU J 509 -3.75 -12.88 36.22
C LEU J 509 -4.81 -13.95 36.45
N GLN J 510 -6.04 -13.54 36.78
CA GLN J 510 -7.10 -14.53 36.93
C GLN J 510 -7.41 -15.21 35.62
N ARG J 511 -7.38 -14.47 34.51
CA ARG J 511 -7.57 -15.09 33.20
C ARG J 511 -6.49 -16.14 32.94
N ALA J 512 -5.24 -15.79 33.22
CA ALA J 512 -4.15 -16.73 32.98
C ALA J 512 -4.28 -17.98 33.86
N ILE J 513 -4.64 -17.80 35.13
CA ILE J 513 -4.81 -18.93 36.03
C ILE J 513 -5.93 -19.83 35.55
N PHE J 514 -7.04 -19.25 35.10
CA PHE J 514 -8.14 -20.06 34.58
C PHE J 514 -7.72 -20.82 33.35
N ASN J 515 -6.97 -20.17 32.44
CA ASN J 515 -6.54 -20.82 31.21
C ASN J 515 -5.60 -21.98 31.49
N THR J 516 -4.75 -21.85 32.52
CA THR J 516 -3.87 -22.97 32.86
C THR J 516 -4.61 -24.09 33.58
N GLY J 517 -5.54 -23.74 34.48
CA GLY J 517 -6.27 -24.76 35.21
C GLY J 517 -7.18 -25.60 34.32
N VAL J 518 -7.81 -24.97 33.33
CA VAL J 518 -8.65 -25.74 32.42
C VAL J 518 -7.82 -26.75 31.64
N ALA J 519 -6.62 -26.36 31.21
CA ALA J 519 -5.73 -27.29 30.53
C ALA J 519 -5.32 -28.44 31.45
N ILE J 520 -5.01 -28.12 32.71
CA ILE J 520 -4.63 -29.18 33.66
C ILE J 520 -5.76 -30.17 33.83
N LEU J 521 -6.99 -29.67 34.00
CA LEU J 521 -8.14 -30.55 34.21
C LEU J 521 -8.49 -31.33 32.96
N GLU J 522 -8.23 -30.76 31.78
CA GLU J 522 -8.36 -31.53 30.54
C GLU J 522 -7.37 -32.68 30.51
N LYS J 523 -6.09 -32.38 30.77
CA LYS J 523 -5.03 -33.36 30.63
C LYS J 523 -5.07 -34.44 31.72
N LYS J 524 -5.75 -34.17 32.84
CA LYS J 524 -5.86 -35.16 33.93
C LYS J 524 -4.49 -35.47 34.53
N LEU J 525 -3.65 -34.44 34.64
CA LEU J 525 -2.30 -34.62 35.16
C LEU J 525 -2.27 -34.94 36.65
N ILE J 526 -3.40 -34.83 37.34
CA ILE J 526 -3.47 -35.12 38.77
C ILE J 526 -3.40 -36.62 38.99
N LYS J 527 -2.22 -37.11 39.33
CA LYS J 527 -2.04 -38.54 39.62
C LYS J 527 -2.50 -38.83 41.05
N HIS J 528 -3.34 -39.85 41.19
CA HIS J 528 -3.89 -40.23 42.49
C HIS J 528 -3.04 -41.34 43.07
N LEU J 529 -2.14 -40.99 43.98
CA LEU J 529 -1.33 -41.97 44.68
C LEU J 529 -2.09 -42.48 45.90
N ARG J 530 -1.45 -43.35 46.68
CA ARG J 530 -2.12 -43.96 47.82
C ARG J 530 -2.29 -42.97 48.98
N ILE J 531 -1.35 -42.04 49.13
CA ILE J 531 -1.34 -41.12 50.27
C ILE J 531 -1.69 -39.69 49.85
N TYR J 532 -1.02 -39.17 48.84
CA TYR J 532 -1.17 -37.77 48.46
C TYR J 532 -1.25 -37.65 46.94
N ARG J 533 -2.09 -36.72 46.48
CA ARG J 533 -2.19 -36.43 45.07
C ARG J 533 -0.95 -35.69 44.58
N LEU J 534 -0.68 -35.80 43.28
CA LEU J 534 0.51 -35.20 42.71
C LEU J 534 0.21 -34.73 41.29
N CYS J 535 0.74 -33.56 40.94
CA CYS J 535 0.66 -33.04 39.59
C CYS J 535 1.88 -32.19 39.31
N VAL J 536 2.42 -32.29 38.10
CA VAL J 536 3.63 -31.58 37.70
C VAL J 536 3.35 -30.85 36.39
N LEU J 537 3.66 -29.56 36.36
CA LEU J 537 3.51 -28.75 35.14
C LEU J 537 4.81 -28.83 34.35
N GLN J 538 4.98 -29.97 33.66
CA GLN J 538 6.21 -30.21 32.91
C GLN J 538 6.38 -29.21 31.77
N ASP J 539 5.33 -28.94 31.02
CA ASP J 539 5.41 -28.06 29.87
C ASP J 539 4.07 -27.40 29.63
N GLY J 540 4.12 -26.23 29.00
CA GLY J 540 2.92 -25.48 28.69
C GLY J 540 3.24 -24.05 28.32
N PRO J 541 2.21 -23.22 28.20
CA PRO J 541 2.42 -21.79 27.93
C PRO J 541 2.51 -20.98 29.21
N ASP J 542 3.09 -19.78 29.06
CA ASP J 542 3.22 -18.77 30.11
C ASP J 542 3.65 -19.34 31.46
N LEU J 543 4.50 -20.37 31.43
CA LEU J 543 4.96 -20.99 32.67
C LEU J 543 5.93 -20.12 33.46
N ASP J 544 6.46 -19.06 32.85
CA ASP J 544 7.38 -18.18 33.58
C ASP J 544 6.67 -17.37 34.66
N LEU J 545 5.35 -17.21 34.56
CA LEU J 545 4.62 -16.45 35.57
C LEU J 545 4.63 -17.14 36.93
N TYR J 546 4.77 -18.47 36.95
CA TYR J 546 4.58 -19.24 38.15
C TYR J 546 5.84 -19.36 39.00
N ARG J 547 6.86 -18.56 38.69
CA ARG J 547 8.03 -18.46 39.57
C ARG J 547 7.71 -17.74 40.88
N ASN J 548 6.53 -17.13 40.98
CA ASN J 548 6.14 -16.44 42.19
C ASN J 548 5.40 -17.39 43.13
N PRO J 549 5.86 -17.57 44.36
CA PRO J 549 5.17 -18.49 45.27
C PRO J 549 3.72 -18.11 45.52
N LEU J 550 3.41 -16.81 45.55
CA LEU J 550 2.03 -16.40 45.80
C LEU J 550 1.13 -16.74 44.61
N THR J 551 1.64 -16.60 43.39
CA THR J 551 0.89 -17.04 42.21
C THR J 551 0.68 -18.56 42.24
N LEU J 552 1.71 -19.30 42.64
CA LEU J 552 1.55 -20.75 42.74
C LEU J 552 0.51 -21.12 43.80
N LEU J 553 0.50 -20.41 44.92
CA LEU J 553 -0.52 -20.65 45.94
C LEU J 553 -1.92 -20.31 45.43
N ARG J 554 -2.06 -19.25 44.64
CA ARG J 554 -3.36 -18.94 44.05
C ARG J 554 -3.85 -20.07 43.15
N LEU J 555 -2.95 -20.56 42.29
CA LEU J 555 -3.32 -21.68 41.42
C LEU J 555 -3.68 -22.91 42.25
N GLY J 556 -2.91 -23.20 43.28
CA GLY J 556 -3.19 -24.34 44.13
C GLY J 556 -4.49 -24.20 44.89
N ASN J 557 -4.82 -22.98 45.31
CA ASN J 557 -6.10 -22.74 45.98
C ASN J 557 -7.25 -23.04 45.05
N TRP J 558 -7.16 -22.57 43.80
CA TRP J 558 -8.23 -22.88 42.85
C TRP J 558 -8.32 -24.39 42.61
N LEU J 559 -7.18 -25.05 42.45
CA LEU J 559 -7.19 -26.49 42.21
C LEU J 559 -7.78 -27.26 43.39
N ILE J 560 -7.43 -26.87 44.62
CA ILE J 560 -7.93 -27.59 45.78
C ILE J 560 -9.40 -27.33 45.99
N GLU J 561 -9.88 -26.12 45.66
CA GLU J 561 -11.32 -25.87 45.70
C GLU J 561 -12.05 -26.75 44.69
N CYS J 562 -11.52 -26.85 43.48
CA CYS J 562 -12.15 -27.70 42.46
C CYS J 562 -12.16 -29.16 42.91
N CYS J 563 -11.05 -29.63 43.49
CA CYS J 563 -10.99 -31.01 43.95
C CYS J 563 -11.94 -31.26 45.11
N ALA J 564 -12.04 -30.32 46.05
CA ALA J 564 -12.94 -30.48 47.18
C ALA J 564 -14.39 -30.51 46.74
N GLU J 565 -14.76 -29.68 45.77
CA GLU J 565 -16.14 -29.64 45.28
C GLU J 565 -16.40 -30.80 44.31
N SER J 566 -16.27 -32.01 44.84
CA SER J 566 -16.50 -33.23 44.08
C SER J 566 -17.14 -34.28 44.99
N GLU J 567 -17.40 -35.45 44.42
CA GLU J 567 -18.00 -36.55 45.16
C GLU J 567 -16.99 -37.44 45.85
N ASP J 568 -15.70 -37.19 45.66
CA ASP J 568 -14.68 -38.00 46.31
C ASP J 568 -14.71 -37.81 47.83
N LYS J 569 -14.51 -38.90 48.56
CA LYS J 569 -14.54 -38.90 50.02
C LYS J 569 -13.15 -39.13 50.60
N GLN J 570 -12.13 -38.57 49.96
CA GLN J 570 -10.76 -38.70 50.41
C GLN J 570 -10.15 -37.31 50.59
N LEU J 571 -9.60 -37.05 51.78
CA LEU J 571 -8.93 -35.80 52.08
C LEU J 571 -7.44 -36.06 52.06
N LEU J 572 -6.80 -35.72 50.94
CA LEU J 572 -5.38 -35.99 50.78
C LEU J 572 -4.62 -34.70 50.45
N PRO J 573 -3.41 -34.53 51.00
CA PRO J 573 -2.60 -33.36 50.65
C PRO J 573 -2.21 -33.40 49.18
N MET J 574 -2.04 -32.22 48.60
CA MET J 574 -1.70 -32.07 47.19
C MET J 574 -0.33 -31.43 47.06
N VAL J 575 0.48 -31.96 46.14
CA VAL J 575 1.80 -31.45 45.83
C VAL J 575 1.78 -30.87 44.43
N LEU J 576 2.23 -29.63 44.30
CA LEU J 576 2.26 -28.95 43.01
C LEU J 576 3.67 -28.46 42.72
N ALA J 577 4.11 -28.64 41.48
CA ALA J 577 5.46 -28.28 41.08
C ALA J 577 5.43 -27.58 39.73
N SER J 578 6.47 -26.79 39.47
CA SER J 578 6.59 -26.04 38.22
C SER J 578 8.02 -26.16 37.71
N ILE J 579 8.30 -25.45 36.62
CA ILE J 579 9.61 -25.47 35.97
C ILE J 579 10.06 -24.03 35.70
N ASP J 580 11.36 -23.79 35.88
CA ASP J 580 12.01 -22.53 35.55
C ASP J 580 13.24 -22.91 34.72
N GLU J 581 13.06 -22.95 33.40
CA GLU J 581 14.08 -23.54 32.52
C GLU J 581 15.43 -22.84 32.61
N ASN J 582 15.43 -21.56 32.98
CA ASN J 582 16.71 -20.84 33.10
C ASN J 582 17.57 -21.43 34.21
N THR J 583 16.96 -21.78 35.34
CA THR J 583 17.68 -22.32 36.48
C THR J 583 17.70 -23.85 36.49
N ASP J 584 16.80 -24.49 35.74
CA ASP J 584 16.66 -25.94 35.72
C ASP J 584 16.33 -26.48 37.12
N THR J 585 15.38 -25.82 37.77
CA THR J 585 14.95 -26.19 39.11
C THR J 585 13.44 -26.26 39.18
N TYR J 586 12.94 -27.21 39.98
CA TYR J 586 11.52 -27.32 40.25
C TYR J 586 11.17 -26.54 41.51
N LEU J 587 10.05 -25.83 41.48
CA LEU J 587 9.54 -25.11 42.63
C LEU J 587 8.33 -25.89 43.14
N VAL J 588 8.51 -26.56 44.28
CA VAL J 588 7.51 -27.48 44.82
C VAL J 588 6.87 -26.85 46.05
N ALA J 589 5.54 -26.83 46.07
CA ALA J 589 4.78 -26.28 47.19
C ALA J 589 3.77 -27.30 47.66
N GLY J 590 3.73 -27.53 48.97
CA GLY J 590 2.74 -28.44 49.55
C GLY J 590 1.48 -27.69 49.93
N LEU J 591 0.34 -28.33 49.69
CA LEU J 591 -0.97 -27.72 49.88
C LEU J 591 -1.82 -28.57 50.81
N THR J 592 -2.51 -27.91 51.73
CA THR J 592 -3.40 -28.59 52.66
C THR J 592 -4.78 -28.80 52.03
N PRO J 593 -5.47 -29.87 52.42
CA PRO J 593 -6.87 -30.03 51.98
C PRO J 593 -7.80 -29.08 52.74
N ARG J 594 -8.92 -28.78 52.09
CA ARG J 594 -9.89 -27.85 52.63
C ARG J 594 -11.29 -28.45 52.57
N TYR J 595 -12.07 -28.22 53.62
CA TYR J 595 -13.45 -28.64 53.65
C TYR J 595 -14.31 -27.72 52.77
N PRO J 596 -15.47 -28.19 52.35
CA PRO J 596 -16.39 -27.30 51.61
C PRO J 596 -16.79 -26.11 52.47
N ARG J 597 -16.94 -24.95 51.82
CA ARG J 597 -17.25 -23.73 52.55
C ARG J 597 -18.61 -23.80 53.20
N GLY J 598 -19.54 -24.58 52.65
CA GLY J 598 -20.86 -24.72 53.23
C GLY J 598 -20.95 -25.89 54.20
N LEU J 599 -20.19 -25.82 55.29
CA LEU J 599 -20.19 -26.88 56.29
C LEU J 599 -20.39 -26.28 57.68
N ASP J 600 -20.97 -27.08 58.57
CA ASP J 600 -21.23 -26.64 59.93
C ASP J 600 -19.94 -26.63 60.75
N THR J 601 -20.04 -26.11 61.97
CA THR J 601 -18.89 -25.94 62.84
C THR J 601 -18.59 -27.17 63.68
N ILE J 602 -19.48 -28.18 63.70
CA ILE J 602 -19.24 -29.36 64.53
C ILE J 602 -18.06 -30.16 63.99
N HIS J 603 -17.91 -30.22 62.66
CA HIS J 603 -16.77 -30.89 62.06
C HIS J 603 -15.65 -29.89 61.77
N THR J 604 -15.39 -29.02 62.74
CA THR J 604 -14.30 -28.06 62.67
C THR J 604 -13.61 -28.05 64.03
N LYS J 605 -13.39 -29.24 64.58
CA LYS J 605 -12.77 -29.35 65.90
C LYS J 605 -11.34 -28.81 65.87
N LYS J 606 -10.63 -29.02 64.77
CA LYS J 606 -9.29 -28.50 64.60
C LYS J 606 -9.02 -28.30 63.12
N PRO J 607 -8.40 -27.20 62.73
CA PRO J 607 -8.07 -27.00 61.31
C PRO J 607 -7.04 -28.02 60.85
N ILE J 608 -7.07 -28.31 59.54
CA ILE J 608 -6.17 -29.29 58.97
C ILE J 608 -4.73 -28.77 59.03
N LEU J 609 -3.84 -29.58 59.60
CA LEU J 609 -2.46 -29.18 59.77
C LEU J 609 -1.66 -29.45 58.49
N ASN J 610 -0.41 -29.00 58.50
CA ASN J 610 0.50 -29.16 57.36
C ASN J 610 1.78 -29.83 57.84
N ASN J 611 2.04 -31.03 57.35
CA ASN J 611 3.23 -31.80 57.73
C ASN J 611 4.31 -31.76 56.66
N PHE J 612 4.11 -30.98 55.60
CA PHE J 612 5.06 -30.96 54.50
C PHE J 612 6.40 -30.38 54.91
N SER J 613 6.39 -29.36 55.78
CA SER J 613 7.64 -28.79 56.25
C SER J 613 8.44 -29.80 57.03
N MET J 614 7.79 -30.54 57.93
CA MET J 614 8.47 -31.58 58.69
C MET J 614 9.01 -32.67 57.78
N ALA J 615 8.20 -33.09 56.80
CA ALA J 615 8.67 -34.15 55.89
C ALA J 615 9.89 -33.69 55.10
N PHE J 616 9.83 -32.46 54.57
CA PHE J 616 10.95 -31.93 53.79
C PHE J 616 12.20 -31.82 54.64
N GLN J 617 12.08 -31.29 55.85
CA GLN J 617 13.26 -31.13 56.68
C GLN J 617 13.86 -32.48 57.08
N GLN J 618 13.00 -33.47 57.39
CA GLN J 618 13.52 -34.79 57.73
C GLN J 618 14.23 -35.44 56.55
N ILE J 619 13.64 -35.35 55.36
CA ILE J 619 14.26 -35.94 54.18
C ILE J 619 15.59 -35.26 53.87
N THR J 620 15.64 -33.93 53.97
CA THR J 620 16.88 -33.23 53.67
C THR J 620 17.94 -33.48 54.74
N ALA J 621 17.54 -33.69 56.00
CA ALA J 621 18.52 -33.98 57.03
C ALA J 621 19.01 -35.42 57.01
N GLU J 622 18.26 -36.34 56.40
CA GLU J 622 18.72 -37.72 56.31
C GLU J 622 19.27 -38.09 54.95
N THR J 623 19.14 -37.22 53.94
CA THR J 623 19.65 -37.51 52.62
C THR J 623 20.26 -36.24 52.03
N ASP J 624 21.39 -36.38 51.32
CA ASP J 624 22.11 -35.25 50.77
C ASP J 624 21.50 -34.80 49.43
N ALA J 625 20.26 -34.32 49.51
CA ALA J 625 19.60 -33.77 48.35
C ALA J 625 20.03 -32.33 48.12
N LYS J 626 19.92 -31.89 46.86
CA LYS J 626 20.34 -30.54 46.47
C LYS J 626 19.11 -29.65 46.41
N VAL J 627 18.69 -29.20 47.60
CA VAL J 627 17.54 -28.31 47.74
C VAL J 627 18.00 -27.00 48.38
N ARG J 628 17.08 -26.04 48.43
CA ARG J 628 17.35 -24.73 49.03
C ARG J 628 16.07 -24.31 49.77
N ILE J 629 16.02 -24.61 51.07
CA ILE J 629 14.87 -24.28 51.90
C ILE J 629 15.23 -23.01 52.65
N ASP J 630 14.81 -21.86 52.11
CA ASP J 630 15.06 -20.57 52.73
C ASP J 630 13.84 -19.66 52.79
N ASN J 631 12.76 -20.00 52.09
CA ASN J 631 11.56 -19.18 52.12
C ASN J 631 10.94 -19.18 53.51
N PHE J 632 10.32 -18.05 53.88
CA PHE J 632 9.66 -17.97 55.17
C PHE J 632 8.51 -18.97 55.28
N GLU J 633 7.91 -19.33 54.16
CA GLU J 633 6.93 -20.41 54.13
C GLU J 633 7.67 -21.73 54.15
N SER J 634 7.53 -22.49 55.25
CA SER J 634 8.30 -23.71 55.43
C SER J 634 7.83 -24.84 54.54
N SER J 635 6.70 -24.69 53.84
CA SER J 635 6.17 -25.73 52.97
C SER J 635 6.50 -25.47 51.50
N ILE J 636 7.36 -24.51 51.20
CA ILE J 636 7.77 -24.20 49.84
C ILE J 636 9.27 -24.39 49.73
N ILE J 637 9.70 -25.22 48.78
CA ILE J 637 11.11 -25.53 48.59
C ILE J 637 11.44 -25.45 47.11
N GLU J 638 12.73 -25.33 46.81
CA GLU J 638 13.25 -25.41 45.46
C GLU J 638 14.11 -26.66 45.34
N ILE J 639 13.80 -27.50 44.35
CA ILE J 639 14.46 -28.79 44.19
C ILE J 639 14.97 -28.90 42.76
N ARG J 640 15.94 -29.79 42.58
CA ARG J 640 16.57 -29.97 41.28
C ARG J 640 15.73 -30.85 40.37
N ARG J 641 15.85 -30.61 39.07
CA ARG J 641 15.09 -31.39 38.09
C ARG J 641 15.47 -32.87 38.16
N GLU J 642 16.77 -33.16 38.26
CA GLU J 642 17.21 -34.55 38.37
C GLU J 642 16.95 -35.13 39.76
N ASP J 643 16.82 -34.29 40.78
CA ASP J 643 16.65 -34.75 42.15
C ASP J 643 15.20 -34.87 42.58
N LEU J 644 14.26 -34.40 41.75
CA LEU J 644 12.84 -34.42 42.15
C LEU J 644 12.36 -35.83 42.45
N SER J 645 12.57 -36.76 41.52
CA SER J 645 11.94 -38.08 41.63
C SER J 645 12.44 -38.85 42.84
N PRO J 646 13.74 -39.23 42.92
CA PRO J 646 14.15 -40.02 44.09
C PRO J 646 13.54 -39.44 45.34
N PHE J 647 13.77 -38.13 45.55
CA PHE J 647 13.11 -37.41 46.62
C PHE J 647 11.65 -37.80 46.76
N LEU J 648 10.91 -37.77 45.64
CA LEU J 648 9.49 -38.09 45.71
C LEU J 648 9.27 -39.48 46.30
N GLU J 649 9.96 -40.49 45.77
CA GLU J 649 9.78 -41.82 46.35
C GLU J 649 10.11 -41.82 47.83
N LYS J 650 11.15 -41.07 48.22
CA LYS J 650 11.50 -40.99 49.63
C LYS J 650 10.30 -40.48 50.43
N LEU J 651 9.67 -39.42 49.93
CA LEU J 651 8.51 -38.85 50.61
C LEU J 651 7.37 -39.86 50.64
N THR J 652 7.29 -40.71 49.62
CA THR J 652 6.28 -41.75 49.62
C THR J 652 6.56 -42.79 50.70
N LEU J 653 7.84 -43.07 50.96
CA LEU J 653 8.20 -44.14 51.88
C LEU J 653 8.36 -43.66 53.31
N SER J 654 8.41 -42.36 53.53
CA SER J 654 8.59 -41.81 54.86
C SER J 654 7.24 -41.58 55.53
N GLY J 655 7.22 -41.73 56.86
CA GLY J 655 6.01 -41.50 57.62
C GLY J 655 5.64 -40.04 57.59
N LEU J 656 4.49 -39.71 57.00
CA LEU J 656 4.07 -38.32 56.85
C LEU J 656 3.51 -37.78 58.15
N VAL K 10 44.40 5.92 76.75
CA VAL K 10 43.10 5.83 77.39
C VAL K 10 42.04 5.34 76.40
N LYS K 11 41.39 4.24 76.73
CA LYS K 11 40.38 3.66 75.84
C LYS K 11 39.13 4.55 75.88
N ILE K 12 38.77 5.07 74.70
CA ILE K 12 37.73 6.10 74.59
C ILE K 12 36.36 5.46 74.40
N GLN K 13 35.31 6.27 74.55
CA GLN K 13 33.95 5.86 74.23
C GLN K 13 33.57 6.43 72.88
N PRO K 14 33.23 5.62 71.89
CA PRO K 14 32.96 6.14 70.53
C PRO K 14 31.84 7.18 70.49
N PRO K 15 30.77 7.04 71.28
CA PRO K 15 29.73 8.09 71.23
C PRO K 15 30.22 9.50 71.53
N LEU K 16 31.15 9.66 72.47
CA LEU K 16 31.61 11.00 72.83
C LEU K 16 32.70 11.52 71.91
N LEU K 17 33.18 10.71 70.96
CA LEU K 17 34.09 11.19 69.92
C LEU K 17 33.38 11.49 68.61
N ARG K 18 32.22 10.87 68.38
CA ARG K 18 31.53 10.98 67.10
C ARG K 18 31.27 12.42 66.64
N PRO K 19 30.76 13.33 67.49
CA PRO K 19 30.48 14.68 66.98
C PRO K 19 31.72 15.43 66.48
N LEU K 20 32.86 15.26 67.16
CA LEU K 20 34.07 15.98 66.76
C LEU K 20 34.49 15.60 65.35
N ALA K 21 34.46 14.31 65.03
CA ALA K 21 34.79 13.87 63.68
C ALA K 21 33.68 14.26 62.70
N TYR K 22 32.42 14.08 63.10
CA TYR K 22 31.29 14.29 62.19
C TYR K 22 31.21 15.74 61.74
N ARG K 23 31.39 16.69 62.64
CA ARG K 23 31.29 18.10 62.26
C ARG K 23 32.33 18.43 61.19
N VAL K 24 33.60 18.13 61.47
CA VAL K 24 34.68 18.51 60.57
C VAL K 24 34.58 17.77 59.25
N LEU K 25 34.13 16.51 59.29
CA LEU K 25 34.13 15.68 58.09
C LEU K 25 32.76 15.61 57.42
N SER K 26 31.80 16.42 57.86
CA SER K 26 30.50 16.45 57.19
C SER K 26 29.92 17.83 56.95
N ARG K 27 30.43 18.90 57.59
CA ARG K 27 29.86 20.22 57.40
C ARG K 27 30.83 21.18 56.72
N LYS K 28 32.09 21.23 57.17
CA LYS K 28 33.08 22.07 56.50
C LYS K 28 33.61 21.40 55.24
N TYR K 29 34.19 20.21 55.40
CA TYR K 29 34.73 19.46 54.27
C TYR K 29 34.47 17.98 54.49
N GLY K 30 34.52 17.21 53.39
CA GLY K 30 34.38 15.78 53.48
C GLY K 30 32.94 15.33 53.62
N LEU K 31 32.75 14.01 53.59
CA LEU K 31 31.42 13.43 53.67
C LEU K 31 31.55 11.92 53.88
N SER K 32 30.48 11.33 54.43
CA SER K 32 30.27 9.89 54.46
C SER K 32 31.40 9.16 55.19
N ILE K 33 31.45 9.41 56.50
CA ILE K 33 32.40 8.72 57.37
C ILE K 33 31.84 7.37 57.76
N LYS K 34 32.57 6.30 57.45
CA LYS K 34 32.16 4.96 57.80
C LYS K 34 32.55 4.64 59.25
N SER K 35 32.12 3.46 59.72
CA SER K 35 32.46 3.03 61.07
C SER K 35 33.95 2.77 61.21
N ASP K 36 34.57 2.17 60.19
CA ASP K 36 36.01 1.93 60.23
C ASP K 36 36.79 3.24 60.22
N GLY K 37 36.26 4.27 59.56
CA GLY K 37 36.87 5.59 59.67
C GLY K 37 36.83 6.12 61.08
N LEU K 38 35.70 5.92 61.77
CA LEU K 38 35.60 6.33 63.16
C LEU K 38 36.59 5.55 64.03
N SER K 39 36.74 4.25 63.78
CA SER K 39 37.70 3.46 64.54
C SER K 39 39.14 3.92 64.28
N ALA K 40 39.47 4.23 63.03
CA ALA K 40 40.81 4.73 62.71
C ALA K 40 41.06 6.08 63.38
N LEU K 41 40.07 6.96 63.37
CA LEU K 41 40.24 8.24 64.06
C LEU K 41 40.35 8.03 65.57
N ALA K 42 39.63 7.04 66.11
CA ALA K 42 39.71 6.73 67.53
C ALA K 42 41.11 6.27 67.91
N GLU K 43 41.71 5.38 67.11
CA GLU K 43 43.05 4.94 67.43
C GLU K 43 44.08 6.04 67.19
N PHE K 44 43.82 6.93 66.22
CA PHE K 44 44.69 8.09 66.03
C PHE K 44 44.66 9.01 67.25
N VAL K 45 43.47 9.24 67.81
CA VAL K 45 43.37 10.01 69.05
C VAL K 45 44.06 9.28 70.18
N GLY K 46 43.96 7.95 70.20
CA GLY K 46 44.65 7.17 71.20
C GLY K 46 46.15 7.34 71.16
N THR K 47 46.72 7.35 69.95
CA THR K 47 48.16 7.60 69.82
C THR K 47 48.51 9.01 70.27
N ASN K 48 47.82 10.02 69.74
CA ASN K 48 48.06 11.40 70.15
C ASN K 48 47.19 11.76 71.35
N ILE K 49 47.25 10.92 72.39
CA ILE K 49 46.44 11.12 73.58
C ILE K 49 47.15 12.16 74.45
N GLY K 50 46.45 12.66 75.47
CA GLY K 50 46.98 13.72 76.32
C GLY K 50 45.87 14.58 76.87
N ALA K 51 45.98 15.89 76.70
CA ALA K 51 44.91 16.80 77.11
C ALA K 51 43.87 16.94 76.01
N ASN K 52 43.38 15.82 75.51
CA ASN K 52 42.36 15.81 74.49
C ASN K 52 40.98 16.02 75.13
N TRP K 53 39.99 16.24 74.26
CA TRP K 53 38.68 16.77 74.61
C TRP K 53 38.76 18.11 75.33
N ARG K 54 39.95 18.69 75.40
CA ARG K 54 40.14 20.07 75.79
C ARG K 54 41.16 20.76 74.89
N GLN K 55 41.72 20.04 73.91
CA GLN K 55 42.74 20.56 73.00
C GLN K 55 42.07 20.78 71.65
N GLY K 56 41.92 22.05 71.26
CA GLY K 56 41.28 22.40 70.02
C GLY K 56 42.15 22.31 68.79
N PRO K 57 43.21 23.13 68.72
CA PRO K 57 43.92 23.31 67.44
C PRO K 57 44.59 22.05 66.89
N ALA K 58 45.33 21.30 67.71
CA ALA K 58 46.16 20.23 67.18
C ALA K 58 45.32 19.13 66.53
N THR K 59 44.23 18.72 67.18
CA THR K 59 43.40 17.66 66.64
C THR K 59 42.75 18.08 65.32
N ILE K 60 42.24 19.31 65.25
CA ILE K 60 41.57 19.74 64.04
C ILE K 60 42.56 19.95 62.90
N LYS K 61 43.78 20.41 63.19
CA LYS K 61 44.76 20.53 62.11
C LYS K 61 45.26 19.17 61.66
N PHE K 62 45.33 18.20 62.58
CA PHE K 62 45.65 16.83 62.16
C PHE K 62 44.53 16.26 61.28
N LEU K 63 43.27 16.58 61.58
CA LEU K 63 42.18 16.18 60.71
C LEU K 63 42.27 16.85 59.35
N GLU K 64 42.66 18.13 59.32
CA GLU K 64 42.86 18.81 58.06
C GLU K 64 44.01 18.19 57.26
N GLN K 65 45.06 17.74 57.95
CA GLN K 65 46.14 17.02 57.27
C GLN K 65 45.64 15.67 56.75
N PHE K 66 44.75 15.01 57.49
CA PHE K 66 44.11 13.80 56.99
C PHE K 66 43.35 14.09 55.71
N ALA K 67 42.62 15.20 55.67
CA ALA K 67 41.92 15.59 54.45
C ALA K 67 42.90 15.87 53.31
N ALA K 68 43.99 16.58 53.61
CA ALA K 68 45.00 16.88 52.59
C ALA K 68 45.74 15.64 52.13
N VAL K 69 45.67 14.55 52.90
CA VAL K 69 46.26 13.28 52.47
C VAL K 69 45.26 12.44 51.69
N TRP K 70 43.97 12.52 52.04
CA TRP K 70 42.98 11.58 51.52
C TRP K 70 42.18 12.12 50.34
N LYS K 71 42.11 13.45 50.14
CA LYS K 71 41.28 13.97 49.06
C LYS K 71 41.88 13.68 47.68
N GLN K 72 43.20 13.48 47.58
CA GLN K 72 43.79 13.19 46.28
C GLN K 72 43.52 11.76 45.83
N GLN K 73 43.42 10.83 46.77
CA GLN K 73 43.22 9.42 46.43
C GLN K 73 41.76 9.19 46.01
N GLU K 74 41.58 8.61 44.82
CA GLU K 74 40.25 8.34 44.27
C GLU K 74 39.40 9.60 44.28
N ARG K 75 38.32 9.58 45.05
CA ARG K 75 37.53 10.77 45.32
C ARG K 75 37.34 11.01 46.82
N GLY K 76 37.67 10.05 47.66
CA GLY K 76 37.65 10.24 49.11
C GLY K 76 36.28 10.44 49.72
N LEU K 77 35.27 9.72 49.23
CA LEU K 77 33.94 9.79 49.80
C LEU K 77 33.61 8.59 50.70
N PHE K 78 34.55 7.68 50.90
CA PHE K 78 34.39 6.59 51.84
C PHE K 78 35.74 6.29 52.48
N ILE K 79 35.71 5.75 53.70
CA ILE K 79 36.92 5.36 54.42
C ILE K 79 36.73 3.92 54.92
N ASP K 80 37.42 2.99 54.28
CA ASP K 80 37.36 1.57 54.63
C ASP K 80 38.46 1.26 55.63
N GLN K 81 38.77 -0.03 55.80
CA GLN K 81 39.84 -0.47 56.69
C GLN K 81 41.14 0.32 56.49
N SER K 82 41.32 0.95 55.33
CA SER K 82 42.55 1.64 54.98
C SER K 82 42.88 2.83 55.88
N GLY K 83 41.99 3.15 56.82
CA GLY K 83 42.22 4.28 57.69
C GLY K 83 43.56 4.21 58.38
N VAL K 84 43.97 3.01 58.78
CA VAL K 84 45.32 2.82 59.28
C VAL K 84 46.35 3.15 58.20
N LYS K 85 46.01 2.93 56.93
CA LYS K 85 46.96 3.27 55.88
C LYS K 85 47.13 4.79 55.74
N GLU K 86 46.03 5.56 55.82
CA GLU K 86 46.25 7.01 55.82
C GLU K 86 46.92 7.47 57.10
N VAL K 87 46.71 6.76 58.20
CA VAL K 87 47.43 7.12 59.43
C VAL K 87 48.93 6.92 59.24
N ILE K 88 49.32 5.81 58.62
CA ILE K 88 50.74 5.57 58.33
C ILE K 88 51.27 6.59 57.34
N GLN K 89 50.44 7.01 56.38
CA GLN K 89 50.82 8.06 55.46
C GLN K 89 51.11 9.36 56.20
N GLU K 90 50.28 9.68 57.19
CA GLU K 90 50.54 10.83 58.05
C GLU K 90 51.84 10.66 58.81
N MET K 91 52.09 9.47 59.35
CA MET K 91 53.31 9.23 60.12
C MET K 91 54.56 9.41 59.26
N LYS K 92 54.53 8.91 58.03
CA LYS K 92 55.71 9.02 57.17
C LYS K 92 55.75 10.32 56.38
N GLU K 93 54.71 11.16 56.46
CA GLU K 93 54.73 12.48 55.87
C GLU K 93 55.03 13.59 56.88
N ARG K 94 55.34 13.23 58.11
CA ARG K 94 55.71 14.23 59.12
C ARG K 94 57.22 14.43 59.14
N ARG K 167 68.26 4.81 43.21
CA ARG K 167 67.29 5.89 43.06
C ARG K 167 65.87 5.34 43.02
N ASP K 168 64.89 6.18 43.33
CA ASP K 168 63.49 5.84 43.27
C ASP K 168 62.79 6.69 42.21
N TYR K 169 61.47 6.58 42.15
CA TYR K 169 60.62 7.39 41.27
C TYR K 169 60.95 7.19 39.80
N PHE K 170 61.37 5.99 39.42
CA PHE K 170 61.46 5.60 38.02
C PHE K 170 61.03 4.15 37.88
N LYS K 171 60.46 3.82 36.72
CA LYS K 171 59.92 2.49 36.50
C LYS K 171 60.33 2.00 35.11
N VAL K 172 60.35 0.68 34.98
CA VAL K 172 60.60 0.00 33.71
C VAL K 172 59.36 -0.79 33.35
N ILE K 173 58.84 -0.58 32.14
CA ILE K 173 57.61 -1.21 31.70
C ILE K 173 57.85 -1.92 30.37
N ASN K 174 57.18 -3.05 30.19
CA ASN K 174 57.29 -3.83 28.98
C ASN K 174 56.12 -3.53 28.04
N ALA K 175 56.12 -4.16 26.87
CA ALA K 175 55.04 -3.97 25.92
C ALA K 175 53.76 -4.70 26.31
N SER K 176 53.86 -5.68 27.20
CA SER K 176 52.67 -6.43 27.62
C SER K 176 51.79 -5.61 28.55
N GLN K 177 52.40 -4.81 29.43
CA GLN K 177 51.68 -4.02 30.41
C GLN K 177 51.55 -2.56 30.00
N GLN K 178 51.93 -2.21 28.77
CA GLN K 178 51.79 -0.84 28.30
C GLN K 178 50.32 -0.46 28.24
N GLN K 179 50.01 0.78 28.64
CA GLN K 179 48.63 1.24 28.64
C GLN K 179 48.12 1.40 27.23
N ARG K 180 46.85 1.05 27.02
CA ARG K 180 46.24 1.02 25.69
C ARG K 180 45.46 2.30 25.47
N PHE K 181 45.82 3.03 24.41
CA PHE K 181 45.12 4.26 24.04
C PHE K 181 44.81 4.21 22.54
N SER K 182 43.53 4.29 22.21
CA SER K 182 43.09 4.26 20.82
C SER K 182 43.15 5.68 20.23
N TYR K 183 42.60 5.84 19.03
CA TYR K 183 42.56 7.13 18.36
C TYR K 183 41.28 7.24 17.55
N ASN K 184 40.74 8.46 17.50
CA ASN K 184 39.53 8.74 16.73
C ASN K 184 39.78 9.96 15.85
N PRO K 185 39.54 9.85 14.54
CA PRO K 185 39.84 10.97 13.64
C PRO K 185 38.86 12.12 13.74
N HIS K 186 37.56 11.81 13.84
CA HIS K 186 36.53 12.85 13.76
C HIS K 186 36.55 13.78 14.96
N LYS K 187 37.01 13.32 16.12
CA LYS K 187 37.15 14.18 17.29
C LYS K 187 38.59 14.59 17.58
N MET K 188 39.57 13.84 17.05
CA MET K 188 40.99 14.18 17.15
C MET K 188 41.45 14.18 18.61
N GLN K 189 41.12 13.11 19.32
CA GLN K 189 41.65 12.86 20.65
C GLN K 189 42.03 11.39 20.78
N PHE K 190 43.02 11.12 21.62
CA PHE K 190 43.31 9.76 22.02
C PHE K 190 42.27 9.30 23.03
N ILE K 191 41.87 8.02 22.93
CA ILE K 191 40.81 7.47 23.75
C ILE K 191 41.36 6.27 24.52
N PHE K 192 41.15 6.28 25.84
CA PHE K 192 41.56 5.15 26.66
C PHE K 192 40.70 3.93 26.37
N VAL K 193 41.31 2.76 26.41
CA VAL K 193 40.64 1.49 26.20
C VAL K 193 40.87 0.63 27.44
N PRO K 194 39.84 0.01 28.01
CA PRO K 194 40.05 -0.85 29.19
C PRO K 194 40.99 -2.01 28.86
N ASN K 195 41.83 -2.36 29.84
CA ASN K 195 42.76 -3.45 29.69
C ASN K 195 42.06 -4.78 29.95
N LYS K 196 42.21 -5.72 29.02
CA LYS K 196 41.57 -7.03 29.16
C LYS K 196 42.08 -7.81 30.36
N LYS K 197 43.31 -7.51 30.82
CA LYS K 197 43.85 -8.23 31.97
C LYS K 197 43.12 -7.84 33.26
N GLN K 198 42.76 -6.57 33.41
CA GLN K 198 42.20 -6.08 34.67
C GLN K 198 40.70 -6.32 34.80
N ASN K 199 39.94 -6.07 33.74
CA ASN K 199 38.49 -6.24 33.82
C ASN K 199 38.04 -7.62 33.36
N GLY K 200 38.78 -8.24 32.43
CA GLY K 200 38.43 -9.57 31.98
C GLY K 200 38.85 -10.65 32.96
N LEU K 201 38.37 -11.86 32.70
CA LEU K 201 38.70 -12.99 33.57
C LEU K 201 40.14 -13.44 33.36
N GLY K 202 40.48 -13.83 32.14
CA GLY K 202 41.83 -14.27 31.85
C GLY K 202 42.20 -15.64 32.40
N GLY K 203 41.21 -16.41 32.83
CA GLY K 203 41.51 -17.71 33.41
C GLY K 203 42.06 -18.70 32.41
N ILE K 204 41.57 -18.67 31.18
CA ILE K 204 41.95 -19.63 30.14
C ILE K 204 42.73 -18.95 29.01
N ALA K 205 42.11 -17.98 28.33
CA ALA K 205 42.76 -17.34 27.18
C ALA K 205 42.14 -15.95 27.01
N GLY K 206 42.89 -14.93 27.42
CA GLY K 206 42.43 -13.56 27.29
C GLY K 206 43.39 -12.70 26.47
N PHE K 207 44.54 -13.26 26.12
CA PHE K 207 45.54 -12.53 25.37
C PHE K 207 45.27 -12.53 23.86
N LEU K 208 44.28 -13.28 23.40
CA LEU K 208 44.01 -13.38 21.97
C LEU K 208 43.24 -12.15 21.51
N PRO K 209 43.78 -11.37 20.57
CA PRO K 209 43.02 -10.23 20.04
C PRO K 209 41.86 -10.68 19.17
N ASP K 210 40.86 -9.81 19.06
CA ASP K 210 39.70 -10.12 18.23
C ASP K 210 39.99 -9.77 16.77
N ILE K 211 39.02 -10.04 15.90
CA ILE K 211 39.27 -10.05 14.47
C ILE K 211 39.52 -8.65 13.92
N GLU K 212 38.76 -7.66 14.39
CA GLU K 212 38.79 -6.34 13.78
C GLU K 212 40.04 -5.54 14.11
N ASP K 213 40.89 -6.02 15.02
CA ASP K 213 42.10 -5.26 15.35
C ASP K 213 43.02 -5.13 14.16
N LYS K 214 43.17 -6.19 13.36
CA LYS K 214 44.03 -6.09 12.18
C LYS K 214 43.40 -5.21 11.12
N VAL K 215 42.07 -5.10 11.10
CA VAL K 215 41.41 -4.17 10.20
C VAL K 215 41.71 -2.73 10.62
N GLN K 216 41.67 -2.46 11.93
CA GLN K 216 41.80 -1.10 12.44
C GLN K 216 43.24 -0.64 12.64
N MET K 217 44.22 -1.55 12.61
CA MET K 217 45.59 -1.14 12.91
C MET K 217 46.16 -0.21 11.84
N PHE K 218 45.98 -0.57 10.56
CA PHE K 218 46.45 0.31 9.49
C PHE K 218 45.66 1.60 9.44
N LEU K 219 44.35 1.54 9.76
CA LEU K 219 43.56 2.74 9.85
C LEU K 219 44.11 3.70 10.90
N THR K 220 44.45 3.16 12.07
CA THR K 220 45.00 3.99 13.14
C THR K 220 46.35 4.59 12.73
N ARG K 221 47.21 3.77 12.11
CA ARG K 221 48.50 4.29 11.67
C ARG K 221 48.32 5.42 10.65
N TYR K 222 47.42 5.23 9.68
CA TYR K 222 47.16 6.26 8.69
C TYR K 222 46.60 7.52 9.34
N TYR K 223 45.70 7.36 10.31
CA TYR K 223 45.10 8.51 10.98
C TYR K 223 46.17 9.32 11.71
N LEU K 224 47.05 8.65 12.45
CA LEU K 224 48.11 9.36 13.15
C LEU K 224 49.05 10.06 12.16
N THR K 225 49.41 9.37 11.08
CA THR K 225 50.31 9.99 10.11
C THR K 225 49.68 11.20 9.46
N ASN K 226 48.39 11.11 9.11
CA ASN K 226 47.69 12.23 8.50
C ASN K 226 47.58 13.41 9.45
N ASP K 227 47.29 13.15 10.72
CA ASP K 227 47.24 14.22 11.70
C ASP K 227 48.60 14.90 11.85
N ARG K 228 49.66 14.10 11.91
CA ARG K 228 51.00 14.67 12.01
C ARG K 228 51.33 15.52 10.80
N VAL K 229 50.95 15.06 9.61
CA VAL K 229 51.20 15.84 8.39
C VAL K 229 50.42 17.15 8.42
N MET K 230 49.14 17.09 8.83
CA MET K 230 48.30 18.27 8.82
C MET K 230 48.76 19.30 9.84
N ARG K 231 49.30 18.86 10.97
CA ARG K 231 49.76 19.82 11.98
C ARG K 231 51.03 20.56 11.55
N ASN K 232 51.66 20.16 10.46
CA ASN K 232 52.91 20.78 10.05
C ASN K 232 52.70 22.25 9.67
N GLU K 233 53.73 23.06 9.91
CA GLU K 233 53.66 24.48 9.58
C GLU K 233 53.53 24.71 8.09
N ASN K 234 54.28 23.97 7.28
CA ASN K 234 54.25 24.16 5.84
C ASN K 234 52.88 23.82 5.26
N PHE K 235 52.27 22.75 5.75
CA PHE K 235 50.99 22.27 5.23
C PHE K 235 49.86 22.86 6.06
N GLN K 236 49.15 23.83 5.49
CA GLN K 236 48.02 24.46 6.18
C GLN K 236 46.77 24.43 5.31
N MET K 266 50.53 22.34 0.77
CA MET K 266 49.18 22.56 0.27
C MET K 266 48.26 21.42 0.67
N SER K 267 46.96 21.58 0.41
CA SER K 267 45.99 20.58 0.82
C SER K 267 46.13 19.31 0.00
N ILE K 268 46.03 18.16 0.68
CA ILE K 268 46.07 16.88 0.01
C ILE K 268 44.64 16.47 -0.36
N THR K 269 44.54 15.58 -1.35
CA THR K 269 43.24 15.13 -1.81
C THR K 269 43.13 13.61 -1.69
N PRO K 270 41.95 13.09 -1.36
CA PRO K 270 41.78 11.64 -1.29
C PRO K 270 41.96 10.99 -2.65
N ILE K 271 42.34 9.71 -2.63
CA ILE K 271 42.58 8.96 -3.86
C ILE K 271 41.31 8.91 -4.70
N LYS K 272 40.17 8.62 -4.06
CA LYS K 272 38.94 8.37 -4.81
C LYS K 272 38.49 9.60 -5.58
N ASN K 273 38.78 10.79 -5.08
CA ASN K 273 38.42 12.03 -5.79
C ASN K 273 39.29 12.28 -7.03
N LEU K 274 40.17 11.37 -7.39
CA LEU K 274 40.99 11.52 -8.60
C LEU K 274 40.36 10.88 -9.82
N LEU K 275 39.14 10.35 -9.70
CA LEU K 275 38.56 9.54 -10.76
C LEU K 275 38.09 10.37 -11.95
N GLY K 276 37.49 11.53 -11.69
CA GLY K 276 36.82 12.26 -12.75
C GLY K 276 37.63 13.34 -13.44
N ARG K 277 38.74 13.75 -12.86
CA ARG K 277 39.56 14.82 -13.42
C ARG K 277 40.85 14.26 -14.00
N ASP K 278 41.48 15.07 -14.86
CA ASP K 278 42.74 14.67 -15.48
C ASP K 278 43.50 15.92 -15.89
N ALA K 279 44.77 15.72 -16.25
CA ALA K 279 45.66 16.80 -16.68
C ALA K 279 45.79 17.88 -15.59
N GLN K 280 45.81 17.44 -14.34
CA GLN K 280 45.95 18.34 -13.20
C GLN K 280 46.85 17.71 -12.16
N ASN K 281 47.68 18.52 -11.51
CA ASN K 281 48.62 18.04 -10.52
C ASN K 281 47.94 17.96 -9.14
N PHE K 282 48.45 17.04 -8.32
CA PHE K 282 47.84 16.77 -7.02
C PHE K 282 48.91 16.34 -6.04
N LEU K 283 48.56 16.42 -4.75
CA LEU K 283 49.40 15.94 -3.67
C LEU K 283 48.62 14.91 -2.88
N LEU K 284 49.23 13.75 -2.64
CA LEU K 284 48.56 12.64 -1.96
C LEU K 284 49.56 11.91 -1.08
N LEU K 285 49.03 11.02 -0.23
CA LEU K 285 49.85 10.17 0.61
C LEU K 285 49.10 8.90 0.94
N GLY K 286 49.81 7.79 1.00
CA GLY K 286 49.18 6.52 1.31
C GLY K 286 50.20 5.40 1.33
N LEU K 287 49.73 4.21 1.68
CA LEU K 287 50.59 3.03 1.72
C LEU K 287 51.09 2.69 0.32
N LEU K 288 52.39 2.79 0.14
CA LEU K 288 53.02 2.40 -1.12
C LEU K 288 53.43 0.94 -1.04
N ASN K 289 52.85 0.11 -1.89
CA ASN K 289 53.05 -1.33 -1.82
C ASN K 289 52.81 -1.92 -3.20
N LYS K 290 52.75 -3.26 -3.25
CA LYS K 290 52.50 -4.00 -4.48
C LYS K 290 51.09 -4.54 -4.47
N ASN K 291 50.38 -4.40 -5.58
CA ASN K 291 49.05 -4.96 -5.71
C ASN K 291 49.13 -6.46 -6.01
N PHE K 292 47.99 -7.08 -6.25
CA PHE K 292 47.97 -8.51 -6.54
C PHE K 292 48.62 -8.80 -7.89
N LYS K 293 48.44 -7.90 -8.87
CA LYS K 293 49.02 -8.12 -10.19
C LYS K 293 50.54 -8.08 -10.15
N GLY K 294 51.11 -7.14 -9.41
CA GLY K 294 52.55 -7.03 -9.33
C GLY K 294 53.08 -5.64 -9.61
N ASN K 295 52.21 -4.63 -9.56
CA ASN K 295 52.59 -3.25 -9.80
C ASN K 295 52.52 -2.46 -8.49
N TRP K 296 53.23 -1.33 -8.47
CA TRP K 296 53.23 -0.47 -7.30
C TRP K 296 51.99 0.40 -7.28
N SER K 297 51.36 0.50 -6.11
CA SER K 297 50.10 1.20 -5.96
C SER K 297 50.09 1.96 -4.64
N LEU K 298 49.21 2.95 -4.56
CA LEU K 298 48.98 3.73 -3.35
C LEU K 298 47.61 3.41 -2.79
N GLU K 299 47.55 3.10 -1.50
CA GLU K 299 46.30 2.76 -0.84
C GLU K 299 45.88 3.88 0.10
N ASP K 300 44.59 4.19 0.08
CA ASP K 300 43.98 5.22 0.91
C ASP K 300 42.69 4.64 1.47
N PRO K 301 42.21 5.16 2.60
CA PRO K 301 40.91 4.69 3.12
C PRO K 301 39.76 4.87 2.15
N SER K 302 39.93 5.69 1.11
CA SER K 302 38.91 5.85 0.07
C SER K 302 39.10 4.85 -1.07
N GLY K 303 40.30 4.80 -1.64
CA GLY K 303 40.54 3.93 -2.76
C GLY K 303 42.01 3.76 -3.05
N SER K 304 42.31 3.26 -4.24
CA SER K 304 43.68 3.00 -4.66
C SER K 304 43.85 3.29 -6.14
N VAL K 305 45.07 3.65 -6.53
CA VAL K 305 45.41 3.92 -7.92
C VAL K 305 46.75 3.27 -8.24
N GLU K 306 47.11 3.29 -9.52
CA GLU K 306 48.40 2.82 -9.98
C GLU K 306 49.39 3.98 -10.03
N ILE K 307 50.68 3.65 -9.87
CA ILE K 307 51.73 4.64 -9.75
C ILE K 307 52.58 4.61 -11.01
N ASP K 308 53.41 5.64 -11.16
CA ASP K 308 54.43 5.71 -12.21
C ASP K 308 55.74 6.12 -11.59
N ILE K 309 56.82 5.43 -11.96
CA ILE K 309 58.13 5.65 -11.36
C ILE K 309 59.18 6.07 -12.38
N SER K 310 58.90 5.94 -13.68
CA SER K 310 59.93 6.10 -14.70
C SER K 310 60.57 7.48 -14.71
N GLN K 311 59.90 8.50 -14.16
CA GLN K 311 60.43 9.86 -14.13
C GLN K 311 60.26 10.47 -12.75
N THR K 312 60.63 9.72 -11.71
CA THR K 312 60.49 10.17 -10.33
C THR K 312 61.83 10.62 -9.78
N ILE K 313 61.86 11.83 -9.24
CA ILE K 313 63.04 12.40 -8.61
C ILE K 313 62.78 12.44 -7.10
N PRO K 314 63.51 11.68 -6.30
CA PRO K 314 63.22 11.59 -4.87
C PRO K 314 63.94 12.65 -4.06
N THR K 315 63.58 12.69 -2.77
CA THR K 315 64.32 13.46 -1.78
C THR K 315 65.34 12.53 -1.14
N GLN K 316 66.62 12.77 -1.41
CA GLN K 316 67.67 11.87 -0.96
C GLN K 316 67.78 11.90 0.56
N GLY K 317 68.33 10.82 1.11
CA GLY K 317 68.40 10.64 2.54
C GLY K 317 67.27 9.83 3.13
N HIS K 318 66.46 9.18 2.30
CA HIS K 318 65.33 8.40 2.76
C HIS K 318 65.40 6.99 2.17
N TYR K 319 65.04 6.00 2.97
CA TYR K 319 64.98 4.62 2.51
C TYR K 319 63.55 4.32 2.06
N TYR K 320 63.32 4.39 0.75
CA TYR K 320 62.00 4.15 0.18
C TYR K 320 61.75 2.66 0.16
N VAL K 321 61.00 2.18 1.16
CA VAL K 321 60.69 0.75 1.30
C VAL K 321 59.18 0.58 1.18
N PRO K 322 58.70 -0.49 0.54
CA PRO K 322 57.25 -0.72 0.54
C PRO K 322 56.69 -0.83 1.94
N GLY K 323 55.52 -0.24 2.14
CA GLY K 323 54.88 -0.22 3.43
C GLY K 323 55.02 1.08 4.21
N CYS K 324 55.70 2.08 3.66
CA CYS K 324 55.90 3.35 4.34
C CYS K 324 55.10 4.44 3.63
N MET K 325 54.49 5.31 4.43
CA MET K 325 53.70 6.41 3.88
C MET K 325 54.63 7.40 3.17
N VAL K 326 54.24 7.82 1.97
CA VAL K 326 55.06 8.71 1.17
C VAL K 326 54.17 9.79 0.57
N LEU K 327 54.68 11.02 0.51
CA LEU K 327 54.00 12.14 -0.11
C LEU K 327 54.33 12.14 -1.61
N VAL K 328 53.30 12.10 -2.44
CA VAL K 328 53.45 11.92 -3.88
C VAL K 328 52.90 13.15 -4.60
N GLU K 329 53.65 13.61 -5.60
CA GLU K 329 53.24 14.73 -6.44
C GLU K 329 53.33 14.30 -7.89
N GLY K 330 52.29 14.58 -8.66
CA GLY K 330 52.29 14.20 -10.06
C GLY K 330 50.98 14.55 -10.73
N ILE K 331 50.87 14.12 -11.99
CA ILE K 331 49.74 14.43 -12.85
C ILE K 331 48.95 13.15 -13.11
N TYR K 332 47.62 13.24 -12.98
CA TYR K 332 46.75 12.11 -13.25
C TYR K 332 46.41 12.05 -14.74
N TYR K 333 46.26 10.83 -15.24
CA TYR K 333 45.86 10.61 -16.63
C TYR K 333 44.76 9.57 -16.68
N SER K 334 43.69 9.87 -17.41
CA SER K 334 42.53 9.00 -17.49
C SER K 334 42.56 8.07 -18.70
N VAL K 335 43.61 8.12 -19.52
CA VAL K 335 43.76 7.15 -20.60
C VAL K 335 43.84 5.74 -20.04
N GLY K 336 44.65 5.56 -19.00
CA GLY K 336 44.65 4.35 -18.20
C GLY K 336 44.28 4.68 -16.77
N ASN K 337 45.13 4.29 -15.83
CA ASN K 337 44.97 4.68 -14.42
C ASN K 337 46.33 5.04 -13.84
N LYS K 338 47.17 5.71 -14.62
CA LYS K 338 48.55 5.97 -14.27
C LYS K 338 48.70 7.36 -13.68
N PHE K 339 49.23 7.44 -12.46
CA PHE K 339 49.60 8.72 -11.84
C PHE K 339 51.08 8.95 -12.09
N HIS K 340 51.39 9.84 -13.03
CA HIS K 340 52.78 10.09 -13.41
C HIS K 340 53.43 10.97 -12.36
N VAL K 341 54.28 10.38 -11.55
CA VAL K 341 54.89 11.06 -10.42
C VAL K 341 56.10 11.87 -10.87
N THR K 342 56.30 13.02 -10.23
CA THR K 342 57.48 13.84 -10.47
C THR K 342 58.38 14.00 -9.27
N SER K 343 57.91 13.67 -8.06
CA SER K 343 58.71 13.77 -6.86
C SER K 343 58.07 12.96 -5.75
N MET K 344 58.91 12.38 -4.90
CA MET K 344 58.46 11.63 -3.73
C MET K 344 59.27 12.06 -2.51
N THR K 345 58.58 12.24 -1.39
CA THR K 345 59.22 12.70 -0.17
C THR K 345 58.48 12.14 1.04
N LEU K 346 59.25 11.68 2.03
CA LEU K 346 58.66 11.24 3.28
C LEU K 346 58.08 12.44 4.04
N PRO K 347 57.02 12.22 4.80
CA PRO K 347 56.49 13.31 5.63
C PRO K 347 57.50 13.72 6.68
N PRO K 348 57.54 15.01 7.05
CA PRO K 348 58.52 15.46 8.03
C PRO K 348 58.17 15.00 9.45
N GLY K 349 58.96 15.44 10.43
CA GLY K 349 58.77 15.07 11.81
C GLY K 349 58.36 16.23 12.70
N GLU K 350 58.29 15.92 13.99
CA GLU K 350 57.91 16.92 15.00
C GLU K 350 58.64 16.60 16.29
N ARG K 351 58.77 17.63 17.14
CA ARG K 351 59.48 17.50 18.39
C ARG K 351 58.54 17.08 19.52
N ARG K 352 59.14 16.72 20.66
CA ARG K 352 58.37 16.18 21.77
C ARG K 352 57.46 17.22 22.40
N GLU K 353 57.95 18.46 22.56
CA GLU K 353 57.17 19.48 23.25
C GLU K 353 55.90 19.84 22.47
N ILE K 354 56.04 20.07 21.16
CA ILE K 354 54.87 20.42 20.36
C ILE K 354 53.93 19.24 20.25
N THR K 355 54.46 18.02 20.19
CA THR K 355 53.60 16.84 20.16
C THR K 355 52.79 16.73 21.46
N LEU K 356 53.43 16.98 22.59
CA LEU K 356 52.76 16.87 23.88
C LEU K 356 51.70 17.97 24.04
N GLU K 357 52.07 19.21 23.74
CA GLU K 357 51.21 20.34 24.08
C GLU K 357 49.83 20.26 23.43
N THR K 358 49.68 19.49 22.35
CA THR K 358 48.36 19.30 21.75
C THR K 358 47.44 18.48 22.65
N ILE K 359 48.00 17.68 23.56
CA ILE K 359 47.21 16.89 24.49
C ILE K 359 47.59 17.28 25.91
N GLY K 360 47.98 18.54 26.09
CA GLY K 360 48.47 18.98 27.38
C GLY K 360 49.75 18.25 27.72
N ASN K 361 49.79 17.63 28.90
CA ASN K 361 50.89 16.73 29.28
C ASN K 361 50.23 15.44 29.76
N LEU K 362 49.91 14.56 28.81
CA LEU K 362 49.17 13.35 29.12
C LEU K 362 50.05 12.34 29.85
N ASP K 363 49.42 11.59 30.75
CA ASP K 363 50.12 10.54 31.50
C ASP K 363 50.06 9.21 30.78
N LEU K 364 50.50 9.19 29.52
CA LEU K 364 50.58 7.93 28.77
C LEU K 364 51.50 6.95 29.48
N LEU K 365 52.77 7.34 29.65
CA LEU K 365 53.69 6.62 30.53
C LEU K 365 53.63 7.18 31.94
N GLY K 366 52.42 7.26 32.48
CA GLY K 366 52.16 7.93 33.74
C GLY K 366 52.75 7.25 34.95
N ILE K 367 53.72 7.92 35.59
CA ILE K 367 54.30 7.44 36.84
C ILE K 367 53.66 8.12 38.04
N HIS K 368 53.31 9.40 37.92
CA HIS K 368 52.62 10.09 39.01
C HIS K 368 51.17 9.62 39.11
N GLY K 369 50.48 9.52 37.98
CA GLY K 369 49.10 9.08 37.96
C GLY K 369 48.75 8.44 36.64
N ILE K 370 47.64 7.71 36.64
CA ILE K 370 47.19 6.99 35.45
C ILE K 370 45.79 7.46 35.09
N SER K 371 45.45 7.29 33.82
CA SER K 371 44.12 7.56 33.32
C SER K 371 43.36 6.24 33.14
N ASN K 372 42.04 6.37 33.01
CA ASN K 372 41.17 5.21 32.82
C ASN K 372 39.96 5.62 32.01
N ASN K 373 38.97 4.73 31.92
CA ASN K 373 37.78 5.01 31.13
C ASN K 373 36.92 6.10 31.77
N ASN K 374 36.99 6.24 33.10
CA ASN K 374 36.12 7.19 33.78
C ASN K 374 36.53 8.63 33.51
N PHE K 375 37.83 8.91 33.50
CA PHE K 375 38.31 10.29 33.37
C PHE K 375 39.71 10.29 32.77
N ILE K 376 40.18 11.49 32.46
CA ILE K 376 41.52 11.70 31.91
C ILE K 376 42.29 12.62 32.85
N ALA K 377 43.61 12.43 32.89
CA ALA K 377 44.47 13.13 33.82
C ALA K 377 45.56 13.90 33.09
N ARG K 378 46.21 14.79 33.82
CA ARG K 378 47.29 15.62 33.29
C ARG K 378 48.14 16.11 34.44
N LEU K 379 49.39 16.49 34.14
CA LEU K 379 50.30 17.02 35.15
C LEU K 379 51.50 17.71 34.51
N ASP K 380 51.77 18.94 34.92
CA ASP K 380 52.98 19.64 34.51
C ASP K 380 53.65 20.41 35.63
N LYS K 381 53.08 20.41 36.84
CA LYS K 381 53.67 21.16 37.94
C LYS K 381 54.93 20.48 38.48
N ASP K 382 54.93 19.15 38.52
CA ASP K 382 56.06 18.41 39.06
C ASP K 382 57.15 18.16 38.03
N LEU K 383 56.92 18.51 36.75
CA LEU K 383 57.91 18.22 35.71
C LEU K 383 59.19 19.02 35.93
N LYS K 384 59.06 20.31 36.23
CA LYS K 384 60.25 21.12 36.48
C LYS K 384 60.93 20.72 37.78
N ILE K 385 60.16 20.32 38.79
CA ILE K 385 60.75 19.82 40.03
C ILE K 385 61.59 18.58 39.76
N ARG K 386 61.05 17.65 38.97
CA ARG K 386 61.80 16.44 38.62
C ARG K 386 62.98 16.75 37.71
N LEU K 387 62.85 17.74 36.83
CA LEU K 387 63.98 18.15 35.99
C LEU K 387 65.12 18.68 36.84
N HIS K 388 64.80 19.53 37.83
CA HIS K 388 65.84 20.05 38.70
C HIS K 388 66.41 18.97 39.62
N LEU K 389 65.58 18.01 40.04
CA LEU K 389 66.09 16.87 40.79
C LEU K 389 67.07 16.06 39.96
N LEU K 390 66.74 15.86 38.68
CA LEU K 390 67.65 15.17 37.77
C LEU K 390 68.95 15.93 37.56
N GLU K 391 68.89 17.26 37.59
CA GLU K 391 70.07 18.08 37.34
C GLU K 391 71.15 17.88 38.41
N LYS K 392 70.80 17.31 39.55
CA LYS K 392 71.75 17.04 40.61
C LYS K 392 71.80 15.54 40.90
N GLU K 393 72.99 15.07 41.28
CA GLU K 393 73.26 13.65 41.49
C GLU K 393 72.85 12.81 40.27
N LEU K 394 73.19 13.31 39.09
CA LEU K 394 73.00 12.53 37.88
C LEU K 394 74.24 11.73 37.50
N THR K 395 75.42 12.24 37.86
CA THR K 395 76.65 11.50 37.58
C THR K 395 76.74 10.23 38.42
N ASP K 396 76.23 10.27 39.66
CA ASP K 396 76.20 9.06 40.47
C ASP K 396 75.22 8.03 39.92
N HIS K 397 74.12 8.49 39.33
CA HIS K 397 73.11 7.60 38.76
C HIS K 397 73.44 7.32 37.29
N LYS K 398 74.46 6.50 37.10
CA LYS K 398 74.89 6.10 35.76
C LYS K 398 74.36 4.71 35.43
N PHE K 399 74.05 4.51 34.15
CA PHE K 399 73.63 3.22 33.65
C PHE K 399 74.46 2.84 32.43
N VAL K 400 74.87 1.58 32.37
CA VAL K 400 75.79 1.08 31.35
C VAL K 400 75.09 -0.03 30.57
N ILE K 401 75.31 -0.02 29.26
CA ILE K 401 74.77 -1.06 28.37
C ILE K 401 75.94 -1.74 27.67
N LEU K 402 75.71 -2.99 27.28
CA LEU K 402 76.71 -3.80 26.60
C LEU K 402 76.29 -4.03 25.16
N GLY K 403 77.09 -4.82 24.45
CA GLY K 403 76.80 -5.16 23.07
C GLY K 403 75.72 -6.21 22.95
N ALA K 404 75.38 -6.53 21.70
CA ALA K 404 74.37 -7.53 21.42
C ALA K 404 75.00 -8.92 21.40
N ASN K 405 74.18 -9.91 21.04
CA ASN K 405 74.55 -11.30 20.77
C ASN K 405 75.70 -11.82 21.64
N LEU K 406 75.56 -11.67 22.96
CA LEU K 406 76.54 -12.19 23.90
C LEU K 406 76.19 -13.65 24.21
N PHE K 407 77.15 -14.54 23.98
CA PHE K 407 76.91 -15.97 24.04
C PHE K 407 77.42 -16.55 25.36
N LEU K 408 76.59 -17.36 26.00
CA LEU K 408 76.93 -17.98 27.28
C LEU K 408 77.37 -19.43 27.11
N ASP K 409 78.06 -19.73 26.02
CA ASP K 409 78.54 -21.09 25.77
C ASP K 409 80.03 -21.16 25.52
N ASP K 410 80.60 -20.18 24.83
CA ASP K 410 82.03 -20.18 24.54
C ASP K 410 82.82 -19.63 25.72
N LEU K 411 84.08 -20.06 25.80
CA LEU K 411 84.93 -19.65 26.93
C LEU K 411 85.44 -18.22 26.77
N LYS K 412 85.68 -17.77 25.54
CA LYS K 412 86.23 -16.44 25.33
C LYS K 412 85.27 -15.36 25.80
N ILE K 413 83.98 -15.51 25.52
CA ILE K 413 83.00 -14.52 25.95
C ILE K 413 82.91 -14.49 27.47
N MET K 414 82.96 -15.67 28.12
CA MET K 414 82.95 -15.70 29.57
C MET K 414 84.19 -15.02 30.15
N THR K 415 85.36 -15.23 29.53
CA THR K 415 86.58 -14.57 30.00
C THR K 415 86.47 -13.06 29.86
N ALA K 416 85.96 -12.59 28.72
CA ALA K 416 85.79 -11.14 28.53
C ALA K 416 84.78 -10.58 29.53
N LEU K 417 83.70 -11.30 29.80
CA LEU K 417 82.71 -10.84 30.76
C LEU K 417 83.30 -10.79 32.16
N SER K 418 84.13 -11.78 32.52
CA SER K 418 84.79 -11.74 33.83
C SER K 418 85.73 -10.54 33.92
N LYS K 419 86.45 -10.25 32.84
CA LYS K 419 87.33 -9.08 32.83
C LYS K 419 86.53 -7.79 32.98
N ILE K 420 85.35 -7.74 32.38
CA ILE K 420 84.50 -6.55 32.52
C ILE K 420 83.95 -6.45 33.95
N LEU K 421 83.54 -7.58 34.52
CA LEU K 421 82.92 -7.56 35.84
C LEU K 421 83.93 -7.25 36.94
N GLN K 422 85.17 -7.71 36.81
CA GLN K 422 86.16 -7.35 37.82
C GLN K 422 86.45 -5.86 37.80
N LYS K 423 86.31 -5.21 36.65
CA LYS K 423 86.45 -3.77 36.57
C LYS K 423 85.21 -3.05 37.09
N LEU K 424 84.03 -3.61 36.86
CA LEU K 424 82.78 -2.95 37.24
C LEU K 424 82.37 -3.21 38.68
N ASN K 425 82.99 -4.17 39.36
CA ASN K 425 82.57 -4.51 40.72
C ASN K 425 82.85 -3.37 41.70
N ASP K 426 84.00 -2.70 41.55
CA ASP K 426 84.38 -1.68 42.53
C ASP K 426 83.46 -0.46 42.47
N ASP K 427 82.94 -0.13 41.28
CA ASP K 427 82.08 1.03 41.10
C ASP K 427 80.80 0.58 40.42
N PRO K 428 79.85 0.06 41.18
CA PRO K 428 78.61 -0.47 40.59
C PRO K 428 77.76 0.65 40.01
N PRO K 429 77.26 0.49 38.79
CA PRO K 429 76.35 1.48 38.21
C PRO K 429 74.93 1.28 38.76
N THR K 430 74.01 2.09 38.26
CA THR K 430 72.61 1.98 38.68
C THR K 430 71.89 0.89 37.89
N LEU K 431 71.81 1.04 36.58
CA LEU K 431 71.12 0.09 35.71
C LEU K 431 72.14 -0.56 34.78
N LEU K 432 72.19 -1.89 34.80
CA LEU K 432 73.01 -2.64 33.86
C LEU K 432 72.08 -3.43 32.94
N ILE K 433 72.21 -3.19 31.64
CA ILE K 433 71.31 -3.77 30.64
C ILE K 433 72.07 -4.82 29.85
N TRP K 434 71.57 -6.06 29.90
CA TRP K 434 72.10 -7.16 29.11
C TRP K 434 71.19 -7.35 27.91
N GLN K 435 71.74 -7.17 26.71
CA GLN K 435 70.96 -7.29 25.49
C GLN K 435 71.63 -8.26 24.53
N GLY K 436 70.82 -8.82 23.63
CA GLY K 436 71.29 -9.73 22.62
C GLY K 436 70.91 -11.17 22.93
N SER K 437 71.16 -12.02 21.94
CA SER K 437 70.86 -13.44 22.08
C SER K 437 71.89 -14.11 22.99
N PHE K 438 71.40 -14.86 23.97
CA PHE K 438 72.26 -15.50 24.96
C PHE K 438 72.68 -16.91 24.57
N THR K 439 72.24 -17.41 23.41
CA THR K 439 72.64 -18.72 22.94
C THR K 439 72.93 -18.63 21.44
N SER K 440 74.10 -19.12 21.04
CA SER K 440 74.54 -18.97 19.66
C SER K 440 73.79 -19.87 18.68
N VAL K 441 73.04 -20.86 19.17
CA VAL K 441 72.28 -21.77 18.32
C VAL K 441 70.81 -21.67 18.72
N PRO K 442 69.88 -21.53 17.77
CA PRO K 442 68.47 -21.51 18.13
C PRO K 442 68.03 -22.83 18.75
N VAL K 443 67.07 -22.72 19.67
CA VAL K 443 66.53 -23.88 20.38
C VAL K 443 65.24 -24.33 19.71
N PHE K 444 65.11 -25.63 19.51
CA PHE K 444 63.95 -26.21 18.85
C PHE K 444 63.81 -27.66 19.29
N ALA K 445 63.00 -28.43 18.56
CA ALA K 445 62.74 -29.81 18.93
C ALA K 445 64.01 -30.65 18.79
N SER K 446 64.24 -31.53 19.76
CA SER K 446 65.39 -32.42 19.76
C SER K 446 64.94 -33.82 19.37
N MET K 447 65.61 -34.39 18.36
CA MET K 447 65.28 -35.71 17.86
C MET K 447 66.24 -36.78 18.35
N SER K 448 67.14 -36.44 19.27
CA SER K 448 68.12 -37.38 19.81
C SER K 448 67.94 -37.48 21.32
N SER K 449 67.79 -38.70 21.82
CA SER K 449 67.67 -38.97 23.24
C SER K 449 68.96 -39.47 23.86
N ARG K 450 70.07 -39.40 23.12
CA ARG K 450 71.36 -39.88 23.60
C ARG K 450 72.23 -38.80 24.22
N ASN K 451 72.00 -37.54 23.88
CA ASN K 451 72.80 -36.42 24.37
C ASN K 451 71.92 -35.40 25.07
N ILE K 452 72.53 -34.29 25.48
CA ILE K 452 71.83 -33.28 26.27
C ILE K 452 70.82 -32.55 25.42
N SER K 453 69.59 -32.43 25.93
CA SER K 453 68.54 -31.75 25.21
C SER K 453 68.80 -30.26 25.13
N SER K 454 68.19 -29.62 24.12
CA SER K 454 68.39 -28.19 23.89
C SER K 454 67.86 -27.36 25.05
N SER K 455 66.68 -27.72 25.56
CA SER K 455 66.11 -26.97 26.68
C SER K 455 66.97 -27.09 27.93
N THR K 456 67.46 -28.31 28.22
CA THR K 456 68.34 -28.49 29.37
C THR K 456 69.63 -27.72 29.21
N GLN K 457 70.20 -27.70 28.00
CA GLN K 457 71.41 -26.93 27.76
C GLN K 457 71.15 -25.44 27.93
N PHE K 458 70.00 -24.96 27.47
CA PHE K 458 69.63 -23.56 27.65
C PHE K 458 69.51 -23.22 29.14
N LYS K 459 68.91 -24.12 29.92
CA LYS K 459 68.86 -23.92 31.36
C LYS K 459 70.25 -23.90 31.97
N ASN K 460 71.13 -24.78 31.49
CA ASN K 460 72.49 -24.86 32.02
C ASN K 460 73.29 -23.60 31.70
N ASN K 461 73.00 -22.93 30.57
CA ASN K 461 73.76 -21.74 30.20
C ASN K 461 73.60 -20.62 31.22
N PHE K 462 72.44 -20.54 31.89
CA PHE K 462 72.22 -19.50 32.88
C PHE K 462 72.70 -19.89 34.27
N ASP K 463 72.80 -21.18 34.57
CA ASP K 463 73.27 -21.61 35.89
C ASP K 463 74.72 -21.20 36.13
N ALA K 464 75.52 -21.13 35.07
CA ALA K 464 76.89 -20.67 35.22
C ALA K 464 76.95 -19.19 35.57
N LEU K 465 76.00 -18.40 35.06
CA LEU K 465 75.98 -16.98 35.39
C LEU K 465 75.71 -16.76 36.88
N ALA K 466 74.87 -17.60 37.48
CA ALA K 466 74.65 -17.52 38.92
C ALA K 466 75.93 -17.78 39.70
N THR K 467 76.79 -18.67 39.20
CA THR K 467 78.08 -18.90 39.85
C THR K 467 79.02 -17.72 39.64
N LEU K 468 79.05 -17.17 38.42
CA LEU K 468 79.93 -16.04 38.15
C LEU K 468 79.52 -14.77 38.88
N LEU K 469 78.25 -14.64 39.23
CA LEU K 469 77.80 -13.49 40.01
C LEU K 469 78.08 -13.63 41.50
N SER K 470 78.56 -14.79 41.95
CA SER K 470 78.83 -14.99 43.37
C SER K 470 80.09 -14.28 43.83
N ARG K 471 81.01 -13.95 42.92
CA ARG K 471 82.28 -13.32 43.26
C ARG K 471 82.27 -11.82 43.02
N PHE K 472 81.10 -11.23 42.78
CA PHE K 472 80.96 -9.81 42.49
C PHE K 472 79.84 -9.21 43.32
N ASP K 473 79.90 -9.46 44.64
CA ASP K 473 78.80 -9.12 45.53
C ASP K 473 78.47 -7.63 45.51
N ASN K 474 79.45 -6.77 45.20
CA ASN K 474 79.17 -5.34 45.13
C ASN K 474 78.23 -5.02 43.97
N LEU K 475 78.52 -5.54 42.78
CA LEU K 475 77.66 -5.31 41.63
C LEU K 475 76.28 -5.91 41.83
N THR K 476 76.23 -7.12 42.39
CA THR K 476 74.95 -7.76 42.66
C THR K 476 74.13 -6.97 43.66
N GLU K 477 74.78 -6.45 44.70
CA GLU K 477 74.08 -5.76 45.77
C GLU K 477 73.63 -4.36 45.38
N ASN K 478 74.40 -3.66 44.54
CA ASN K 478 74.14 -2.24 44.28
C ASN K 478 73.53 -1.96 42.92
N THR K 479 73.52 -2.92 41.99
CA THR K 479 73.07 -2.68 40.63
C THR K 479 71.94 -3.64 40.27
N THR K 480 70.96 -3.12 39.53
CA THR K 480 69.87 -3.93 39.01
C THR K 480 70.22 -4.46 37.62
N MET K 481 69.63 -5.60 37.27
CA MET K 481 69.91 -6.28 36.02
C MET K 481 68.73 -6.17 35.07
N ILE K 482 69.02 -5.94 33.79
CA ILE K 482 68.01 -5.89 32.74
C ILE K 482 68.42 -6.85 31.64
N PHE K 483 67.50 -7.73 31.23
CA PHE K 483 67.73 -8.70 30.18
C PHE K 483 66.73 -8.50 29.05
N ILE K 484 67.22 -8.52 27.82
CA ILE K 484 66.39 -8.28 26.64
C ILE K 484 66.54 -9.43 25.66
N PRO K 485 65.45 -10.04 25.21
CA PRO K 485 65.58 -11.18 24.29
C PRO K 485 66.08 -10.76 22.92
N GLY K 486 66.74 -11.69 22.24
CA GLY K 486 67.24 -11.48 20.91
C GLY K 486 66.43 -12.23 19.87
N PRO K 487 66.99 -12.36 18.67
CA PRO K 487 66.24 -13.00 17.57
C PRO K 487 65.92 -14.47 17.81
N ASN K 488 66.79 -15.22 18.48
CA ASN K 488 66.67 -16.68 18.55
C ASN K 488 66.70 -17.18 19.99
N ASP K 489 65.89 -16.56 20.84
CA ASP K 489 65.74 -17.05 22.21
C ASP K 489 64.71 -18.19 22.24
N LEU K 490 64.27 -18.55 23.44
CA LEU K 490 63.50 -19.79 23.60
C LEU K 490 62.16 -19.72 22.88
N TRP K 491 61.45 -18.61 22.97
CA TRP K 491 60.10 -18.56 22.44
C TRP K 491 60.07 -18.34 20.94
N GLY K 492 60.86 -17.39 20.44
CA GLY K 492 60.88 -17.10 19.02
C GLY K 492 61.41 -18.25 18.19
N SER K 493 62.69 -18.59 18.40
CA SER K 493 63.31 -19.67 17.65
C SER K 493 62.60 -21.00 17.82
N MET K 494 61.65 -21.10 18.75
CA MET K 494 60.86 -22.32 18.87
C MET K 494 60.05 -22.58 17.62
N VAL K 495 59.59 -21.52 16.94
CA VAL K 495 58.82 -21.66 15.71
C VAL K 495 59.52 -21.00 14.52
N SER K 496 60.11 -19.83 14.72
CA SER K 496 60.80 -19.16 13.63
C SER K 496 62.15 -19.79 13.32
N LEU K 497 62.69 -20.60 14.23
CA LEU K 497 63.95 -21.32 14.01
C LEU K 497 65.09 -20.36 13.68
N GLY K 498 65.14 -19.24 14.39
CA GLY K 498 66.20 -18.27 14.22
C GLY K 498 65.92 -17.17 13.21
N ALA K 499 64.82 -17.26 12.46
CA ALA K 499 64.44 -16.23 11.53
C ALA K 499 63.59 -15.16 12.22
N SER K 500 63.31 -14.09 11.50
CA SER K 500 62.48 -13.02 12.04
C SER K 500 61.04 -13.50 12.22
N GLY K 501 60.34 -12.90 13.17
CA GLY K 501 58.98 -13.28 13.48
C GLY K 501 58.22 -12.16 14.14
N THR K 502 57.32 -12.54 15.04
CA THR K 502 56.48 -11.56 15.73
C THR K 502 57.34 -10.62 16.56
N LEU K 503 57.00 -9.33 16.52
CA LEU K 503 57.81 -8.29 17.16
C LEU K 503 57.61 -8.23 18.67
N PRO K 504 56.37 -8.23 19.20
CA PRO K 504 56.21 -8.19 20.66
C PRO K 504 56.62 -9.49 21.31
N GLN K 505 57.92 -9.70 21.46
CA GLN K 505 58.43 -10.96 21.96
C GLN K 505 58.17 -11.10 23.46
N ASP K 506 57.84 -12.32 23.88
CA ASP K 506 57.65 -12.59 25.29
C ASP K 506 58.98 -12.53 26.03
N PRO K 507 58.97 -12.25 27.32
CA PRO K 507 60.21 -12.26 28.10
C PRO K 507 60.75 -13.68 28.27
N ILE K 508 61.96 -13.75 28.79
CA ILE K 508 62.60 -15.05 29.03
C ILE K 508 61.74 -15.84 30.02
N PRO K 509 61.41 -17.10 29.75
CA PRO K 509 60.50 -17.83 30.64
C PRO K 509 61.09 -18.00 32.03
N SER K 510 60.20 -17.96 33.02
CA SER K 510 60.63 -18.06 34.41
C SER K 510 61.16 -19.45 34.76
N ALA K 511 60.78 -20.48 34.02
CA ALA K 511 61.24 -21.83 34.28
C ALA K 511 62.71 -22.04 33.98
N PHE K 512 63.35 -21.08 33.30
CA PHE K 512 64.76 -21.20 32.92
C PHE K 512 65.64 -20.18 33.60
N THR K 513 65.12 -19.44 34.58
CA THR K 513 65.89 -18.42 35.30
C THR K 513 65.61 -18.51 36.79
N LYS K 514 65.61 -19.72 37.33
CA LYS K 514 65.24 -19.93 38.73
C LYS K 514 66.38 -19.65 39.70
N LYS K 515 67.58 -19.38 39.21
CA LYS K 515 68.71 -19.07 40.09
C LYS K 515 69.18 -17.63 40.01
N ILE K 516 68.94 -16.95 38.89
CA ILE K 516 69.36 -15.55 38.77
C ILE K 516 68.54 -14.66 39.69
N ASN K 517 67.24 -14.95 39.83
CA ASN K 517 66.38 -14.16 40.68
C ASN K 517 66.71 -14.31 42.16
N LYS K 518 67.36 -15.40 42.56
CA LYS K 518 67.77 -15.58 43.94
C LYS K 518 69.17 -15.07 44.20
N VAL K 519 70.08 -15.18 43.23
CA VAL K 519 71.44 -14.66 43.41
C VAL K 519 71.41 -13.14 43.47
N CYS K 520 70.70 -12.51 42.54
CA CYS K 520 70.62 -11.06 42.47
C CYS K 520 69.28 -10.57 43.03
N LYS K 521 69.33 -9.43 43.72
CA LYS K 521 68.15 -8.86 44.36
C LYS K 521 67.30 -8.03 43.42
N ASN K 522 67.80 -7.71 42.22
CA ASN K 522 67.06 -6.86 41.28
C ASN K 522 67.38 -7.31 39.87
N VAL K 523 66.49 -8.13 39.30
CA VAL K 523 66.57 -8.56 37.91
C VAL K 523 65.21 -8.36 37.27
N VAL K 524 65.21 -7.87 36.04
CA VAL K 524 63.98 -7.60 35.30
C VAL K 524 64.14 -8.14 33.87
N TRP K 525 63.18 -8.94 33.43
CA TRP K 525 63.11 -9.42 32.06
C TRP K 525 62.02 -8.67 31.32
N SER K 526 62.35 -8.10 30.18
CA SER K 526 61.43 -7.27 29.40
C SER K 526 61.23 -7.87 28.01
N SER K 527 60.33 -7.26 27.25
CA SER K 527 60.09 -7.66 25.88
C SER K 527 61.16 -7.06 24.96
N ASN K 528 61.08 -7.39 23.68
CA ASN K 528 62.03 -6.81 22.72
C ASN K 528 61.89 -5.30 22.64
N PRO K 529 60.68 -4.71 22.48
CA PRO K 529 60.54 -3.28 22.74
C PRO K 529 60.17 -3.02 24.19
N THR K 530 60.99 -2.24 24.90
CA THR K 530 60.75 -1.97 26.31
C THR K 530 60.87 -0.47 26.57
N ARG K 531 60.11 -0.01 27.57
CA ARG K 531 60.04 1.41 27.91
C ARG K 531 60.38 1.58 29.38
N ILE K 532 61.34 2.45 29.68
CA ILE K 532 61.68 2.82 31.04
C ILE K 532 61.40 4.31 31.20
N ALA K 533 60.86 4.69 32.35
CA ALA K 533 60.46 6.07 32.62
C ALA K 533 61.28 6.60 33.78
N TYR K 534 62.25 7.45 33.47
CA TYR K 534 63.08 8.08 34.49
C TYR K 534 62.30 9.22 35.13
N LEU K 535 62.97 10.04 35.95
CA LEU K 535 62.30 11.17 36.58
C LEU K 535 61.79 12.16 35.54
N SER K 536 62.61 12.47 34.54
CA SER K 536 62.21 13.36 33.44
C SER K 536 62.65 12.80 32.09
N GLN K 537 62.97 11.52 32.02
CA GLN K 537 63.44 10.89 30.80
C GLN K 537 62.66 9.61 30.55
N GLU K 538 62.44 9.30 29.28
CA GLU K 538 61.85 8.04 28.85
C GLU K 538 62.76 7.42 27.81
N ILE K 539 62.98 6.12 27.92
CA ILE K 539 63.97 5.41 27.10
C ILE K 539 63.29 4.22 26.44
N VAL K 540 63.58 4.02 25.16
CA VAL K 540 63.10 2.87 24.41
C VAL K 540 64.29 2.09 23.88
N ILE K 541 64.27 0.77 24.08
CA ILE K 541 65.32 -0.12 23.60
C ILE K 541 64.68 -1.10 22.62
N PHE K 542 65.31 -1.25 21.46
CA PHE K 542 64.76 -2.04 20.37
C PHE K 542 65.90 -2.83 19.74
N ARG K 543 65.93 -4.14 19.97
CA ARG K 543 67.03 -4.99 19.53
C ARG K 543 66.58 -5.77 18.30
N ASP K 544 67.14 -5.41 17.14
CA ASP K 544 67.02 -6.15 15.89
C ASP K 544 67.86 -5.49 14.80
N ASP K 545 67.88 -6.07 13.61
CA ASP K 545 68.69 -5.59 12.51
C ASP K 545 67.84 -4.72 11.58
N LEU K 546 68.38 -3.56 11.21
CA LEU K 546 67.69 -2.61 10.33
C LEU K 546 68.45 -2.33 9.04
N SER K 547 69.77 -2.26 9.09
CA SER K 547 70.55 -1.87 7.93
C SER K 547 70.34 -2.84 6.77
N GLY K 548 70.48 -4.14 7.03
CA GLY K 548 70.27 -5.13 5.97
C GLY K 548 68.83 -5.16 5.50
N ARG K 549 67.87 -5.02 6.43
CA ARG K 549 66.47 -5.05 6.06
C ARG K 549 66.13 -3.90 5.11
N PHE K 550 66.64 -2.70 5.38
CA PHE K 550 66.38 -1.57 4.50
C PHE K 550 67.20 -1.64 3.22
N LYS K 551 68.41 -2.21 3.27
CA LYS K 551 69.25 -2.24 2.08
C LYS K 551 68.75 -3.26 1.06
N ARG K 552 68.36 -4.44 1.53
CA ARG K 552 67.95 -5.49 0.59
C ARG K 552 66.63 -5.17 -0.09
N HIS K 553 65.69 -4.58 0.65
CA HIS K 553 64.35 -4.27 0.13
C HIS K 553 64.22 -2.82 -0.32
N ARG K 554 65.33 -2.13 -0.51
CA ARG K 554 65.29 -0.77 -1.03
C ARG K 554 64.67 -0.76 -2.43
N LEU K 555 63.74 0.16 -2.66
CA LEU K 555 63.07 0.24 -3.95
C LEU K 555 63.95 1.01 -4.92
N GLU K 556 64.01 0.55 -6.17
CA GLU K 556 64.91 1.08 -7.17
C GLU K 556 64.24 2.18 -7.98
N PHE K 557 65.01 3.20 -8.34
CA PHE K 557 64.54 4.32 -9.14
C PHE K 557 65.30 4.38 -10.45
N PRO K 558 64.64 4.25 -11.60
CA PRO K 558 65.34 4.41 -12.88
C PRO K 558 65.92 5.81 -13.01
N PHE K 559 67.10 5.89 -13.62
CA PHE K 559 67.80 7.16 -13.73
C PHE K 559 68.60 7.23 -15.03
N GLN K 594 82.45 8.03 5.33
CA GLN K 594 81.55 7.78 4.21
C GLN K 594 80.45 6.79 4.60
N LYS K 595 80.72 6.00 5.63
CA LYS K 595 79.73 5.09 6.19
C LYS K 595 78.80 5.78 7.19
N VAL K 596 79.00 7.06 7.45
CA VAL K 596 78.16 7.79 8.39
C VAL K 596 76.84 8.23 7.76
N GLN K 597 76.74 8.23 6.44
CA GLN K 597 75.50 8.64 5.80
C GLN K 597 74.43 7.56 5.86
N GLU K 598 74.84 6.29 5.92
CA GLU K 598 73.86 5.21 6.01
C GLU K 598 73.06 5.31 7.31
N THR K 599 73.75 5.50 8.43
CA THR K 599 73.03 5.66 9.70
C THR K 599 72.25 6.98 9.73
N ARG K 600 72.73 8.01 9.04
CA ARG K 600 71.96 9.25 8.93
C ARG K 600 70.64 9.00 8.23
N LYS K 601 70.67 8.27 7.10
CA LYS K 601 69.42 7.94 6.40
C LYS K 601 68.52 7.06 7.27
N LEU K 602 69.11 6.09 7.96
CA LEU K 602 68.32 5.22 8.83
C LEU K 602 67.60 6.03 9.90
N VAL K 603 68.31 6.93 10.58
CA VAL K 603 67.71 7.73 11.64
C VAL K 603 66.64 8.65 11.06
N LYS K 604 66.94 9.31 9.93
CA LYS K 604 65.99 10.22 9.34
C LYS K 604 64.70 9.52 8.95
N THR K 605 64.82 8.35 8.32
CA THR K 605 63.63 7.61 7.91
C THR K 605 62.84 7.11 9.11
N ILE K 606 63.53 6.54 10.12
CA ILE K 606 62.82 5.96 11.25
C ILE K 606 62.15 7.05 12.09
N LEU K 607 62.69 8.27 12.07
CA LEU K 607 62.07 9.36 12.81
C LEU K 607 60.99 10.08 12.02
N ASP K 608 61.12 10.15 10.69
CA ASP K 608 60.08 10.77 9.88
C ASP K 608 58.85 9.89 9.80
N GLN K 609 59.03 8.59 9.58
CA GLN K 609 57.89 7.69 9.49
C GLN K 609 57.14 7.58 10.82
N GLY K 610 57.87 7.67 11.93
CA GLY K 610 57.24 7.59 13.23
C GLY K 610 56.62 6.25 13.57
N HIS K 611 57.29 5.16 13.20
CA HIS K 611 56.86 3.82 13.60
C HIS K 611 58.07 2.91 13.64
N LEU K 612 58.12 2.03 14.64
CA LEU K 612 59.29 1.20 14.84
C LEU K 612 59.50 0.22 13.69
N SER K 613 58.41 -0.31 13.12
CA SER K 613 58.48 -1.32 12.07
C SER K 613 57.67 -0.85 10.87
N PRO K 614 58.25 0.02 10.04
CA PRO K 614 57.56 0.50 8.83
C PRO K 614 57.54 -0.54 7.71
N PHE K 615 56.97 -1.71 8.02
CA PHE K 615 56.88 -2.79 7.04
C PHE K 615 55.48 -3.39 7.10
N LEU K 616 55.09 -4.05 6.02
CA LEU K 616 53.76 -4.61 5.89
C LEU K 616 53.64 -5.89 6.73
N ASP K 617 52.48 -6.53 6.65
CA ASP K 617 52.26 -7.77 7.39
C ASP K 617 53.00 -8.95 6.77
N SER K 618 53.38 -8.86 5.50
CA SER K 618 54.09 -9.95 4.85
C SER K 618 55.48 -10.12 5.42
N LEU K 619 56.18 -9.02 5.68
CA LEU K 619 57.56 -9.11 6.16
C LEU K 619 57.63 -9.40 7.65
N ARG K 620 57.07 -8.50 8.47
CA ARG K 620 57.06 -8.67 9.92
C ARG K 620 55.64 -8.74 10.43
N PRO K 621 55.11 -9.93 10.71
CA PRO K 621 53.79 -10.01 11.35
C PRO K 621 53.81 -9.38 12.73
N ILE K 622 52.73 -8.69 13.07
CA ILE K 622 52.63 -7.94 14.32
C ILE K 622 51.37 -8.41 15.06
N SER K 623 51.48 -8.52 16.38
CA SER K 623 50.31 -8.80 17.18
C SER K 623 49.25 -7.73 16.97
N TRP K 624 47.98 -8.16 16.89
CA TRP K 624 46.92 -7.28 16.42
C TRP K 624 46.71 -6.09 17.35
N ASP K 625 46.72 -6.32 18.66
CA ASP K 625 46.41 -5.25 19.60
C ASP K 625 47.64 -4.51 20.11
N LEU K 626 48.76 -5.22 20.27
CA LEU K 626 49.95 -4.59 20.85
C LEU K 626 50.67 -3.66 19.89
N ASP K 627 50.12 -3.40 18.70
CA ASP K 627 50.80 -2.52 17.74
C ASP K 627 50.99 -1.12 18.31
N HIS K 628 50.13 -0.70 19.23
CA HIS K 628 50.29 0.62 19.84
C HIS K 628 51.63 0.75 20.56
N THR K 629 52.18 -0.37 21.03
CA THR K 629 53.49 -0.31 21.68
C THR K 629 54.58 0.04 20.69
N LEU K 630 54.43 -0.32 19.42
CA LEU K 630 55.43 -0.03 18.41
C LEU K 630 55.26 1.35 17.78
N THR K 631 54.16 2.04 18.03
CA THR K 631 53.94 3.36 17.46
C THR K 631 54.90 4.36 18.08
N LEU K 632 55.49 5.21 17.23
CA LEU K 632 56.44 6.22 17.67
C LEU K 632 55.67 7.55 17.78
N CYS K 633 54.91 7.66 18.86
CA CYS K 633 54.06 8.80 19.18
C CYS K 633 54.45 9.34 20.55
N PRO K 634 54.25 10.65 20.81
CA PRO K 634 55.09 11.34 21.80
C PRO K 634 56.49 10.74 21.91
N ILE K 635 57.30 10.99 20.89
CA ILE K 635 58.58 10.30 20.66
C ILE K 635 59.47 10.40 21.88
N PRO K 636 60.16 9.32 22.25
CA PRO K 636 60.99 9.33 23.45
C PRO K 636 62.23 10.21 23.27
N SER K 637 62.82 10.57 24.41
CA SER K 637 64.00 11.44 24.39
C SER K 637 65.21 10.72 23.81
N THR K 638 65.48 9.50 24.26
CA THR K 638 66.64 8.75 23.83
C THR K 638 66.24 7.36 23.36
N MET K 639 66.84 6.90 22.27
CA MET K 639 66.58 5.60 21.69
C MET K 639 67.83 4.74 21.79
N VAL K 640 67.70 3.57 22.39
CA VAL K 640 68.78 2.58 22.42
C VAL K 640 68.54 1.69 21.21
N LEU K 641 69.03 2.13 20.05
CA LEU K 641 68.81 1.43 18.78
C LEU K 641 69.95 0.45 18.56
N CYS K 642 69.85 -0.69 19.22
CA CYS K 642 70.88 -1.72 19.10
C CYS K 642 70.78 -2.39 17.74
N ASP K 643 71.91 -2.51 17.05
CA ASP K 643 71.96 -3.11 15.73
C ASP K 643 73.31 -3.79 15.54
N THR K 644 73.28 -5.04 15.08
CA THR K 644 74.50 -5.79 14.85
C THR K 644 75.10 -5.55 13.47
N THR K 645 74.40 -4.84 12.58
CA THR K 645 74.86 -4.60 11.22
C THR K 645 75.26 -3.15 10.98
N SER K 646 75.33 -2.33 12.02
CA SER K 646 75.66 -0.92 11.89
C SER K 646 76.75 -0.55 12.90
N ALA K 647 77.62 0.35 12.49
CA ALA K 647 78.69 0.81 13.37
C ALA K 647 78.14 1.62 14.53
N GLN K 648 78.89 1.65 15.62
CA GLN K 648 78.47 2.40 16.79
C GLN K 648 78.44 3.90 16.49
N PHE K 649 77.41 4.58 17.01
CA PHE K 649 77.24 6.00 16.73
C PHE K 649 76.42 6.63 17.84
N ASP K 650 76.45 7.96 17.88
CA ASP K 650 75.81 8.75 18.94
C ASP K 650 75.06 9.93 18.35
N LEU K 651 74.32 9.70 17.27
CA LEU K 651 73.61 10.79 16.61
C LEU K 651 72.45 11.30 17.45
N THR K 652 72.11 12.57 17.24
CA THR K 652 70.94 13.19 17.83
C THR K 652 70.30 14.10 16.80
N TYR K 653 68.97 14.06 16.72
CA TYR K 653 68.26 14.80 15.68
C TYR K 653 66.81 15.00 16.08
N ASN K 654 66.28 16.17 15.75
CA ASN K 654 64.87 16.50 15.96
C ASN K 654 64.46 16.34 17.43
N GLY K 655 65.37 16.71 18.33
CA GLY K 655 65.10 16.61 19.75
C GLY K 655 65.24 15.23 20.33
N CYS K 656 65.62 14.23 19.53
CA CYS K 656 65.82 12.86 19.99
C CYS K 656 67.24 12.43 19.72
N LYS K 657 67.84 11.76 20.70
CA LYS K 657 69.20 11.26 20.59
C LYS K 657 69.17 9.74 20.47
N VAL K 658 69.93 9.22 19.51
CA VAL K 658 69.92 7.79 19.21
C VAL K 658 71.34 7.25 19.41
N ILE K 659 71.43 6.09 20.06
CA ILE K 659 72.69 5.40 20.29
C ILE K 659 72.59 4.00 19.68
N ASN K 660 73.68 3.55 19.07
CA ASN K 660 73.69 2.32 18.28
C ASN K 660 74.81 1.40 18.78
N PRO K 661 74.58 0.69 19.88
CA PRO K 661 75.57 -0.29 20.32
C PRO K 661 75.75 -1.39 19.28
N GLY K 662 76.99 -1.84 19.12
CA GLY K 662 77.33 -2.90 18.21
C GLY K 662 77.38 -4.25 18.89
N SER K 663 78.04 -5.20 18.24
CA SER K 663 78.23 -6.52 18.84
C SER K 663 79.20 -6.41 20.02
N PHE K 664 78.97 -7.26 21.03
CA PHE K 664 79.81 -7.22 22.23
C PHE K 664 81.24 -7.62 21.92
N ILE K 665 81.44 -8.52 20.96
CA ILE K 665 82.76 -8.97 20.56
C ILE K 665 82.95 -8.70 19.07
N HIS K 666 84.13 -8.22 18.70
CA HIS K 666 84.44 -7.91 17.31
C HIS K 666 85.95 -7.79 17.17
N ASN K 667 86.48 -8.35 16.09
CA ASN K 667 87.91 -8.31 15.73
C ASN K 667 88.81 -8.40 16.97
N ARG K 668 88.64 -9.50 17.69
CA ARG K 668 89.38 -9.82 18.92
C ARG K 668 89.39 -8.65 19.90
N ARG K 669 88.30 -7.88 19.95
CA ARG K 669 88.14 -6.80 20.89
C ARG K 669 86.72 -6.81 21.43
N ALA K 670 86.58 -6.45 22.70
CA ALA K 670 85.29 -6.38 23.36
C ALA K 670 84.97 -4.93 23.68
N ARG K 671 83.74 -4.50 23.36
CA ARG K 671 83.35 -3.11 23.48
C ARG K 671 82.00 -3.01 24.18
N TYR K 672 81.91 -2.12 25.16
CA TYR K 672 80.64 -1.78 25.79
C TYR K 672 80.61 -0.28 26.05
N MET K 673 79.41 0.29 26.05
CA MET K 673 79.21 1.73 25.99
C MET K 673 78.33 2.19 27.14
N GLU K 674 78.72 3.29 27.78
CA GLU K 674 77.98 3.87 28.90
C GLU K 674 77.52 5.27 28.54
N TYR K 675 76.28 5.58 28.87
CA TYR K 675 75.66 6.86 28.53
C TYR K 675 75.38 7.64 29.80
N VAL K 676 75.88 8.88 29.85
CA VAL K 676 75.62 9.77 30.97
C VAL K 676 74.32 10.52 30.70
N PRO K 677 73.40 10.59 31.66
CA PRO K 677 72.11 11.24 31.40
C PRO K 677 72.20 12.73 31.10
N SER K 678 73.42 13.28 31.10
CA SER K 678 73.64 14.68 30.77
C SER K 678 74.02 14.89 29.30
N SER K 679 73.50 14.05 28.41
CA SER K 679 73.78 14.14 26.98
C SER K 679 75.28 14.03 26.69
N LYS K 680 75.96 13.15 27.42
CA LYS K 680 77.37 12.88 27.20
C LYS K 680 77.59 11.38 27.13
N LYS K 681 78.45 10.95 26.22
CA LYS K 681 78.69 9.54 25.95
C LYS K 681 80.14 9.18 26.27
N THR K 682 80.36 7.89 26.48
CA THR K 682 81.70 7.35 26.62
C THR K 682 81.73 5.93 26.08
N ILE K 683 82.83 5.57 25.44
CA ILE K 683 83.03 4.23 24.88
C ILE K 683 84.30 3.66 25.47
N GLN K 684 84.21 2.45 26.02
CA GLN K 684 85.33 1.80 26.66
C GLN K 684 85.45 0.36 26.16
N GLU K 685 86.68 -0.14 26.15
CA GLU K 685 86.98 -1.48 25.66
C GLU K 685 88.02 -2.12 26.54
N GLU K 686 87.96 -3.45 26.62
CA GLU K 686 88.97 -4.24 27.32
C GLU K 686 89.31 -5.44 26.45
N ILE K 687 90.59 -5.57 26.09
CA ILE K 687 91.03 -6.63 25.19
C ILE K 687 90.82 -8.00 25.82
N THR L 1321 101.36 -42.50 0.83
CA THR L 1321 100.01 -42.71 1.34
C THR L 1321 99.99 -42.64 2.86
N TRP L 1322 99.01 -41.90 3.40
CA TRP L 1322 98.86 -41.75 4.84
C TRP L 1322 97.39 -41.90 5.21
N GLU L 1323 97.15 -42.60 6.32
CA GLU L 1323 95.80 -42.75 6.85
C GLU L 1323 95.57 -41.67 7.90
N VAL L 1324 94.65 -40.76 7.62
CA VAL L 1324 94.39 -39.64 8.51
C VAL L 1324 93.49 -40.10 9.65
N LEU L 1325 93.88 -39.76 10.87
CA LEU L 1325 93.08 -40.12 12.05
C LEU L 1325 92.12 -39.00 12.46
N GLN L 1326 92.48 -37.74 12.23
CA GLN L 1326 91.67 -36.63 12.70
C GLN L 1326 92.02 -35.36 11.92
N TYR L 1327 90.99 -34.56 11.65
CA TYR L 1327 91.17 -33.21 11.13
C TYR L 1327 90.79 -32.20 12.21
N LYS L 1328 91.53 -31.10 12.27
CA LYS L 1328 91.28 -30.09 13.30
C LYS L 1328 91.91 -28.77 12.87
N ASP L 1329 91.10 -27.71 12.85
CA ASP L 1329 91.59 -26.38 12.52
C ASP L 1329 92.36 -25.80 13.70
N SER L 1330 93.27 -24.87 13.38
CA SER L 1330 94.06 -24.20 14.39
C SER L 1330 93.42 -22.86 14.75
N GLY L 1331 94.12 -22.09 15.60
CA GLY L 1331 93.67 -20.74 15.93
C GLY L 1331 93.96 -19.70 14.88
N GLU L 1332 94.79 -20.04 13.88
CA GLU L 1332 95.11 -19.18 12.76
C GLU L 1332 94.25 -19.54 11.56
N PRO L 1333 93.61 -18.57 10.91
CA PRO L 1333 92.73 -18.90 9.78
C PRO L 1333 93.51 -19.56 8.64
N GLY L 1334 92.87 -20.54 8.00
CA GLY L 1334 93.50 -21.23 6.90
C GLY L 1334 94.58 -22.21 7.30
N VAL L 1335 94.65 -22.58 8.57
CA VAL L 1335 95.68 -23.47 9.09
C VAL L 1335 94.99 -24.65 9.78
N LEU L 1336 95.45 -25.86 9.47
CA LEU L 1336 94.84 -27.08 10.00
C LEU L 1336 95.95 -28.03 10.45
N GLU L 1337 95.62 -28.89 11.42
CA GLU L 1337 96.55 -29.88 11.92
C GLU L 1337 95.88 -31.25 11.94
N VAL L 1338 96.67 -32.29 11.67
CA VAL L 1338 96.17 -33.67 11.59
C VAL L 1338 97.10 -34.57 12.38
N PHE L 1339 96.52 -35.39 13.25
CA PHE L 1339 97.24 -36.50 13.85
C PHE L 1339 97.25 -37.64 12.83
N VAL L 1340 98.36 -37.78 12.11
CA VAL L 1340 98.45 -38.72 11.02
C VAL L 1340 99.41 -39.84 11.40
N THR L 1341 99.20 -41.01 10.80
CA THR L 1341 100.02 -42.19 11.06
C THR L 1341 101.00 -42.36 9.90
N ILE L 1342 102.26 -42.00 10.14
CA ILE L 1342 103.32 -42.23 9.18
C ILE L 1342 103.72 -43.70 9.28
N ASN L 1343 104.57 -44.16 8.35
CA ASN L 1343 105.05 -45.54 8.31
C ASN L 1343 105.49 -46.05 9.68
N GLY L 1344 105.97 -45.15 10.54
CA GLY L 1344 106.31 -45.51 11.90
C GLY L 1344 105.17 -45.28 12.87
N LYS L 1345 105.36 -44.36 13.81
CA LYS L 1345 104.34 -44.05 14.80
C LYS L 1345 103.45 -42.92 14.28
N VAL L 1346 102.59 -42.39 15.16
CA VAL L 1346 101.74 -41.27 14.76
C VAL L 1346 102.56 -39.98 14.70
N GLN L 1347 102.08 -39.04 13.90
CA GLN L 1347 102.79 -37.78 13.69
C GLN L 1347 101.77 -36.70 13.37
N ASN L 1348 102.13 -35.46 13.68
CA ASN L 1348 101.28 -34.30 13.40
C ASN L 1348 101.96 -33.40 12.37
N ILE L 1349 101.18 -32.93 11.40
CA ILE L 1349 101.66 -32.04 10.35
C ILE L 1349 100.75 -30.82 10.31
N THR L 1350 101.31 -29.71 9.83
CA THR L 1350 100.57 -28.46 9.70
C THR L 1350 100.03 -28.34 8.28
N PHE L 1351 98.75 -27.99 8.16
CA PHE L 1351 98.05 -27.98 6.88
C PHE L 1351 97.59 -26.56 6.56
N HIS L 1352 97.48 -26.27 5.26
CA HIS L 1352 96.98 -25.00 4.78
C HIS L 1352 95.91 -25.24 3.72
N ILE L 1353 94.68 -24.77 3.99
CA ILE L 1353 93.57 -24.90 3.07
C ILE L 1353 92.96 -23.53 2.86
N PRO L 1354 92.86 -23.04 1.62
CA PRO L 1354 92.25 -21.73 1.37
C PRO L 1354 90.73 -21.82 1.45
N LYS L 1355 90.08 -20.68 1.26
CA LYS L 1355 88.63 -20.57 1.32
C LYS L 1355 88.05 -20.31 -0.06
N THR L 1356 86.77 -20.65 -0.20
CA THR L 1356 86.05 -20.46 -1.46
C THR L 1356 84.61 -20.09 -1.14
N ILE L 1357 84.12 -19.02 -1.78
CA ILE L 1357 82.76 -18.53 -1.56
C ILE L 1357 82.12 -18.27 -2.92
N TYR L 1358 80.79 -18.16 -2.91
CA TYR L 1358 80.01 -17.92 -4.11
C TYR L 1358 79.34 -16.55 -4.01
N MET L 1359 79.39 -15.79 -5.09
CA MET L 1359 78.94 -14.41 -5.11
C MET L 1359 78.02 -14.15 -6.28
N LYS L 1360 77.02 -13.29 -6.07
CA LYS L 1360 76.19 -12.73 -7.12
C LYS L 1360 76.34 -11.21 -7.00
N PHE L 1361 77.38 -10.68 -7.64
CA PHE L 1361 77.79 -9.30 -7.44
C PHE L 1361 77.55 -8.51 -8.71
N LYS L 1362 76.80 -7.41 -8.60
CA LYS L 1362 76.40 -6.56 -9.71
C LYS L 1362 75.58 -7.33 -10.74
N SER L 1363 75.15 -6.65 -11.81
CA SER L 1363 74.39 -7.34 -12.85
C SER L 1363 75.33 -8.01 -13.85
N GLN L 1364 76.13 -7.22 -14.56
CA GLN L 1364 77.14 -7.76 -15.47
C GLN L 1364 78.48 -7.03 -15.42
N THR L 1365 78.56 -5.83 -14.87
CA THR L 1365 79.80 -5.08 -14.77
C THR L 1365 80.02 -4.71 -13.31
N MET L 1366 81.24 -4.97 -12.82
CA MET L 1366 81.51 -4.86 -11.39
C MET L 1366 82.76 -4.06 -11.13
N PRO L 1367 82.83 -3.40 -9.97
CA PRO L 1367 84.09 -2.75 -9.57
C PRO L 1367 85.13 -3.77 -9.14
N LEU L 1368 85.88 -4.29 -10.12
CA LEU L 1368 86.69 -5.49 -9.93
C LEU L 1368 87.60 -5.37 -8.71
N GLN L 1369 88.30 -4.24 -8.56
CA GLN L 1369 89.29 -4.08 -7.50
C GLN L 1369 90.30 -5.23 -7.51
N LYS L 1370 90.77 -5.56 -8.71
CA LYS L 1370 91.61 -6.74 -8.92
C LYS L 1370 93.00 -6.59 -8.32
N ILE L 1371 93.37 -5.42 -7.83
CA ILE L 1371 94.70 -5.24 -7.22
C ILE L 1371 94.85 -6.15 -6.00
N LYS L 1372 93.75 -6.50 -5.35
CA LYS L 1372 93.80 -7.48 -4.28
C LYS L 1372 94.12 -8.86 -4.85
N ASN L 1373 94.99 -9.60 -4.18
CA ASN L 1373 95.46 -10.89 -4.66
C ASN L 1373 94.37 -11.93 -4.41
N CYS L 1374 93.61 -12.25 -5.46
CA CYS L 1374 92.58 -13.27 -5.38
C CYS L 1374 92.27 -13.75 -6.79
N LEU L 1375 91.71 -14.96 -6.88
CA LEU L 1375 91.33 -15.55 -8.15
C LEU L 1375 89.82 -15.41 -8.32
N ILE L 1376 89.41 -14.73 -9.39
CA ILE L 1376 88.01 -14.44 -9.66
C ILE L 1376 87.64 -15.06 -11.01
N GLU L 1377 86.52 -15.77 -11.04
CA GLU L 1377 86.06 -16.44 -12.24
C GLU L 1377 84.54 -16.42 -12.28
N LYS L 1378 83.99 -16.26 -13.47
CA LYS L 1378 82.54 -16.34 -13.67
C LYS L 1378 82.14 -17.75 -14.06
N SER L 1379 81.14 -18.29 -13.37
CA SER L 1379 80.67 -19.65 -13.60
C SER L 1379 79.18 -19.64 -13.93
N SER L 1380 78.63 -20.84 -14.08
CA SER L 1380 77.20 -21.02 -14.40
C SER L 1380 76.63 -22.14 -13.54
N ALA L 1381 76.95 -22.12 -12.25
CA ALA L 1381 76.47 -23.14 -11.34
C ALA L 1381 74.96 -22.99 -11.11
N SER L 1382 74.39 -24.01 -10.48
CA SER L 1382 72.95 -24.04 -10.21
C SER L 1382 72.67 -23.41 -8.85
N LEU L 1383 71.68 -22.53 -8.80
CA LEU L 1383 71.31 -21.83 -7.59
C LEU L 1383 70.09 -22.46 -6.94
N PRO L 1384 69.97 -22.38 -5.62
CA PRO L 1384 68.75 -22.85 -4.95
C PRO L 1384 67.55 -22.03 -5.40
N ASN L 1385 66.39 -22.69 -5.47
CA ASN L 1385 65.16 -22.05 -5.91
C ASN L 1385 64.38 -21.56 -4.69
N ASN L 1386 64.72 -20.36 -4.25
CA ASN L 1386 64.02 -19.75 -3.13
C ASN L 1386 62.61 -19.35 -3.56
N PRO L 1387 61.57 -19.83 -2.90
CA PRO L 1387 60.20 -19.43 -3.30
C PRO L 1387 59.98 -17.93 -3.25
N LYS L 1388 60.58 -17.24 -2.28
CA LYS L 1388 60.48 -15.79 -2.24
C LYS L 1388 61.22 -15.14 -3.40
N THR L 1389 62.39 -15.68 -3.76
CA THR L 1389 63.19 -15.14 -4.85
C THR L 1389 62.68 -15.71 -6.17
N SER L 1390 61.63 -15.07 -6.69
CA SER L 1390 61.04 -15.46 -7.96
C SER L 1390 61.62 -14.70 -9.15
N ASN L 1391 62.51 -13.73 -8.90
CA ASN L 1391 63.08 -12.93 -9.97
C ASN L 1391 64.50 -13.38 -10.24
N PRO L 1392 64.81 -13.87 -11.45
CA PRO L 1392 66.21 -14.21 -11.76
C PRO L 1392 67.11 -13.00 -11.76
N ALA L 1393 66.66 -11.90 -12.34
CA ALA L 1393 67.43 -10.64 -12.44
C ALA L 1393 68.78 -10.97 -13.10
N GLY L 1394 69.88 -10.39 -12.64
CA GLY L 1394 71.18 -10.77 -13.16
C GLY L 1394 71.54 -12.20 -12.76
N GLY L 1395 72.30 -12.85 -13.62
CA GLY L 1395 72.71 -14.22 -13.37
C GLY L 1395 74.19 -14.44 -13.49
N GLN L 1396 74.97 -13.35 -13.42
CA GLN L 1396 76.41 -13.42 -13.59
C GLN L 1396 77.06 -13.85 -12.27
N LEU L 1397 76.90 -15.13 -11.97
CA LEU L 1397 77.48 -15.70 -10.75
C LEU L 1397 79.00 -15.80 -10.89
N PHE L 1398 79.69 -15.63 -9.76
CA PHE L 1398 81.14 -15.59 -9.73
C PHE L 1398 81.69 -16.66 -8.80
N LYS L 1399 82.89 -17.14 -9.11
CA LYS L 1399 83.65 -18.03 -8.24
C LYS L 1399 84.82 -17.27 -7.65
N ILE L 1400 84.98 -17.35 -6.33
CA ILE L 1400 86.05 -16.66 -5.62
C ILE L 1400 86.80 -17.66 -4.76
N THR L 1401 88.08 -17.86 -5.07
CA THR L 1401 88.98 -18.63 -4.24
C THR L 1401 89.96 -17.65 -3.59
N LEU L 1402 89.97 -17.62 -2.26
CA LEU L 1402 90.62 -16.54 -1.56
C LEU L 1402 91.12 -16.99 -0.19
N PRO L 1403 92.39 -16.73 0.15
CA PRO L 1403 92.91 -17.17 1.45
C PRO L 1403 92.18 -16.51 2.60
N GLU L 1404 92.06 -17.25 3.71
CA GLU L 1404 91.29 -16.77 4.85
C GLU L 1404 91.97 -15.58 5.53
N SER L 1405 93.30 -15.51 5.49
CA SER L 1405 94.00 -14.41 6.15
C SER L 1405 93.63 -13.07 5.52
N VAL L 1406 93.65 -13.00 4.19
CA VAL L 1406 93.28 -11.75 3.55
C VAL L 1406 91.79 -11.47 3.73
N PHE L 1407 90.97 -12.53 3.83
CA PHE L 1407 89.55 -12.34 4.12
C PHE L 1407 89.36 -11.66 5.47
N LEU L 1408 90.04 -12.15 6.50
CA LEU L 1408 89.93 -11.54 7.82
C LEU L 1408 90.49 -10.13 7.84
N GLU L 1409 91.61 -9.89 7.15
CA GLU L 1409 92.19 -8.55 7.19
C GLU L 1409 91.42 -7.55 6.35
N GLU L 1410 90.63 -8.00 5.37
CA GLU L 1410 89.77 -7.11 4.60
C GLU L 1410 88.38 -6.97 5.18
N LYS L 1411 87.97 -7.89 6.07
CA LYS L 1411 86.68 -7.76 6.72
C LYS L 1411 86.63 -6.54 7.63
N GLU L 1412 87.79 -6.10 8.14
CA GLU L 1412 87.82 -4.91 8.99
C GLU L 1412 87.41 -3.67 8.20
N ASN L 1413 87.89 -3.53 6.97
CA ASN L 1413 87.54 -2.39 6.15
C ASN L 1413 86.14 -2.56 5.55
N CYS L 1414 85.53 -1.44 5.20
CA CYS L 1414 84.19 -1.42 4.61
C CYS L 1414 84.22 -1.36 3.09
N THR L 1415 85.09 -0.55 2.51
CA THR L 1415 85.19 -0.42 1.05
C THR L 1415 85.98 -1.62 0.52
N SER L 1416 85.26 -2.71 0.30
CA SER L 1416 85.86 -3.95 -0.18
C SER L 1416 84.87 -4.67 -1.08
N ILE L 1417 85.35 -5.70 -1.78
CA ILE L 1417 84.53 -6.40 -2.75
C ILE L 1417 83.34 -7.08 -2.08
N PHE L 1418 83.58 -7.73 -0.94
CA PHE L 1418 82.53 -8.50 -0.29
C PHE L 1418 81.41 -7.64 0.28
N ASN L 1419 81.62 -6.33 0.40
CA ASN L 1419 80.61 -5.40 0.91
C ASN L 1419 80.57 -4.19 0.00
N ASP L 1420 79.67 -4.21 -0.99
CA ASP L 1420 79.48 -3.10 -1.91
C ASP L 1420 78.02 -3.08 -2.32
N GLU L 1421 77.73 -2.33 -3.38
CA GLU L 1421 76.37 -2.27 -3.92
C GLU L 1421 76.08 -3.52 -4.73
N ASN L 1422 74.78 -3.84 -4.82
CA ASN L 1422 74.29 -4.98 -5.60
C ASN L 1422 74.88 -6.31 -5.11
N VAL L 1423 75.19 -6.40 -3.82
CA VAL L 1423 75.63 -7.65 -3.22
C VAL L 1423 74.38 -8.46 -2.88
N LEU L 1424 74.17 -9.57 -3.59
CA LEU L 1424 72.97 -10.37 -3.40
C LEU L 1424 73.12 -11.39 -2.28
N GLY L 1425 74.32 -11.86 -2.01
CA GLY L 1425 74.56 -12.76 -0.90
C GLY L 1425 75.60 -13.83 -1.17
N VAL L 1426 76.31 -14.24 -0.12
CA VAL L 1426 77.31 -15.29 -0.18
C VAL L 1426 76.63 -16.63 0.05
N PHE L 1427 77.06 -17.65 -0.69
CA PHE L 1427 76.45 -18.96 -0.63
C PHE L 1427 77.28 -20.02 0.06
N GLU L 1428 78.60 -19.86 0.12
CA GLU L 1428 79.49 -20.85 0.71
C GLU L 1428 80.45 -20.17 1.70
N GLY L 1429 79.95 -19.23 2.48
CA GLY L 1429 80.77 -18.52 3.44
C GLY L 1429 80.88 -19.16 4.81
N THR L 1430 80.15 -20.25 5.05
CA THR L 1430 80.15 -20.90 6.35
C THR L 1430 80.92 -22.21 6.37
N ILE L 1431 81.51 -22.61 5.24
CA ILE L 1431 82.26 -23.86 5.17
C ILE L 1431 83.69 -23.59 5.64
N THR L 1432 84.02 -24.09 6.82
CA THR L 1432 85.36 -23.93 7.35
C THR L 1432 86.34 -24.80 6.58
N PRO L 1433 87.64 -24.50 6.66
CA PRO L 1433 88.63 -25.37 6.00
C PRO L 1433 88.59 -26.80 6.53
N HIS L 1434 88.13 -27.00 7.76
CA HIS L 1434 87.95 -28.36 8.27
C HIS L 1434 87.05 -29.18 7.37
N GLN L 1435 85.86 -28.66 7.06
CA GLN L 1435 84.92 -29.39 6.20
C GLN L 1435 85.45 -29.52 4.79
N ARG L 1436 86.05 -28.44 4.25
CA ARG L 1436 86.57 -28.50 2.90
C ARG L 1436 87.63 -29.58 2.76
N ALA L 1437 88.53 -29.68 3.74
CA ALA L 1437 89.53 -30.74 3.72
C ALA L 1437 88.91 -32.11 3.92
N ILE L 1438 87.96 -32.24 4.83
CA ILE L 1438 87.45 -33.57 5.16
C ILE L 1438 86.64 -34.15 4.00
N MET L 1439 85.99 -33.31 3.20
CA MET L 1439 85.27 -33.86 2.06
C MET L 1439 86.11 -33.89 0.78
N ASP L 1440 86.97 -32.89 0.56
CA ASP L 1440 87.76 -32.86 -0.67
C ASP L 1440 88.92 -33.85 -0.63
N LEU L 1441 89.56 -34.00 0.53
CA LEU L 1441 90.77 -34.83 0.65
C LEU L 1441 90.45 -36.23 1.17
N GLY L 1442 89.72 -36.33 2.27
CA GLY L 1442 89.42 -37.62 2.86
C GLY L 1442 90.52 -38.11 3.78
N ALA L 1443 90.32 -39.33 4.30
CA ALA L 1443 91.29 -39.92 5.21
C ALA L 1443 92.54 -40.39 4.48
N SER L 1444 92.41 -40.75 3.21
CA SER L 1444 93.54 -41.27 2.42
C SER L 1444 94.19 -40.09 1.69
N VAL L 1445 95.19 -39.50 2.32
CA VAL L 1445 95.93 -38.38 1.73
C VAL L 1445 97.38 -38.82 1.54
N THR L 1446 98.04 -38.19 0.57
CA THR L 1446 99.43 -38.52 0.25
C THR L 1446 100.07 -37.30 -0.40
N PHE L 1447 101.32 -37.48 -0.83
CA PHE L 1447 102.09 -36.41 -1.46
C PHE L 1447 102.51 -36.83 -2.87
N ARG L 1448 102.53 -35.84 -3.77
CA ARG L 1448 103.04 -36.02 -5.13
C ARG L 1448 103.88 -34.81 -5.53
N SER L 1449 104.73 -34.35 -4.61
CA SER L 1449 105.51 -33.14 -4.84
C SER L 1449 106.49 -33.32 -6.00
N LYS L 1450 107.26 -34.42 -5.97
CA LYS L 1450 108.26 -34.72 -6.99
C LYS L 1450 109.25 -33.57 -7.17
N ALA L 1454 111.60 -30.52 -1.30
CA ALA L 1454 110.91 -29.53 -0.49
C ALA L 1454 110.11 -30.19 0.62
N LEU L 1455 110.33 -31.50 0.80
CA LEU L 1455 109.65 -32.23 1.87
C LEU L 1455 110.05 -31.69 3.25
N GLY L 1456 111.35 -31.43 3.43
CA GLY L 1456 111.79 -30.87 4.70
C GLY L 1456 111.25 -29.47 4.93
N LYS L 1457 111.31 -28.62 3.90
CA LYS L 1457 110.75 -27.27 4.02
C LYS L 1457 109.25 -27.31 4.27
N GLY L 1458 108.56 -28.31 3.71
CA GLY L 1458 107.13 -28.47 3.94
C GLY L 1458 106.76 -29.15 5.24
N ILE L 1459 107.73 -29.79 5.92
CA ILE L 1459 107.44 -30.46 7.18
C ILE L 1459 107.81 -29.55 8.33
N GLN L 1460 108.80 -28.66 8.14
CA GLN L 1460 109.07 -27.66 9.16
C GLN L 1460 107.98 -26.58 9.17
N GLN L 1461 107.49 -26.20 8.00
CA GLN L 1461 106.37 -25.29 7.84
C GLN L 1461 105.10 -26.11 7.62
N GLY L 1462 104.01 -25.43 7.28
CA GLY L 1462 102.79 -26.09 6.85
C GLY L 1462 102.81 -26.26 5.34
N PHE L 1463 102.55 -27.48 4.90
CA PHE L 1463 102.62 -27.80 3.48
C PHE L 1463 101.28 -27.48 2.82
N GLU L 1464 101.34 -26.71 1.74
CA GLU L 1464 100.14 -26.15 1.14
C GLU L 1464 99.46 -27.20 0.26
N MET L 1465 98.13 -27.11 0.18
CA MET L 1465 97.31 -28.16 -0.42
C MET L 1465 96.70 -27.81 -1.77
N LYS L 1466 96.25 -26.57 -1.99
CA LYS L 1466 95.42 -26.27 -3.16
C LYS L 1466 96.15 -26.50 -4.47
N ASP L 1467 97.47 -26.59 -4.47
CA ASP L 1467 98.21 -26.89 -5.69
C ASP L 1467 98.48 -28.39 -5.86
N LEU L 1468 98.63 -29.11 -4.74
CA LEU L 1468 98.96 -30.53 -4.76
C LEU L 1468 98.01 -31.25 -3.80
N SER L 1469 97.04 -31.98 -4.35
CA SER L 1469 96.11 -32.73 -3.53
C SER L 1469 95.43 -33.80 -4.39
N MET L 1470 95.37 -35.02 -3.87
CA MET L 1470 94.67 -36.10 -4.53
C MET L 1470 94.38 -37.19 -3.51
N ALA L 1471 93.28 -37.89 -3.72
CA ALA L 1471 92.82 -38.93 -2.80
C ALA L 1471 93.08 -40.31 -3.39
N GLU L 1472 93.74 -41.16 -2.62
CA GLU L 1472 94.02 -42.53 -3.02
C GLU L 1472 92.90 -43.46 -2.54
N ASN L 1473 93.04 -44.74 -2.85
CA ASN L 1473 92.04 -45.73 -2.42
C ASN L 1473 92.15 -45.99 -0.93
N GLU L 1474 91.04 -46.44 -0.34
CA GLU L 1474 90.94 -46.59 1.10
C GLU L 1474 90.26 -47.91 1.49
N ARG L 1475 90.46 -48.95 0.68
CA ARG L 1475 89.83 -50.24 0.98
C ARG L 1475 90.28 -50.80 2.33
N TYR L 1476 91.49 -50.44 2.78
CA TYR L 1476 91.94 -50.77 4.12
C TYR L 1476 92.68 -49.58 4.69
N LEU L 1477 92.44 -49.29 5.98
CA LEU L 1477 93.06 -48.13 6.61
C LEU L 1477 94.49 -48.45 7.05
N SER L 1478 94.63 -49.38 7.99
CA SER L 1478 95.93 -49.76 8.52
C SER L 1478 95.77 -50.98 9.41
N GLY L 1479 96.86 -51.71 9.60
CA GLY L 1479 96.90 -52.79 10.56
C GLY L 1479 96.98 -52.25 11.96
N PHE L 1480 95.91 -52.40 12.73
CA PHE L 1480 95.78 -51.74 14.03
C PHE L 1480 96.51 -52.53 15.10
N SER L 1481 97.62 -52.00 15.58
CA SER L 1481 98.30 -52.53 16.77
C SER L 1481 98.83 -51.32 17.54
N MET L 1482 97.99 -50.79 18.43
CA MET L 1482 98.33 -49.60 19.21
C MET L 1482 97.63 -49.68 20.56
N ASP L 1483 98.17 -48.92 21.51
CA ASP L 1483 97.56 -48.83 22.83
C ASP L 1483 96.29 -47.96 22.78
N ILE L 1484 95.50 -48.04 23.84
CA ILE L 1484 94.24 -47.31 23.92
C ILE L 1484 94.11 -46.71 25.31
N GLY L 1485 93.23 -45.70 25.42
CA GLY L 1485 92.96 -45.06 26.68
C GLY L 1485 91.47 -44.98 26.93
N TYR L 1486 91.12 -44.88 28.22
CA TYR L 1486 89.73 -44.83 28.65
C TYR L 1486 89.53 -43.68 29.63
N LEU L 1487 88.52 -42.86 29.38
CA LEU L 1487 88.13 -41.78 30.28
C LEU L 1487 86.61 -41.68 30.29
N LEU L 1488 86.02 -41.82 31.47
CA LEU L 1488 84.56 -41.88 31.59
C LEU L 1488 84.11 -41.02 32.78
N HIS L 1489 82.83 -40.66 32.74
CA HIS L 1489 82.20 -39.94 33.84
C HIS L 1489 80.73 -40.29 33.90
N PHE L 1490 80.26 -40.64 35.09
CA PHE L 1490 78.85 -40.99 35.33
C PHE L 1490 78.26 -40.07 36.37
N PRO L 1491 77.57 -38.99 35.96
CA PRO L 1491 76.89 -38.09 36.91
C PRO L 1491 75.78 -38.80 37.69
N GLU L 1497 80.60 -37.99 41.66
CA GLU L 1497 82.04 -37.99 41.46
C GLU L 1497 82.51 -39.36 40.99
N PHE L 1498 82.24 -39.69 39.72
CA PHE L 1498 82.57 -41.00 39.20
C PHE L 1498 83.52 -40.93 38.02
N PHE L 1499 84.57 -40.13 38.12
CA PHE L 1499 85.62 -40.13 37.12
C PHE L 1499 86.22 -41.52 37.00
N SER L 1500 86.38 -42.00 35.77
CA SER L 1500 86.82 -43.37 35.52
C SER L 1500 87.98 -43.38 34.54
N LEU L 1501 88.87 -44.36 34.72
CA LEU L 1501 90.01 -44.55 33.84
C LEU L 1501 90.36 -46.02 33.77
N PHE L 1502 90.99 -46.41 32.67
CA PHE L 1502 91.53 -47.75 32.50
C PHE L 1502 92.57 -47.73 31.39
N LYS L 1503 93.54 -48.62 31.48
CA LYS L 1503 94.61 -48.73 30.50
C LYS L 1503 94.63 -50.14 29.93
N SER L 1504 94.71 -50.24 28.61
CA SER L 1504 94.78 -51.56 27.97
C SER L 1504 96.04 -52.32 28.41
N TRP L 1505 97.17 -51.62 28.46
CA TRP L 1505 98.42 -52.23 28.89
C TRP L 1505 98.64 -52.11 30.39
N GLY L 1506 97.76 -51.40 31.11
CA GLY L 1506 97.86 -51.32 32.55
C GLY L 1506 97.21 -52.51 33.22
N ASP L 1507 97.37 -52.57 34.55
CA ASP L 1507 96.82 -53.67 35.33
C ASP L 1507 96.24 -53.17 36.65
N THR L 1508 95.76 -51.92 36.68
CA THR L 1508 95.19 -51.34 37.88
C THR L 1508 93.96 -50.52 37.52
N ILE L 1509 93.01 -50.45 38.46
CA ILE L 1509 91.80 -49.66 38.31
C ILE L 1509 91.57 -48.89 39.60
N THR L 1510 91.37 -47.58 39.49
CA THR L 1510 91.10 -46.72 40.64
C THR L 1510 89.89 -45.86 40.34
N ILE L 1511 88.92 -45.86 41.25
CA ILE L 1511 87.68 -45.10 41.09
C ILE L 1511 87.69 -43.96 42.11
N LEU L 1512 87.47 -42.74 41.62
CA LEU L 1512 87.49 -41.58 42.49
C LEU L 1512 86.22 -41.52 43.34
N VAL L 1513 86.32 -40.86 44.49
CA VAL L 1513 85.22 -40.75 45.43
C VAL L 1513 84.05 -39.98 44.83
N ILE L 1523 83.43 -54.77 49.97
CA ILE L 1523 82.24 -55.23 49.28
C ILE L 1523 82.30 -54.81 47.81
N ASN L 1524 82.93 -53.65 47.55
CA ASN L 1524 83.02 -53.17 46.17
C ASN L 1524 84.03 -53.98 45.37
N ALA L 1525 85.19 -54.27 45.94
CA ALA L 1525 86.23 -55.00 45.21
C ALA L 1525 85.78 -56.42 44.87
N SER L 1526 85.17 -57.11 45.83
CA SER L 1526 84.68 -58.46 45.57
C SER L 1526 83.61 -58.46 44.49
N SER L 1527 82.68 -57.50 44.54
CA SER L 1527 81.67 -57.38 43.50
C SER L 1527 82.30 -57.08 42.15
N LEU L 1528 83.32 -56.23 42.13
CA LEU L 1528 84.02 -55.94 40.89
C LEU L 1528 84.63 -57.20 40.30
N GLY L 1529 85.32 -57.98 41.12
CA GLY L 1529 85.95 -59.20 40.63
C GLY L 1529 84.93 -60.21 40.13
N GLN L 1530 83.86 -60.41 40.89
CA GLN L 1530 82.87 -61.41 40.48
C GLN L 1530 82.14 -60.96 39.23
N ILE L 1531 81.87 -59.66 39.08
CA ILE L 1531 81.17 -59.19 37.88
C ILE L 1531 82.09 -59.29 36.66
N TYR L 1532 83.37 -58.97 36.83
CA TYR L 1532 84.32 -59.16 35.75
C TYR L 1532 84.36 -60.61 35.31
N LYS L 1533 84.48 -61.53 36.27
CA LYS L 1533 84.56 -62.95 35.92
C LYS L 1533 83.27 -63.41 35.24
N GLN L 1534 82.11 -63.06 35.82
CA GLN L 1534 80.85 -63.59 35.30
C GLN L 1534 80.58 -63.08 33.90
N MET L 1535 80.80 -61.80 33.62
CA MET L 1535 80.57 -61.36 32.26
C MET L 1535 81.71 -61.80 31.34
N PHE L 1536 82.86 -62.17 31.91
CA PHE L 1536 83.91 -62.80 31.12
C PHE L 1536 83.44 -64.14 30.56
N GLU L 1537 82.85 -64.99 31.39
CA GLU L 1537 82.31 -66.22 30.80
C GLU L 1537 81.06 -65.93 29.97
N LYS L 1538 80.35 -64.84 30.25
CA LYS L 1538 79.20 -64.48 29.42
C LYS L 1538 79.61 -64.17 28.00
N LYS L 1539 80.72 -63.44 27.82
CA LYS L 1539 81.14 -62.98 26.49
C LYS L 1539 82.53 -63.47 26.12
N LYS L 1540 82.88 -64.69 26.54
CA LYS L 1540 84.06 -65.37 26.01
C LYS L 1540 84.21 -65.25 24.51
N GLY L 1541 83.15 -65.52 23.76
CA GLY L 1541 83.26 -65.52 22.31
C GLY L 1541 83.60 -64.15 21.74
N LYS L 1542 82.90 -63.12 22.21
CA LYS L 1542 83.17 -61.77 21.74
C LYS L 1542 84.57 -61.31 22.15
N ILE L 1543 84.97 -61.65 23.38
CA ILE L 1543 86.31 -61.28 23.84
C ILE L 1543 87.38 -61.95 22.99
N GLU L 1544 87.19 -63.23 22.67
CA GLU L 1544 88.15 -63.93 21.82
C GLU L 1544 88.20 -63.32 20.43
N THR L 1545 87.03 -62.96 19.88
CA THR L 1545 87.01 -62.38 18.53
C THR L 1545 87.70 -61.02 18.50
N TYR L 1546 87.50 -60.19 19.52
CA TYR L 1546 88.02 -58.83 19.52
C TYR L 1546 89.29 -58.66 20.35
N SER L 1547 89.92 -59.78 20.75
CA SER L 1547 91.18 -59.67 21.49
C SER L 1547 92.25 -58.94 20.70
N TYR L 1548 92.29 -59.14 19.38
CA TYR L 1548 93.31 -58.48 18.57
C TYR L 1548 93.19 -56.96 18.59
N LEU L 1549 92.01 -56.44 18.91
CA LEU L 1549 91.86 -54.99 19.08
C LEU L 1549 92.28 -54.55 20.47
N VAL L 1550 91.75 -55.20 21.50
CA VAL L 1550 92.11 -54.90 22.88
C VAL L 1550 92.07 -56.20 23.67
N ASP L 1551 93.05 -56.38 24.56
CA ASP L 1551 93.13 -57.58 25.38
C ASP L 1551 92.66 -57.30 26.80
N ILE L 1556 91.30 -60.54 31.22
CA ILE L 1556 92.40 -60.42 32.17
C ILE L 1556 91.92 -59.70 33.43
N ASN L 1557 92.23 -60.29 34.58
CA ASN L 1557 91.87 -59.67 35.85
C ASN L 1557 92.76 -58.45 36.11
N PHE L 1558 92.27 -57.58 36.99
CA PHE L 1558 93.00 -56.36 37.32
C PHE L 1558 92.72 -55.99 38.77
N GLU L 1559 93.60 -55.18 39.34
CA GLU L 1559 93.45 -54.74 40.72
C GLU L 1559 92.29 -53.75 40.82
N PHE L 1560 91.79 -53.59 42.05
CA PHE L 1560 90.67 -52.71 42.33
C PHE L 1560 91.09 -51.66 43.35
N VAL L 1561 90.61 -50.44 43.16
CA VAL L 1561 90.89 -49.34 44.08
C VAL L 1561 89.74 -48.34 44.01
N TYR L 1562 89.38 -47.79 45.16
CA TYR L 1562 88.30 -46.80 45.28
C TYR L 1562 88.90 -45.59 45.98
N PHE L 1563 89.46 -44.67 45.20
CA PHE L 1563 90.08 -43.47 45.76
C PHE L 1563 89.06 -42.59 46.47
N LYS L 1568 91.02 -32.23 46.96
CA LYS L 1568 92.21 -33.03 47.23
C LYS L 1568 92.40 -34.09 46.17
N LEU L 1569 91.46 -35.04 46.11
CA LEU L 1569 91.49 -36.10 45.12
C LEU L 1569 91.18 -35.59 43.71
N TYR L 1570 90.63 -34.38 43.58
CA TYR L 1570 90.09 -33.91 42.31
C TYR L 1570 91.15 -33.38 41.37
N ARG L 1571 92.41 -33.29 41.80
CA ARG L 1571 93.49 -32.83 40.95
C ARG L 1571 94.24 -33.95 40.25
N ARG L 1572 93.96 -35.21 40.59
CA ARG L 1572 94.73 -36.33 40.06
C ARG L 1572 94.48 -36.59 38.58
N LEU L 1573 93.42 -36.01 38.00
CA LEU L 1573 93.17 -36.21 36.57
C LEU L 1573 94.31 -35.65 35.74
N SER L 1574 94.79 -34.45 36.09
CA SER L 1574 95.91 -33.86 35.35
C SER L 1574 97.17 -34.70 35.50
N GLN L 1575 97.44 -35.19 36.72
CA GLN L 1575 98.60 -36.03 36.94
C GLN L 1575 98.54 -37.30 36.11
N GLU L 1576 97.36 -37.95 36.09
CA GLU L 1576 97.21 -39.18 35.30
C GLU L 1576 97.36 -38.91 33.81
N THR L 1577 96.77 -37.82 33.32
CA THR L 1577 96.90 -37.50 31.90
C THR L 1577 98.35 -37.22 31.54
N THR L 1578 99.07 -36.49 32.40
CA THR L 1578 100.47 -36.21 32.12
C THR L 1578 101.30 -37.49 32.13
N LYS L 1579 101.09 -38.38 33.11
CA LYS L 1579 101.87 -39.60 33.15
C LYS L 1579 101.57 -40.48 31.94
N LEU L 1580 100.31 -40.51 31.49
CA LEU L 1580 99.99 -41.26 30.29
C LEU L 1580 100.62 -40.63 29.06
N LYS L 1581 100.71 -39.30 29.02
CA LYS L 1581 101.31 -38.61 27.88
C LYS L 1581 102.80 -38.90 27.77
N GLU L 1582 103.53 -38.82 28.90
CA GLU L 1582 104.96 -39.09 28.86
C GLU L 1582 105.30 -40.57 28.95
N GLU L 1583 104.33 -41.46 29.15
CA GLU L 1583 104.61 -42.89 29.10
C GLU L 1583 104.31 -43.52 27.74
N ARG L 1584 103.34 -42.98 27.00
CA ARG L 1584 103.02 -43.47 25.66
C ARG L 1584 102.61 -42.29 24.80
N GLY L 1585 102.96 -42.36 23.52
CA GLY L 1585 102.67 -41.28 22.58
C GLY L 1585 101.20 -41.08 22.32
N PHE L 1588 98.72 -43.51 20.91
CA PHE L 1588 97.53 -44.21 21.37
C PHE L 1588 96.30 -43.33 21.16
N LEU L 1589 95.12 -43.92 21.29
CA LEU L 1589 93.85 -43.19 21.20
C LEU L 1589 93.10 -43.32 22.51
N LEU L 1590 92.30 -42.29 22.82
CA LEU L 1590 91.59 -42.21 24.09
C LEU L 1590 90.09 -42.29 23.84
N LEU L 1591 89.42 -43.18 24.56
CA LEU L 1591 87.97 -43.31 24.50
C LEU L 1591 87.37 -42.40 25.57
N LEU L 1592 86.50 -41.49 25.15
CA LEU L 1592 85.89 -40.51 26.05
C LEU L 1592 84.38 -40.71 26.05
N GLN L 1593 83.80 -40.68 27.25
CA GLN L 1593 82.38 -40.99 27.43
C GLN L 1593 81.88 -40.20 28.64
N SER L 1594 81.15 -39.10 28.36
CA SER L 1594 80.64 -38.25 29.44
C SER L 1594 79.59 -37.28 28.89
N PRO L 1595 78.66 -36.82 29.74
CA PRO L 1595 77.70 -35.80 29.29
C PRO L 1595 78.26 -34.40 29.18
N PHE L 1596 79.52 -34.18 29.57
CA PHE L 1596 80.15 -32.87 29.59
C PHE L 1596 81.46 -32.91 28.81
N ILE L 1597 81.39 -33.42 27.58
CA ILE L 1597 82.59 -33.64 26.77
C ILE L 1597 83.38 -32.35 26.62
N THR L 1598 82.70 -31.26 26.25
CA THR L 1598 83.39 -29.98 26.08
C THR L 1598 83.96 -29.47 27.39
N LYS L 1599 83.22 -29.64 28.49
CA LYS L 1599 83.72 -29.20 29.79
C LYS L 1599 84.98 -29.97 30.19
N LEU L 1600 84.98 -31.29 29.98
CA LEU L 1600 86.16 -32.07 30.30
C LEU L 1600 87.33 -31.74 29.38
N LEU L 1601 87.05 -31.43 28.11
CA LEU L 1601 88.11 -30.98 27.22
C LEU L 1601 88.70 -29.65 27.68
N GLY L 1602 87.86 -28.75 28.21
CA GLY L 1602 88.34 -27.46 28.67
C GLY L 1602 89.00 -27.48 30.04
N THR L 1603 88.71 -28.50 30.86
CA THR L 1603 89.30 -28.55 32.20
C THR L 1603 90.76 -28.98 32.17
N ILE L 1604 91.12 -29.89 31.27
CA ILE L 1604 92.47 -30.43 31.18
C ILE L 1604 93.08 -29.97 29.88
N ARG L 1605 94.23 -29.29 29.98
CA ARG L 1605 94.88 -28.74 28.80
C ARG L 1605 95.67 -29.78 28.02
N LEU L 1606 96.07 -30.88 28.66
CA LEU L 1606 96.83 -31.92 27.97
C LEU L 1606 95.99 -32.71 26.97
N LEU L 1607 94.67 -32.57 27.02
CA LEU L 1607 93.80 -33.34 26.13
C LEU L 1607 93.90 -32.89 24.68
N ASN L 1608 94.34 -31.66 24.43
CA ASN L 1608 94.45 -31.16 23.06
C ASN L 1608 95.66 -31.72 22.31
N GLN L 1609 96.55 -32.42 23.00
CA GLN L 1609 97.81 -32.88 22.40
C GLN L 1609 97.74 -34.32 21.91
N MET L 1610 96.60 -34.99 22.00
CA MET L 1610 96.48 -36.37 21.58
C MET L 1610 95.27 -36.57 20.70
N PRO L 1611 95.32 -37.51 19.76
CA PRO L 1611 94.12 -37.84 18.97
C PRO L 1611 93.11 -38.59 19.83
N ILE L 1612 91.90 -38.06 19.91
CA ILE L 1612 90.86 -38.57 20.80
C ILE L 1612 89.63 -38.92 19.99
N VAL L 1613 89.02 -40.06 20.32
CA VAL L 1613 87.74 -40.47 19.76
C VAL L 1613 86.68 -40.32 20.84
N LYS L 1614 85.59 -39.65 20.50
CA LYS L 1614 84.51 -39.39 21.44
C LYS L 1614 83.37 -40.38 21.22
N LEU L 1615 82.80 -40.86 22.31
CA LEU L 1615 81.78 -41.91 22.27
C LEU L 1615 80.62 -41.54 23.20
N SER L 1616 80.11 -40.32 23.03
CA SER L 1616 79.11 -39.77 23.93
C SER L 1616 77.82 -40.57 23.96
N LEU L 1617 77.55 -41.22 25.10
CA LEU L 1617 76.26 -41.84 25.39
C LEU L 1617 75.84 -41.26 26.74
N ASN L 1618 75.13 -40.14 26.69
CA ASN L 1618 74.85 -39.34 27.88
C ASN L 1618 73.52 -39.77 28.50
N GLU L 1619 73.01 -38.96 29.43
CA GLU L 1619 71.74 -39.21 30.13
C GLU L 1619 71.82 -40.45 31.02
N VAL L 1620 72.88 -40.52 31.81
CA VAL L 1620 73.05 -41.56 32.81
C VAL L 1620 72.71 -40.98 34.18
N LEU L 1621 71.98 -41.75 34.98
CA LEU L 1621 71.49 -41.29 36.28
C LEU L 1621 71.72 -42.37 37.33
N LEU L 1622 71.50 -41.98 38.59
CA LEU L 1622 71.68 -42.87 39.72
C LEU L 1622 70.34 -43.25 40.33
N PRO L 1623 70.21 -44.48 40.85
CA PRO L 1623 68.96 -44.89 41.49
C PRO L 1623 68.81 -44.48 42.94
N GLN L 1624 69.75 -43.68 43.46
CA GLN L 1624 69.71 -43.11 44.80
C GLN L 1624 69.98 -44.18 45.87
N LEU L 1625 70.02 -45.45 45.46
CA LEU L 1625 70.30 -46.55 46.36
C LEU L 1625 70.90 -47.69 45.56
N ASN L 1626 71.87 -48.40 46.16
CA ASN L 1626 72.47 -49.57 45.56
C ASN L 1626 73.03 -49.26 44.16
N TRP L 1627 73.77 -48.15 44.09
CA TRP L 1627 74.36 -47.70 42.84
C TRP L 1627 75.61 -48.48 42.46
N GLN L 1628 76.25 -49.14 43.41
CA GLN L 1628 77.48 -49.87 43.11
C GLN L 1628 77.31 -50.95 42.04
N PRO L 1629 76.33 -51.86 42.13
CA PRO L 1629 76.25 -52.90 41.09
C PRO L 1629 75.87 -52.37 39.72
N THR L 1630 74.98 -51.37 39.66
CA THR L 1630 74.61 -50.84 38.35
C THR L 1630 75.77 -50.09 37.71
N LEU L 1631 76.53 -49.31 38.49
CA LEU L 1631 77.68 -48.64 37.89
C LEU L 1631 78.76 -49.64 37.52
N LEU L 1632 78.91 -50.72 38.31
CA LEU L 1632 79.85 -51.78 37.93
C LEU L 1632 79.45 -52.43 36.62
N LYS L 1633 78.15 -52.70 36.45
CA LYS L 1633 77.67 -53.26 35.19
C LYS L 1633 77.94 -52.30 34.03
N LYS L 1634 77.66 -51.02 34.22
CA LYS L 1634 77.92 -50.03 33.18
C LYS L 1634 79.40 -50.04 32.78
N LEU L 1635 80.29 -49.96 33.77
CA LEU L 1635 81.72 -49.91 33.47
C LEU L 1635 82.20 -51.19 32.80
N VAL L 1636 81.76 -52.34 33.28
CA VAL L 1636 82.27 -53.60 32.74
C VAL L 1636 81.77 -53.81 31.32
N ASN L 1637 80.49 -53.52 31.05
CA ASN L 1637 80.00 -53.67 29.69
C ASN L 1637 80.66 -52.67 28.76
N HIS L 1638 80.93 -51.45 29.24
CA HIS L 1638 81.63 -50.48 28.41
C HIS L 1638 83.03 -50.98 28.05
N VAL L 1639 83.79 -51.44 29.05
CA VAL L 1639 85.18 -51.82 28.80
C VAL L 1639 85.26 -53.07 27.93
N LEU L 1640 84.35 -54.02 28.11
CA LEU L 1640 84.41 -55.26 27.34
C LEU L 1640 83.54 -55.23 26.09
N SER L 1641 82.89 -54.11 25.79
CA SER L 1641 82.25 -53.91 24.49
C SER L 1641 82.94 -52.82 23.69
N SER L 1642 83.95 -52.17 24.26
CA SER L 1642 84.75 -51.22 23.49
C SER L 1642 85.41 -51.88 22.29
N GLY L 1643 85.73 -53.18 22.40
CA GLY L 1643 86.31 -53.87 21.25
C GLY L 1643 85.34 -53.94 20.08
N SER L 1644 84.10 -54.34 20.35
CA SER L 1644 83.10 -54.36 19.29
C SER L 1644 82.79 -52.95 18.78
N TRP L 1645 82.77 -51.97 19.69
CA TRP L 1645 82.52 -50.59 19.30
C TRP L 1645 83.59 -50.09 18.34
N ILE L 1646 84.86 -50.34 18.67
CA ILE L 1646 85.95 -49.89 17.82
C ILE L 1646 85.99 -50.68 16.53
N SER L 1647 85.58 -51.96 16.54
CA SER L 1647 85.49 -52.73 15.30
C SER L 1647 84.45 -52.12 14.37
N HIS L 1648 83.28 -51.78 14.92
CA HIS L 1648 82.24 -51.15 14.11
C HIS L 1648 82.70 -49.79 13.59
N LEU L 1649 83.38 -49.01 14.43
CA LEU L 1649 83.88 -47.71 14.00
C LEU L 1649 84.91 -47.87 12.89
N ILE L 1650 85.79 -48.87 13.00
CA ILE L 1650 86.79 -49.12 11.97
C ILE L 1650 86.11 -49.50 10.66
N LYS L 1651 85.09 -50.36 10.73
CA LYS L 1651 84.35 -50.73 9.53
C LYS L 1651 83.73 -49.50 8.87
N LEU L 1652 83.05 -48.68 9.66
CA LEU L 1652 82.39 -47.49 9.10
C LEU L 1652 83.40 -46.52 8.50
N SER L 1653 84.54 -46.33 9.17
CA SER L 1653 85.54 -45.39 8.68
C SER L 1653 86.19 -45.90 7.39
N GLN L 1654 86.60 -47.17 7.37
CA GLN L 1654 87.24 -47.73 6.19
C GLN L 1654 86.26 -47.96 5.05
N TYR L 1655 84.96 -47.84 5.29
CA TYR L 1655 84.03 -47.81 4.17
C TYR L 1655 83.70 -46.38 3.72
N SER L 1656 83.63 -45.43 4.64
CA SER L 1656 83.10 -44.10 4.34
C SER L 1656 84.18 -43.08 3.96
N ASN L 1657 85.45 -43.47 3.94
CA ASN L 1657 86.55 -42.57 3.58
C ASN L 1657 86.59 -41.34 4.48
N ILE L 1658 86.36 -41.55 5.78
CA ILE L 1658 86.39 -40.47 6.77
C ILE L 1658 87.36 -40.87 7.88
N PRO L 1659 88.13 -39.94 8.43
CA PRO L 1659 89.07 -40.29 9.51
C PRO L 1659 88.37 -40.84 10.74
N ILE L 1660 89.17 -41.49 11.59
CA ILE L 1660 88.64 -42.21 12.75
C ILE L 1660 87.95 -41.25 13.71
N CYS L 1661 88.61 -40.15 14.05
CA CYS L 1661 88.13 -39.27 15.11
C CYS L 1661 86.95 -38.40 14.70
N ASN L 1662 86.59 -38.38 13.42
CA ASN L 1662 85.49 -37.56 12.94
C ASN L 1662 84.16 -38.31 12.87
N LEU L 1663 84.12 -39.55 13.37
CA LEU L 1663 82.92 -40.37 13.32
C LEU L 1663 82.38 -40.63 14.72
N ARG L 1664 81.07 -40.84 14.80
CA ARG L 1664 80.38 -41.23 16.01
C ARG L 1664 79.46 -42.39 15.70
N LEU L 1665 79.16 -43.18 16.73
CA LEU L 1665 78.35 -44.38 16.51
C LEU L 1665 76.95 -44.02 16.02
N ASP L 1666 76.34 -42.98 16.60
CA ASP L 1666 74.99 -42.59 16.25
C ASP L 1666 74.93 -41.48 15.20
N SER L 1667 76.07 -40.88 14.82
CA SER L 1667 76.09 -39.78 13.86
C SER L 1667 76.11 -40.31 12.43
N MET L 1668 75.01 -40.97 12.05
CA MET L 1668 74.89 -41.51 10.70
C MET L 1668 74.60 -40.42 9.67
N ASP L 1669 73.95 -39.33 10.10
CA ASP L 1669 73.60 -38.26 9.16
C ASP L 1669 74.84 -37.57 8.60
N TYR L 1670 75.93 -37.54 9.37
CA TYR L 1670 77.12 -36.82 8.94
C TYR L 1670 77.73 -37.47 7.71
N ILE L 1671 77.75 -38.81 7.65
CA ILE L 1671 78.31 -39.51 6.50
C ILE L 1671 77.47 -39.22 5.26
N ILE L 1672 76.14 -39.27 5.39
CA ILE L 1672 75.26 -38.96 4.27
C ILE L 1672 75.53 -37.54 3.78
N ASP L 1673 75.64 -36.60 4.72
CA ASP L 1673 75.90 -35.21 4.36
C ASP L 1673 77.19 -35.08 3.57
N VAL L 1674 78.28 -35.68 4.08
CA VAL L 1674 79.58 -35.48 3.44
C VAL L 1674 79.61 -36.14 2.07
N LEU L 1675 79.04 -37.34 1.94
CA LEU L 1675 79.10 -38.00 0.63
C LEU L 1675 78.21 -37.29 -0.38
N TYR L 1676 77.02 -36.84 0.03
CA TYR L 1676 76.15 -36.11 -0.88
C TYR L 1676 76.78 -34.79 -1.30
N ALA L 1677 77.42 -34.10 -0.36
CA ALA L 1677 78.11 -32.86 -0.68
C ALA L 1677 79.28 -33.10 -1.62
N ARG L 1678 80.02 -34.21 -1.43
CA ARG L 1678 81.10 -34.54 -2.34
C ARG L 1678 80.57 -34.80 -3.75
N LYS L 1679 79.47 -35.54 -3.86
CA LYS L 1679 78.89 -35.80 -5.18
C LYS L 1679 78.43 -34.53 -5.85
N LEU L 1680 77.82 -33.61 -5.08
CA LEU L 1680 77.41 -32.34 -5.67
C LEU L 1680 78.60 -31.46 -6.01
N LYS L 1681 79.69 -31.56 -5.25
CA LYS L 1681 80.89 -30.80 -5.56
C LYS L 1681 81.52 -31.29 -6.86
N LYS L 1682 81.51 -32.61 -7.09
CA LYS L 1682 81.91 -33.13 -8.39
C LYS L 1682 80.94 -32.69 -9.48
N GLU L 1683 79.71 -32.32 -9.11
CA GLU L 1683 78.77 -31.71 -10.02
C GLU L 1683 79.00 -30.19 -10.01
N ASN L 1684 78.05 -29.43 -10.56
CA ASN L 1684 78.19 -27.97 -10.60
C ASN L 1684 77.04 -27.28 -9.88
N ILE L 1685 76.71 -27.76 -8.69
CA ILE L 1685 75.59 -27.23 -7.91
C ILE L 1685 76.12 -26.73 -6.57
N VAL L 1686 75.70 -25.52 -6.19
CA VAL L 1686 76.12 -24.93 -4.93
C VAL L 1686 75.58 -25.77 -3.77
N LEU L 1687 76.42 -25.98 -2.76
CA LEU L 1687 76.06 -26.90 -1.68
C LEU L 1687 75.04 -26.31 -0.72
N TRP L 1688 74.98 -24.98 -0.62
CA TRP L 1688 74.19 -24.27 0.39
C TRP L 1688 74.42 -24.85 1.79
N TRP L 1689 75.66 -25.25 2.04
CA TRP L 1689 76.02 -25.86 3.32
C TRP L 1689 75.87 -24.84 4.45
N ASN L 1690 75.48 -25.34 5.63
CA ASN L 1690 75.27 -24.50 6.80
C ASN L 1690 75.87 -25.17 8.03
N GLU L 1691 76.30 -24.34 8.98
CA GLU L 1691 76.79 -24.80 10.27
C GLU L 1691 76.05 -24.09 11.39
N LYS L 1692 75.92 -24.79 12.52
CA LYS L 1692 75.39 -24.24 13.78
C LYS L 1692 74.08 -23.47 13.57
N ALA L 1693 73.34 -23.82 12.51
CA ALA L 1693 72.06 -23.18 12.21
C ALA L 1693 71.19 -24.12 11.38
N PRO L 1694 69.99 -24.45 11.85
CA PRO L 1694 69.17 -25.43 11.14
C PRO L 1694 68.38 -24.85 9.97
N LEU L 1695 69.03 -24.02 9.16
CA LEU L 1695 68.42 -23.43 7.98
C LEU L 1695 69.36 -23.57 6.80
N PRO L 1696 68.82 -23.75 5.60
CA PRO L 1696 69.67 -23.74 4.40
C PRO L 1696 70.18 -22.35 4.12
N ASP L 1697 71.36 -22.30 3.49
CA ASP L 1697 71.99 -21.02 3.15
C ASP L 1697 71.50 -20.58 1.78
N HIS L 1698 70.76 -19.48 1.75
CA HIS L 1698 70.22 -18.93 0.51
C HIS L 1698 70.85 -17.58 0.16
N GLY L 1699 71.98 -17.24 0.79
CA GLY L 1699 72.60 -15.96 0.57
C GLY L 1699 72.22 -14.89 1.57
N GLY L 1700 71.59 -15.26 2.68
CA GLY L 1700 71.14 -14.30 3.66
C GLY L 1700 69.66 -13.98 3.60
N ILE L 1701 68.97 -14.40 2.53
CA ILE L 1701 67.53 -14.14 2.42
C ILE L 1701 66.75 -15.01 3.40
N GLN L 1702 67.29 -16.19 3.76
CA GLN L 1702 66.54 -17.16 4.54
C GLN L 1702 66.13 -16.64 5.91
N ASN L 1703 66.84 -15.63 6.44
CA ASN L 1703 66.48 -15.11 7.76
C ASN L 1703 65.20 -14.28 7.73
N ASP L 1704 64.77 -13.83 6.55
CA ASP L 1704 63.57 -13.03 6.43
C ASP L 1704 62.32 -13.90 6.55
N PHE L 1705 61.31 -13.39 7.23
CA PHE L 1705 60.03 -14.08 7.32
C PHE L 1705 59.30 -14.01 5.99
N ASP L 1706 58.63 -15.10 5.63
CA ASP L 1706 57.88 -15.16 4.39
C ASP L 1706 56.68 -16.09 4.57
N LEU L 1707 55.58 -15.75 3.91
CA LEU L 1707 54.32 -16.48 4.13
C LEU L 1707 54.40 -17.89 3.60
N ASN L 1708 54.90 -18.07 2.38
CA ASN L 1708 54.92 -19.40 1.77
C ASN L 1708 55.80 -20.36 2.57
N THR L 1709 56.98 -19.90 2.99
CA THR L 1709 57.86 -20.75 3.79
C THR L 1709 57.19 -21.13 5.10
N SER L 1710 56.63 -20.15 5.81
CA SER L 1710 56.00 -20.44 7.10
C SER L 1710 54.81 -21.36 6.94
N TRP L 1711 54.15 -21.34 5.78
CA TRP L 1711 53.09 -22.31 5.54
C TRP L 1711 53.63 -23.70 5.21
N ILE L 1712 54.77 -23.78 4.53
CA ILE L 1712 55.27 -25.10 4.14
C ILE L 1712 56.03 -25.81 5.26
N MET L 1713 56.47 -25.08 6.29
CA MET L 1713 57.08 -25.80 7.41
C MET L 1713 56.05 -26.49 8.30
N ASN L 1714 54.90 -25.86 8.54
CA ASN L 1714 54.00 -26.29 9.59
C ASN L 1714 52.83 -27.15 9.11
N ASP L 1715 52.80 -27.51 7.82
CA ASP L 1715 51.73 -28.36 7.30
C ASP L 1715 52.22 -29.82 7.24
N SER L 1716 52.35 -30.41 8.43
CA SER L 1716 52.88 -31.75 8.58
C SER L 1716 51.82 -32.81 8.86
N GLU L 1717 50.54 -32.44 8.85
CA GLU L 1717 49.48 -33.38 9.15
C GLU L 1717 49.26 -34.34 7.99
N PHE L 1718 49.01 -35.61 8.32
CA PHE L 1718 48.77 -36.65 7.33
C PHE L 1718 47.32 -37.10 7.39
N PRO L 1719 46.56 -37.00 6.32
CA PRO L 1719 45.16 -37.41 6.35
C PRO L 1719 45.01 -38.92 6.40
N LYS L 1720 43.82 -39.37 6.78
CA LYS L 1720 43.51 -40.78 6.88
C LYS L 1720 42.05 -41.01 6.55
N ILE L 1721 41.73 -42.26 6.22
CA ILE L 1721 40.39 -42.65 5.79
C ILE L 1721 39.82 -43.63 6.82
N ASN L 1722 38.58 -43.38 7.24
CA ASN L 1722 37.89 -44.26 8.17
C ASN L 1722 36.43 -44.35 7.78
N ASN L 1723 35.97 -45.54 7.42
CA ASN L 1723 34.57 -45.78 7.03
C ASN L 1723 33.96 -46.73 8.06
N SER L 1724 33.11 -46.20 8.92
CA SER L 1724 32.49 -47.00 9.96
C SER L 1724 31.45 -47.94 9.37
N GLY L 1725 31.10 -48.95 10.15
CA GLY L 1725 30.09 -49.92 9.73
C GLY L 1725 30.38 -51.28 10.32
N VAL L 1726 29.44 -52.19 10.08
CA VAL L 1726 29.56 -53.59 10.51
C VAL L 1726 29.73 -54.45 9.26
N TYR L 1727 30.77 -55.27 9.26
CA TYR L 1727 31.11 -56.11 8.12
C TYR L 1727 31.01 -57.57 8.51
N ASP L 1728 30.19 -58.33 7.81
CA ASP L 1728 30.12 -59.77 7.97
C ASP L 1728 31.11 -60.51 7.08
N ASN L 1729 31.81 -59.79 6.21
CA ASN L 1729 32.80 -60.39 5.32
C ASN L 1729 34.16 -60.44 6.00
N VAL L 1730 35.05 -61.23 5.42
CA VAL L 1730 36.42 -61.35 5.93
C VAL L 1730 37.20 -60.09 5.57
N VAL L 1731 38.02 -59.62 6.50
CA VAL L 1731 38.79 -58.40 6.35
C VAL L 1731 40.27 -58.72 6.56
N LEU L 1732 41.12 -58.19 5.70
CA LEU L 1732 42.55 -58.43 5.75
C LEU L 1732 43.25 -57.22 6.37
N ASP L 1733 44.03 -57.46 7.43
CA ASP L 1733 44.82 -56.43 8.08
C ASP L 1733 46.26 -56.55 7.57
N VAL L 1734 46.68 -55.61 6.73
CA VAL L 1734 47.99 -55.65 6.12
C VAL L 1734 48.81 -54.45 6.61
N GLY L 1735 50.11 -54.59 6.50
CA GLY L 1735 51.02 -53.50 6.86
C GLY L 1735 51.96 -53.18 5.72
N VAL L 1736 52.21 -51.89 5.55
CA VAL L 1736 53.08 -51.38 4.48
C VAL L 1736 54.37 -50.88 5.11
N ASP L 1737 55.49 -51.22 4.49
CA ASP L 1737 56.81 -50.88 5.01
C ASP L 1737 57.65 -50.27 3.90
N ASN L 1738 58.62 -49.45 4.31
CA ASN L 1738 59.56 -48.81 3.36
C ASN L 1738 58.82 -48.01 2.29
N LEU L 1739 57.82 -47.24 2.71
CA LEU L 1739 57.04 -46.46 1.75
C LEU L 1739 57.82 -45.25 1.26
N THR L 1740 58.56 -44.59 2.16
CA THR L 1740 59.27 -43.37 1.78
C THR L 1740 60.36 -43.66 0.75
N VAL L 1741 61.11 -44.74 0.93
CA VAL L 1741 62.17 -45.07 -0.01
C VAL L 1741 61.59 -45.41 -1.38
N ASN L 1742 60.46 -46.13 -1.41
CA ASN L 1742 59.81 -46.43 -2.68
C ASN L 1742 59.32 -45.15 -3.35
N THR L 1743 58.77 -44.23 -2.57
CA THR L 1743 58.31 -42.96 -3.14
C THR L 1743 59.47 -42.17 -3.72
N ILE L 1744 60.61 -42.17 -3.03
CA ILE L 1744 61.78 -41.46 -3.54
C ILE L 1744 62.28 -42.09 -4.84
N LEU L 1745 62.36 -43.43 -4.86
CA LEU L 1745 62.94 -44.11 -6.02
C LEU L 1745 62.02 -44.06 -7.23
N THR L 1746 60.71 -44.17 -7.01
CA THR L 1746 59.78 -44.32 -8.13
C THR L 1746 59.62 -43.02 -8.90
N SER L 1747 59.05 -42.00 -8.27
CA SER L 1747 58.81 -40.73 -8.94
C SER L 1747 58.73 -39.59 -7.94
N GLU L 1777 60.90 -22.91 -12.49
CA GLU L 1777 60.57 -21.72 -13.26
C GLU L 1777 59.12 -21.30 -13.04
N PHE L 1778 58.19 -22.01 -13.68
CA PHE L 1778 56.78 -21.68 -13.55
C PHE L 1778 56.29 -21.90 -12.12
N VAL L 1779 56.60 -23.04 -11.54
CA VAL L 1779 56.19 -23.37 -10.18
C VAL L 1779 57.30 -22.94 -9.23
N HIS L 1780 56.98 -22.07 -8.28
CA HIS L 1780 57.97 -21.54 -7.36
C HIS L 1780 58.18 -22.40 -6.12
N ASP L 1781 57.20 -23.21 -5.75
CA ASP L 1781 57.33 -24.13 -4.63
C ASP L 1781 58.01 -25.44 -5.02
N ALA L 1782 58.60 -25.51 -6.21
CA ALA L 1782 59.24 -26.73 -6.67
C ALA L 1782 60.67 -26.82 -6.13
N PHE L 1783 61.05 -28.02 -5.71
CA PHE L 1783 62.41 -28.29 -5.30
C PHE L 1783 63.25 -28.61 -6.52
N SER L 1784 64.53 -28.23 -6.47
CA SER L 1784 65.43 -28.42 -7.59
C SER L 1784 65.49 -29.88 -8.02
N ASN L 1785 65.01 -30.17 -9.23
CA ASN L 1785 64.95 -31.55 -9.70
C ASN L 1785 66.33 -32.15 -9.92
N ASP L 1786 67.36 -31.32 -10.11
CA ASP L 1786 68.72 -31.85 -10.26
C ASP L 1786 69.16 -32.57 -9.00
N ALA L 1787 68.98 -31.94 -7.84
CA ALA L 1787 69.32 -32.58 -6.57
C ALA L 1787 68.46 -33.81 -6.34
N LEU L 1788 67.19 -33.75 -6.74
CA LEU L 1788 66.30 -34.90 -6.56
C LEU L 1788 66.80 -36.10 -7.37
N ASN L 1789 67.19 -35.87 -8.63
CA ASN L 1789 67.72 -36.94 -9.46
C ASN L 1789 69.05 -37.46 -8.91
N VAL L 1790 69.89 -36.55 -8.41
CA VAL L 1790 71.18 -36.96 -7.85
C VAL L 1790 70.95 -37.89 -6.65
N LEU L 1791 70.06 -37.50 -5.75
CA LEU L 1791 69.80 -38.34 -4.58
C LEU L 1791 69.07 -39.62 -4.97
N ARG L 1792 68.26 -39.59 -6.03
CA ARG L 1792 67.63 -40.81 -6.51
C ARG L 1792 68.65 -41.82 -7.01
N GLY L 1793 69.63 -41.36 -7.79
CA GLY L 1793 70.70 -42.24 -8.22
C GLY L 1793 71.54 -42.73 -7.06
N MET L 1794 71.80 -41.85 -6.09
CA MET L 1794 72.51 -42.23 -4.88
C MET L 1794 71.78 -43.35 -4.16
N LEU L 1795 70.46 -43.20 -3.98
CA LEU L 1795 69.67 -44.21 -3.29
C LEU L 1795 69.58 -45.50 -4.10
N LYS L 1796 69.59 -45.41 -5.43
CA LYS L 1796 69.56 -46.61 -6.25
C LYS L 1796 70.83 -47.42 -6.07
N GLU L 1797 72.00 -46.76 -6.14
CA GLU L 1797 73.24 -47.48 -5.90
C GLU L 1797 73.33 -47.97 -4.46
N TRP L 1798 72.74 -47.22 -3.52
CA TRP L 1798 72.66 -47.65 -2.14
C TRP L 1798 71.88 -48.95 -2.01
N TRP L 1799 70.72 -49.02 -2.67
CA TRP L 1799 69.90 -50.22 -2.64
C TRP L 1799 70.63 -51.40 -3.28
N ASP L 1800 71.29 -51.16 -4.42
CA ASP L 1800 72.03 -52.23 -5.08
C ASP L 1800 73.15 -52.76 -4.19
N GLU L 1801 73.90 -51.88 -3.55
CA GLU L 1801 74.97 -52.33 -2.66
C GLU L 1801 74.42 -53.05 -1.44
N ALA L 1802 73.32 -52.55 -0.88
CA ALA L 1802 72.72 -53.22 0.28
C ALA L 1802 72.18 -54.59 -0.07
N LEU L 1803 71.79 -54.79 -1.33
CA LEU L 1803 71.35 -56.12 -1.76
C LEU L 1803 72.49 -57.13 -1.70
N LYS L 1804 73.71 -56.71 -2.03
CA LYS L 1804 74.84 -57.63 -2.14
C LYS L 1804 75.64 -57.67 -0.84
N GLU L 1805 74.96 -58.05 0.25
CA GLU L 1805 75.58 -58.36 1.54
C GLU L 1805 76.40 -57.18 2.06
N ASN L 1806 75.69 -56.11 2.39
CA ASN L 1806 76.32 -54.91 2.96
C ASN L 1806 75.43 -54.41 4.11
N SER L 1807 75.87 -54.65 5.34
CA SER L 1807 75.10 -54.19 6.49
C SER L 1807 75.11 -52.67 6.60
N THR L 1808 76.25 -52.04 6.30
CA THR L 1808 76.35 -50.59 6.42
C THR L 1808 75.38 -49.90 5.47
N ALA L 1809 75.30 -50.36 4.23
CA ALA L 1809 74.38 -49.76 3.27
C ALA L 1809 72.93 -49.92 3.72
N ASP L 1810 72.59 -51.10 4.25
CA ASP L 1810 71.23 -51.33 4.73
C ASP L 1810 70.88 -50.39 5.88
N LEU L 1811 71.79 -50.26 6.85
CA LEU L 1811 71.55 -49.37 7.98
C LEU L 1811 71.43 -47.91 7.53
N LEU L 1812 72.28 -47.50 6.59
CA LEU L 1812 72.25 -46.12 6.11
C LEU L 1812 70.95 -45.85 5.35
N VAL L 1813 70.50 -46.80 4.53
CA VAL L 1813 69.22 -46.64 3.84
C VAL L 1813 68.07 -46.57 4.85
N ASN L 1814 68.16 -47.36 5.92
CA ASN L 1814 67.15 -47.29 6.97
C ASN L 1814 67.13 -45.92 7.63
N SER L 1815 68.30 -45.34 7.87
CA SER L 1815 68.39 -44.04 8.52
C SER L 1815 68.16 -42.86 7.57
N LEU L 1816 68.05 -43.12 6.27
CA LEU L 1816 67.82 -42.05 5.31
C LEU L 1816 66.56 -41.24 5.64
N ALA L 1817 65.46 -41.92 5.97
CA ALA L 1817 64.22 -41.21 6.24
C ALA L 1817 64.34 -40.32 7.47
N SER L 1818 64.97 -40.84 8.53
CA SER L 1818 65.17 -40.04 9.74
C SER L 1818 66.08 -38.84 9.45
N TRP L 1819 67.07 -39.02 8.56
CA TRP L 1819 67.87 -37.88 8.13
C TRP L 1819 67.01 -36.85 7.40
N VAL L 1820 66.09 -37.32 6.56
CA VAL L 1820 65.23 -36.41 5.80
C VAL L 1820 64.37 -35.59 6.75
N GLN L 1821 63.79 -36.23 7.75
CA GLN L 1821 62.90 -35.52 8.68
C GLN L 1821 63.67 -34.54 9.55
N ASN L 1822 64.81 -34.97 10.10
CA ASN L 1822 65.49 -34.21 11.14
C ASN L 1822 66.10 -32.94 10.58
N PRO L 1823 65.76 -31.76 11.10
CA PRO L 1823 66.41 -30.52 10.66
C PRO L 1823 67.77 -30.30 11.29
N ASN L 1824 68.10 -30.99 12.38
CA ASN L 1824 69.38 -30.79 13.04
C ASN L 1824 70.53 -31.19 12.14
N ALA L 1825 70.33 -32.15 11.26
CA ALA L 1825 71.35 -32.53 10.31
C ALA L 1825 71.62 -31.38 9.34
N LYS L 1826 72.90 -31.21 8.99
CA LYS L 1826 73.28 -30.16 8.06
C LYS L 1826 72.73 -30.46 6.66
N LEU L 1827 72.81 -29.46 5.78
CA LEU L 1827 72.33 -29.57 4.41
C LEU L 1827 70.82 -29.79 4.37
N PHE L 1828 70.12 -29.33 5.42
CA PHE L 1828 68.68 -29.52 5.52
C PHE L 1828 67.93 -28.45 4.74
N ASP L 1829 66.74 -28.82 4.27
CA ASP L 1829 65.87 -27.89 3.55
C ASP L 1829 64.43 -28.28 3.77
N GLY L 1830 63.57 -27.30 4.08
CA GLY L 1830 62.16 -27.58 4.27
C GLY L 1830 61.44 -27.88 2.98
N LEU L 1831 61.88 -27.29 1.87
CA LEU L 1831 61.24 -27.54 0.58
C LEU L 1831 61.33 -29.01 0.20
N LEU L 1832 62.50 -29.62 0.41
CA LEU L 1832 62.67 -31.04 0.10
C LEU L 1832 61.76 -31.90 0.97
N ARG L 1833 61.63 -31.57 2.25
CA ARG L 1833 60.75 -32.31 3.13
C ARG L 1833 59.30 -32.21 2.68
N TYR L 1834 58.85 -31.00 2.31
CA TYR L 1834 57.48 -30.83 1.84
C TYR L 1834 57.25 -31.60 0.54
N HIS L 1835 58.23 -31.56 -0.37
CA HIS L 1835 58.13 -32.29 -1.62
C HIS L 1835 58.00 -33.79 -1.37
N VAL L 1836 58.83 -34.32 -0.46
CA VAL L 1836 58.79 -35.74 -0.13
C VAL L 1836 57.45 -36.11 0.47
N HIS L 1837 56.94 -35.27 1.39
CA HIS L 1837 55.66 -35.58 2.02
C HIS L 1837 54.52 -35.57 1.01
N ASN L 1838 54.51 -34.60 0.11
CA ASN L 1838 53.47 -34.54 -0.91
C ASN L 1838 53.53 -35.75 -1.82
N LEU L 1839 54.74 -36.15 -2.23
CA LEU L 1839 54.88 -37.33 -3.07
C LEU L 1839 54.44 -38.59 -2.33
N THR L 1840 54.72 -38.66 -1.03
CA THR L 1840 54.28 -39.81 -0.25
C THR L 1840 52.76 -39.88 -0.18
N LYS L 1841 52.10 -38.74 0.02
CA LYS L 1841 50.64 -38.73 0.02
C LYS L 1841 50.08 -39.16 -1.32
N LYS L 1842 50.68 -38.67 -2.41
CA LYS L 1842 50.23 -39.08 -3.73
C LYS L 1842 50.42 -40.58 -3.95
N ALA L 1843 51.55 -41.12 -3.51
CA ALA L 1843 51.79 -42.55 -3.64
C ALA L 1843 50.79 -43.36 -2.83
N LEU L 1844 50.44 -42.89 -1.63
CA LEU L 1844 49.46 -43.61 -0.82
C LEU L 1844 48.09 -43.60 -1.48
N LEU L 1845 47.68 -42.45 -2.03
CA LEU L 1845 46.38 -42.43 -2.71
C LEU L 1845 46.39 -43.29 -3.97
N GLN L 1846 47.52 -43.34 -4.68
CA GLN L 1846 47.62 -44.23 -5.83
C GLN L 1846 47.53 -45.70 -5.41
N LEU L 1847 48.15 -46.05 -4.28
CA LEU L 1847 48.04 -47.40 -3.76
C LEU L 1847 46.60 -47.74 -3.40
N VAL L 1848 45.89 -46.79 -2.79
CA VAL L 1848 44.48 -47.00 -2.46
C VAL L 1848 43.67 -47.21 -3.74
N ASN L 1849 43.94 -46.41 -4.77
CA ASN L 1849 43.24 -46.58 -6.04
C ASN L 1849 43.52 -47.95 -6.66
N GLU L 1850 44.78 -48.39 -6.61
CA GLU L 1850 45.12 -49.71 -7.15
C GLU L 1850 44.42 -50.82 -6.40
N PHE L 1851 44.38 -50.72 -5.06
CA PHE L 1851 43.68 -51.72 -4.27
C PHE L 1851 42.17 -51.68 -4.54
N SER L 1852 41.64 -50.53 -4.92
CA SER L 1852 40.21 -50.41 -5.21
C SER L 1852 39.84 -50.85 -6.61
N ALA L 1853 40.82 -51.11 -7.48
CA ALA L 1853 40.52 -51.51 -8.86
C ALA L 1853 39.82 -52.85 -8.89
N LEU L 1854 40.31 -53.82 -8.11
CA LEU L 1854 39.69 -55.13 -8.03
C LEU L 1854 38.57 -55.09 -6.99
N GLY L 1855 38.03 -56.26 -6.64
CA GLY L 1855 36.97 -56.30 -5.65
C GLY L 1855 37.52 -56.15 -4.24
N SER L 1856 37.33 -54.96 -3.66
CA SER L 1856 37.87 -54.67 -2.34
C SER L 1856 37.23 -53.38 -1.84
N THR L 1857 37.22 -53.22 -0.52
CA THR L 1857 36.71 -52.01 0.13
C THR L 1857 37.73 -51.56 1.17
N ILE L 1858 38.02 -50.27 1.18
CA ILE L 1858 39.00 -49.70 2.09
C ILE L 1858 38.28 -49.28 3.37
N VAL L 1859 38.59 -49.95 4.47
CA VAL L 1859 38.02 -49.62 5.77
C VAL L 1859 38.84 -48.56 6.48
N TYR L 1860 40.15 -48.76 6.59
CA TYR L 1860 41.03 -47.80 7.21
C TYR L 1860 42.31 -47.70 6.39
N ALA L 1861 42.90 -46.50 6.38
CA ALA L 1861 44.14 -46.25 5.66
C ALA L 1861 45.05 -45.40 6.54
N ASP L 1862 46.37 -45.60 6.36
CA ASP L 1862 47.37 -44.88 7.13
C ASP L 1862 48.73 -45.12 6.47
N ARG L 1863 49.77 -44.52 7.05
CA ARG L 1863 51.12 -44.75 6.56
C ARG L 1863 51.65 -46.11 6.96
N ASN L 1864 51.01 -46.78 7.92
CA ASN L 1864 51.51 -48.05 8.44
C ASN L 1864 50.52 -49.20 8.33
N GLN L 1865 49.22 -48.92 8.38
CA GLN L 1865 48.21 -49.98 8.41
C GLN L 1865 47.14 -49.71 7.36
N ILE L 1866 46.71 -50.77 6.68
CA ILE L 1866 45.63 -50.71 5.71
C ILE L 1866 44.69 -51.89 5.95
N LEU L 1867 43.41 -51.59 6.09
CA LEU L 1867 42.38 -52.61 6.25
C LEU L 1867 41.58 -52.71 4.96
N ILE L 1868 41.43 -53.92 4.45
CA ILE L 1868 40.77 -54.17 3.16
C ILE L 1868 39.68 -55.20 3.37
N LYS L 1869 38.48 -54.89 2.90
CA LYS L 1869 37.37 -55.84 2.96
C LYS L 1869 37.44 -56.81 1.79
N THR L 1870 37.32 -58.10 2.08
CA THR L 1870 37.33 -59.14 1.07
C THR L 1870 35.91 -59.62 0.80
N ASN L 1871 35.60 -59.79 -0.49
CA ASN L 1871 34.23 -60.15 -0.89
C ASN L 1871 33.82 -61.51 -0.36
N LYS L 1872 34.78 -62.40 -0.09
CA LYS L 1872 34.45 -63.74 0.34
C LYS L 1872 33.92 -63.74 1.78
N TYR L 1873 33.44 -64.89 2.22
CA TYR L 1873 32.83 -65.04 3.54
C TYR L 1873 33.63 -65.90 4.49
N SER L 1874 34.46 -66.82 4.00
CA SER L 1874 35.19 -67.73 4.86
C SER L 1874 36.68 -67.43 4.80
N PRO L 1875 37.36 -67.30 5.94
CA PRO L 1875 38.81 -67.04 5.91
C PRO L 1875 39.60 -68.16 5.24
N GLU L 1876 39.11 -69.40 5.29
CA GLU L 1876 39.84 -70.52 4.71
C GLU L 1876 39.91 -70.45 3.20
N ASN L 1877 39.06 -69.64 2.56
CA ASN L 1877 39.01 -69.54 1.11
C ASN L 1877 39.73 -68.33 0.57
N CYS L 1878 40.50 -67.62 1.41
CA CYS L 1878 41.19 -66.40 1.00
C CYS L 1878 42.70 -66.59 0.97
N TYR L 1879 43.18 -67.82 0.96
CA TYR L 1879 44.62 -68.08 0.92
C TYR L 1879 45.21 -67.63 -0.42
N ALA L 1880 44.78 -68.28 -1.50
CA ALA L 1880 45.28 -67.92 -2.82
C ALA L 1880 44.82 -66.53 -3.24
N TYR L 1881 43.63 -66.12 -2.80
CA TYR L 1881 43.13 -64.79 -3.14
C TYR L 1881 44.06 -63.70 -2.59
N SER L 1882 44.35 -63.76 -1.29
CA SER L 1882 45.22 -62.77 -0.67
C SER L 1882 46.64 -62.87 -1.23
N GLN L 1883 47.15 -64.09 -1.42
CA GLN L 1883 48.50 -64.24 -1.94
C GLN L 1883 48.62 -63.66 -3.34
N TYR L 1884 47.61 -63.89 -4.19
CA TYR L 1884 47.63 -63.35 -5.54
C TYR L 1884 47.51 -61.84 -5.54
N MET L 1885 46.67 -61.27 -4.66
CA MET L 1885 46.59 -59.82 -4.58
C MET L 1885 47.93 -59.22 -4.14
N MET L 1886 48.58 -59.81 -3.15
CA MET L 1886 49.87 -59.30 -2.71
C MET L 1886 50.91 -59.41 -3.83
N LYS L 1887 50.91 -60.53 -4.54
CA LYS L 1887 51.85 -60.69 -5.65
C LYS L 1887 51.60 -59.67 -6.75
N ALA L 1888 50.34 -59.45 -7.11
CA ALA L 1888 50.03 -58.48 -8.15
C ALA L 1888 50.42 -57.07 -7.73
N VAL L 1889 50.21 -56.73 -6.45
CA VAL L 1889 50.62 -55.43 -5.96
C VAL L 1889 52.14 -55.28 -6.03
N ARG L 1890 52.86 -56.33 -5.64
CA ARG L 1890 54.32 -56.25 -5.63
C ARG L 1890 54.88 -56.16 -7.05
N THR L 1891 54.30 -56.89 -8.00
CA THR L 1891 54.86 -56.92 -9.35
C THR L 1891 54.70 -55.61 -10.10
N ASN L 1892 53.82 -54.72 -9.64
CA ASN L 1892 53.66 -53.44 -10.31
C ASN L 1892 54.96 -52.63 -10.21
N PRO L 1893 55.42 -52.01 -11.30
CA PRO L 1893 56.70 -51.28 -11.25
C PRO L 1893 56.70 -50.15 -10.23
N MET L 1894 55.58 -49.47 -10.03
CA MET L 1894 55.51 -48.39 -9.06
C MET L 1894 55.71 -48.88 -7.64
N PHE L 1895 55.22 -50.08 -7.33
CA PHE L 1895 55.28 -50.63 -5.98
C PHE L 1895 56.24 -51.81 -5.89
N SER L 1896 57.35 -51.75 -6.63
CA SER L 1896 58.30 -52.85 -6.64
C SER L 1896 59.06 -52.96 -5.32
N TYR L 1897 59.20 -51.85 -4.59
CA TYR L 1897 60.02 -51.82 -3.38
C TYR L 1897 59.19 -51.87 -2.10
N LEU L 1898 57.88 -52.07 -2.20
CA LEU L 1898 57.05 -52.18 -1.01
C LEU L 1898 57.16 -53.57 -0.39
N ASP L 1899 57.13 -53.61 0.93
CA ASP L 1899 57.09 -54.86 1.69
C ASP L 1899 55.73 -54.98 2.34
N LEU L 1900 54.98 -56.02 1.99
CA LEU L 1900 53.61 -56.20 2.45
C LEU L 1900 53.55 -57.42 3.35
N ASN L 1901 52.99 -57.24 4.54
CA ASN L 1901 52.80 -58.33 5.50
C ASN L 1901 51.36 -58.32 5.98
N ILE L 1902 50.77 -59.52 6.07
CA ILE L 1902 49.41 -59.69 6.55
C ILE L 1902 49.46 -60.16 8.00
N LYS L 1903 48.75 -59.45 8.87
CA LYS L 1903 48.80 -59.71 10.31
C LYS L 1903 47.61 -60.52 10.81
N ARG L 1904 46.39 -60.07 10.53
CA ARG L 1904 45.20 -60.68 11.10
C ARG L 1904 44.14 -60.85 10.03
N TYR L 1905 43.26 -61.83 10.25
CA TYR L 1905 42.07 -62.05 9.44
C TYR L 1905 40.85 -61.91 10.33
N TRP L 1906 39.88 -61.11 9.88
CA TRP L 1906 38.71 -60.75 10.68
C TRP L 1906 37.49 -61.49 10.16
N ASP L 1907 36.96 -62.40 10.98
CA ASP L 1907 35.74 -63.12 10.60
C ASP L 1907 34.53 -62.19 10.62
N LEU L 1908 34.38 -61.43 11.70
CA LEU L 1908 33.27 -60.49 11.86
C LEU L 1908 33.78 -59.28 12.61
N LEU L 1909 33.55 -58.09 12.06
CA LEU L 1909 34.13 -56.86 12.58
C LEU L 1909 33.04 -55.84 12.88
N ILE L 1910 33.19 -55.15 14.00
CA ILE L 1910 32.35 -54.00 14.35
C ILE L 1910 33.31 -52.81 14.46
N TRP L 1911 33.49 -52.10 13.35
CA TRP L 1911 34.50 -51.06 13.24
C TRP L 1911 33.85 -49.68 13.22
N MET L 1912 34.30 -48.81 14.13
CA MET L 1912 33.81 -47.43 14.15
C MET L 1912 34.97 -46.45 14.23
N ASP L 1913 36.10 -46.89 14.80
CA ASP L 1913 37.27 -46.04 14.93
C ASP L 1913 38.49 -46.91 15.20
N LYS L 1914 39.66 -46.28 15.10
CA LYS L 1914 40.92 -47.01 15.36
C LYS L 1914 40.99 -47.51 16.79
N PHE L 1915 40.55 -46.68 17.75
CA PHE L 1915 40.58 -47.03 19.16
C PHE L 1915 39.28 -47.67 19.64
N ASN L 1916 38.33 -47.92 18.74
CA ASN L 1916 37.01 -48.42 19.12
C ASN L 1916 36.58 -49.46 18.09
N PHE L 1917 36.83 -50.73 18.40
CA PHE L 1917 36.39 -51.82 17.54
C PHE L 1917 36.29 -53.09 18.37
N SER L 1918 35.56 -54.07 17.83
CA SER L 1918 35.42 -55.36 18.49
C SER L 1918 35.02 -56.38 17.44
N GLY L 1919 35.60 -57.57 17.54
CA GLY L 1919 35.27 -58.62 16.59
C GLY L 1919 36.05 -59.89 16.87
N LEU L 1920 35.80 -60.89 16.04
CA LEU L 1920 36.45 -62.19 16.13
C LEU L 1920 37.51 -62.29 15.05
N ALA L 1921 38.73 -62.66 15.44
CA ALA L 1921 39.86 -62.69 14.53
C ALA L 1921 40.62 -64.00 14.65
N CYS L 1922 41.25 -64.41 13.55
CA CYS L 1922 42.15 -65.54 13.51
C CYS L 1922 43.51 -65.07 13.03
N ILE L 1923 44.57 -65.57 13.67
CA ILE L 1923 45.92 -65.08 13.39
C ILE L 1923 46.31 -65.43 11.95
N GLU L 1924 46.35 -66.72 11.63
CA GLU L 1924 46.70 -67.16 10.29
C GLU L 1924 45.93 -68.43 9.98
N ILE L 1925 45.33 -68.50 8.80
CA ILE L 1925 44.52 -69.65 8.44
C ILE L 1925 45.40 -70.87 8.21
N GLU L 1926 45.02 -72.00 8.80
CA GLU L 1926 45.75 -73.25 8.69
C GLU L 1926 45.00 -74.21 7.79
N GLU L 1927 45.61 -75.37 7.54
CA GLU L 1927 45.10 -76.36 6.61
C GLU L 1927 44.57 -77.57 7.37
N LYS L 1928 43.40 -78.07 6.93
CA LYS L 1928 42.74 -79.26 7.44
C LYS L 1928 42.26 -79.11 8.87
N GLU L 1929 42.44 -77.95 9.50
CA GLU L 1929 42.04 -77.73 10.88
C GLU L 1929 41.26 -76.43 10.99
N ASN L 1930 40.23 -76.44 11.84
CA ASN L 1930 39.48 -75.23 12.10
C ASN L 1930 40.36 -74.22 12.83
N GLN L 1931 40.27 -72.96 12.42
CA GLN L 1931 41.17 -71.94 12.94
C GLN L 1931 40.84 -71.59 14.38
N ASP L 1932 41.86 -71.11 15.09
CA ASP L 1932 41.70 -70.66 16.46
C ASP L 1932 41.18 -69.22 16.45
N TYR L 1933 39.96 -69.02 16.95
CA TYR L 1933 39.31 -67.72 16.93
C TYR L 1933 39.37 -67.10 18.33
N THR L 1934 39.87 -65.87 18.41
CA THR L 1934 39.95 -65.13 19.65
C THR L 1934 39.26 -63.79 19.47
N ALA L 1935 38.37 -63.45 20.41
CA ALA L 1935 37.62 -62.21 20.35
C ALA L 1935 38.37 -61.09 21.06
N VAL L 1936 38.33 -59.89 20.49
CA VAL L 1936 38.98 -58.73 21.06
C VAL L 1936 37.93 -57.66 21.33
N SER L 1937 38.18 -56.83 22.34
CA SER L 1937 37.25 -55.77 22.72
C SER L 1937 38.07 -54.57 23.19
N GLN L 1938 38.30 -53.63 22.28
CA GLN L 1938 39.04 -52.41 22.58
C GLN L 1938 38.07 -51.23 22.49
N TRP L 1939 37.63 -50.73 23.64
CA TRP L 1939 36.64 -49.66 23.71
C TRP L 1939 37.09 -48.64 24.75
N GLN L 1940 37.68 -47.54 24.28
CA GLN L 1940 37.97 -46.43 25.19
C GLN L 1940 36.71 -45.71 25.62
N LEU L 1941 35.59 -45.93 24.94
CA LEU L 1941 34.32 -45.36 25.36
C LEU L 1941 33.88 -45.89 26.71
N LYS L 1942 34.24 -47.14 27.03
CA LYS L 1942 33.87 -47.73 28.31
C LYS L 1942 34.46 -46.98 29.49
N LYS L 1943 35.53 -46.22 29.27
CA LYS L 1943 36.17 -45.48 30.36
C LYS L 1943 35.37 -44.28 30.82
N PHE L 1944 34.34 -43.88 30.08
CA PHE L 1944 33.54 -42.71 30.42
C PHE L 1944 32.24 -43.07 31.13
N LEU L 1945 32.05 -44.33 31.48
CA LEU L 1945 30.83 -44.77 32.15
C LEU L 1945 31.03 -44.76 33.67
N SER L 1946 29.92 -44.94 34.38
CA SER L 1946 29.99 -45.06 35.82
C SER L 1946 30.64 -46.39 36.20
N PRO L 1947 31.39 -46.42 37.31
CA PRO L 1947 32.07 -47.66 37.72
C PRO L 1947 31.13 -48.82 38.04
N ILE L 1948 29.82 -48.59 37.99
CA ILE L 1948 28.85 -49.65 38.27
C ILE L 1948 28.21 -50.21 37.01
N TYR L 1949 28.31 -49.52 35.87
CA TYR L 1949 27.67 -49.95 34.64
C TYR L 1949 28.64 -50.54 33.62
N GLN L 1950 29.94 -50.40 33.84
CA GLN L 1950 30.92 -50.98 32.91
C GLN L 1950 30.85 -52.50 32.83
N PRO L 1951 30.70 -53.26 33.93
CA PRO L 1951 30.45 -54.70 33.78
C PRO L 1951 29.23 -55.02 32.94
N GLU L 1952 28.15 -54.25 33.10
CA GLU L 1952 26.97 -54.46 32.26
C GLU L 1952 27.30 -54.18 30.80
N PHE L 1953 28.07 -53.12 30.54
CA PHE L 1953 28.45 -52.80 29.17
C PHE L 1953 29.23 -53.93 28.53
N GLU L 1954 30.26 -54.44 29.22
CA GLU L 1954 31.07 -55.50 28.62
C GLU L 1954 30.26 -56.79 28.46
N ASP L 1955 29.41 -57.12 29.44
CA ASP L 1955 28.60 -58.32 29.32
C ASP L 1955 27.66 -58.24 28.13
N TRP L 1956 26.96 -57.11 27.97
CA TRP L 1956 26.02 -56.99 26.86
C TRP L 1956 26.73 -56.93 25.52
N MET L 1957 27.92 -56.33 25.47
CA MET L 1957 28.69 -56.33 24.23
C MET L 1957 29.07 -57.74 23.82
N MET L 1958 29.54 -58.54 24.78
CA MET L 1958 29.86 -59.93 24.46
C MET L 1958 28.61 -60.68 24.01
N ILE L 1959 27.48 -60.45 24.67
CA ILE L 1959 26.25 -61.15 24.31
C ILE L 1959 25.83 -60.80 22.89
N ILE L 1960 25.86 -59.51 22.52
CA ILE L 1960 25.42 -59.13 21.19
C ILE L 1960 26.39 -59.62 20.13
N LEU L 1961 27.70 -59.63 20.43
CA LEU L 1961 28.65 -60.18 19.45
C LEU L 1961 28.41 -61.67 19.25
N ASP L 1962 28.14 -62.40 20.33
CA ASP L 1962 27.84 -63.82 20.20
C ASP L 1962 26.56 -64.03 19.38
N SER L 1963 25.55 -63.20 19.59
CA SER L 1963 24.32 -63.30 18.83
C SER L 1963 24.56 -63.04 17.34
N MET L 1964 25.39 -62.04 17.03
CA MET L 1964 25.71 -61.74 15.63
C MET L 1964 26.44 -62.91 14.99
N LEU L 1965 27.40 -63.51 15.70
CA LEU L 1965 28.07 -64.70 15.17
C LEU L 1965 27.09 -65.83 14.93
N LYS L 1966 26.17 -66.04 15.88
CA LYS L 1966 25.18 -67.11 15.74
C LYS L 1966 24.31 -66.90 14.51
N THR L 1967 23.83 -65.67 14.31
CA THR L 1967 22.92 -65.43 13.19
C THR L 1967 23.66 -65.51 11.86
N LYS L 1968 24.90 -65.03 11.80
CA LYS L 1968 25.66 -65.17 10.56
C LYS L 1968 25.92 -66.64 10.24
N GLN L 1969 26.26 -67.44 11.25
CA GLN L 1969 26.47 -68.86 11.03
C GLN L 1969 25.19 -69.54 10.56
N SER L 1970 24.05 -69.19 11.15
CA SER L 1970 22.78 -69.78 10.72
C SER L 1970 22.47 -69.41 9.27
N TYR L 1971 22.67 -68.13 8.91
CA TYR L 1971 22.42 -67.72 7.53
C TYR L 1971 23.31 -68.47 6.56
N LEU L 1972 24.61 -68.60 6.90
CA LEU L 1972 25.51 -69.32 6.00
C LEU L 1972 25.13 -70.80 5.89
N LYS L 1973 24.67 -71.40 7.00
CA LYS L 1973 24.23 -72.79 6.95
C LYS L 1973 22.95 -72.95 6.15
N LEU L 1974 22.14 -71.89 6.05
CA LEU L 1974 20.93 -71.97 5.24
C LEU L 1974 21.26 -72.20 3.77
N ASN L 1975 22.27 -71.52 3.25
CA ASN L 1975 22.65 -71.66 1.85
C ASN L 1975 23.84 -72.60 1.69
N SER L 1995 20.58 -52.79 -0.08
CA SER L 1995 21.67 -52.77 0.89
C SER L 1995 21.40 -53.74 2.03
N VAL L 1996 20.63 -54.78 1.76
CA VAL L 1996 20.24 -55.75 2.76
C VAL L 1996 21.18 -56.95 2.69
N GLU L 1997 21.46 -57.54 3.85
CA GLU L 1997 22.26 -58.75 3.96
C GLU L 1997 21.66 -59.60 5.07
N ASN L 1998 21.06 -60.74 4.70
CA ASN L 1998 20.39 -61.59 5.68
C ASN L 1998 21.35 -62.32 6.61
N SER L 1999 22.66 -62.06 6.50
CA SER L 1999 23.61 -62.63 7.46
C SER L 1999 23.33 -62.13 8.87
N LEU L 2000 22.97 -60.85 8.99
CA LEU L 2000 22.72 -60.24 10.29
C LEU L 2000 21.26 -59.91 10.55
N ASN L 2001 20.45 -59.71 9.51
CA ASN L 2001 19.06 -59.31 9.67
C ASN L 2001 18.30 -60.25 10.59
N GLY L 2002 17.86 -59.74 11.74
CA GLY L 2002 17.15 -60.53 12.71
C GLY L 2002 17.98 -61.03 13.87
N PHE L 2003 18.95 -60.25 14.35
CA PHE L 2003 19.81 -60.68 15.44
C PHE L 2003 19.37 -60.15 16.80
N SER L 2004 18.70 -59.00 16.84
CA SER L 2004 18.26 -58.44 18.12
C SER L 2004 17.06 -59.18 18.69
N HIS L 2005 16.43 -60.08 17.93
CA HIS L 2005 15.29 -60.83 18.44
C HIS L 2005 15.68 -61.80 19.55
N LEU L 2006 16.98 -62.10 19.69
CA LEU L 2006 17.41 -63.11 20.66
C LEU L 2006 17.42 -62.58 22.09
N PHE L 2007 17.68 -61.29 22.29
CA PHE L 2007 17.94 -60.76 23.62
C PHE L 2007 17.13 -59.51 23.97
N SER L 2008 16.07 -59.21 23.21
CA SER L 2008 15.36 -57.95 23.42
C SER L 2008 14.65 -57.93 24.78
N LYS L 2009 13.89 -58.97 25.08
CA LYS L 2009 13.16 -59.02 26.35
C LYS L 2009 14.07 -59.05 27.58
N PRO L 2010 15.12 -59.90 27.63
CA PRO L 2010 16.04 -59.81 28.77
C PRO L 2010 16.69 -58.44 28.90
N LEU L 2011 17.02 -57.80 27.78
CA LEU L 2011 17.58 -56.45 27.84
C LEU L 2011 16.57 -55.48 28.44
N MET L 2012 15.31 -55.58 28.03
CA MET L 2012 14.28 -54.70 28.57
C MET L 2012 14.15 -54.87 30.08
N LYS L 2013 14.09 -56.13 30.54
CA LYS L 2013 13.94 -56.37 31.97
C LYS L 2013 15.17 -55.90 32.74
N ARG L 2014 16.36 -56.11 32.19
CA ARG L 2014 17.58 -55.65 32.87
C ARG L 2014 17.62 -54.13 32.96
N VAL L 2015 17.19 -53.44 31.90
CA VAL L 2015 17.16 -51.98 31.94
C VAL L 2015 16.15 -51.50 32.99
N LYS L 2016 15.00 -52.17 33.08
CA LYS L 2016 14.03 -51.79 34.12
C LYS L 2016 14.61 -51.97 35.51
N LYS L 2017 15.28 -53.11 35.76
CA LYS L 2017 15.88 -53.32 37.08
C LYS L 2017 16.96 -52.30 37.37
N LEU L 2018 17.79 -51.99 36.38
CA LEU L 2018 18.83 -50.98 36.57
C LEU L 2018 18.23 -49.62 36.90
N PHE L 2019 17.16 -49.25 36.18
CA PHE L 2019 16.53 -47.96 36.43
C PHE L 2019 15.95 -47.91 37.84
N LYS L 2020 15.29 -48.99 38.28
CA LYS L 2020 14.73 -49.01 39.63
C LYS L 2020 15.81 -48.90 40.69
N ASN L 2021 16.91 -49.66 40.53
CA ASN L 2021 17.98 -49.62 41.51
C ASN L 2021 18.65 -48.24 41.54
N GLN L 2022 18.86 -47.64 40.37
CA GLN L 2022 19.44 -46.30 40.34
C GLN L 2022 18.51 -45.30 41.01
N GLN L 2023 17.20 -45.41 40.78
CA GLN L 2023 16.25 -44.52 41.43
C GLN L 2023 16.30 -44.67 42.95
N GLU L 2024 16.45 -45.90 43.43
CA GLU L 2024 16.43 -46.12 44.88
C GLU L 2024 17.73 -45.70 45.55
N PHE L 2025 18.88 -45.92 44.92
CA PHE L 2025 20.16 -45.79 45.61
C PHE L 2025 21.05 -44.67 45.07
N ILE L 2026 20.46 -43.64 44.45
CA ILE L 2026 21.28 -42.56 43.90
C ILE L 2026 21.58 -41.48 44.93
N LEU L 2027 20.63 -41.15 45.81
CA LEU L 2027 20.84 -40.13 46.83
C LEU L 2027 21.30 -40.69 48.17
N ASP L 2028 21.57 -41.99 48.26
CA ASP L 2028 22.15 -42.51 49.49
C ASP L 2028 23.60 -42.04 49.65
N PRO L 2029 24.03 -41.75 50.86
CA PRO L 2029 25.41 -41.22 51.03
C PRO L 2029 26.48 -42.27 50.82
N GLN L 2030 26.31 -43.47 51.39
CA GLN L 2030 27.32 -44.50 51.26
C GLN L 2030 27.29 -45.20 49.90
N TYR L 2031 26.20 -45.08 49.15
CA TYR L 2031 26.09 -45.68 47.83
C TYR L 2031 26.47 -44.71 46.72
N GLU L 2032 26.97 -43.52 47.06
CA GLU L 2032 27.36 -42.53 46.06
C GLU L 2032 28.74 -42.77 45.48
N ALA L 2033 29.45 -43.80 45.95
CA ALA L 2033 30.81 -44.04 45.46
C ALA L 2033 30.80 -44.52 44.01
N ASP L 2034 29.91 -45.46 43.68
CA ASP L 2034 29.92 -46.07 42.36
C ASP L 2034 29.24 -45.23 41.29
N TYR L 2035 28.53 -44.16 41.67
CA TYR L 2035 27.88 -43.29 40.71
C TYR L 2035 28.72 -42.07 40.35
N VAL L 2036 29.94 -41.98 40.86
CA VAL L 2036 30.80 -40.83 40.56
C VAL L 2036 31.27 -40.93 39.12
N ILE L 2037 31.04 -39.87 38.35
CA ILE L 2037 31.45 -39.84 36.94
C ILE L 2037 32.96 -39.66 36.84
N PRO L 2038 33.67 -40.55 36.15
CA PRO L 2038 35.11 -40.36 35.99
C PRO L 2038 35.42 -39.16 35.10
N VAL L 2039 36.60 -38.58 35.35
CA VAL L 2039 37.10 -37.46 34.56
C VAL L 2039 38.41 -37.89 33.91
N LEU L 2040 38.54 -37.61 32.62
CA LEU L 2040 39.68 -38.01 31.82
C LEU L 2040 40.00 -36.89 30.85
N PRO L 2041 41.27 -36.67 30.51
CA PRO L 2041 41.62 -35.54 29.64
C PRO L 2041 40.92 -35.62 28.29
N GLY L 2042 40.48 -34.47 27.80
CA GLY L 2042 39.71 -34.40 26.58
C GLY L 2042 38.21 -34.49 26.77
N SER L 2043 37.74 -34.79 27.98
CA SER L 2043 36.31 -34.86 28.22
C SER L 2043 35.71 -33.46 28.27
N HIS L 2044 34.54 -33.29 27.66
CA HIS L 2044 33.85 -32.01 27.66
C HIS L 2044 32.36 -32.12 27.91
N LEU L 2045 31.83 -33.32 28.11
CA LEU L 2045 30.40 -33.51 28.30
C LEU L 2045 30.05 -33.52 29.78
N ASN L 2046 29.12 -32.66 30.18
CA ASN L 2046 28.58 -32.64 31.53
C ASN L 2046 27.22 -33.33 31.52
N VAL L 2047 27.14 -34.48 32.20
CA VAL L 2047 25.95 -35.31 32.18
C VAL L 2047 25.55 -35.65 33.61
N LYS L 2048 24.29 -36.06 33.75
CA LYS L 2048 23.71 -36.31 35.07
C LYS L 2048 23.35 -37.77 35.30
N ASN L 2049 22.58 -38.38 34.40
CA ASN L 2049 22.08 -39.73 34.61
C ASN L 2049 22.97 -40.72 33.88
N PRO L 2050 23.78 -41.53 34.58
CA PRO L 2050 24.69 -42.45 33.88
C PRO L 2050 23.99 -43.50 33.05
N LEU L 2051 22.80 -43.96 33.48
CA LEU L 2051 22.09 -44.99 32.72
C LEU L 2051 21.73 -44.50 31.32
N LEU L 2052 21.45 -43.21 31.19
CA LEU L 2052 21.16 -42.66 29.86
C LEU L 2052 22.34 -42.81 28.93
N GLU L 2053 23.56 -42.52 29.41
CA GLU L 2053 24.73 -42.68 28.56
C GLU L 2053 25.05 -44.15 28.32
N LEU L 2054 24.78 -45.01 29.30
CA LEU L 2054 24.94 -46.45 29.08
C LEU L 2054 24.07 -46.91 27.92
N VAL L 2055 22.78 -46.60 27.96
CA VAL L 2055 21.89 -47.04 26.89
C VAL L 2055 22.21 -46.32 25.58
N LYS L 2056 22.66 -45.06 25.64
CA LYS L 2056 23.01 -44.34 24.43
C LYS L 2056 24.19 -45.00 23.73
N SER L 2057 25.21 -45.40 24.49
CA SER L 2057 26.34 -46.12 23.89
C SER L 2057 25.91 -47.48 23.38
N LEU L 2058 25.09 -48.19 24.16
CA LEU L 2058 24.66 -49.53 23.75
C LEU L 2058 23.80 -49.49 22.50
N CYS L 2059 23.15 -48.36 22.24
CA CYS L 2059 22.37 -48.21 21.02
C CYS L 2059 23.20 -47.65 19.86
N HIS L 2060 24.15 -46.76 20.14
CA HIS L 2060 24.98 -46.22 19.07
C HIS L 2060 25.92 -47.28 18.50
N VAL L 2061 26.40 -48.20 19.33
CA VAL L 2061 27.20 -49.30 18.80
C VAL L 2061 26.35 -50.18 17.89
N MET L 2062 25.08 -50.34 18.23
CA MET L 2062 24.16 -51.09 17.37
C MET L 2062 23.91 -50.36 16.05
N LEU L 2063 23.79 -49.03 16.11
CA LEU L 2063 23.39 -48.22 14.97
C LEU L 2063 24.43 -48.17 13.86
N LEU L 2064 25.54 -48.90 13.99
CA LEU L 2064 26.56 -48.95 12.94
C LEU L 2064 26.25 -50.00 11.87
N SER L 2065 25.15 -50.74 12.01
CA SER L 2065 24.87 -51.82 11.07
C SER L 2065 24.66 -51.31 9.65
N LYS L 2066 23.94 -50.21 9.50
CA LYS L 2066 23.60 -49.58 8.22
C LYS L 2066 22.73 -50.47 7.33
N SER L 2067 22.27 -51.62 7.83
CA SER L 2067 21.36 -52.48 7.07
C SER L 2067 20.15 -52.95 7.86
N THR L 2068 20.21 -52.94 9.18
CA THR L 2068 19.08 -53.29 10.05
C THR L 2068 18.65 -52.09 10.87
N ILE L 2069 18.57 -50.93 10.21
CA ILE L 2069 18.39 -49.67 10.92
C ILE L 2069 17.00 -49.59 11.56
N LEU L 2070 15.97 -50.12 10.89
CA LEU L 2070 14.62 -50.00 11.42
C LEU L 2070 14.46 -50.77 12.73
N GLU L 2071 15.01 -51.98 12.79
CA GLU L 2071 14.92 -52.77 14.01
C GLU L 2071 15.65 -52.08 15.16
N ILE L 2072 16.83 -51.53 14.89
CA ILE L 2072 17.58 -50.85 15.93
C ILE L 2072 16.85 -49.60 16.40
N ARG L 2073 16.22 -48.86 15.47
CA ARG L 2073 15.46 -47.67 15.85
C ARG L 2073 14.26 -48.04 16.72
N THR L 2074 13.57 -49.12 16.36
CA THR L 2074 12.44 -49.56 17.19
C THR L 2074 12.91 -49.97 18.58
N LEU L 2075 14.03 -50.69 18.66
CA LEU L 2075 14.56 -51.07 19.98
C LEU L 2075 14.98 -49.84 20.77
N ARG L 2076 15.57 -48.85 20.10
CA ARG L 2076 15.97 -47.61 20.77
C ARG L 2076 14.76 -46.86 21.32
N LYS L 2077 13.68 -46.80 20.53
CA LYS L 2077 12.46 -46.15 21.00
C LYS L 2077 11.87 -46.89 22.20
N GLU L 2078 11.87 -48.23 22.14
CA GLU L 2078 11.35 -48.99 23.27
C GLU L 2078 12.19 -48.77 24.52
N LEU L 2079 13.52 -48.72 24.37
CA LEU L 2079 14.38 -48.42 25.51
C LEU L 2079 14.12 -47.03 26.07
N LEU L 2080 13.96 -46.04 25.18
CA LEU L 2080 13.70 -44.68 25.61
C LEU L 2080 12.32 -44.53 26.25
N LYS L 2081 11.40 -45.46 25.99
CA LYS L 2081 10.11 -45.41 26.65
C LYS L 2081 10.20 -45.80 28.12
N ILE L 2082 11.27 -46.47 28.54
CA ILE L 2082 11.48 -46.71 29.97
C ILE L 2082 11.69 -45.39 30.70
N PHE L 2083 12.54 -44.53 30.13
CA PHE L 2083 12.62 -43.16 30.61
C PHE L 2083 11.40 -42.38 30.13
N GLU L 2084 11.19 -41.21 30.73
CA GLU L 2084 10.12 -40.34 30.30
C GLU L 2084 10.60 -39.34 29.25
N LEU L 2085 11.22 -39.87 28.20
CA LEU L 2085 11.78 -39.08 27.12
C LEU L 2085 11.05 -39.40 25.82
N ARG L 2086 11.47 -38.74 24.74
CA ARG L 2086 10.85 -38.91 23.43
C ARG L 2086 11.94 -39.24 22.41
N GLU L 2087 11.49 -39.65 21.22
CA GLU L 2087 12.39 -40.26 20.25
C GLU L 2087 13.47 -39.29 19.76
N PHE L 2088 13.10 -38.04 19.50
CA PHE L 2088 14.00 -37.09 18.86
C PHE L 2088 14.46 -36.00 19.80
N ALA L 2089 14.52 -36.28 21.09
CA ALA L 2089 15.00 -35.30 22.06
C ALA L 2089 16.51 -35.11 21.92
N LYS L 2090 16.97 -33.90 22.24
CA LYS L 2090 18.40 -33.62 22.21
C LYS L 2090 19.16 -34.41 23.27
N VAL L 2091 18.55 -34.59 24.45
CA VAL L 2091 19.23 -35.32 25.52
C VAL L 2091 19.43 -36.78 25.16
N ALA L 2092 18.71 -37.30 24.17
CA ALA L 2092 18.84 -38.69 23.73
C ALA L 2092 19.64 -38.82 22.45
N GLU L 2093 20.66 -37.97 22.28
CA GLU L 2093 21.52 -38.00 21.10
C GLU L 2093 22.94 -38.31 21.54
N PHE L 2094 23.58 -39.26 20.87
CA PHE L 2094 24.92 -39.68 21.24
C PHE L 2094 25.97 -38.79 20.60
N LYS L 2095 27.03 -38.50 21.35
CA LYS L 2095 28.15 -37.70 20.91
C LYS L 2095 29.45 -38.41 21.28
N ASP L 2096 30.56 -37.84 20.84
CA ASP L 2096 31.87 -38.40 21.19
C ASP L 2096 32.30 -37.86 22.55
N PRO L 2097 32.45 -38.71 23.57
CA PRO L 2097 32.74 -38.20 24.92
C PRO L 2097 34.17 -37.72 25.11
N SER L 2098 35.02 -37.78 24.08
CA SER L 2098 36.41 -37.37 24.21
C SER L 2098 36.81 -36.56 22.97
N LEU L 2099 37.72 -35.61 23.19
CA LEU L 2099 38.26 -34.80 22.11
C LEU L 2099 39.48 -35.51 21.52
N SER L 2100 40.20 -34.81 20.65
CA SER L 2100 41.38 -35.38 20.00
C SER L 2100 42.51 -34.37 20.02
N LEU L 2101 43.71 -34.85 20.35
CA LEU L 2101 44.93 -34.04 20.30
C LEU L 2101 46.05 -34.97 19.83
N VAL L 2102 46.47 -34.80 18.58
CA VAL L 2102 47.37 -35.72 17.91
C VAL L 2102 48.67 -34.98 17.56
N VAL L 2103 49.80 -35.59 17.90
CA VAL L 2103 51.11 -35.07 17.55
C VAL L 2103 51.63 -35.86 16.35
N PRO L 2104 51.83 -35.25 15.19
CA PRO L 2104 52.24 -36.02 14.01
C PRO L 2104 53.72 -36.29 13.96
N ASP L 2105 54.08 -37.47 13.47
CA ASP L 2105 55.45 -37.84 13.11
C ASP L 2105 56.39 -37.75 14.32
N PHE L 2106 56.11 -38.58 15.32
CA PHE L 2106 57.04 -38.80 16.41
C PHE L 2106 57.97 -39.94 16.05
N LEU L 2107 59.27 -39.72 16.22
CA LEU L 2107 60.29 -40.64 15.74
C LEU L 2107 60.87 -41.46 16.89
N CYS L 2108 61.01 -42.76 16.67
CA CYS L 2108 61.71 -43.65 17.60
C CYS L 2108 63.08 -43.96 17.01
N GLU L 2109 64.13 -43.49 17.66
CA GLU L 2109 65.48 -43.72 17.15
C GLU L 2109 65.84 -45.19 17.16
N TYR L 2110 65.29 -45.96 18.11
CA TYR L 2110 65.58 -47.38 18.20
C TYR L 2110 64.95 -48.19 17.07
N CYS L 2111 64.05 -47.60 16.29
CA CYS L 2111 63.44 -48.28 15.16
C CYS L 2111 63.45 -47.48 13.87
N PHE L 2112 63.75 -46.17 13.92
CA PHE L 2112 63.55 -45.27 12.78
C PHE L 2112 62.10 -45.36 12.30
N PHE L 2113 61.18 -45.44 13.26
CA PHE L 2113 59.77 -45.67 13.01
C PHE L 2113 58.98 -44.38 13.17
N ILE L 2114 58.07 -44.12 12.24
CA ILE L 2114 57.32 -42.87 12.18
C ILE L 2114 55.84 -43.19 12.34
N SER L 2115 55.20 -42.53 13.30
CA SER L 2115 53.76 -42.66 13.50
C SER L 2115 53.27 -41.47 14.32
N ASP L 2116 51.96 -41.26 14.28
CA ASP L 2116 51.34 -40.23 15.10
C ASP L 2116 51.15 -40.74 16.52
N ILE L 2117 50.65 -39.86 17.39
CA ILE L 2117 50.36 -40.22 18.77
C ILE L 2117 49.23 -39.33 19.27
N ASP L 2118 48.21 -39.94 19.87
CA ASP L 2118 47.04 -39.23 20.37
C ASP L 2118 47.15 -39.12 21.89
N PHE L 2119 47.28 -37.89 22.39
CA PHE L 2119 47.47 -37.68 23.82
C PHE L 2119 46.18 -37.78 24.61
N CYS L 2120 45.03 -37.76 23.96
CA CYS L 2120 43.74 -37.81 24.66
C CYS L 2120 43.05 -39.16 24.52
N LYS L 2121 42.99 -39.72 23.31
CA LYS L 2121 42.23 -40.93 23.08
C LYS L 2121 43.02 -42.21 23.36
N ALA L 2122 44.32 -42.21 23.10
CA ALA L 2122 45.12 -43.41 23.31
C ALA L 2122 45.29 -43.68 24.80
N ALA L 2123 45.24 -44.96 25.15
CA ALA L 2123 45.37 -45.38 26.54
C ALA L 2123 46.82 -45.27 27.02
N PRO L 2124 47.03 -45.19 28.33
CA PRO L 2124 48.40 -45.18 28.86
C PRO L 2124 49.14 -46.47 28.58
N GLU L 2125 50.41 -46.54 28.97
CA GLU L 2125 51.35 -47.60 28.59
C GLU L 2125 51.55 -47.70 27.08
N SER L 2126 51.06 -46.72 26.32
CA SER L 2126 51.35 -46.61 24.90
C SER L 2126 51.80 -45.23 24.48
N ILE L 2127 51.50 -44.18 25.26
CA ILE L 2127 52.04 -42.86 24.99
C ILE L 2127 53.54 -42.84 25.26
N PHE L 2128 53.98 -43.58 26.28
CA PHE L 2128 55.35 -43.51 26.76
C PHE L 2128 56.27 -44.55 26.13
N SER L 2129 55.76 -45.36 25.20
CA SER L 2129 56.56 -46.42 24.60
C SER L 2129 56.28 -46.50 23.11
N CYS L 2130 57.27 -46.99 22.37
CA CYS L 2130 57.12 -47.15 20.93
C CYS L 2130 56.10 -48.25 20.62
N VAL L 2131 55.50 -48.15 19.44
CA VAL L 2131 54.47 -49.12 19.05
C VAL L 2131 55.08 -50.50 18.84
N ARG L 2132 56.17 -50.57 18.08
CA ARG L 2132 56.77 -51.87 17.78
C ARG L 2132 57.70 -52.32 18.90
N CYS L 2133 58.75 -51.56 19.18
CA CYS L 2133 59.63 -51.87 20.28
C CYS L 2133 59.05 -51.34 21.58
N HIS L 2134 59.32 -52.05 22.68
CA HIS L 2134 58.83 -51.65 23.99
C HIS L 2134 59.90 -50.85 24.75
N LYS L 2135 60.34 -49.76 24.12
CA LYS L 2135 61.35 -48.88 24.68
C LYS L 2135 60.69 -47.57 25.11
N ALA L 2136 60.97 -47.15 26.34
CA ALA L 2136 60.34 -45.96 26.89
C ALA L 2136 60.78 -44.70 26.15
N PHE L 2137 59.84 -43.79 25.95
CA PHE L 2137 60.13 -42.50 25.35
C PHE L 2137 60.69 -41.53 26.38
N ASN L 2138 61.35 -40.49 25.88
CA ASN L 2138 61.83 -39.42 26.74
C ASN L 2138 60.74 -38.38 26.92
N GLN L 2139 60.45 -38.03 28.17
CA GLN L 2139 59.27 -37.21 28.46
C GLN L 2139 59.47 -35.74 28.10
N VAL L 2140 60.68 -35.20 28.29
CA VAL L 2140 60.88 -33.79 27.98
C VAL L 2140 60.76 -33.55 26.48
N LEU L 2141 61.09 -34.55 25.66
CA LEU L 2141 60.87 -34.42 24.23
C LEU L 2141 59.38 -34.32 23.91
N LEU L 2142 58.56 -35.14 24.57
CA LEU L 2142 57.11 -35.05 24.39
C LEU L 2142 56.60 -33.68 24.77
N GLN L 2143 57.02 -33.18 25.92
CA GLN L 2143 56.55 -31.88 26.39
C GLN L 2143 57.02 -30.75 25.46
N GLU L 2144 58.26 -30.84 24.98
CA GLU L 2144 58.78 -29.85 24.05
C GLU L 2144 58.00 -29.86 22.74
N HIS L 2145 57.65 -31.05 22.24
CA HIS L 2145 56.88 -31.13 21.01
C HIS L 2145 55.47 -30.59 21.21
N LEU L 2146 54.89 -30.81 22.39
CA LEU L 2146 53.59 -30.21 22.69
C LEU L 2146 53.67 -28.69 22.69
N ILE L 2147 54.73 -28.13 23.28
CA ILE L 2147 54.93 -26.69 23.28
C ILE L 2147 55.10 -26.18 21.86
N GLN L 2148 55.87 -26.91 21.05
CA GLN L 2148 56.04 -26.55 19.64
C GLN L 2148 54.70 -26.50 18.92
N LYS L 2149 53.87 -27.52 19.13
CA LYS L 2149 52.56 -27.56 18.49
C LYS L 2149 51.70 -26.38 18.92
N LEU L 2150 51.69 -26.07 20.21
CA LEU L 2150 50.87 -24.96 20.70
C LEU L 2150 51.34 -23.63 20.12
N ARG L 2151 52.65 -23.39 20.11
CA ARG L 2151 53.16 -22.14 19.57
C ARG L 2151 52.88 -22.03 18.08
N SER L 2152 53.02 -23.13 17.33
CA SER L 2152 52.71 -23.13 15.92
C SER L 2152 51.22 -22.84 15.69
N ASP L 2153 50.36 -23.39 16.54
CA ASP L 2153 48.93 -23.10 16.44
C ASP L 2153 48.66 -21.61 16.65
N ILE L 2154 49.29 -21.03 17.66
CA ILE L 2154 49.07 -19.61 17.94
C ILE L 2154 49.53 -18.76 16.76
N GLU L 2155 50.71 -19.06 16.23
CA GLU L 2155 51.21 -18.30 15.08
C GLU L 2155 50.31 -18.46 13.86
N SER L 2156 49.85 -19.69 13.61
CA SER L 2156 48.98 -19.93 12.46
C SER L 2156 47.67 -19.16 12.59
N TYR L 2157 47.10 -19.13 13.79
CA TYR L 2157 45.89 -18.33 14.00
C TYR L 2157 46.18 -16.85 13.77
N LEU L 2158 47.32 -16.36 14.27
CA LEU L 2158 47.62 -14.94 14.14
C LEU L 2158 47.93 -14.54 12.71
N ILE L 2159 48.33 -15.48 11.86
CA ILE L 2159 48.71 -15.17 10.48
C ILE L 2159 47.59 -15.52 9.49
N GLN L 2160 46.35 -15.64 9.96
CA GLN L 2160 45.25 -16.07 9.10
C GLN L 2160 44.83 -14.94 8.16
N ASP L 2161 43.97 -15.29 7.20
CA ASP L 2161 43.41 -14.36 6.24
C ASP L 2161 41.96 -14.05 6.57
N LEU L 2162 41.42 -13.04 5.90
CA LEU L 2162 40.07 -12.56 6.13
C LEU L 2162 39.18 -12.85 4.94
N ARG L 2163 37.97 -13.34 5.22
CA ARG L 2163 37.01 -13.75 4.21
C ARG L 2163 35.70 -13.00 4.39
N CYS L 2164 35.11 -12.57 3.28
CA CYS L 2164 33.86 -11.81 3.34
C CYS L 2164 32.70 -12.72 3.73
N SER L 2165 31.59 -12.09 4.13
CA SER L 2165 30.47 -12.82 4.69
C SER L 2165 29.57 -13.44 3.61
N ARG L 2166 28.98 -12.60 2.76
CA ARG L 2166 28.04 -13.10 1.77
C ARG L 2166 28.75 -13.87 0.68
N CYS L 2167 29.63 -13.21 -0.06
CA CYS L 2167 30.54 -13.88 -0.98
C CYS L 2167 31.79 -14.29 -0.21
N HIS L 2168 32.39 -15.40 -0.64
CA HIS L 2168 33.56 -15.95 0.05
C HIS L 2168 34.87 -15.55 -0.60
N LYS L 2169 34.92 -14.36 -1.22
CA LYS L 2169 36.17 -13.85 -1.76
C LYS L 2169 37.09 -13.40 -0.63
N VAL L 2170 38.39 -13.39 -0.92
CA VAL L 2170 39.40 -13.07 0.07
C VAL L 2170 39.64 -11.57 0.07
N LYS L 2171 39.97 -11.05 1.26
CA LYS L 2171 40.29 -9.64 1.41
C LYS L 2171 41.58 -9.33 0.65
N ARG L 2172 41.51 -8.38 -0.29
CA ARG L 2172 42.66 -8.05 -1.13
C ARG L 2172 43.08 -6.59 -0.95
N ASP L 2173 42.69 -5.96 0.15
CA ASP L 2173 43.06 -4.58 0.44
C ASP L 2173 43.68 -4.51 1.82
N TYR L 2174 44.77 -3.75 1.94
CA TYR L 2174 45.44 -3.60 3.23
C TYR L 2174 44.58 -2.83 4.23
N MET L 2175 43.65 -2.01 3.76
CA MET L 2175 42.75 -1.29 4.65
C MET L 2175 41.47 -0.93 3.90
N SER L 2176 40.34 -1.39 4.41
CA SER L 2176 39.03 -1.13 3.84
C SER L 2176 37.97 -1.46 4.88
N ALA L 2177 36.86 -0.73 4.84
CA ALA L 2177 35.83 -0.90 5.85
C ALA L 2177 35.16 -2.27 5.74
N HIS L 2178 34.76 -2.66 4.54
CA HIS L 2178 34.09 -3.94 4.33
C HIS L 2178 34.15 -4.29 2.84
N CYS L 2179 33.41 -5.31 2.46
CA CYS L 2179 33.38 -5.76 1.08
C CYS L 2179 32.73 -4.69 0.19
N PRO L 2180 33.09 -4.65 -1.10
CA PRO L 2180 32.34 -3.77 -2.02
C PRO L 2180 30.86 -4.07 -2.04
N CYS L 2181 30.47 -5.34 -1.92
CA CYS L 2181 29.08 -5.72 -1.75
C CYS L 2181 28.73 -5.65 -0.26
N ALA L 2182 27.56 -6.16 0.10
CA ALA L 2182 27.20 -6.23 1.51
C ALA L 2182 28.00 -7.31 2.21
N GLY L 2183 28.21 -7.13 3.51
CA GLY L 2183 28.91 -8.13 4.30
C GLY L 2183 30.19 -7.63 4.95
N ALA L 2184 30.49 -8.16 6.13
CA ALA L 2184 31.68 -7.79 6.89
C ALA L 2184 32.66 -8.96 6.90
N TRP L 2185 33.93 -8.63 7.08
CA TRP L 2185 34.97 -9.64 7.07
C TRP L 2185 34.86 -10.56 8.29
N GLU L 2186 35.21 -11.83 8.09
CA GLU L 2186 35.42 -12.77 9.18
C GLU L 2186 36.70 -13.54 8.93
N GLY L 2187 37.34 -13.97 10.01
CA GLY L 2187 38.56 -14.73 9.89
C GLY L 2187 38.31 -16.18 9.50
N THR L 2188 39.29 -16.76 8.80
CA THR L 2188 39.19 -18.16 8.43
C THR L 2188 39.21 -19.06 9.67
N LEU L 2189 40.07 -18.73 10.65
CA LEU L 2189 40.16 -19.52 11.87
C LEU L 2189 39.29 -18.89 12.94
N PRO L 2190 38.23 -19.55 13.39
CA PRO L 2190 37.39 -18.98 14.45
C PRO L 2190 38.10 -18.99 15.80
N ARG L 2191 37.61 -18.13 16.70
CA ARG L 2191 38.22 -18.01 18.02
C ARG L 2191 37.89 -19.21 18.91
N GLU L 2192 36.65 -19.73 18.81
CA GLU L 2192 36.24 -20.79 19.71
C GLU L 2192 37.06 -22.05 19.50
N SER L 2193 37.50 -22.33 18.27
CA SER L 2193 38.31 -23.51 18.02
C SER L 2193 39.62 -23.45 18.80
N ILE L 2194 40.35 -22.34 18.69
CA ILE L 2194 41.63 -22.24 19.39
C ILE L 2194 41.41 -22.14 20.89
N VAL L 2195 40.29 -21.55 21.33
CA VAL L 2195 40.00 -21.52 22.76
C VAL L 2195 39.81 -22.94 23.30
N GLN L 2196 39.06 -23.77 22.57
CA GLN L 2196 38.86 -25.15 22.98
C GLN L 2196 40.17 -25.92 22.92
N LYS L 2197 41.03 -25.63 21.94
CA LYS L 2197 42.32 -26.29 21.88
C LYS L 2197 43.19 -25.94 23.08
N LEU L 2198 43.20 -24.66 23.48
CA LEU L 2198 43.94 -24.28 24.68
C LEU L 2198 43.36 -24.96 25.92
N ASN L 2199 42.03 -25.10 25.98
CA ASN L 2199 41.41 -25.80 27.10
C ASN L 2199 41.86 -27.25 27.16
N VAL L 2200 41.94 -27.92 26.00
CA VAL L 2200 42.35 -29.33 26.01
C VAL L 2200 43.85 -29.44 26.31
N PHE L 2201 44.66 -28.45 25.91
CA PHE L 2201 46.05 -28.41 26.38
C PHE L 2201 46.12 -28.31 27.89
N LYS L 2202 45.29 -27.47 28.50
CA LYS L 2202 45.25 -27.39 29.95
C LYS L 2202 44.88 -28.73 30.58
N GLN L 2203 43.86 -29.38 30.02
CA GLN L 2203 43.44 -30.67 30.56
C GLN L 2203 44.57 -31.71 30.45
N VAL L 2204 45.24 -31.76 29.30
CA VAL L 2204 46.31 -32.72 29.10
C VAL L 2204 47.46 -32.45 30.06
N ALA L 2205 47.86 -31.18 30.18
CA ALA L 2205 48.94 -30.83 31.10
C ALA L 2205 48.57 -31.07 32.55
N LYS L 2206 47.28 -31.06 32.88
CA LYS L 2206 46.89 -31.31 34.27
C LYS L 2206 46.84 -32.80 34.57
N TYR L 2207 46.42 -33.62 33.60
CA TYR L 2207 46.30 -35.06 33.88
C TYR L 2207 47.65 -35.68 34.18
N TYR L 2208 48.63 -35.48 33.29
CA TYR L 2208 49.98 -35.95 33.55
C TYR L 2208 50.77 -34.86 34.27
N GLY L 2209 51.94 -35.24 34.78
CA GLY L 2209 52.80 -34.27 35.42
C GLY L 2209 53.72 -33.60 34.43
N PHE L 2210 53.31 -32.43 33.94
CA PHE L 2210 54.05 -31.68 32.93
C PHE L 2210 54.25 -30.26 33.46
N ASP L 2211 55.34 -30.07 34.23
CA ASP L 2211 55.60 -28.77 34.82
C ASP L 2211 56.01 -27.74 33.76
N ILE L 2212 56.80 -28.17 32.78
CA ILE L 2212 57.30 -27.25 31.77
C ILE L 2212 56.16 -26.69 30.93
N LEU L 2213 55.21 -27.55 30.55
CA LEU L 2213 54.07 -27.07 29.77
C LEU L 2213 53.18 -26.15 30.60
N LEU L 2214 53.04 -26.43 31.90
CA LEU L 2214 52.29 -25.55 32.78
C LEU L 2214 52.94 -24.18 32.85
N SER L 2215 54.27 -24.13 32.98
CA SER L 2215 54.96 -22.85 32.97
C SER L 2215 54.88 -22.17 31.61
N CYS L 2216 54.83 -22.95 30.53
CA CYS L 2216 54.62 -22.40 29.20
C CYS L 2216 53.28 -21.67 29.11
N ILE L 2217 52.22 -22.30 29.63
CA ILE L 2217 50.91 -21.65 29.62
C ILE L 2217 50.90 -20.44 30.54
N ALA L 2218 51.50 -20.57 31.73
CA ALA L 2218 51.44 -19.50 32.73
C ALA L 2218 52.12 -18.22 32.27
N ASP L 2219 53.04 -18.30 31.31
CA ASP L 2219 53.73 -17.11 30.84
C ASP L 2219 52.89 -16.29 29.87
N LEU L 2220 51.74 -16.79 29.46
CA LEU L 2220 50.86 -16.05 28.54
C LEU L 2220 50.01 -15.05 29.30
N TYR M 2 34.39 40.76 5.11
CA TYR M 2 33.61 39.52 5.14
C TYR M 2 33.66 38.89 6.53
N GLY M 3 32.49 38.55 7.07
CA GLY M 3 32.43 37.91 8.37
C GLY M 3 31.31 36.89 8.47
N ASP M 4 30.77 36.47 7.33
CA ASP M 4 29.59 35.62 7.32
C ASP M 4 29.85 34.28 8.00
N LEU M 5 31.07 33.74 7.86
CA LEU M 5 31.42 32.52 8.59
C LEU M 5 31.13 32.67 10.08
N GLY M 6 31.48 33.82 10.65
CA GLY M 6 31.27 34.02 12.07
C GLY M 6 29.83 33.82 12.49
N ASN M 7 28.89 34.14 11.59
CA ASN M 7 27.47 33.98 11.93
C ASN M 7 27.16 32.53 12.30
N LYS M 8 27.75 31.58 11.58
CA LYS M 8 27.49 30.18 11.86
C LYS M 8 27.83 29.82 13.30
N LEU M 9 28.83 30.49 13.89
CA LEU M 9 29.10 30.28 15.30
C LEU M 9 27.94 30.78 16.16
N VAL M 10 27.55 32.05 15.95
CA VAL M 10 26.63 32.70 16.87
C VAL M 10 25.31 31.95 16.93
N LEU M 11 24.75 31.64 15.76
CA LEU M 11 23.51 30.87 15.70
C LEU M 11 23.64 29.56 16.48
N GLU M 12 24.76 28.86 16.29
CA GLU M 12 24.98 27.61 17.03
C GLU M 12 24.92 27.87 18.53
N ALA M 13 25.58 28.94 18.98
CA ALA M 13 25.56 29.26 20.41
C ALA M 13 24.14 29.39 20.92
N LYS M 14 23.24 29.97 20.10
CA LYS M 14 21.87 30.14 20.54
C LYS M 14 21.23 28.79 20.86
N ARG M 15 21.47 27.79 20.00
CA ARG M 15 20.95 26.46 20.29
C ARG M 15 21.42 25.99 21.66
N THR M 16 22.69 26.20 21.97
CA THR M 16 23.21 25.84 23.28
C THR M 16 22.41 26.52 24.38
N LYS M 17 22.12 27.82 24.20
CA LYS M 17 21.32 28.53 25.19
C LYS M 17 19.96 27.86 25.37
N GLN M 18 19.35 27.42 24.27
CA GLN M 18 18.08 26.72 24.38
C GLN M 18 18.24 25.44 25.17
N LEU M 19 19.35 24.73 24.97
CA LEU M 19 19.63 23.55 25.78
C LEU M 19 19.73 23.92 27.26
N TYR M 20 20.27 25.10 27.56
CA TYR M 20 20.30 25.57 28.93
C TYR M 20 18.92 25.96 29.42
N ALA M 21 18.05 26.42 28.52
CA ALA M 21 16.75 26.93 28.92
C ALA M 21 15.73 25.82 29.11
N ARG M 22 15.60 24.93 28.12
CA ARG M 22 14.56 23.90 28.19
C ARG M 22 14.80 22.93 29.34
N SER M 23 16.06 22.56 29.57
CA SER M 23 16.37 21.60 30.62
C SER M 23 16.28 22.21 32.01
N ASN M 24 16.66 23.48 32.14
CA ASN M 24 16.73 24.16 33.45
C ASN M 24 17.61 23.38 34.42
N GLN M 25 18.68 22.79 33.89
CA GLN M 25 19.58 21.95 34.66
C GLN M 25 20.91 21.86 33.93
N ASP M 26 21.99 21.96 34.68
CA ASP M 26 23.34 21.89 34.12
C ASP M 26 23.67 20.44 33.80
N VAL M 27 23.65 20.09 32.52
CA VAL M 27 23.84 18.71 32.10
C VAL M 27 24.21 18.68 30.63
N ASN M 28 25.09 17.74 30.27
CA ASN M 28 25.51 17.43 28.89
C ASN M 28 25.80 18.70 28.08
N LEU M 29 26.81 19.43 28.54
CA LEU M 29 27.29 20.59 27.80
C LEU M 29 27.92 20.12 26.49
N PRO M 30 27.68 20.81 25.37
CA PRO M 30 28.09 20.28 24.07
C PRO M 30 29.60 20.34 23.87
N MET M 31 30.04 19.80 22.73
CA MET M 31 31.46 19.67 22.41
C MET M 31 31.87 20.84 21.53
N TYR M 32 33.04 21.41 21.83
CA TYR M 32 33.42 22.72 21.32
C TYR M 32 33.51 22.75 19.80
N HIS M 33 33.58 23.96 19.25
CA HIS M 33 33.68 24.21 17.83
C HIS M 33 34.90 25.05 17.49
N GLU M 34 36.03 24.75 18.14
CA GLU M 34 37.24 25.55 17.97
C GLU M 34 37.86 25.41 16.58
N ASP M 35 37.43 24.43 15.78
CA ASP M 35 37.94 24.30 14.42
C ASP M 35 37.54 25.49 13.57
N ILE M 36 36.25 25.85 13.59
CA ILE M 36 35.80 27.03 12.87
C ILE M 36 36.43 28.28 13.46
N ILE M 37 36.65 28.28 14.78
CA ILE M 37 37.27 29.43 15.44
C ILE M 37 38.69 29.64 14.90
N ARG M 38 39.46 28.56 14.78
CA ARG M 38 40.83 28.72 14.27
C ARG M 38 40.83 28.99 12.78
N ASN M 39 39.81 28.54 12.04
CA ASN M 39 39.67 28.97 10.66
C ASN M 39 39.47 30.48 10.57
N ILE M 40 38.61 31.02 11.44
CA ILE M 40 38.43 32.47 11.48
C ILE M 40 39.72 33.16 11.91
N LEU M 41 40.46 32.55 12.83
CA LEU M 41 41.72 33.14 13.27
C LEU M 41 42.73 33.21 12.14
N LYS M 42 42.83 32.15 11.32
CA LYS M 42 43.79 32.18 10.23
C LYS M 42 43.35 33.17 9.14
N GLU M 43 42.04 33.24 8.85
CA GLU M 43 41.63 34.21 7.84
C GLU M 43 41.78 35.64 8.35
N VAL M 44 41.60 35.87 9.65
CA VAL M 44 41.78 37.23 10.16
C VAL M 44 43.27 37.56 10.28
N SER M 45 44.13 36.55 10.45
CA SER M 45 45.57 36.80 10.32
C SER M 45 45.93 37.20 8.90
N ASN M 46 45.30 36.55 7.91
CA ASN M 46 45.47 36.98 6.53
C ASN M 46 45.00 38.42 6.34
N LEU M 47 43.86 38.77 6.94
CA LEU M 47 43.37 40.14 6.87
C LEU M 47 44.36 41.11 7.50
N ARG M 48 44.92 40.75 8.66
CA ARG M 48 45.86 41.63 9.35
C ARG M 48 47.12 41.85 8.53
N LYS M 49 47.67 40.77 7.95
CA LYS M 49 48.86 40.94 7.12
C LYS M 49 48.55 41.76 5.87
N ASN M 50 47.35 41.60 5.32
CA ASN M 50 46.94 42.42 4.19
C ASN M 50 46.87 43.89 4.59
N THR M 51 46.34 44.17 5.77
CA THR M 51 46.31 45.55 6.26
C THR M 51 47.73 46.09 6.42
N GLU M 52 48.65 45.27 6.90
CA GLU M 52 50.02 45.76 7.09
C GLU M 52 50.67 46.10 5.75
N TYR M 53 50.48 45.24 4.74
CA TYR M 53 51.02 45.55 3.41
C TYR M 53 50.34 46.77 2.80
N LEU M 54 49.03 46.91 2.98
CA LEU M 54 48.34 48.07 2.44
C LEU M 54 48.85 49.35 3.08
N LYS M 55 49.08 49.32 4.39
CA LYS M 55 49.72 50.46 5.05
C LYS M 55 51.11 50.69 4.47
N GLU M 56 51.79 49.61 4.07
CA GLU M 56 53.12 49.77 3.49
C GLU M 56 53.07 50.55 2.17
N GLN M 57 52.16 50.17 1.25
CA GLN M 57 52.04 50.95 0.01
C GLN M 57 51.54 52.36 0.29
N GLN M 58 50.65 52.52 1.27
CA GLN M 58 50.17 53.86 1.60
C GLN M 58 51.31 54.77 2.05
N GLN M 59 52.20 54.24 2.90
CA GLN M 59 53.38 55.00 3.30
C GLN M 59 54.36 55.16 2.15
N LEU M 60 54.34 54.25 1.18
CA LEU M 60 55.21 54.37 0.01
C LEU M 60 54.86 55.60 -0.82
N GLY M 61 53.59 55.97 -0.86
CA GLY M 61 53.15 57.12 -1.63
C GLY M 61 52.47 56.77 -2.94
N MET M 62 52.61 55.52 -3.41
CA MET M 62 51.94 55.13 -4.64
C MET M 62 50.44 54.93 -4.42
N LEU M 63 50.04 54.42 -3.28
CA LEU M 63 48.64 54.15 -3.00
C LEU M 63 47.86 55.43 -2.75
N ASP M 64 46.60 55.43 -3.15
CA ASP M 64 45.72 56.56 -2.94
C ASP M 64 45.22 56.59 -1.51
N ASP M 65 45.03 57.80 -0.97
CA ASP M 65 44.65 57.95 0.43
C ASP M 65 43.23 57.46 0.69
N LYS M 66 42.28 57.77 -0.20
CA LYS M 66 40.90 57.34 0.00
C LYS M 66 40.77 55.83 -0.03
N VAL M 67 41.45 55.17 -0.98
CA VAL M 67 41.42 53.72 -1.03
C VAL M 67 42.00 53.12 0.23
N ALA M 68 43.14 53.66 0.68
CA ALA M 68 43.77 53.15 1.90
C ALA M 68 42.85 53.29 3.09
N LYS M 69 42.23 54.46 3.25
CA LYS M 69 41.37 54.68 4.42
C LYS M 69 40.12 53.79 4.37
N CYS M 70 39.50 53.64 3.20
CA CYS M 70 38.29 52.84 3.13
C CYS M 70 38.60 51.37 3.37
N GLN M 71 39.70 50.87 2.80
CA GLN M 71 40.10 49.49 3.08
C GLN M 71 40.43 49.30 4.55
N TYR M 72 41.07 50.30 5.16
CA TYR M 72 41.39 50.23 6.59
C TYR M 72 40.11 50.13 7.42
N PHE M 73 39.11 50.96 7.11
CA PHE M 73 37.85 50.89 7.85
C PHE M 73 37.16 49.54 7.65
N VAL M 74 37.14 49.04 6.41
CA VAL M 74 36.47 47.77 6.14
C VAL M 74 37.14 46.64 6.91
N THR M 75 38.47 46.59 6.88
CA THR M 75 39.20 45.55 7.59
C THR M 75 39.02 45.68 9.10
N LEU M 76 39.04 46.91 9.62
CA LEU M 76 38.82 47.11 11.05
C LEU M 76 37.45 46.62 11.46
N LEU M 77 36.43 46.88 10.63
CA LEU M 77 35.09 46.36 10.91
C LEU M 77 35.07 44.84 10.89
N CYS M 78 35.80 44.23 9.95
CA CYS M 78 35.86 42.78 9.89
C CYS M 78 36.47 42.20 11.17
N MET M 79 37.60 42.75 11.61
CA MET M 79 38.20 42.29 12.86
C MET M 79 37.25 42.51 14.04
N GLU M 80 36.58 43.67 14.07
CA GLU M 80 35.67 43.95 15.19
C GLU M 80 34.55 42.93 15.25
N ARG M 81 33.95 42.62 14.09
CA ARG M 81 32.83 41.68 14.10
C ARG M 81 33.29 40.26 14.44
N ASN M 82 34.45 39.83 13.91
CA ASN M 82 34.94 38.50 14.26
C ASN M 82 35.22 38.39 15.75
N LYS M 83 35.86 39.43 16.32
CA LYS M 83 36.10 39.42 17.77
C LYS M 83 34.80 39.41 18.54
N ARG M 84 33.80 40.17 18.07
CA ARG M 84 32.51 40.21 18.75
C ARG M 84 31.87 38.82 18.78
N CYS M 85 31.90 38.12 17.65
CA CYS M 85 31.31 36.79 17.60
C CYS M 85 32.05 35.82 18.52
N LEU M 86 33.39 35.86 18.49
CA LEU M 86 34.16 34.93 19.32
C LEU M 86 33.93 35.19 20.81
N LEU M 87 33.91 36.46 21.22
CA LEU M 87 33.66 36.75 22.63
C LEU M 87 32.22 36.45 23.02
N ALA M 88 31.26 36.60 22.10
CA ALA M 88 29.89 36.23 22.40
C ALA M 88 29.79 34.72 22.66
N TYR M 89 30.51 33.92 21.88
CA TYR M 89 30.58 32.49 22.15
C TYR M 89 31.21 32.22 23.52
N GLN M 90 32.39 32.82 23.76
CA GLN M 90 33.17 32.47 24.94
C GLN M 90 32.49 32.90 26.24
N ARG M 91 31.80 34.05 26.22
CA ARG M 91 31.14 34.52 27.44
C ARG M 91 30.05 33.55 27.88
N LEU M 92 29.23 33.07 26.93
CA LEU M 92 28.21 32.10 27.28
C LEU M 92 28.82 30.79 27.75
N ARG M 93 29.92 30.35 27.10
CA ARG M 93 30.58 29.14 27.56
C ARG M 93 31.06 29.29 29.01
N THR M 94 31.71 30.41 29.33
CA THR M 94 32.19 30.62 30.69
C THR M 94 31.04 30.72 31.68
N ASP M 95 29.93 31.35 31.27
CA ASP M 95 28.78 31.48 32.17
C ASP M 95 28.21 30.11 32.53
N ILE M 96 28.01 29.24 31.54
CA ILE M 96 27.47 27.92 31.84
C ILE M 96 28.48 27.10 32.64
N LEU M 97 29.77 27.27 32.35
CA LEU M 97 30.81 26.60 33.12
C LEU M 97 30.72 26.96 34.59
N ASP M 98 30.69 28.26 34.89
CA ASP M 98 30.63 28.71 36.28
C ASP M 98 29.32 28.27 36.95
N SER M 99 28.22 28.32 36.20
CA SER M 99 26.94 27.92 36.77
C SER M 99 26.94 26.47 37.20
N MET M 100 27.50 25.57 36.36
CA MET M 100 27.54 24.18 36.78
C MET M 100 28.63 23.94 37.82
N ALA M 101 29.67 24.79 37.84
CA ALA M 101 30.77 24.58 38.77
C ALA M 101 30.37 24.93 40.20
N TRP M 102 29.56 25.98 40.38
CA TRP M 102 29.32 26.46 41.73
C TRP M 102 28.45 25.50 42.54
N ASN M 103 27.52 24.79 41.90
CA ASN M 103 26.45 24.12 42.62
C ASN M 103 26.83 22.72 43.11
N ASN M 104 27.95 22.15 42.66
CA ASN M 104 28.33 20.79 43.07
C ASN M 104 29.43 20.80 44.11
N ASN M 105 29.42 21.78 45.02
CA ASN M 105 30.35 21.86 46.14
C ASN M 105 31.81 22.00 45.70
N GLY M 106 32.05 22.41 44.47
CA GLY M 106 33.40 22.64 44.00
C GLY M 106 34.25 21.40 43.84
N LEU M 107 33.63 20.23 43.69
CA LEU M 107 34.36 18.98 43.53
C LEU M 107 34.36 18.48 42.08
N ASP M 108 33.47 19.00 41.24
CA ASP M 108 33.33 18.64 39.83
C ASP M 108 32.80 17.22 39.66
N LEU M 109 32.65 16.49 40.77
CA LEU M 109 31.97 15.19 40.81
C LEU M 109 32.44 14.25 39.69
N MET M 110 33.72 13.89 39.74
CA MET M 110 34.24 12.91 38.81
C MET M 110 33.72 11.50 39.07
N SER M 111 33.08 11.27 40.22
CA SER M 111 32.53 9.95 40.53
C SER M 111 31.17 9.70 39.91
N SER M 112 30.54 10.71 39.31
CA SER M 112 29.23 10.54 38.70
C SER M 112 29.14 11.30 37.38
N SER M 116 25.55 14.84 34.49
CA SER M 116 26.90 15.38 34.25
C SER M 116 27.73 14.44 33.39
N GLN M 117 28.51 15.01 32.48
CA GLN M 117 29.37 14.22 31.63
C GLN M 117 30.47 13.54 32.43
N GLN M 118 30.92 12.39 31.94
CA GLN M 118 31.86 11.57 32.70
C GLN M 118 33.28 12.12 32.61
N ASP M 119 33.85 12.16 31.41
CA ASP M 119 35.26 12.50 31.24
C ASP M 119 35.51 13.99 31.01
N THR M 120 34.45 14.80 30.88
CA THR M 120 34.50 16.23 30.58
C THR M 120 35.55 16.57 29.53
N ASN M 121 35.74 15.65 28.57
CA ASN M 121 36.73 15.86 27.52
C ASN M 121 36.19 16.71 26.37
N ASN M 122 34.88 16.99 26.35
CA ASN M 122 34.31 17.88 25.34
C ASN M 122 34.70 19.33 25.56
N LEU M 123 35.30 19.67 26.69
CA LEU M 123 35.81 21.01 26.95
C LEU M 123 37.23 21.14 26.43
N SER M 124 37.60 22.37 26.07
CA SER M 124 38.98 22.67 25.73
C SER M 124 39.85 22.59 26.98
N HIS M 125 41.15 22.42 26.77
CA HIS M 125 42.08 22.33 27.89
C HIS M 125 42.12 23.63 28.67
N GLN M 126 42.06 24.78 27.97
CA GLN M 126 41.97 26.06 28.66
C GLN M 126 40.70 26.14 29.51
N GLU M 127 39.57 25.67 28.96
CA GLU M 127 38.35 25.63 29.75
C GLU M 127 38.48 24.68 30.93
N GLN M 128 39.22 23.59 30.78
CA GLN M 128 39.38 22.66 31.89
C GLN M 128 40.20 23.26 33.02
N GLU M 129 41.30 23.95 32.69
CA GLU M 129 42.08 24.59 33.74
C GLU M 129 41.32 25.76 34.36
N TYR M 130 40.49 26.46 33.56
CA TYR M 130 39.61 27.47 34.11
C TYR M 130 38.62 26.85 35.10
N LEU M 131 38.07 25.69 34.77
CA LEU M 131 37.17 25.01 35.69
C LEU M 131 37.88 24.62 36.98
N LYS M 132 39.09 24.10 36.87
CA LYS M 132 39.85 23.72 38.06
C LYS M 132 40.14 24.92 38.94
N GLU M 133 40.57 26.03 38.35
CA GLU M 133 40.85 27.23 39.15
C GLU M 133 39.58 27.80 39.76
N TYR M 134 38.45 27.71 39.05
CA TYR M 134 37.19 28.20 39.63
C TYR M 134 36.77 27.34 40.81
N CYS M 135 36.97 26.02 40.71
CA CYS M 135 36.71 25.15 41.85
C CYS M 135 37.62 25.52 43.02
N ASP M 136 38.88 25.84 42.73
CA ASP M 136 39.79 26.30 43.78
C ASP M 136 39.29 27.58 44.43
N LEU M 137 38.81 28.53 43.63
CA LEU M 137 38.28 29.78 44.18
C LEU M 137 37.05 29.53 45.04
N ILE M 138 36.16 28.63 44.61
CA ILE M 138 34.96 28.34 45.37
C ILE M 138 35.32 27.69 46.70
N THR M 139 36.29 26.77 46.68
CA THR M 139 36.74 26.17 47.94
C THR M 139 37.37 27.21 48.85
N ASP M 140 38.13 28.15 48.28
CA ASP M 140 38.78 29.18 49.08
C ASP M 140 37.76 30.14 49.69
N LEU M 141 36.69 30.45 48.96
CA LEU M 141 35.79 31.53 49.37
C LEU M 141 35.10 31.21 50.70
N LYS M 142 34.62 29.99 50.87
CA LYS M 142 33.91 29.63 52.09
C LYS M 142 34.86 29.24 53.23
N SER M 143 36.16 29.44 53.05
CA SER M 143 37.14 29.22 54.12
C SER M 143 37.46 30.50 54.88
N GLY M 144 36.81 31.62 54.56
CA GLY M 144 37.10 32.88 55.20
C GLY M 144 36.23 33.15 56.42
N ASP M 145 35.42 34.20 56.36
CA ASP M 145 34.56 34.58 57.47
C ASP M 145 33.21 33.87 57.45
N LEU M 146 32.95 33.04 56.44
CA LEU M 146 31.69 32.32 56.31
C LEU M 146 31.86 30.83 56.53
N VAL M 147 32.82 30.45 57.39
CA VAL M 147 33.11 29.04 57.62
C VAL M 147 31.95 28.30 58.25
N ASP M 148 31.08 29.01 58.98
CA ASP M 148 29.97 28.38 59.67
C ASP M 148 28.73 28.23 58.80
N ILE M 149 28.78 28.66 57.54
CA ILE M 149 27.66 28.55 56.61
C ILE M 149 28.15 27.85 55.36
N ASP M 150 27.41 26.82 54.93
CA ASP M 150 27.71 26.10 53.70
C ASP M 150 27.03 26.82 52.54
N LEU M 151 27.81 27.54 51.73
CA LEU M 151 27.24 28.32 50.65
C LEU M 151 26.67 27.42 49.55
N SER M 152 27.32 26.30 49.27
CA SER M 152 26.93 25.41 48.19
C SER M 152 25.76 24.50 48.55
N GLY M 153 25.03 24.82 49.61
CA GLY M 153 23.89 24.02 50.02
C GLY M 153 22.65 24.31 49.20
N SER M 154 21.54 23.74 49.64
CA SER M 154 20.28 23.91 48.95
C SER M 154 19.76 25.32 49.12
N LEU M 155 18.92 25.74 48.18
CA LEU M 155 18.31 27.06 48.22
C LEU M 155 16.80 27.02 48.30
N VAL M 156 16.19 25.84 48.33
CA VAL M 156 14.76 25.73 48.65
C VAL M 156 14.58 26.02 50.14
N PRO M 157 13.69 26.92 50.53
CA PRO M 157 13.53 27.27 51.94
C PRO M 157 13.12 26.06 52.76
N PRO M 158 13.59 25.97 54.00
CA PRO M 158 13.26 24.80 54.83
C PRO M 158 11.81 24.82 55.28
N SER M 159 11.00 23.88 54.77
CA SER M 159 9.57 23.89 55.01
C SER M 159 9.12 22.86 56.05
N ASP M 160 9.79 21.73 56.15
CA ASP M 160 9.41 20.69 57.09
C ASP M 160 10.64 20.15 57.79
N VAL M 161 10.43 19.59 58.98
CA VAL M 161 11.52 19.17 59.84
C VAL M 161 11.73 17.66 59.74
N PHE M 162 10.64 16.90 59.57
CA PHE M 162 10.71 15.45 59.45
C PHE M 162 10.05 15.03 58.14
N ILE M 163 10.81 14.31 57.31
CA ILE M 163 10.33 13.86 56.00
C ILE M 163 10.63 12.38 55.84
N ASP M 164 9.95 11.77 54.88
CA ASP M 164 10.21 10.38 54.49
C ASP M 164 11.12 10.38 53.28
N VAL M 165 12.17 9.56 53.32
CA VAL M 165 13.13 9.46 52.23
C VAL M 165 13.37 8.00 51.92
N ARG M 166 13.59 7.70 50.64
CA ARG M 166 13.73 6.33 50.16
C ARG M 166 15.11 6.16 49.53
N VAL M 167 15.80 5.08 49.90
CA VAL M 167 17.15 4.85 49.43
C VAL M 167 17.15 4.48 47.94
N LEU M 168 18.21 4.86 47.24
CA LEU M 168 18.34 4.61 45.81
C LEU M 168 19.51 3.70 45.46
N LYS M 169 20.63 3.79 46.18
CA LYS M 169 21.79 2.94 45.93
C LYS M 169 22.23 2.28 47.23
N ASP M 170 22.88 1.13 47.09
CA ASP M 170 23.32 0.36 48.25
C ASP M 170 24.70 0.82 48.70
N ALA M 171 24.91 0.81 50.02
CA ALA M 171 26.20 1.15 50.60
C ALA M 171 26.29 0.45 51.97
N GLY M 172 27.28 0.84 52.76
CA GLY M 172 27.42 0.30 54.10
C GLY M 172 26.64 1.09 55.12
N GLU M 173 27.28 1.45 56.22
CA GLU M 173 26.67 2.30 57.25
C GLU M 173 27.48 3.57 57.39
N ILE M 174 26.78 4.70 57.49
CA ILE M 174 27.40 6.02 57.50
C ILE M 174 27.20 6.65 58.87
N GLN M 175 28.29 7.11 59.46
CA GLN M 175 28.22 7.79 60.75
C GLN M 175 27.53 9.14 60.61
N THR M 176 26.70 9.49 61.58
CA THR M 176 26.08 10.80 61.69
C THR M 176 26.26 11.29 63.12
N GLU M 177 25.72 12.47 63.41
CA GLU M 177 25.85 13.04 64.75
C GLU M 177 24.95 12.27 65.72
N TYR M 178 25.58 11.60 66.68
CA TYR M 178 24.93 10.77 67.69
C TYR M 178 24.20 9.57 67.10
N GLY M 179 24.48 9.20 65.86
CA GLY M 179 23.78 8.08 65.25
C GLY M 179 24.51 7.56 64.04
N VAL M 180 23.96 6.49 63.47
CA VAL M 180 24.53 5.85 62.28
C VAL M 180 23.39 5.48 61.34
N PHE M 181 23.61 5.68 60.05
CA PHE M 181 22.64 5.38 59.00
C PHE M 181 23.21 4.27 58.12
N ASN M 182 22.62 3.08 58.22
CA ASN M 182 23.00 1.95 57.37
C ASN M 182 22.14 1.98 56.11
N LEU M 183 22.78 2.26 54.97
CA LEU M 183 22.06 2.43 53.71
C LEU M 183 21.80 1.07 53.05
N ILE M 184 20.87 0.33 53.67
CA ILE M 184 20.38 -0.91 53.07
C ILE M 184 19.61 -0.57 51.79
N LYS M 185 19.88 -1.33 50.73
CA LYS M 185 19.29 -1.03 49.43
C LYS M 185 17.77 -1.10 49.49
N ASP M 186 17.12 -0.08 48.92
CA ASP M 186 15.68 -0.01 48.78
C ASP M 186 14.99 -0.08 50.14
N SER M 187 15.26 0.93 50.97
CA SER M 187 14.61 1.07 52.27
C SER M 187 14.15 2.52 52.43
N GLN M 188 13.29 2.75 53.42
CA GLN M 188 12.71 4.05 53.67
C GLN M 188 13.11 4.53 55.05
N PHE M 189 13.52 5.79 55.15
CA PHE M 189 13.90 6.42 56.40
C PHE M 189 12.89 7.50 56.77
N PHE M 190 12.61 7.62 58.07
CA PHE M 190 11.84 8.74 58.61
C PHE M 190 12.79 9.52 59.52
N VAL M 191 13.54 10.44 58.91
CA VAL M 191 14.64 11.11 59.58
C VAL M 191 14.48 12.62 59.45
N ARG M 192 15.41 13.36 60.06
CA ARG M 192 15.43 14.80 60.00
C ARG M 192 15.73 15.29 58.60
N GLN M 193 15.15 16.43 58.24
CA GLN M 193 15.42 17.03 56.93
C GLN M 193 16.86 17.55 56.86
N SER M 194 17.37 18.11 57.95
CA SER M 194 18.69 18.74 57.98
C SER M 194 19.82 17.74 58.11
N ASP M 195 19.58 16.46 57.86
CA ASP M 195 20.62 15.44 57.96
C ASP M 195 20.90 14.69 56.68
N VAL M 196 20.01 14.76 55.68
CA VAL M 196 20.13 13.95 54.47
C VAL M 196 20.17 14.80 53.21
N GLU M 197 20.29 16.13 53.34
CA GLU M 197 20.36 16.97 52.15
C GLU M 197 21.61 16.68 51.34
N ARG M 198 22.74 16.44 52.02
CA ARG M 198 23.98 16.11 51.32
C ARG M 198 23.83 14.82 50.53
N LEU M 199 23.21 13.79 51.13
CA LEU M 199 23.01 12.53 50.43
C LEU M 199 22.04 12.70 49.26
N ILE M 200 20.96 13.47 49.46
CA ILE M 200 19.98 13.67 48.40
C ILE M 200 20.62 14.38 47.21
N GLN M 201 21.44 15.40 47.48
CA GLN M 201 22.12 16.09 46.38
C GLN M 201 23.07 15.15 45.65
N GLN M 202 23.74 14.26 46.37
CA GLN M 202 24.63 13.30 45.75
C GLN M 202 23.88 12.26 44.90
N GLY M 203 22.57 12.14 45.07
CA GLY M 203 21.79 11.19 44.31
C GLY M 203 21.62 9.84 44.95
N TYR M 204 22.06 9.66 46.19
CA TYR M 204 21.94 8.38 46.87
C TYR M 204 20.58 8.15 47.51
N LEU M 205 19.73 9.18 47.55
CA LEU M 205 18.41 9.08 48.15
C LEU M 205 17.36 9.58 47.16
N GLN M 206 16.10 9.31 47.48
CA GLN M 206 15.01 9.57 46.55
C GLN M 206 13.73 9.80 47.35
N LYS M 207 12.72 10.37 46.67
CA LYS M 207 11.38 10.57 47.22
C LYS M 207 11.42 11.48 48.46
N ILE M 208 11.83 12.72 48.21
CA ILE M 208 11.79 13.75 49.24
C ILE M 208 10.36 13.91 49.73
N SER N 2 20.92 34.34 43.99
CA SER N 2 20.81 33.00 43.41
C SER N 2 20.56 33.08 41.91
N LEU N 3 21.54 32.63 41.13
CA LEU N 3 21.43 32.65 39.68
C LEU N 3 20.31 31.74 39.17
N PRO N 4 20.45 30.38 39.30
CA PRO N 4 19.59 29.46 38.55
C PRO N 4 18.88 30.03 37.33
N ALA N 5 19.65 30.29 36.27
CA ALA N 5 19.17 30.90 35.03
C ALA N 5 18.54 32.26 35.30
N HIS N 6 17.22 32.35 35.24
CA HIS N 6 16.51 33.61 35.43
C HIS N 6 15.81 33.70 36.79
N LEU N 7 16.08 32.76 37.69
CA LEU N 7 15.47 32.80 39.02
C LEU N 7 16.07 33.85 39.93
N GLN N 8 16.94 34.71 39.40
CA GLN N 8 17.54 35.79 40.16
C GLN N 8 16.75 37.09 40.10
N GLN N 9 15.64 37.11 39.36
CA GLN N 9 14.88 38.34 39.15
C GLN N 9 13.57 38.39 39.91
N THR N 10 12.91 37.24 40.12
CA THR N 10 11.63 37.19 40.82
C THR N 10 11.69 36.14 41.91
N PHE N 11 10.65 36.12 42.74
CA PHE N 11 10.55 35.18 43.84
C PHE N 11 9.81 33.92 43.43
N SER N 12 10.36 32.77 43.84
CA SER N 12 9.67 31.50 43.64
C SER N 12 8.55 31.36 44.68
N PRO N 13 7.53 30.56 44.37
CA PRO N 13 6.41 30.42 45.30
C PRO N 13 6.80 29.91 46.68
N GLU N 14 7.84 29.07 46.77
CA GLU N 14 8.28 28.60 48.08
C GLU N 14 8.82 29.74 48.92
N GLU N 15 9.55 30.67 48.30
CA GLU N 15 10.01 31.85 49.03
C GLU N 15 8.85 32.69 49.51
N ILE N 16 7.80 32.80 48.70
CA ILE N 16 6.60 33.54 49.12
C ILE N 16 5.96 32.85 50.32
N GLN N 17 5.87 31.51 50.28
CA GLN N 17 5.30 30.80 51.41
C GLN N 17 6.12 31.01 52.67
N PHE N 18 7.46 31.00 52.55
CA PHE N 18 8.31 31.22 53.71
C PHE N 18 8.13 32.63 54.27
N ILE N 19 8.14 33.64 53.38
CA ILE N 19 8.04 35.02 53.84
C ILE N 19 6.66 35.29 54.45
N VAL N 20 5.63 34.58 53.99
CA VAL N 20 4.31 34.73 54.61
C VAL N 20 4.27 34.02 55.96
N GLU N 21 4.82 32.81 56.04
CA GLU N 21 4.78 32.06 57.28
C GLU N 21 5.69 32.65 58.35
N ASN N 22 6.54 33.61 57.98
CA ASN N 22 7.28 34.38 58.99
C ASN N 22 6.45 35.58 59.46
N GLU N 23 5.29 35.29 60.03
CA GLU N 23 4.36 36.29 60.51
C GLU N 23 3.69 35.82 61.79
N PRO N 24 3.22 36.74 62.62
CA PRO N 24 2.56 36.36 63.87
C PRO N 24 1.20 35.70 63.65
N ILE N 25 0.78 34.94 64.66
CA ILE N 25 -0.52 34.26 64.64
C ILE N 25 -0.91 33.96 66.07
N LYS N 26 -2.20 33.75 66.30
CA LYS N 26 -2.72 33.43 67.62
C LYS N 26 -2.80 31.92 67.82
N ILE N 27 -2.81 31.50 69.09
CA ILE N 27 -2.71 30.08 69.42
C ILE N 27 -3.35 29.84 70.78
N PHE N 28 -3.95 28.67 70.94
CA PHE N 28 -4.48 28.21 72.23
C PHE N 28 -3.71 26.95 72.64
N PRO N 29 -2.74 27.07 73.55
CA PRO N 29 -1.94 25.90 73.91
C PRO N 29 -2.73 24.85 74.66
N ARG N 30 -2.31 23.59 74.48
CA ARG N 30 -2.88 22.46 75.19
C ARG N 30 -2.07 22.06 76.42
N ILE N 31 -0.88 22.60 76.59
CA ILE N 31 -0.01 22.25 77.72
C ILE N 31 0.33 23.49 78.52
N THR N 32 1.10 23.33 79.58
CA THR N 32 1.54 24.44 80.40
C THR N 32 3.06 24.35 80.59
N THR N 33 3.71 25.52 80.56
CA THR N 33 5.16 25.58 80.74
C THR N 33 5.54 26.72 81.69
N ARG N 34 4.66 27.06 82.62
CA ARG N 34 4.94 28.12 83.58
C ARG N 34 6.12 27.74 84.47
N GLN N 35 7.01 28.70 84.70
CA GLN N 35 8.21 28.44 85.47
C GLN N 35 7.86 28.21 86.94
N LYS N 36 8.67 27.39 87.60
CA LYS N 36 8.44 27.03 89.00
C LYS N 36 8.75 28.23 89.88
N ILE N 37 7.72 28.75 90.55
CA ILE N 37 7.88 29.88 91.46
C ILE N 37 7.71 29.42 92.91
N HIS N 47 12.25 21.80 83.00
CA HIS N 47 12.12 23.18 82.56
C HIS N 47 13.38 23.68 81.87
N THR N 48 13.29 23.89 80.55
CA THR N 48 14.39 24.41 79.76
C THR N 48 13.94 25.69 79.07
N ARG N 49 14.81 26.70 79.09
CA ARG N 49 14.48 27.99 78.52
C ARG N 49 14.49 27.91 76.99
N TRP N 50 13.47 28.53 76.38
CA TRP N 50 13.43 28.59 74.92
C TRP N 50 14.55 29.47 74.38
N GLN N 51 14.74 30.65 74.96
CA GLN N 51 15.85 31.57 74.69
C GLN N 51 16.21 31.63 73.20
N LEU N 52 15.20 31.94 72.38
CA LEU N 52 15.38 32.08 70.95
C LEU N 52 15.91 33.49 70.63
N ILE N 53 16.36 33.68 69.40
CA ILE N 53 17.04 34.92 69.02
C ILE N 53 16.18 35.84 68.17
N THR N 54 15.24 35.31 67.38
CA THR N 54 14.47 36.13 66.45
C THR N 54 12.99 36.17 66.82
N THR N 55 12.68 35.92 68.09
CA THR N 55 11.30 35.96 68.57
C THR N 55 11.32 36.08 70.08
N ASP N 56 10.38 36.85 70.62
CA ASP N 56 10.30 37.05 72.06
C ASP N 56 10.03 35.74 72.78
N ASP N 57 10.90 35.39 73.73
CA ASP N 57 10.72 34.19 74.53
C ASP N 57 9.64 34.37 75.59
N LYS N 58 9.47 35.60 76.10
CA LYS N 58 8.60 35.82 77.25
C LYS N 58 7.19 35.34 77.00
N ALA N 59 6.75 35.32 75.75
CA ALA N 59 5.45 34.74 75.42
C ALA N 59 5.48 33.22 75.57
N LEU N 60 6.52 32.58 75.02
CA LEU N 60 6.58 31.12 75.04
C LEU N 60 6.85 30.58 76.45
N ASN N 61 7.84 31.16 77.14
CA ASN N 61 8.18 30.67 78.47
C ASN N 61 7.05 30.93 79.46
N ASN N 62 6.51 32.15 79.46
CA ASN N 62 5.41 32.51 80.36
C ASN N 62 4.08 32.20 79.68
N MET N 63 3.85 30.91 79.47
CA MET N 63 2.67 30.41 78.80
C MET N 63 1.92 29.44 79.70
N VAL N 64 0.60 29.59 79.75
CA VAL N 64 -0.27 28.72 80.53
C VAL N 64 -1.38 28.23 79.61
N ALA N 65 -1.90 27.04 79.91
CA ALA N 65 -2.85 26.38 79.02
C ALA N 65 -4.17 27.13 78.93
N MET N 66 -4.85 26.96 77.79
CA MET N 66 -6.20 27.49 77.58
C MET N 66 -6.26 29.00 77.72
N ARG N 67 -5.23 29.69 77.20
CA ARG N 67 -5.22 31.14 77.19
C ARG N 67 -4.67 31.63 75.85
N SER N 68 -5.02 32.87 75.50
CA SER N 68 -4.64 33.44 74.22
C SER N 68 -3.23 34.01 74.28
N THR N 69 -2.44 33.71 73.25
CA THR N 69 -1.10 34.26 73.12
C THR N 69 -0.71 34.24 71.65
N GLU N 70 0.29 35.04 71.31
CA GLU N 70 0.71 35.23 69.93
C GLU N 70 2.08 34.61 69.71
N VAL N 71 2.19 33.79 68.66
CA VAL N 71 3.44 33.15 68.28
C VAL N 71 3.58 33.26 66.77
N VAL N 72 4.81 33.04 66.28
CA VAL N 72 5.03 33.02 64.85
C VAL N 72 4.35 31.80 64.23
N LEU N 73 4.11 31.87 62.92
CA LEU N 73 3.30 30.87 62.25
C LEU N 73 3.99 29.50 62.22
N TRP N 74 5.30 29.48 61.98
CA TRP N 74 5.99 28.19 61.86
C TRP N 74 6.05 27.46 63.20
N ILE N 75 6.24 28.21 64.29
CA ILE N 75 6.18 27.59 65.62
C ILE N 75 4.79 27.04 65.89
N ALA N 76 3.77 27.79 65.47
CA ALA N 76 2.40 27.31 65.64
C ALA N 76 2.18 26.01 64.86
N LEU N 77 2.68 25.94 63.64
CA LEU N 77 2.55 24.70 62.85
C LEU N 77 3.30 23.55 63.50
N LEU N 78 4.51 23.83 64.02
CA LEU N 78 5.28 22.78 64.67
C LEU N 78 4.54 22.23 65.89
N LEU N 79 3.94 23.11 66.68
CA LEU N 79 3.13 22.65 67.81
C LEU N 79 1.86 21.95 67.33
N LYS N 80 1.35 22.33 66.15
CA LYS N 80 0.14 21.71 65.62
C LYS N 80 0.43 20.30 65.12
N GLN N 81 1.67 20.02 64.74
CA GLN N 81 2.01 18.66 64.31
C GLN N 81 1.80 17.66 65.45
N GLN N 82 2.14 18.06 66.67
CA GLN N 82 1.82 17.28 67.86
C GLN N 82 0.43 17.68 68.35
N SER N 83 0.10 17.28 69.58
CA SER N 83 -1.16 17.66 70.21
C SER N 83 -1.00 18.83 71.16
N LYS N 84 -0.06 19.74 70.85
CA LYS N 84 0.31 20.84 71.75
C LYS N 84 -0.24 22.18 71.27
N CYS N 85 -1.25 22.17 70.40
CA CYS N 85 -1.68 23.41 69.77
C CYS N 85 -3.17 23.36 69.44
N SER N 86 -3.74 24.55 69.28
CA SER N 86 -5.08 24.70 68.72
C SER N 86 -5.15 26.09 68.09
N ILE N 87 -5.02 26.15 66.77
CA ILE N 87 -4.92 27.43 66.07
C ILE N 87 -6.28 28.09 66.00
N VAL N 88 -6.30 29.40 66.25
CA VAL N 88 -7.52 30.20 66.14
C VAL N 88 -7.57 30.82 64.74
N ALA N 89 -8.64 30.55 64.01
CA ALA N 89 -8.77 31.08 62.67
C ALA N 89 -8.98 32.58 62.70
N PRO N 90 -8.48 33.30 61.69
CA PRO N 90 -8.66 34.75 61.64
C PRO N 90 -10.12 35.12 61.42
N GLN N 91 -10.38 36.43 61.53
CA GLN N 91 -11.75 36.92 61.39
C GLN N 91 -12.24 36.82 59.95
N TRP N 92 -11.35 37.07 58.98
CA TRP N 92 -11.77 37.12 57.58
C TRP N 92 -11.98 35.74 56.97
N LEU N 93 -11.64 34.67 57.68
CA LEU N 93 -11.93 33.31 57.21
C LEU N 93 -13.23 32.80 57.83
N THR N 94 -14.32 33.44 57.42
CA THR N 94 -15.65 32.98 57.77
C THR N 94 -16.62 33.42 56.68
N THR N 95 -17.77 32.75 56.62
CA THR N 95 -18.71 33.00 55.52
C THR N 95 -19.31 34.40 55.60
N LYS N 96 -19.60 34.89 56.81
CA LYS N 96 -20.27 36.17 56.94
C LYS N 96 -19.38 37.35 56.58
N GLU N 97 -18.05 37.18 56.64
CA GLU N 97 -17.14 38.21 56.18
C GLU N 97 -16.89 38.13 54.67
N LEU N 98 -16.69 36.91 54.15
CA LEU N 98 -16.48 36.76 52.73
C LEU N 98 -17.72 37.16 51.93
N ASP N 99 -18.90 37.03 52.52
CA ASP N 99 -20.12 37.46 51.83
C ASP N 99 -20.12 38.96 51.61
N ARG N 100 -19.86 39.74 52.66
CA ARG N 100 -19.80 41.18 52.49
C ARG N 100 -18.64 41.57 51.60
N LYS N 101 -17.54 40.82 51.65
CA LYS N 101 -16.40 41.12 50.77
C LYS N 101 -16.80 40.97 49.31
N ILE N 102 -17.39 39.82 48.96
CA ILE N 102 -17.76 39.56 47.58
C ILE N 102 -18.85 40.53 47.13
N GLN N 103 -19.75 40.93 48.03
CA GLN N 103 -20.70 41.98 47.71
C GLN N 103 -19.98 43.28 47.39
N TYR N 104 -18.93 43.61 48.15
CA TYR N 104 -18.18 44.82 47.88
C TYR N 104 -17.51 44.79 46.51
N GLU N 105 -16.90 43.66 46.14
CA GLU N 105 -16.33 43.58 44.80
C GLU N 105 -17.41 43.70 43.72
N LYS N 106 -18.56 43.04 43.92
CA LYS N 106 -19.59 43.07 42.90
C LYS N 106 -20.16 44.48 42.71
N THR N 107 -20.38 45.21 43.81
CA THR N 107 -20.97 46.53 43.70
C THR N 107 -19.99 47.59 43.22
N HIS N 108 -18.68 47.36 43.37
CA HIS N 108 -17.66 48.33 42.95
C HIS N 108 -16.83 47.74 41.82
N PRO N 109 -17.07 48.15 40.57
CA PRO N 109 -16.43 47.52 39.42
C PRO N 109 -15.07 48.09 39.03
N ASP N 110 -14.43 48.90 39.88
CA ASP N 110 -13.13 49.47 39.56
C ASP N 110 -12.09 49.37 40.66
N ARG N 111 -12.50 49.17 41.91
CA ARG N 111 -11.57 49.16 43.03
C ARG N 111 -11.42 47.75 43.59
N PHE N 112 -10.18 47.35 43.84
CA PHE N 112 -9.91 46.09 44.51
C PHE N 112 -10.23 46.22 45.99
N SER N 113 -10.96 45.25 46.53
CA SER N 113 -11.31 45.28 47.94
C SER N 113 -10.07 45.15 48.80
N GLU N 114 -10.16 45.65 50.04
CA GLU N 114 -9.04 45.57 50.97
C GLU N 114 -8.98 44.17 51.55
N LEU N 115 -7.83 43.52 51.38
CA LEU N 115 -7.56 42.19 51.91
C LEU N 115 -6.09 42.13 52.31
N PRO N 116 -5.75 41.31 53.31
CA PRO N 116 -4.35 41.20 53.70
C PRO N 116 -3.49 40.69 52.56
N TRP N 117 -2.25 41.16 52.50
CA TRP N 117 -1.34 40.79 51.43
C TRP N 117 -0.95 39.32 51.48
N ASN N 118 -1.25 38.62 52.58
CA ASN N 118 -1.09 37.17 52.66
C ASN N 118 -2.28 36.42 52.08
N TRP N 119 -3.02 37.07 51.19
CA TRP N 119 -4.25 36.51 50.65
C TRP N 119 -3.95 35.26 49.81
N LEU N 120 -4.79 34.23 50.00
CA LEU N 120 -4.71 32.90 49.40
C LEU N 120 -3.60 32.04 50.01
N VAL N 121 -2.64 32.65 50.68
CA VAL N 121 -1.49 31.88 51.16
C VAL N 121 -1.75 31.33 52.55
N LEU N 122 -2.13 32.21 53.48
CA LEU N 122 -2.64 31.73 54.76
C LEU N 122 -3.83 30.82 54.55
N ALA N 123 -4.65 31.08 53.53
CA ALA N 123 -5.76 30.19 53.22
C ALA N 123 -5.28 28.80 52.86
N ARG N 124 -4.31 28.71 51.95
CA ARG N 124 -3.79 27.41 51.56
C ARG N 124 -3.18 26.66 52.76
N ILE N 125 -2.37 27.36 53.56
CA ILE N 125 -1.72 26.71 54.70
C ILE N 125 -2.76 26.22 55.70
N LEU N 126 -3.72 27.07 56.04
CA LEU N 126 -4.71 26.70 57.04
C LEU N 126 -5.60 25.57 56.55
N PHE N 127 -5.99 25.58 55.28
CA PHE N 127 -6.80 24.50 54.74
C PHE N 127 -6.02 23.20 54.68
N ASN N 128 -4.71 23.27 54.41
CA ASN N 128 -3.91 22.05 54.33
C ASN N 128 -3.67 21.44 55.71
N LYS N 129 -3.32 22.28 56.70
CA LYS N 129 -2.93 21.77 58.02
C LYS N 129 -4.07 21.84 59.04
N ALA N 130 -4.61 23.05 59.27
CA ALA N 130 -5.61 23.26 60.31
C ALA N 130 -7.00 23.00 59.73
N LYS N 131 -7.38 21.72 59.70
CA LYS N 131 -8.64 21.30 59.12
C LYS N 131 -9.74 21.11 60.15
N ASP N 132 -9.41 20.61 61.34
CA ASP N 132 -10.41 20.20 62.32
C ASP N 132 -10.76 21.30 63.33
N ASP N 133 -10.21 22.50 63.18
CA ASP N 133 -10.46 23.58 64.12
C ASP N 133 -11.40 24.65 63.58
N PHE N 134 -11.83 24.54 62.33
CA PHE N 134 -12.73 25.53 61.75
C PHE N 134 -14.15 25.33 62.26
N HIS N 135 -14.84 26.44 62.49
CA HIS N 135 -16.25 26.41 62.88
C HIS N 135 -17.20 26.34 61.69
N ASP N 136 -16.67 26.42 60.46
CA ASP N 136 -17.46 26.39 59.25
C ASP N 136 -16.98 25.26 58.34
N PRO N 137 -17.85 24.73 57.48
CA PRO N 137 -17.43 23.67 56.56
C PRO N 137 -16.31 24.15 55.64
N ILE N 138 -15.37 23.25 55.36
CA ILE N 138 -14.19 23.61 54.59
C ILE N 138 -14.56 23.88 53.12
N HIS N 139 -15.45 23.05 52.56
CA HIS N 139 -15.76 23.16 51.14
C HIS N 139 -16.41 24.50 50.81
N GLU N 140 -17.30 24.98 51.67
CA GLU N 140 -17.97 26.25 51.42
C GLU N 140 -16.97 27.40 51.42
N LEU N 141 -16.07 27.43 52.39
CA LEU N 141 -15.05 28.47 52.44
C LEU N 141 -14.13 28.39 51.22
N ARG N 142 -13.76 27.18 50.83
CA ARG N 142 -12.90 27.02 49.66
C ARG N 142 -13.59 27.53 48.39
N GLY N 143 -14.87 27.22 48.23
CA GLY N 143 -15.60 27.71 47.07
C GLY N 143 -15.73 29.23 47.06
N LYS N 144 -16.00 29.82 48.23
CA LYS N 144 -16.12 31.28 48.28
C LYS N 144 -14.77 31.96 48.00
N ILE N 145 -13.68 31.38 48.50
CA ILE N 145 -12.35 31.91 48.19
C ILE N 145 -12.07 31.78 46.70
N GLN N 146 -12.49 30.67 46.10
CA GLN N 146 -12.32 30.51 44.66
C GLN N 146 -13.10 31.57 43.89
N ASP N 147 -14.32 31.89 44.33
CA ASP N 147 -15.11 32.93 43.67
C ASP N 147 -14.43 34.29 43.81
N LEU N 148 -13.89 34.58 44.99
CA LEU N 148 -13.15 35.82 45.19
C LEU N 148 -11.98 35.92 44.23
N ARG N 149 -11.20 34.83 44.13
CA ARG N 149 -10.07 34.79 43.21
C ARG N 149 -10.52 34.99 41.77
N GLU N 150 -11.65 34.38 41.42
CA GLU N 150 -12.19 34.49 40.07
C GLU N 150 -12.49 35.94 39.72
N ILE N 151 -13.22 36.63 40.59
CA ILE N 151 -13.63 38.00 40.29
C ILE N 151 -12.43 38.94 40.31
N ARG N 152 -11.48 38.73 41.24
CA ARG N 152 -10.29 39.56 41.23
C ARG N 152 -9.46 39.34 39.96
N GLN N 153 -9.43 38.10 39.47
CA GLN N 153 -8.76 37.82 38.20
C GLN N 153 -9.42 38.57 37.05
N ILE N 154 -10.76 38.58 37.03
CA ILE N 154 -11.48 39.31 35.99
C ILE N 154 -11.13 40.79 36.04
N LYS N 155 -11.12 41.36 37.24
CA LYS N 155 -10.84 42.78 37.36
C LYS N 155 -9.41 43.11 36.94
N VAL N 156 -8.45 42.24 37.31
CA VAL N 156 -7.06 42.46 36.90
C VAL N 156 -6.93 42.39 35.39
N LEU N 157 -7.58 41.40 34.77
CA LEU N 157 -7.50 41.27 33.32
C LEU N 157 -8.12 42.48 32.62
N LYS N 158 -9.24 42.98 33.16
CA LYS N 158 -9.84 44.19 32.58
C LYS N 158 -8.93 45.40 32.73
N GLY N 159 -8.31 45.56 33.90
CA GLY N 159 -7.46 46.72 34.14
C GLY N 159 -6.12 46.68 33.42
N LEU N 160 -5.66 45.49 33.03
CA LEU N 160 -4.35 45.36 32.40
C LEU N 160 -4.27 46.04 31.04
N LYS N 161 -5.42 46.39 30.44
CA LYS N 161 -5.41 46.90 29.07
C LYS N 161 -4.62 48.20 28.98
N TYR N 162 -4.75 49.08 29.98
CA TYR N 162 -3.99 50.33 30.00
C TYR N 162 -2.58 50.04 30.47
N LEU N 163 -1.60 50.19 29.57
CA LEU N 163 -0.18 50.03 29.90
C LEU N 163 0.54 51.30 29.44
N ASN N 164 0.54 52.31 30.31
CA ASN N 164 1.24 53.54 30.01
C ASN N 164 2.75 53.33 30.12
N GLU N 165 3.49 54.26 29.53
CA GLU N 165 4.94 54.26 29.63
C GLU N 165 5.45 55.06 30.82
N SER N 166 4.55 55.68 31.59
CA SER N 166 4.94 56.50 32.72
C SER N 166 4.89 55.72 34.04
N HIS N 167 3.71 55.24 34.42
CA HIS N 167 3.53 54.56 35.69
C HIS N 167 2.18 53.84 35.65
N LEU N 168 1.80 53.26 36.80
CA LEU N 168 0.54 52.54 36.96
C LEU N 168 0.30 52.38 38.46
N GLN N 169 -0.96 52.15 38.81
CA GLN N 169 -1.35 52.03 40.21
C GLN N 169 -2.18 50.76 40.41
N LEU N 170 -1.78 49.95 41.39
CA LEU N 170 -2.50 48.72 41.76
C LEU N 170 -2.59 48.70 43.28
N ASP N 171 -3.75 49.09 43.81
CA ASP N 171 -3.83 49.42 45.23
C ASP N 171 -3.83 48.20 46.15
N ASN N 172 -4.56 47.14 45.79
CA ASN N 172 -4.86 46.08 46.75
C ASN N 172 -4.63 44.69 46.16
N LEU N 173 -3.50 44.49 45.51
CA LEU N 173 -3.15 43.18 44.97
C LEU N 173 -2.28 42.42 45.97
N SER N 174 -2.55 41.12 46.09
CA SER N 174 -1.80 40.24 46.99
C SER N 174 -0.45 39.87 46.38
N LEU N 175 0.37 39.18 47.18
CA LEU N 175 1.73 38.89 46.78
C LEU N 175 1.79 37.98 45.55
N LEU N 176 1.00 36.91 45.54
CA LEU N 176 1.02 35.97 44.43
C LEU N 176 0.55 36.62 43.14
N GLU N 177 -0.48 37.46 43.22
CA GLU N 177 -1.01 38.11 42.03
C GLU N 177 0.02 39.05 41.42
N ILE N 178 0.78 39.76 42.25
CA ILE N 178 1.85 40.61 41.72
C ILE N 178 2.99 39.77 41.17
N ASN N 179 3.34 38.68 41.86
CA ASN N 179 4.47 37.87 41.45
C ASN N 179 4.22 37.21 40.10
N GLU N 180 3.03 36.66 39.88
CA GLU N 180 2.74 35.98 38.63
C GLU N 180 2.57 36.93 37.45
N LEU N 181 2.42 38.23 37.71
CA LEU N 181 2.26 39.21 36.64
C LEU N 181 3.50 40.05 36.39
N ARG N 182 4.44 40.09 37.33
CA ARG N 182 5.64 40.92 37.17
C ARG N 182 6.41 40.69 35.87
N PRO N 183 6.76 39.46 35.49
CA PRO N 183 7.65 39.29 34.32
C PRO N 183 7.04 39.75 33.01
N PHE N 184 5.72 39.85 32.92
CA PHE N 184 5.06 40.30 31.69
C PHE N 184 4.91 41.82 31.66
N ILE N 185 4.31 42.38 32.71
CA ILE N 185 4.09 43.82 32.78
C ILE N 185 5.41 44.57 32.75
N THR N 186 6.38 44.10 33.55
CA THR N 186 7.67 44.76 33.61
C THR N 186 8.34 44.80 32.25
N GLU N 187 8.36 43.66 31.56
CA GLU N 187 9.04 43.59 30.27
C GLU N 187 8.32 44.44 29.22
N ILE N 188 6.99 44.40 29.20
CA ILE N 188 6.25 45.18 28.21
C ILE N 188 6.47 46.67 28.42
N MET N 189 6.38 47.13 29.68
CA MET N 189 6.59 48.54 29.94
C MET N 189 8.03 48.95 29.65
N ASP N 190 8.99 48.08 29.93
CA ASP N 190 10.38 48.38 29.61
C ASP N 190 10.57 48.52 28.10
N LYS N 191 9.94 47.64 27.32
CA LYS N 191 10.03 47.75 25.87
C LYS N 191 9.41 49.05 25.37
N LEU N 192 8.25 49.42 25.91
CA LEU N 192 7.62 50.68 25.52
C LEU N 192 8.52 51.87 25.85
N ARG N 193 9.12 51.86 27.04
CA ARG N 193 10.02 52.93 27.43
C ARG N 193 11.22 53.01 26.49
N GLU N 194 11.78 51.86 26.13
CA GLU N 194 12.91 51.84 25.21
C GLU N 194 12.53 52.40 23.85
N ILE N 195 11.35 52.02 23.35
CA ILE N 195 10.88 52.53 22.06
C ILE N 195 10.74 54.05 22.12
N HIS N 196 10.13 54.56 23.19
CA HIS N 196 9.94 56.00 23.29
C HIS N 196 11.26 56.74 23.41
N THR N 197 12.18 56.23 24.24
CA THR N 197 13.45 56.91 24.45
C THR N 197 14.29 56.91 23.18
N ALA N 198 14.29 55.80 22.43
CA ALA N 198 15.04 55.74 21.19
C ALA N 198 14.44 56.63 20.10
N SER N 199 13.20 57.05 20.26
CA SER N 199 12.52 57.89 19.26
C SER N 199 12.69 59.38 19.52
N LEU N 200 13.42 59.77 20.56
CA LEU N 200 13.56 61.18 20.89
C LEU N 200 15.04 61.57 20.99
PG ATP O . -13.68 -36.02 -15.44
O1G ATP O . -13.91 -36.17 -16.90
O2G ATP O . -12.20 -35.89 -15.07
O3G ATP O . -14.45 -34.86 -14.82
PB ATP O . -13.60 -38.62 -13.97
O1B ATP O . -12.72 -39.35 -14.90
O2B ATP O . -12.98 -38.22 -12.64
O3B ATP O . -14.18 -37.31 -14.64
PA ATP O . -16.38 -39.56 -14.27
O1A ATP O . -16.32 -39.78 -15.73
O2A ATP O . -17.17 -38.35 -13.81
O3A ATP O . -14.93 -39.43 -13.65
O5' ATP O . -16.98 -40.84 -13.55
C5' ATP O . -16.21 -42.06 -13.43
C4' ATP O . -17.16 -43.23 -13.35
O4' ATP O . -16.53 -44.31 -12.63
C3' ATP O . -18.49 -42.94 -12.66
O3' ATP O . -19.59 -43.20 -13.53
C2' ATP O . -18.49 -43.86 -11.44
O2' ATP O . -19.78 -44.43 -11.22
C1' ATP O . -17.51 -44.95 -11.84
N9 ATP O . -16.83 -45.59 -10.70
C8 ATP O . -17.41 -46.43 -9.79
N7 ATP O . -16.59 -46.87 -8.87
C5 ATP O . -15.38 -46.27 -9.21
C6 ATP O . -14.10 -46.34 -8.62
N6 ATP O . -13.81 -47.06 -7.54
N1 ATP O . -13.11 -45.63 -9.20
C2 ATP O . -13.39 -44.92 -10.29
N3 ATP O . -14.55 -44.78 -10.93
C4 ATP O . -15.52 -45.49 -10.33
ZN ZN P . -64.01 15.00 20.07
MG MG Q . 10.81 12.78 -16.66
PG ATP R . 10.96 10.67 -18.16
O1G ATP R . 11.25 10.30 -19.58
O2G ATP R . 9.68 11.48 -18.00
O3G ATP R . 10.94 9.47 -17.21
PB ATP R . 12.79 13.03 -17.89
O1B ATP R . 14.02 12.90 -18.68
O2B ATP R . 11.72 13.93 -18.48
O3B ATP R . 12.12 11.62 -17.59
PA ATP R . 12.27 13.74 -15.07
O1A ATP R . 11.48 12.54 -14.75
O2A ATP R . 11.46 15.02 -15.21
O3A ATP R . 13.09 13.56 -16.42
O5' ATP R . 13.41 13.99 -13.99
C5' ATP R . 14.46 13.03 -13.78
C4' ATP R . 15.55 13.71 -12.98
O4' ATP R . 16.70 13.90 -13.82
C3' ATP R . 15.17 15.08 -12.42
O3' ATP R . 15.17 15.07 -11.00
C2' ATP R . 16.21 16.04 -13.00
O2' ATP R . 16.68 16.96 -12.02
C1' ATP R . 17.34 15.09 -13.40
N9 ATP R . 18.17 15.57 -14.50
C8 ATP R . 18.36 14.97 -15.72
N7 ATP R . 19.17 15.62 -16.52
C5 ATP R . 19.54 16.73 -15.78
C6 ATP R . 20.38 17.82 -16.04
N6 ATP R . 21.04 17.98 -17.21
N1 ATP R . 20.53 18.76 -15.09
C2 ATP R . 19.88 18.61 -13.93
N3 ATP R . 19.06 17.62 -13.56
C4 ATP R . 18.94 16.72 -14.53
ZN ZN S . -84.69 6.64 -15.52
PB ADP T . -18.32 -6.72 -59.93
O1B ADP T . -16.96 -6.68 -59.29
O2B ADP T . -18.70 -8.07 -60.50
O3B ADP T . -19.41 -6.03 -59.15
PA ADP T . -18.34 -6.42 -62.71
O1A ADP T . -17.25 -7.45 -62.94
O2A ADP T . -19.78 -6.81 -62.89
O3A ADP T . -18.16 -5.79 -61.24
O5' ADP T . -18.04 -5.15 -63.66
C5' ADP T . -17.75 -5.35 -65.04
C4' ADP T . -18.12 -4.08 -65.82
O4' ADP T . -17.50 -4.10 -67.10
C3' ADP T . -19.63 -3.99 -66.01
O3' ADP T . -20.14 -2.83 -65.33
C2' ADP T . -19.84 -3.85 -67.50
O2' ADP T . -20.40 -2.58 -67.80
C1' ADP T . -18.47 -3.98 -68.15
N9 ADP T . -18.40 -5.24 -68.94
C8 ADP T . -17.51 -6.23 -68.72
N7 ADP T . -17.69 -7.24 -69.60
C5 ADP T . -18.72 -6.91 -70.40
C6 ADP T . -19.43 -7.53 -71.54
N6 ADP T . -19.07 -8.75 -72.01
N1 ADP T . -20.45 -6.85 -72.09
C2 ADP T . -20.82 -5.64 -71.64
N3 ADP T . -20.22 -5.01 -70.61
C4 ADP T . -19.18 -5.58 -69.96
PG ATP U . 3.98 -14.55 -2.83
O1G ATP U . 2.99 -13.43 -2.81
O2G ATP U . 3.41 -15.85 -3.40
O3G ATP U . 5.28 -14.20 -3.56
PB ATP U . 5.26 -14.31 -0.13
O1B ATP U . 6.72 -14.44 -0.36
O2B ATP U . 4.76 -12.90 0.09
O3B ATP U . 4.43 -14.92 -1.35
PA ATP U . 3.54 -15.19 2.10
O1A ATP U . 2.31 -15.71 1.47
O2A ATP U . 3.42 -13.77 2.64
O3A ATP U . 4.76 -15.19 1.09
O5' ATP U . 4.04 -16.12 3.27
C5' ATP U . 3.34 -17.34 3.60
C4' ATP U . 3.86 -17.84 4.93
O4' ATP U . 5.30 -17.83 4.90
C3' ATP U . 3.43 -17.02 6.14
O3' ATP U . 2.54 -17.77 6.97
C2' ATP U . 4.74 -16.68 6.86
O2' ATP U . 4.65 -16.94 8.26
C1' ATP U . 5.75 -17.63 6.22
N9 ATP U . 7.11 -17.12 6.16
C8 ATP U . 7.83 -16.83 5.04
N7 ATP U . 9.04 -16.37 5.28
C5 ATP U . 9.12 -16.36 6.66
C6 ATP U . 10.13 -15.98 7.56
N6 ATP U . 11.32 -15.52 7.16
N1 ATP U . 9.88 -16.10 8.88
C2 ATP U . 8.70 -16.55 9.27
N3 ATP U . 7.66 -16.94 8.52
C4 ATP U . 7.93 -16.82 7.23
ZN ZN V . -49.85 42.76 12.79
MG MG W . 1.42 -12.34 -2.05
PB ADP X . -22.97 -34.42 -46.92
O1B ADP X . -22.13 -34.45 -45.68
O2B ADP X . -24.20 -33.55 -46.83
O3B ADP X . -22.19 -34.26 -48.21
PA ADP X . -24.76 -36.35 -46.02
O1A ADP X . -24.70 -35.49 -44.78
O2A ADP X . -24.78 -37.86 -45.91
O3A ADP X . -23.57 -35.92 -47.01
O5' ADP X . -26.08 -35.94 -46.84
C5' ADP X . -26.98 -36.98 -47.22
C4' ADP X . -26.84 -37.29 -48.70
O4' ADP X . -27.11 -38.67 -48.93
C3' ADP X . -27.80 -36.48 -49.56
O3' ADP X . -27.08 -35.47 -50.27
C2' ADP X . -28.39 -37.48 -50.55
O2' ADP X . -27.99 -37.14 -51.87
C1' ADP X . -27.82 -38.83 -50.16
N9 ADP X . -28.91 -39.83 -49.98
C8 ADP X . -30.22 -39.55 -49.81
N7 ADP X . -30.95 -40.69 -49.68
C5 ADP X . -30.10 -41.73 -49.78
C6 ADP X . -30.21 -43.20 -49.73
N6 ADP X . -31.41 -43.81 -49.56
N1 ADP X . -29.07 -43.92 -49.88
C2 ADP X . -27.88 -43.33 -50.05
N3 ADP X . -27.71 -42.00 -50.11
C4 ADP X . -28.76 -41.16 -49.98
ZN ZN Y . -74.54 4.12 5.15
ZN ZN Z . -75.82 31.75 -29.42
MG MG AA . -2.33 15.81 -47.22
PG ATP BA . -0.37 15.50 -45.94
O1G ATP BA . -1.22 14.30 -46.18
O2G ATP BA . -1.14 16.72 -45.45
O3G ATP BA . 0.80 15.23 -44.98
PB ATP BA . -0.08 16.47 -48.75
O1B ATP BA . -1.53 16.36 -48.97
O2B ATP BA . 0.81 15.73 -49.74
O3B ATP BA . 0.33 15.97 -47.29
PA ATP BA . 0.56 19.13 -47.63
O1A ATP BA . 1.61 18.81 -46.64
O2A ATP BA . -0.84 19.35 -47.04
O3A ATP BA . 0.41 17.98 -48.72
O5' ATP BA . 0.94 20.41 -48.47
C5' ATP BA . 0.64 21.74 -47.99
C4' ATP BA . 1.93 22.52 -47.80
O4' ATP BA . 2.92 22.07 -48.76
C3' ATP BA . 1.78 24.02 -48.00
O3' ATP BA . 2.43 24.75 -46.97
C2' ATP BA . 2.40 24.27 -49.38
O2' ATP BA . 3.02 25.55 -49.44
C1' ATP BA . 3.47 23.17 -49.44
N9 ATP BA . 3.83 22.73 -50.78
C8 ATP BA . 4.11 21.44 -51.14
N7 ATP BA . 4.42 21.30 -52.41
C5 ATP BA . 4.34 22.58 -52.92
C6 ATP BA . 4.54 23.11 -54.21
N6 ATP BA . 4.88 22.38 -55.27
N1 ATP BA . 4.37 24.45 -54.38
C2 ATP BA . 4.03 25.18 -53.32
N3 ATP BA . 3.81 24.80 -52.07
C4 ATP BA . 3.98 23.48 -51.92
ZN ZN CA . 60.71 -48.22 18.72
ZN ZN DA . 31.18 -9.60 -0.14
#